data_4CA9
#
_entry.id   4CA9
#
_cell.length_a   1.000
_cell.length_b   1.000
_cell.length_c   1.000
_cell.angle_alpha   90.00
_cell.angle_beta   90.00
_cell.angle_gamma   90.00
#
_symmetry.space_group_name_H-M   'P 1'
#
_entity_poly.entity_id   1
_entity_poly.type   'polypeptide(L)'
_entity_poly.pdbx_seq_one_letter_code
;FQGAMAMFWGLNMKPERKYSQTIIKSFHISGVALDKGQEAKLYLAAEKQEYIVATVTKAIPQVALDLNFSKGDRIMFYTA
GDASVSLLGYLHDIDSGS
;
_entity_poly.pdbx_strand_id   A,B,C,D,E
#
# COMPACT_ATOMS: atom_id res chain seq x y z
N PHE A 1 0.89 -6.65 -28.31
CA PHE A 1 0.04 -5.68 -27.58
C PHE A 1 0.74 -5.19 -26.32
N GLN A 2 1.98 -5.64 -26.12
CA GLN A 2 2.77 -5.30 -24.93
C GLN A 2 2.13 -5.88 -23.67
N GLY A 3 2.78 -5.64 -22.54
CA GLY A 3 2.32 -6.20 -21.30
C GLY A 3 1.36 -5.27 -20.58
N ALA A 4 0.08 -5.60 -20.60
CA ALA A 4 -0.91 -4.89 -19.82
C ALA A 4 -0.96 -5.51 -18.43
N MET A 5 -1.07 -6.85 -18.43
CA MET A 5 -1.03 -7.67 -17.21
C MET A 5 -2.24 -7.41 -16.31
N ALA A 6 -2.33 -6.21 -15.77
CA ALA A 6 -3.40 -5.86 -14.86
C ALA A 6 -4.45 -5.00 -15.57
N MET A 7 -5.64 -5.55 -15.74
CA MET A 7 -6.74 -4.84 -16.37
C MET A 7 -7.80 -4.47 -15.34
N PHE A 8 -8.45 -3.33 -15.56
CA PHE A 8 -9.38 -2.74 -14.60
C PHE A 8 -10.55 -3.68 -14.25
N TRP A 9 -10.93 -3.64 -12.97
CA TRP A 9 -12.04 -4.43 -12.44
C TRP A 9 -12.83 -3.58 -11.46
N GLY A 10 -14.14 -3.82 -11.38
CA GLY A 10 -14.98 -3.08 -10.46
C GLY A 10 -16.16 -3.90 -9.99
N LEU A 11 -16.68 -3.59 -8.80
CA LEU A 11 -17.81 -4.33 -8.24
C LEU A 11 -18.71 -3.42 -7.41
N ASN A 12 -19.89 -3.13 -7.92
CA ASN A 12 -20.85 -2.33 -7.18
C ASN A 12 -21.78 -3.21 -6.34
N MET A 13 -21.67 -3.06 -5.03
CA MET A 13 -22.47 -3.81 -4.08
C MET A 13 -23.71 -3.03 -3.68
N LYS A 14 -24.83 -3.71 -3.61
CA LYS A 14 -26.04 -3.11 -3.09
C LYS A 14 -26.22 -3.59 -1.65
N PRO A 15 -26.91 -2.80 -0.81
CA PRO A 15 -27.13 -3.12 0.62
C PRO A 15 -27.59 -4.57 0.83
N GLU A 16 -26.71 -5.38 1.43
CA GLU A 16 -27.01 -6.77 1.75
C GLU A 16 -27.20 -7.60 0.49
N ARG A 17 -26.16 -7.63 -0.32
CA ARG A 17 -26.13 -8.51 -1.48
C ARG A 17 -25.07 -9.57 -1.30
N LYS A 18 -25.33 -10.75 -1.80
CA LYS A 18 -24.40 -11.86 -1.71
C LYS A 18 -24.16 -12.46 -3.08
N TYR A 19 -22.95 -12.28 -3.60
CA TYR A 19 -22.61 -12.80 -4.89
C TYR A 19 -21.64 -13.97 -4.74
N SER A 20 -22.16 -15.18 -4.91
CA SER A 20 -21.29 -16.36 -4.92
C SER A 20 -20.81 -16.61 -6.33
N GLN A 21 -19.58 -16.18 -6.60
CA GLN A 21 -19.07 -16.11 -7.95
C GLN A 21 -17.76 -16.87 -8.12
N THR A 22 -17.66 -17.58 -9.25
CA THR A 22 -16.47 -18.32 -9.59
C THR A 22 -15.47 -17.39 -10.28
N ILE A 23 -14.21 -17.78 -10.30
CA ILE A 23 -13.16 -16.94 -10.86
C ILE A 23 -12.57 -17.57 -12.10
N ILE A 24 -12.73 -16.90 -13.23
CA ILE A 24 -12.14 -17.36 -14.48
C ILE A 24 -10.92 -16.51 -14.83
N LYS A 25 -10.74 -15.43 -14.08
CA LYS A 25 -9.61 -14.53 -14.26
C LYS A 25 -9.12 -14.03 -12.90
N SER A 26 -7.88 -14.33 -12.56
CA SER A 26 -7.32 -13.95 -11.27
C SER A 26 -7.25 -12.43 -11.15
N PHE A 27 -7.64 -11.90 -10.01
CA PHE A 27 -7.71 -10.45 -9.88
C PHE A 27 -7.40 -9.98 -8.47
N HIS A 28 -7.04 -8.71 -8.39
CA HIS A 28 -6.77 -8.04 -7.12
C HIS A 28 -7.81 -6.96 -6.87
N ILE A 29 -8.42 -7.00 -5.71
CA ILE A 29 -9.30 -5.90 -5.30
C ILE A 29 -8.48 -4.95 -4.47
N SER A 30 -8.64 -3.66 -4.69
CA SER A 30 -7.75 -2.69 -4.10
C SER A 30 -8.50 -1.70 -3.21
N GLY A 31 -9.82 -1.62 -3.36
CA GLY A 31 -10.58 -0.73 -2.53
C GLY A 31 -12.06 -1.02 -2.53
N VAL A 32 -12.68 -0.82 -1.37
CA VAL A 32 -14.15 -0.84 -1.26
C VAL A 32 -14.63 0.42 -0.55
N ALA A 33 -15.54 1.17 -1.16
CA ALA A 33 -15.97 2.44 -0.59
C ALA A 33 -17.45 2.69 -0.82
N LEU A 34 -18.08 3.45 0.07
CA LEU A 34 -19.49 3.76 -0.08
C LEU A 34 -19.72 5.23 -0.33
N ASP A 35 -20.63 5.48 -1.25
CA ASP A 35 -21.05 6.83 -1.56
C ASP A 35 -22.45 7.04 -0.99
N LYS A 36 -23.35 6.15 -1.37
CA LYS A 36 -24.65 6.08 -0.76
C LYS A 36 -24.68 4.91 0.21
N GLY A 37 -25.06 5.16 1.45
CA GLY A 37 -25.17 4.08 2.38
C GLY A 37 -24.85 4.47 3.80
N GLN A 38 -25.28 3.64 4.76
CA GLN A 38 -25.00 3.90 6.15
C GLN A 38 -23.87 3.03 6.68
N GLU A 39 -23.93 1.73 6.39
CA GLU A 39 -22.90 0.79 6.82
C GLU A 39 -22.81 -0.38 5.85
N ALA A 40 -21.60 -0.76 5.48
CA ALA A 40 -21.41 -1.97 4.70
C ALA A 40 -20.24 -2.79 5.23
N LYS A 41 -20.54 -3.99 5.68
CA LYS A 41 -19.50 -4.93 6.08
C LYS A 41 -19.21 -5.89 4.95
N LEU A 42 -18.00 -5.83 4.43
CA LEU A 42 -17.65 -6.60 3.25
C LEU A 42 -17.07 -7.95 3.67
N TYR A 43 -17.88 -8.98 3.50
CA TYR A 43 -17.46 -10.32 3.84
C TYR A 43 -17.12 -11.09 2.58
N LEU A 44 -16.22 -12.03 2.75
CA LEU A 44 -15.81 -12.91 1.68
C LEU A 44 -15.78 -14.33 2.18
N ALA A 45 -16.61 -15.18 1.61
CA ALA A 45 -16.58 -16.58 1.96
C ALA A 45 -15.84 -17.35 0.89
N ALA A 46 -14.62 -17.73 1.21
CA ALA A 46 -13.77 -18.49 0.32
C ALA A 46 -13.15 -19.61 1.12
N GLU A 47 -12.81 -20.71 0.46
CA GLU A 47 -12.32 -21.91 1.15
C GLU A 47 -13.35 -22.38 2.18
N LYS A 48 -14.60 -22.01 1.93
CA LYS A 48 -15.71 -22.28 2.84
C LYS A 48 -15.47 -21.66 4.22
N GLN A 49 -14.95 -20.44 4.23
CA GLN A 49 -14.69 -19.71 5.46
C GLN A 49 -15.13 -18.26 5.30
N GLU A 50 -15.88 -17.75 6.28
CA GLU A 50 -16.32 -16.35 6.24
C GLU A 50 -15.20 -15.43 6.68
N TYR A 51 -14.64 -14.71 5.73
CA TYR A 51 -13.62 -13.72 6.02
C TYR A 51 -14.23 -12.33 6.03
N ILE A 52 -13.98 -11.58 7.08
CA ILE A 52 -14.38 -10.17 7.10
C ILE A 52 -13.24 -9.33 6.54
N VAL A 53 -13.37 -8.95 5.27
CA VAL A 53 -12.26 -8.34 4.57
C VAL A 53 -12.20 -6.82 4.85
N ALA A 54 -13.37 -6.20 5.02
CA ALA A 54 -13.40 -4.78 5.33
C ALA A 54 -14.71 -4.36 5.98
N THR A 55 -14.64 -3.36 6.84
CA THR A 55 -15.83 -2.74 7.38
C THR A 55 -15.87 -1.28 6.95
N VAL A 56 -16.69 -0.98 5.95
CA VAL A 56 -16.75 0.36 5.40
C VAL A 56 -18.08 1.02 5.76
N THR A 57 -18.00 2.08 6.53
CA THR A 57 -19.19 2.76 7.03
C THR A 57 -19.22 4.22 6.61
N LYS A 58 -20.23 4.96 7.04
CA LYS A 58 -20.21 6.41 6.89
C LYS A 58 -19.00 7.01 7.61
N ALA A 59 -18.63 6.39 8.73
CA ALA A 59 -17.50 6.84 9.51
C ALA A 59 -16.19 6.52 8.79
N ILE A 60 -16.14 5.34 8.20
CA ILE A 60 -15.01 4.94 7.36
C ILE A 60 -15.51 4.74 5.94
N PRO A 61 -15.68 5.84 5.18
CA PRO A 61 -16.41 5.84 3.91
C PRO A 61 -15.66 5.14 2.78
N GLN A 62 -14.48 4.64 3.07
CA GLN A 62 -13.63 4.03 2.05
C GLN A 62 -12.55 3.17 2.69
N VAL A 63 -12.58 1.89 2.37
CA VAL A 63 -11.54 0.97 2.84
C VAL A 63 -10.67 0.53 1.67
N ALA A 64 -9.49 1.12 1.58
CA ALA A 64 -8.51 0.69 0.60
C ALA A 64 -7.76 -0.53 1.12
N LEU A 65 -8.00 -1.68 0.49
CA LEU A 65 -7.50 -2.94 1.00
C LEU A 65 -6.84 -3.76 -0.10
N ASP A 66 -5.87 -4.58 0.28
CA ASP A 66 -5.15 -5.40 -0.68
C ASP A 66 -5.77 -6.81 -0.73
N LEU A 67 -6.60 -7.02 -1.73
CA LEU A 67 -7.28 -8.29 -1.93
C LEU A 67 -6.77 -8.94 -3.21
N ASN A 68 -6.61 -10.25 -3.20
CA ASN A 68 -6.17 -10.94 -4.40
C ASN A 68 -6.75 -12.34 -4.46
N PHE A 69 -7.28 -12.68 -5.62
CA PHE A 69 -7.87 -14.00 -5.83
C PHE A 69 -7.29 -14.65 -7.08
N SER A 70 -7.39 -15.98 -7.12
CA SER A 70 -6.93 -16.75 -8.26
C SER A 70 -8.08 -17.55 -8.86
N LYS A 71 -7.95 -17.88 -10.15
CA LYS A 71 -9.01 -18.55 -10.90
C LYS A 71 -9.22 -20.01 -10.47
N GLY A 72 -8.61 -20.40 -9.37
CA GLY A 72 -8.75 -21.74 -8.89
C GLY A 72 -9.86 -21.88 -7.86
N ASP A 73 -10.13 -20.82 -7.11
CA ASP A 73 -11.10 -20.89 -6.03
C ASP A 73 -12.43 -20.26 -6.46
N ARG A 74 -13.49 -20.55 -5.72
CA ARG A 74 -14.81 -19.99 -5.96
C ARG A 74 -15.30 -19.28 -4.72
N ILE A 75 -15.38 -17.97 -4.78
CA ILE A 75 -15.59 -17.16 -3.59
C ILE A 75 -16.96 -16.52 -3.58
N MET A 76 -17.40 -16.09 -2.40
CA MET A 76 -18.64 -15.34 -2.31
C MET A 76 -18.38 -14.00 -1.67
N PHE A 77 -18.77 -12.95 -2.36
CA PHE A 77 -18.64 -11.62 -1.82
C PHE A 77 -20.00 -11.12 -1.38
N TYR A 78 -20.10 -10.66 -0.15
CA TYR A 78 -21.38 -10.19 0.36
C TYR A 78 -21.22 -9.11 1.41
N THR A 79 -22.08 -8.11 1.33
CA THR A 79 -22.03 -7.00 2.25
C THR A 79 -23.22 -7.02 3.19
N ALA A 80 -22.97 -6.74 4.45
CA ALA A 80 -24.02 -6.66 5.44
C ALA A 80 -24.24 -5.22 5.87
N GLY A 81 -25.42 -4.93 6.38
CA GLY A 81 -25.76 -3.58 6.75
C GLY A 81 -26.45 -2.88 5.61
N ASP A 82 -26.72 -1.59 5.74
CA ASP A 82 -27.35 -0.87 4.65
C ASP A 82 -26.39 0.16 4.10
N ALA A 83 -25.80 -0.17 2.96
CA ALA A 83 -25.00 0.76 2.19
C ALA A 83 -24.63 0.15 0.85
N SER A 84 -24.37 0.99 -0.13
CA SER A 84 -23.98 0.53 -1.44
C SER A 84 -22.51 0.87 -1.68
N VAL A 85 -21.68 -0.16 -1.80
CA VAL A 85 -20.24 0.05 -1.90
C VAL A 85 -19.71 -0.34 -3.26
N SER A 86 -18.75 0.43 -3.72
CA SER A 86 -18.12 0.17 -4.98
C SER A 86 -16.70 -0.33 -4.72
N LEU A 87 -16.42 -1.54 -5.17
CA LEU A 87 -15.08 -2.07 -5.09
C LEU A 87 -14.37 -1.81 -6.37
N LEU A 88 -13.07 -1.69 -6.27
CA LEU A 88 -12.23 -1.46 -7.42
C LEU A 88 -11.04 -2.38 -7.36
N GLY A 89 -10.59 -2.82 -8.52
CA GLY A 89 -9.48 -3.73 -8.56
C GLY A 89 -8.94 -3.89 -9.96
N TYR A 90 -8.10 -4.89 -10.14
CA TYR A 90 -7.55 -5.20 -11.45
C TYR A 90 -7.21 -6.67 -11.59
N LEU A 91 -7.69 -7.22 -12.69
CA LEU A 91 -7.40 -8.59 -13.07
C LEU A 91 -5.93 -8.74 -13.42
N HIS A 92 -5.23 -9.63 -12.74
CA HIS A 92 -3.81 -9.81 -13.00
C HIS A 92 -3.58 -11.05 -13.86
N ASP A 93 -3.20 -10.83 -15.10
CA ASP A 93 -2.88 -11.89 -16.03
C ASP A 93 -1.43 -11.77 -16.47
N ILE A 94 -0.53 -12.17 -15.59
CA ILE A 94 0.90 -12.05 -15.86
C ILE A 94 1.36 -13.17 -16.79
N ASP A 95 1.90 -12.78 -17.92
CA ASP A 95 2.40 -13.73 -18.91
C ASP A 95 3.89 -13.52 -19.13
N SER A 96 4.63 -14.61 -19.25
CA SER A 96 6.05 -14.53 -19.51
C SER A 96 6.44 -15.58 -20.55
N GLY A 97 5.51 -15.88 -21.45
CA GLY A 97 5.75 -16.88 -22.47
C GLY A 97 5.93 -18.26 -21.88
N SER A 98 6.97 -18.95 -22.31
CA SER A 98 7.29 -20.27 -21.80
C SER A 98 8.79 -20.53 -21.92
N PHE B 1 17.78 1.73 -22.95
CA PHE B 1 17.34 2.78 -22.01
C PHE B 1 16.99 2.18 -20.65
N GLN B 2 17.20 0.87 -20.52
CA GLN B 2 16.87 0.13 -19.30
C GLN B 2 15.37 0.12 -19.04
N GLY B 3 14.97 -0.54 -17.97
CA GLY B 3 13.56 -0.67 -17.67
C GLY B 3 13.05 0.44 -16.80
N ALA B 4 12.31 1.36 -17.38
CA ALA B 4 11.62 2.39 -16.61
C ALA B 4 10.28 1.84 -16.18
N MET B 5 9.55 1.27 -17.15
CA MET B 5 8.29 0.58 -16.93
C MET B 5 7.18 1.54 -16.47
N ALA B 6 7.34 2.11 -15.30
CA ALA B 6 6.35 3.00 -14.74
C ALA B 6 6.80 4.45 -14.86
N MET B 7 6.09 5.22 -15.68
CA MET B 7 6.39 6.63 -15.87
C MET B 7 5.32 7.50 -15.22
N PHE B 8 5.74 8.66 -14.72
CA PHE B 8 4.89 9.54 -13.91
C PHE B 8 3.62 9.99 -14.65
N TRP B 9 2.53 10.07 -13.90
CA TRP B 9 1.24 10.49 -14.41
C TRP B 9 0.55 11.39 -13.37
N GLY B 10 -0.23 12.36 -13.83
CA GLY B 10 -0.93 13.24 -12.93
C GLY B 10 -2.24 13.73 -13.51
N LEU B 11 -3.19 14.09 -12.65
CA LEU B 11 -4.51 14.55 -13.09
C LEU B 11 -5.07 15.59 -12.14
N ASN B 12 -5.11 16.84 -12.59
CA ASN B 12 -5.71 17.90 -11.79
C ASN B 12 -7.19 18.08 -12.11
N MET B 13 -8.03 17.78 -11.12
CA MET B 13 -9.47 17.89 -11.24
C MET B 13 -9.95 19.24 -10.75
N LYS B 14 -10.86 19.84 -11.49
CA LYS B 14 -11.53 21.04 -11.03
C LYS B 14 -12.90 20.67 -10.48
N PRO B 15 -13.44 21.47 -9.55
CA PRO B 15 -14.74 21.20 -8.91
C PRO B 15 -15.83 20.83 -9.92
N GLU B 16 -16.26 19.56 -9.88
CA GLU B 16 -17.32 19.06 -10.72
C GLU B 16 -16.90 19.05 -12.19
N ARG B 17 -15.84 18.33 -12.48
CA ARG B 17 -15.42 18.10 -13.85
C ARG B 17 -15.57 16.64 -14.19
N LYS B 18 -15.92 16.38 -15.44
CA LYS B 18 -16.09 15.03 -15.92
C LYS B 18 -15.29 14.80 -17.18
N TYR B 19 -14.26 13.98 -17.08
CA TYR B 19 -13.41 13.69 -18.21
C TYR B 19 -13.65 12.26 -18.68
N SER B 20 -14.36 12.12 -19.78
CA SER B 20 -14.54 10.82 -20.39
C SER B 20 -13.39 10.57 -21.37
N GLN B 21 -12.42 9.80 -20.91
CA GLN B 21 -11.15 9.68 -21.62
C GLN B 21 -10.79 8.24 -21.94
N THR B 22 -10.27 8.03 -23.14
CA THR B 22 -9.83 6.73 -23.57
C THR B 22 -8.39 6.49 -23.11
N ILE B 23 -7.98 5.24 -23.07
CA ILE B 23 -6.66 4.89 -22.56
C ILE B 23 -5.80 4.32 -23.66
N ILE B 24 -4.72 5.02 -23.96
CA ILE B 24 -3.74 4.56 -24.95
C ILE B 24 -2.50 4.01 -24.26
N LYS B 25 -2.43 4.25 -22.95
CA LYS B 25 -1.32 3.78 -22.12
C LYS B 25 -1.83 3.36 -20.76
N SER B 26 -1.64 2.08 -20.43
CA SER B 26 -2.14 1.53 -19.17
C SER B 26 -1.43 2.20 -18.00
N PHE B 27 -2.19 2.58 -16.97
CA PHE B 27 -1.59 3.32 -15.87
C PHE B 27 -2.23 3.01 -14.53
N HIS B 28 -1.51 3.34 -13.48
CA HIS B 28 -1.97 3.17 -12.12
C HIS B 28 -2.11 4.53 -11.46
N ILE B 29 -3.25 4.80 -10.88
CA ILE B 29 -3.43 6.00 -10.07
C ILE B 29 -3.17 5.61 -8.62
N SER B 30 -2.44 6.44 -7.91
CA SER B 30 -1.97 6.04 -6.59
C SER B 30 -2.48 7.00 -5.51
N GLY B 31 -2.95 8.17 -5.90
CA GLY B 31 -3.48 9.09 -4.91
C GLY B 31 -4.32 10.20 -5.51
N VAL B 32 -5.35 10.60 -4.78
CA VAL B 32 -6.13 11.79 -5.11
C VAL B 32 -6.25 12.67 -3.87
N ALA B 33 -5.87 13.93 -3.98
CA ALA B 33 -5.85 14.81 -2.81
C ALA B 33 -6.25 16.24 -3.17
N LEU B 34 -6.82 16.96 -2.21
CA LEU B 34 -7.22 18.33 -2.46
C LEU B 34 -6.42 19.32 -1.64
N ASP B 35 -6.04 20.39 -2.30
CA ASP B 35 -5.36 21.49 -1.66
C ASP B 35 -6.32 22.64 -1.51
N LYS B 36 -6.90 23.04 -2.62
CA LYS B 36 -8.00 23.98 -2.62
C LYS B 36 -9.30 23.22 -2.82
N GLY B 37 -10.26 23.42 -1.95
CA GLY B 37 -11.54 22.78 -2.12
C GLY B 37 -12.22 22.43 -0.83
N GLN B 38 -13.52 22.17 -0.91
CA GLN B 38 -14.29 21.78 0.25
C GLN B 38 -14.58 20.28 0.28
N GLU B 39 -15.04 19.74 -0.86
CA GLU B 39 -15.34 18.33 -0.97
C GLU B 39 -15.18 17.86 -2.41
N ALA B 40 -14.52 16.73 -2.61
CA ALA B 40 -14.46 16.12 -3.93
C ALA B 40 -14.70 14.63 -3.86
N LYS B 41 -15.77 14.18 -4.50
CA LYS B 41 -16.04 12.76 -4.62
C LYS B 41 -15.56 12.27 -5.97
N LEU B 42 -14.58 11.38 -5.96
CA LEU B 42 -13.93 10.94 -7.17
C LEU B 42 -14.64 9.70 -7.71
N TYR B 43 -15.40 9.90 -8.77
CA TYR B 43 -16.12 8.81 -9.40
C TYR B 43 -15.43 8.39 -10.66
N LEU B 44 -15.59 7.13 -10.99
CA LEU B 44 -15.05 6.57 -12.19
C LEU B 44 -16.12 5.74 -12.88
N ALA B 45 -16.50 6.12 -14.07
CA ALA B 45 -17.44 5.33 -14.83
C ALA B 45 -16.70 4.55 -15.89
N ALA B 46 -16.56 3.27 -15.62
CA ALA B 46 -15.88 2.35 -16.51
C ALA B 46 -16.71 1.10 -16.63
N GLU B 47 -16.63 0.41 -17.76
CA GLU B 47 -17.49 -0.75 -18.03
C GLU B 47 -18.96 -0.32 -17.96
N LYS B 48 -19.19 0.97 -18.19
CA LYS B 48 -20.51 1.59 -18.08
C LYS B 48 -21.09 1.40 -16.68
N GLN B 49 -20.25 1.58 -15.66
CA GLN B 49 -20.66 1.47 -14.27
C GLN B 49 -20.03 2.59 -13.46
N GLU B 50 -20.84 3.28 -12.66
CA GLU B 50 -20.34 4.35 -11.81
C GLU B 50 -19.68 3.79 -10.57
N TYR B 51 -18.36 3.86 -10.53
CA TYR B 51 -17.60 3.44 -9.37
C TYR B 51 -17.20 4.64 -8.53
N ILE B 52 -17.48 4.60 -7.24
CA ILE B 52 -16.98 5.62 -6.34
C ILE B 52 -15.62 5.20 -5.81
N VAL B 53 -14.57 5.76 -6.40
CA VAL B 53 -13.22 5.28 -6.13
C VAL B 53 -12.65 5.92 -4.86
N ALA B 54 -13.01 7.18 -4.60
CA ALA B 54 -12.55 7.85 -3.40
C ALA B 54 -13.43 9.03 -3.03
N THR B 55 -13.53 9.29 -1.74
CA THR B 55 -14.17 10.50 -1.27
C THR B 55 -13.15 11.33 -0.51
N VAL B 56 -12.66 12.38 -1.16
CA VAL B 56 -11.62 13.21 -0.58
C VAL B 56 -12.18 14.59 -0.24
N THR B 57 -12.19 14.91 1.04
CA THR B 57 -12.77 16.14 1.53
C THR B 57 -11.75 16.98 2.29
N LYS B 58 -12.17 18.10 2.84
CA LYS B 58 -11.33 18.84 3.77
C LYS B 58 -10.99 17.98 4.99
N ALA B 59 -11.94 17.13 5.37
CA ALA B 59 -11.76 16.24 6.51
C ALA B 59 -10.77 15.12 6.15
N ILE B 60 -10.90 14.62 4.94
CA ILE B 60 -9.96 13.63 4.41
C ILE B 60 -9.26 14.25 3.20
N PRO B 61 -8.24 15.09 3.44
CA PRO B 61 -7.65 15.96 2.40
C PRO B 61 -6.82 15.22 1.38
N GLN B 62 -6.72 13.91 1.53
CA GLN B 62 -5.89 13.10 0.65
C GLN B 62 -6.27 11.63 0.74
N VAL B 63 -6.69 11.07 -0.38
CA VAL B 63 -7.01 9.66 -0.46
C VAL B 63 -5.96 8.94 -1.30
N ALA B 64 -5.05 8.26 -0.64
CA ALA B 64 -4.08 7.41 -1.33
C ALA B 64 -4.72 6.07 -1.66
N LEU B 65 -4.94 5.83 -2.94
CA LEU B 65 -5.71 4.68 -3.38
C LEU B 65 -5.00 3.94 -4.51
N ASP B 66 -5.22 2.64 -4.59
CA ASP B 66 -4.59 1.82 -5.62
C ASP B 66 -5.54 1.64 -6.80
N LEU B 67 -5.31 2.45 -7.82
CA LEU B 67 -6.11 2.42 -9.04
C LEU B 67 -5.27 1.93 -10.19
N ASN B 68 -5.84 1.14 -11.08
CA ASN B 68 -5.11 0.66 -12.23
C ASN B 68 -6.03 0.46 -13.43
N PHE B 69 -5.61 0.98 -14.57
CA PHE B 69 -6.38 0.87 -15.80
C PHE B 69 -5.53 0.30 -16.92
N SER B 70 -6.19 -0.26 -17.92
CA SER B 70 -5.54 -0.81 -19.08
C SER B 70 -6.03 -0.11 -20.35
N LYS B 71 -5.20 -0.12 -21.39
CA LYS B 71 -5.49 0.61 -22.64
C LYS B 71 -6.62 -0.04 -23.45
N GLY B 72 -7.32 -0.97 -22.85
CA GLY B 72 -8.42 -1.63 -23.52
C GLY B 72 -9.76 -0.97 -23.25
N ASP B 73 -9.89 -0.37 -22.07
CA ASP B 73 -11.18 0.20 -21.66
C ASP B 73 -11.18 1.73 -21.85
N ARG B 74 -12.37 2.31 -21.85
CA ARG B 74 -12.52 3.76 -21.96
C ARG B 74 -13.31 4.26 -20.76
N ILE B 75 -12.65 5.00 -19.90
CA ILE B 75 -13.21 5.34 -18.61
C ILE B 75 -13.55 6.81 -18.50
N MET B 76 -14.40 7.15 -17.55
CA MET B 76 -14.68 8.55 -17.28
C MET B 76 -14.35 8.88 -15.84
N PHE B 77 -13.51 9.86 -15.64
CA PHE B 77 -13.19 10.31 -14.30
C PHE B 77 -13.90 11.62 -14.03
N TYR B 78 -14.62 11.68 -12.93
CA TYR B 78 -15.36 12.89 -12.60
C TYR B 78 -15.51 13.08 -11.10
N THR B 79 -15.36 14.32 -10.66
CA THR B 79 -15.46 14.65 -9.26
C THR B 79 -16.71 15.44 -8.98
N ALA B 80 -17.38 15.11 -7.89
CA ALA B 80 -18.55 15.84 -7.46
C ALA B 80 -18.26 16.65 -6.21
N GLY B 81 -19.04 17.68 -5.98
CA GLY B 81 -18.80 18.58 -4.87
C GLY B 81 -17.94 19.74 -5.31
N ASP B 82 -17.53 20.57 -4.37
CA ASP B 82 -16.67 21.68 -4.74
C ASP B 82 -15.31 21.50 -4.11
N ALA B 83 -14.36 21.08 -4.94
CA ALA B 83 -12.96 21.02 -4.57
C ALA B 83 -12.12 20.68 -5.78
N SER B 84 -10.86 21.08 -5.74
CA SER B 84 -9.94 20.79 -6.83
C SER B 84 -8.91 19.77 -6.36
N VAL B 85 -8.95 18.58 -6.95
CA VAL B 85 -8.09 17.50 -6.49
C VAL B 85 -7.04 17.13 -7.51
N SER B 86 -5.88 16.79 -7.01
CA SER B 86 -4.78 16.39 -7.85
C SER B 86 -4.56 14.89 -7.67
N LEU B 87 -4.71 14.15 -8.75
CA LEU B 87 -4.40 12.74 -8.72
C LEU B 87 -2.98 12.52 -9.19
N LEU B 88 -2.39 11.47 -8.69
CA LEU B 88 -1.05 11.12 -9.06
C LEU B 88 -0.99 9.65 -9.37
N GLY B 89 -0.15 9.29 -10.31
CA GLY B 89 -0.05 7.90 -10.70
C GLY B 89 1.14 7.66 -11.59
N TYR B 90 1.18 6.48 -12.20
CA TYR B 90 2.24 6.13 -13.11
C TYR B 90 1.78 5.13 -14.17
N LEU B 91 2.08 5.48 -15.41
CA LEU B 91 1.81 4.64 -16.56
C LEU B 91 2.68 3.39 -16.50
N HIS B 92 2.07 2.23 -16.51
CA HIS B 92 2.83 0.99 -16.44
C HIS B 92 2.95 0.35 -17.81
N ASP B 93 4.16 0.41 -18.37
CA ASP B 93 4.45 -0.20 -19.65
C ASP B 93 5.51 -1.28 -19.46
N ILE B 94 5.10 -2.42 -18.94
CA ILE B 94 6.02 -3.51 -18.66
C ILE B 94 6.36 -4.26 -19.94
N ASP B 95 7.64 -4.29 -20.26
CA ASP B 95 8.11 -4.99 -21.45
C ASP B 95 9.08 -6.09 -21.06
N SER B 96 8.98 -7.23 -21.70
CA SER B 96 9.88 -8.34 -21.45
C SER B 96 10.30 -8.99 -22.77
N GLY B 97 10.37 -8.17 -23.81
CA GLY B 97 10.73 -8.65 -25.13
C GLY B 97 9.70 -9.61 -25.68
N SER B 98 10.16 -10.75 -26.18
CA SER B 98 9.28 -11.77 -26.69
C SER B 98 9.94 -13.15 -26.57
N PHE C 1 26.02 -9.43 -9.09
CA PHE C 1 25.64 -8.71 -7.86
C PHE C 1 24.19 -9.00 -7.48
N GLN C 2 23.54 -9.86 -8.28
CA GLN C 2 22.13 -10.21 -8.10
C GLN C 2 21.23 -9.00 -8.33
N GLY C 3 19.93 -9.20 -8.21
CA GLY C 3 18.98 -8.15 -8.47
C GLY C 3 18.66 -7.34 -7.24
N ALA C 4 19.20 -6.13 -7.17
CA ALA C 4 18.82 -5.20 -6.12
C ALA C 4 17.59 -4.44 -6.57
N MET C 5 17.68 -3.91 -7.79
CA MET C 5 16.58 -3.22 -8.47
C MET C 5 16.20 -1.92 -7.78
N ALA C 6 15.70 -2.01 -6.57
CA ALA C 6 15.27 -0.84 -5.82
C ALA C 6 16.29 -0.48 -4.75
N MET C 7 16.94 0.67 -4.93
CA MET C 7 17.92 1.16 -3.97
C MET C 7 17.36 2.36 -3.20
N PHE C 8 17.78 2.48 -1.95
CA PHE C 8 17.22 3.47 -1.02
C PHE C 8 17.39 4.91 -1.51
N TRP C 9 16.37 5.72 -1.25
CA TRP C 9 16.34 7.13 -1.61
C TRP C 9 15.71 7.93 -0.48
N GLY C 10 16.16 9.17 -0.29
CA GLY C 10 15.60 10.02 0.74
C GLY C 10 15.66 11.49 0.37
N LEU C 11 14.75 12.28 0.93
CA LEU C 11 14.70 13.71 0.62
C LEU C 11 14.25 14.52 1.85
N ASN C 12 15.17 15.26 2.43
CA ASN C 12 14.84 16.13 3.56
C ASN C 12 14.46 17.53 3.08
N MET C 13 13.20 17.88 3.29
CA MET C 13 12.66 19.18 2.91
C MET C 13 12.74 20.15 4.07
N LYS C 14 13.14 21.37 3.77
CA LYS C 14 13.10 22.44 4.76
C LYS C 14 11.86 23.29 4.49
N PRO C 15 11.33 23.96 5.53
CA PRO C 15 10.12 24.79 5.41
C PRO C 15 10.15 25.73 4.21
N GLU C 16 9.29 25.45 3.22
CA GLU C 16 9.17 26.27 2.03
C GLU C 16 10.42 26.22 1.18
N ARG C 17 10.78 25.02 0.77
CA ARG C 17 11.86 24.83 -0.19
C ARG C 17 11.32 24.30 -1.49
N LYS C 18 11.94 24.73 -2.59
CA LYS C 18 11.53 24.30 -3.90
C LYS C 18 12.73 23.76 -4.68
N TYR C 19 12.72 22.46 -4.92
CA TYR C 19 13.80 21.83 -5.64
C TYR C 19 13.32 21.43 -7.04
N SER C 20 13.73 22.18 -8.04
CA SER C 20 13.44 21.81 -9.41
C SER C 20 14.57 20.92 -9.92
N GLN C 21 14.31 19.62 -9.92
CA GLN C 21 15.36 18.64 -10.13
C GLN C 21 15.05 17.68 -11.27
N THR C 22 16.07 17.39 -12.07
CA THR C 22 15.95 16.45 -13.16
C THR C 22 16.16 15.03 -12.65
N ILE C 23 15.71 14.05 -13.41
CA ILE C 23 15.79 12.67 -12.98
C ILE C 23 16.72 11.88 -13.88
N ILE C 24 17.80 11.38 -13.30
CA ILE C 24 18.74 10.54 -14.02
C ILE C 24 18.55 9.08 -13.62
N LYS C 25 17.75 8.86 -12.58
CA LYS C 25 17.44 7.53 -12.10
C LYS C 25 15.99 7.47 -11.65
N SER C 26 15.21 6.61 -12.28
CA SER C 26 13.78 6.49 -11.97
C SER C 26 13.59 5.99 -10.55
N PHE C 27 12.67 6.60 -9.81
CA PHE C 27 12.52 6.24 -8.42
C PHE C 27 11.08 6.35 -7.93
N HIS C 28 10.82 5.69 -6.82
CA HIS C 28 9.52 5.71 -6.17
C HIS C 28 9.66 6.37 -4.82
N ILE C 29 8.82 7.35 -4.54
CA ILE C 29 8.75 7.93 -3.20
C ILE C 29 7.62 7.22 -2.47
N SER C 30 7.85 6.87 -1.22
CA SER C 30 6.92 6.01 -0.52
C SER C 30 6.36 6.68 0.73
N GLY C 31 7.01 7.75 1.20
CA GLY C 31 6.50 8.45 2.34
C GLY C 31 7.09 9.82 2.53
N VAL C 32 6.26 10.74 3.01
CA VAL C 32 6.72 12.07 3.44
C VAL C 32 6.20 12.36 4.85
N ALA C 33 7.10 12.69 5.78
CA ALA C 33 6.69 12.87 7.17
C ALA C 33 7.46 13.99 7.84
N LEU C 34 6.86 14.63 8.84
CA LEU C 34 7.53 15.70 9.55
C LEU C 34 7.80 15.34 10.99
N ASP C 35 9.00 15.71 11.43
CA ASP C 35 9.40 15.54 12.79
C ASP C 35 9.39 16.89 13.47
N LYS C 36 10.13 17.82 12.87
CA LYS C 36 10.09 19.21 13.27
C LYS C 36 9.24 19.96 12.25
N GLY C 37 8.24 20.69 12.71
CA GLY C 37 7.45 21.48 11.81
C GLY C 37 6.01 21.61 12.22
N GLN C 38 5.34 22.60 11.63
CA GLN C 38 3.93 22.81 11.92
C GLN C 38 3.04 22.30 10.80
N GLU C 39 3.38 22.67 9.55
CA GLU C 39 2.61 22.22 8.39
C GLU C 39 3.51 22.16 7.17
N ALA C 40 3.41 21.08 6.40
CA ALA C 40 4.10 21.01 5.13
C ALA C 40 3.19 20.45 4.04
N LYS C 41 2.93 21.25 3.03
CA LYS C 41 2.19 20.80 1.87
C LYS C 41 3.16 20.43 0.77
N LEU C 42 3.17 19.15 0.40
CA LEU C 42 4.14 18.65 -0.54
C LEU C 42 3.58 18.72 -1.95
N TYR C 43 4.09 19.69 -2.70
CA TYR C 43 3.67 19.89 -4.07
C TYR C 43 4.72 19.36 -5.02
N LEU C 44 4.25 18.93 -6.16
CA LEU C 44 5.11 18.45 -7.22
C LEU C 44 4.69 19.07 -8.54
N ALA C 45 5.57 19.83 -9.13
CA ALA C 45 5.28 20.38 -10.44
C ALA C 45 6.02 19.59 -11.50
N ALA C 46 5.26 18.77 -12.20
CA ALA C 46 5.78 17.93 -13.26
C ALA C 46 4.84 18.04 -14.44
N GLU C 47 5.37 17.85 -15.65
CA GLU C 47 4.58 18.05 -16.86
C GLU C 47 4.06 19.49 -16.90
N LYS C 48 4.76 20.38 -16.18
CA LYS C 48 4.36 21.77 -16.02
C LYS C 48 2.96 21.88 -15.40
N GLN C 49 2.72 21.05 -14.39
CA GLN C 49 1.45 21.06 -13.67
C GLN C 49 1.71 20.92 -12.18
N GLU C 50 1.09 21.78 -11.37
CA GLU C 50 1.24 21.72 -9.92
C GLU C 50 0.36 20.62 -9.34
N TYR C 51 1.00 19.54 -8.92
CA TYR C 51 0.29 18.45 -8.27
C TYR C 51 0.47 18.54 -6.77
N ILE C 52 -0.62 18.49 -6.02
CA ILE C 52 -0.54 18.40 -4.58
C ILE C 52 -0.49 16.92 -4.17
N VAL C 53 0.71 16.44 -3.89
CA VAL C 53 0.91 15.02 -3.70
C VAL C 53 0.57 14.59 -2.28
N ALA C 54 0.83 15.47 -1.29
CA ALA C 54 0.50 15.16 0.08
C ALA C 54 0.40 16.41 0.93
N THR C 55 -0.45 16.37 1.94
CA THR C 55 -0.50 17.41 2.94
C THR C 55 -0.16 16.82 4.29
N VAL C 56 1.06 17.05 4.74
CA VAL C 56 1.55 16.47 5.98
C VAL C 56 1.71 17.57 7.03
N THR C 57 0.94 17.45 8.10
CA THR C 57 0.92 18.46 9.14
C THR C 57 1.26 17.86 10.51
N LYS C 58 1.22 18.67 11.55
CA LYS C 58 1.30 18.13 12.91
C LYS C 58 0.14 17.18 13.17
N ALA C 59 -1.00 17.47 12.57
CA ALA C 59 -2.19 16.63 12.72
C ALA C 59 -2.02 15.33 11.95
N ILE C 60 -1.44 15.44 10.77
CA ILE C 60 -1.09 14.27 9.97
C ILE C 60 0.41 14.22 9.81
N PRO C 61 1.14 13.73 10.83
CA PRO C 61 2.60 13.89 10.93
C PRO C 61 3.38 13.02 9.94
N GLN C 62 2.66 12.25 9.13
CA GLN C 62 3.29 11.34 8.21
C GLN C 62 2.31 10.91 7.12
N VAL C 63 2.66 11.22 5.88
CA VAL C 63 1.88 10.78 4.74
C VAL C 63 2.62 9.73 3.94
N ALA C 64 2.23 8.48 4.13
CA ALA C 64 2.77 7.39 3.34
C ALA C 64 2.04 7.32 2.00
N LEU C 65 2.75 7.65 0.94
CA LEU C 65 2.13 7.81 -0.37
C LEU C 65 2.93 7.07 -1.45
N ASP C 66 2.24 6.64 -2.49
CA ASP C 66 2.88 5.91 -3.57
C ASP C 66 3.21 6.87 -4.71
N LEU C 67 4.46 7.29 -4.75
CA LEU C 67 4.96 8.20 -5.77
C LEU C 67 5.95 7.48 -6.66
N ASN C 68 5.93 7.75 -7.95
CA ASN C 68 6.90 7.13 -8.85
C ASN C 68 7.23 8.06 -10.01
N PHE C 69 8.51 8.20 -10.28
CA PHE C 69 8.99 9.05 -11.36
C PHE C 69 9.93 8.27 -12.27
N SER C 70 10.06 8.76 -13.50
CA SER C 70 10.96 8.17 -14.48
C SER C 70 12.00 9.20 -14.94
N LYS C 71 13.14 8.70 -15.41
CA LYS C 71 14.27 9.56 -15.78
C LYS C 71 14.01 10.36 -17.05
N GLY C 72 12.77 10.37 -17.52
CA GLY C 72 12.44 11.10 -18.71
C GLY C 72 11.93 12.50 -18.41
N ASP C 73 11.29 12.68 -17.26
CA ASP C 73 10.69 13.96 -16.92
C ASP C 73 11.57 14.75 -15.95
N ARG C 74 11.30 16.05 -15.85
CA ARG C 74 12.03 16.92 -14.93
C ARG C 74 11.04 17.59 -13.99
N ILE C 75 11.09 17.22 -12.73
CA ILE C 75 10.03 17.60 -11.79
C ILE C 75 10.53 18.60 -10.76
N MET C 76 9.61 19.29 -10.13
CA MET C 76 9.97 20.16 -9.02
C MET C 76 9.24 19.75 -7.78
N PHE C 77 9.99 19.50 -6.71
CA PHE C 77 9.38 19.18 -5.45
C PHE C 77 9.49 20.36 -4.53
N TYR C 78 8.38 20.77 -3.94
CA TYR C 78 8.39 21.93 -3.06
C TYR C 78 7.32 21.85 -2.00
N THR C 79 7.69 22.24 -0.79
CA THR C 79 6.78 22.20 0.33
C THR C 79 6.38 23.60 0.76
N ALA C 80 5.10 23.78 1.06
CA ALA C 80 4.60 25.04 1.55
C ALA C 80 4.24 24.92 3.02
N GLY C 81 4.21 26.06 3.71
CA GLY C 81 3.96 26.07 5.12
C GLY C 81 5.26 26.02 5.89
N ASP C 82 5.19 25.89 7.20
CA ASP C 82 6.40 25.80 7.98
C ASP C 82 6.50 24.43 8.61
N ALA C 83 7.34 23.59 8.03
CA ALA C 83 7.70 22.30 8.59
C ALA C 83 8.81 21.68 7.77
N SER C 84 9.58 20.81 8.41
CA SER C 84 10.66 20.11 7.74
C SER C 84 10.29 18.64 7.58
N VAL C 85 10.12 18.20 6.35
CA VAL C 85 9.65 16.85 6.10
C VAL C 85 10.70 15.99 5.44
N SER C 86 10.72 14.73 5.83
CA SER C 86 11.65 13.79 5.28
C SER C 86 10.89 12.82 4.39
N LEU C 87 11.24 12.79 3.12
CA LEU C 87 10.65 11.82 2.22
C LEU C 87 11.55 10.62 2.13
N LEU C 88 10.95 9.50 1.86
CA LEU C 88 11.67 8.27 1.72
C LEU C 88 11.19 7.55 0.48
N GLY C 89 12.10 6.85 -0.17
CA GLY C 89 11.75 6.15 -1.37
C GLY C 89 12.83 5.22 -1.83
N TYR C 90 12.70 4.72 -3.05
CA TYR C 90 13.71 3.84 -3.62
C TYR C 90 13.77 3.95 -5.13
N LEU C 91 14.98 4.14 -5.61
CA LEU C 91 15.28 4.17 -7.04
C LEU C 91 15.03 2.81 -7.65
N HIS C 92 14.16 2.74 -8.66
CA HIS C 92 13.86 1.48 -9.29
C HIS C 92 14.61 1.34 -10.61
N ASP C 93 15.60 0.47 -10.61
CA ASP C 93 16.37 0.17 -11.82
C ASP C 93 16.20 -1.29 -12.17
N ILE C 94 15.06 -1.63 -12.75
CA ILE C 94 14.75 -3.00 -13.10
C ILE C 94 15.47 -3.40 -14.39
N ASP C 95 16.29 -4.42 -14.29
CA ASP C 95 17.04 -4.93 -15.43
C ASP C 95 16.66 -6.37 -15.71
N SER C 96 16.52 -6.71 -16.97
CA SER C 96 16.21 -8.09 -17.36
C SER C 96 17.05 -8.48 -18.56
N GLY C 97 18.25 -7.93 -18.64
CA GLY C 97 19.14 -8.20 -19.76
C GLY C 97 18.57 -7.70 -21.07
N SER C 98 18.59 -8.54 -22.08
CA SER C 98 18.04 -8.20 -23.37
C SER C 98 17.59 -9.47 -24.10
N PHE D 1 14.19 -24.76 -5.85
CA PHE D 1 13.46 -24.33 -4.64
C PHE D 1 12.36 -23.32 -4.98
N GLN D 2 12.22 -23.04 -6.28
CA GLN D 2 11.25 -22.06 -6.78
C GLN D 2 11.59 -20.65 -6.30
N GLY D 3 10.80 -19.68 -6.70
CA GLY D 3 11.08 -18.31 -6.37
C GLY D 3 10.41 -17.88 -5.08
N ALA D 4 11.22 -17.76 -4.03
CA ALA D 4 10.73 -17.19 -2.78
C ALA D 4 10.87 -15.68 -2.85
N MET D 5 12.06 -15.24 -3.26
CA MET D 5 12.38 -13.83 -3.50
C MET D 5 12.35 -13.01 -2.21
N ALA D 6 11.18 -12.88 -1.62
CA ALA D 6 11.01 -12.09 -0.42
C ALA D 6 10.89 -12.99 0.80
N MET D 7 11.89 -12.93 1.68
CA MET D 7 11.90 -13.70 2.91
C MET D 7 11.67 -12.81 4.12
N PHE D 8 11.00 -13.35 5.13
CA PHE D 8 10.56 -12.58 6.30
C PHE D 8 11.71 -11.90 7.05
N TRP D 9 11.43 -10.69 7.52
CA TRP D 9 12.39 -9.89 8.28
C TRP D 9 11.65 -9.20 9.43
N GLY D 10 12.34 -9.00 10.54
CA GLY D 10 11.75 -8.32 11.69
C GLY D 10 12.78 -7.57 12.50
N LEU D 11 12.33 -6.53 13.20
CA LEU D 11 13.24 -5.70 14.01
C LEU D 11 12.54 -5.18 15.26
N ASN D 12 12.92 -5.70 16.41
CA ASN D 12 12.37 -5.22 17.67
C ASN D 12 13.22 -4.11 18.26
N MET D 13 12.66 -2.91 18.31
CA MET D 13 13.32 -1.74 18.87
C MET D 13 13.00 -1.57 20.33
N LYS D 14 14.00 -1.24 21.11
CA LYS D 14 13.80 -0.87 22.49
C LYS D 14 13.84 0.66 22.61
N PRO D 15 13.15 1.22 23.62
CA PRO D 15 13.09 2.67 23.82
C PRO D 15 14.46 3.36 23.72
N GLU D 16 14.62 4.16 22.65
CA GLU D 16 15.85 4.91 22.43
C GLU D 16 17.03 3.99 22.17
N ARG D 17 16.90 3.18 21.13
CA ARG D 17 18.02 2.37 20.66
C ARG D 17 18.46 2.84 19.29
N LYS D 18 19.76 2.75 19.05
CA LYS D 18 20.32 3.14 17.77
C LYS D 18 21.18 2.04 17.20
N TYR D 19 20.70 1.45 16.12
CA TYR D 19 21.43 0.37 15.48
C TYR D 19 22.02 0.85 14.16
N SER D 20 23.32 1.10 14.15
CA SER D 20 24.01 1.42 12.92
C SER D 20 24.46 0.15 12.24
N GLN D 21 23.70 -0.30 11.25
CA GLN D 21 23.86 -1.62 10.69
C GLN D 21 24.07 -1.59 9.18
N THR D 22 24.99 -2.43 8.72
CA THR D 22 25.26 -2.57 7.31
C THR D 22 24.29 -3.57 6.69
N ILE D 23 24.15 -3.51 5.37
CA ILE D 23 23.18 -4.35 4.69
C ILE D 23 23.89 -5.35 3.78
N ILE D 24 23.72 -6.63 4.10
CA ILE D 24 24.27 -7.69 3.27
C ILE D 24 23.17 -8.34 2.43
N LYS D 25 21.93 -7.98 2.75
CA LYS D 25 20.76 -8.48 2.03
C LYS D 25 19.72 -7.39 1.90
N SER D 26 19.39 -7.01 0.67
CA SER D 26 18.44 -5.94 0.42
C SER D 26 17.06 -6.31 0.93
N PHE D 27 16.40 -5.39 1.61
CA PHE D 27 15.13 -5.72 2.23
C PHE D 27 14.16 -4.56 2.24
N HIS D 28 12.89 -4.90 2.42
CA HIS D 28 11.82 -3.92 2.53
C HIS D 28 11.21 -3.99 3.92
N ILE D 29 11.11 -2.85 4.58
CA ILE D 29 10.39 -2.78 5.83
C ILE D 29 8.97 -2.33 5.52
N SER D 30 7.99 -2.96 6.13
CA SER D 30 6.61 -2.73 5.74
C SER D 30 5.77 -2.18 6.89
N GLY D 31 6.27 -2.29 8.12
CA GLY D 31 5.53 -1.75 9.23
C GLY D 31 6.36 -1.60 10.49
N VAL D 32 6.07 -0.54 11.24
CA VAL D 32 6.63 -0.37 12.59
C VAL D 32 5.49 -0.08 13.57
N ALA D 33 5.40 -0.86 14.65
CA ALA D 33 4.28 -0.71 15.57
C ALA D 33 4.71 -0.94 17.01
N LEU D 34 4.02 -0.32 17.95
CA LEU D 34 4.35 -0.49 19.36
C LEU D 34 3.24 -1.20 20.12
N ASP D 35 3.66 -2.12 20.96
CA ASP D 35 2.76 -2.82 21.85
C ASP D 35 2.95 -2.28 23.25
N LYS D 36 4.19 -2.33 23.71
CA LYS D 36 4.56 -1.68 24.93
C LYS D 36 5.28 -0.38 24.60
N GLY D 37 4.84 0.73 25.16
CA GLY D 37 5.52 1.97 24.92
C GLY D 37 4.62 3.17 24.92
N GLN D 38 5.20 4.35 25.06
CA GLN D 38 4.44 5.58 25.03
C GLN D 38 4.60 6.31 23.70
N GLU D 39 5.84 6.46 23.24
CA GLU D 39 6.12 7.13 21.98
C GLU D 39 7.41 6.58 21.36
N ALA D 40 7.37 6.30 20.07
CA ALA D 40 8.59 5.93 19.36
C ALA D 40 8.68 6.65 18.02
N LYS D 41 9.70 7.47 17.88
CA LYS D 41 9.99 8.11 16.60
C LYS D 41 11.06 7.33 15.87
N LEU D 42 10.69 6.77 14.73
CA LEU D 42 11.59 5.89 14.01
C LEU D 42 12.40 6.68 13.00
N TYR D 43 13.67 6.89 13.33
CA TYR D 43 14.56 7.62 12.47
C TYR D 43 15.49 6.67 11.74
N LEU D 44 15.90 7.08 10.58
CA LEU D 44 16.82 6.35 9.77
C LEU D 44 17.90 7.28 9.25
N ALA D 45 19.13 7.03 9.62
CA ALA D 45 20.23 7.81 9.10
C ALA D 45 20.95 7.01 8.03
N ALA D 46 20.69 7.39 6.80
CA ALA D 46 21.30 6.75 5.64
C ALA D 46 21.77 7.84 4.71
N GLU D 47 22.81 7.56 3.93
CA GLU D 47 23.44 8.57 3.07
C GLU D 47 23.93 9.73 3.93
N LYS D 48 24.17 9.44 5.21
CA LYS D 48 24.56 10.42 6.21
C LYS D 48 23.50 11.53 6.34
N GLN D 49 22.24 11.12 6.33
CA GLN D 49 21.12 12.04 6.48
C GLN D 49 20.08 11.45 7.42
N GLU D 50 19.63 12.24 8.39
CA GLU D 50 18.61 11.79 9.33
C GLU D 50 17.22 11.86 8.69
N TYR D 51 16.68 10.70 8.37
CA TYR D 51 15.34 10.62 7.83
C TYR D 51 14.36 10.21 8.92
N ILE D 52 13.28 10.95 9.08
CA ILE D 52 12.22 10.54 9.98
C ILE D 52 11.22 9.69 9.21
N VAL D 53 11.34 8.37 9.36
CA VAL D 53 10.58 7.47 8.51
C VAL D 53 9.17 7.25 9.05
N ALA D 54 9.01 7.26 10.38
CA ALA D 54 7.70 7.10 10.97
C ALA D 54 7.66 7.63 12.40
N THR D 55 6.50 8.12 12.80
CA THR D 55 6.26 8.48 14.18
C THR D 55 5.13 7.61 14.73
N VAL D 56 5.50 6.61 15.50
CA VAL D 56 4.53 5.66 16.03
C VAL D 56 4.38 5.85 17.54
N THR D 57 3.18 6.23 17.94
CA THR D 57 2.91 6.53 19.33
C THR D 57 1.78 5.67 19.88
N LYS D 58 1.40 5.88 21.13
CA LYS D 58 0.18 5.27 21.65
C LYS D 58 -1.04 5.72 20.83
N ALA D 59 -0.99 6.95 20.36
CA ALA D 59 -2.07 7.51 19.55
C ALA D 59 -2.08 6.88 18.17
N ILE D 60 -0.89 6.69 17.62
CA ILE D 60 -0.72 5.99 16.36
C ILE D 60 0.09 4.72 16.61
N PRO D 61 -0.56 3.66 17.12
CA PRO D 61 0.13 2.47 17.67
C PRO D 61 0.78 1.59 16.61
N GLN D 62 0.66 1.98 15.37
CA GLN D 62 1.18 1.18 14.27
C GLN D 62 1.30 2.01 13.00
N VAL D 63 2.52 2.13 12.50
CA VAL D 63 2.77 2.82 11.25
C VAL D 63 3.18 1.83 10.17
N ALA D 64 2.24 1.50 9.30
CA ALA D 64 2.52 0.67 8.14
C ALA D 64 3.14 1.52 7.04
N LEU D 65 4.41 1.30 6.76
CA LEU D 65 5.16 2.17 5.87
C LEU D 65 5.96 1.35 4.85
N ASP D 66 6.17 1.93 3.68
CA ASP D 66 6.91 1.25 2.62
C ASP D 66 8.37 1.68 2.65
N LEU D 67 9.19 0.84 3.25
CA LEU D 67 10.63 1.09 3.36
C LEU D 67 11.37 0.07 2.53
N ASN D 68 12.45 0.49 1.88
CA ASN D 68 13.25 -0.44 1.11
C ASN D 68 14.71 -0.04 1.10
N PHE D 69 15.58 -0.99 1.36
CA PHE D 69 17.01 -0.76 1.39
C PHE D 69 17.74 -1.74 0.49
N SER D 70 18.94 -1.36 0.07
CA SER D 70 19.79 -2.21 -0.75
C SER D 70 21.11 -2.48 -0.05
N LYS D 71 21.74 -3.60 -0.40
CA LYS D 71 22.98 -4.05 0.26
C LYS D 71 24.19 -3.17 -0.07
N GLY D 72 23.94 -2.02 -0.68
CA GLY D 72 25.02 -1.13 -1.03
C GLY D 72 25.26 -0.07 0.03
N ASP D 73 24.20 0.31 0.74
CA ASP D 73 24.30 1.39 1.71
C ASP D 73 24.41 0.84 3.13
N ARG D 74 24.85 1.68 4.06
CA ARG D 74 24.95 1.32 5.47
C ARG D 74 24.14 2.30 6.30
N ILE D 75 23.05 1.82 6.87
CA ILE D 75 22.07 2.70 7.48
C ILE D 75 22.04 2.57 8.98
N MET D 76 21.48 3.55 9.66
CA MET D 76 21.28 3.46 11.09
C MET D 76 19.81 3.62 11.42
N PHE D 77 19.27 2.65 12.11
CA PHE D 77 17.89 2.73 12.56
C PHE D 77 17.86 3.05 14.04
N TYR D 78 17.12 4.07 14.41
CA TYR D 78 17.06 4.45 15.81
C TYR D 78 15.73 5.09 16.17
N THR D 79 15.22 4.73 17.33
CA THR D 79 13.95 5.24 17.80
C THR D 79 14.15 6.19 18.97
N ALA D 80 13.42 7.29 18.95
CA ALA D 80 13.44 8.24 20.04
C ALA D 80 12.15 8.20 20.83
N GLY D 81 12.20 8.64 22.06
CA GLY D 81 11.04 8.56 22.93
C GLY D 81 11.07 7.29 23.74
N ASP D 82 10.01 7.02 24.48
CA ASP D 82 9.97 5.79 25.23
C ASP D 82 8.88 4.89 24.70
N ALA D 83 9.28 3.90 23.94
CA ALA D 83 8.40 2.84 23.49
C ALA D 83 9.21 1.75 22.79
N SER D 84 8.67 0.54 22.79
CA SER D 84 9.33 -0.57 22.14
C SER D 84 8.53 -0.97 20.90
N VAL D 85 9.13 -0.79 19.73
CA VAL D 85 8.42 -1.01 18.48
C VAL D 85 8.98 -2.19 17.72
N SER D 86 8.08 -2.91 17.09
CA SER D 86 8.45 -4.05 16.29
C SER D 86 8.25 -3.71 14.83
N LEU D 87 9.34 -3.75 14.07
CA LEU D 87 9.24 -3.56 12.64
C LEU D 87 9.14 -4.89 11.96
N LEU D 88 8.49 -4.89 10.83
CA LEU D 88 8.33 -6.08 10.05
C LEU D 88 8.65 -5.79 8.61
N GLY D 89 9.21 -6.75 7.92
CA GLY D 89 9.57 -6.56 6.54
C GLY D 89 9.95 -7.85 5.87
N TYR D 90 10.54 -7.73 4.69
CA TYR D 90 10.99 -8.90 3.96
C TYR D 90 12.18 -8.58 3.06
N LEU D 91 13.19 -9.43 3.19
CA LEU D 91 14.39 -9.36 2.37
C LEU D 91 14.04 -9.70 0.94
N HIS D 92 14.34 -8.79 0.01
CA HIS D 92 14.03 -9.04 -1.39
C HIS D 92 15.28 -9.47 -2.15
N ASP D 93 15.31 -10.74 -2.51
CA ASP D 93 16.41 -11.28 -3.30
C ASP D 93 15.86 -11.80 -4.63
N ILE D 94 15.58 -10.88 -5.53
CA ILE D 94 15.02 -11.23 -6.83
C ILE D 94 16.10 -11.78 -7.76
N ASP D 95 15.90 -13.00 -8.21
CA ASP D 95 16.84 -13.64 -9.12
C ASP D 95 16.14 -13.99 -10.43
N SER D 96 16.83 -13.77 -11.53
CA SER D 96 16.29 -14.11 -12.84
C SER D 96 17.37 -14.78 -13.70
N GLY D 97 18.27 -15.50 -13.03
CA GLY D 97 19.36 -16.15 -13.72
C GLY D 97 20.31 -15.16 -14.36
N SER D 98 20.63 -15.39 -15.62
CA SER D 98 21.49 -14.49 -16.36
C SER D 98 21.18 -14.59 -17.85
N PHE E 1 -1.39 -23.07 -17.74
CA PHE E 1 -2.41 -22.50 -16.84
C PHE E 1 -2.17 -21.00 -16.63
N GLN E 2 -1.15 -20.47 -17.32
CA GLN E 2 -0.76 -19.06 -17.19
C GLN E 2 -0.25 -18.76 -15.80
N GLY E 3 0.15 -17.51 -15.59
CA GLY E 3 0.73 -17.14 -14.32
C GLY E 3 -0.31 -16.63 -13.34
N ALA E 4 -0.64 -17.46 -12.36
CA ALA E 4 -1.49 -17.03 -11.26
C ALA E 4 -0.63 -16.38 -10.20
N MET E 5 0.44 -17.09 -9.84
CA MET E 5 1.46 -16.60 -8.91
C MET E 5 0.92 -16.43 -7.49
N ALA E 6 0.01 -15.50 -7.33
CA ALA E 6 -0.56 -15.21 -6.02
C ALA E 6 -1.95 -15.81 -5.89
N MET E 7 -2.09 -16.80 -5.02
CA MET E 7 -3.37 -17.44 -4.77
C MET E 7 -3.91 -17.05 -3.39
N PHE E 8 -5.24 -16.96 -3.30
CA PHE E 8 -5.91 -16.45 -2.11
C PHE E 8 -5.57 -17.24 -0.84
N TRP E 9 -5.45 -16.50 0.27
CA TRP E 9 -5.17 -17.07 1.57
C TRP E 9 -6.00 -16.34 2.64
N GLY E 10 -6.39 -17.05 3.69
CA GLY E 10 -7.17 -16.44 4.75
C GLY E 10 -6.91 -17.10 6.09
N LEU E 11 -7.10 -16.35 7.18
CA LEU E 11 -6.86 -16.87 8.52
C LEU E 11 -7.84 -16.28 9.53
N ASN E 12 -8.76 -17.08 10.00
CA ASN E 12 -9.70 -16.64 11.03
C ASN E 12 -9.17 -16.94 12.43
N MET E 13 -8.89 -15.88 13.16
CA MET E 13 -8.39 -15.96 14.53
C MET E 13 -9.53 -15.90 15.53
N LYS E 14 -9.45 -16.75 16.53
CA LYS E 14 -10.39 -16.68 17.65
C LYS E 14 -9.70 -15.99 18.81
N PRO E 15 -10.47 -15.32 19.70
CA PRO E 15 -9.92 -14.59 20.85
C PRO E 15 -8.87 -15.38 21.62
N GLU E 16 -7.62 -14.91 21.53
CA GLU E 16 -6.50 -15.51 22.25
C GLU E 16 -6.20 -16.92 21.73
N ARG E 17 -5.91 -17.00 20.45
CA ARG E 17 -5.46 -18.25 19.85
C ARG E 17 -4.02 -18.11 19.41
N LYS E 18 -3.27 -19.19 19.52
CA LYS E 18 -1.88 -19.21 19.13
C LYS E 18 -1.62 -20.37 18.18
N TYR E 19 -1.33 -20.05 16.93
CA TYR E 19 -1.07 -21.07 15.93
C TYR E 19 0.41 -21.05 15.58
N SER E 20 1.15 -22.02 16.08
CA SER E 20 2.54 -22.18 15.69
C SER E 20 2.60 -23.07 14.46
N GLN E 21 2.76 -22.43 13.30
CA GLN E 21 2.58 -23.12 12.03
C GLN E 21 3.80 -22.97 11.12
N THR E 22 4.14 -24.07 10.47
CA THR E 22 5.24 -24.08 9.51
C THR E 22 4.74 -23.63 8.14
N ILE E 23 5.65 -23.21 7.29
CA ILE E 23 5.29 -22.68 6.00
C ILE E 23 5.78 -23.58 4.87
N ILE E 24 4.85 -24.14 4.13
CA ILE E 24 5.17 -24.96 2.98
C ILE E 24 4.94 -24.19 1.68
N LYS E 25 4.30 -23.03 1.81
CA LYS E 25 4.03 -22.15 0.69
C LYS E 25 4.19 -20.69 1.12
N SER E 26 5.11 -19.98 0.48
CA SER E 26 5.39 -18.60 0.84
C SER E 26 4.18 -17.72 0.55
N PHE E 27 3.83 -16.84 1.47
CA PHE E 27 2.61 -16.05 1.31
C PHE E 27 2.72 -14.67 1.90
N HIS E 28 1.83 -13.81 1.44
CA HIS E 28 1.74 -12.44 1.92
C HIS E 28 0.41 -12.24 2.63
N ILE E 29 0.44 -11.73 3.84
CA ILE E 29 -0.78 -11.34 4.52
C ILE E 29 -1.00 -9.85 4.27
N SER E 30 -2.22 -9.46 3.97
CA SER E 30 -2.47 -8.12 3.52
C SER E 30 -3.42 -7.36 4.44
N GLY E 31 -4.14 -8.09 5.28
CA GLY E 31 -5.04 -7.42 6.20
C GLY E 31 -5.49 -8.30 7.35
N VAL E 32 -5.65 -7.70 8.52
CA VAL E 32 -6.28 -8.35 9.66
C VAL E 32 -7.38 -7.45 10.21
N ALA E 33 -8.60 -7.98 10.33
CA ALA E 33 -9.72 -7.15 10.75
C ALA E 33 -10.69 -7.94 11.64
N LEU E 34 -11.39 -7.22 12.52
CA LEU E 34 -12.35 -7.88 13.40
C LEU E 34 -13.77 -7.45 13.10
N ASP E 35 -14.65 -8.44 13.11
CA ASP E 35 -16.07 -8.21 12.95
C ASP E 35 -16.74 -8.38 14.29
N LYS E 36 -16.51 -9.54 14.88
CA LYS E 36 -16.91 -9.79 16.26
C LYS E 36 -15.68 -9.68 17.15
N GLY E 37 -15.75 -8.87 18.18
CA GLY E 37 -14.63 -8.79 19.09
C GLY E 37 -14.46 -7.41 19.70
N GLN E 38 -13.70 -7.36 20.80
CA GLN E 38 -13.42 -6.10 21.46
C GLN E 38 -12.01 -5.60 21.14
N GLU E 39 -11.02 -6.48 21.27
CA GLU E 39 -9.64 -6.12 20.99
C GLU E 39 -8.85 -7.34 20.54
N ALA E 40 -8.06 -7.20 19.48
CA ALA E 40 -7.16 -8.26 19.08
C ALA E 40 -5.79 -7.71 18.74
N LYS E 41 -4.79 -8.13 19.50
CA LYS E 41 -3.42 -7.79 19.19
C LYS E 41 -2.77 -8.93 18.44
N LEU E 42 -2.38 -8.68 17.20
CA LEU E 42 -1.86 -9.71 16.33
C LEU E 42 -0.36 -9.80 16.46
N TYR E 43 0.10 -10.83 17.15
CA TYR E 43 1.52 -11.05 17.34
C TYR E 43 2.00 -12.15 16.43
N LEU E 44 3.25 -12.05 16.07
CA LEU E 44 3.91 -13.04 15.26
C LEU E 44 5.25 -13.37 15.86
N ALA E 45 5.44 -14.61 16.25
CA ALA E 45 6.73 -15.04 16.75
C ALA E 45 7.44 -15.83 15.68
N ALA E 46 8.42 -15.18 15.07
CA ALA E 46 9.22 -15.77 14.02
C ALA E 46 10.67 -15.43 14.31
N GLU E 47 11.58 -16.29 13.87
CA GLU E 47 13.00 -16.14 14.19
C GLU E 47 13.19 -16.15 15.71
N LYS E 48 12.22 -16.77 16.40
CA LYS E 48 12.16 -16.81 17.86
C LYS E 48 12.13 -15.39 18.45
N GLN E 49 11.33 -14.52 17.83
CA GLN E 49 11.16 -13.15 18.28
C GLN E 49 9.68 -12.77 18.21
N GLU E 50 9.16 -12.19 19.28
CA GLU E 50 7.77 -11.75 19.31
C GLU E 50 7.62 -10.42 18.58
N TYR E 51 7.04 -10.46 17.41
CA TYR E 51 6.75 -9.26 16.65
C TYR E 51 5.29 -8.87 16.81
N ILE E 52 5.04 -7.62 17.16
CA ILE E 52 3.68 -7.11 17.18
C ILE E 52 3.35 -6.54 15.80
N VAL E 53 2.64 -7.32 15.00
CA VAL E 53 2.44 -6.96 13.61
C VAL E 53 1.28 -5.99 13.44
N ALA E 54 0.25 -6.13 14.27
CA ALA E 54 -0.89 -5.22 14.21
C ALA E 54 -1.68 -5.21 15.51
N THR E 55 -2.27 -4.06 15.81
CA THR E 55 -3.21 -3.97 16.91
C THR E 55 -4.57 -3.56 16.34
N VAL E 56 -5.47 -4.53 16.24
CA VAL E 56 -6.77 -4.29 15.65
C VAL E 56 -7.86 -4.38 16.72
N THR E 57 -8.52 -3.26 16.95
CA THR E 57 -9.51 -3.17 18.01
C THR E 57 -10.87 -2.75 17.46
N LYS E 58 -11.86 -2.58 18.33
CA LYS E 58 -13.12 -1.96 17.91
C LYS E 58 -12.87 -0.55 17.38
N ALA E 59 -11.88 0.12 17.96
CA ALA E 59 -11.52 1.47 17.55
C ALA E 59 -10.84 1.45 16.19
N ILE E 60 -9.97 0.46 16.00
CA ILE E 60 -9.32 0.23 14.72
C ILE E 60 -9.76 -1.13 14.20
N PRO E 61 -10.97 -1.21 13.61
CA PRO E 61 -11.62 -2.50 13.31
C PRO E 61 -10.99 -3.26 12.17
N GLN E 62 -9.93 -2.71 11.59
CA GLN E 62 -9.29 -3.32 10.44
C GLN E 62 -7.90 -2.76 10.24
N VAL E 63 -6.90 -3.63 10.31
CA VAL E 63 -5.52 -3.24 10.05
C VAL E 63 -5.04 -3.85 8.75
N ALA E 64 -5.01 -3.05 7.71
CA ALA E 64 -4.45 -3.48 6.43
C ALA E 64 -2.93 -3.33 6.47
N LEU E 65 -2.24 -4.47 6.47
CA LEU E 65 -0.81 -4.48 6.70
C LEU E 65 -0.10 -5.35 5.67
N ASP E 66 1.15 -5.00 5.37
CA ASP E 66 1.93 -5.73 4.39
C ASP E 66 2.82 -6.77 5.09
N LEU E 67 2.34 -8.01 5.10
CA LEU E 67 3.05 -9.11 5.72
C LEU E 67 3.51 -10.08 4.65
N ASN E 68 4.69 -10.64 4.80
CA ASN E 68 5.17 -11.62 3.85
C ASN E 68 6.07 -12.65 4.51
N PHE E 69 5.81 -13.92 4.23
CA PHE E 69 6.59 -15.00 4.79
C PHE E 69 7.09 -15.93 3.69
N SER E 70 8.14 -16.67 4.00
CA SER E 70 8.72 -17.63 3.08
C SER E 70 8.70 -19.03 3.70
N LYS E 71 8.70 -20.05 2.83
CA LYS E 71 8.57 -21.45 3.26
C LYS E 71 9.81 -21.96 3.99
N GLY E 72 10.72 -21.07 4.34
CA GLY E 72 11.92 -21.46 5.03
C GLY E 72 11.79 -21.34 6.54
N ASP E 73 10.97 -20.41 7.00
CA ASP E 73 10.84 -20.16 8.43
C ASP E 73 9.57 -20.81 9.00
N ARG E 74 9.52 -20.96 10.32
CA ARG E 74 8.37 -21.51 11.00
C ARG E 74 7.86 -20.51 12.02
N ILE E 75 6.69 -19.94 11.77
CA ILE E 75 6.23 -18.80 12.53
C ILE E 75 5.05 -19.15 13.42
N MET E 76 4.79 -18.33 14.42
CA MET E 76 3.61 -18.50 15.24
C MET E 76 2.75 -17.25 15.17
N PHE E 77 1.50 -17.41 14.80
CA PHE E 77 0.58 -16.30 14.79
C PHE E 77 -0.36 -16.42 15.96
N TYR E 78 -0.47 -15.36 16.74
CA TYR E 78 -1.33 -15.41 17.92
C TYR E 78 -1.90 -14.05 18.26
N THR E 79 -3.17 -14.03 18.63
CA THR E 79 -3.85 -12.80 18.97
C THR E 79 -4.14 -12.74 20.45
N ALA E 80 -3.92 -11.57 21.03
CA ALA E 80 -4.23 -11.34 22.43
C ALA E 80 -5.44 -10.44 22.58
N GLY E 81 -6.10 -10.51 23.71
CA GLY E 81 -7.31 -9.75 23.93
C GLY E 81 -8.52 -10.57 23.55
N ASP E 82 -9.70 -9.97 23.57
CA ASP E 82 -10.88 -10.70 23.17
C ASP E 82 -11.45 -10.10 21.89
N ALA E 83 -11.19 -10.79 20.80
CA ALA E 83 -11.80 -10.49 19.52
C ALA E 83 -11.46 -11.57 18.50
N SER E 84 -12.30 -11.70 17.50
CA SER E 84 -12.08 -12.69 16.46
C SER E 84 -11.74 -11.96 15.16
N VAL E 85 -10.52 -12.13 14.68
CA VAL E 85 -10.05 -11.39 13.52
C VAL E 85 -9.83 -12.29 12.33
N SER E 86 -10.13 -11.76 11.17
CA SER E 86 -9.96 -12.48 9.94
C SER E 86 -8.80 -11.84 9.18
N LEU E 87 -7.76 -12.62 8.93
CA LEU E 87 -6.67 -12.15 8.12
C LEU E 87 -6.89 -12.59 6.69
N LEU E 88 -6.36 -11.81 5.79
CA LEU E 88 -6.46 -12.11 4.39
C LEU E 88 -5.12 -11.93 3.74
N GLY E 89 -4.83 -12.75 2.75
CA GLY E 89 -3.56 -12.67 2.09
C GLY E 89 -3.53 -13.49 0.82
N TYR E 90 -2.34 -13.69 0.29
CA TYR E 90 -2.17 -14.50 -0.90
C TYR E 90 -0.80 -15.16 -0.95
N LEU E 91 -0.84 -16.46 -1.20
CA LEU E 91 0.35 -17.27 -1.37
C LEU E 91 1.08 -16.86 -2.65
N HIS E 92 2.33 -16.47 -2.53
CA HIS E 92 3.08 -16.04 -3.70
C HIS E 92 4.02 -17.15 -4.18
N ASP E 93 3.67 -17.74 -5.30
CA ASP E 93 4.49 -18.77 -5.92
C ASP E 93 4.94 -18.30 -7.30
N ILE E 94 5.92 -17.42 -7.30
CA ILE E 94 6.43 -16.85 -8.55
C ILE E 94 7.35 -17.84 -9.26
N ASP E 95 6.98 -18.19 -10.48
CA ASP E 95 7.76 -19.11 -11.28
C ASP E 95 8.21 -18.43 -12.56
N SER E 96 9.45 -18.69 -12.96
CA SER E 96 9.98 -18.13 -14.19
C SER E 96 10.78 -19.19 -14.93
N GLY E 97 10.36 -20.45 -14.78
CA GLY E 97 11.05 -21.55 -15.40
C GLY E 97 12.46 -21.72 -14.88
N SER E 98 13.41 -21.86 -15.77
CA SER E 98 14.81 -21.99 -15.40
C SER E 98 15.70 -21.46 -16.52
N PHE A 1 5.55 -8.50 -24.52
CA PHE A 1 6.52 -8.26 -23.43
C PHE A 1 6.01 -7.15 -22.51
N GLN A 2 4.74 -7.23 -22.14
CA GLN A 2 4.13 -6.24 -21.27
C GLN A 2 4.06 -6.76 -19.84
N GLY A 3 5.02 -6.35 -19.02
CA GLY A 3 5.06 -6.80 -17.63
C GLY A 3 4.06 -6.07 -16.76
N ALA A 4 2.80 -6.07 -17.19
CA ALA A 4 1.72 -5.42 -16.46
C ALA A 4 0.39 -5.69 -17.15
N MET A 5 -0.11 -4.69 -17.87
CA MET A 5 -1.34 -4.80 -18.66
C MET A 5 -2.51 -5.32 -17.81
N ALA A 6 -2.47 -5.02 -16.52
CA ALA A 6 -3.52 -5.43 -15.60
C ALA A 6 -4.82 -4.70 -15.92
N MET A 7 -5.87 -5.45 -16.19
CA MET A 7 -7.13 -4.87 -16.66
C MET A 7 -8.04 -4.52 -15.50
N PHE A 8 -8.68 -3.36 -15.61
CA PHE A 8 -9.49 -2.80 -14.55
C PHE A 8 -10.67 -3.71 -14.18
N TRP A 9 -10.96 -3.77 -12.89
CA TRP A 9 -12.05 -4.56 -12.35
C TRP A 9 -12.87 -3.70 -11.41
N GLY A 10 -14.18 -3.92 -11.40
CA GLY A 10 -15.04 -3.13 -10.54
C GLY A 10 -16.22 -3.94 -10.01
N LEU A 11 -16.56 -3.71 -8.75
CA LEU A 11 -17.69 -4.39 -8.13
C LEU A 11 -18.57 -3.39 -7.38
N ASN A 12 -19.75 -3.14 -7.92
CA ASN A 12 -20.70 -2.25 -7.26
C ASN A 12 -21.71 -3.07 -6.46
N MET A 13 -21.54 -3.09 -5.15
CA MET A 13 -22.37 -3.92 -4.29
C MET A 13 -23.48 -3.09 -3.67
N LYS A 14 -24.67 -3.68 -3.63
CA LYS A 14 -25.81 -3.02 -3.00
C LYS A 14 -26.04 -3.60 -1.61
N PRO A 15 -26.74 -2.86 -0.73
CA PRO A 15 -27.01 -3.26 0.66
C PRO A 15 -27.40 -4.73 0.83
N GLU A 16 -26.58 -5.48 1.58
CA GLU A 16 -26.86 -6.87 1.92
C GLU A 16 -27.07 -7.74 0.69
N ARG A 17 -26.08 -7.74 -0.18
CA ARG A 17 -26.09 -8.60 -1.35
C ARG A 17 -24.93 -9.58 -1.29
N LYS A 18 -25.17 -10.79 -1.76
CA LYS A 18 -24.17 -11.84 -1.69
C LYS A 18 -23.92 -12.45 -3.07
N TYR A 19 -22.72 -12.23 -3.58
CA TYR A 19 -22.35 -12.75 -4.89
C TYR A 19 -21.31 -13.85 -4.75
N SER A 20 -21.72 -15.09 -4.92
CA SER A 20 -20.79 -16.20 -4.94
C SER A 20 -20.30 -16.41 -6.37
N GLN A 21 -19.06 -16.00 -6.63
CA GLN A 21 -18.57 -15.92 -8.00
C GLN A 21 -17.29 -16.72 -8.21
N THR A 22 -17.14 -17.24 -9.43
CA THR A 22 -15.94 -17.95 -9.83
C THR A 22 -14.94 -16.97 -10.45
N ILE A 23 -13.69 -17.37 -10.51
CA ILE A 23 -12.63 -16.48 -10.95
C ILE A 23 -12.00 -16.94 -12.27
N ILE A 24 -11.89 -16.00 -13.19
CA ILE A 24 -11.33 -16.27 -14.51
C ILE A 24 -9.86 -15.84 -14.56
N LYS A 25 -9.60 -14.62 -14.12
CA LYS A 25 -8.24 -14.11 -14.04
C LYS A 25 -7.85 -13.89 -12.59
N SER A 26 -6.62 -14.20 -12.25
CA SER A 26 -6.10 -13.92 -10.92
C SER A 26 -6.07 -12.41 -10.72
N PHE A 27 -6.95 -11.89 -9.87
CA PHE A 27 -7.12 -10.45 -9.79
C PHE A 27 -6.94 -9.92 -8.38
N HIS A 28 -6.65 -8.63 -8.32
CA HIS A 28 -6.43 -7.93 -7.06
C HIS A 28 -7.50 -6.88 -6.86
N ILE A 29 -8.17 -6.94 -5.72
CA ILE A 29 -9.07 -5.87 -5.32
C ILE A 29 -8.30 -4.90 -4.46
N SER A 30 -8.44 -3.62 -4.74
CA SER A 30 -7.58 -2.63 -4.15
C SER A 30 -8.34 -1.61 -3.30
N GLY A 31 -9.65 -1.57 -3.43
CA GLY A 31 -10.41 -0.64 -2.61
C GLY A 31 -11.90 -0.91 -2.64
N VAL A 32 -12.55 -0.61 -1.52
CA VAL A 32 -14.00 -0.67 -1.42
C VAL A 32 -14.50 0.59 -0.70
N ALA A 33 -15.46 1.29 -1.27
CA ALA A 33 -15.89 2.56 -0.70
C ALA A 33 -17.38 2.80 -0.93
N LEU A 34 -17.98 3.61 -0.07
CA LEU A 34 -19.40 3.93 -0.22
C LEU A 34 -19.61 5.43 -0.36
N ASP A 35 -20.56 5.78 -1.22
CA ASP A 35 -20.97 7.15 -1.37
C ASP A 35 -22.37 7.31 -0.79
N LYS A 36 -23.27 6.44 -1.20
CA LYS A 36 -24.56 6.32 -0.55
C LYS A 36 -24.56 5.10 0.35
N GLY A 37 -24.92 5.27 1.60
CA GLY A 37 -25.00 4.14 2.48
C GLY A 37 -24.77 4.51 3.93
N GLN A 38 -25.25 3.66 4.83
CA GLN A 38 -25.07 3.87 6.25
C GLN A 38 -23.96 2.98 6.82
N GLU A 39 -23.97 1.71 6.44
CA GLU A 39 -22.96 0.77 6.88
C GLU A 39 -22.80 -0.36 5.86
N ALA A 40 -21.57 -0.65 5.47
CA ALA A 40 -21.32 -1.85 4.68
C ALA A 40 -20.15 -2.62 5.26
N LYS A 41 -20.44 -3.80 5.77
CA LYS A 41 -19.40 -4.69 6.24
C LYS A 41 -19.08 -5.69 5.14
N LEU A 42 -17.91 -5.57 4.56
CA LEU A 42 -17.53 -6.38 3.42
C LEU A 42 -17.02 -7.71 3.89
N TYR A 43 -17.77 -8.75 3.59
CA TYR A 43 -17.39 -10.11 3.96
C TYR A 43 -17.03 -10.90 2.73
N LEU A 44 -15.97 -11.65 2.84
CA LEU A 44 -15.54 -12.54 1.80
C LEU A 44 -15.50 -13.96 2.33
N ALA A 45 -16.29 -14.83 1.74
CA ALA A 45 -16.27 -16.22 2.12
C ALA A 45 -15.56 -17.03 1.05
N ALA A 46 -14.43 -17.59 1.43
CA ALA A 46 -13.60 -18.37 0.53
C ALA A 46 -12.94 -19.48 1.31
N GLU A 47 -12.59 -20.57 0.63
CA GLU A 47 -12.00 -21.73 1.29
C GLU A 47 -12.94 -22.27 2.36
N LYS A 48 -14.23 -22.04 2.14
CA LYS A 48 -15.28 -22.45 3.07
C LYS A 48 -15.07 -21.81 4.44
N GLN A 49 -14.76 -20.52 4.44
CA GLN A 49 -14.56 -19.77 5.68
C GLN A 49 -14.93 -18.30 5.47
N GLU A 50 -15.57 -17.71 6.46
CA GLU A 50 -16.01 -16.31 6.37
C GLU A 50 -14.87 -15.40 6.81
N TYR A 51 -14.54 -14.44 5.96
CA TYR A 51 -13.53 -13.45 6.30
C TYR A 51 -14.09 -12.04 6.20
N ILE A 52 -14.00 -11.29 7.29
CA ILE A 52 -14.34 -9.88 7.24
C ILE A 52 -13.18 -9.11 6.58
N VAL A 53 -13.38 -8.73 5.33
CA VAL A 53 -12.29 -8.11 4.56
C VAL A 53 -12.25 -6.60 4.77
N ALA A 54 -13.41 -5.97 4.93
CA ALA A 54 -13.43 -4.52 5.14
C ALA A 54 -14.65 -4.08 5.93
N THR A 55 -14.47 -3.06 6.74
CA THR A 55 -15.60 -2.39 7.38
C THR A 55 -15.68 -0.96 6.85
N VAL A 56 -16.59 -0.73 5.93
CA VAL A 56 -16.71 0.58 5.31
C VAL A 56 -18.06 1.20 5.66
N THR A 57 -18.01 2.27 6.43
CA THR A 57 -19.22 2.92 6.93
C THR A 57 -19.26 4.38 6.53
N LYS A 58 -20.27 5.11 6.98
CA LYS A 58 -20.29 6.56 6.82
C LYS A 58 -19.07 7.18 7.51
N ALA A 59 -18.65 6.57 8.62
CA ALA A 59 -17.51 7.04 9.38
C ALA A 59 -16.21 6.72 8.64
N ILE A 60 -16.16 5.53 8.06
CA ILE A 60 -15.03 5.12 7.23
C ILE A 60 -15.54 4.92 5.80
N PRO A 61 -15.69 6.02 5.04
CA PRO A 61 -16.39 6.00 3.74
C PRO A 61 -15.61 5.28 2.64
N GLN A 62 -14.44 4.78 2.98
CA GLN A 62 -13.57 4.14 2.00
C GLN A 62 -12.52 3.27 2.68
N VAL A 63 -12.50 2.01 2.28
CA VAL A 63 -11.48 1.09 2.74
C VAL A 63 -10.58 0.67 1.59
N ALA A 64 -9.39 1.24 1.55
CA ALA A 64 -8.39 0.84 0.58
C ALA A 64 -7.63 -0.37 1.11
N LEU A 65 -7.85 -1.52 0.49
CA LEU A 65 -7.29 -2.76 0.98
C LEU A 65 -6.59 -3.52 -0.14
N ASP A 66 -5.85 -4.55 0.23
CA ASP A 66 -5.15 -5.37 -0.73
C ASP A 66 -5.70 -6.80 -0.69
N LEU A 67 -6.46 -7.14 -1.71
CA LEU A 67 -6.98 -8.48 -1.86
C LEU A 67 -6.54 -9.04 -3.20
N ASN A 68 -6.24 -10.32 -3.25
CA ASN A 68 -5.85 -10.93 -4.51
C ASN A 68 -6.24 -12.40 -4.51
N PHE A 69 -6.90 -12.83 -5.56
CA PHE A 69 -7.34 -14.21 -5.68
C PHE A 69 -6.84 -14.77 -7.01
N SER A 70 -6.66 -16.09 -7.06
CA SER A 70 -6.15 -16.73 -8.27
C SER A 70 -7.29 -17.30 -9.09
N LYS A 71 -6.99 -17.62 -10.34
CA LYS A 71 -7.96 -18.23 -11.26
C LYS A 71 -8.36 -19.63 -10.79
N GLY A 72 -7.72 -20.12 -9.75
CA GLY A 72 -8.06 -21.39 -9.17
C GLY A 72 -8.92 -21.23 -7.93
N ASP A 73 -9.16 -19.99 -7.53
CA ASP A 73 -9.97 -19.70 -6.35
C ASP A 73 -11.42 -19.46 -6.74
N ARG A 74 -12.30 -19.62 -5.76
CA ARG A 74 -13.72 -19.31 -5.94
C ARG A 74 -14.25 -18.74 -4.64
N ILE A 75 -14.84 -17.56 -4.71
CA ILE A 75 -15.14 -16.81 -3.50
C ILE A 75 -16.53 -16.21 -3.52
N MET A 76 -17.00 -15.79 -2.37
CA MET A 76 -18.26 -15.07 -2.29
C MET A 76 -18.05 -13.72 -1.65
N PHE A 77 -18.56 -12.69 -2.29
CA PHE A 77 -18.47 -11.36 -1.74
C PHE A 77 -19.84 -10.88 -1.32
N TYR A 78 -19.95 -10.42 -0.09
CA TYR A 78 -21.23 -9.96 0.41
C TYR A 78 -21.08 -8.89 1.47
N THR A 79 -21.92 -7.89 1.39
CA THR A 79 -21.88 -6.77 2.33
C THR A 79 -23.05 -6.83 3.29
N ALA A 80 -22.76 -6.62 4.57
CA ALA A 80 -23.79 -6.56 5.58
C ALA A 80 -24.05 -5.12 5.97
N GLY A 81 -25.26 -4.85 6.46
CA GLY A 81 -25.64 -3.50 6.76
C GLY A 81 -26.31 -2.84 5.57
N ASP A 82 -26.64 -1.57 5.68
CA ASP A 82 -27.24 -0.90 4.55
C ASP A 82 -26.32 0.18 4.02
N ALA A 83 -25.68 -0.14 2.91
CA ALA A 83 -24.88 0.80 2.15
C ALA A 83 -24.49 0.19 0.81
N SER A 84 -24.23 1.04 -0.17
CA SER A 84 -23.83 0.57 -1.48
C SER A 84 -22.37 0.94 -1.74
N VAL A 85 -21.56 -0.06 -2.02
CA VAL A 85 -20.11 0.15 -2.12
C VAL A 85 -19.56 -0.23 -3.48
N SER A 86 -18.55 0.50 -3.90
CA SER A 86 -17.86 0.21 -5.12
C SER A 86 -16.46 -0.29 -4.80
N LEU A 87 -16.16 -1.49 -5.24
CA LEU A 87 -14.80 -1.99 -5.16
C LEU A 87 -14.12 -1.79 -6.49
N LEU A 88 -12.84 -1.50 -6.43
CA LEU A 88 -12.04 -1.40 -7.62
C LEU A 88 -10.86 -2.33 -7.50
N GLY A 89 -10.46 -2.88 -8.62
CA GLY A 89 -9.33 -3.75 -8.65
C GLY A 89 -8.79 -3.90 -10.04
N TYR A 90 -7.91 -4.87 -10.24
CA TYR A 90 -7.37 -5.13 -11.55
C TYR A 90 -6.98 -6.59 -11.71
N LEU A 91 -7.48 -7.16 -12.79
CA LEU A 91 -7.16 -8.52 -13.20
C LEU A 91 -5.70 -8.57 -13.64
N HIS A 92 -4.95 -9.53 -13.14
CA HIS A 92 -3.55 -9.66 -13.53
C HIS A 92 -3.46 -10.35 -14.88
N ASP A 93 -3.11 -9.58 -15.90
CA ASP A 93 -2.91 -10.11 -17.23
C ASP A 93 -1.44 -10.16 -17.56
N ILE A 94 -1.11 -10.79 -18.68
CA ILE A 94 0.28 -10.94 -19.11
C ILE A 94 0.31 -11.54 -20.51
N ASP A 95 1.26 -11.11 -21.33
CA ASP A 95 1.39 -11.64 -22.67
C ASP A 95 2.67 -12.45 -22.79
N SER A 96 2.76 -13.28 -23.81
CA SER A 96 3.92 -14.12 -24.01
C SER A 96 4.50 -13.92 -25.41
N GLY A 97 4.38 -12.70 -25.92
CA GLY A 97 4.89 -12.39 -27.23
C GLY A 97 5.31 -10.96 -27.36
N SER A 98 5.02 -10.36 -28.51
CA SER A 98 5.36 -8.98 -28.76
C SER A 98 4.17 -8.26 -29.36
N PHE B 1 16.30 -3.86 -20.57
CA PHE B 1 16.08 -4.78 -19.43
C PHE B 1 15.72 -4.00 -18.17
N GLN B 2 14.81 -3.05 -18.32
CA GLN B 2 14.39 -2.21 -17.20
C GLN B 2 13.04 -2.71 -16.68
N GLY B 3 13.09 -3.49 -15.60
CA GLY B 3 11.88 -4.03 -15.01
C GLY B 3 11.14 -3.00 -14.17
N ALA B 4 10.85 -1.85 -14.77
CA ALA B 4 10.15 -0.76 -14.12
C ALA B 4 9.89 0.36 -15.12
N MET B 5 10.68 1.43 -14.99
CA MET B 5 10.62 2.58 -15.91
C MET B 5 9.19 3.13 -16.03
N ALA B 6 8.41 2.98 -14.97
CA ALA B 6 7.05 3.48 -14.94
C ALA B 6 7.04 5.00 -14.96
N MET B 7 6.37 5.57 -15.94
CA MET B 7 6.41 7.02 -16.16
C MET B 7 5.31 7.72 -15.40
N PHE B 8 5.67 8.85 -14.80
CA PHE B 8 4.78 9.61 -13.92
C PHE B 8 3.51 10.07 -14.65
N TRP B 9 2.41 10.01 -13.92
CA TRP B 9 1.10 10.43 -14.42
C TRP B 9 0.46 11.37 -13.41
N GLY B 10 -0.28 12.35 -13.89
CA GLY B 10 -0.92 13.31 -13.01
C GLY B 10 -2.25 13.78 -13.54
N LEU B 11 -3.22 13.93 -12.65
CA LEU B 11 -4.55 14.42 -13.02
C LEU B 11 -5.01 15.49 -12.05
N ASN B 12 -5.05 16.72 -12.53
CA ASN B 12 -5.53 17.84 -11.72
C ASN B 12 -6.99 18.12 -12.05
N MET B 13 -7.89 17.70 -11.16
CA MET B 13 -9.31 17.81 -11.41
C MET B 13 -9.88 19.03 -10.71
N LYS B 14 -10.75 19.73 -11.41
CA LYS B 14 -11.42 20.89 -10.83
C LYS B 14 -12.83 20.51 -10.39
N PRO B 15 -13.45 21.29 -9.47
CA PRO B 15 -14.79 21.02 -8.92
C PRO B 15 -15.81 20.60 -9.97
N GLU B 16 -16.35 19.37 -9.81
CA GLU B 16 -17.42 18.86 -10.64
C GLU B 16 -17.05 18.85 -12.11
N ARG B 17 -15.95 18.20 -12.43
CA ARG B 17 -15.52 18.02 -13.81
C ARG B 17 -15.51 16.55 -14.17
N LYS B 18 -15.88 16.25 -15.40
CA LYS B 18 -15.98 14.87 -15.85
C LYS B 18 -15.16 14.64 -17.10
N TYR B 19 -14.11 13.84 -16.97
CA TYR B 19 -13.24 13.55 -18.10
C TYR B 19 -13.39 12.09 -18.51
N SER B 20 -14.08 11.86 -19.62
CA SER B 20 -14.18 10.53 -20.19
C SER B 20 -13.00 10.30 -21.13
N GLN B 21 -12.03 9.51 -20.69
CA GLN B 21 -10.76 9.41 -21.39
C GLN B 21 -10.40 7.98 -21.77
N THR B 22 -9.70 7.86 -22.89
CA THR B 22 -9.20 6.57 -23.36
C THR B 22 -7.79 6.33 -22.80
N ILE B 23 -7.35 5.09 -22.80
CA ILE B 23 -6.10 4.73 -22.17
C ILE B 23 -5.07 4.26 -23.19
N ILE B 24 -3.87 4.81 -23.09
CA ILE B 24 -2.78 4.48 -24.00
C ILE B 24 -1.84 3.46 -23.35
N LYS B 25 -1.44 3.75 -22.12
CA LYS B 25 -0.61 2.84 -21.35
C LYS B 25 -1.37 2.32 -20.15
N SER B 26 -1.20 1.05 -19.83
CA SER B 26 -1.78 0.48 -18.63
C SER B 26 -1.17 1.17 -17.41
N PHE B 27 -1.95 1.99 -16.72
CA PHE B 27 -1.38 2.83 -15.68
C PHE B 27 -2.05 2.65 -14.34
N HIS B 28 -1.33 3.05 -13.30
CA HIS B 28 -1.79 2.94 -11.93
C HIS B 28 -1.93 4.32 -11.32
N ILE B 29 -3.11 4.62 -10.81
CA ILE B 29 -3.30 5.83 -10.02
C ILE B 29 -3.07 5.49 -8.56
N SER B 30 -2.30 6.29 -7.87
CA SER B 30 -1.83 5.93 -6.55
C SER B 30 -2.31 6.89 -5.47
N GLY B 31 -2.81 8.06 -5.86
CA GLY B 31 -3.31 8.99 -4.87
C GLY B 31 -4.12 10.12 -5.46
N VAL B 32 -5.09 10.57 -4.69
CA VAL B 32 -5.88 11.77 -5.04
C VAL B 32 -6.02 12.65 -3.80
N ALA B 33 -5.70 13.93 -3.93
CA ALA B 33 -5.69 14.81 -2.76
C ALA B 33 -6.10 16.22 -3.13
N LEU B 34 -6.61 16.97 -2.15
CA LEU B 34 -7.01 18.35 -2.38
C LEU B 34 -6.26 19.29 -1.47
N ASP B 35 -5.91 20.45 -2.02
CA ASP B 35 -5.31 21.51 -1.24
C ASP B 35 -6.30 22.65 -1.11
N LYS B 36 -6.86 23.06 -2.24
CA LYS B 36 -8.00 23.96 -2.23
C LYS B 36 -9.26 23.16 -2.52
N GLY B 37 -10.26 23.30 -1.68
CA GLY B 37 -11.51 22.63 -1.93
C GLY B 37 -12.28 22.31 -0.67
N GLN B 38 -13.58 22.11 -0.82
CA GLN B 38 -14.43 21.78 0.29
C GLN B 38 -14.77 20.29 0.33
N GLU B 39 -15.12 19.74 -0.84
CA GLU B 39 -15.43 18.33 -0.96
C GLU B 39 -15.18 17.85 -2.37
N ALA B 40 -14.44 16.75 -2.52
CA ALA B 40 -14.36 16.10 -3.82
C ALA B 40 -14.62 14.62 -3.70
N LYS B 41 -15.71 14.16 -4.27
CA LYS B 41 -15.99 12.74 -4.34
C LYS B 41 -15.54 12.22 -5.69
N LEU B 42 -14.50 11.40 -5.67
CA LEU B 42 -13.89 10.93 -6.89
C LEU B 42 -14.66 9.73 -7.41
N TYR B 43 -15.31 9.90 -8.54
CA TYR B 43 -16.07 8.85 -9.16
C TYR B 43 -15.40 8.40 -10.44
N LEU B 44 -15.35 7.11 -10.62
CA LEU B 44 -14.83 6.51 -11.83
C LEU B 44 -15.91 5.68 -12.48
N ALA B 45 -16.27 6.03 -13.70
CA ALA B 45 -17.23 5.25 -14.44
C ALA B 45 -16.52 4.46 -15.53
N ALA B 46 -16.54 3.16 -15.38
CA ALA B 46 -15.88 2.26 -16.31
C ALA B 46 -16.69 0.99 -16.42
N GLU B 47 -16.56 0.30 -17.54
CA GLU B 47 -17.34 -0.92 -17.80
C GLU B 47 -18.83 -0.60 -17.74
N LYS B 48 -19.17 0.65 -18.05
CA LYS B 48 -20.55 1.14 -18.01
C LYS B 48 -21.14 0.99 -16.60
N GLN B 49 -20.35 1.36 -15.59
CA GLN B 49 -20.79 1.31 -14.21
C GLN B 49 -20.08 2.39 -13.40
N GLU B 50 -20.82 3.03 -12.50
CA GLU B 50 -20.26 4.10 -11.67
C GLU B 50 -19.60 3.51 -10.43
N TYR B 51 -18.35 3.88 -10.21
CA TYR B 51 -17.63 3.44 -9.03
C TYR B 51 -17.13 4.64 -8.23
N ILE B 52 -17.50 4.71 -6.96
CA ILE B 52 -16.93 5.70 -6.08
C ILE B 52 -15.53 5.25 -5.65
N VAL B 53 -14.51 5.85 -6.25
CA VAL B 53 -13.14 5.41 -6.02
C VAL B 53 -12.52 6.08 -4.80
N ALA B 54 -12.87 7.33 -4.54
CA ALA B 54 -12.32 8.02 -3.38
C ALA B 54 -13.24 9.10 -2.87
N THR B 55 -13.25 9.29 -1.56
CA THR B 55 -13.91 10.44 -0.98
C THR B 55 -12.86 11.33 -0.31
N VAL B 56 -12.49 12.40 -0.98
CA VAL B 56 -11.44 13.28 -0.49
C VAL B 56 -12.03 14.66 -0.16
N THR B 57 -12.04 14.98 1.11
CA THR B 57 -12.66 16.22 1.59
C THR B 57 -11.65 17.06 2.37
N LYS B 58 -12.10 18.18 2.91
CA LYS B 58 -11.28 18.96 3.84
C LYS B 58 -10.89 18.09 5.04
N ALA B 59 -11.82 17.20 5.44
CA ALA B 59 -11.60 16.31 6.56
C ALA B 59 -10.61 15.21 6.19
N ILE B 60 -10.75 14.70 4.99
CA ILE B 60 -9.83 13.73 4.45
C ILE B 60 -9.12 14.34 3.24
N PRO B 61 -8.08 15.17 3.49
CA PRO B 61 -7.47 16.02 2.46
C PRO B 61 -6.66 15.23 1.43
N GLN B 62 -6.60 13.92 1.60
CA GLN B 62 -5.80 13.08 0.73
C GLN B 62 -6.23 11.63 0.81
N VAL B 63 -6.55 11.06 -0.34
CA VAL B 63 -6.87 9.64 -0.43
C VAL B 63 -5.81 8.92 -1.24
N ALA B 64 -4.95 8.21 -0.55
CA ALA B 64 -3.97 7.36 -1.21
C ALA B 64 -4.59 6.02 -1.52
N LEU B 65 -4.82 5.76 -2.81
CA LEU B 65 -5.52 4.56 -3.24
C LEU B 65 -4.75 3.82 -4.33
N ASP B 66 -5.18 2.62 -4.62
CA ASP B 66 -4.56 1.81 -5.65
C ASP B 66 -5.54 1.58 -6.78
N LEU B 67 -5.33 2.25 -7.90
CA LEU B 67 -6.14 2.05 -9.09
C LEU B 67 -5.23 1.69 -10.24
N ASN B 68 -5.66 0.80 -11.10
CA ASN B 68 -4.88 0.44 -12.26
C ASN B 68 -5.78 0.03 -13.41
N PHE B 69 -5.54 0.60 -14.57
CA PHE B 69 -6.34 0.31 -15.74
C PHE B 69 -5.42 -0.12 -16.88
N SER B 70 -5.95 -0.91 -17.80
CA SER B 70 -5.14 -1.41 -18.92
C SER B 70 -5.35 -0.56 -20.16
N LYS B 71 -4.46 -0.72 -21.12
CA LYS B 71 -4.55 -0.01 -22.40
C LYS B 71 -5.77 -0.46 -23.21
N GLY B 72 -6.48 -1.46 -22.70
CA GLY B 72 -7.69 -1.92 -23.33
C GLY B 72 -8.92 -1.36 -22.65
N ASP B 73 -8.71 -0.64 -21.55
CA ASP B 73 -9.82 -0.06 -20.79
C ASP B 73 -10.09 1.37 -21.24
N ARG B 74 -11.29 1.84 -20.96
CA ARG B 74 -11.66 3.22 -21.22
C ARG B 74 -12.59 3.68 -20.10
N ILE B 75 -12.23 4.78 -19.46
CA ILE B 75 -12.87 5.16 -18.21
C ILE B 75 -13.21 6.64 -18.17
N MET B 76 -14.08 7.00 -17.23
CA MET B 76 -14.38 8.41 -17.00
C MET B 76 -14.08 8.75 -15.57
N PHE B 77 -13.34 9.84 -15.38
CA PHE B 77 -13.03 10.31 -14.04
C PHE B 77 -13.74 11.61 -13.79
N TYR B 78 -14.46 11.68 -12.69
CA TYR B 78 -15.21 12.89 -12.37
C TYR B 78 -15.38 13.06 -10.88
N THR B 79 -15.22 14.29 -10.42
CA THR B 79 -15.33 14.62 -9.02
C THR B 79 -16.61 15.37 -8.74
N ALA B 80 -17.30 14.97 -7.69
CA ALA B 80 -18.51 15.67 -7.24
C ALA B 80 -18.20 16.53 -6.03
N GLY B 81 -18.98 17.57 -5.84
CA GLY B 81 -18.72 18.51 -4.77
C GLY B 81 -17.83 19.63 -5.25
N ASP B 82 -17.43 20.52 -4.36
CA ASP B 82 -16.57 21.60 -4.77
C ASP B 82 -15.22 21.46 -4.11
N ALA B 83 -14.26 20.99 -4.89
CA ALA B 83 -12.86 20.94 -4.51
C ALA B 83 -11.99 20.58 -5.71
N SER B 84 -10.74 20.98 -5.67
CA SER B 84 -9.82 20.68 -6.75
C SER B 84 -8.78 19.69 -6.28
N VAL B 85 -8.67 18.56 -6.96
CA VAL B 85 -7.83 17.47 -6.51
C VAL B 85 -6.77 17.10 -7.52
N SER B 86 -5.62 16.70 -7.00
CA SER B 86 -4.54 16.22 -7.83
C SER B 86 -4.37 14.72 -7.62
N LEU B 87 -4.50 13.96 -8.68
CA LEU B 87 -4.17 12.55 -8.63
C LEU B 87 -2.78 12.34 -9.17
N LEU B 88 -2.08 11.40 -8.60
CA LEU B 88 -0.79 11.01 -9.09
C LEU B 88 -0.78 9.54 -9.36
N GLY B 89 -0.04 9.16 -10.37
CA GLY B 89 0.07 7.77 -10.74
C GLY B 89 1.28 7.53 -11.61
N TYR B 90 1.35 6.36 -12.19
CA TYR B 90 2.44 6.04 -13.10
C TYR B 90 2.02 5.02 -14.14
N LEU B 91 2.28 5.38 -15.38
CA LEU B 91 2.06 4.53 -16.53
C LEU B 91 3.04 3.36 -16.48
N HIS B 92 2.55 2.15 -16.64
CA HIS B 92 3.43 0.98 -16.62
C HIS B 92 4.12 0.84 -17.96
N ASP B 93 5.40 1.14 -17.98
CA ASP B 93 6.20 0.98 -19.18
C ASP B 93 7.12 -0.22 -19.05
N ILE B 94 7.78 -0.58 -20.14
CA ILE B 94 8.67 -1.72 -20.16
C ILE B 94 9.41 -1.77 -21.49
N ASP B 95 10.66 -2.19 -21.47
CA ASP B 95 11.45 -2.29 -22.69
C ASP B 95 11.73 -3.75 -23.01
N SER B 96 12.12 -4.02 -24.25
CA SER B 96 12.38 -5.38 -24.68
C SER B 96 13.78 -5.48 -25.28
N GLY B 97 14.69 -4.67 -24.78
CA GLY B 97 16.04 -4.67 -25.29
C GLY B 97 17.06 -4.30 -24.23
N SER B 98 18.05 -3.52 -24.62
CA SER B 98 19.08 -3.08 -23.71
C SER B 98 19.31 -1.58 -23.90
N PHE C 1 20.85 -11.41 -11.94
CA PHE C 1 19.45 -11.92 -11.91
C PHE C 1 18.75 -11.48 -10.63
N GLN C 2 18.91 -10.22 -10.28
CA GLN C 2 18.30 -9.68 -9.07
C GLN C 2 17.04 -8.90 -9.42
N GLY C 3 15.89 -9.56 -9.26
CA GLY C 3 14.61 -8.92 -9.58
C GLY C 3 14.16 -7.96 -8.51
N ALA C 4 15.04 -7.03 -8.15
CA ALA C 4 14.77 -6.03 -7.13
C ALA C 4 15.93 -5.05 -7.05
N MET C 5 16.75 -5.20 -5.99
CA MET C 5 17.95 -4.40 -5.79
C MET C 5 17.63 -2.89 -5.84
N ALA C 6 16.41 -2.53 -5.47
CA ALA C 6 16.00 -1.14 -5.44
C ALA C 6 16.76 -0.38 -4.37
N MET C 7 17.45 0.69 -4.78
CA MET C 7 18.34 1.41 -3.89
C MET C 7 17.61 2.53 -3.17
N PHE C 8 17.91 2.66 -1.88
CA PHE C 8 17.21 3.61 -1.00
C PHE C 8 17.37 5.05 -1.46
N TRP C 9 16.30 5.81 -1.32
CA TRP C 9 16.25 7.21 -1.69
C TRP C 9 15.67 8.01 -0.54
N GLY C 10 16.16 9.22 -0.34
CA GLY C 10 15.68 10.05 0.75
C GLY C 10 15.68 11.52 0.40
N LEU C 11 14.65 12.23 0.83
CA LEU C 11 14.52 13.66 0.59
C LEU C 11 14.14 14.39 1.87
N ASN C 12 15.07 15.14 2.43
CA ASN C 12 14.81 15.92 3.63
C ASN C 12 14.50 17.37 3.23
N MET C 13 13.22 17.72 3.27
CA MET C 13 12.78 19.02 2.83
C MET C 13 12.60 19.97 4.00
N LYS C 14 13.05 21.19 3.83
CA LYS C 14 12.88 22.21 4.85
C LYS C 14 11.71 23.14 4.50
N PRO C 15 11.14 23.83 5.50
CA PRO C 15 9.97 24.72 5.32
C PRO C 15 10.04 25.60 4.06
N GLU C 16 9.06 25.40 3.17
CA GLU C 16 8.91 26.22 1.97
C GLU C 16 10.16 26.22 1.10
N ARG C 17 10.59 25.02 0.72
CA ARG C 17 11.70 24.87 -0.20
C ARG C 17 11.24 24.20 -1.48
N LYS C 18 11.81 24.61 -2.59
CA LYS C 18 11.41 24.12 -3.89
C LYS C 18 12.60 23.57 -4.66
N TYR C 19 12.61 22.26 -4.87
CA TYR C 19 13.70 21.61 -5.58
C TYR C 19 13.21 21.11 -6.94
N SER C 20 13.58 21.80 -8.00
CA SER C 20 13.29 21.34 -9.34
C SER C 20 14.42 20.43 -9.82
N GLN C 21 14.17 19.13 -9.83
CA GLN C 21 15.23 18.15 -10.03
C GLN C 21 14.97 17.22 -11.21
N THR C 22 16.05 16.81 -11.85
CA THR C 22 16.00 15.84 -12.93
C THR C 22 16.14 14.42 -12.37
N ILE C 23 15.73 13.43 -13.15
CA ILE C 23 15.68 12.06 -12.67
C ILE C 23 16.68 11.18 -13.41
N ILE C 24 17.45 10.41 -12.64
CA ILE C 24 18.47 9.52 -13.19
C ILE C 24 17.93 8.09 -13.24
N LYS C 25 17.36 7.65 -12.13
CA LYS C 25 16.75 6.33 -12.05
C LYS C 25 15.25 6.46 -11.84
N SER C 26 14.47 5.62 -12.50
CA SER C 26 13.04 5.58 -12.26
C SER C 26 12.78 5.16 -10.82
N PHE C 27 12.31 6.07 -9.99
CA PHE C 27 12.23 5.79 -8.58
C PHE C 27 10.84 5.99 -8.01
N HIS C 28 10.63 5.36 -6.87
CA HIS C 28 9.37 5.42 -6.17
C HIS C 28 9.54 6.09 -4.82
N ILE C 29 8.75 7.12 -4.57
CA ILE C 29 8.68 7.72 -3.25
C ILE C 29 7.55 7.05 -2.49
N SER C 30 7.81 6.66 -1.25
CA SER C 30 6.89 5.81 -0.54
C SER C 30 6.35 6.48 0.74
N GLY C 31 6.98 7.55 1.17
CA GLY C 31 6.48 8.22 2.35
C GLY C 31 7.09 9.59 2.57
N VAL C 32 6.30 10.48 3.14
CA VAL C 32 6.77 11.81 3.56
C VAL C 32 6.24 12.10 4.96
N ALA C 33 7.11 12.50 5.87
CA ALA C 33 6.70 12.69 7.26
C ALA C 33 7.47 13.82 7.93
N LEU C 34 6.88 14.41 8.95
CA LEU C 34 7.54 15.48 9.69
C LEU C 34 7.70 15.12 11.15
N ASP C 35 8.84 15.52 11.70
CA ASP C 35 9.08 15.38 13.13
C ASP C 35 9.08 16.75 13.76
N LYS C 36 9.84 17.67 13.17
CA LYS C 36 9.74 19.07 13.53
C LYS C 36 8.97 19.80 12.44
N GLY C 37 7.95 20.53 12.83
CA GLY C 37 7.21 21.30 11.86
C GLY C 37 5.77 21.52 12.26
N GLN C 38 5.17 22.55 11.67
CA GLN C 38 3.78 22.87 11.95
C GLN C 38 2.87 22.41 10.81
N GLU C 39 3.28 22.68 9.58
CA GLU C 39 2.51 22.26 8.41
C GLU C 39 3.44 22.10 7.21
N ALA C 40 3.35 20.97 6.52
CA ALA C 40 4.02 20.85 5.24
C ALA C 40 3.06 20.30 4.20
N LYS C 41 2.76 21.12 3.21
CA LYS C 41 1.96 20.67 2.09
C LYS C 41 2.90 20.30 0.95
N LEU C 42 2.97 19.02 0.64
CA LEU C 42 3.91 18.53 -0.33
C LEU C 42 3.33 18.68 -1.72
N TYR C 43 3.94 19.56 -2.50
CA TYR C 43 3.52 19.80 -3.85
C TYR C 43 4.55 19.27 -4.83
N LEU C 44 4.07 18.64 -5.87
CA LEU C 44 4.89 18.15 -6.94
C LEU C 44 4.45 18.78 -8.24
N ALA C 45 5.34 19.51 -8.87
CA ALA C 45 5.05 20.08 -10.16
C ALA C 45 5.79 19.33 -11.24
N ALA C 46 5.02 18.67 -12.09
CA ALA C 46 5.57 17.86 -13.15
C ALA C 46 4.64 17.93 -14.35
N GLU C 47 5.17 17.71 -15.54
CA GLU C 47 4.40 17.82 -16.77
C GLU C 47 3.80 19.22 -16.90
N LYS C 48 4.49 20.19 -16.30
CA LYS C 48 4.04 21.58 -16.28
C LYS C 48 2.67 21.71 -15.62
N GLN C 49 2.50 21.02 -14.49
CA GLN C 49 1.25 21.08 -13.75
C GLN C 49 1.52 20.85 -12.26
N GLU C 50 0.83 21.60 -11.41
CA GLU C 50 1.02 21.49 -9.97
C GLU C 50 0.14 20.38 -9.41
N TYR C 51 0.75 19.47 -8.66
CA TYR C 51 0.01 18.40 -8.03
C TYR C 51 0.25 18.41 -6.52
N ILE C 52 -0.81 18.49 -5.75
CA ILE C 52 -0.69 18.31 -4.31
C ILE C 52 -0.57 16.82 -4.00
N VAL C 53 0.65 16.39 -3.69
CA VAL C 53 0.91 14.97 -3.50
C VAL C 53 0.63 14.52 -2.07
N ALA C 54 0.91 15.38 -1.10
CA ALA C 54 0.67 15.02 0.30
C ALA C 54 0.39 16.24 1.16
N THR C 55 -0.48 16.06 2.14
CA THR C 55 -0.65 17.07 3.17
C THR C 55 -0.19 16.48 4.51
N VAL C 56 1.00 16.85 4.93
CA VAL C 56 1.56 16.31 6.15
C VAL C 56 1.73 17.41 7.20
N THR C 57 0.96 17.31 8.26
CA THR C 57 0.93 18.34 9.29
C THR C 57 1.26 17.76 10.66
N LYS C 58 1.20 18.58 11.69
CA LYS C 58 1.29 18.08 13.06
C LYS C 58 0.16 17.07 13.33
N ALA C 59 -0.99 17.33 12.72
CA ALA C 59 -2.16 16.46 12.87
C ALA C 59 -1.96 15.16 12.11
N ILE C 60 -1.40 15.29 10.91
CA ILE C 60 -1.05 14.12 10.11
C ILE C 60 0.47 14.09 9.95
N PRO C 61 1.19 13.58 10.97
CA PRO C 61 2.65 13.70 11.06
C PRO C 61 3.39 12.84 10.05
N GLN C 62 2.65 12.11 9.22
CA GLN C 62 3.25 11.19 8.26
C GLN C 62 2.26 10.81 7.17
N VAL C 63 2.67 11.04 5.94
CA VAL C 63 1.88 10.63 4.79
C VAL C 63 2.62 9.54 4.02
N ALA C 64 2.17 8.31 4.19
CA ALA C 64 2.70 7.20 3.41
C ALA C 64 1.97 7.13 2.07
N LEU C 65 2.67 7.46 1.01
CA LEU C 65 2.06 7.55 -0.32
C LEU C 65 2.85 6.76 -1.35
N ASP C 66 2.26 6.58 -2.51
CA ASP C 66 2.92 5.87 -3.60
C ASP C 66 3.16 6.83 -4.76
N LEU C 67 4.41 7.21 -4.94
CA LEU C 67 4.80 8.04 -6.07
C LEU C 67 5.89 7.33 -6.85
N ASN C 68 5.87 7.44 -8.15
CA ASN C 68 6.91 6.84 -8.96
C ASN C 68 7.11 7.65 -10.23
N PHE C 69 8.36 7.96 -10.52
CA PHE C 69 8.70 8.73 -11.70
C PHE C 69 9.75 7.99 -12.51
N SER C 70 9.79 8.23 -13.81
CA SER C 70 10.73 7.53 -14.67
C SER C 70 11.96 8.39 -14.94
N LYS C 71 13.01 7.76 -15.45
CA LYS C 71 14.24 8.45 -15.80
C LYS C 71 14.03 9.42 -16.96
N GLY C 72 12.84 9.41 -17.53
CA GLY C 72 12.50 10.34 -18.58
C GLY C 72 11.69 11.51 -18.06
N ASP C 73 11.34 11.47 -16.78
CA ASP C 73 10.56 12.52 -16.15
C ASP C 73 11.46 13.56 -15.50
N ARG C 74 10.92 14.75 -15.29
CA ARG C 74 11.61 15.80 -14.57
C ARG C 74 10.59 16.59 -13.76
N ILE C 75 10.84 16.70 -12.47
CA ILE C 75 9.81 17.16 -11.56
C ILE C 75 10.34 18.18 -10.56
N MET C 76 9.43 18.89 -9.92
CA MET C 76 9.83 19.79 -8.83
C MET C 76 9.09 19.40 -7.57
N PHE C 77 9.83 19.29 -6.49
CA PHE C 77 9.24 18.98 -5.22
C PHE C 77 9.36 20.17 -4.30
N TYR C 78 8.25 20.59 -3.72
CA TYR C 78 8.26 21.74 -2.84
C TYR C 78 7.18 21.67 -1.79
N THR C 79 7.53 22.05 -0.57
CA THR C 79 6.61 22.02 0.54
C THR C 79 6.18 23.41 0.93
N ALA C 80 4.88 23.58 1.15
CA ALA C 80 4.34 24.84 1.62
C ALA C 80 4.03 24.76 3.11
N GLY C 81 4.04 25.90 3.77
CA GLY C 81 3.84 25.91 5.21
C GLY C 81 5.16 25.83 5.92
N ASP C 82 5.14 25.75 7.25
CA ASP C 82 6.38 25.64 7.97
C ASP C 82 6.47 24.29 8.64
N ALA C 83 7.27 23.42 8.06
CA ALA C 83 7.61 22.13 8.63
C ALA C 83 8.72 21.49 7.82
N SER C 84 9.49 20.61 8.46
CA SER C 84 10.57 19.91 7.77
C SER C 84 10.22 18.44 7.65
N VAL C 85 10.21 17.94 6.42
CA VAL C 85 9.73 16.58 6.17
C VAL C 85 10.78 15.72 5.51
N SER C 86 10.76 14.44 5.86
CA SER C 86 11.63 13.48 5.26
C SER C 86 10.82 12.54 4.38
N LEU C 87 11.16 12.49 3.11
CA LEU C 87 10.58 11.50 2.22
C LEU C 87 11.53 10.34 2.08
N LEU C 88 10.97 9.17 1.97
CA LEU C 88 11.75 7.99 1.71
C LEU C 88 11.23 7.31 0.48
N GLY C 89 12.13 6.70 -0.27
CA GLY C 89 11.75 5.99 -1.45
C GLY C 89 12.84 5.05 -1.88
N TYR C 90 12.72 4.52 -3.08
CA TYR C 90 13.74 3.63 -3.62
C TYR C 90 13.79 3.70 -5.13
N LEU C 91 15.01 3.91 -5.61
CA LEU C 91 15.32 3.91 -7.02
C LEU C 91 15.17 2.50 -7.57
N HIS C 92 14.46 2.35 -8.67
CA HIS C 92 14.29 1.03 -9.25
C HIS C 92 15.51 0.65 -10.06
N ASP C 93 16.28 -0.28 -9.53
CA ASP C 93 17.46 -0.78 -10.20
C ASP C 93 17.20 -2.18 -10.74
N ILE C 94 18.13 -2.68 -11.53
CA ILE C 94 18.00 -4.00 -12.14
C ILE C 94 19.30 -4.37 -12.85
N ASP C 95 19.67 -5.64 -12.79
CA ASP C 95 20.88 -6.09 -13.46
C ASP C 95 20.52 -6.99 -14.64
N SER C 96 21.48 -7.19 -15.53
CA SER C 96 21.25 -8.00 -16.72
C SER C 96 22.30 -9.11 -16.83
N GLY C 97 22.76 -9.58 -15.67
CA GLY C 97 23.77 -10.61 -15.66
C GLY C 97 23.67 -11.50 -14.44
N SER C 98 24.81 -11.86 -13.88
CA SER C 98 24.85 -12.70 -12.70
C SER C 98 25.83 -12.12 -11.70
N PHE D 1 12.78 -20.79 -10.50
CA PHE D 1 11.85 -19.87 -11.19
C PHE D 1 10.80 -19.33 -10.23
N GLN D 2 11.25 -18.90 -9.06
CA GLN D 2 10.36 -18.37 -8.05
C GLN D 2 10.40 -16.85 -8.05
N GLY D 3 9.43 -16.23 -8.72
CA GLY D 3 9.38 -14.78 -8.80
C GLY D 3 8.85 -14.14 -7.53
N ALA D 4 9.47 -14.49 -6.42
CA ALA D 4 9.10 -13.97 -5.10
C ALA D 4 10.08 -14.49 -4.05
N MET D 5 9.62 -15.47 -3.26
CA MET D 5 10.44 -16.12 -2.24
C MET D 5 11.08 -15.10 -1.28
N ALA D 6 10.40 -13.97 -1.10
CA ALA D 6 10.90 -12.93 -0.20
C ALA D 6 10.85 -13.43 1.24
N MET D 7 12.00 -13.39 1.90
CA MET D 7 12.12 -13.97 3.23
C MET D 7 11.82 -12.94 4.32
N PHE D 8 11.09 -13.38 5.33
CA PHE D 8 10.60 -12.52 6.39
C PHE D 8 11.73 -11.85 7.16
N TRP D 9 11.49 -10.59 7.51
CA TRP D 9 12.45 -9.78 8.26
C TRP D 9 11.74 -9.13 9.43
N GLY D 10 12.43 -8.99 10.55
CA GLY D 10 11.82 -8.39 11.72
C GLY D 10 12.81 -7.59 12.54
N LEU D 11 12.36 -6.45 13.06
CA LEU D 11 13.20 -5.59 13.88
C LEU D 11 12.44 -5.17 15.14
N ASN D 12 12.84 -5.70 16.28
CA ASN D 12 12.23 -5.33 17.55
C ASN D 12 13.10 -4.27 18.23
N MET D 13 12.65 -3.02 18.19
CA MET D 13 13.42 -1.91 18.71
C MET D 13 12.95 -1.54 20.10
N LYS D 14 13.90 -1.26 20.97
CA LYS D 14 13.59 -0.84 22.32
C LYS D 14 13.74 0.69 22.44
N PRO D 15 13.10 1.31 23.44
CA PRO D 15 13.13 2.76 23.66
C PRO D 15 14.52 3.40 23.47
N GLU D 16 14.61 4.31 22.50
CA GLU D 16 15.82 5.09 22.26
C GLU D 16 17.03 4.20 22.01
N ARG D 17 16.92 3.34 21.02
CA ARG D 17 18.03 2.51 20.60
C ARG D 17 18.41 2.83 19.17
N LYS D 18 19.70 2.77 18.89
CA LYS D 18 20.21 3.13 17.57
C LYS D 18 21.06 2.01 17.00
N TYR D 19 20.56 1.40 15.93
CA TYR D 19 21.27 0.31 15.28
C TYR D 19 21.78 0.74 13.91
N SER D 20 23.07 1.00 13.81
CA SER D 20 23.68 1.28 12.52
C SER D 20 24.11 -0.02 11.86
N GLN D 21 23.35 -0.45 10.86
CA GLN D 21 23.51 -1.79 10.32
C GLN D 21 23.77 -1.78 8.81
N THR D 22 24.54 -2.78 8.37
CA THR D 22 24.82 -2.99 6.97
C THR D 22 23.78 -3.93 6.37
N ILE D 23 23.66 -3.92 5.05
CA ILE D 23 22.60 -4.66 4.37
C ILE D 23 23.16 -5.78 3.52
N ILE D 24 22.58 -6.97 3.68
CA ILE D 24 23.01 -8.15 2.95
C ILE D 24 22.09 -8.39 1.77
N LYS D 25 20.78 -8.37 2.03
CA LYS D 25 19.79 -8.51 0.98
C LYS D 25 19.00 -7.23 0.83
N SER D 26 18.69 -6.86 -0.40
CA SER D 26 17.83 -5.71 -0.66
C SER D 26 16.45 -6.00 -0.09
N PHE D 27 16.08 -5.33 0.99
CA PHE D 27 14.87 -5.69 1.71
C PHE D 27 13.91 -4.53 1.86
N HIS D 28 12.66 -4.89 2.10
CA HIS D 28 11.58 -3.93 2.27
C HIS D 28 11.02 -4.03 3.67
N ILE D 29 10.98 -2.90 4.36
CA ILE D 29 10.28 -2.82 5.63
C ILE D 29 8.86 -2.35 5.36
N SER D 30 7.90 -3.02 5.96
CA SER D 30 6.51 -2.81 5.59
C SER D 30 5.67 -2.29 6.75
N GLY D 31 6.18 -2.37 7.97
CA GLY D 31 5.42 -1.85 9.09
C GLY D 31 6.23 -1.73 10.36
N VAL D 32 5.89 -0.74 11.16
CA VAL D 32 6.47 -0.56 12.49
C VAL D 32 5.35 -0.26 13.49
N ALA D 33 5.29 -0.99 14.59
CA ALA D 33 4.17 -0.82 15.52
C ALA D 33 4.61 -1.05 16.96
N LEU D 34 3.88 -0.47 17.90
CA LEU D 34 4.20 -0.66 19.31
C LEU D 34 3.02 -1.26 20.06
N ASP D 35 3.35 -2.14 20.99
CA ASP D 35 2.36 -2.71 21.88
C ASP D 35 2.59 -2.16 23.28
N LYS D 36 3.82 -2.22 23.75
CA LYS D 36 4.22 -1.52 24.94
C LYS D 36 5.02 -0.28 24.55
N GLY D 37 4.61 0.87 25.06
CA GLY D 37 5.35 2.07 24.79
C GLY D 37 4.51 3.31 24.84
N GLN D 38 5.16 4.45 25.02
CA GLN D 38 4.47 5.72 25.07
C GLN D 38 4.64 6.50 23.76
N GLU D 39 5.86 6.54 23.26
CA GLU D 39 6.15 7.21 22.00
C GLU D 39 7.37 6.59 21.34
N ALA D 40 7.28 6.26 20.07
CA ALA D 40 8.46 5.89 19.32
C ALA D 40 8.51 6.64 17.98
N LYS D 41 9.48 7.51 17.85
CA LYS D 41 9.71 8.18 16.58
C LYS D 41 10.79 7.45 15.83
N LEU D 42 10.41 6.80 14.74
CA LEU D 42 11.31 5.97 13.99
C LEU D 42 12.13 6.81 13.04
N TYR D 43 13.42 6.89 13.31
CA TYR D 43 14.33 7.65 12.48
C TYR D 43 15.26 6.72 11.75
N LEU D 44 15.47 7.03 10.49
CA LEU D 44 16.40 6.30 9.66
C LEU D 44 17.46 7.25 9.14
N ALA D 45 18.70 6.99 9.47
CA ALA D 45 19.79 7.80 8.96
C ALA D 45 20.54 7.01 7.91
N ALA D 46 20.47 7.50 6.69
CA ALA D 46 21.10 6.86 5.55
C ALA D 46 21.56 7.92 4.59
N GLU D 47 22.58 7.60 3.79
CA GLU D 47 23.16 8.56 2.86
C GLU D 47 23.68 9.79 3.61
N LYS D 48 24.04 9.57 4.88
CA LYS D 48 24.52 10.62 5.77
C LYS D 48 23.45 11.72 5.94
N GLN D 49 22.21 11.29 6.14
CA GLN D 49 21.11 12.23 6.35
C GLN D 49 20.05 11.57 7.22
N GLU D 50 19.47 12.35 8.14
CA GLU D 50 18.46 11.85 9.05
C GLU D 50 17.08 11.92 8.41
N TYR D 51 16.37 10.81 8.39
CA TYR D 51 15.02 10.77 7.86
C TYR D 51 14.05 10.26 8.91
N ILE D 52 13.03 11.04 9.20
CA ILE D 52 11.94 10.56 10.04
C ILE D 52 11.03 9.65 9.23
N VAL D 53 11.16 8.35 9.43
CA VAL D 53 10.44 7.39 8.61
C VAL D 53 9.05 7.11 9.16
N ALA D 54 8.90 7.10 10.48
CA ALA D 54 7.59 6.85 11.07
C ALA D 54 7.43 7.50 12.43
N THR D 55 6.22 7.95 12.72
CA THR D 55 5.89 8.37 14.06
C THR D 55 4.84 7.43 14.64
N VAL D 56 5.27 6.52 15.49
CA VAL D 56 4.37 5.52 16.04
C VAL D 56 4.25 5.72 17.56
N THR D 57 3.06 6.11 17.98
CA THR D 57 2.82 6.43 19.38
C THR D 57 1.68 5.59 19.94
N LYS D 58 1.30 5.83 21.19
CA LYS D 58 0.10 5.23 21.75
C LYS D 58 -1.12 5.62 20.91
N ALA D 59 -1.09 6.85 20.40
CA ALA D 59 -2.18 7.37 19.58
C ALA D 59 -2.18 6.72 18.21
N ILE D 60 -0.99 6.55 17.66
CA ILE D 60 -0.81 5.84 16.40
C ILE D 60 -0.01 4.58 16.67
N PRO D 61 -0.66 3.50 17.15
CA PRO D 61 0.01 2.32 17.67
C PRO D 61 0.67 1.47 16.59
N GLN D 62 0.56 1.90 15.34
CA GLN D 62 1.08 1.14 14.22
C GLN D 62 1.22 2.01 12.99
N VAL D 63 2.42 2.03 12.44
CA VAL D 63 2.69 2.72 11.20
C VAL D 63 3.05 1.72 10.11
N ALA D 64 2.11 1.46 9.23
CA ALA D 64 2.36 0.62 8.07
C ALA D 64 2.96 1.47 6.96
N LEU D 65 4.23 1.26 6.68
CA LEU D 65 4.95 2.09 5.71
C LEU D 65 5.69 1.24 4.69
N ASP D 66 6.17 1.89 3.65
CA ASP D 66 6.91 1.21 2.60
C ASP D 66 8.35 1.71 2.58
N LEU D 67 9.25 0.89 3.06
CA LEU D 67 10.68 1.20 3.01
C LEU D 67 11.40 0.08 2.28
N ASN D 68 12.40 0.42 1.50
CA ASN D 68 13.17 -0.59 0.81
C ASN D 68 14.59 -0.11 0.60
N PHE D 69 15.54 -0.94 0.97
CA PHE D 69 16.96 -0.60 0.84
C PHE D 69 17.67 -1.69 0.05
N SER D 70 18.74 -1.35 -0.63
CA SER D 70 19.47 -2.31 -1.44
C SER D 70 20.67 -2.86 -0.69
N LYS D 71 21.22 -3.96 -1.19
CA LYS D 71 22.40 -4.59 -0.61
C LYS D 71 23.63 -3.69 -0.73
N GLY D 72 23.48 -2.57 -1.42
CA GLY D 72 24.55 -1.60 -1.53
C GLY D 72 24.37 -0.45 -0.57
N ASP D 73 23.25 -0.45 0.14
CA ASP D 73 22.96 0.61 1.10
C ASP D 73 23.43 0.23 2.49
N ARG D 74 23.62 1.24 3.33
CA ARG D 74 23.95 1.03 4.74
C ARG D 74 23.26 2.10 5.56
N ILE D 75 22.49 1.69 6.55
CA ILE D 75 21.57 2.61 7.21
C ILE D 75 21.60 2.45 8.72
N MET D 76 21.07 3.44 9.42
CA MET D 76 20.91 3.34 10.86
C MET D 76 19.46 3.51 11.23
N PHE D 77 18.96 2.60 12.04
CA PHE D 77 17.60 2.70 12.50
C PHE D 77 17.59 3.00 13.98
N TYR D 78 16.85 4.02 14.37
CA TYR D 78 16.79 4.40 15.77
C TYR D 78 15.48 5.06 16.12
N THR D 79 14.95 4.71 17.27
CA THR D 79 13.69 5.24 17.74
C THR D 79 13.89 6.22 18.88
N ALA D 80 13.21 7.35 18.81
CA ALA D 80 13.24 8.34 19.86
C ALA D 80 11.97 8.26 20.69
N GLY D 81 12.05 8.67 21.94
CA GLY D 81 10.93 8.56 22.84
C GLY D 81 10.99 7.25 23.60
N ASP D 82 9.98 6.96 24.40
CA ASP D 82 9.98 5.71 25.11
C ASP D 82 8.85 4.83 24.62
N ALA D 83 9.22 3.85 23.82
CA ALA D 83 8.32 2.80 23.38
C ALA D 83 9.10 1.71 22.67
N SER D 84 8.57 0.50 22.67
CA SER D 84 9.23 -0.61 22.00
C SER D 84 8.41 -1.03 20.78
N VAL D 85 9.05 -1.02 19.62
CA VAL D 85 8.34 -1.24 18.37
C VAL D 85 8.88 -2.43 17.60
N SER D 86 7.98 -3.10 16.92
CA SER D 86 8.33 -4.20 16.06
C SER D 86 8.13 -3.80 14.60
N LEU D 87 9.20 -3.84 13.83
CA LEU D 87 9.07 -3.67 12.39
C LEU D 87 9.05 -5.01 11.72
N LEU D 88 8.28 -5.10 10.66
CA LEU D 88 8.25 -6.30 9.86
C LEU D 88 8.56 -5.94 8.43
N GLY D 89 9.22 -6.83 7.76
CA GLY D 89 9.56 -6.64 6.38
C GLY D 89 9.90 -7.94 5.71
N TYR D 90 10.46 -7.85 4.52
CA TYR D 90 10.88 -9.04 3.80
C TYR D 90 12.05 -8.75 2.88
N LEU D 91 13.07 -9.56 3.03
CA LEU D 91 14.24 -9.53 2.19
C LEU D 91 13.86 -10.00 0.78
N HIS D 92 14.26 -9.24 -0.23
CA HIS D 92 13.95 -9.63 -1.60
C HIS D 92 14.92 -10.70 -2.07
N ASP D 93 14.43 -11.91 -2.18
CA ASP D 93 15.22 -13.03 -2.68
C ASP D 93 14.79 -13.39 -4.09
N ILE D 94 15.56 -14.25 -4.73
CA ILE D 94 15.28 -14.68 -6.10
C ILE D 94 16.22 -15.81 -6.48
N ASP D 95 15.73 -16.76 -7.26
CA ASP D 95 16.55 -17.88 -7.70
C ASP D 95 16.79 -17.78 -9.20
N SER D 96 17.79 -18.50 -9.68
CA SER D 96 18.14 -18.46 -11.10
C SER D 96 18.16 -19.88 -11.68
N GLY D 97 17.31 -20.74 -11.14
CA GLY D 97 17.25 -22.11 -11.61
C GLY D 97 15.87 -22.70 -11.47
N SER D 98 15.82 -23.96 -11.07
CA SER D 98 14.56 -24.65 -10.87
C SER D 98 14.59 -25.39 -9.55
N PHE E 1 3.26 -19.08 -18.29
CA PHE E 1 3.80 -17.70 -18.34
C PHE E 1 2.88 -16.74 -17.60
N GLN E 2 2.44 -17.14 -16.40
CA GLN E 2 1.55 -16.32 -15.61
C GLN E 2 2.34 -15.60 -14.52
N GLY E 3 2.67 -14.34 -14.77
CA GLY E 3 3.42 -13.56 -13.81
C GLY E 3 2.57 -13.05 -12.66
N ALA E 4 1.87 -13.98 -12.03
CA ALA E 4 1.01 -13.66 -10.89
C ALA E 4 0.43 -14.95 -10.31
N MET E 5 -0.84 -15.22 -10.61
CA MET E 5 -1.53 -16.43 -10.19
C MET E 5 -1.41 -16.66 -8.67
N ALA E 6 -1.30 -15.57 -7.93
CA ALA E 6 -1.21 -15.64 -6.48
C ALA E 6 -2.52 -16.14 -5.89
N MET E 7 -2.46 -17.22 -5.13
CA MET E 7 -3.65 -17.89 -4.63
C MET E 7 -4.07 -17.33 -3.28
N PHE E 8 -5.37 -17.14 -3.13
CA PHE E 8 -5.95 -16.50 -1.95
C PHE E 8 -5.64 -17.28 -0.67
N TRP E 9 -5.37 -16.52 0.39
CA TRP E 9 -5.07 -17.07 1.71
C TRP E 9 -5.94 -16.38 2.75
N GLY E 10 -6.36 -17.11 3.76
CA GLY E 10 -7.20 -16.54 4.79
C GLY E 10 -6.93 -17.13 6.16
N LEU E 11 -6.96 -16.29 7.17
CA LEU E 11 -6.75 -16.73 8.55
C LEU E 11 -7.79 -16.14 9.47
N ASN E 12 -8.70 -16.98 9.95
CA ASN E 12 -9.73 -16.53 10.88
C ASN E 12 -9.29 -16.87 12.30
N MET E 13 -8.85 -15.85 13.04
CA MET E 13 -8.31 -16.05 14.37
C MET E 13 -9.36 -15.76 15.43
N LYS E 14 -9.42 -16.60 16.44
CA LYS E 14 -10.33 -16.38 17.55
C LYS E 14 -9.59 -15.79 18.74
N PRO E 15 -10.31 -15.13 19.67
CA PRO E 15 -9.72 -14.47 20.85
C PRO E 15 -8.63 -15.28 21.55
N GLU E 16 -7.42 -14.71 21.58
CA GLU E 16 -6.28 -15.30 22.29
C GLU E 16 -5.97 -16.72 21.82
N ARG E 17 -5.74 -16.85 20.54
CA ARG E 17 -5.33 -18.12 19.96
C ARG E 17 -3.95 -17.99 19.35
N LYS E 18 -3.16 -19.06 19.47
CA LYS E 18 -1.79 -19.05 19.00
C LYS E 18 -1.53 -20.20 18.04
N TYR E 19 -1.29 -19.87 16.79
CA TYR E 19 -1.03 -20.89 15.78
C TYR E 19 0.43 -20.81 15.32
N SER E 20 1.23 -21.76 15.77
CA SER E 20 2.60 -21.87 15.30
C SER E 20 2.62 -22.75 14.05
N GLN E 21 2.79 -22.13 12.89
CA GLN E 21 2.59 -22.81 11.62
C GLN E 21 3.81 -22.74 10.72
N THR E 22 3.99 -23.79 9.93
CA THR E 22 5.06 -23.86 8.93
C THR E 22 4.53 -23.32 7.60
N ILE E 23 5.45 -22.95 6.71
CA ILE E 23 5.07 -22.30 5.48
C ILE E 23 5.39 -23.16 4.26
N ILE E 24 4.41 -23.30 3.38
CA ILE E 24 4.55 -24.10 2.17
C ILE E 24 4.86 -23.20 0.98
N LYS E 25 4.08 -22.14 0.83
CA LYS E 25 4.30 -21.16 -0.23
C LYS E 25 4.68 -19.83 0.38
N SER E 26 5.63 -19.13 -0.25
CA SER E 26 5.97 -17.79 0.17
C SER E 26 4.76 -16.88 -0.02
N PHE E 27 4.15 -16.45 1.06
CA PHE E 27 2.88 -15.75 0.96
C PHE E 27 2.89 -14.40 1.62
N HIS E 28 1.95 -13.57 1.19
CA HIS E 28 1.80 -12.22 1.70
C HIS E 28 0.47 -12.08 2.40
N ILE E 29 0.51 -11.61 3.64
CA ILE E 29 -0.71 -11.24 4.35
C ILE E 29 -0.94 -9.76 4.13
N SER E 30 -2.16 -9.39 3.79
CA SER E 30 -2.43 -8.05 3.33
C SER E 30 -3.41 -7.31 4.24
N GLY E 31 -4.10 -8.03 5.11
CA GLY E 31 -5.02 -7.36 6.01
C GLY E 31 -5.50 -8.23 7.14
N VAL E 32 -5.76 -7.61 8.28
CA VAL E 32 -6.37 -8.28 9.43
C VAL E 32 -7.46 -7.38 10.00
N ALA E 33 -8.65 -7.91 10.19
CA ALA E 33 -9.78 -7.08 10.62
C ALA E 33 -10.74 -7.86 11.52
N LEU E 34 -11.48 -7.14 12.36
CA LEU E 34 -12.45 -7.77 13.23
C LEU E 34 -13.85 -7.25 12.98
N ASP E 35 -14.81 -8.14 13.06
CA ASP E 35 -16.21 -7.76 12.97
C ASP E 35 -16.84 -7.95 14.34
N LYS E 36 -16.63 -9.13 14.92
CA LYS E 36 -16.97 -9.35 16.31
C LYS E 36 -15.70 -9.33 17.13
N GLY E 37 -15.69 -8.52 18.19
CA GLY E 37 -14.54 -8.49 19.05
C GLY E 37 -14.35 -7.16 19.74
N GLN E 38 -13.62 -7.19 20.84
CA GLN E 38 -13.34 -5.98 21.59
C GLN E 38 -11.92 -5.48 21.32
N GLU E 39 -10.96 -6.38 21.35
CA GLU E 39 -9.57 -6.03 21.07
C GLU E 39 -8.82 -7.25 20.53
N ALA E 40 -8.11 -7.07 19.44
CA ALA E 40 -7.18 -8.10 18.99
C ALA E 40 -5.83 -7.50 18.66
N LYS E 41 -4.84 -7.87 19.45
CA LYS E 41 -3.47 -7.46 19.16
C LYS E 41 -2.78 -8.59 18.43
N LEU E 42 -2.48 -8.37 17.16
CA LEU E 42 -1.93 -9.40 16.31
C LEU E 42 -0.43 -9.48 16.51
N TYR E 43 0.02 -10.58 17.09
CA TYR E 43 1.43 -10.81 17.32
C TYR E 43 1.93 -11.91 16.42
N LEU E 44 3.10 -11.67 15.87
CA LEU E 44 3.78 -12.65 15.06
C LEU E 44 5.12 -12.96 15.67
N ALA E 45 5.33 -14.21 16.03
CA ALA E 45 6.62 -14.63 16.55
C ALA E 45 7.34 -15.45 15.51
N ALA E 46 8.45 -14.90 15.04
CA ALA E 46 9.25 -15.52 14.01
C ALA E 46 10.71 -15.19 14.25
N GLU E 47 11.60 -16.04 13.77
CA GLU E 47 13.04 -15.87 14.00
C GLU E 47 13.33 -15.84 15.50
N LYS E 48 12.47 -16.52 16.26
CA LYS E 48 12.58 -16.56 17.72
C LYS E 48 12.50 -15.15 18.32
N GLN E 49 11.56 -14.35 17.82
CA GLN E 49 11.35 -13.01 18.33
C GLN E 49 9.89 -12.60 18.16
N GLU E 50 9.35 -11.92 19.16
CA GLU E 50 7.96 -11.50 19.13
C GLU E 50 7.82 -10.18 18.40
N TYR E 51 6.93 -10.13 17.42
CA TYR E 51 6.68 -8.90 16.68
C TYR E 51 5.20 -8.55 16.75
N ILE E 52 4.89 -7.36 17.23
CA ILE E 52 3.54 -6.86 17.16
C ILE E 52 3.26 -6.37 15.73
N VAL E 53 2.51 -7.17 14.98
CA VAL E 53 2.29 -6.88 13.57
C VAL E 53 1.10 -5.95 13.36
N ALA E 54 0.06 -6.10 14.18
CA ALA E 54 -1.11 -5.24 14.03
C ALA E 54 -1.84 -5.06 15.35
N THR E 55 -2.40 -3.87 15.54
CA THR E 55 -3.32 -3.65 16.63
C THR E 55 -4.71 -3.34 16.07
N VAL E 56 -5.58 -4.34 16.09
CA VAL E 56 -6.89 -4.18 15.52
C VAL E 56 -7.97 -4.28 16.61
N THR E 57 -8.63 -3.18 16.84
CA THR E 57 -9.61 -3.09 17.92
C THR E 57 -10.97 -2.66 17.39
N LYS E 58 -11.94 -2.48 18.28
CA LYS E 58 -13.22 -1.87 17.90
C LYS E 58 -12.98 -0.48 17.32
N ALA E 59 -11.98 0.21 17.86
CA ALA E 59 -11.63 1.56 17.41
C ALA E 59 -10.95 1.50 16.05
N ILE E 60 -10.07 0.53 15.88
CA ILE E 60 -9.43 0.28 14.60
C ILE E 60 -9.88 -1.09 14.09
N PRO E 61 -11.08 -1.16 13.48
CA PRO E 61 -11.73 -2.44 13.16
C PRO E 61 -11.05 -3.20 12.02
N GLN E 62 -9.99 -2.63 11.48
CA GLN E 62 -9.31 -3.23 10.35
C GLN E 62 -7.91 -2.66 10.19
N VAL E 63 -6.94 -3.56 10.17
CA VAL E 63 -5.55 -3.19 9.91
C VAL E 63 -5.09 -3.78 8.59
N ALA E 64 -5.03 -2.95 7.57
CA ALA E 64 -4.47 -3.34 6.29
C ALA E 64 -2.96 -3.20 6.32
N LEU E 65 -2.26 -4.31 6.33
CA LEU E 65 -0.82 -4.32 6.47
C LEU E 65 -0.14 -5.15 5.39
N ASP E 66 1.17 -5.03 5.30
CA ASP E 66 1.93 -5.78 4.33
C ASP E 66 2.87 -6.74 5.05
N LEU E 67 2.54 -8.02 5.01
CA LEU E 67 3.39 -9.05 5.58
C LEU E 67 3.71 -10.06 4.50
N ASN E 68 4.92 -10.58 4.50
CA ASN E 68 5.27 -11.61 3.54
C ASN E 68 6.33 -12.52 4.12
N PHE E 69 6.10 -13.81 4.01
CA PHE E 69 7.03 -14.80 4.54
C PHE E 69 7.39 -15.79 3.43
N SER E 70 8.56 -16.39 3.53
CA SER E 70 9.02 -17.32 2.50
C SER E 70 8.76 -18.76 2.93
N LYS E 71 8.83 -19.66 1.95
CA LYS E 71 8.65 -21.09 2.20
C LYS E 71 9.76 -21.66 3.09
N GLY E 72 10.75 -20.83 3.39
CA GLY E 72 11.82 -21.24 4.28
C GLY E 72 11.61 -20.69 5.68
N ASP E 73 10.55 -19.90 5.86
CA ASP E 73 10.25 -19.31 7.15
C ASP E 73 9.27 -20.18 7.93
N ARG E 74 9.25 -20.00 9.23
CA ARG E 74 8.28 -20.66 10.09
C ARG E 74 7.88 -19.71 11.22
N ILE E 75 6.60 -19.47 11.36
CA ILE E 75 6.15 -18.37 12.20
C ILE E 75 4.98 -18.78 13.09
N MET E 76 4.72 -17.97 14.11
CA MET E 76 3.55 -18.18 14.93
C MET E 76 2.67 -16.94 14.92
N PHE E 77 1.40 -17.14 14.67
CA PHE E 77 0.46 -16.04 14.68
C PHE E 77 -0.47 -16.17 15.86
N TYR E 78 -0.59 -15.11 16.64
CA TYR E 78 -1.44 -15.16 17.82
C TYR E 78 -1.98 -13.79 18.17
N THR E 79 -3.25 -13.75 18.53
CA THR E 79 -3.91 -12.52 18.88
C THR E 79 -4.16 -12.44 20.37
N ALA E 80 -3.86 -11.28 20.95
CA ALA E 80 -4.13 -11.02 22.35
C ALA E 80 -5.37 -10.15 22.50
N GLY E 81 -6.03 -10.27 23.63
CA GLY E 81 -7.27 -9.57 23.85
C GLY E 81 -8.44 -10.42 23.43
N ASP E 82 -9.64 -9.87 23.48
CA ASP E 82 -10.80 -10.64 23.06
C ASP E 82 -11.40 -10.03 21.82
N ALA E 83 -11.14 -10.67 20.69
CA ALA E 83 -11.76 -10.34 19.42
C ALA E 83 -11.42 -11.41 18.40
N SER E 84 -12.27 -11.55 17.39
CA SER E 84 -12.03 -12.53 16.34
C SER E 84 -11.72 -11.81 15.04
N VAL E 85 -10.58 -12.11 14.45
CA VAL E 85 -10.11 -11.37 13.29
C VAL E 85 -9.89 -12.26 12.09
N SER E 86 -10.15 -11.70 10.93
CA SER E 86 -9.89 -12.38 9.67
C SER E 86 -8.74 -11.72 8.96
N LEU E 87 -7.69 -12.48 8.70
CA LEU E 87 -6.63 -12.01 7.85
C LEU E 87 -6.82 -12.52 6.45
N LEU E 88 -6.45 -11.70 5.50
CA LEU E 88 -6.47 -12.10 4.12
C LEU E 88 -5.11 -11.91 3.53
N GLY E 89 -4.76 -12.78 2.61
CA GLY E 89 -3.50 -12.68 1.94
C GLY E 89 -3.49 -13.49 0.67
N TYR E 90 -2.32 -13.67 0.10
CA TYR E 90 -2.19 -14.49 -1.09
C TYR E 90 -0.82 -15.13 -1.19
N LEU E 91 -0.86 -16.44 -1.40
CA LEU E 91 0.32 -17.24 -1.62
C LEU E 91 0.93 -16.88 -2.96
N HIS E 92 2.23 -16.63 -2.99
CA HIS E 92 2.88 -16.28 -4.25
C HIS E 92 3.15 -17.54 -5.05
N ASP E 93 2.41 -17.71 -6.13
CA ASP E 93 2.58 -18.84 -7.02
C ASP E 93 3.23 -18.37 -8.31
N ILE E 94 3.61 -19.32 -9.15
CA ILE E 94 4.28 -19.02 -10.41
C ILE E 94 4.44 -20.31 -11.22
N ASP E 95 4.29 -20.21 -12.53
CA ASP E 95 4.44 -21.37 -13.40
C ASP E 95 5.70 -21.23 -14.24
N SER E 96 6.16 -22.33 -14.81
CA SER E 96 7.36 -22.33 -15.61
C SER E 96 7.09 -22.93 -16.99
N GLY E 97 5.88 -22.75 -17.47
CA GLY E 97 5.51 -23.29 -18.76
C GLY E 97 4.47 -22.45 -19.46
N SER E 98 3.51 -23.12 -20.10
CA SER E 98 2.45 -22.44 -20.80
C SER E 98 1.12 -23.10 -20.46
N PHE A 1 3.02 -6.92 -21.37
CA PHE A 1 3.64 -5.62 -21.02
C PHE A 1 3.78 -4.76 -22.27
N GLN A 2 3.98 -3.46 -22.07
CA GLN A 2 4.07 -2.48 -23.16
C GLN A 2 2.72 -2.29 -23.84
N GLY A 3 2.17 -3.37 -24.38
CA GLY A 3 0.85 -3.31 -24.98
C GLY A 3 -0.23 -3.66 -23.99
N ALA A 4 -0.31 -4.93 -23.62
CA ALA A 4 -1.35 -5.39 -22.71
C ALA A 4 -0.83 -5.51 -21.28
N MET A 5 -1.61 -4.98 -20.34
CA MET A 5 -1.35 -5.13 -18.92
C MET A 5 -2.66 -5.26 -18.15
N ALA A 6 -2.58 -5.21 -16.83
CA ALA A 6 -3.75 -5.39 -15.96
C ALA A 6 -4.92 -4.50 -16.38
N MET A 7 -6.11 -5.07 -16.35
CA MET A 7 -7.30 -4.38 -16.80
C MET A 7 -8.23 -4.09 -15.62
N PHE A 8 -8.92 -2.96 -15.70
CA PHE A 8 -9.73 -2.46 -14.59
C PHE A 8 -10.90 -3.37 -14.25
N TRP A 9 -11.22 -3.41 -12.96
CA TRP A 9 -12.33 -4.20 -12.43
C TRP A 9 -13.08 -3.37 -11.39
N GLY A 10 -14.38 -3.57 -11.30
CA GLY A 10 -15.18 -2.88 -10.31
C GLY A 10 -16.35 -3.71 -9.86
N LEU A 11 -16.83 -3.44 -8.65
CA LEU A 11 -17.98 -4.16 -8.11
C LEU A 11 -18.85 -3.24 -7.27
N ASN A 12 -20.03 -2.91 -7.79
CA ASN A 12 -21.01 -2.14 -7.04
C ASN A 12 -21.94 -3.08 -6.28
N MET A 13 -21.68 -3.24 -4.99
CA MET A 13 -22.45 -4.15 -4.17
C MET A 13 -23.62 -3.42 -3.54
N LYS A 14 -24.76 -4.07 -3.53
CA LYS A 14 -25.98 -3.46 -3.05
C LYS A 14 -26.28 -3.94 -1.63
N PRO A 15 -26.96 -3.10 -0.84
CA PRO A 15 -27.21 -3.33 0.60
C PRO A 15 -27.62 -4.77 0.95
N GLU A 16 -26.72 -5.46 1.66
CA GLU A 16 -27.02 -6.76 2.26
C GLU A 16 -27.38 -7.79 1.20
N ARG A 17 -26.43 -8.09 0.34
CA ARG A 17 -26.62 -9.07 -0.71
C ARG A 17 -25.40 -9.97 -0.83
N LYS A 18 -25.61 -11.17 -1.34
CA LYS A 18 -24.55 -12.17 -1.41
C LYS A 18 -24.36 -12.69 -2.83
N TYR A 19 -23.20 -12.42 -3.41
CA TYR A 19 -22.87 -12.92 -4.73
C TYR A 19 -21.75 -13.95 -4.63
N SER A 20 -21.99 -15.17 -5.04
CA SER A 20 -20.92 -16.14 -5.12
C SER A 20 -20.12 -15.89 -6.40
N GLN A 21 -18.80 -15.89 -6.28
CA GLN A 21 -17.94 -15.40 -7.34
C GLN A 21 -17.18 -16.54 -8.01
N THR A 22 -17.46 -16.73 -9.29
CA THR A 22 -16.67 -17.61 -10.12
C THR A 22 -15.60 -16.77 -10.83
N ILE A 23 -14.34 -17.12 -10.63
CA ILE A 23 -13.25 -16.30 -11.11
C ILE A 23 -12.78 -16.73 -12.49
N ILE A 24 -12.99 -15.85 -13.46
CA ILE A 24 -12.56 -16.11 -14.83
C ILE A 24 -11.11 -15.68 -15.00
N LYS A 25 -10.81 -14.48 -14.53
CA LYS A 25 -9.46 -13.94 -14.61
C LYS A 25 -8.96 -13.67 -13.20
N SER A 26 -7.74 -14.11 -12.91
CA SER A 26 -7.13 -13.85 -11.61
C SER A 26 -7.02 -12.34 -11.39
N PHE A 27 -7.59 -11.83 -10.32
CA PHE A 27 -7.70 -10.38 -10.19
C PHE A 27 -7.36 -9.88 -8.80
N HIS A 28 -7.08 -8.60 -8.74
CA HIS A 28 -6.76 -7.91 -7.50
C HIS A 28 -7.82 -6.88 -7.17
N ILE A 29 -8.36 -6.94 -5.97
CA ILE A 29 -9.22 -5.87 -5.49
C ILE A 29 -8.39 -4.94 -4.62
N SER A 30 -8.50 -3.65 -4.86
CA SER A 30 -7.61 -2.71 -4.21
C SER A 30 -8.37 -1.75 -3.30
N GLY A 31 -9.70 -1.70 -3.45
CA GLY A 31 -10.46 -0.83 -2.58
C GLY A 31 -11.94 -1.13 -2.58
N VAL A 32 -12.59 -0.77 -1.50
CA VAL A 32 -14.06 -0.82 -1.40
C VAL A 32 -14.54 0.45 -0.71
N ALA A 33 -15.45 1.18 -1.35
CA ALA A 33 -15.81 2.51 -0.86
C ALA A 33 -17.30 2.68 -0.64
N LEU A 34 -17.63 3.53 0.33
CA LEU A 34 -19.00 3.75 0.77
C LEU A 34 -19.50 5.09 0.24
N ASP A 35 -20.43 5.05 -0.70
CA ASP A 35 -20.98 6.29 -1.24
C ASP A 35 -22.44 6.45 -0.81
N LYS A 36 -23.26 5.50 -1.19
CA LYS A 36 -24.65 5.48 -0.76
C LYS A 36 -24.83 4.44 0.33
N GLY A 37 -25.44 4.81 1.44
CA GLY A 37 -25.74 3.82 2.44
C GLY A 37 -25.40 4.26 3.84
N GLN A 38 -25.69 3.41 4.81
CA GLN A 38 -25.35 3.69 6.19
C GLN A 38 -24.13 2.89 6.63
N GLU A 39 -24.15 1.58 6.34
CA GLU A 39 -23.05 0.70 6.71
C GLU A 39 -22.94 -0.46 5.73
N ALA A 40 -21.74 -0.75 5.27
CA ALA A 40 -21.51 -1.95 4.49
C ALA A 40 -20.35 -2.74 5.06
N LYS A 41 -20.64 -3.92 5.56
CA LYS A 41 -19.60 -4.79 6.06
C LYS A 41 -19.26 -5.83 5.02
N LEU A 42 -18.07 -5.73 4.46
CA LEU A 42 -17.68 -6.57 3.35
C LEU A 42 -17.16 -7.89 3.86
N TYR A 43 -17.86 -8.96 3.54
CA TYR A 43 -17.42 -10.30 3.89
C TYR A 43 -17.16 -11.09 2.63
N LEU A 44 -16.18 -11.96 2.68
CA LEU A 44 -15.98 -12.88 1.59
C LEU A 44 -15.77 -14.27 2.15
N ALA A 45 -16.44 -15.23 1.55
CA ALA A 45 -16.29 -16.61 1.95
C ALA A 45 -15.53 -17.39 0.90
N ALA A 46 -14.36 -17.87 1.28
CA ALA A 46 -13.56 -18.71 0.42
C ALA A 46 -13.17 -19.96 1.19
N GLU A 47 -13.10 -21.09 0.50
CA GLU A 47 -12.94 -22.39 1.15
C GLU A 47 -14.08 -22.63 2.13
N LYS A 48 -15.22 -22.00 1.83
CA LYS A 48 -16.39 -22.03 2.71
C LYS A 48 -16.07 -21.46 4.08
N GLN A 49 -15.18 -20.47 4.11
CA GLN A 49 -14.80 -19.79 5.33
C GLN A 49 -15.12 -18.31 5.22
N GLU A 50 -15.90 -17.80 6.16
CA GLU A 50 -16.34 -16.41 6.12
C GLU A 50 -15.28 -15.49 6.70
N TYR A 51 -14.76 -14.60 5.88
CA TYR A 51 -13.80 -13.61 6.32
C TYR A 51 -14.38 -12.21 6.28
N ILE A 52 -14.15 -11.42 7.32
CA ILE A 52 -14.47 -10.01 7.26
C ILE A 52 -13.38 -9.28 6.47
N VAL A 53 -13.74 -8.83 5.28
CA VAL A 53 -12.79 -8.24 4.36
C VAL A 53 -12.55 -6.79 4.70
N ALA A 54 -13.63 -6.04 4.86
CA ALA A 54 -13.53 -4.62 5.14
C ALA A 54 -14.78 -4.12 5.85
N THR A 55 -14.59 -3.18 6.76
CA THR A 55 -15.71 -2.52 7.39
C THR A 55 -15.79 -1.09 6.87
N VAL A 56 -16.71 -0.85 5.95
CA VAL A 56 -16.80 0.45 5.32
C VAL A 56 -18.19 1.08 5.56
N THR A 57 -18.19 2.16 6.31
CA THR A 57 -19.43 2.79 6.72
C THR A 57 -19.45 4.26 6.30
N LYS A 58 -20.50 4.98 6.65
CA LYS A 58 -20.50 6.43 6.48
C LYS A 58 -19.37 7.06 7.28
N ALA A 59 -19.04 6.43 8.41
CA ALA A 59 -17.96 6.90 9.28
C ALA A 59 -16.60 6.61 8.66
N ILE A 60 -16.49 5.43 8.06
CA ILE A 60 -15.29 5.05 7.32
C ILE A 60 -15.66 4.95 5.84
N PRO A 61 -15.66 6.08 5.11
CA PRO A 61 -16.27 6.19 3.79
C PRO A 61 -15.52 5.44 2.68
N GLN A 62 -14.42 4.78 3.04
CA GLN A 62 -13.61 4.09 2.04
C GLN A 62 -12.57 3.21 2.72
N VAL A 63 -12.50 1.96 2.28
CA VAL A 63 -11.50 1.02 2.76
C VAL A 63 -10.61 0.56 1.62
N ALA A 64 -9.34 0.89 1.69
CA ALA A 64 -8.37 0.44 0.70
C ALA A 64 -7.65 -0.81 1.20
N LEU A 65 -7.75 -1.89 0.43
CA LEU A 65 -7.17 -3.17 0.84
C LEU A 65 -6.50 -3.87 -0.34
N ASP A 66 -5.75 -4.91 -0.04
CA ASP A 66 -5.02 -5.66 -1.06
C ASP A 66 -5.55 -7.09 -1.15
N LEU A 67 -6.40 -7.33 -2.13
CA LEU A 67 -6.96 -8.65 -2.36
C LEU A 67 -6.47 -9.20 -3.68
N ASN A 68 -6.10 -10.46 -3.70
CA ASN A 68 -5.69 -11.12 -4.93
C ASN A 68 -6.30 -12.51 -5.01
N PHE A 69 -7.11 -12.74 -6.01
CA PHE A 69 -7.77 -14.02 -6.19
C PHE A 69 -7.33 -14.67 -7.49
N SER A 70 -7.35 -15.99 -7.53
CA SER A 70 -6.91 -16.73 -8.69
C SER A 70 -8.08 -17.45 -9.34
N LYS A 71 -7.98 -17.68 -10.64
CA LYS A 71 -9.07 -18.29 -11.41
C LYS A 71 -9.26 -19.76 -11.02
N GLY A 72 -8.30 -20.30 -10.30
CA GLY A 72 -8.43 -21.66 -9.80
C GLY A 72 -9.15 -21.70 -8.47
N ASP A 73 -9.32 -20.54 -7.86
CA ASP A 73 -10.01 -20.46 -6.58
C ASP A 73 -11.44 -19.99 -6.80
N ARG A 74 -12.30 -20.15 -5.80
CA ARG A 74 -13.69 -19.75 -5.93
C ARG A 74 -14.19 -19.19 -4.60
N ILE A 75 -14.77 -18.01 -4.65
CA ILE A 75 -15.09 -17.27 -3.43
C ILE A 75 -16.52 -16.75 -3.49
N MET A 76 -16.94 -16.07 -2.44
CA MET A 76 -18.22 -15.37 -2.43
C MET A 76 -18.05 -14.01 -1.82
N PHE A 77 -18.63 -12.99 -2.45
CA PHE A 77 -18.55 -11.65 -1.92
C PHE A 77 -19.93 -11.21 -1.47
N TYR A 78 -20.01 -10.72 -0.25
CA TYR A 78 -21.30 -10.31 0.29
C TYR A 78 -21.16 -9.26 1.37
N THR A 79 -22.03 -8.26 1.30
CA THR A 79 -21.99 -7.14 2.23
C THR A 79 -23.17 -7.20 3.19
N ALA A 80 -22.90 -6.92 4.45
CA ALA A 80 -23.94 -6.86 5.46
C ALA A 80 -24.20 -5.41 5.86
N GLY A 81 -25.34 -5.17 6.48
CA GLY A 81 -25.74 -3.82 6.81
C GLY A 81 -26.49 -3.20 5.66
N ASP A 82 -26.83 -1.92 5.76
CA ASP A 82 -27.51 -1.28 4.66
C ASP A 82 -26.65 -0.18 4.08
N ALA A 83 -26.05 -0.50 2.95
CA ALA A 83 -25.31 0.47 2.14
C ALA A 83 -24.84 -0.17 0.85
N SER A 84 -24.48 0.66 -0.11
CA SER A 84 -23.99 0.19 -1.39
C SER A 84 -22.55 0.63 -1.59
N VAL A 85 -21.68 -0.33 -1.87
CA VAL A 85 -20.25 -0.06 -1.96
C VAL A 85 -19.70 -0.31 -3.36
N SER A 86 -18.69 0.46 -3.72
CA SER A 86 -18.00 0.25 -4.97
C SER A 86 -16.62 -0.31 -4.68
N LEU A 87 -16.37 -1.54 -5.09
CA LEU A 87 -15.02 -2.08 -5.05
C LEU A 87 -14.33 -1.78 -6.34
N LEU A 88 -13.04 -1.61 -6.24
CA LEU A 88 -12.23 -1.28 -7.38
C LEU A 88 -11.02 -2.19 -7.39
N GLY A 89 -10.66 -2.66 -8.57
CA GLY A 89 -9.56 -3.57 -8.69
C GLY A 89 -9.09 -3.69 -10.12
N TYR A 90 -8.26 -4.69 -10.38
CA TYR A 90 -7.78 -4.94 -11.73
C TYR A 90 -7.48 -6.41 -11.95
N LEU A 91 -8.05 -6.91 -13.03
CA LEU A 91 -7.84 -8.27 -13.48
C LEU A 91 -6.42 -8.43 -13.99
N HIS A 92 -5.76 -9.51 -13.59
CA HIS A 92 -4.44 -9.81 -14.11
C HIS A 92 -4.60 -10.60 -15.40
N ASP A 93 -4.31 -9.95 -16.51
CA ASP A 93 -4.48 -10.57 -17.81
C ASP A 93 -3.60 -9.86 -18.82
N ILE A 94 -2.94 -10.64 -19.66
CA ILE A 94 -1.99 -10.09 -20.61
C ILE A 94 -1.87 -10.97 -21.84
N ASP A 95 -2.23 -10.41 -22.99
CA ASP A 95 -2.08 -11.11 -24.26
C ASP A 95 -0.78 -10.71 -24.92
N SER A 96 -0.39 -11.43 -25.97
CA SER A 96 0.87 -11.19 -26.67
C SER A 96 2.04 -11.43 -25.72
N GLY A 97 1.96 -12.53 -24.98
CA GLY A 97 3.00 -12.87 -24.03
C GLY A 97 4.16 -13.58 -24.69
N SER A 98 4.89 -12.86 -25.51
CA SER A 98 6.04 -13.41 -26.19
C SER A 98 7.26 -13.38 -25.27
N PHE B 1 13.58 -1.59 -18.05
CA PHE B 1 14.25 -1.54 -16.73
C PHE B 1 15.65 -0.97 -16.91
N GLN B 2 16.26 -0.53 -15.79
CA GLN B 2 17.58 0.11 -15.79
C GLN B 2 17.52 1.48 -16.45
N GLY B 3 17.14 1.52 -17.71
CA GLY B 3 16.98 2.78 -18.41
C GLY B 3 15.58 3.31 -18.29
N ALA B 4 14.64 2.67 -18.97
CA ALA B 4 13.26 3.13 -18.98
C ALA B 4 12.40 2.35 -18.00
N MET B 5 11.61 3.08 -17.21
CA MET B 5 10.62 2.49 -16.33
C MET B 5 9.38 3.37 -16.27
N ALA B 6 8.48 3.06 -15.34
CA ALA B 6 7.21 3.77 -15.20
C ALA B 6 7.39 5.28 -15.15
N MET B 7 6.54 6.00 -15.86
CA MET B 7 6.64 7.45 -15.96
C MET B 7 5.49 8.13 -15.23
N PHE B 8 5.79 9.29 -14.66
CA PHE B 8 4.86 10.00 -13.78
C PHE B 8 3.59 10.45 -14.51
N TRP B 9 2.48 10.44 -13.79
CA TRP B 9 1.18 10.87 -14.29
C TRP B 9 0.48 11.70 -13.22
N GLY B 10 -0.30 12.68 -13.64
CA GLY B 10 -1.05 13.49 -12.72
C GLY B 10 -2.35 13.97 -13.31
N LEU B 11 -3.31 14.27 -12.46
CA LEU B 11 -4.62 14.76 -12.91
C LEU B 11 -5.17 15.79 -11.95
N ASN B 12 -5.19 17.05 -12.36
CA ASN B 12 -5.82 18.10 -11.58
C ASN B 12 -7.27 18.26 -11.98
N MET B 13 -8.17 17.70 -11.20
CA MET B 13 -9.58 17.73 -11.51
C MET B 13 -10.22 18.95 -10.88
N LYS B 14 -11.10 19.58 -11.64
CA LYS B 14 -11.72 20.81 -11.21
C LYS B 14 -13.13 20.53 -10.71
N PRO B 15 -13.61 21.36 -9.77
CA PRO B 15 -14.89 21.16 -9.06
C PRO B 15 -16.05 20.73 -9.95
N GLU B 16 -16.50 19.49 -9.75
CA GLU B 16 -17.72 18.97 -10.36
C GLU B 16 -17.63 18.98 -11.89
N ARG B 17 -16.69 18.21 -12.40
CA ARG B 17 -16.51 18.08 -13.85
C ARG B 17 -16.30 16.64 -14.24
N LYS B 18 -16.62 16.32 -15.50
CA LYS B 18 -16.56 14.95 -15.97
C LYS B 18 -15.69 14.83 -17.22
N TYR B 19 -14.59 14.10 -17.09
CA TYR B 19 -13.73 13.85 -18.23
C TYR B 19 -13.77 12.36 -18.60
N SER B 20 -14.20 12.05 -19.80
CA SER B 20 -14.11 10.67 -20.27
C SER B 20 -12.68 10.39 -20.72
N GLN B 21 -12.15 9.26 -20.29
CA GLN B 21 -10.73 8.99 -20.41
C GLN B 21 -10.44 7.93 -21.46
N THR B 22 -9.74 8.33 -22.51
CA THR B 22 -9.19 7.39 -23.46
C THR B 22 -7.77 7.05 -23.04
N ILE B 23 -7.49 5.78 -22.85
CA ILE B 23 -6.22 5.36 -22.28
C ILE B 23 -5.20 5.04 -23.38
N ILE B 24 -4.16 5.84 -23.44
CA ILE B 24 -3.09 5.66 -24.40
C ILE B 24 -2.07 4.67 -23.82
N LYS B 25 -1.67 4.92 -22.59
CA LYS B 25 -0.71 4.06 -21.90
C LYS B 25 -1.37 3.49 -20.65
N SER B 26 -1.23 2.18 -20.47
CA SER B 26 -1.76 1.52 -19.27
C SER B 26 -1.12 2.14 -18.04
N PHE B 27 -1.91 2.66 -17.12
CA PHE B 27 -1.34 3.44 -16.03
C PHE B 27 -1.95 3.11 -14.68
N HIS B 28 -1.22 3.50 -13.64
CA HIS B 28 -1.64 3.31 -12.27
C HIS B 28 -1.86 4.65 -11.60
N ILE B 29 -3.02 4.83 -10.99
CA ILE B 29 -3.25 5.99 -10.14
C ILE B 29 -3.04 5.58 -8.71
N SER B 30 -2.27 6.36 -7.96
CA SER B 30 -1.85 5.95 -6.64
C SER B 30 -2.41 6.88 -5.56
N GLY B 31 -2.89 8.04 -5.96
CA GLY B 31 -3.46 8.95 -4.99
C GLY B 31 -4.30 10.05 -5.59
N VAL B 32 -5.23 10.56 -4.80
CA VAL B 32 -6.01 11.73 -5.14
C VAL B 32 -6.11 12.64 -3.91
N ALA B 33 -5.70 13.90 -4.04
CA ALA B 33 -5.57 14.76 -2.87
C ALA B 33 -6.35 16.06 -3.01
N LEU B 34 -6.80 16.56 -1.86
CA LEU B 34 -7.65 17.73 -1.76
C LEU B 34 -6.83 18.93 -1.28
N ASP B 35 -6.59 19.88 -2.17
CA ASP B 35 -5.86 21.08 -1.77
C ASP B 35 -6.77 22.30 -1.76
N LYS B 36 -7.36 22.60 -2.91
CA LYS B 36 -8.33 23.67 -3.00
C LYS B 36 -9.73 23.08 -3.09
N GLY B 37 -10.64 23.55 -2.26
CA GLY B 37 -12.00 23.10 -2.38
C GLY B 37 -12.63 22.74 -1.07
N GLN B 38 -13.91 22.37 -1.12
CA GLN B 38 -14.62 21.94 0.07
C GLN B 38 -14.76 20.42 0.10
N GLU B 39 -15.21 19.85 -1.02
CA GLU B 39 -15.41 18.41 -1.12
C GLU B 39 -15.20 17.95 -2.56
N ALA B 40 -14.45 16.88 -2.75
CA ALA B 40 -14.36 16.25 -4.05
C ALA B 40 -14.62 14.76 -3.94
N LYS B 41 -15.71 14.31 -4.53
CA LYS B 41 -16.03 12.91 -4.55
C LYS B 41 -15.63 12.32 -5.88
N LEU B 42 -14.60 11.49 -5.87
CA LEU B 42 -14.03 10.96 -7.09
C LEU B 42 -14.81 9.75 -7.56
N TYR B 43 -15.43 9.88 -8.71
CA TYR B 43 -16.15 8.77 -9.32
C TYR B 43 -15.51 8.43 -10.64
N LEU B 44 -15.51 7.16 -10.98
CA LEU B 44 -15.07 6.75 -12.28
C LEU B 44 -16.08 5.76 -12.86
N ALA B 45 -16.42 5.98 -14.11
CA ALA B 45 -17.33 5.09 -14.78
C ALA B 45 -16.60 4.28 -15.83
N ALA B 46 -16.56 2.98 -15.62
CA ALA B 46 -15.97 2.05 -16.57
C ALA B 46 -16.97 0.94 -16.85
N GLU B 47 -17.00 0.47 -18.10
CA GLU B 47 -18.04 -0.45 -18.56
C GLU B 47 -19.41 0.20 -18.38
N LYS B 48 -19.42 1.54 -18.42
CA LYS B 48 -20.62 2.33 -18.18
C LYS B 48 -21.19 2.05 -16.78
N GLN B 49 -20.30 1.78 -15.84
CA GLN B 49 -20.68 1.55 -14.46
C GLN B 49 -20.01 2.59 -13.56
N GLU B 50 -20.82 3.30 -12.79
CA GLU B 50 -20.30 4.37 -11.94
C GLU B 50 -19.77 3.80 -10.63
N TYR B 51 -18.48 3.99 -10.40
CA TYR B 51 -17.86 3.58 -9.15
C TYR B 51 -17.41 4.78 -8.34
N ILE B 52 -17.67 4.76 -7.04
CA ILE B 52 -17.08 5.74 -6.15
C ILE B 52 -15.63 5.34 -5.86
N VAL B 53 -14.72 6.12 -6.41
CA VAL B 53 -13.30 5.79 -6.36
C VAL B 53 -12.71 6.24 -5.03
N ALA B 54 -12.96 7.51 -4.68
CA ALA B 54 -12.42 8.06 -3.45
C ALA B 54 -13.27 9.22 -2.95
N THR B 55 -13.38 9.33 -1.65
CA THR B 55 -14.04 10.49 -1.06
C THR B 55 -12.99 11.37 -0.40
N VAL B 56 -12.63 12.46 -1.06
CA VAL B 56 -11.57 13.30 -0.57
C VAL B 56 -12.08 14.73 -0.34
N THR B 57 -12.11 15.12 0.92
CA THR B 57 -12.67 16.39 1.32
C THR B 57 -11.64 17.22 2.09
N LYS B 58 -12.03 18.40 2.55
CA LYS B 58 -11.18 19.15 3.48
C LYS B 58 -10.93 18.34 4.75
N ALA B 59 -11.91 17.52 5.11
CA ALA B 59 -11.80 16.67 6.29
C ALA B 59 -10.86 15.50 6.04
N ILE B 60 -10.96 14.94 4.84
CA ILE B 60 -10.03 13.91 4.40
C ILE B 60 -9.19 14.47 3.26
N PRO B 61 -8.09 15.18 3.60
CA PRO B 61 -7.36 16.02 2.65
C PRO B 61 -6.57 15.24 1.59
N GLN B 62 -6.64 13.92 1.64
CA GLN B 62 -5.88 13.10 0.71
C GLN B 62 -6.32 11.63 0.79
N VAL B 63 -6.58 11.05 -0.36
CA VAL B 63 -6.92 9.64 -0.45
C VAL B 63 -5.89 8.90 -1.29
N ALA B 64 -5.20 7.97 -0.68
CA ALA B 64 -4.24 7.13 -1.39
C ALA B 64 -4.90 5.82 -1.77
N LEU B 65 -4.90 5.52 -3.06
CA LEU B 65 -5.56 4.31 -3.56
C LEU B 65 -4.73 3.63 -4.65
N ASP B 66 -5.12 2.42 -5.01
CA ASP B 66 -4.40 1.65 -6.02
C ASP B 66 -5.29 1.40 -7.23
N LEU B 67 -5.10 2.20 -8.26
CA LEU B 67 -5.85 2.07 -9.49
C LEU B 67 -4.93 1.65 -10.62
N ASN B 68 -5.37 0.72 -11.44
CA ASN B 68 -4.60 0.30 -12.60
C ASN B 68 -5.52 0.13 -13.80
N PHE B 69 -5.28 0.91 -14.83
CA PHE B 69 -6.11 0.87 -16.02
C PHE B 69 -5.26 0.44 -17.22
N SER B 70 -5.91 -0.19 -18.19
CA SER B 70 -5.21 -0.69 -19.37
C SER B 70 -5.65 0.07 -20.60
N LYS B 71 -4.77 0.14 -21.59
CA LYS B 71 -5.02 0.91 -22.81
C LYS B 71 -6.12 0.27 -23.66
N GLY B 72 -6.47 -0.97 -23.31
CA GLY B 72 -7.57 -1.63 -23.99
C GLY B 72 -8.90 -1.31 -23.35
N ASP B 73 -8.85 -0.72 -22.16
CA ASP B 73 -10.06 -0.36 -21.44
C ASP B 73 -10.34 1.13 -21.63
N ARG B 74 -11.55 1.56 -21.32
CA ARG B 74 -11.92 2.96 -21.47
C ARG B 74 -12.84 3.38 -20.35
N ILE B 75 -12.49 4.46 -19.68
CA ILE B 75 -13.17 4.86 -18.46
C ILE B 75 -13.54 6.33 -18.50
N MET B 76 -14.17 6.80 -17.43
CA MET B 76 -14.43 8.23 -17.27
C MET B 76 -14.11 8.64 -15.85
N PHE B 77 -13.43 9.76 -15.68
CA PHE B 77 -13.12 10.26 -14.36
C PHE B 77 -13.87 11.55 -14.11
N TYR B 78 -14.57 11.60 -13.00
CA TYR B 78 -15.36 12.79 -12.69
C TYR B 78 -15.55 12.97 -11.20
N THR B 79 -15.42 14.21 -10.75
CA THR B 79 -15.53 14.54 -9.35
C THR B 79 -16.81 15.31 -9.07
N ALA B 80 -17.46 14.96 -7.98
CA ALA B 80 -18.66 15.66 -7.54
C ALA B 80 -18.34 16.52 -6.33
N GLY B 81 -19.22 17.47 -6.04
CA GLY B 81 -18.97 18.41 -4.97
C GLY B 81 -18.19 19.60 -5.48
N ASP B 82 -17.79 20.49 -4.59
CA ASP B 82 -16.99 21.61 -5.03
C ASP B 82 -15.61 21.54 -4.40
N ALA B 83 -14.66 21.12 -5.20
CA ALA B 83 -13.25 21.14 -4.85
C ALA B 83 -12.40 20.68 -6.02
N SER B 84 -11.12 21.00 -5.96
CA SER B 84 -10.18 20.63 -7.01
C SER B 84 -9.15 19.65 -6.44
N VAL B 85 -9.00 18.50 -7.10
CA VAL B 85 -8.12 17.45 -6.59
C VAL B 85 -6.97 17.16 -7.53
N SER B 86 -5.86 16.76 -6.95
CA SER B 86 -4.73 16.33 -7.73
C SER B 86 -4.56 14.82 -7.59
N LEU B 87 -4.76 14.09 -8.67
CA LEU B 87 -4.43 12.68 -8.67
C LEU B 87 -3.00 12.50 -9.11
N LEU B 88 -2.38 11.48 -8.60
CA LEU B 88 -1.01 11.19 -8.90
C LEU B 88 -0.88 9.73 -9.23
N GLY B 89 -0.09 9.44 -10.24
CA GLY B 89 0.07 8.08 -10.68
C GLY B 89 1.27 7.92 -11.58
N TYR B 90 1.36 6.79 -12.24
CA TYR B 90 2.45 6.53 -13.18
C TYR B 90 2.02 5.58 -14.29
N LEU B 91 2.29 6.04 -15.51
CA LEU B 91 2.04 5.28 -16.71
C LEU B 91 3.00 4.10 -16.78
N HIS B 92 2.49 2.94 -17.12
CA HIS B 92 3.33 1.78 -17.33
C HIS B 92 3.80 1.78 -18.76
N ASP B 93 5.07 2.08 -18.96
CA ASP B 93 5.64 2.21 -20.29
C ASP B 93 7.14 2.01 -20.22
N ILE B 94 7.69 1.24 -21.15
CA ILE B 94 9.10 0.92 -21.12
C ILE B 94 9.61 0.63 -22.52
N ASP B 95 10.56 1.44 -22.97
CA ASP B 95 11.21 1.23 -24.25
C ASP B 95 12.51 0.46 -24.05
N SER B 96 13.09 0.00 -25.16
CA SER B 96 14.31 -0.80 -25.11
C SER B 96 14.05 -2.10 -24.37
N GLY B 97 12.92 -2.73 -24.68
CA GLY B 97 12.56 -3.97 -24.03
C GLY B 97 13.23 -5.17 -24.67
N SER B 98 14.54 -5.26 -24.49
CA SER B 98 15.30 -6.36 -25.04
C SER B 98 15.22 -7.56 -24.10
N PHE C 1 18.76 -8.56 -9.38
CA PHE C 1 18.14 -9.38 -8.31
C PHE C 1 19.20 -10.25 -7.65
N GLN C 2 18.89 -10.77 -6.45
CA GLN C 2 19.82 -11.57 -5.66
C GLN C 2 20.97 -10.71 -5.12
N GLY C 3 21.73 -10.11 -6.02
CA GLY C 3 22.78 -9.21 -5.62
C GLY C 3 22.31 -7.78 -5.53
N ALA C 4 22.04 -7.17 -6.67
CA ALA C 4 21.63 -5.77 -6.71
C ALA C 4 20.12 -5.63 -6.85
N MET C 5 19.55 -4.77 -6.03
CA MET C 5 18.14 -4.40 -6.13
C MET C 5 17.95 -2.93 -5.79
N ALA C 6 16.70 -2.52 -5.64
CA ALA C 6 16.35 -1.12 -5.38
C ALA C 6 17.17 -0.54 -4.21
N MET C 7 17.63 0.69 -4.39
CA MET C 7 18.48 1.33 -3.39
C MET C 7 17.75 2.50 -2.73
N PHE C 8 18.04 2.71 -1.46
CA PHE C 8 17.32 3.67 -0.63
C PHE C 8 17.49 5.12 -1.11
N TRP C 9 16.43 5.90 -0.93
CA TRP C 9 16.41 7.31 -1.30
C TRP C 9 15.71 8.09 -0.19
N GLY C 10 16.14 9.32 0.03
CA GLY C 10 15.52 10.17 1.01
C GLY C 10 15.59 11.63 0.62
N LEU C 11 14.66 12.42 1.14
CA LEU C 11 14.62 13.85 0.86
C LEU C 11 14.17 14.64 2.07
N ASN C 12 15.09 15.36 2.69
CA ASN C 12 14.75 16.25 3.79
C ASN C 12 14.44 17.64 3.26
N MET C 13 13.17 17.96 3.14
CA MET C 13 12.74 19.24 2.59
C MET C 13 12.59 20.25 3.69
N LYS C 14 13.06 21.45 3.43
CA LYS C 14 13.07 22.50 4.42
C LYS C 14 11.90 23.46 4.19
N PRO C 15 11.40 24.09 5.27
CA PRO C 15 10.19 24.92 5.25
C PRO C 15 10.08 25.87 4.05
N GLU C 16 9.10 25.59 3.17
CA GLU C 16 8.72 26.49 2.09
C GLU C 16 9.88 26.72 1.13
N ARG C 17 10.31 25.65 0.48
CA ARG C 17 11.39 25.74 -0.49
C ARG C 17 11.06 24.92 -1.72
N LYS C 18 11.67 25.28 -2.84
CA LYS C 18 11.37 24.65 -4.12
C LYS C 18 12.61 24.12 -4.79
N TYR C 19 12.68 22.80 -4.95
CA TYR C 19 13.79 22.17 -5.65
C TYR C 19 13.30 21.55 -6.94
N SER C 20 13.82 22.00 -8.07
CA SER C 20 13.51 21.33 -9.33
C SER C 20 14.37 20.08 -9.45
N GLN C 21 13.75 18.98 -9.84
CA GLN C 21 14.37 17.68 -9.74
C GLN C 21 14.74 17.12 -11.10
N THR C 22 16.03 16.94 -11.32
CA THR C 22 16.52 16.20 -12.47
C THR C 22 16.72 14.75 -12.06
N ILE C 23 16.06 13.84 -12.77
CA ILE C 23 16.04 12.45 -12.37
C ILE C 23 17.15 11.65 -13.04
N ILE C 24 18.09 11.19 -12.23
CA ILE C 24 19.20 10.38 -12.72
C ILE C 24 18.76 8.91 -12.77
N LYS C 25 18.17 8.45 -11.69
CA LYS C 25 17.69 7.08 -11.60
C LYS C 25 16.18 7.09 -11.37
N SER C 26 15.46 6.29 -12.14
CA SER C 26 14.02 6.17 -11.96
C SER C 26 13.72 5.68 -10.56
N PHE C 27 12.94 6.42 -9.79
CA PHE C 27 12.80 6.11 -8.38
C PHE C 27 11.36 6.18 -7.89
N HIS C 28 11.15 5.56 -6.74
CA HIS C 28 9.85 5.53 -6.09
C HIS C 28 9.92 6.25 -4.76
N ILE C 29 9.03 7.19 -4.54
CA ILE C 29 8.88 7.79 -3.22
C ILE C 29 7.72 7.11 -2.52
N SER C 30 7.93 6.70 -1.29
CA SER C 30 6.95 5.88 -0.60
C SER C 30 6.37 6.59 0.62
N GLY C 31 7.01 7.66 1.06
CA GLY C 31 6.49 8.38 2.19
C GLY C 31 7.08 9.76 2.35
N VAL C 32 6.32 10.63 3.00
CA VAL C 32 6.79 11.95 3.41
C VAL C 32 6.29 12.24 4.82
N ALA C 33 7.21 12.54 5.74
CA ALA C 33 6.84 12.62 7.15
C ALA C 33 7.22 13.95 7.79
N LEU C 34 6.42 14.33 8.78
CA LEU C 34 6.54 15.62 9.46
C LEU C 34 7.17 15.42 10.82
N ASP C 35 8.40 15.88 10.99
CA ASP C 35 9.06 15.78 12.28
C ASP C 35 9.22 17.14 12.93
N LYS C 36 9.93 18.02 12.24
CA LYS C 36 10.07 19.40 12.69
C LYS C 36 9.19 20.30 11.85
N GLY C 37 8.39 21.13 12.49
CA GLY C 37 7.62 22.08 11.74
C GLY C 37 6.18 22.17 12.17
N GLN C 38 5.44 23.08 11.54
CA GLN C 38 4.03 23.21 11.83
C GLN C 38 3.18 22.58 10.72
N GLU C 39 3.51 22.90 9.47
CA GLU C 39 2.77 22.37 8.33
C GLU C 39 3.69 22.27 7.12
N ALA C 40 3.65 21.14 6.43
CA ALA C 40 4.33 21.02 5.15
C ALA C 40 3.38 20.48 4.10
N LYS C 41 3.09 21.30 3.11
CA LYS C 41 2.25 20.87 2.02
C LYS C 41 3.12 20.50 0.83
N LEU C 42 3.18 19.22 0.51
CA LEU C 42 4.07 18.73 -0.50
C LEU C 42 3.44 18.89 -1.87
N TYR C 43 4.06 19.71 -2.71
CA TYR C 43 3.62 19.90 -4.07
C TYR C 43 4.72 19.45 -5.01
N LEU C 44 4.33 18.89 -6.13
CA LEU C 44 5.28 18.59 -7.17
C LEU C 44 4.74 19.05 -8.50
N ALA C 45 5.60 19.71 -9.25
CA ALA C 45 5.22 20.17 -10.57
C ALA C 45 5.94 19.36 -11.64
N ALA C 46 5.14 18.65 -12.41
CA ALA C 46 5.65 17.88 -13.54
C ALA C 46 4.85 18.23 -14.77
N GLU C 47 5.50 18.27 -15.92
CA GLU C 47 4.89 18.79 -17.15
C GLU C 47 4.44 20.23 -16.94
N LYS C 48 5.13 20.91 -16.02
CA LYS C 48 4.79 22.27 -15.61
C LYS C 48 3.37 22.34 -15.04
N GLN C 49 2.96 21.25 -14.38
CA GLN C 49 1.66 21.18 -13.75
C GLN C 49 1.82 20.95 -12.25
N GLU C 50 1.25 21.82 -11.45
CA GLU C 50 1.40 21.74 -10.00
C GLU C 50 0.41 20.75 -9.40
N TYR C 51 0.94 19.70 -8.78
CA TYR C 51 0.10 18.72 -8.10
C TYR C 51 0.33 18.78 -6.60
N ILE C 52 -0.76 18.72 -5.84
CA ILE C 52 -0.64 18.53 -4.41
C ILE C 52 -0.37 17.05 -4.13
N VAL C 53 0.85 16.77 -3.69
CA VAL C 53 1.31 15.40 -3.51
C VAL C 53 0.84 14.85 -2.18
N ALA C 54 1.09 15.62 -1.11
CA ALA C 54 0.73 15.19 0.22
C ALA C 54 0.54 16.39 1.14
N THR C 55 -0.41 16.27 2.05
CA THR C 55 -0.57 17.28 3.08
C THR C 55 -0.12 16.69 4.41
N VAL C 56 1.07 17.06 4.85
CA VAL C 56 1.64 16.49 6.05
C VAL C 56 1.93 17.58 7.09
N THR C 57 1.19 17.54 8.18
CA THR C 57 1.27 18.56 9.20
C THR C 57 1.61 17.96 10.56
N LYS C 58 1.67 18.78 11.59
CA LYS C 58 1.77 18.25 12.96
C LYS C 58 0.55 17.37 13.27
N ALA C 59 -0.58 17.72 12.67
CA ALA C 59 -1.82 16.97 12.86
C ALA C 59 -1.77 15.65 12.12
N ILE C 60 -1.22 15.69 10.91
CA ILE C 60 -0.98 14.48 10.12
C ILE C 60 0.53 14.28 10.00
N PRO C 61 1.14 13.64 11.02
CA PRO C 61 2.61 13.63 11.18
C PRO C 61 3.35 12.79 10.15
N GLN C 62 2.63 12.18 9.22
CA GLN C 62 3.25 11.32 8.22
C GLN C 62 2.27 10.95 7.13
N VAL C 63 2.69 11.12 5.89
CA VAL C 63 1.90 10.73 4.74
C VAL C 63 2.63 9.66 3.93
N ALA C 64 2.04 8.49 3.86
CA ALA C 64 2.60 7.41 3.04
C ALA C 64 1.91 7.39 1.68
N LEU C 65 2.70 7.51 0.63
CA LEU C 65 2.15 7.57 -0.73
C LEU C 65 3.00 6.76 -1.71
N ASP C 66 2.47 6.55 -2.90
CA ASP C 66 3.16 5.76 -3.92
C ASP C 66 3.51 6.64 -5.12
N LEU C 67 4.75 7.09 -5.17
CA LEU C 67 5.23 7.91 -6.27
C LEU C 67 6.28 7.15 -7.06
N ASN C 68 6.21 7.23 -8.38
CA ASN C 68 7.20 6.60 -9.23
C ASN C 68 7.56 7.54 -10.37
N PHE C 69 8.82 7.94 -10.42
CA PHE C 69 9.29 8.85 -11.44
C PHE C 69 10.34 8.17 -12.32
N SER C 70 10.44 8.59 -13.57
CA SER C 70 11.36 8.00 -14.51
C SER C 70 12.44 9.00 -14.88
N LYS C 71 13.62 8.49 -15.25
CA LYS C 71 14.77 9.34 -15.56
C LYS C 71 14.55 10.11 -16.85
N GLY C 72 13.53 9.73 -17.60
CA GLY C 72 13.18 10.46 -18.81
C GLY C 72 12.24 11.61 -18.51
N ASP C 73 11.70 11.63 -17.30
CA ASP C 73 10.77 12.69 -16.89
C ASP C 73 11.53 13.69 -16.03
N ARG C 74 10.95 14.87 -15.83
CA ARG C 74 11.59 15.90 -15.03
C ARG C 74 10.54 16.67 -14.24
N ILE C 75 10.76 16.77 -12.95
CA ILE C 75 9.74 17.29 -12.04
C ILE C 75 10.32 18.35 -11.12
N MET C 76 9.49 18.90 -10.26
CA MET C 76 9.96 19.78 -9.20
C MET C 76 9.27 19.43 -7.90
N PHE C 77 10.04 19.38 -6.81
CA PHE C 77 9.47 19.09 -5.51
C PHE C 77 9.57 20.31 -4.63
N TYR C 78 8.46 20.70 -4.04
CA TYR C 78 8.45 21.89 -3.21
C TYR C 78 7.36 21.85 -2.16
N THR C 79 7.71 22.26 -0.95
CA THR C 79 6.80 22.23 0.17
C THR C 79 6.38 23.64 0.57
N ALA C 80 5.11 23.79 0.86
CA ALA C 80 4.57 25.06 1.33
C ALA C 80 4.26 24.98 2.82
N GLY C 81 4.11 26.13 3.45
CA GLY C 81 3.92 26.17 4.88
C GLY C 81 5.25 26.20 5.60
N ASP C 82 5.23 26.13 6.92
CA ASP C 82 6.48 26.09 7.65
C ASP C 82 6.63 24.78 8.37
N ALA C 83 7.45 23.91 7.78
CA ALA C 83 7.87 22.66 8.40
C ALA C 83 8.90 21.97 7.54
N SER C 84 9.61 21.03 8.13
CA SER C 84 10.62 20.26 7.43
C SER C 84 10.22 18.79 7.37
N VAL C 85 10.18 18.23 6.17
CA VAL C 85 9.70 16.87 5.98
C VAL C 85 10.78 15.94 5.46
N SER C 86 10.69 14.69 5.84
CA SER C 86 11.57 13.67 5.32
C SER C 86 10.79 12.75 4.39
N LEU C 87 11.13 12.78 3.11
CA LEU C 87 10.58 11.80 2.19
C LEU C 87 11.49 10.60 2.15
N LEU C 88 10.88 9.47 1.92
CA LEU C 88 11.60 8.22 1.88
C LEU C 88 11.18 7.45 0.65
N GLY C 89 12.15 6.85 -0.01
CA GLY C 89 11.86 6.13 -1.22
C GLY C 89 13.00 5.22 -1.60
N TYR C 90 12.96 4.71 -2.83
CA TYR C 90 14.02 3.86 -3.33
C TYR C 90 14.17 3.98 -4.84
N LEU C 91 15.41 4.23 -5.24
CA LEU C 91 15.79 4.31 -6.63
C LEU C 91 15.71 2.93 -7.27
N HIS C 92 15.14 2.85 -8.45
CA HIS C 92 15.11 1.60 -9.19
C HIS C 92 16.38 1.49 -10.00
N ASP C 93 17.27 0.61 -9.58
CA ASP C 93 18.57 0.47 -10.22
C ASP C 93 19.12 -0.91 -9.91
N ILE C 94 19.67 -1.57 -10.92
CA ILE C 94 20.15 -2.93 -10.77
C ILE C 94 21.27 -3.22 -11.75
N ASP C 95 22.44 -3.52 -11.22
CA ASP C 95 23.59 -3.92 -12.04
C ASP C 95 23.66 -5.43 -12.11
N SER C 96 24.51 -5.93 -13.01
CA SER C 96 24.66 -7.36 -13.23
C SER C 96 23.33 -7.94 -13.75
N GLY C 97 22.73 -7.24 -14.69
CA GLY C 97 21.46 -7.68 -15.24
C GLY C 97 21.64 -8.71 -16.33
N SER C 98 22.08 -9.89 -15.95
CA SER C 98 22.29 -10.98 -16.89
C SER C 98 20.97 -11.68 -17.15
N PHE D 1 11.37 -18.16 -7.30
CA PHE D 1 9.90 -18.27 -7.34
C PHE D 1 9.49 -19.73 -7.25
N GLN D 2 8.22 -19.97 -6.92
CA GLN D 2 7.68 -21.32 -6.73
C GLN D 2 8.24 -21.96 -5.46
N GLY D 3 9.56 -22.12 -5.42
CA GLY D 3 10.21 -22.65 -4.24
C GLY D 3 10.63 -21.55 -3.29
N ALA D 4 11.64 -20.78 -3.67
CA ALA D 4 12.17 -19.74 -2.81
C ALA D 4 11.63 -18.37 -3.20
N MET D 5 11.20 -17.62 -2.20
CA MET D 5 10.78 -16.24 -2.38
C MET D 5 11.17 -15.41 -1.16
N ALA D 6 10.68 -14.17 -1.09
CA ALA D 6 11.03 -13.25 -0.01
C ALA D 6 10.84 -13.88 1.37
N MET D 7 11.80 -13.62 2.25
CA MET D 7 11.80 -14.22 3.57
C MET D 7 11.56 -13.16 4.65
N PHE D 8 10.87 -13.56 5.70
CA PHE D 8 10.40 -12.64 6.74
C PHE D 8 11.55 -11.97 7.50
N TRP D 9 11.31 -10.73 7.90
CA TRP D 9 12.26 -9.94 8.65
C TRP D 9 11.52 -9.17 9.75
N GLY D 10 12.17 -8.97 10.88
CA GLY D 10 11.58 -8.22 11.96
C GLY D 10 12.61 -7.48 12.76
N LEU D 11 12.20 -6.40 13.41
CA LEU D 11 13.10 -5.61 14.24
C LEU D 11 12.39 -5.08 15.48
N ASN D 12 12.73 -5.64 16.64
CA ASN D 12 12.21 -5.12 17.90
C ASN D 12 13.15 -4.07 18.46
N MET D 13 12.79 -2.81 18.27
CA MET D 13 13.63 -1.70 18.71
C MET D 13 13.26 -1.30 20.12
N LYS D 14 14.27 -1.04 20.92
CA LYS D 14 14.07 -0.72 22.32
C LYS D 14 14.16 0.79 22.53
N PRO D 15 13.46 1.30 23.55
CA PRO D 15 13.31 2.74 23.81
C PRO D 15 14.61 3.55 23.69
N GLU D 16 14.64 4.41 22.66
CA GLU D 16 15.69 5.40 22.49
C GLU D 16 17.06 4.75 22.33
N ARG D 17 17.21 3.98 21.26
CA ARG D 17 18.47 3.30 20.96
C ARG D 17 18.81 3.44 19.48
N LYS D 18 20.08 3.34 19.18
CA LYS D 18 20.56 3.54 17.82
C LYS D 18 21.37 2.35 17.32
N TYR D 19 20.86 1.68 16.30
CA TYR D 19 21.58 0.57 15.69
C TYR D 19 21.99 0.94 14.27
N SER D 20 23.28 0.95 13.99
CA SER D 20 23.72 1.14 12.63
C SER D 20 23.59 -0.18 11.88
N GLN D 21 23.03 -0.13 10.67
CA GLN D 21 22.61 -1.32 9.97
C GLN D 21 23.50 -1.63 8.78
N THR D 22 24.17 -2.76 8.85
CA THR D 22 24.88 -3.31 7.70
C THR D 22 23.95 -4.28 6.99
N ILE D 23 23.71 -4.04 5.71
CA ILE D 23 22.71 -4.80 4.98
C ILE D 23 23.33 -5.99 4.26
N ILE D 24 22.95 -7.18 4.71
CA ILE D 24 23.42 -8.42 4.10
C ILE D 24 22.54 -8.76 2.91
N LYS D 25 21.23 -8.72 3.14
CA LYS D 25 20.26 -9.01 2.09
C LYS D 25 19.39 -7.79 1.86
N SER D 26 19.21 -7.42 0.60
CA SER D 26 18.35 -6.30 0.25
C SER D 26 16.93 -6.58 0.74
N PHE D 27 16.38 -5.71 1.57
CA PHE D 27 15.12 -6.03 2.24
C PHE D 27 14.13 -4.89 2.23
N HIS D 28 12.88 -5.26 2.47
CA HIS D 28 11.79 -4.31 2.54
C HIS D 28 11.21 -4.28 3.94
N ILE D 29 11.09 -3.11 4.52
CA ILE D 29 10.36 -2.96 5.77
C ILE D 29 8.96 -2.46 5.44
N SER D 30 7.96 -3.09 6.00
CA SER D 30 6.59 -2.82 5.61
C SER D 30 5.78 -2.23 6.77
N GLY D 31 6.29 -2.32 7.98
CA GLY D 31 5.58 -1.75 9.10
C GLY D 31 6.43 -1.59 10.34
N VAL D 32 6.03 -0.66 11.18
CA VAL D 32 6.61 -0.48 12.51
C VAL D 32 5.49 -0.21 13.51
N ALA D 33 5.40 -1.02 14.57
CA ALA D 33 4.24 -0.95 15.44
C ALA D 33 4.61 -0.75 16.91
N LEU D 34 3.71 -0.08 17.62
CA LEU D 34 3.90 0.32 19.00
C LEU D 34 3.10 -0.59 19.92
N ASP D 35 3.79 -1.44 20.68
CA ASP D 35 3.10 -2.30 21.62
C ASP D 35 3.39 -1.89 23.05
N LYS D 36 4.66 -1.91 23.41
CA LYS D 36 5.08 -1.44 24.72
C LYS D 36 5.73 -0.07 24.58
N GLY D 37 5.30 0.88 25.38
CA GLY D 37 5.96 2.15 25.37
C GLY D 37 5.01 3.32 25.35
N GLN D 38 5.57 4.53 25.39
CA GLN D 38 4.76 5.74 25.29
C GLN D 38 4.86 6.36 23.90
N GLU D 39 6.08 6.49 23.40
CA GLU D 39 6.31 7.09 22.09
C GLU D 39 7.57 6.52 21.46
N ALA D 40 7.49 6.13 20.19
CA ALA D 40 8.68 5.75 19.46
C ALA D 40 8.73 6.50 18.13
N LYS D 41 9.72 7.36 17.99
CA LYS D 41 9.91 8.07 16.75
C LYS D 41 11.01 7.40 15.95
N LEU D 42 10.63 6.78 14.85
CA LEU D 42 11.55 5.99 14.06
C LEU D 42 12.33 6.88 13.12
N TYR D 43 13.63 6.94 13.32
CA TYR D 43 14.51 7.67 12.44
C TYR D 43 15.49 6.72 11.79
N LEU D 44 15.85 7.00 10.57
CA LEU D 44 16.90 6.26 9.93
C LEU D 44 17.85 7.22 9.24
N ALA D 45 19.13 6.99 9.44
CA ALA D 45 20.14 7.81 8.82
C ALA D 45 20.85 7.02 7.73
N ALA D 46 20.69 7.48 6.50
CA ALA D 46 21.37 6.91 5.36
C ALA D 46 22.07 8.01 4.59
N GLU D 47 23.24 7.72 4.04
CA GLU D 47 24.10 8.74 3.44
C GLU D 47 24.45 9.78 4.50
N LYS D 48 24.43 9.36 5.77
CA LYS D 48 24.65 10.25 6.90
C LYS D 48 23.60 11.36 6.94
N GLN D 49 22.39 11.03 6.50
CA GLN D 49 21.28 11.96 6.52
C GLN D 49 20.16 11.40 7.38
N GLU D 50 19.73 12.15 8.38
CA GLU D 50 18.71 11.69 9.31
C GLU D 50 17.31 11.90 8.73
N TYR D 51 16.59 10.81 8.53
CA TYR D 51 15.22 10.88 8.05
C TYR D 51 14.25 10.42 9.14
N ILE D 52 13.16 11.14 9.31
CA ILE D 52 12.07 10.65 10.14
C ILE D 52 11.26 9.63 9.34
N VAL D 53 11.37 8.38 9.75
CA VAL D 53 10.78 7.27 9.01
C VAL D 53 9.32 7.12 9.38
N ALA D 54 9.05 7.08 10.68
CA ALA D 54 7.69 6.89 11.15
C ALA D 54 7.52 7.45 12.55
N THR D 55 6.35 8.02 12.82
CA THR D 55 6.02 8.45 14.16
C THR D 55 4.97 7.50 14.73
N VAL D 56 5.40 6.59 15.59
CA VAL D 56 4.51 5.58 16.12
C VAL D 56 4.43 5.67 17.65
N THR D 57 3.27 6.05 18.14
CA THR D 57 3.06 6.28 19.56
C THR D 57 1.94 5.42 20.10
N LYS D 58 1.62 5.56 21.38
CA LYS D 58 0.41 4.93 21.91
C LYS D 58 -0.83 5.45 21.18
N ALA D 59 -0.76 6.71 20.73
CA ALA D 59 -1.85 7.33 20.00
C ALA D 59 -1.93 6.79 18.58
N ILE D 60 -0.78 6.59 17.97
CA ILE D 60 -0.69 5.95 16.66
C ILE D 60 0.01 4.61 16.84
N PRO D 61 -0.76 3.56 17.20
CA PRO D 61 -0.20 2.29 17.69
C PRO D 61 0.49 1.44 16.61
N GLN D 62 0.53 1.95 15.39
CA GLN D 62 1.12 1.20 14.29
C GLN D 62 1.27 2.07 13.04
N VAL D 63 2.46 2.04 12.47
CA VAL D 63 2.72 2.76 11.24
C VAL D 63 3.14 1.78 10.14
N ALA D 64 2.33 1.70 9.10
CA ALA D 64 2.65 0.87 7.95
C ALA D 64 3.30 1.71 6.86
N LEU D 65 4.50 1.33 6.47
CA LEU D 65 5.27 2.10 5.48
C LEU D 65 5.97 1.18 4.48
N ASP D 66 6.49 1.76 3.42
CA ASP D 66 7.16 0.99 2.38
C ASP D 66 8.64 1.39 2.31
N LEU D 67 9.48 0.58 2.92
CA LEU D 67 10.92 0.80 2.91
C LEU D 67 11.61 -0.30 2.12
N ASN D 68 12.57 0.08 1.31
CA ASN D 68 13.36 -0.90 0.56
C ASN D 68 14.83 -0.50 0.58
N PHE D 69 15.65 -1.36 1.16
CA PHE D 69 17.07 -1.08 1.25
C PHE D 69 17.87 -2.14 0.49
N SER D 70 19.03 -1.74 0.00
CA SER D 70 19.86 -2.64 -0.81
C SER D 70 21.14 -2.96 -0.05
N LYS D 71 21.71 -4.13 -0.35
CA LYS D 71 22.90 -4.61 0.35
C LYS D 71 24.12 -3.78 0.00
N GLY D 72 24.00 -2.95 -1.03
CA GLY D 72 25.07 -2.05 -1.38
C GLY D 72 24.99 -0.75 -0.62
N ASP D 73 23.85 -0.52 0.04
CA ASP D 73 23.65 0.69 0.81
C ASP D 73 23.88 0.38 2.29
N ARG D 74 24.05 1.42 3.11
CA ARG D 74 24.28 1.23 4.53
C ARG D 74 23.58 2.33 5.32
N ILE D 75 22.79 1.94 6.29
CA ILE D 75 21.91 2.85 6.99
C ILE D 75 22.04 2.71 8.50
N MET D 76 21.28 3.51 9.23
CA MET D 76 21.18 3.34 10.67
C MET D 76 19.74 3.47 11.09
N PHE D 77 19.28 2.58 11.96
CA PHE D 77 17.92 2.65 12.45
C PHE D 77 17.93 2.99 13.93
N TYR D 78 17.17 4.00 14.31
CA TYR D 78 17.16 4.44 15.69
C TYR D 78 15.85 5.11 16.06
N THR D 79 15.34 4.77 17.23
CA THR D 79 14.08 5.29 17.71
C THR D 79 14.30 6.26 18.85
N ALA D 80 13.56 7.36 18.82
CA ALA D 80 13.59 8.34 19.89
C ALA D 80 12.32 8.26 20.72
N GLY D 81 12.36 8.83 21.92
CA GLY D 81 11.24 8.72 22.82
C GLY D 81 11.36 7.47 23.66
N ASP D 82 10.35 7.17 24.47
CA ASP D 82 10.40 5.96 25.25
C ASP D 82 9.29 5.03 24.82
N ALA D 83 9.67 4.03 24.04
CA ALA D 83 8.80 2.93 23.67
C ALA D 83 9.56 1.89 22.87
N SER D 84 9.00 0.70 22.78
CA SER D 84 9.62 -0.39 22.04
C SER D 84 8.74 -0.77 20.85
N VAL D 85 9.31 -0.77 19.66
CA VAL D 85 8.54 -1.01 18.44
C VAL D 85 8.98 -2.27 17.72
N SER D 86 8.03 -2.90 17.06
CA SER D 86 8.32 -4.04 16.23
C SER D 86 8.18 -3.66 14.77
N LEU D 87 9.28 -3.66 14.04
CA LEU D 87 9.21 -3.50 12.60
C LEU D 87 9.07 -4.85 11.95
N LEU D 88 8.38 -4.86 10.85
CA LEU D 88 8.14 -6.08 10.12
C LEU D 88 8.45 -5.86 8.66
N GLY D 89 9.08 -6.83 8.05
CA GLY D 89 9.48 -6.70 6.68
C GLY D 89 9.85 -8.03 6.08
N TYR D 90 10.46 -8.00 4.90
CA TYR D 90 10.91 -9.22 4.25
C TYR D 90 12.14 -8.97 3.39
N LEU D 91 13.13 -9.81 3.63
CA LEU D 91 14.37 -9.81 2.87
C LEU D 91 14.11 -10.31 1.46
N HIS D 92 14.66 -9.62 0.48
CA HIS D 92 14.56 -10.06 -0.90
C HIS D 92 15.71 -11.02 -1.17
N ASP D 93 15.38 -12.30 -1.29
CA ASP D 93 16.38 -13.33 -1.47
C ASP D 93 15.74 -14.54 -2.11
N ILE D 94 16.41 -15.12 -3.09
CA ILE D 94 15.85 -16.24 -3.83
C ILE D 94 16.95 -17.13 -4.39
N ASP D 95 16.96 -18.38 -3.95
CA ASP D 95 17.90 -19.36 -4.47
C ASP D 95 17.24 -20.17 -5.57
N SER D 96 18.05 -20.95 -6.28
CA SER D 96 17.56 -21.74 -7.42
C SER D 96 17.02 -20.81 -8.51
N GLY D 97 17.77 -19.76 -8.79
CA GLY D 97 17.36 -18.79 -9.79
C GLY D 97 17.74 -19.24 -11.18
N SER D 98 17.07 -20.27 -11.66
CA SER D 98 17.32 -20.80 -12.98
C SER D 98 16.53 -20.00 -14.01
N PHE E 1 1.67 -17.18 -14.72
CA PHE E 1 0.96 -15.98 -15.20
C PHE E 1 -0.03 -16.37 -16.29
N GLN E 2 -0.98 -15.48 -16.58
CA GLN E 2 -2.05 -15.74 -17.56
C GLN E 2 -3.02 -16.80 -17.05
N GLY E 3 -2.51 -17.99 -16.78
CA GLY E 3 -3.33 -19.04 -16.22
C GLY E 3 -3.29 -19.04 -14.71
N ALA E 4 -2.16 -19.44 -14.15
CA ALA E 4 -2.01 -19.54 -12.71
C ALA E 4 -1.31 -18.33 -12.12
N MET E 5 -1.87 -17.80 -11.05
CA MET E 5 -1.25 -16.71 -10.29
C MET E 5 -1.56 -16.89 -8.81
N ALA E 6 -1.21 -15.87 -8.01
CA ALA E 6 -1.38 -15.92 -6.56
C ALA E 6 -2.79 -16.36 -6.15
N MET E 7 -2.86 -17.22 -5.15
CA MET E 7 -4.13 -17.78 -4.71
C MET E 7 -4.50 -17.27 -3.32
N PHE E 8 -5.79 -17.11 -3.09
CA PHE E 8 -6.31 -16.46 -1.89
C PHE E 8 -5.99 -17.25 -0.62
N TRP E 9 -5.78 -16.51 0.46
CA TRP E 9 -5.50 -17.07 1.77
C TRP E 9 -6.26 -16.30 2.83
N GLY E 10 -6.68 -16.98 3.88
CA GLY E 10 -7.38 -16.32 4.96
C GLY E 10 -7.11 -16.99 6.29
N LEU E 11 -7.25 -16.25 7.36
CA LEU E 11 -7.04 -16.78 8.71
C LEU E 11 -8.02 -16.16 9.70
N ASN E 12 -8.98 -16.96 10.16
CA ASN E 12 -9.89 -16.52 11.21
C ASN E 12 -9.34 -16.90 12.57
N MET E 13 -8.74 -15.94 13.25
CA MET E 13 -8.12 -16.19 14.54
C MET E 13 -9.12 -15.96 15.65
N LYS E 14 -9.11 -16.84 16.62
CA LYS E 14 -10.07 -16.81 17.70
C LYS E 14 -9.43 -16.18 18.94
N PRO E 15 -10.26 -15.53 19.78
CA PRO E 15 -9.80 -14.75 20.94
C PRO E 15 -8.70 -15.40 21.77
N GLU E 16 -7.50 -14.80 21.73
CA GLU E 16 -6.39 -15.17 22.60
C GLU E 16 -5.97 -16.61 22.39
N ARG E 17 -5.50 -16.91 21.19
CA ARG E 17 -5.02 -18.24 20.84
C ARG E 17 -3.72 -18.16 20.06
N LYS E 18 -2.94 -19.23 20.13
CA LYS E 18 -1.62 -19.25 19.51
C LYS E 18 -1.47 -20.43 18.56
N TYR E 19 -1.30 -20.13 17.27
CA TYR E 19 -1.07 -21.15 16.28
C TYR E 19 0.35 -21.02 15.73
N SER E 20 1.16 -22.05 15.89
CA SER E 20 2.46 -22.06 15.25
C SER E 20 2.30 -22.46 13.79
N GLN E 21 2.93 -21.71 12.91
CA GLN E 21 2.66 -21.80 11.48
C GLN E 21 3.79 -22.46 10.71
N THR E 22 3.49 -23.61 10.13
CA THR E 22 4.39 -24.24 9.19
C THR E 22 4.00 -23.79 7.78
N ILE E 23 4.93 -23.21 7.06
CA ILE E 23 4.63 -22.60 5.78
C ILE E 23 4.85 -23.57 4.63
N ILE E 24 3.76 -23.93 3.97
CA ILE E 24 3.81 -24.82 2.82
C ILE E 24 4.09 -24.00 1.56
N LYS E 25 3.34 -22.93 1.40
CA LYS E 25 3.50 -22.04 0.25
C LYS E 25 3.87 -20.65 0.74
N SER E 26 4.90 -20.06 0.14
CA SER E 26 5.30 -18.70 0.48
C SER E 26 4.14 -17.76 0.24
N PHE E 27 3.72 -17.02 1.25
CA PHE E 27 2.48 -16.26 1.12
C PHE E 27 2.58 -14.85 1.67
N HIS E 28 1.64 -14.03 1.24
CA HIS E 28 1.55 -12.64 1.68
C HIS E 28 0.26 -12.43 2.45
N ILE E 29 0.38 -11.86 3.63
CA ILE E 29 -0.81 -11.42 4.36
C ILE E 29 -0.98 -9.94 4.14
N SER E 30 -2.18 -9.51 3.79
CA SER E 30 -2.39 -8.15 3.38
C SER E 30 -3.32 -7.40 4.33
N GLY E 31 -4.02 -8.13 5.18
CA GLY E 31 -4.89 -7.47 6.14
C GLY E 31 -5.32 -8.36 7.27
N VAL E 32 -5.65 -7.72 8.39
CA VAL E 32 -6.27 -8.40 9.53
C VAL E 32 -7.39 -7.51 10.08
N ALA E 33 -8.60 -8.05 10.16
CA ALA E 33 -9.75 -7.22 10.48
C ALA E 33 -10.55 -7.73 11.68
N LEU E 34 -11.16 -6.79 12.37
CA LEU E 34 -11.88 -7.03 13.63
C LEU E 34 -13.38 -7.00 13.36
N ASP E 35 -14.04 -8.15 13.43
CA ASP E 35 -15.47 -8.19 13.25
C ASP E 35 -16.18 -8.52 14.55
N LYS E 36 -15.86 -9.68 15.10
CA LYS E 36 -16.38 -10.07 16.40
C LYS E 36 -15.31 -9.90 17.45
N GLY E 37 -15.62 -9.23 18.54
CA GLY E 37 -14.67 -9.15 19.61
C GLY E 37 -14.51 -7.77 20.18
N GLN E 38 -13.68 -7.65 21.20
CA GLN E 38 -13.39 -6.36 21.80
C GLN E 38 -12.03 -5.84 21.36
N GLU E 39 -11.02 -6.70 21.45
CA GLU E 39 -9.65 -6.34 21.07
C GLU E 39 -8.89 -7.56 20.59
N ALA E 40 -8.20 -7.42 19.47
CA ALA E 40 -7.28 -8.46 19.04
C ALA E 40 -5.92 -7.87 18.72
N LYS E 41 -4.92 -8.25 19.50
CA LYS E 41 -3.58 -7.80 19.25
C LYS E 41 -2.81 -8.90 18.54
N LEU E 42 -2.48 -8.66 17.28
CA LEU E 42 -1.89 -9.67 16.44
C LEU E 42 -0.38 -9.70 16.67
N TYR E 43 0.11 -10.81 17.18
CA TYR E 43 1.53 -11.01 17.37
C TYR E 43 1.99 -12.18 16.53
N LEU E 44 3.19 -12.09 16.02
CA LEU E 44 3.79 -13.21 15.35
C LEU E 44 5.20 -13.40 15.84
N ALA E 45 5.54 -14.63 16.14
CA ALA E 45 6.87 -14.96 16.57
C ALA E 45 7.61 -15.72 15.50
N ALA E 46 8.66 -15.10 14.98
CA ALA E 46 9.53 -15.73 14.01
C ALA E 46 10.97 -15.62 14.48
N GLU E 47 11.77 -16.64 14.22
CA GLU E 47 13.11 -16.74 14.78
C GLU E 47 13.03 -16.72 16.31
N LYS E 48 11.89 -17.19 16.82
CA LYS E 48 11.60 -17.16 18.26
C LYS E 48 11.62 -15.73 18.80
N GLN E 49 11.22 -14.79 17.95
CA GLN E 49 11.15 -13.39 18.34
C GLN E 49 9.72 -12.89 18.20
N GLU E 50 9.16 -12.36 19.28
CA GLU E 50 7.77 -11.91 19.29
C GLU E 50 7.65 -10.52 18.70
N TYR E 51 6.92 -10.41 17.60
CA TYR E 51 6.65 -9.12 16.98
C TYR E 51 5.18 -8.75 17.10
N ILE E 52 4.91 -7.50 17.44
CA ILE E 52 3.55 -7.00 17.36
C ILE E 52 3.25 -6.66 15.89
N VAL E 53 2.38 -7.46 15.29
CA VAL E 53 2.09 -7.35 13.87
C VAL E 53 1.06 -6.27 13.62
N ALA E 54 -0.04 -6.32 14.36
CA ALA E 54 -1.11 -5.37 14.19
C ALA E 54 -1.94 -5.23 15.45
N THR E 55 -2.40 -4.02 15.72
CA THR E 55 -3.32 -3.80 16.81
C THR E 55 -4.70 -3.50 16.24
N VAL E 56 -5.58 -4.50 16.26
CA VAL E 56 -6.88 -4.34 15.65
C VAL E 56 -7.99 -4.55 16.69
N THR E 57 -8.70 -3.48 16.97
CA THR E 57 -9.72 -3.48 18.01
C THR E 57 -11.07 -3.07 17.45
N LYS E 58 -12.09 -2.98 18.29
CA LYS E 58 -13.36 -2.39 17.88
C LYS E 58 -13.14 -0.93 17.45
N ALA E 59 -12.16 -0.29 18.07
CA ALA E 59 -11.82 1.10 17.76
C ALA E 59 -11.10 1.19 16.42
N ILE E 60 -10.21 0.25 16.19
CA ILE E 60 -9.53 0.11 14.91
C ILE E 60 -9.99 -1.18 14.24
N PRO E 61 -11.14 -1.12 13.53
CA PRO E 61 -11.86 -2.33 13.09
C PRO E 61 -11.17 -3.10 11.97
N GLN E 62 -10.01 -2.64 11.55
CA GLN E 62 -9.31 -3.29 10.45
C GLN E 62 -7.89 -2.73 10.30
N VAL E 63 -6.92 -3.63 10.22
CA VAL E 63 -5.54 -3.25 9.99
C VAL E 63 -5.03 -3.85 8.69
N ALA E 64 -4.69 -3.00 7.74
CA ALA E 64 -4.11 -3.46 6.49
C ALA E 64 -2.60 -3.37 6.55
N LEU E 65 -1.93 -4.49 6.33
CA LEU E 65 -0.48 -4.56 6.44
C LEU E 65 0.12 -5.41 5.32
N ASP E 66 1.44 -5.34 5.17
CA ASP E 66 2.13 -6.08 4.13
C ASP E 66 3.07 -7.11 4.75
N LEU E 67 2.62 -8.35 4.79
CA LEU E 67 3.40 -9.45 5.33
C LEU E 67 3.76 -10.42 4.21
N ASN E 68 4.99 -10.88 4.19
CA ASN E 68 5.42 -11.88 3.23
C ASN E 68 6.28 -12.92 3.90
N PHE E 69 5.83 -14.15 3.89
CA PHE E 69 6.55 -15.24 4.52
C PHE E 69 6.98 -16.28 3.48
N SER E 70 8.07 -16.96 3.74
CA SER E 70 8.60 -17.94 2.80
C SER E 70 8.49 -19.34 3.39
N LYS E 71 8.39 -20.35 2.52
CA LYS E 71 8.19 -21.73 2.95
C LYS E 71 9.43 -22.28 3.63
N GLY E 72 10.54 -21.55 3.52
CA GLY E 72 11.75 -21.94 4.21
C GLY E 72 11.80 -21.37 5.61
N ASP E 73 10.90 -20.44 5.91
CA ASP E 73 10.84 -19.82 7.22
C ASP E 73 9.71 -20.47 8.02
N ARG E 74 9.71 -20.26 9.33
CA ARG E 74 8.69 -20.84 10.19
C ARG E 74 8.33 -19.87 11.30
N ILE E 75 7.04 -19.60 11.44
CA ILE E 75 6.59 -18.54 12.33
C ILE E 75 5.47 -19.01 13.23
N MET E 76 4.98 -18.13 14.08
CA MET E 76 3.79 -18.43 14.87
C MET E 76 2.87 -17.22 14.87
N PHE E 77 1.58 -17.45 14.68
CA PHE E 77 0.62 -16.37 14.69
C PHE E 77 -0.29 -16.51 15.90
N TYR E 78 -0.41 -15.45 16.66
CA TYR E 78 -1.22 -15.50 17.87
C TYR E 78 -1.76 -14.14 18.25
N THR E 79 -3.03 -14.12 18.63
CA THR E 79 -3.71 -12.89 18.98
C THR E 79 -3.97 -12.82 20.48
N ALA E 80 -3.74 -11.64 21.05
CA ALA E 80 -4.03 -11.40 22.45
C ALA E 80 -5.27 -10.54 22.60
N GLY E 81 -5.83 -10.54 23.80
CA GLY E 81 -7.08 -9.83 24.02
C GLY E 81 -8.26 -10.73 23.70
N ASP E 82 -9.46 -10.18 23.76
CA ASP E 82 -10.61 -10.99 23.41
C ASP E 82 -11.29 -10.42 22.17
N ALA E 83 -11.03 -11.09 21.05
CA ALA E 83 -11.71 -10.82 19.80
C ALA E 83 -11.29 -11.82 18.74
N SER E 84 -12.07 -11.91 17.68
CA SER E 84 -11.79 -12.83 16.59
C SER E 84 -11.52 -12.02 15.32
N VAL E 85 -10.37 -12.28 14.69
CA VAL E 85 -9.96 -11.51 13.52
C VAL E 85 -9.87 -12.34 12.27
N SER E 86 -10.14 -11.71 11.14
CA SER E 86 -9.95 -12.36 9.86
C SER E 86 -8.76 -11.75 9.15
N LEU E 87 -7.71 -12.53 8.96
CA LEU E 87 -6.62 -12.11 8.11
C LEU E 87 -6.89 -12.53 6.70
N LEU E 88 -6.40 -11.74 5.79
CA LEU E 88 -6.59 -11.98 4.39
C LEU E 88 -5.25 -11.84 3.69
N GLY E 89 -5.00 -12.73 2.76
CA GLY E 89 -3.75 -12.73 2.05
C GLY E 89 -3.80 -13.57 0.80
N TYR E 90 -2.63 -13.84 0.24
CA TYR E 90 -2.55 -14.69 -0.94
C TYR E 90 -1.23 -15.43 -1.00
N LEU E 91 -1.35 -16.74 -1.19
CA LEU E 91 -0.23 -17.62 -1.35
C LEU E 91 0.45 -17.35 -2.70
N HIS E 92 1.77 -17.28 -2.70
CA HIS E 92 2.50 -17.14 -3.94
C HIS E 92 2.76 -18.54 -4.50
N ASP E 93 2.07 -18.87 -5.56
CA ASP E 93 2.16 -20.19 -6.15
C ASP E 93 1.71 -20.12 -7.61
N ILE E 94 2.45 -20.77 -8.49
CA ILE E 94 2.19 -20.69 -9.91
C ILE E 94 2.67 -21.96 -10.62
N ASP E 95 1.73 -22.68 -11.22
CA ASP E 95 2.06 -23.85 -12.01
C ASP E 95 2.16 -23.47 -13.48
N SER E 96 2.67 -24.39 -14.29
CA SER E 96 2.88 -24.15 -15.71
C SER E 96 3.88 -23.01 -15.90
N GLY E 97 4.96 -23.07 -15.13
CA GLY E 97 5.98 -22.04 -15.20
C GLY E 97 6.96 -22.29 -16.34
N SER E 98 6.48 -22.15 -17.56
CA SER E 98 7.31 -22.35 -18.73
C SER E 98 8.09 -21.06 -19.03
N PHE A 1 4.55 5.86 -25.34
CA PHE A 1 4.54 4.38 -25.47
C PHE A 1 3.16 3.83 -25.15
N GLN A 2 2.86 2.64 -25.66
CA GLN A 2 1.60 1.99 -25.35
C GLN A 2 1.81 0.93 -24.27
N GLY A 3 0.81 0.74 -23.43
CA GLY A 3 0.95 -0.18 -22.32
C GLY A 3 -0.13 -1.24 -22.29
N ALA A 4 0.25 -2.49 -22.53
CA ALA A 4 -0.67 -3.61 -22.50
C ALA A 4 -0.52 -4.37 -21.18
N MET A 5 -0.71 -3.67 -20.07
CA MET A 5 -0.53 -4.25 -18.76
C MET A 5 -1.87 -4.59 -18.11
N ALA A 6 -1.87 -4.75 -16.79
CA ALA A 6 -3.06 -5.09 -16.02
C ALA A 6 -4.25 -4.18 -16.36
N MET A 7 -5.45 -4.74 -16.27
CA MET A 7 -6.66 -4.00 -16.65
C MET A 7 -7.49 -3.63 -15.44
N PHE A 8 -8.44 -2.72 -15.63
CA PHE A 8 -9.26 -2.21 -14.54
C PHE A 8 -10.35 -3.21 -14.11
N TRP A 9 -10.75 -3.14 -12.84
CA TRP A 9 -11.77 -4.02 -12.27
C TRP A 9 -12.61 -3.23 -11.26
N GLY A 10 -13.89 -3.57 -11.17
CA GLY A 10 -14.77 -2.92 -10.20
C GLY A 10 -15.90 -3.83 -9.74
N LEU A 11 -16.45 -3.54 -8.57
CA LEU A 11 -17.52 -4.35 -8.00
C LEU A 11 -18.47 -3.51 -7.15
N ASN A 12 -19.68 -3.31 -7.64
CA ASN A 12 -20.71 -2.57 -6.90
C ASN A 12 -21.46 -3.52 -5.96
N MET A 13 -21.44 -3.24 -4.65
CA MET A 13 -22.09 -4.10 -3.66
C MET A 13 -23.42 -3.50 -3.22
N LYS A 14 -24.42 -4.36 -3.11
CA LYS A 14 -25.72 -3.95 -2.60
C LYS A 14 -25.86 -4.38 -1.14
N PRO A 15 -26.59 -3.58 -0.34
CA PRO A 15 -26.83 -3.88 1.08
C PRO A 15 -27.34 -5.30 1.31
N GLU A 16 -26.52 -6.12 1.97
CA GLU A 16 -26.87 -7.49 2.34
C GLU A 16 -27.16 -8.35 1.12
N ARG A 17 -26.23 -8.35 0.17
CA ARG A 17 -26.35 -9.21 -1.00
C ARG A 17 -25.09 -10.06 -1.14
N LYS A 18 -25.27 -11.33 -1.47
CA LYS A 18 -24.15 -12.25 -1.62
C LYS A 18 -23.91 -12.63 -3.07
N TYR A 19 -22.70 -12.43 -3.54
CA TYR A 19 -22.31 -12.90 -4.86
C TYR A 19 -21.32 -14.05 -4.73
N SER A 20 -21.78 -15.27 -4.96
CA SER A 20 -20.88 -16.40 -5.00
C SER A 20 -20.34 -16.54 -6.42
N GLN A 21 -19.12 -16.06 -6.62
CA GLN A 21 -18.56 -15.91 -7.96
C GLN A 21 -17.38 -16.82 -8.20
N THR A 22 -17.23 -17.24 -9.46
CA THR A 22 -16.07 -18.00 -9.89
C THR A 22 -15.18 -17.11 -10.76
N ILE A 23 -13.89 -17.26 -10.62
CA ILE A 23 -12.94 -16.37 -11.28
C ILE A 23 -12.33 -17.02 -12.52
N ILE A 24 -12.20 -16.23 -13.57
CA ILE A 24 -11.58 -16.68 -14.80
C ILE A 24 -10.25 -15.95 -14.99
N LYS A 25 -10.27 -14.65 -14.72
CA LYS A 25 -9.09 -13.82 -14.82
C LYS A 25 -8.69 -13.31 -13.43
N SER A 26 -7.47 -13.65 -13.03
CA SER A 26 -6.95 -13.29 -11.72
C SER A 26 -6.96 -11.77 -11.55
N PHE A 27 -7.47 -11.30 -10.41
CA PHE A 27 -7.58 -9.87 -10.21
C PHE A 27 -7.21 -9.46 -8.80
N HIS A 28 -6.86 -8.19 -8.67
CA HIS A 28 -6.51 -7.60 -7.39
C HIS A 28 -7.52 -6.54 -7.04
N ILE A 29 -8.12 -6.66 -5.88
CA ILE A 29 -8.98 -5.60 -5.37
C ILE A 29 -8.13 -4.65 -4.55
N SER A 30 -8.30 -3.37 -4.75
CA SER A 30 -7.43 -2.39 -4.16
C SER A 30 -8.18 -1.40 -3.28
N GLY A 31 -9.50 -1.39 -3.36
CA GLY A 31 -10.28 -0.52 -2.52
C GLY A 31 -11.75 -0.85 -2.49
N VAL A 32 -12.41 -0.47 -1.41
CA VAL A 32 -13.87 -0.56 -1.31
C VAL A 32 -14.40 0.65 -0.54
N ALA A 33 -15.34 1.36 -1.13
CA ALA A 33 -15.82 2.61 -0.53
C ALA A 33 -17.31 2.81 -0.76
N LEU A 34 -17.93 3.67 0.05
CA LEU A 34 -19.35 3.98 -0.11
C LEU A 34 -19.58 5.46 -0.31
N ASP A 35 -20.53 5.77 -1.17
CA ASP A 35 -20.97 7.12 -1.37
C ASP A 35 -22.31 7.29 -0.68
N LYS A 36 -23.25 6.41 -0.99
CA LYS A 36 -24.48 6.31 -0.24
C LYS A 36 -24.42 5.08 0.67
N GLY A 37 -24.72 5.27 1.94
CA GLY A 37 -24.76 4.13 2.83
C GLY A 37 -24.44 4.47 4.26
N GLN A 38 -24.92 3.65 5.18
CA GLN A 38 -24.66 3.84 6.59
C GLN A 38 -23.59 2.87 7.09
N GLU A 39 -23.69 1.61 6.70
CA GLU A 39 -22.73 0.60 7.13
C GLU A 39 -22.62 -0.52 6.10
N ALA A 40 -21.43 -0.75 5.59
CA ALA A 40 -21.19 -1.92 4.75
C ALA A 40 -20.06 -2.75 5.33
N LYS A 41 -20.40 -3.94 5.76
CA LYS A 41 -19.42 -4.88 6.28
C LYS A 41 -19.04 -5.84 5.18
N LEU A 42 -17.86 -5.66 4.61
CA LEU A 42 -17.43 -6.46 3.47
C LEU A 42 -16.88 -7.78 3.96
N TYR A 43 -17.59 -8.86 3.65
CA TYR A 43 -17.14 -10.19 3.97
C TYR A 43 -16.97 -10.98 2.69
N LEU A 44 -16.02 -11.87 2.68
CA LEU A 44 -15.91 -12.81 1.58
C LEU A 44 -15.75 -14.20 2.13
N ALA A 45 -16.54 -15.12 1.62
CA ALA A 45 -16.46 -16.50 2.04
C ALA A 45 -15.83 -17.34 0.94
N ALA A 46 -14.65 -17.84 1.22
CA ALA A 46 -13.94 -18.70 0.29
C ALA A 46 -13.58 -20.01 0.97
N GLU A 47 -13.75 -21.12 0.25
CA GLU A 47 -13.53 -22.44 0.82
C GLU A 47 -14.44 -22.66 2.02
N LYS A 48 -15.64 -22.08 1.92
CA LYS A 48 -16.64 -22.12 2.99
C LYS A 48 -16.07 -21.56 4.29
N GLN A 49 -15.40 -20.41 4.19
CA GLN A 49 -14.86 -19.73 5.34
C GLN A 49 -15.11 -18.24 5.22
N GLU A 50 -15.71 -17.64 6.25
CA GLU A 50 -16.06 -16.23 6.20
C GLU A 50 -14.89 -15.37 6.65
N TYR A 51 -14.46 -14.49 5.77
CA TYR A 51 -13.41 -13.54 6.09
C TYR A 51 -13.97 -12.13 6.11
N ILE A 52 -13.69 -11.38 7.16
CA ILE A 52 -14.04 -9.97 7.19
C ILE A 52 -13.01 -9.17 6.40
N VAL A 53 -13.43 -8.75 5.21
CA VAL A 53 -12.54 -8.12 4.26
C VAL A 53 -12.31 -6.66 4.62
N ALA A 54 -13.41 -5.94 4.86
CA ALA A 54 -13.32 -4.52 5.17
C ALA A 54 -14.52 -4.04 5.96
N THR A 55 -14.30 -3.06 6.80
CA THR A 55 -15.38 -2.38 7.47
C THR A 55 -15.49 -0.97 6.92
N VAL A 56 -16.42 -0.75 6.01
CA VAL A 56 -16.57 0.55 5.40
C VAL A 56 -17.95 1.12 5.72
N THR A 57 -17.97 2.18 6.48
CA THR A 57 -19.21 2.71 6.99
C THR A 57 -19.41 4.17 6.61
N LYS A 58 -20.51 4.73 7.06
CA LYS A 58 -20.77 6.16 6.92
C LYS A 58 -19.66 6.96 7.61
N ALA A 59 -19.08 6.36 8.66
CA ALA A 59 -18.01 6.97 9.42
C ALA A 59 -16.67 6.76 8.73
N ILE A 60 -16.48 5.55 8.21
CA ILE A 60 -15.30 5.24 7.42
C ILE A 60 -15.72 5.02 5.97
N PRO A 61 -15.86 6.11 5.20
CA PRO A 61 -16.49 6.09 3.87
C PRO A 61 -15.68 5.36 2.81
N GLN A 62 -14.52 4.84 3.19
CA GLN A 62 -13.63 4.19 2.24
C GLN A 62 -12.58 3.33 2.93
N VAL A 63 -12.45 2.11 2.45
CA VAL A 63 -11.41 1.21 2.91
C VAL A 63 -10.50 0.82 1.75
N ALA A 64 -9.26 1.28 1.80
CA ALA A 64 -8.26 0.89 0.83
C ALA A 64 -7.55 -0.37 1.29
N LEU A 65 -7.70 -1.45 0.55
CA LEU A 65 -7.15 -2.75 0.95
C LEU A 65 -6.52 -3.47 -0.23
N ASP A 66 -5.80 -4.53 0.05
CA ASP A 66 -5.14 -5.32 -0.98
C ASP A 66 -5.69 -6.73 -0.99
N LEU A 67 -6.27 -7.12 -2.11
CA LEU A 67 -6.75 -8.48 -2.30
C LEU A 67 -6.31 -8.97 -3.67
N ASN A 68 -6.00 -10.25 -3.79
CA ASN A 68 -5.70 -10.80 -5.09
C ASN A 68 -6.20 -12.24 -5.16
N PHE A 69 -7.04 -12.52 -6.14
CA PHE A 69 -7.63 -13.83 -6.29
C PHE A 69 -7.28 -14.41 -7.66
N SER A 70 -7.19 -15.73 -7.75
CA SER A 70 -6.87 -16.39 -9.01
C SER A 70 -8.09 -17.10 -9.58
N LYS A 71 -7.94 -17.70 -10.76
CA LYS A 71 -9.04 -18.40 -11.40
C LYS A 71 -9.44 -19.64 -10.60
N GLY A 72 -8.53 -20.10 -9.74
CA GLY A 72 -8.79 -21.27 -8.94
C GLY A 72 -9.56 -20.94 -7.69
N ASP A 73 -9.70 -19.65 -7.39
CA ASP A 73 -10.37 -19.22 -6.17
C ASP A 73 -11.85 -18.99 -6.45
N ARG A 74 -12.70 -19.72 -5.76
CA ARG A 74 -14.13 -19.53 -5.84
C ARG A 74 -14.62 -18.89 -4.56
N ILE A 75 -15.07 -17.65 -4.66
CA ILE A 75 -15.33 -16.86 -3.47
C ILE A 75 -16.72 -16.24 -3.50
N MET A 76 -17.24 -15.93 -2.32
CA MET A 76 -18.50 -15.22 -2.24
C MET A 76 -18.27 -13.86 -1.62
N PHE A 77 -18.57 -12.82 -2.36
CA PHE A 77 -18.42 -11.48 -1.85
C PHE A 77 -19.76 -10.96 -1.39
N TYR A 78 -19.83 -10.47 -0.17
CA TYR A 78 -21.08 -9.97 0.36
C TYR A 78 -20.88 -8.89 1.40
N THR A 79 -21.73 -7.88 1.35
CA THR A 79 -21.66 -6.78 2.28
C THR A 79 -22.88 -6.76 3.18
N ALA A 80 -22.63 -6.75 4.49
CA ALA A 80 -23.70 -6.71 5.47
C ALA A 80 -23.95 -5.27 5.93
N GLY A 81 -25.08 -5.06 6.58
CA GLY A 81 -25.45 -3.73 7.01
C GLY A 81 -26.25 -3.02 5.94
N ASP A 82 -26.39 -1.71 6.05
CA ASP A 82 -27.07 -0.97 5.01
C ASP A 82 -26.15 0.11 4.46
N ALA A 83 -25.62 -0.19 3.29
CA ALA A 83 -24.83 0.74 2.51
C ALA A 83 -24.52 0.14 1.16
N SER A 84 -24.32 0.98 0.16
CA SER A 84 -23.98 0.51 -1.16
C SER A 84 -22.55 0.91 -1.49
N VAL A 85 -21.67 -0.08 -1.59
CA VAL A 85 -20.26 0.20 -1.78
C VAL A 85 -19.80 -0.19 -3.16
N SER A 86 -18.63 0.30 -3.51
CA SER A 86 -18.02 -0.03 -4.77
C SER A 86 -16.57 -0.43 -4.52
N LEU A 87 -16.20 -1.63 -4.93
CA LEU A 87 -14.81 -2.03 -4.88
C LEU A 87 -14.15 -1.68 -6.18
N LEU A 88 -12.87 -1.45 -6.09
CA LEU A 88 -12.08 -1.09 -7.23
C LEU A 88 -10.81 -1.90 -7.21
N GLY A 89 -10.37 -2.31 -8.38
CA GLY A 89 -9.18 -3.12 -8.46
C GLY A 89 -8.68 -3.23 -9.88
N TYR A 90 -7.77 -4.15 -10.11
CA TYR A 90 -7.24 -4.37 -11.44
C TYR A 90 -6.99 -5.85 -11.68
N LEU A 91 -7.41 -6.30 -12.85
CA LEU A 91 -7.12 -7.64 -13.32
C LEU A 91 -5.61 -7.82 -13.39
N HIS A 92 -5.10 -8.74 -12.59
CA HIS A 92 -3.67 -8.85 -12.35
C HIS A 92 -3.02 -9.75 -13.40
N ASP A 93 -2.26 -9.11 -14.29
CA ASP A 93 -1.53 -9.81 -15.33
C ASP A 93 -0.31 -8.98 -15.72
N ILE A 94 0.71 -9.64 -16.25
CA ILE A 94 1.95 -8.96 -16.59
C ILE A 94 2.30 -9.13 -18.06
N ASP A 95 2.85 -8.10 -18.66
CA ASP A 95 3.27 -8.16 -20.05
C ASP A 95 4.77 -7.95 -20.15
N SER A 96 5.48 -8.99 -20.54
CA SER A 96 6.92 -8.93 -20.65
C SER A 96 7.34 -8.32 -21.99
N GLY A 97 7.87 -7.11 -21.94
CA GLY A 97 8.30 -6.45 -23.16
C GLY A 97 9.53 -7.09 -23.75
N SER A 98 10.36 -7.66 -22.90
CA SER A 98 11.56 -8.35 -23.33
C SER A 98 11.88 -9.49 -22.37
N PHE B 1 23.55 4.25 -11.13
CA PHE B 1 22.91 3.54 -12.26
C PHE B 1 21.75 4.36 -12.80
N GLN B 2 21.40 4.13 -14.06
CA GLN B 2 20.26 4.80 -14.67
C GLN B 2 19.04 3.88 -14.65
N GLY B 3 17.86 4.46 -14.50
CA GLY B 3 16.66 3.65 -14.41
C GLY B 3 15.61 4.04 -15.43
N ALA B 4 15.35 3.14 -16.36
CA ALA B 4 14.33 3.35 -17.38
C ALA B 4 13.06 2.59 -17.03
N MET B 5 12.52 2.87 -15.87
CA MET B 5 11.34 2.16 -15.38
C MET B 5 10.07 2.99 -15.56
N ALA B 6 9.03 2.63 -14.80
CA ALA B 6 7.74 3.32 -14.87
C ALA B 6 7.88 4.84 -14.74
N MET B 7 6.98 5.56 -15.40
CA MET B 7 7.05 7.02 -15.45
C MET B 7 5.96 7.66 -14.60
N PHE B 8 6.10 8.95 -14.33
CA PHE B 8 5.17 9.68 -13.48
C PHE B 8 3.85 10.01 -14.20
N TRP B 9 2.78 10.12 -13.43
CA TRP B 9 1.45 10.43 -13.95
C TRP B 9 0.71 11.33 -12.95
N GLY B 10 -0.14 12.21 -13.46
CA GLY B 10 -0.92 13.09 -12.60
C GLY B 10 -2.24 13.49 -13.24
N LEU B 11 -3.22 13.85 -12.42
CA LEU B 11 -4.54 14.24 -12.91
C LEU B 11 -5.19 15.29 -12.01
N ASN B 12 -5.30 16.52 -12.50
CA ASN B 12 -5.97 17.59 -11.76
C ASN B 12 -7.48 17.57 -12.03
N MET B 13 -8.27 17.42 -10.97
CA MET B 13 -9.73 17.34 -11.11
C MET B 13 -10.37 18.66 -10.74
N LYS B 14 -11.35 19.06 -11.54
CA LYS B 14 -12.12 20.26 -11.27
C LYS B 14 -13.48 19.87 -10.66
N PRO B 15 -14.00 20.71 -9.75
CA PRO B 15 -15.31 20.48 -9.10
C PRO B 15 -16.42 20.16 -10.11
N GLU B 16 -16.92 18.92 -10.04
CA GLU B 16 -18.03 18.46 -10.87
C GLU B 16 -17.71 18.54 -12.35
N ARG B 17 -16.58 17.95 -12.73
CA ARG B 17 -16.21 17.85 -14.14
C ARG B 17 -15.93 16.40 -14.50
N LYS B 18 -16.40 15.99 -15.68
CA LYS B 18 -16.22 14.61 -16.12
C LYS B 18 -15.23 14.53 -17.28
N TYR B 19 -14.23 13.68 -17.13
CA TYR B 19 -13.32 13.40 -18.22
C TYR B 19 -13.50 11.97 -18.69
N SER B 20 -14.17 11.79 -19.83
CA SER B 20 -14.27 10.48 -20.43
C SER B 20 -13.05 10.24 -21.30
N GLN B 21 -12.09 9.48 -20.78
CA GLN B 21 -10.78 9.38 -21.39
C GLN B 21 -10.51 7.96 -21.89
N THR B 22 -9.71 7.89 -22.95
CA THR B 22 -9.24 6.63 -23.49
C THR B 22 -7.74 6.49 -23.19
N ILE B 23 -7.30 5.29 -22.86
CA ILE B 23 -5.94 5.08 -22.41
C ILE B 23 -5.07 4.49 -23.51
N ILE B 24 -3.85 4.99 -23.60
CA ILE B 24 -2.88 4.50 -24.56
C ILE B 24 -1.76 3.78 -23.80
N LYS B 25 -1.33 4.38 -22.72
CA LYS B 25 -0.29 3.81 -21.87
C LYS B 25 -0.85 3.45 -20.51
N SER B 26 -0.76 2.17 -20.17
CA SER B 26 -1.28 1.65 -18.92
C SER B 26 -0.67 2.37 -17.73
N PHE B 27 -1.50 2.80 -16.79
CA PHE B 27 -1.00 3.57 -15.67
C PHE B 27 -1.65 3.18 -14.36
N HIS B 28 -0.96 3.47 -13.28
CA HIS B 28 -1.43 3.22 -11.94
C HIS B 28 -1.63 4.53 -11.22
N ILE B 29 -2.83 4.74 -10.71
CA ILE B 29 -3.07 5.88 -9.84
C ILE B 29 -2.80 5.46 -8.42
N SER B 30 -2.11 6.30 -7.68
CA SER B 30 -1.64 5.91 -6.36
C SER B 30 -2.15 6.87 -5.28
N GLY B 31 -2.70 8.01 -5.68
CA GLY B 31 -3.26 8.92 -4.70
C GLY B 31 -4.12 9.99 -5.32
N VAL B 32 -5.02 10.52 -4.52
CA VAL B 32 -5.84 11.68 -4.89
C VAL B 32 -6.06 12.57 -3.68
N ALA B 33 -5.71 13.85 -3.80
CA ALA B 33 -5.76 14.74 -2.64
C ALA B 33 -6.19 16.15 -3.04
N LEU B 34 -6.64 16.93 -2.07
CA LEU B 34 -7.03 18.31 -2.32
C LEU B 34 -6.26 19.28 -1.45
N ASP B 35 -5.93 20.41 -2.04
CA ASP B 35 -5.33 21.51 -1.33
C ASP B 35 -6.37 22.58 -1.10
N LYS B 36 -7.02 22.99 -2.19
CA LYS B 36 -8.19 23.83 -2.10
C LYS B 36 -9.44 22.99 -2.37
N GLY B 37 -10.41 23.06 -1.48
CA GLY B 37 -11.65 22.36 -1.72
C GLY B 37 -12.38 21.97 -0.46
N GLN B 38 -13.68 21.77 -0.58
CA GLN B 38 -14.50 21.36 0.55
C GLN B 38 -14.84 19.88 0.47
N GLU B 39 -15.23 19.41 -0.72
CA GLU B 39 -15.59 18.02 -0.90
C GLU B 39 -15.35 17.58 -2.34
N ALA B 40 -14.52 16.55 -2.53
CA ALA B 40 -14.38 15.95 -3.84
C ALA B 40 -14.68 14.46 -3.77
N LYS B 41 -15.76 14.07 -4.42
CA LYS B 41 -16.13 12.67 -4.50
C LYS B 41 -15.61 12.10 -5.81
N LEU B 42 -14.57 11.29 -5.73
CA LEU B 42 -13.93 10.78 -6.92
C LEU B 42 -14.68 9.56 -7.41
N TYR B 43 -15.32 9.69 -8.56
CA TYR B 43 -16.00 8.58 -9.18
C TYR B 43 -15.37 8.31 -10.54
N LEU B 44 -15.36 7.06 -10.93
CA LEU B 44 -14.97 6.73 -12.27
C LEU B 44 -16.00 5.79 -12.87
N ALA B 45 -16.45 6.10 -14.06
CA ALA B 45 -17.40 5.27 -14.75
C ALA B 45 -16.72 4.55 -15.90
N ALA B 46 -16.62 3.23 -15.77
CA ALA B 46 -16.02 2.40 -16.79
C ALA B 46 -17.01 1.31 -17.19
N GLU B 47 -17.11 1.05 -18.49
CA GLU B 47 -18.08 0.09 -19.02
C GLU B 47 -19.50 0.51 -18.63
N LYS B 48 -19.69 1.82 -18.59
CA LYS B 48 -20.96 2.43 -18.18
C LYS B 48 -21.36 1.96 -16.78
N GLN B 49 -20.41 1.99 -15.87
CA GLN B 49 -20.67 1.64 -14.48
C GLN B 49 -19.95 2.62 -13.57
N GLU B 50 -20.69 3.21 -12.63
CA GLU B 50 -20.12 4.22 -11.76
C GLU B 50 -19.48 3.57 -10.55
N TYR B 51 -18.19 3.82 -10.37
CA TYR B 51 -17.48 3.34 -9.21
C TYR B 51 -17.03 4.50 -8.34
N ILE B 52 -17.30 4.42 -7.05
CA ILE B 52 -16.81 5.42 -6.12
C ILE B 52 -15.34 5.10 -5.80
N VAL B 53 -14.46 5.91 -6.37
CA VAL B 53 -13.04 5.66 -6.31
C VAL B 53 -12.47 6.13 -4.97
N ALA B 54 -12.81 7.36 -4.59
CA ALA B 54 -12.28 7.93 -3.36
C ALA B 54 -13.19 9.02 -2.82
N THR B 55 -13.21 9.15 -1.51
CA THR B 55 -13.87 10.27 -0.88
C THR B 55 -12.82 11.17 -0.25
N VAL B 56 -12.49 12.25 -0.93
CA VAL B 56 -11.46 13.15 -0.45
C VAL B 56 -12.06 14.53 -0.20
N THR B 57 -12.10 14.91 1.06
CA THR B 57 -12.80 16.12 1.44
C THR B 57 -11.89 17.09 2.17
N LYS B 58 -12.46 18.21 2.57
CA LYS B 58 -11.77 19.16 3.43
C LYS B 58 -11.36 18.49 4.74
N ALA B 59 -12.15 17.48 5.15
CA ALA B 59 -11.90 16.74 6.37
C ALA B 59 -10.87 15.63 6.11
N ILE B 60 -10.99 14.98 4.97
CA ILE B 60 -10.02 13.98 4.54
C ILE B 60 -9.26 14.53 3.33
N PRO B 61 -8.22 15.35 3.57
CA PRO B 61 -7.57 16.14 2.52
C PRO B 61 -6.76 15.31 1.53
N GLN B 62 -6.76 13.99 1.71
CA GLN B 62 -5.96 13.13 0.85
C GLN B 62 -6.41 11.68 0.97
N VAL B 63 -6.61 11.05 -0.18
CA VAL B 63 -6.89 9.63 -0.24
C VAL B 63 -5.81 8.91 -1.03
N ALA B 64 -5.05 8.07 -0.35
CA ALA B 64 -4.06 7.24 -1.01
C ALA B 64 -4.69 5.91 -1.41
N LEU B 65 -4.76 5.66 -2.70
CA LEU B 65 -5.42 4.47 -3.22
C LEU B 65 -4.62 3.82 -4.33
N ASP B 66 -5.03 2.62 -4.73
CA ASP B 66 -4.35 1.89 -5.78
C ASP B 66 -5.30 1.65 -6.94
N LEU B 67 -4.95 2.17 -8.10
CA LEU B 67 -5.70 1.94 -9.32
C LEU B 67 -4.74 1.61 -10.44
N ASN B 68 -5.13 0.75 -11.34
CA ASN B 68 -4.33 0.48 -12.52
C ASN B 68 -5.22 0.19 -13.71
N PHE B 69 -5.03 0.97 -14.77
CA PHE B 69 -5.85 0.84 -15.96
C PHE B 69 -4.96 0.54 -17.17
N SER B 70 -5.51 -0.17 -18.14
CA SER B 70 -4.77 -0.51 -19.34
C SER B 70 -5.27 0.27 -20.54
N LYS B 71 -4.64 0.09 -21.70
CA LYS B 71 -5.04 0.81 -22.91
C LYS B 71 -6.43 0.36 -23.38
N GLY B 72 -6.84 -0.80 -22.90
CA GLY B 72 -8.13 -1.33 -23.29
C GLY B 72 -9.26 -0.79 -22.43
N ASP B 73 -8.90 -0.09 -21.36
CA ASP B 73 -9.88 0.45 -20.45
C ASP B 73 -10.25 1.87 -20.84
N ARG B 74 -11.53 2.08 -21.13
CA ARG B 74 -12.05 3.40 -21.44
C ARG B 74 -12.90 3.87 -20.28
N ILE B 75 -12.42 4.89 -19.57
CA ILE B 75 -13.01 5.26 -18.30
C ILE B 75 -13.34 6.74 -18.24
N MET B 76 -14.30 7.10 -17.40
CA MET B 76 -14.59 8.50 -17.16
C MET B 76 -14.26 8.84 -15.73
N PHE B 77 -13.35 9.78 -15.55
CA PHE B 77 -12.99 10.21 -14.22
C PHE B 77 -13.70 11.51 -13.91
N TYR B 78 -14.37 11.56 -12.78
CA TYR B 78 -15.11 12.75 -12.41
C TYR B 78 -15.24 12.90 -10.90
N THR B 79 -15.10 14.13 -10.45
CA THR B 79 -15.19 14.44 -9.03
C THR B 79 -16.42 15.29 -8.75
N ALA B 80 -17.25 14.82 -7.83
CA ALA B 80 -18.45 15.54 -7.45
C ALA B 80 -18.20 16.37 -6.20
N GLY B 81 -19.10 17.30 -5.91
CA GLY B 81 -18.92 18.18 -4.78
C GLY B 81 -18.16 19.42 -5.18
N ASP B 82 -17.66 20.18 -4.21
CA ASP B 82 -16.86 21.33 -4.54
C ASP B 82 -15.50 21.20 -3.90
N ALA B 83 -14.53 20.84 -4.72
CA ALA B 83 -13.13 20.80 -4.36
C ALA B 83 -12.29 20.51 -5.59
N SER B 84 -11.04 20.96 -5.58
CA SER B 84 -10.15 20.71 -6.70
C SER B 84 -9.05 19.77 -6.25
N VAL B 85 -9.05 18.56 -6.78
CA VAL B 85 -8.11 17.55 -6.33
C VAL B 85 -7.08 17.24 -7.40
N SER B 86 -6.03 16.58 -6.97
CA SER B 86 -5.00 16.14 -7.86
C SER B 86 -4.70 14.68 -7.60
N LEU B 87 -4.80 13.86 -8.63
CA LEU B 87 -4.39 12.48 -8.52
C LEU B 87 -2.97 12.36 -8.94
N LEU B 88 -2.31 11.37 -8.38
CA LEU B 88 -0.94 11.12 -8.66
C LEU B 88 -0.75 9.64 -8.89
N GLY B 89 0.10 9.30 -9.82
CA GLY B 89 0.32 7.92 -10.15
C GLY B 89 1.55 7.74 -11.01
N TYR B 90 1.68 6.55 -11.58
CA TYR B 90 2.79 6.27 -12.46
C TYR B 90 2.35 5.37 -13.60
N LEU B 91 2.78 5.73 -14.80
CA LEU B 91 2.60 4.91 -15.98
C LEU B 91 3.27 3.57 -15.76
N HIS B 92 2.46 2.52 -15.76
CA HIS B 92 2.92 1.22 -15.32
C HIS B 92 3.54 0.44 -16.46
N ASP B 93 4.85 0.29 -16.39
CA ASP B 93 5.62 -0.47 -17.38
C ASP B 93 6.88 -1.00 -16.72
N ILE B 94 7.42 -2.08 -17.26
CA ILE B 94 8.59 -2.72 -16.67
C ILE B 94 9.74 -2.80 -17.67
N ASP B 95 10.95 -2.62 -17.17
CA ASP B 95 12.14 -2.72 -18.01
C ASP B 95 13.01 -3.87 -17.53
N SER B 96 13.12 -4.91 -18.34
CA SER B 96 13.91 -6.07 -17.98
C SER B 96 15.37 -5.84 -18.32
N GLY B 97 16.19 -5.70 -17.29
CA GLY B 97 17.62 -5.49 -17.49
C GLY B 97 18.31 -6.72 -18.00
N SER B 98 17.79 -7.88 -17.65
CA SER B 98 18.33 -9.15 -18.11
C SER B 98 17.21 -10.18 -18.20
N PHE C 1 21.31 -15.47 1.91
CA PHE C 1 21.49 -15.04 0.51
C PHE C 1 21.75 -13.55 0.43
N GLN C 2 22.39 -13.10 -0.64
CA GLN C 2 22.63 -11.68 -0.86
C GLN C 2 21.59 -11.12 -1.81
N GLY C 3 21.21 -9.87 -1.62
CA GLY C 3 20.18 -9.28 -2.44
C GLY C 3 20.62 -7.99 -3.10
N ALA C 4 20.73 -8.03 -4.42
CA ALA C 4 21.10 -6.85 -5.19
C ALA C 4 19.86 -6.24 -5.85
N MET C 5 18.90 -5.87 -5.03
CA MET C 5 17.63 -5.33 -5.52
C MET C 5 17.58 -3.81 -5.38
N ALA C 6 16.37 -3.27 -5.41
CA ALA C 6 16.14 -1.83 -5.31
C ALA C 6 16.87 -1.22 -4.11
N MET C 7 17.29 0.03 -4.25
CA MET C 7 18.08 0.70 -3.23
C MET C 7 17.27 1.77 -2.50
N PHE C 8 17.77 2.23 -1.38
CA PHE C 8 17.07 3.21 -0.54
C PHE C 8 17.14 4.63 -1.12
N TRP C 9 16.13 5.43 -0.81
CA TRP C 9 16.04 6.82 -1.28
C TRP C 9 15.41 7.69 -0.19
N GLY C 10 15.82 8.94 -0.11
CA GLY C 10 15.26 9.86 0.87
C GLY C 10 15.31 11.29 0.39
N LEU C 11 14.43 12.14 0.94
CA LEU C 11 14.36 13.55 0.55
C LEU C 11 13.91 14.43 1.71
N ASN C 12 14.82 15.23 2.24
CA ASN C 12 14.51 16.18 3.30
C ASN C 12 13.98 17.49 2.73
N MET C 13 12.76 17.87 3.10
CA MET C 13 12.14 19.09 2.57
C MET C 13 12.22 20.22 3.58
N LYS C 14 12.54 21.41 3.09
CA LYS C 14 12.57 22.60 3.92
C LYS C 14 11.30 23.41 3.69
N PRO C 15 10.80 24.10 4.74
CA PRO C 15 9.60 24.94 4.66
C PRO C 15 9.65 25.93 3.49
N GLU C 16 8.76 25.72 2.52
CA GLU C 16 8.60 26.60 1.36
C GLU C 16 9.88 26.67 0.53
N ARG C 17 10.40 25.50 0.16
CA ARG C 17 11.55 25.43 -0.72
C ARG C 17 11.23 24.55 -1.93
N LYS C 18 11.65 24.99 -3.11
CA LYS C 18 11.39 24.24 -4.33
C LYS C 18 12.65 23.60 -4.89
N TYR C 19 12.60 22.31 -5.13
CA TYR C 19 13.68 21.62 -5.80
C TYR C 19 13.23 21.16 -7.18
N SER C 20 13.65 21.87 -8.22
CA SER C 20 13.40 21.42 -9.57
C SER C 20 14.50 20.46 -10.00
N GLN C 21 14.18 19.17 -9.94
CA GLN C 21 15.20 18.13 -10.07
C GLN C 21 14.99 17.29 -11.34
N THR C 22 16.11 16.82 -11.88
CA THR C 22 16.09 15.89 -13.00
C THR C 22 16.51 14.51 -12.51
N ILE C 23 15.88 13.47 -13.03
CA ILE C 23 16.08 12.13 -12.54
C ILE C 23 17.00 11.33 -13.45
N ILE C 24 17.89 10.58 -12.84
CA ILE C 24 18.81 9.70 -13.55
C ILE C 24 18.42 8.24 -13.29
N LYS C 25 18.13 7.96 -12.03
CA LYS C 25 17.73 6.62 -11.62
C LYS C 25 16.28 6.64 -11.13
N SER C 26 15.45 5.86 -11.79
CA SER C 26 14.03 5.78 -11.48
C SER C 26 13.81 5.38 -10.04
N PHE C 27 12.95 6.09 -9.34
CA PHE C 27 12.74 5.82 -7.92
C PHE C 27 11.28 5.92 -7.53
N HIS C 28 10.97 5.25 -6.43
CA HIS C 28 9.65 5.25 -5.87
C HIS C 28 9.68 5.92 -4.51
N ILE C 29 8.84 6.93 -4.34
CA ILE C 29 8.66 7.53 -3.03
C ILE C 29 7.53 6.79 -2.32
N SER C 30 7.75 6.47 -1.07
CA SER C 30 6.81 5.62 -0.35
C SER C 30 6.25 6.29 0.90
N GLY C 31 6.86 7.41 1.30
CA GLY C 31 6.34 8.13 2.44
C GLY C 31 6.90 9.53 2.57
N VAL C 32 6.15 10.38 3.24
CA VAL C 32 6.62 11.72 3.60
C VAL C 32 6.08 12.09 4.98
N ALA C 33 6.95 12.46 5.91
CA ALA C 33 6.54 12.71 7.27
C ALA C 33 7.32 13.86 7.90
N LEU C 34 6.78 14.43 8.99
CA LEU C 34 7.47 15.50 9.70
C LEU C 34 7.68 15.16 11.16
N ASP C 35 8.82 15.55 11.65
CA ASP C 35 9.14 15.43 13.06
C ASP C 35 9.01 16.81 13.70
N LYS C 36 9.70 17.78 13.12
CA LYS C 36 9.50 19.17 13.47
C LYS C 36 8.69 19.86 12.37
N GLY C 37 7.62 20.54 12.75
CA GLY C 37 6.87 21.28 11.76
C GLY C 37 5.41 21.43 12.12
N GLN C 38 4.78 22.47 11.56
CA GLN C 38 3.38 22.71 11.80
C GLN C 38 2.54 22.28 10.59
N GLU C 39 3.00 22.62 9.38
CA GLU C 39 2.27 22.27 8.18
C GLU C 39 3.21 22.14 6.99
N ALA C 40 3.23 20.98 6.36
CA ALA C 40 3.96 20.83 5.11
C ALA C 40 3.01 20.32 4.01
N LYS C 41 2.79 21.16 3.03
CA LYS C 41 1.98 20.81 1.89
C LYS C 41 2.89 20.35 0.76
N LEU C 42 2.93 19.06 0.52
CA LEU C 42 3.85 18.52 -0.46
C LEU C 42 3.25 18.64 -1.85
N TYR C 43 3.85 19.48 -2.67
CA TYR C 43 3.43 19.62 -4.05
C TYR C 43 4.58 19.25 -4.96
N LEU C 44 4.26 18.70 -6.10
CA LEU C 44 5.25 18.48 -7.11
C LEU C 44 4.74 19.00 -8.44
N ALA C 45 5.55 19.78 -9.10
CA ALA C 45 5.19 20.31 -10.40
C ALA C 45 6.00 19.61 -11.49
N ALA C 46 5.30 18.84 -12.31
CA ALA C 46 5.91 18.14 -13.42
C ALA C 46 5.20 18.51 -14.70
N GLU C 47 5.97 18.73 -15.76
CA GLU C 47 5.42 19.18 -17.04
C GLU C 47 4.68 20.50 -16.86
N LYS C 48 5.21 21.32 -15.94
CA LYS C 48 4.62 22.61 -15.58
C LYS C 48 3.18 22.43 -15.11
N GLN C 49 2.97 21.45 -14.25
CA GLN C 49 1.66 21.20 -13.66
C GLN C 49 1.81 20.90 -12.18
N GLU C 50 1.08 21.62 -11.34
CA GLU C 50 1.21 21.46 -9.90
C GLU C 50 0.31 20.35 -9.41
N TYR C 51 0.91 19.36 -8.78
CA TYR C 51 0.17 18.28 -8.18
C TYR C 51 0.31 18.31 -6.67
N ILE C 52 -0.79 18.23 -5.95
CA ILE C 52 -0.74 18.11 -4.50
C ILE C 52 -0.45 16.65 -4.14
N VAL C 53 0.79 16.43 -3.71
CA VAL C 53 1.29 15.09 -3.48
C VAL C 53 0.81 14.57 -2.13
N ALA C 54 0.99 15.38 -1.09
CA ALA C 54 0.62 14.97 0.26
C ALA C 54 0.33 16.17 1.14
N THR C 55 -0.58 15.98 2.09
CA THR C 55 -0.78 16.97 3.13
C THR C 55 -0.30 16.39 4.45
N VAL C 56 0.88 16.79 4.86
CA VAL C 56 1.47 16.27 6.09
C VAL C 56 1.68 17.42 7.07
N THR C 57 0.94 17.38 8.15
CA THR C 57 0.93 18.49 9.09
C THR C 57 1.30 18.06 10.49
N LYS C 58 1.30 19.01 11.40
CA LYS C 58 1.47 18.73 12.82
C LYS C 58 0.36 17.77 13.30
N ALA C 59 -0.80 17.86 12.64
CA ALA C 59 -1.94 17.02 12.97
C ALA C 59 -1.82 15.66 12.28
N ILE C 60 -1.36 15.67 11.04
CA ILE C 60 -1.09 14.45 10.30
C ILE C 60 0.42 14.34 10.11
N PRO C 61 1.14 13.81 11.12
CA PRO C 61 2.61 13.87 11.17
C PRO C 61 3.29 12.98 10.14
N GLN C 62 2.52 12.28 9.32
CA GLN C 62 3.08 11.36 8.35
C GLN C 62 2.07 10.99 7.28
N VAL C 63 2.50 11.08 6.03
CA VAL C 63 1.71 10.63 4.90
C VAL C 63 2.45 9.53 4.16
N ALA C 64 1.90 8.33 4.20
CA ALA C 64 2.42 7.21 3.44
C ALA C 64 1.76 7.17 2.07
N LEU C 65 2.55 7.37 1.03
CA LEU C 65 2.02 7.44 -0.32
C LEU C 65 2.89 6.67 -1.30
N ASP C 66 2.39 6.50 -2.52
CA ASP C 66 3.12 5.78 -3.55
C ASP C 66 3.40 6.70 -4.73
N LEU C 67 4.67 6.91 -5.01
CA LEU C 67 5.09 7.67 -6.18
C LEU C 67 6.19 6.93 -6.89
N ASN C 68 6.24 7.01 -8.19
CA ASN C 68 7.34 6.44 -8.95
C ASN C 68 7.66 7.30 -10.16
N PHE C 69 8.89 7.75 -10.24
CA PHE C 69 9.31 8.62 -11.32
C PHE C 69 10.46 7.97 -12.10
N SER C 70 10.58 8.28 -13.38
CA SER C 70 11.63 7.73 -14.22
C SER C 70 12.65 8.80 -14.57
N LYS C 71 13.71 8.41 -15.29
CA LYS C 71 14.76 9.35 -15.67
C LYS C 71 14.22 10.39 -16.65
N GLY C 72 13.11 10.06 -17.28
CA GLY C 72 12.51 10.97 -18.25
C GLY C 72 11.64 12.01 -17.59
N ASP C 73 11.37 11.83 -16.31
CA ASP C 73 10.50 12.75 -15.58
C ASP C 73 11.32 13.85 -14.92
N ARG C 74 11.03 15.08 -15.30
CA ARG C 74 11.67 16.24 -14.69
C ARG C 74 10.65 16.95 -13.82
N ILE C 75 10.87 16.91 -12.52
CA ILE C 75 9.85 17.34 -11.58
C ILE C 75 10.39 18.34 -10.58
N MET C 76 9.50 19.14 -10.01
CA MET C 76 9.88 20.03 -8.94
C MET C 76 9.16 19.65 -7.68
N PHE C 77 9.93 19.30 -6.66
CA PHE C 77 9.34 18.94 -5.39
C PHE C 77 9.42 20.12 -4.44
N TYR C 78 8.30 20.48 -3.85
CA TYR C 78 8.28 21.61 -2.94
C TYR C 78 7.19 21.48 -1.89
N THR C 79 7.54 21.88 -0.68
CA THR C 79 6.61 21.83 0.43
C THR C 79 6.24 23.23 0.90
N ALA C 80 4.95 23.50 0.95
CA ALA C 80 4.46 24.79 1.41
C ALA C 80 4.08 24.73 2.87
N GLY C 81 3.92 25.90 3.49
CA GLY C 81 3.62 25.95 4.90
C GLY C 81 4.87 26.01 5.72
N ASP C 82 4.78 25.78 7.01
CA ASP C 82 5.97 25.73 7.84
C ASP C 82 6.08 24.38 8.52
N ALA C 83 6.95 23.56 7.98
CA ALA C 83 7.32 22.28 8.55
C ALA C 83 8.48 21.69 7.76
N SER C 84 9.28 20.87 8.41
CA SER C 84 10.39 20.22 7.74
C SER C 84 10.12 18.73 7.65
N VAL C 85 9.89 18.24 6.45
CA VAL C 85 9.51 16.85 6.26
C VAL C 85 10.63 16.05 5.63
N SER C 86 10.48 14.75 5.69
CA SER C 86 11.40 13.84 5.08
C SER C 86 10.62 12.80 4.28
N LEU C 87 10.91 12.71 2.99
CA LEU C 87 10.34 11.66 2.20
C LEU C 87 11.25 10.46 2.21
N LEU C 88 10.67 9.32 2.04
CA LEU C 88 11.40 8.09 2.03
C LEU C 88 10.92 7.24 0.88
N GLY C 89 11.84 6.54 0.25
CA GLY C 89 11.49 5.74 -0.89
C GLY C 89 12.60 4.79 -1.27
N TYR C 90 12.50 4.21 -2.44
CA TYR C 90 13.53 3.32 -2.93
C TYR C 90 13.70 3.47 -4.43
N LEU C 91 14.96 3.53 -4.84
CA LEU C 91 15.33 3.52 -6.24
C LEU C 91 14.82 2.25 -6.87
N HIS C 92 13.92 2.40 -7.84
CA HIS C 92 13.15 1.29 -8.35
C HIS C 92 13.90 0.61 -9.50
N ASP C 93 14.40 -0.59 -9.21
CA ASP C 93 15.09 -1.40 -10.19
C ASP C 93 14.95 -2.87 -9.81
N ILE C 94 15.07 -3.75 -10.79
CA ILE C 94 14.87 -5.18 -10.55
C ILE C 94 16.10 -5.98 -10.96
N ASP C 95 16.39 -7.01 -10.20
CA ASP C 95 17.51 -7.89 -10.51
C ASP C 95 17.01 -9.30 -10.78
N SER C 96 17.13 -9.74 -12.02
CA SER C 96 16.67 -11.05 -12.41
C SER C 96 17.71 -12.11 -12.09
N GLY C 97 17.42 -12.94 -11.10
CA GLY C 97 18.34 -13.99 -10.71
C GLY C 97 18.43 -15.09 -11.75
N SER C 98 17.34 -15.29 -12.48
CA SER C 98 17.30 -16.28 -13.53
C SER C 98 16.34 -15.84 -14.63
N PHE D 1 0.97 -26.07 -4.23
CA PHE D 1 2.30 -25.71 -4.79
C PHE D 1 3.21 -25.17 -3.70
N GLN D 2 4.52 -25.26 -3.92
CA GLN D 2 5.49 -24.72 -2.99
C GLN D 2 5.98 -23.37 -3.48
N GLY D 3 6.28 -22.47 -2.55
CA GLY D 3 6.69 -21.13 -2.95
C GLY D 3 8.01 -20.73 -2.35
N ALA D 4 9.02 -20.56 -3.20
CA ALA D 4 10.35 -20.14 -2.77
C ALA D 4 10.54 -18.66 -3.08
N MET D 5 9.67 -17.83 -2.53
CA MET D 5 9.69 -16.40 -2.81
C MET D 5 10.32 -15.63 -1.65
N ALA D 6 10.04 -14.33 -1.60
CA ALA D 6 10.58 -13.44 -0.56
C ALA D 6 10.34 -14.00 0.85
N MET D 7 11.26 -13.70 1.75
CA MET D 7 11.22 -14.25 3.11
C MET D 7 10.85 -13.18 4.13
N PHE D 8 10.48 -13.61 5.33
CA PHE D 8 10.03 -12.71 6.38
C PHE D 8 11.19 -11.94 7.03
N TRP D 9 10.89 -10.75 7.54
CA TRP D 9 11.87 -9.89 8.20
C TRP D 9 11.21 -9.15 9.37
N GLY D 10 11.97 -8.89 10.42
CA GLY D 10 11.45 -8.16 11.56
C GLY D 10 12.53 -7.38 12.29
N LEU D 11 12.13 -6.34 13.01
CA LEU D 11 13.09 -5.50 13.74
C LEU D 11 12.46 -4.92 15.01
N ASN D 12 12.91 -5.40 16.16
CA ASN D 12 12.44 -4.89 17.45
C ASN D 12 13.27 -3.67 17.87
N MET D 13 12.61 -2.53 18.07
CA MET D 13 13.31 -1.30 18.43
C MET D 13 13.17 -1.01 19.92
N LYS D 14 14.27 -0.59 20.53
CA LYS D 14 14.26 -0.19 21.91
C LYS D 14 14.24 1.33 22.03
N PRO D 15 13.58 1.87 23.06
CA PRO D 15 13.50 3.32 23.29
C PRO D 15 14.86 4.01 23.25
N GLU D 16 15.04 4.87 22.24
CA GLU D 16 16.24 5.67 22.07
C GLU D 16 17.49 4.80 21.91
N ARG D 17 17.42 3.86 20.98
CA ARG D 17 18.58 3.03 20.65
C ARG D 17 18.87 3.11 19.15
N LYS D 18 20.15 3.21 18.80
CA LYS D 18 20.54 3.32 17.41
C LYS D 18 21.24 2.06 16.92
N TYR D 19 20.73 1.51 15.82
CA TYR D 19 21.40 0.39 15.18
C TYR D 19 21.97 0.83 13.84
N SER D 20 23.27 1.03 13.78
CA SER D 20 23.93 1.31 12.51
C SER D 20 24.26 -0.01 11.83
N GLN D 21 23.45 -0.40 10.87
CA GLN D 21 23.50 -1.74 10.31
C GLN D 21 23.91 -1.73 8.83
N THR D 22 24.60 -2.79 8.43
CA THR D 22 24.95 -3.01 7.04
C THR D 22 24.10 -4.15 6.49
N ILE D 23 23.68 -4.02 5.24
CA ILE D 23 22.74 -4.97 4.66
C ILE D 23 23.44 -5.96 3.73
N ILE D 24 23.04 -7.20 3.83
CA ILE D 24 23.56 -8.26 2.98
C ILE D 24 22.47 -8.71 2.02
N LYS D 25 21.27 -8.87 2.55
CA LYS D 25 20.12 -9.28 1.77
C LYS D 25 19.10 -8.15 1.72
N SER D 26 18.79 -7.70 0.50
CA SER D 26 17.86 -6.60 0.28
C SER D 26 16.50 -6.92 0.89
N PHE D 27 15.94 -5.98 1.64
CA PHE D 27 14.68 -6.24 2.30
C PHE D 27 13.74 -5.04 2.25
N HIS D 28 12.47 -5.33 2.41
CA HIS D 28 11.43 -4.34 2.43
C HIS D 28 10.79 -4.30 3.80
N ILE D 29 10.77 -3.14 4.41
CA ILE D 29 10.03 -2.95 5.64
C ILE D 29 8.63 -2.52 5.29
N SER D 30 7.64 -3.11 5.93
CA SER D 30 6.26 -2.89 5.55
C SER D 30 5.42 -2.35 6.70
N GLY D 31 5.96 -2.39 7.91
CA GLY D 31 5.24 -1.82 9.03
C GLY D 31 6.10 -1.63 10.25
N VAL D 32 5.68 -0.71 11.11
CA VAL D 32 6.31 -0.51 12.42
C VAL D 32 5.23 -0.15 13.44
N ALA D 33 5.16 -0.90 14.53
CA ALA D 33 4.08 -0.71 15.50
C ALA D 33 4.56 -0.93 16.93
N LEU D 34 3.80 -0.42 17.89
CA LEU D 34 4.12 -0.62 19.30
C LEU D 34 2.99 -1.26 20.06
N ASP D 35 3.37 -2.14 20.97
CA ASP D 35 2.43 -2.74 21.89
C ASP D 35 2.58 -2.09 23.25
N LYS D 36 3.81 -2.06 23.73
CA LYS D 36 4.15 -1.27 24.91
C LYS D 36 4.91 -0.03 24.47
N GLY D 37 4.47 1.14 24.92
CA GLY D 37 5.20 2.35 24.61
C GLY D 37 4.33 3.58 24.57
N GLN D 38 4.96 4.72 24.78
CA GLN D 38 4.26 6.00 24.74
C GLN D 38 4.52 6.73 23.43
N GLU D 39 5.78 6.77 23.01
CA GLU D 39 6.15 7.45 21.78
C GLU D 39 7.39 6.83 21.16
N ALA D 40 7.28 6.37 19.93
CA ALA D 40 8.46 5.95 19.19
C ALA D 40 8.58 6.71 17.88
N LYS D 41 9.61 7.53 17.78
CA LYS D 41 9.88 8.26 16.57
C LYS D 41 10.91 7.50 15.74
N LEU D 42 10.47 6.87 14.67
CA LEU D 42 11.35 6.04 13.89
C LEU D 42 12.13 6.89 12.92
N TYR D 43 13.42 6.97 13.13
CA TYR D 43 14.31 7.68 12.24
C TYR D 43 15.32 6.71 11.67
N LEU D 44 15.73 6.94 10.45
CA LEU D 44 16.83 6.21 9.89
C LEU D 44 17.82 7.17 9.26
N ALA D 45 19.08 7.00 9.60
CA ALA D 45 20.11 7.83 9.04
C ALA D 45 20.94 7.04 8.04
N ALA D 46 20.83 7.41 6.78
CA ALA D 46 21.58 6.78 5.71
C ALA D 46 22.37 7.82 4.95
N GLU D 47 23.62 7.51 4.62
CA GLU D 47 24.51 8.46 3.97
C GLU D 47 24.68 9.70 4.84
N LYS D 48 24.68 9.46 6.15
CA LYS D 48 24.77 10.53 7.14
C LYS D 48 23.65 11.55 6.95
N GLN D 49 22.44 11.07 6.76
CA GLN D 49 21.28 11.93 6.63
C GLN D 49 20.12 11.35 7.42
N GLU D 50 19.52 12.15 8.28
CA GLU D 50 18.44 11.67 9.15
C GLU D 50 17.11 11.77 8.44
N TYR D 51 16.45 10.64 8.30
CA TYR D 51 15.11 10.61 7.72
C TYR D 51 14.10 10.19 8.77
N ILE D 52 13.02 10.94 8.89
CA ILE D 52 11.92 10.53 9.76
C ILE D 52 11.08 9.49 9.04
N VAL D 53 11.23 8.25 9.48
CA VAL D 53 10.63 7.12 8.81
C VAL D 53 9.17 6.97 9.20
N ALA D 54 8.90 7.02 10.50
CA ALA D 54 7.53 6.85 10.98
C ALA D 54 7.34 7.49 12.35
N THR D 55 6.14 7.98 12.59
CA THR D 55 5.77 8.44 13.92
C THR D 55 4.74 7.47 14.49
N VAL D 56 5.20 6.58 15.36
CA VAL D 56 4.32 5.58 15.93
C VAL D 56 4.27 5.76 17.44
N THR D 57 3.11 6.15 17.93
CA THR D 57 2.98 6.52 19.33
C THR D 57 1.92 5.70 20.04
N LYS D 58 1.72 5.99 21.31
CA LYS D 58 0.63 5.40 22.07
C LYS D 58 -0.72 5.77 21.42
N ALA D 59 -0.73 6.92 20.75
CA ALA D 59 -1.93 7.40 20.06
C ALA D 59 -2.05 6.77 18.69
N ILE D 60 -0.92 6.65 18.01
CA ILE D 60 -0.86 5.96 16.73
C ILE D 60 -0.06 4.67 16.90
N PRO D 61 -0.73 3.60 17.38
CA PRO D 61 -0.04 2.37 17.83
C PRO D 61 0.60 1.57 16.71
N GLN D 62 0.48 2.04 15.48
CA GLN D 62 1.00 1.31 14.34
C GLN D 62 1.13 2.20 13.11
N VAL D 63 2.28 2.13 12.48
CA VAL D 63 2.52 2.81 11.21
C VAL D 63 2.85 1.80 10.13
N ALA D 64 1.96 1.66 9.17
CA ALA D 64 2.22 0.82 8.01
C ALA D 64 2.88 1.63 6.91
N LEU D 65 4.11 1.28 6.58
CA LEU D 65 4.89 2.04 5.61
C LEU D 65 5.63 1.12 4.65
N ASP D 66 6.19 1.71 3.61
CA ASP D 66 6.94 0.95 2.61
C ASP D 66 8.38 1.42 2.58
N LEU D 67 9.29 0.51 2.87
CA LEU D 67 10.72 0.77 2.77
C LEU D 67 11.38 -0.38 2.05
N ASN D 68 12.41 -0.10 1.28
CA ASN D 68 13.18 -1.16 0.66
C ASN D 68 14.64 -0.75 0.57
N PHE D 69 15.51 -1.55 1.17
CA PHE D 69 16.94 -1.25 1.19
C PHE D 69 17.71 -2.39 0.52
N SER D 70 18.86 -2.06 -0.07
CA SER D 70 19.69 -3.05 -0.74
C SER D 70 20.96 -3.32 0.07
N LYS D 71 21.79 -4.24 -0.41
CA LYS D 71 23.03 -4.59 0.29
C LYS D 71 24.01 -3.42 0.25
N GLY D 72 23.78 -2.51 -0.68
CA GLY D 72 24.66 -1.36 -0.82
C GLY D 72 24.28 -0.24 0.13
N ASP D 73 23.14 -0.36 0.76
CA ASP D 73 22.65 0.67 1.66
C ASP D 73 23.09 0.39 3.09
N ARG D 74 23.84 1.33 3.65
CA ARG D 74 24.28 1.25 5.03
C ARG D 74 23.52 2.27 5.85
N ILE D 75 22.65 1.80 6.72
CA ILE D 75 21.69 2.68 7.37
C ILE D 75 21.71 2.52 8.87
N MET D 76 21.27 3.55 9.58
CA MET D 76 21.12 3.45 11.02
C MET D 76 19.66 3.60 11.37
N PHE D 77 19.10 2.58 11.99
CA PHE D 77 17.72 2.63 12.41
C PHE D 77 17.66 2.95 13.89
N TYR D 78 16.87 3.96 14.24
CA TYR D 78 16.76 4.35 15.63
C TYR D 78 15.43 4.99 15.94
N THR D 79 14.91 4.64 17.10
CA THR D 79 13.63 5.17 17.55
C THR D 79 13.81 6.07 18.76
N ALA D 80 13.30 7.29 18.64
CA ALA D 80 13.38 8.25 19.73
C ALA D 80 12.09 8.24 20.55
N GLY D 81 12.14 8.84 21.73
CA GLY D 81 11.00 8.83 22.62
C GLY D 81 11.03 7.62 23.53
N ASP D 82 9.91 7.32 24.17
CA ASP D 82 9.85 6.12 24.98
C ASP D 82 8.74 5.22 24.50
N ALA D 83 9.14 4.18 23.79
CA ALA D 83 8.26 3.12 23.36
C ALA D 83 9.09 2.01 22.71
N SER D 84 8.59 0.80 22.76
CA SER D 84 9.27 -0.32 22.15
C SER D 84 8.46 -0.82 20.96
N VAL D 85 9.01 -0.62 19.77
CA VAL D 85 8.27 -0.96 18.55
C VAL D 85 8.87 -2.16 17.86
N SER D 86 8.10 -2.69 16.94
CA SER D 86 8.53 -3.80 16.13
C SER D 86 8.23 -3.49 14.68
N LEU D 87 9.26 -3.52 13.84
CA LEU D 87 9.05 -3.39 12.42
C LEU D 87 8.88 -4.76 11.82
N LEU D 88 8.16 -4.80 10.74
CA LEU D 88 7.90 -6.03 10.05
C LEU D 88 8.10 -5.80 8.58
N GLY D 89 8.65 -6.80 7.91
CA GLY D 89 8.91 -6.68 6.50
C GLY D 89 9.24 -8.00 5.87
N TYR D 90 9.76 -7.95 4.66
CA TYR D 90 10.15 -9.16 3.98
C TYR D 90 11.41 -8.94 3.16
N LEU D 91 12.33 -9.88 3.26
CA LEU D 91 13.53 -9.91 2.45
C LEU D 91 13.12 -9.98 0.98
N HIS D 92 13.47 -8.95 0.23
CA HIS D 92 12.94 -8.75 -1.10
C HIS D 92 13.78 -9.48 -2.14
N ASP D 93 13.21 -10.55 -2.67
CA ASP D 93 13.86 -11.34 -3.71
C ASP D 93 12.78 -12.03 -4.54
N ILE D 94 13.11 -12.36 -5.78
CA ILE D 94 12.14 -12.95 -6.70
C ILE D 94 12.62 -14.30 -7.21
N ASP D 95 11.69 -15.22 -7.37
CA ASP D 95 12.00 -16.54 -7.91
C ASP D 95 11.27 -16.76 -9.22
N SER D 96 12.02 -16.82 -10.31
CA SER D 96 11.44 -17.00 -11.61
C SER D 96 11.16 -18.48 -11.89
N GLY D 97 9.89 -18.84 -11.91
CA GLY D 97 9.51 -20.22 -12.16
C GLY D 97 9.77 -20.63 -13.60
N SER D 98 9.70 -19.67 -14.51
CA SER D 98 9.97 -19.91 -15.91
C SER D 98 10.53 -18.64 -16.55
N PHE E 1 -9.46 -12.91 -21.04
CA PHE E 1 -8.25 -13.73 -20.82
C PHE E 1 -8.34 -14.46 -19.49
N GLN E 2 -7.61 -15.56 -19.35
CA GLN E 2 -7.57 -16.31 -18.10
C GLN E 2 -6.30 -15.95 -17.34
N GLY E 3 -6.38 -15.94 -16.02
CA GLY E 3 -5.24 -15.55 -15.22
C GLY E 3 -4.85 -16.59 -14.19
N ALA E 4 -3.68 -17.17 -14.37
CA ALA E 4 -3.16 -18.17 -13.44
C ALA E 4 -2.10 -17.54 -12.54
N MET E 5 -2.50 -16.51 -11.83
CA MET E 5 -1.57 -15.75 -10.98
C MET E 5 -1.75 -16.15 -9.51
N ALA E 6 -1.27 -15.28 -8.62
CA ALA E 6 -1.33 -15.49 -7.18
C ALA E 6 -2.75 -15.86 -6.71
N MET E 7 -2.82 -16.68 -5.67
CA MET E 7 -4.10 -17.18 -5.18
C MET E 7 -4.49 -16.54 -3.86
N PHE E 8 -5.75 -16.70 -3.47
CA PHE E 8 -6.28 -16.08 -2.26
C PHE E 8 -5.83 -16.82 -0.99
N TRP E 9 -5.74 -16.07 0.12
CA TRP E 9 -5.33 -16.60 1.41
C TRP E 9 -6.13 -15.91 2.53
N GLY E 10 -6.41 -16.65 3.60
CA GLY E 10 -7.13 -16.08 4.73
C GLY E 10 -6.76 -16.75 6.04
N LEU E 11 -6.95 -16.05 7.15
CA LEU E 11 -6.62 -16.58 8.47
C LEU E 11 -7.55 -16.03 9.55
N ASN E 12 -8.42 -16.87 10.07
CA ASN E 12 -9.33 -16.49 11.16
C ASN E 12 -8.64 -16.67 12.52
N MET E 13 -8.52 -15.59 13.28
CA MET E 13 -7.84 -15.63 14.58
C MET E 13 -8.85 -15.68 15.72
N LYS E 14 -8.56 -16.53 16.70
CA LYS E 14 -9.38 -16.61 17.90
C LYS E 14 -8.71 -15.85 19.03
N PRO E 15 -9.51 -15.23 19.92
CA PRO E 15 -8.99 -14.49 21.09
C PRO E 15 -7.98 -15.29 21.91
N GLU E 16 -6.74 -14.82 21.89
CA GLU E 16 -5.64 -15.41 22.68
C GLU E 16 -5.38 -16.85 22.27
N ARG E 17 -5.19 -17.07 20.98
CA ARG E 17 -4.83 -18.39 20.48
C ARG E 17 -3.56 -18.29 19.63
N LYS E 18 -2.66 -19.24 19.80
CA LYS E 18 -1.40 -19.25 19.07
C LYS E 18 -1.35 -20.36 18.04
N TYR E 19 -1.06 -19.99 16.80
CA TYR E 19 -0.83 -20.98 15.75
C TYR E 19 0.62 -20.96 15.34
N SER E 20 1.39 -21.95 15.78
CA SER E 20 2.75 -22.10 15.32
C SER E 20 2.75 -22.91 14.03
N GLN E 21 2.88 -22.21 12.91
CA GLN E 21 2.65 -22.81 11.61
C GLN E 21 3.92 -22.85 10.76
N THR E 22 4.00 -23.88 9.93
CA THR E 22 5.07 -23.99 8.95
C THR E 22 4.52 -23.73 7.55
N ILE E 23 5.28 -23.06 6.73
CA ILE E 23 4.80 -22.62 5.43
C ILE E 23 5.31 -23.52 4.30
N ILE E 24 4.42 -23.82 3.37
CA ILE E 24 4.77 -24.61 2.20
C ILE E 24 4.73 -23.71 0.96
N LYS E 25 3.70 -22.89 0.89
CA LYS E 25 3.53 -21.95 -0.21
C LYS E 25 3.64 -20.53 0.29
N SER E 26 4.61 -19.80 -0.26
CA SER E 26 4.89 -18.42 0.13
C SER E 26 3.65 -17.55 -0.05
N PHE E 27 3.31 -16.77 0.95
CA PHE E 27 2.11 -15.96 0.89
C PHE E 27 2.30 -14.57 1.45
N HIS E 28 1.44 -13.67 1.01
CA HIS E 28 1.44 -12.31 1.48
C HIS E 28 0.15 -12.03 2.22
N ILE E 29 0.28 -11.56 3.45
CA ILE E 29 -0.87 -11.09 4.20
C ILE E 29 -1.06 -9.61 3.91
N SER E 30 -2.28 -9.21 3.64
CA SER E 30 -2.54 -7.86 3.19
C SER E 30 -3.50 -7.12 4.11
N GLY E 31 -4.15 -7.84 5.02
CA GLY E 31 -5.03 -7.18 5.96
C GLY E 31 -5.43 -8.06 7.12
N VAL E 32 -5.79 -7.42 8.22
CA VAL E 32 -6.35 -8.12 9.38
C VAL E 32 -7.43 -7.24 10.02
N ALA E 33 -8.63 -7.77 10.18
CA ALA E 33 -9.74 -6.96 10.67
C ALA E 33 -10.67 -7.75 11.57
N LEU E 34 -11.47 -7.07 12.38
CA LEU E 34 -12.44 -7.73 13.24
C LEU E 34 -13.85 -7.24 12.98
N ASP E 35 -14.77 -8.17 13.06
CA ASP E 35 -16.18 -7.87 12.97
C ASP E 35 -16.78 -7.96 14.37
N LYS E 36 -16.54 -9.09 15.03
CA LYS E 36 -16.85 -9.22 16.44
C LYS E 36 -15.55 -9.15 17.24
N GLY E 37 -15.50 -8.29 18.25
CA GLY E 37 -14.34 -8.25 19.09
C GLY E 37 -14.09 -6.90 19.71
N GLN E 38 -13.38 -6.90 20.84
CA GLN E 38 -13.05 -5.66 21.53
C GLN E 38 -11.60 -5.25 21.27
N GLU E 39 -10.69 -6.22 21.34
CA GLU E 39 -9.28 -5.94 21.12
C GLU E 39 -8.54 -7.17 20.60
N ALA E 40 -7.92 -7.06 19.44
CA ALA E 40 -7.05 -8.11 18.96
C ALA E 40 -5.66 -7.55 18.67
N LYS E 41 -4.70 -8.01 19.45
CA LYS E 41 -3.32 -7.62 19.26
C LYS E 41 -2.63 -8.70 18.46
N LEU E 42 -2.36 -8.42 17.19
CA LEU E 42 -1.79 -9.42 16.31
C LEU E 42 -0.28 -9.46 16.48
N TYR E 43 0.20 -10.55 17.02
CA TYR E 43 1.62 -10.77 17.17
C TYR E 43 2.02 -11.99 16.38
N LEU E 44 3.22 -11.97 15.85
CA LEU E 44 3.78 -13.16 15.25
C LEU E 44 5.19 -13.38 15.78
N ALA E 45 5.44 -14.59 16.21
CA ALA E 45 6.76 -14.94 16.69
C ALA E 45 7.47 -15.83 15.70
N ALA E 46 8.52 -15.30 15.11
CA ALA E 46 9.33 -16.03 14.16
C ALA E 46 10.78 -16.02 14.61
N GLU E 47 11.45 -17.16 14.49
CA GLU E 47 12.83 -17.32 14.97
C GLU E 47 12.89 -17.02 16.47
N LYS E 48 11.81 -17.39 17.16
CA LYS E 48 11.66 -17.14 18.60
C LYS E 48 11.79 -15.65 18.91
N GLN E 49 11.11 -14.84 18.11
CA GLN E 49 11.10 -13.40 18.34
C GLN E 49 9.69 -12.87 18.15
N GLU E 50 9.17 -12.14 19.12
CA GLU E 50 7.80 -11.66 19.06
C GLU E 50 7.75 -10.33 18.33
N TYR E 51 6.98 -10.30 17.26
CA TYR E 51 6.75 -9.08 16.52
C TYR E 51 5.30 -8.64 16.64
N ILE E 52 5.08 -7.38 16.97
CA ILE E 52 3.74 -6.83 16.96
C ILE E 52 3.34 -6.50 15.52
N VAL E 53 2.47 -7.33 14.97
CA VAL E 53 2.11 -7.25 13.57
C VAL E 53 1.07 -6.16 13.34
N ALA E 54 0.01 -6.17 14.16
CA ALA E 54 -1.06 -5.21 14.00
C ALA E 54 -1.82 -5.00 15.30
N THR E 55 -2.31 -3.80 15.49
CA THR E 55 -3.23 -3.53 16.58
C THR E 55 -4.62 -3.26 16.01
N VAL E 56 -5.47 -4.27 16.05
CA VAL E 56 -6.80 -4.13 15.50
C VAL E 56 -7.84 -4.31 16.60
N THR E 57 -8.54 -3.24 16.89
CA THR E 57 -9.44 -3.23 18.03
C THR E 57 -10.87 -2.88 17.63
N LYS E 58 -11.74 -2.83 18.61
CA LYS E 58 -13.10 -2.35 18.42
C LYS E 58 -13.06 -0.90 17.90
N ALA E 59 -12.02 -0.18 18.28
CA ALA E 59 -11.84 1.21 17.86
C ALA E 59 -11.20 1.28 16.48
N ILE E 60 -10.24 0.40 16.24
CA ILE E 60 -9.62 0.26 14.93
C ILE E 60 -10.02 -1.08 14.34
N PRO E 61 -11.21 -1.16 13.72
CA PRO E 61 -11.83 -2.43 13.32
C PRO E 61 -11.11 -3.14 12.18
N GLN E 62 -10.03 -2.55 11.69
CA GLN E 62 -9.33 -3.13 10.55
C GLN E 62 -7.93 -2.53 10.42
N VAL E 63 -6.96 -3.41 10.25
CA VAL E 63 -5.59 -3.02 9.97
C VAL E 63 -5.15 -3.58 8.63
N ALA E 64 -4.93 -2.70 7.67
CA ALA E 64 -4.40 -3.11 6.38
C ALA E 64 -2.87 -3.03 6.42
N LEU E 65 -2.23 -4.18 6.26
CA LEU E 65 -0.78 -4.27 6.39
C LEU E 65 -0.18 -5.16 5.29
N ASP E 66 1.13 -5.13 5.19
CA ASP E 66 1.83 -5.93 4.18
C ASP E 66 2.77 -6.91 4.87
N LEU E 67 2.53 -8.18 4.65
CA LEU E 67 3.41 -9.24 5.14
C LEU E 67 3.66 -10.22 4.03
N ASN E 68 4.84 -10.79 3.98
CA ASN E 68 5.12 -11.86 3.03
C ASN E 68 6.08 -12.86 3.65
N PHE E 69 5.66 -14.11 3.68
CA PHE E 69 6.45 -15.17 4.28
C PHE E 69 6.74 -16.25 3.25
N SER E 70 7.88 -16.94 3.39
CA SER E 70 8.25 -18.00 2.47
C SER E 70 8.13 -19.36 3.14
N LYS E 71 8.40 -20.42 2.38
CA LYS E 71 8.31 -21.78 2.91
C LYS E 71 9.38 -22.03 3.98
N GLY E 72 10.40 -21.19 3.96
CA GLY E 72 11.49 -21.33 4.91
C GLY E 72 11.18 -20.65 6.23
N ASP E 73 10.11 -19.87 6.25
CA ASP E 73 9.74 -19.13 7.45
C ASP E 73 8.78 -19.94 8.30
N ARG E 74 9.19 -20.22 9.53
CA ARG E 74 8.33 -20.90 10.48
C ARG E 74 7.90 -19.92 11.55
N ILE E 75 6.62 -19.60 11.56
CA ILE E 75 6.14 -18.49 12.35
C ILE E 75 4.96 -18.89 13.23
N MET E 76 4.77 -18.15 14.31
CA MET E 76 3.59 -18.36 15.15
C MET E 76 2.73 -17.13 15.10
N PHE E 77 1.51 -17.30 14.64
CA PHE E 77 0.58 -16.19 14.58
C PHE E 77 -0.37 -16.27 15.76
N TYR E 78 -0.49 -15.19 16.50
CA TYR E 78 -1.36 -15.19 17.66
C TYR E 78 -1.90 -13.80 17.97
N THR E 79 -3.16 -13.77 18.35
CA THR E 79 -3.82 -12.52 18.68
C THR E 79 -4.17 -12.47 20.16
N ALA E 80 -3.72 -11.42 20.82
CA ALA E 80 -4.00 -11.22 22.24
C ALA E 80 -5.20 -10.31 22.43
N GLY E 81 -5.74 -10.30 23.64
CA GLY E 81 -6.93 -9.52 23.91
C GLY E 81 -8.18 -10.32 23.65
N ASP E 82 -9.32 -9.66 23.57
CA ASP E 82 -10.54 -10.37 23.23
C ASP E 82 -11.17 -9.78 21.99
N ALA E 83 -10.97 -10.49 20.90
CA ALA E 83 -11.59 -10.19 19.62
C ALA E 83 -11.29 -11.31 18.64
N SER E 84 -12.16 -11.50 17.67
CA SER E 84 -11.96 -12.50 16.65
C SER E 84 -11.72 -11.83 15.31
N VAL E 85 -10.49 -11.95 14.81
CA VAL E 85 -10.12 -11.25 13.60
C VAL E 85 -9.93 -12.20 12.44
N SER E 86 -9.90 -11.63 11.26
CA SER E 86 -9.65 -12.38 10.05
C SER E 86 -8.57 -11.68 9.24
N LEU E 87 -7.51 -12.39 8.94
CA LEU E 87 -6.50 -11.86 8.04
C LEU E 87 -6.82 -12.28 6.64
N LEU E 88 -6.39 -11.47 5.72
CA LEU E 88 -6.62 -11.72 4.33
C LEU E 88 -5.34 -11.48 3.57
N GLY E 89 -5.09 -12.29 2.57
CA GLY E 89 -3.88 -12.17 1.82
C GLY E 89 -3.93 -12.98 0.54
N TYR E 90 -2.78 -13.14 -0.08
CA TYR E 90 -2.70 -13.94 -1.29
C TYR E 90 -1.40 -14.72 -1.33
N LEU E 91 -1.52 -15.99 -1.69
CA LEU E 91 -0.37 -16.84 -1.93
C LEU E 91 0.47 -16.24 -3.05
N HIS E 92 1.69 -15.86 -2.71
CA HIS E 92 2.52 -15.05 -3.58
C HIS E 92 3.30 -15.92 -4.56
N ASP E 93 2.89 -15.86 -5.81
CA ASP E 93 3.55 -16.58 -6.89
C ASP E 93 3.32 -15.85 -8.20
N ILE E 94 4.22 -16.04 -9.16
CA ILE E 94 4.13 -15.33 -10.43
C ILE E 94 4.06 -16.30 -11.60
N ASP E 95 3.27 -15.93 -12.60
CA ASP E 95 3.16 -16.74 -13.81
C ASP E 95 3.67 -15.96 -15.00
N SER E 96 4.78 -16.41 -15.57
CA SER E 96 5.36 -15.73 -16.71
C SER E 96 4.70 -16.19 -18.01
N GLY E 97 3.93 -15.29 -18.61
CA GLY E 97 3.26 -15.61 -19.85
C GLY E 97 4.23 -15.74 -21.01
N SER E 98 5.32 -15.00 -20.94
CA SER E 98 6.36 -15.07 -21.96
C SER E 98 7.72 -14.79 -21.34
N PHE A 1 5.38 2.84 -21.79
CA PHE A 1 4.18 3.29 -22.54
C PHE A 1 3.51 2.10 -23.23
N GLN A 2 3.83 0.90 -22.78
CA GLN A 2 3.37 -0.31 -23.44
C GLN A 2 2.02 -0.77 -22.88
N GLY A 3 1.90 -0.67 -21.57
CA GLY A 3 0.68 -1.08 -20.91
C GLY A 3 0.58 -2.59 -20.75
N ALA A 4 -0.63 -3.12 -20.97
CA ALA A 4 -0.90 -4.55 -20.90
C ALA A 4 -0.72 -5.09 -19.48
N MET A 5 -0.81 -6.41 -19.35
CA MET A 5 -0.59 -7.10 -18.07
C MET A 5 -1.72 -6.85 -17.08
N ALA A 6 -1.73 -5.65 -16.51
CA ALA A 6 -2.68 -5.33 -15.45
C ALA A 6 -3.78 -4.41 -15.98
N MET A 7 -5.03 -4.81 -15.80
CA MET A 7 -6.17 -4.05 -16.28
C MET A 7 -7.08 -3.61 -15.12
N PHE A 8 -8.08 -2.80 -15.41
CA PHE A 8 -8.98 -2.28 -14.38
C PHE A 8 -10.09 -3.28 -14.02
N TRP A 9 -10.50 -3.26 -12.75
CA TRP A 9 -11.57 -4.12 -12.25
C TRP A 9 -12.46 -3.31 -11.30
N GLY A 10 -13.74 -3.66 -11.24
CA GLY A 10 -14.65 -2.98 -10.34
C GLY A 10 -15.82 -3.86 -9.95
N LEU A 11 -16.37 -3.60 -8.76
CA LEU A 11 -17.53 -4.33 -8.26
C LEU A 11 -18.46 -3.39 -7.49
N ASN A 12 -19.60 -3.08 -8.08
CA ASN A 12 -20.60 -2.27 -7.39
C ASN A 12 -21.50 -3.17 -6.55
N MET A 13 -21.21 -3.21 -5.26
CA MET A 13 -21.89 -4.10 -4.33
C MET A 13 -23.13 -3.43 -3.77
N LYS A 14 -24.21 -4.18 -3.73
CA LYS A 14 -25.47 -3.69 -3.22
C LYS A 14 -25.68 -4.15 -1.78
N PRO A 15 -26.31 -3.31 -0.96
CA PRO A 15 -26.50 -3.56 0.48
C PRO A 15 -27.14 -4.91 0.77
N GLU A 16 -26.42 -5.74 1.53
CA GLU A 16 -26.90 -7.07 1.94
C GLU A 16 -27.24 -7.93 0.74
N ARG A 17 -26.22 -8.22 -0.05
CA ARG A 17 -26.36 -9.14 -1.17
C ARG A 17 -25.16 -10.05 -1.22
N LYS A 18 -25.36 -11.27 -1.70
CA LYS A 18 -24.31 -12.28 -1.72
C LYS A 18 -24.05 -12.79 -3.13
N TYR A 19 -22.85 -12.56 -3.63
CA TYR A 19 -22.48 -13.03 -4.95
C TYR A 19 -21.43 -14.14 -4.82
N SER A 20 -21.86 -15.37 -5.02
CA SER A 20 -20.92 -16.49 -5.07
C SER A 20 -20.42 -16.66 -6.49
N GLN A 21 -19.23 -16.16 -6.75
CA GLN A 21 -18.73 -16.05 -8.12
C GLN A 21 -17.42 -16.81 -8.31
N THR A 22 -17.23 -17.29 -9.54
CA THR A 22 -16.02 -17.98 -9.93
C THR A 22 -15.11 -17.01 -10.68
N ILE A 23 -13.82 -17.33 -10.76
CA ILE A 23 -12.84 -16.42 -11.32
C ILE A 23 -12.16 -17.01 -12.54
N ILE A 24 -12.21 -16.26 -13.64
CA ILE A 24 -11.56 -16.66 -14.88
C ILE A 24 -10.33 -15.79 -15.11
N LYS A 25 -10.43 -14.55 -14.68
CA LYS A 25 -9.33 -13.61 -14.76
C LYS A 25 -8.94 -13.14 -13.35
N SER A 26 -7.68 -13.37 -12.99
CA SER A 26 -7.20 -13.04 -11.66
C SER A 26 -7.34 -11.54 -11.42
N PHE A 27 -7.86 -11.16 -10.27
CA PHE A 27 -8.06 -9.76 -9.99
C PHE A 27 -7.67 -9.40 -8.57
N HIS A 28 -7.09 -8.23 -8.45
CA HIS A 28 -6.77 -7.66 -7.16
C HIS A 28 -7.79 -6.61 -6.82
N ILE A 29 -8.34 -6.69 -5.62
CA ILE A 29 -9.20 -5.62 -5.14
C ILE A 29 -8.38 -4.70 -4.25
N SER A 30 -8.47 -3.42 -4.52
CA SER A 30 -7.60 -2.46 -3.87
C SER A 30 -8.39 -1.53 -2.96
N GLY A 31 -9.69 -1.47 -3.15
CA GLY A 31 -10.50 -0.62 -2.31
C GLY A 31 -11.97 -0.97 -2.36
N VAL A 32 -12.64 -0.73 -1.26
CA VAL A 32 -14.10 -0.85 -1.17
C VAL A 32 -14.66 0.36 -0.43
N ALA A 33 -15.55 1.11 -1.06
CA ALA A 33 -16.00 2.37 -0.48
C ALA A 33 -17.48 2.61 -0.73
N LEU A 34 -18.12 3.33 0.20
CA LEU A 34 -19.53 3.64 0.05
C LEU A 34 -19.74 5.12 -0.11
N ASP A 35 -20.63 5.45 -1.03
CA ASP A 35 -21.03 6.82 -1.24
C ASP A 35 -22.44 7.01 -0.69
N LYS A 36 -23.34 6.17 -1.18
CA LYS A 36 -24.68 6.10 -0.62
C LYS A 36 -24.77 4.88 0.26
N GLY A 37 -25.20 5.05 1.50
CA GLY A 37 -25.32 3.93 2.39
C GLY A 37 -25.08 4.29 3.83
N GLN A 38 -25.49 3.42 4.74
CA GLN A 38 -25.25 3.63 6.15
C GLN A 38 -24.09 2.78 6.67
N GLU A 39 -24.11 1.49 6.32
CA GLU A 39 -23.06 0.56 6.74
C GLU A 39 -22.90 -0.56 5.73
N ALA A 40 -21.68 -0.90 5.39
CA ALA A 40 -21.43 -2.11 4.64
C ALA A 40 -20.28 -2.90 5.25
N LYS A 41 -20.60 -4.07 5.77
CA LYS A 41 -19.58 -4.97 6.27
C LYS A 41 -19.27 -5.99 5.20
N LEU A 42 -18.09 -5.89 4.62
CA LEU A 42 -17.72 -6.70 3.49
C LEU A 42 -17.15 -8.03 3.97
N TYR A 43 -17.86 -9.11 3.67
CA TYR A 43 -17.39 -10.44 3.99
C TYR A 43 -17.17 -11.21 2.71
N LEU A 44 -16.18 -12.06 2.70
CA LEU A 44 -15.98 -12.95 1.59
C LEU A 44 -15.79 -14.36 2.12
N ALA A 45 -16.51 -15.28 1.56
CA ALA A 45 -16.39 -16.67 1.94
C ALA A 45 -15.72 -17.46 0.83
N ALA A 46 -14.53 -17.95 1.11
CA ALA A 46 -13.79 -18.76 0.15
C ALA A 46 -13.41 -20.08 0.77
N GLU A 47 -13.81 -21.17 0.12
CA GLU A 47 -13.60 -22.51 0.65
C GLU A 47 -14.24 -22.66 2.03
N LYS A 48 -15.51 -22.28 2.10
CA LYS A 48 -16.33 -22.47 3.30
C LYS A 48 -15.73 -21.73 4.50
N GLN A 49 -15.21 -20.54 4.26
CA GLN A 49 -14.63 -19.74 5.34
C GLN A 49 -15.02 -18.29 5.17
N GLU A 50 -15.79 -17.77 6.12
CA GLU A 50 -16.23 -16.38 6.07
C GLU A 50 -15.16 -15.45 6.60
N TYR A 51 -14.59 -14.65 5.71
CA TYR A 51 -13.60 -13.66 6.09
C TYR A 51 -14.24 -12.27 6.15
N ILE A 52 -14.06 -11.57 7.25
CA ILE A 52 -14.42 -10.15 7.29
C ILE A 52 -13.36 -9.36 6.52
N VAL A 53 -13.72 -8.98 5.32
CA VAL A 53 -12.79 -8.36 4.39
C VAL A 53 -12.54 -6.91 4.77
N ALA A 54 -13.62 -6.18 4.95
CA ALA A 54 -13.52 -4.76 5.27
C ALA A 54 -14.77 -4.26 5.97
N THR A 55 -14.58 -3.38 6.93
CA THR A 55 -15.71 -2.72 7.55
C THR A 55 -15.77 -1.29 7.04
N VAL A 56 -16.67 -1.04 6.10
CA VAL A 56 -16.78 0.27 5.50
C VAL A 56 -18.15 0.87 5.81
N THR A 57 -18.12 1.93 6.61
CA THR A 57 -19.34 2.57 7.07
C THR A 57 -19.36 4.04 6.70
N LYS A 58 -20.38 4.76 7.11
CA LYS A 58 -20.37 6.22 7.00
C LYS A 58 -19.19 6.80 7.78
N ALA A 59 -18.83 6.14 8.88
CA ALA A 59 -17.70 6.57 9.70
C ALA A 59 -16.38 6.29 8.99
N ILE A 60 -16.31 5.15 8.34
CA ILE A 60 -15.17 4.80 7.51
C ILE A 60 -15.64 4.63 6.07
N PRO A 61 -15.79 5.76 5.34
CA PRO A 61 -16.47 5.78 4.04
C PRO A 61 -15.74 5.02 2.93
N GLN A 62 -14.55 4.55 3.22
CA GLN A 62 -13.73 3.90 2.23
C GLN A 62 -12.63 3.06 2.87
N VAL A 63 -12.62 1.79 2.55
CA VAL A 63 -11.57 0.89 3.03
C VAL A 63 -10.64 0.50 1.89
N ALA A 64 -9.40 0.95 1.98
CA ALA A 64 -8.39 0.58 0.99
C ALA A 64 -7.62 -0.64 1.49
N LEU A 65 -7.76 -1.74 0.75
CA LEU A 65 -7.14 -3.01 1.14
C LEU A 65 -6.49 -3.69 -0.06
N ASP A 66 -5.70 -4.72 0.22
CA ASP A 66 -5.04 -5.46 -0.86
C ASP A 66 -5.57 -6.89 -0.93
N LEU A 67 -6.45 -7.12 -1.86
CA LEU A 67 -6.97 -8.45 -2.11
C LEU A 67 -6.48 -8.94 -3.46
N ASN A 68 -6.13 -10.20 -3.56
CA ASN A 68 -5.77 -10.76 -4.84
C ASN A 68 -6.30 -12.18 -4.96
N PHE A 69 -7.19 -12.39 -5.92
CA PHE A 69 -7.76 -13.70 -6.16
C PHE A 69 -7.37 -14.18 -7.56
N SER A 70 -7.04 -15.44 -7.71
CA SER A 70 -6.60 -15.96 -8.99
C SER A 70 -7.71 -16.75 -9.66
N LYS A 71 -7.47 -17.16 -10.90
CA LYS A 71 -8.46 -17.87 -11.69
C LYS A 71 -8.63 -19.32 -11.22
N GLY A 72 -7.88 -19.67 -10.18
CA GLY A 72 -8.06 -20.96 -9.56
C GLY A 72 -8.89 -20.86 -8.30
N ASP A 73 -9.21 -19.62 -7.91
CA ASP A 73 -9.99 -19.36 -6.71
C ASP A 73 -11.44 -19.09 -7.08
N ARG A 74 -12.35 -19.41 -6.17
CA ARG A 74 -13.75 -19.06 -6.32
C ARG A 74 -14.29 -18.63 -4.96
N ILE A 75 -14.98 -17.51 -4.93
CA ILE A 75 -15.30 -16.87 -3.66
C ILE A 75 -16.72 -16.32 -3.66
N MET A 76 -17.22 -16.00 -2.46
CA MET A 76 -18.50 -15.35 -2.35
C MET A 76 -18.32 -14.00 -1.69
N PHE A 77 -18.73 -12.95 -2.38
CA PHE A 77 -18.63 -11.62 -1.84
C PHE A 77 -19.99 -11.15 -1.37
N TYR A 78 -20.07 -10.70 -0.13
CA TYR A 78 -21.34 -10.26 0.41
C TYR A 78 -21.16 -9.22 1.50
N THR A 79 -22.04 -8.23 1.51
CA THR A 79 -22.00 -7.18 2.51
C THR A 79 -23.18 -7.25 3.45
N ALA A 80 -22.95 -6.91 4.70
CA ALA A 80 -24.01 -6.80 5.68
C ALA A 80 -24.29 -5.34 6.00
N GLY A 81 -25.54 -5.05 6.32
CA GLY A 81 -25.94 -3.68 6.57
C GLY A 81 -26.46 -3.03 5.31
N ASP A 82 -26.92 -1.80 5.39
CA ASP A 82 -27.41 -1.13 4.20
C ASP A 82 -26.43 -0.05 3.79
N ALA A 83 -25.67 -0.36 2.77
CA ALA A 83 -24.87 0.61 2.05
C ALA A 83 -24.38 -0.01 0.75
N SER A 84 -24.21 0.80 -0.26
CA SER A 84 -23.73 0.32 -1.54
C SER A 84 -22.27 0.70 -1.71
N VAL A 85 -21.44 -0.30 -1.94
CA VAL A 85 -20.00 -0.07 -1.99
C VAL A 85 -19.41 -0.46 -3.32
N SER A 86 -18.56 0.39 -3.83
CA SER A 86 -17.85 0.10 -5.05
C SER A 86 -16.46 -0.42 -4.69
N LEU A 87 -16.19 -1.65 -5.09
CA LEU A 87 -14.87 -2.17 -4.97
C LEU A 87 -14.12 -1.88 -6.24
N LEU A 88 -12.87 -1.54 -6.10
CA LEU A 88 -12.05 -1.19 -7.22
C LEU A 88 -10.80 -2.01 -7.17
N GLY A 89 -10.31 -2.42 -8.33
CA GLY A 89 -9.14 -3.24 -8.37
C GLY A 89 -8.53 -3.34 -9.74
N TYR A 90 -7.61 -4.29 -9.91
CA TYR A 90 -6.96 -4.48 -11.19
C TYR A 90 -6.74 -5.96 -11.46
N LEU A 91 -7.01 -6.36 -12.70
CA LEU A 91 -6.75 -7.71 -13.16
C LEU A 91 -5.26 -7.98 -13.15
N HIS A 92 -4.85 -8.98 -12.37
CA HIS A 92 -3.44 -9.25 -12.13
C HIS A 92 -2.94 -10.42 -12.95
N ASP A 93 -2.13 -10.13 -13.95
CA ASP A 93 -1.40 -11.15 -14.71
C ASP A 93 -0.42 -10.47 -15.66
N ILE A 94 0.22 -11.28 -16.49
CA ILE A 94 1.21 -10.77 -17.42
C ILE A 94 0.93 -11.29 -18.83
N ASP A 95 1.00 -10.39 -19.80
CA ASP A 95 0.77 -10.74 -21.19
C ASP A 95 2.03 -11.33 -21.80
N SER A 96 1.85 -12.37 -22.60
CA SER A 96 2.96 -13.03 -23.26
C SER A 96 3.51 -12.17 -24.40
N GLY A 97 4.82 -12.00 -24.43
CA GLY A 97 5.45 -11.19 -25.44
C GLY A 97 6.81 -10.69 -25.00
N SER A 98 6.92 -10.41 -23.72
CA SER A 98 8.18 -9.96 -23.15
C SER A 98 9.03 -11.16 -22.72
N PHE B 1 19.85 1.34 -10.82
CA PHE B 1 20.06 2.73 -11.31
C PHE B 1 19.65 2.85 -12.77
N GLN B 2 18.88 1.89 -13.26
CA GLN B 2 18.55 1.82 -14.67
C GLN B 2 17.28 2.62 -14.97
N GLY B 3 16.30 2.49 -14.08
CA GLY B 3 15.04 3.18 -14.27
C GLY B 3 14.14 2.49 -15.26
N ALA B 4 13.47 3.29 -16.08
CA ALA B 4 12.57 2.79 -17.14
C ALA B 4 11.36 2.08 -16.55
N MET B 5 10.55 1.49 -17.42
CA MET B 5 9.38 0.68 -17.03
C MET B 5 8.26 1.56 -16.48
N ALA B 6 8.43 2.05 -15.26
CA ALA B 6 7.38 2.79 -14.60
C ALA B 6 7.70 4.28 -14.57
N MET B 7 6.78 5.09 -15.05
CA MET B 7 6.97 6.55 -15.11
C MET B 7 5.92 7.28 -14.29
N PHE B 8 6.07 8.59 -14.17
CA PHE B 8 5.15 9.40 -13.34
C PHE B 8 3.86 9.76 -14.12
N TRP B 9 2.76 9.85 -13.38
CA TRP B 9 1.47 10.23 -13.93
C TRP B 9 0.76 11.19 -12.98
N GLY B 10 -0.06 12.08 -13.51
CA GLY B 10 -0.81 12.99 -12.69
C GLY B 10 -2.08 13.47 -13.35
N LEU B 11 -3.08 13.82 -12.53
CA LEU B 11 -4.35 14.34 -13.03
C LEU B 11 -4.88 15.42 -12.10
N ASN B 12 -4.84 16.66 -12.55
CA ASN B 12 -5.41 17.77 -11.79
C ASN B 12 -6.89 17.90 -12.11
N MET B 13 -7.71 17.37 -11.22
CA MET B 13 -9.15 17.31 -11.42
C MET B 13 -9.81 18.57 -10.90
N LYS B 14 -10.73 19.11 -11.70
CA LYS B 14 -11.45 20.31 -11.34
C LYS B 14 -12.81 19.95 -10.78
N PRO B 15 -13.30 20.74 -9.80
CA PRO B 15 -14.56 20.48 -9.10
C PRO B 15 -15.75 20.29 -10.03
N GLU B 16 -16.37 19.12 -9.94
CA GLU B 16 -17.55 18.77 -10.73
C GLU B 16 -17.28 18.88 -12.22
N ARG B 17 -16.37 18.05 -12.69
CA ARG B 17 -16.07 17.93 -14.10
C ARG B 17 -15.91 16.47 -14.48
N LYS B 18 -16.27 16.14 -15.71
CA LYS B 18 -16.26 14.77 -16.17
C LYS B 18 -15.37 14.59 -17.39
N TYR B 19 -14.33 13.79 -17.23
CA TYR B 19 -13.42 13.51 -18.33
C TYR B 19 -13.57 12.06 -18.77
N SER B 20 -14.24 11.84 -19.90
CA SER B 20 -14.33 10.50 -20.47
C SER B 20 -13.14 10.29 -21.40
N GLN B 21 -12.13 9.59 -20.90
CA GLN B 21 -10.84 9.50 -21.59
C GLN B 21 -10.46 8.07 -21.93
N THR B 22 -9.73 7.92 -23.01
CA THR B 22 -9.21 6.63 -23.44
C THR B 22 -7.75 6.50 -23.00
N ILE B 23 -7.25 5.27 -22.95
CA ILE B 23 -5.93 5.02 -22.42
C ILE B 23 -5.01 4.41 -23.47
N ILE B 24 -3.86 5.04 -23.66
CA ILE B 24 -2.85 4.56 -24.59
C ILE B 24 -1.68 3.99 -23.80
N LYS B 25 -1.42 4.60 -22.65
CA LYS B 25 -0.38 4.15 -21.75
C LYS B 25 -0.99 3.76 -20.41
N SER B 26 -0.78 2.51 -20.00
CA SER B 26 -1.35 1.99 -18.77
C SER B 26 -0.84 2.81 -17.59
N PHE B 27 -1.74 3.20 -16.70
CA PHE B 27 -1.34 4.01 -15.57
C PHE B 27 -2.01 3.56 -14.29
N HIS B 28 -1.25 3.62 -13.23
CA HIS B 28 -1.74 3.37 -11.90
C HIS B 28 -1.96 4.68 -11.18
N ILE B 29 -3.13 4.86 -10.60
CA ILE B 29 -3.35 6.02 -9.75
C ILE B 29 -3.16 5.60 -8.32
N SER B 30 -2.36 6.36 -7.59
CA SER B 30 -1.96 5.97 -6.25
C SER B 30 -2.54 6.91 -5.20
N GLY B 31 -2.97 8.08 -5.63
CA GLY B 31 -3.54 9.02 -4.68
C GLY B 31 -4.36 10.09 -5.34
N VAL B 32 -5.37 10.54 -4.62
CA VAL B 32 -6.17 11.70 -5.04
C VAL B 32 -6.38 12.61 -3.83
N ALA B 33 -5.96 13.86 -3.95
CA ALA B 33 -5.96 14.76 -2.79
C ALA B 33 -6.37 16.16 -3.15
N LEU B 34 -6.98 16.88 -2.21
CA LEU B 34 -7.39 18.25 -2.44
C LEU B 34 -6.63 19.20 -1.54
N ASP B 35 -6.22 20.29 -2.13
CA ASP B 35 -5.56 21.36 -1.40
C ASP B 35 -6.53 22.52 -1.29
N LYS B 36 -7.01 22.97 -2.42
CA LYS B 36 -8.09 23.95 -2.46
C LYS B 36 -9.39 23.24 -2.79
N GLY B 37 -10.41 23.44 -1.96
CA GLY B 37 -11.67 22.79 -2.21
C GLY B 37 -12.43 22.47 -0.95
N GLN B 38 -13.72 22.20 -1.08
CA GLN B 38 -14.53 21.82 0.07
C GLN B 38 -14.78 20.31 0.09
N GLU B 39 -15.18 19.76 -1.07
CA GLU B 39 -15.44 18.32 -1.18
C GLU B 39 -15.20 17.85 -2.60
N ALA B 40 -14.55 16.71 -2.75
CA ALA B 40 -14.48 16.06 -4.04
C ALA B 40 -14.79 14.58 -3.91
N LYS B 41 -15.89 14.16 -4.48
CA LYS B 41 -16.23 12.75 -4.52
C LYS B 41 -15.81 12.20 -5.88
N LEU B 42 -14.77 11.38 -5.87
CA LEU B 42 -14.19 10.89 -7.10
C LEU B 42 -14.93 9.66 -7.59
N TYR B 43 -15.58 9.78 -8.73
CA TYR B 43 -16.25 8.66 -9.34
C TYR B 43 -15.60 8.36 -10.67
N LEU B 44 -15.55 7.10 -11.02
CA LEU B 44 -15.10 6.72 -12.34
C LEU B 44 -16.08 5.75 -12.94
N ALA B 45 -16.48 6.03 -14.16
CA ALA B 45 -17.39 5.16 -14.86
C ALA B 45 -16.66 4.42 -15.98
N ALA B 46 -16.55 3.12 -15.84
CA ALA B 46 -15.90 2.30 -16.84
C ALA B 46 -16.84 1.19 -17.28
N GLU B 47 -17.08 1.12 -18.58
CA GLU B 47 -18.05 0.17 -19.14
C GLU B 47 -19.42 0.35 -18.51
N LYS B 48 -19.88 1.60 -18.53
CA LYS B 48 -21.23 1.95 -18.09
C LYS B 48 -21.46 1.56 -16.63
N GLN B 49 -20.45 1.75 -15.79
CA GLN B 49 -20.57 1.44 -14.38
C GLN B 49 -19.90 2.53 -13.56
N GLU B 50 -20.70 3.23 -12.76
CA GLU B 50 -20.19 4.31 -11.92
C GLU B 50 -19.60 3.75 -10.63
N TYR B 51 -18.29 3.86 -10.50
CA TYR B 51 -17.61 3.45 -9.28
C TYR B 51 -17.26 4.65 -8.43
N ILE B 52 -17.62 4.61 -7.15
CA ILE B 52 -17.13 5.61 -6.22
C ILE B 52 -15.67 5.27 -5.88
N VAL B 53 -14.77 6.01 -6.49
CA VAL B 53 -13.35 5.72 -6.41
C VAL B 53 -12.79 6.15 -5.07
N ALA B 54 -13.06 7.39 -4.70
CA ALA B 54 -12.54 7.94 -3.46
C ALA B 54 -13.39 9.10 -2.97
N THR B 55 -13.57 9.18 -1.67
CA THR B 55 -14.22 10.33 -1.08
C THR B 55 -13.16 11.20 -0.42
N VAL B 56 -12.77 12.27 -1.08
CA VAL B 56 -11.74 13.14 -0.58
C VAL B 56 -12.31 14.52 -0.29
N THR B 57 -12.35 14.86 0.98
CA THR B 57 -12.94 16.11 1.43
C THR B 57 -11.96 16.93 2.23
N LYS B 58 -12.38 18.08 2.74
CA LYS B 58 -11.57 18.81 3.72
C LYS B 58 -11.29 17.94 4.94
N ALA B 59 -12.25 17.08 5.28
CA ALA B 59 -12.11 16.17 6.42
C ALA B 59 -11.10 15.07 6.10
N ILE B 60 -11.17 14.57 4.88
CA ILE B 60 -10.20 13.61 4.38
C ILE B 60 -9.45 14.22 3.19
N PRO B 61 -8.43 15.06 3.48
CA PRO B 61 -7.79 15.91 2.46
C PRO B 61 -7.01 15.15 1.40
N GLN B 62 -6.91 13.85 1.56
CA GLN B 62 -6.12 13.04 0.66
C GLN B 62 -6.48 11.56 0.78
N VAL B 63 -6.88 10.98 -0.34
CA VAL B 63 -7.18 9.56 -0.40
C VAL B 63 -6.11 8.82 -1.18
N ALA B 64 -5.37 7.97 -0.48
CA ALA B 64 -4.36 7.14 -1.12
C ALA B 64 -4.95 5.79 -1.48
N LEU B 65 -5.04 5.50 -2.76
CA LEU B 65 -5.66 4.28 -3.26
C LEU B 65 -4.82 3.64 -4.36
N ASP B 66 -5.16 2.41 -4.72
CA ASP B 66 -4.43 1.70 -5.76
C ASP B 66 -5.34 1.45 -6.96
N LEU B 67 -5.19 2.28 -7.97
CA LEU B 67 -5.92 2.11 -9.22
C LEU B 67 -4.95 1.73 -10.31
N ASN B 68 -5.35 0.84 -11.19
CA ASN B 68 -4.51 0.52 -12.33
C ASN B 68 -5.37 0.28 -13.56
N PHE B 69 -5.20 1.13 -14.56
CA PHE B 69 -5.95 1.01 -15.80
C PHE B 69 -4.98 0.74 -16.94
N SER B 70 -5.35 -0.15 -17.86
CA SER B 70 -4.46 -0.50 -18.96
C SER B 70 -4.90 0.18 -20.24
N LYS B 71 -4.08 0.03 -21.28
CA LYS B 71 -4.33 0.67 -22.57
C LYS B 71 -5.46 0.01 -23.33
N GLY B 72 -6.05 -1.01 -22.71
CA GLY B 72 -7.23 -1.63 -23.26
C GLY B 72 -8.49 -1.14 -22.58
N ASP B 73 -8.30 -0.34 -21.53
CA ASP B 73 -9.41 0.20 -20.77
C ASP B 73 -9.68 1.65 -21.19
N ARG B 74 -10.94 2.06 -21.07
CA ARG B 74 -11.31 3.44 -21.26
C ARG B 74 -12.34 3.83 -20.21
N ILE B 75 -12.14 4.97 -19.58
CA ILE B 75 -12.90 5.30 -18.38
C ILE B 75 -13.30 6.76 -18.35
N MET B 76 -14.24 7.08 -17.47
CA MET B 76 -14.60 8.47 -17.26
C MET B 76 -14.33 8.85 -15.82
N PHE B 77 -13.50 9.85 -15.64
CA PHE B 77 -13.18 10.32 -14.30
C PHE B 77 -13.92 11.61 -14.03
N TYR B 78 -14.64 11.65 -12.91
CA TYR B 78 -15.42 12.82 -12.58
C TYR B 78 -15.62 12.95 -11.07
N THR B 79 -15.54 14.19 -10.60
CA THR B 79 -15.72 14.46 -9.18
C THR B 79 -16.99 15.24 -8.93
N ALA B 80 -17.63 14.95 -7.80
CA ALA B 80 -18.80 15.70 -7.36
C ALA B 80 -18.43 16.60 -6.19
N GLY B 81 -19.10 17.73 -6.08
CA GLY B 81 -18.78 18.69 -5.05
C GLY B 81 -17.80 19.71 -5.55
N ASP B 82 -17.46 20.69 -4.73
CA ASP B 82 -16.49 21.67 -5.17
C ASP B 82 -15.20 21.48 -4.42
N ALA B 83 -14.25 20.88 -5.11
CA ALA B 83 -12.86 20.84 -4.68
C ALA B 83 -12.00 20.39 -5.83
N SER B 84 -10.77 20.86 -5.87
CA SER B 84 -9.86 20.48 -6.93
C SER B 84 -8.86 19.48 -6.40
N VAL B 85 -8.79 18.32 -7.04
CA VAL B 85 -7.97 17.23 -6.54
C VAL B 85 -6.91 16.82 -7.53
N SER B 86 -5.72 16.62 -7.03
CA SER B 86 -4.64 16.13 -7.85
C SER B 86 -4.50 14.63 -7.64
N LEU B 87 -4.70 13.88 -8.70
CA LEU B 87 -4.42 12.48 -8.65
C LEU B 87 -3.00 12.25 -9.08
N LEU B 88 -2.35 11.34 -8.42
CA LEU B 88 -0.98 11.05 -8.70
C LEU B 88 -0.82 9.57 -8.93
N GLY B 89 0.05 9.20 -9.84
CA GLY B 89 0.21 7.80 -10.15
C GLY B 89 1.46 7.53 -10.96
N TYR B 90 1.54 6.33 -11.50
CA TYR B 90 2.68 5.95 -12.31
C TYR B 90 2.25 5.08 -13.49
N LEU B 91 2.82 5.37 -14.64
CA LEU B 91 2.61 4.57 -15.84
C LEU B 91 3.17 3.17 -15.65
N HIS B 92 2.29 2.18 -15.74
CA HIS B 92 2.64 0.81 -15.41
C HIS B 92 2.89 -0.03 -16.67
N ASP B 93 4.15 -0.36 -16.89
CA ASP B 93 4.54 -1.33 -17.92
C ASP B 93 6.02 -1.63 -17.80
N ILE B 94 6.54 -2.40 -18.75
CA ILE B 94 7.94 -2.78 -18.74
C ILE B 94 8.57 -2.51 -20.10
N ASP B 95 9.76 -1.91 -20.08
CA ASP B 95 10.49 -1.63 -21.30
C ASP B 95 11.23 -2.85 -21.80
N SER B 96 11.22 -3.05 -23.10
CA SER B 96 11.89 -4.17 -23.71
C SER B 96 13.41 -3.97 -23.71
N GLY B 97 14.12 -5.00 -23.26
CA GLY B 97 15.57 -4.91 -23.18
C GLY B 97 16.13 -5.90 -22.19
N SER B 98 15.39 -6.13 -21.12
CA SER B 98 15.80 -7.09 -20.10
C SER B 98 15.28 -8.48 -20.46
N PHE C 1 17.95 -13.83 -0.96
CA PHE C 1 19.10 -13.23 -0.25
C PHE C 1 20.03 -12.52 -1.23
N GLN C 2 19.53 -12.24 -2.42
CA GLN C 2 20.38 -11.70 -3.49
C GLN C 2 20.39 -10.18 -3.44
N GLY C 3 19.22 -9.60 -3.21
CA GLY C 3 19.10 -8.16 -3.16
C GLY C 3 19.05 -7.54 -4.53
N ALA C 4 19.74 -6.40 -4.68
CA ALA C 4 19.84 -5.67 -5.96
C ALA C 4 18.48 -5.13 -6.38
N MET C 5 18.44 -4.57 -7.60
CA MET C 5 17.22 -4.06 -8.21
C MET C 5 16.72 -2.79 -7.52
N ALA C 6 16.15 -2.94 -6.33
CA ALA C 6 15.54 -1.82 -5.64
C ALA C 6 16.41 -1.36 -4.47
N MET C 7 16.73 -0.08 -4.46
CA MET C 7 17.59 0.49 -3.41
C MET C 7 16.86 1.57 -2.63
N PHE C 8 17.48 2.08 -1.57
CA PHE C 8 16.86 3.08 -0.71
C PHE C 8 16.99 4.49 -1.28
N TRP C 9 15.98 5.33 -1.01
CA TRP C 9 15.97 6.72 -1.45
C TRP C 9 15.41 7.59 -0.32
N GLY C 10 15.85 8.84 -0.26
CA GLY C 10 15.36 9.75 0.75
C GLY C 10 15.48 11.20 0.32
N LEU C 11 14.59 12.05 0.85
CA LEU C 11 14.61 13.48 0.56
C LEU C 11 14.22 14.27 1.80
N ASN C 12 15.18 14.94 2.40
CA ASN C 12 14.91 15.82 3.53
C ASN C 12 14.51 17.20 3.04
N MET C 13 13.21 17.44 3.02
CA MET C 13 12.65 18.67 2.49
C MET C 13 12.59 19.74 3.55
N LYS C 14 13.00 20.93 3.16
CA LYS C 14 13.00 22.07 4.07
C LYS C 14 11.77 22.93 3.83
N PRO C 15 11.22 23.53 4.90
CA PRO C 15 9.98 24.32 4.85
C PRO C 15 10.00 25.42 3.80
N GLU C 16 9.06 25.34 2.86
CA GLU C 16 8.92 26.33 1.79
C GLU C 16 10.19 26.46 0.97
N ARG C 17 10.54 25.38 0.30
CA ARG C 17 11.65 25.37 -0.62
C ARG C 17 11.27 24.58 -1.87
N LYS C 18 11.84 24.97 -3.00
CA LYS C 18 11.49 24.37 -4.28
C LYS C 18 12.71 23.79 -4.96
N TYR C 19 12.70 22.48 -5.17
CA TYR C 19 13.79 21.81 -5.86
C TYR C 19 13.31 21.30 -7.20
N SER C 20 13.70 21.98 -8.27
CA SER C 20 13.43 21.51 -9.61
C SER C 20 14.55 20.60 -10.07
N GLN C 21 14.32 19.30 -9.98
CA GLN C 21 15.38 18.32 -10.16
C GLN C 21 15.09 17.35 -11.30
N THR C 22 16.16 16.88 -11.92
CA THR C 22 16.07 15.89 -12.98
C THR C 22 16.37 14.51 -12.42
N ILE C 23 15.97 13.47 -13.12
CA ILE C 23 16.07 12.12 -12.61
C ILE C 23 16.96 11.25 -13.49
N ILE C 24 17.96 10.65 -12.87
CA ILE C 24 18.87 9.74 -13.56
C ILE C 24 18.57 8.30 -13.14
N LYS C 25 18.15 8.15 -11.89
CA LYS C 25 17.77 6.86 -11.36
C LYS C 25 16.31 6.92 -10.91
N SER C 26 15.50 6.03 -11.49
CA SER C 26 14.07 6.00 -11.19
C SER C 26 13.85 5.73 -9.71
N PHE C 27 12.99 6.50 -9.08
CA PHE C 27 12.74 6.33 -7.67
C PHE C 27 11.27 6.41 -7.34
N HIS C 28 10.88 5.59 -6.39
CA HIS C 28 9.56 5.60 -5.84
C HIS C 28 9.59 6.28 -4.49
N ILE C 29 8.71 7.23 -4.28
CA ILE C 29 8.56 7.83 -2.96
C ILE C 29 7.40 7.15 -2.27
N SER C 30 7.61 6.72 -1.04
CA SER C 30 6.65 5.90 -0.35
C SER C 30 6.07 6.63 0.86
N GLY C 31 6.76 7.67 1.30
CA GLY C 31 6.26 8.42 2.44
C GLY C 31 6.88 9.78 2.55
N VAL C 32 6.12 10.71 3.09
CA VAL C 32 6.61 12.05 3.43
C VAL C 32 6.10 12.43 4.82
N ALA C 33 6.99 12.72 5.74
CA ALA C 33 6.59 12.92 7.13
C ALA C 33 7.37 14.04 7.79
N LEU C 34 6.74 14.71 8.75
CA LEU C 34 7.40 15.79 9.47
C LEU C 34 7.58 15.44 10.93
N ASP C 35 8.75 15.76 11.43
CA ASP C 35 9.06 15.59 12.83
C ASP C 35 9.09 16.95 13.49
N LYS C 36 9.92 17.83 12.94
CA LYS C 36 9.92 19.22 13.33
C LYS C 36 9.19 20.04 12.28
N GLY C 37 8.21 20.81 12.69
CA GLY C 37 7.48 21.61 11.75
C GLY C 37 6.04 21.83 12.15
N GLN C 38 5.40 22.81 11.53
CA GLN C 38 3.99 23.06 11.79
C GLN C 38 3.10 22.53 10.67
N GLU C 39 3.48 22.83 9.42
CA GLU C 39 2.72 22.36 8.26
C GLU C 39 3.64 22.21 7.05
N ALA C 40 3.49 21.13 6.32
CA ALA C 40 4.14 21.01 5.03
C ALA C 40 3.16 20.50 3.98
N LYS C 41 2.85 21.35 3.03
CA LYS C 41 2.02 20.94 1.91
C LYS C 41 2.93 20.59 0.73
N LEU C 42 3.00 19.31 0.43
CA LEU C 42 3.94 18.83 -0.57
C LEU C 42 3.32 18.94 -1.96
N TYR C 43 3.91 19.78 -2.78
CA TYR C 43 3.49 19.92 -4.17
C TYR C 43 4.62 19.49 -5.07
N LEU C 44 4.27 18.90 -6.19
CA LEU C 44 5.25 18.60 -7.19
C LEU C 44 4.75 19.07 -8.54
N ALA C 45 5.57 19.80 -9.23
CA ALA C 45 5.24 20.28 -10.55
C ALA C 45 6.03 19.53 -11.60
N ALA C 46 5.33 18.76 -12.42
CA ALA C 46 5.95 18.01 -13.49
C ALA C 46 5.28 18.34 -14.81
N GLU C 47 6.08 18.79 -15.78
CA GLU C 47 5.56 19.24 -17.06
C GLU C 47 4.54 20.36 -16.88
N LYS C 48 4.96 21.37 -16.13
CA LYS C 48 4.17 22.60 -15.93
C LYS C 48 2.81 22.29 -15.32
N GLN C 49 2.78 21.36 -14.37
CA GLN C 49 1.54 21.01 -13.70
C GLN C 49 1.78 20.83 -12.21
N GLU C 50 1.18 21.68 -11.40
CA GLU C 50 1.35 21.61 -9.95
C GLU C 50 0.40 20.57 -9.36
N TYR C 51 0.98 19.50 -8.86
CA TYR C 51 0.21 18.45 -8.18
C TYR C 51 0.36 18.59 -6.68
N ILE C 52 -0.77 18.62 -5.96
CA ILE C 52 -0.71 18.50 -4.52
C ILE C 52 -0.44 17.04 -4.16
N VAL C 53 0.80 16.77 -3.80
CA VAL C 53 1.26 15.41 -3.59
C VAL C 53 0.76 14.88 -2.26
N ALA C 54 0.99 15.65 -1.20
CA ALA C 54 0.60 15.22 0.13
C ALA C 54 0.42 16.41 1.05
N THR C 55 -0.58 16.34 1.92
CA THR C 55 -0.74 17.33 2.95
C THR C 55 -0.29 16.74 4.27
N VAL C 56 0.91 17.07 4.70
CA VAL C 56 1.46 16.53 5.93
C VAL C 56 1.67 17.64 6.95
N THR C 57 0.89 17.58 8.01
CA THR C 57 0.91 18.62 9.03
C THR C 57 1.20 18.01 10.40
N LYS C 58 1.19 18.84 11.44
CA LYS C 58 1.23 18.32 12.81
C LYS C 58 0.03 17.39 13.06
N ALA C 59 -1.09 17.71 12.42
CA ALA C 59 -2.30 16.91 12.55
C ALA C 59 -2.15 15.59 11.82
N ILE C 60 -1.53 15.64 10.65
CA ILE C 60 -1.19 14.44 9.89
C ILE C 60 0.32 14.36 9.75
N PRO C 61 1.02 13.86 10.79
CA PRO C 61 2.48 13.96 10.91
C PRO C 61 3.24 13.14 9.87
N GLN C 62 2.52 12.37 9.08
CA GLN C 62 3.15 11.49 8.11
C GLN C 62 2.16 11.04 7.05
N VAL C 63 2.51 11.32 5.80
CA VAL C 63 1.69 10.88 4.67
C VAL C 63 2.40 9.76 3.92
N ALA C 64 1.82 8.57 3.96
CA ALA C 64 2.35 7.45 3.22
C ALA C 64 1.66 7.35 1.87
N LEU C 65 2.42 7.55 0.80
CA LEU C 65 1.87 7.57 -0.56
C LEU C 65 2.75 6.76 -1.51
N ASP C 66 2.24 6.51 -2.70
CA ASP C 66 3.00 5.77 -3.71
C ASP C 66 3.32 6.66 -4.91
N LEU C 67 4.54 7.15 -4.93
CA LEU C 67 5.02 7.94 -6.06
C LEU C 67 6.08 7.16 -6.79
N ASN C 68 6.08 7.22 -8.10
CA ASN C 68 7.15 6.60 -8.86
C ASN C 68 7.52 7.46 -10.05
N PHE C 69 8.75 7.94 -10.06
CA PHE C 69 9.25 8.78 -11.15
C PHE C 69 10.41 8.05 -11.84
N SER C 70 10.46 8.11 -13.17
CA SER C 70 11.50 7.42 -13.90
C SER C 70 12.57 8.39 -14.37
N LYS C 71 13.64 7.84 -14.94
CA LYS C 71 14.78 8.63 -15.38
C LYS C 71 14.46 9.42 -16.65
N GLY C 72 13.23 9.28 -17.12
CA GLY C 72 12.77 10.08 -18.24
C GLY C 72 11.92 11.24 -17.77
N ASP C 73 11.65 11.27 -16.46
CA ASP C 73 10.83 12.32 -15.87
C ASP C 73 11.72 13.35 -15.19
N ARG C 74 11.25 14.58 -15.13
CA ARG C 74 11.90 15.64 -14.38
C ARG C 74 10.85 16.47 -13.68
N ILE C 75 11.05 16.73 -12.40
CA ILE C 75 9.97 17.29 -11.58
C ILE C 75 10.49 18.34 -10.63
N MET C 76 9.58 19.12 -10.06
CA MET C 76 9.94 20.07 -9.03
C MET C 76 9.21 19.73 -7.76
N PHE C 77 9.97 19.49 -6.71
CA PHE C 77 9.38 19.18 -5.42
C PHE C 77 9.45 20.40 -4.52
N TYR C 78 8.33 20.79 -3.95
CA TYR C 78 8.31 21.95 -3.09
C TYR C 78 7.19 21.88 -2.07
N THR C 79 7.48 22.33 -0.86
CA THR C 79 6.51 22.32 0.21
C THR C 79 6.11 23.73 0.60
N ALA C 80 4.85 23.89 0.97
CA ALA C 80 4.35 25.15 1.48
C ALA C 80 4.11 25.05 2.98
N GLY C 81 4.28 26.16 3.68
CA GLY C 81 4.15 26.15 5.12
C GLY C 81 5.49 25.94 5.78
N ASP C 82 5.55 25.97 7.10
CA ASP C 82 6.80 25.73 7.77
C ASP C 82 6.77 24.39 8.46
N ALA C 83 7.42 23.42 7.83
CA ALA C 83 7.74 22.15 8.42
C ALA C 83 8.77 21.44 7.58
N SER C 84 9.61 20.64 8.21
CA SER C 84 10.62 19.91 7.48
C SER C 84 10.21 18.45 7.38
N VAL C 85 10.13 17.95 6.15
CA VAL C 85 9.61 16.62 5.92
C VAL C 85 10.62 15.73 5.24
N SER C 86 10.73 14.52 5.74
CA SER C 86 11.59 13.53 5.14
C SER C 86 10.75 12.64 4.25
N LEU C 87 11.06 12.64 2.97
CA LEU C 87 10.46 11.70 2.07
C LEU C 87 11.33 10.48 2.00
N LEU C 88 10.71 9.34 1.96
CA LEU C 88 11.41 8.09 1.93
C LEU C 88 10.91 7.29 0.76
N GLY C 89 11.81 6.56 0.12
CA GLY C 89 11.41 5.79 -1.03
C GLY C 89 12.46 4.78 -1.43
N TYR C 90 12.30 4.22 -2.62
CA TYR C 90 13.22 3.22 -3.12
C TYR C 90 13.44 3.41 -4.62
N LEU C 91 14.70 3.31 -5.02
CA LEU C 91 15.08 3.34 -6.42
C LEU C 91 14.50 2.13 -7.14
N HIS C 92 13.67 2.39 -8.14
CA HIS C 92 12.92 1.35 -8.81
C HIS C 92 13.53 0.98 -10.16
N ASP C 93 14.12 -0.20 -10.22
CA ASP C 93 14.57 -0.80 -11.47
C ASP C 93 15.05 -2.22 -11.22
N ILE C 94 15.60 -2.84 -12.26
CA ILE C 94 16.06 -4.20 -12.17
C ILE C 94 17.47 -4.34 -12.70
N ASP C 95 18.32 -5.04 -11.95
CA ASP C 95 19.70 -5.26 -12.35
C ASP C 95 19.79 -6.39 -13.35
N SER C 96 20.65 -6.21 -14.35
CA SER C 96 20.84 -7.21 -15.38
C SER C 96 21.65 -8.39 -14.84
N GLY C 97 21.16 -9.59 -15.09
CA GLY C 97 21.82 -10.78 -14.61
C GLY C 97 20.88 -11.96 -14.51
N SER C 98 19.64 -11.67 -14.17
CA SER C 98 18.62 -12.69 -14.09
C SER C 98 17.94 -12.87 -15.44
N PHE D 1 2.18 -21.77 -5.80
CA PHE D 1 2.50 -22.58 -4.60
C PHE D 1 4.01 -22.82 -4.50
N GLN D 2 4.79 -22.04 -5.21
CA GLN D 2 6.22 -22.26 -5.30
C GLN D 2 6.96 -21.52 -4.19
N GLY D 3 6.53 -20.30 -3.93
CA GLY D 3 7.16 -19.49 -2.91
C GLY D 3 8.46 -18.87 -3.37
N ALA D 4 9.44 -18.86 -2.47
CA ALA D 4 10.78 -18.32 -2.76
C ALA D 4 10.73 -16.81 -3.01
N MET D 5 11.88 -16.26 -3.41
CA MET D 5 12.00 -14.85 -3.78
C MET D 5 11.91 -13.93 -2.55
N ALA D 6 10.70 -13.77 -2.03
CA ALA D 6 10.46 -12.84 -0.94
C ALA D 6 10.25 -13.59 0.38
N MET D 7 11.03 -13.23 1.38
CA MET D 7 10.96 -13.89 2.69
C MET D 7 10.58 -12.89 3.79
N PHE D 8 10.35 -13.39 4.99
CA PHE D 8 9.93 -12.54 6.12
C PHE D 8 11.12 -11.83 6.78
N TRP D 9 10.87 -10.62 7.28
CA TRP D 9 11.87 -9.84 7.99
C TRP D 9 11.23 -9.15 9.19
N GLY D 10 12.01 -8.93 10.24
CA GLY D 10 11.50 -8.26 11.42
C GLY D 10 12.58 -7.56 12.20
N LEU D 11 12.21 -6.50 12.91
CA LEU D 11 13.14 -5.75 13.75
C LEU D 11 12.45 -5.27 15.02
N ASN D 12 12.80 -5.88 16.15
CA ASN D 12 12.28 -5.45 17.43
C ASN D 12 13.15 -4.33 17.99
N MET D 13 12.68 -3.11 17.82
CA MET D 13 13.42 -1.92 18.19
C MET D 13 13.14 -1.54 19.63
N LYS D 14 14.21 -1.23 20.35
CA LYS D 14 14.13 -0.85 21.74
C LYS D 14 14.16 0.67 21.88
N PRO D 15 13.41 1.21 22.86
CA PRO D 15 13.26 2.66 23.07
C PRO D 15 14.60 3.40 23.17
N GLU D 16 14.80 4.34 22.25
CA GLU D 16 16.00 5.17 22.23
C GLU D 16 17.26 4.34 22.10
N ARG D 17 17.36 3.64 20.99
CA ARG D 17 18.55 2.87 20.66
C ARG D 17 18.90 3.06 19.20
N LYS D 18 20.18 3.00 18.88
CA LYS D 18 20.65 3.27 17.54
C LYS D 18 21.44 2.08 16.99
N TYR D 19 20.92 1.49 15.92
CA TYR D 19 21.59 0.38 15.27
C TYR D 19 22.11 0.80 13.90
N SER D 20 23.41 1.03 13.80
CA SER D 20 24.02 1.30 12.52
C SER D 20 24.42 -0.01 11.86
N GLN D 21 23.60 -0.47 10.93
CA GLN D 21 23.74 -1.83 10.40
C GLN D 21 23.95 -1.82 8.88
N THR D 22 24.67 -2.83 8.41
CA THR D 22 24.91 -3.03 7.00
C THR D 22 23.96 -4.09 6.46
N ILE D 23 23.76 -4.12 5.15
CA ILE D 23 22.75 -4.98 4.56
C ILE D 23 23.38 -5.98 3.60
N ILE D 24 23.09 -7.25 3.83
CA ILE D 24 23.57 -8.32 2.98
C ILE D 24 22.41 -8.87 2.15
N LYS D 25 21.23 -8.85 2.74
CA LYS D 25 20.01 -9.27 2.08
C LYS D 25 19.03 -8.10 2.03
N SER D 26 18.63 -7.74 0.82
CA SER D 26 17.72 -6.60 0.62
C SER D 26 16.41 -6.85 1.33
N PHE D 27 15.93 -5.87 2.07
CA PHE D 27 14.70 -6.04 2.80
C PHE D 27 13.81 -4.82 2.71
N HIS D 28 12.53 -5.10 2.64
CA HIS D 28 11.51 -4.08 2.66
C HIS D 28 10.89 -4.04 4.04
N ILE D 29 10.80 -2.87 4.62
CA ILE D 29 10.06 -2.71 5.86
C ILE D 29 8.68 -2.21 5.53
N SER D 30 7.67 -2.85 6.08
CA SER D 30 6.30 -2.58 5.71
C SER D 30 5.52 -1.98 6.86
N GLY D 31 6.02 -2.14 8.08
CA GLY D 31 5.35 -1.58 9.22
C GLY D 31 6.24 -1.46 10.42
N VAL D 32 5.95 -0.45 11.24
CA VAL D 32 6.59 -0.29 12.53
C VAL D 32 5.54 0.06 13.57
N ALA D 33 5.43 -0.75 14.62
CA ALA D 33 4.33 -0.58 15.57
C ALA D 33 4.77 -0.82 17.00
N LEU D 34 4.11 -0.15 17.94
CA LEU D 34 4.44 -0.33 19.35
C LEU D 34 3.28 -0.95 20.09
N ASP D 35 3.62 -1.88 20.96
CA ASP D 35 2.64 -2.51 21.83
C ASP D 35 2.87 -1.99 23.23
N LYS D 36 4.09 -2.15 23.72
CA LYS D 36 4.50 -1.55 24.97
C LYS D 36 5.34 -0.30 24.66
N GLY D 37 4.97 0.82 25.23
CA GLY D 37 5.72 2.03 25.00
C GLY D 37 4.86 3.27 25.04
N GLN D 38 5.49 4.43 25.16
CA GLN D 38 4.77 5.68 25.15
C GLN D 38 4.91 6.40 23.80
N GLU D 39 6.14 6.48 23.30
CA GLU D 39 6.41 7.12 22.02
C GLU D 39 7.63 6.52 21.36
N ALA D 40 7.56 6.26 20.07
CA ALA D 40 8.74 5.92 19.32
C ALA D 40 8.80 6.71 18.02
N LYS D 41 9.77 7.58 17.91
CA LYS D 41 10.00 8.30 16.68
C LYS D 41 11.10 7.61 15.90
N LEU D 42 10.73 6.97 14.80
CA LEU D 42 11.64 6.15 14.05
C LEU D 42 12.42 7.00 13.07
N TYR D 43 13.72 7.09 13.28
CA TYR D 43 14.60 7.79 12.37
C TYR D 43 15.58 6.81 11.77
N LEU D 44 15.94 7.04 10.52
CA LEU D 44 16.98 6.28 9.90
C LEU D 44 17.96 7.20 9.23
N ALA D 45 19.22 7.00 9.50
CA ALA D 45 20.26 7.81 8.90
C ALA D 45 21.02 6.97 7.88
N ALA D 46 20.91 7.35 6.62
CA ALA D 46 21.61 6.67 5.56
C ALA D 46 22.42 7.67 4.76
N GLU D 47 23.71 7.42 4.64
CA GLU D 47 24.64 8.33 3.99
C GLU D 47 24.59 9.72 4.65
N LYS D 48 24.74 9.71 5.97
CA LYS D 48 24.84 10.93 6.76
C LYS D 48 23.61 11.81 6.58
N GLN D 49 22.44 11.19 6.54
CA GLN D 49 21.19 11.92 6.41
C GLN D 49 20.13 11.32 7.31
N GLU D 50 19.68 12.09 8.30
CA GLU D 50 18.67 11.62 9.23
C GLU D 50 17.27 11.77 8.63
N TYR D 51 16.64 10.66 8.34
CA TYR D 51 15.28 10.66 7.85
C TYR D 51 14.31 10.30 8.96
N ILE D 52 13.28 11.11 9.16
CA ILE D 52 12.18 10.71 10.03
C ILE D 52 11.32 9.69 9.29
N VAL D 53 11.50 8.44 9.66
CA VAL D 53 10.89 7.32 8.96
C VAL D 53 9.42 7.22 9.31
N ALA D 54 9.14 7.20 10.61
CA ALA D 54 7.77 7.04 11.09
C ALA D 54 7.61 7.59 12.48
N THR D 55 6.47 8.23 12.73
CA THR D 55 6.14 8.64 14.07
C THR D 55 5.09 7.70 14.64
N VAL D 56 5.51 6.77 15.47
CA VAL D 56 4.61 5.78 16.02
C VAL D 56 4.51 5.95 17.54
N THR D 57 3.34 6.37 17.98
CA THR D 57 3.12 6.65 19.38
C THR D 57 1.96 5.82 19.93
N LYS D 58 1.61 6.03 21.19
CA LYS D 58 0.37 5.46 21.72
C LYS D 58 -0.84 5.96 20.93
N ALA D 59 -0.74 7.21 20.44
CA ALA D 59 -1.80 7.80 19.64
C ALA D 59 -1.86 7.16 18.26
N ILE D 60 -0.69 6.91 17.70
CA ILE D 60 -0.57 6.18 16.44
C ILE D 60 0.20 4.89 16.68
N PRO D 61 -0.49 3.85 17.18
CA PRO D 61 0.16 2.64 17.71
C PRO D 61 0.87 1.80 16.65
N GLN D 62 0.73 2.18 15.39
CA GLN D 62 1.29 1.41 14.30
C GLN D 62 1.38 2.25 13.03
N VAL D 63 2.58 2.35 12.50
CA VAL D 63 2.80 3.04 11.24
C VAL D 63 3.13 2.05 10.14
N ALA D 64 2.23 1.93 9.17
CA ALA D 64 2.46 1.08 8.02
C ALA D 64 3.08 1.90 6.89
N LEU D 65 4.31 1.57 6.53
CA LEU D 65 5.05 2.31 5.51
C LEU D 65 5.75 1.37 4.55
N ASP D 66 6.26 1.92 3.45
CA ASP D 66 6.97 1.12 2.47
C ASP D 66 8.44 1.52 2.40
N LEU D 67 9.28 0.75 3.05
CA LEU D 67 10.72 0.97 3.00
C LEU D 67 11.36 -0.17 2.25
N ASN D 68 12.35 0.12 1.43
CA ASN D 68 13.10 -0.93 0.78
C ASN D 68 14.57 -0.58 0.71
N PHE D 69 15.39 -1.38 1.37
CA PHE D 69 16.83 -1.17 1.36
C PHE D 69 17.51 -2.35 0.70
N SER D 70 18.54 -2.10 -0.10
CA SER D 70 19.21 -3.17 -0.81
C SER D 70 20.54 -3.51 -0.14
N LYS D 71 21.18 -4.56 -0.63
CA LYS D 71 22.44 -5.04 -0.06
C LYS D 71 23.60 -4.13 -0.42
N GLY D 72 23.31 -3.07 -1.15
CA GLY D 72 24.30 -2.05 -1.42
C GLY D 72 24.14 -0.86 -0.50
N ASP D 73 23.07 -0.88 0.30
CA ASP D 73 22.78 0.21 1.22
C ASP D 73 23.22 -0.17 2.63
N ARG D 74 23.57 0.83 3.41
CA ARG D 74 23.85 0.64 4.83
C ARG D 74 23.27 1.81 5.61
N ILE D 75 22.56 1.50 6.68
CA ILE D 75 21.74 2.51 7.33
C ILE D 75 21.80 2.41 8.85
N MET D 76 21.36 3.46 9.52
CA MET D 76 21.25 3.41 10.96
C MET D 76 19.81 3.60 11.37
N PHE D 77 19.28 2.62 12.08
CA PHE D 77 17.91 2.71 12.54
C PHE D 77 17.89 3.06 14.02
N TYR D 78 17.14 4.09 14.38
CA TYR D 78 17.09 4.51 15.76
C TYR D 78 15.78 5.22 16.09
N THR D 79 15.26 4.94 17.27
CA THR D 79 14.02 5.54 17.72
C THR D 79 14.26 6.50 18.88
N ALA D 80 13.48 7.57 18.90
CA ALA D 80 13.50 8.51 20.00
C ALA D 80 12.24 8.36 20.84
N GLY D 81 12.37 8.62 22.13
CA GLY D 81 11.25 8.43 23.04
C GLY D 81 11.29 7.06 23.66
N ASP D 82 10.37 6.76 24.56
CA ASP D 82 10.35 5.44 25.15
C ASP D 82 9.16 4.67 24.64
N ALA D 83 9.45 3.77 23.71
CA ALA D 83 8.52 2.74 23.28
C ALA D 83 9.27 1.70 22.48
N SER D 84 8.81 0.46 22.56
CA SER D 84 9.44 -0.60 21.81
C SER D 84 8.60 -0.95 20.60
N VAL D 85 9.21 -0.88 19.43
CA VAL D 85 8.47 -1.06 18.20
C VAL D 85 8.99 -2.22 17.38
N SER D 86 8.08 -3.01 16.88
CA SER D 86 8.42 -4.10 16.00
C SER D 86 8.23 -3.66 14.57
N LEU D 87 9.31 -3.65 13.82
CA LEU D 87 9.22 -3.43 12.40
C LEU D 87 9.06 -4.76 11.71
N LEU D 88 8.24 -4.77 10.71
CA LEU D 88 7.97 -5.98 9.99
C LEU D 88 8.17 -5.72 8.52
N GLY D 89 8.70 -6.71 7.81
CA GLY D 89 8.97 -6.54 6.42
C GLY D 89 9.24 -7.83 5.70
N TYR D 90 9.76 -7.73 4.49
CA TYR D 90 10.06 -8.90 3.70
C TYR D 90 11.35 -8.70 2.91
N LEU D 91 12.19 -9.72 2.91
CA LEU D 91 13.41 -9.74 2.11
C LEU D 91 13.05 -9.71 0.62
N HIS D 92 13.52 -8.67 -0.05
CA HIS D 92 13.14 -8.41 -1.44
C HIS D 92 14.21 -8.84 -2.42
N ASP D 93 13.95 -9.91 -3.15
CA ASP D 93 14.78 -10.33 -4.27
C ASP D 93 14.11 -11.48 -5.00
N ILE D 94 14.81 -12.04 -5.97
CA ILE D 94 14.28 -13.13 -6.77
C ILE D 94 15.27 -14.29 -6.84
N ASP D 95 14.76 -15.50 -6.63
CA ASP D 95 15.58 -16.69 -6.68
C ASP D 95 15.80 -17.13 -8.13
N SER D 96 17.02 -17.55 -8.43
CA SER D 96 17.36 -18.01 -9.76
C SER D 96 16.76 -19.39 -10.03
N GLY D 97 16.11 -19.52 -11.18
CA GLY D 97 15.47 -20.76 -11.54
C GLY D 97 14.37 -20.57 -12.56
N SER D 98 13.68 -19.44 -12.45
CA SER D 98 12.63 -19.10 -13.39
C SER D 98 13.21 -18.34 -14.59
N PHE E 1 -5.55 -11.46 -18.71
CA PHE E 1 -6.68 -12.37 -18.42
C PHE E 1 -6.18 -13.79 -18.14
N GLN E 2 -4.89 -13.91 -17.82
CA GLN E 2 -4.27 -15.21 -17.67
C GLN E 2 -4.37 -15.70 -16.23
N GLY E 3 -4.16 -14.79 -15.30
CA GLY E 3 -4.22 -15.12 -13.90
C GLY E 3 -2.96 -15.81 -13.41
N ALA E 4 -3.14 -16.82 -12.56
CA ALA E 4 -2.04 -17.63 -12.02
C ALA E 4 -1.13 -16.79 -11.12
N MET E 5 -0.04 -17.41 -10.68
CA MET E 5 0.99 -16.73 -9.87
C MET E 5 0.50 -16.45 -8.45
N ALA E 6 -0.36 -15.45 -8.32
CA ALA E 6 -0.81 -15.01 -7.01
C ALA E 6 -2.24 -15.47 -6.74
N MET E 7 -2.43 -16.15 -5.63
CA MET E 7 -3.75 -16.68 -5.26
C MET E 7 -4.23 -16.08 -3.94
N PHE E 8 -5.47 -16.39 -3.57
CA PHE E 8 -6.06 -15.83 -2.34
C PHE E 8 -5.65 -16.62 -1.09
N TRP E 9 -5.52 -15.91 0.03
CA TRP E 9 -5.19 -16.50 1.31
C TRP E 9 -6.03 -15.86 2.41
N GLY E 10 -6.32 -16.62 3.46
CA GLY E 10 -7.09 -16.10 4.57
C GLY E 10 -6.79 -16.83 5.87
N LEU E 11 -6.97 -16.13 6.99
CA LEU E 11 -6.77 -16.71 8.31
C LEU E 11 -7.80 -16.15 9.29
N ASN E 12 -8.75 -16.97 9.69
CA ASN E 12 -9.72 -16.58 10.70
C ASN E 12 -9.16 -16.87 12.09
N MET E 13 -8.65 -15.83 12.72
CA MET E 13 -7.99 -15.94 14.00
C MET E 13 -8.98 -15.82 15.14
N LYS E 14 -8.85 -16.70 16.11
CA LYS E 14 -9.73 -16.72 17.27
C LYS E 14 -9.05 -16.02 18.44
N PRO E 15 -9.85 -15.33 19.26
CA PRO E 15 -9.35 -14.53 20.39
C PRO E 15 -8.44 -15.31 21.34
N GLU E 16 -7.20 -14.83 21.47
CA GLU E 16 -6.21 -15.42 22.36
C GLU E 16 -5.95 -16.88 22.01
N ARG E 17 -5.43 -17.09 20.82
CA ARG E 17 -5.02 -18.41 20.37
C ARG E 17 -3.69 -18.30 19.65
N LYS E 18 -2.89 -19.36 19.74
CA LYS E 18 -1.55 -19.35 19.16
C LYS E 18 -1.38 -20.50 18.17
N TYR E 19 -1.14 -20.13 16.92
CA TYR E 19 -0.90 -21.13 15.88
C TYR E 19 0.56 -21.08 15.43
N SER E 20 1.35 -22.04 15.86
CA SER E 20 2.71 -22.17 15.38
C SER E 20 2.72 -23.02 14.13
N GLN E 21 2.78 -22.37 12.98
CA GLN E 21 2.57 -23.05 11.70
C GLN E 21 3.78 -22.92 10.78
N THR E 22 3.95 -23.94 9.94
CA THR E 22 5.01 -23.95 8.94
C THR E 22 4.42 -23.55 7.59
N ILE E 23 5.27 -23.14 6.67
CA ILE E 23 4.82 -22.61 5.40
C ILE E 23 5.31 -23.44 4.22
N ILE E 24 4.37 -23.87 3.39
CA ILE E 24 4.69 -24.63 2.19
C ILE E 24 4.49 -23.75 0.97
N LYS E 25 3.50 -22.87 1.07
CA LYS E 25 3.22 -21.91 0.00
C LYS E 25 3.38 -20.49 0.55
N SER E 26 4.26 -19.72 -0.09
CA SER E 26 4.55 -18.36 0.35
C SER E 26 3.28 -17.52 0.30
N PHE E 27 3.02 -16.79 1.35
CA PHE E 27 1.82 -15.98 1.38
C PHE E 27 2.08 -14.60 1.95
N HIS E 28 1.39 -13.64 1.37
CA HIS E 28 1.41 -12.27 1.85
C HIS E 28 0.13 -12.01 2.61
N ILE E 29 0.25 -11.47 3.80
CA ILE E 29 -0.93 -11.02 4.52
C ILE E 29 -1.08 -9.53 4.30
N SER E 30 -2.27 -9.11 3.93
CA SER E 30 -2.50 -7.75 3.53
C SER E 30 -3.42 -7.02 4.51
N GLY E 31 -4.14 -7.77 5.32
CA GLY E 31 -5.02 -7.15 6.28
C GLY E 31 -5.43 -8.08 7.39
N VAL E 32 -5.65 -7.50 8.56
CA VAL E 32 -6.21 -8.23 9.69
C VAL E 32 -7.29 -7.37 10.34
N ALA E 33 -8.52 -7.89 10.42
CA ALA E 33 -9.64 -7.08 10.86
C ALA E 33 -10.61 -7.86 11.73
N LEU E 34 -11.26 -7.15 12.65
CA LEU E 34 -12.23 -7.80 13.53
C LEU E 34 -13.63 -7.27 13.27
N ASP E 35 -14.56 -8.20 13.26
CA ASP E 35 -15.97 -7.87 13.13
C ASP E 35 -16.64 -8.09 14.47
N LYS E 36 -16.49 -9.29 14.99
CA LYS E 36 -16.92 -9.59 16.34
C LYS E 36 -15.69 -9.62 17.24
N GLY E 37 -15.72 -8.86 18.32
CA GLY E 37 -14.60 -8.84 19.22
C GLY E 37 -14.40 -7.52 19.90
N GLN E 38 -13.64 -7.51 20.98
CA GLN E 38 -13.34 -6.27 21.68
C GLN E 38 -11.93 -5.77 21.35
N GLU E 39 -10.95 -6.66 21.40
CA GLU E 39 -9.55 -6.31 21.09
C GLU E 39 -8.81 -7.52 20.56
N ALA E 40 -8.02 -7.32 19.52
CA ALA E 40 -7.09 -8.34 19.09
C ALA E 40 -5.72 -7.73 18.81
N LYS E 41 -4.75 -8.10 19.63
CA LYS E 41 -3.39 -7.69 19.40
C LYS E 41 -2.66 -8.80 18.68
N LEU E 42 -2.34 -8.58 17.42
CA LEU E 42 -1.77 -9.61 16.58
C LEU E 42 -0.26 -9.66 16.76
N TYR E 43 0.23 -10.75 17.29
CA TYR E 43 1.66 -10.95 17.44
C TYR E 43 2.06 -12.15 16.60
N LEU E 44 3.25 -12.08 16.05
CA LEU E 44 3.81 -13.22 15.37
C LEU E 44 5.22 -13.45 15.86
N ALA E 45 5.51 -14.67 16.22
CA ALA E 45 6.83 -15.03 16.66
C ALA E 45 7.52 -15.89 15.62
N ALA E 46 8.57 -15.34 15.03
CA ALA E 46 9.34 -16.06 14.03
C ALA E 46 10.80 -16.09 14.44
N GLU E 47 11.36 -17.29 14.53
CA GLU E 47 12.72 -17.48 15.00
C GLU E 47 12.92 -16.89 16.39
N LYS E 48 12.02 -17.29 17.29
CA LYS E 48 12.10 -16.93 18.70
C LYS E 48 12.09 -15.41 18.89
N GLN E 49 11.27 -14.72 18.11
CA GLN E 49 11.15 -13.28 18.23
C GLN E 49 9.69 -12.87 18.10
N GLU E 50 9.15 -12.30 19.17
CA GLU E 50 7.75 -11.86 19.18
C GLU E 50 7.62 -10.49 18.54
N TYR E 51 6.98 -10.45 17.39
CA TYR E 51 6.70 -9.19 16.70
C TYR E 51 5.25 -8.78 16.92
N ILE E 52 5.03 -7.55 17.35
CA ILE E 52 3.69 -6.99 17.35
C ILE E 52 3.32 -6.63 15.92
N VAL E 53 2.51 -7.47 15.32
CA VAL E 53 2.19 -7.36 13.91
C VAL E 53 1.19 -6.25 13.68
N ALA E 54 0.10 -6.28 14.43
CA ALA E 54 -0.96 -5.30 14.27
C ALA E 54 -1.79 -5.17 15.53
N THR E 55 -2.19 -3.95 15.84
CA THR E 55 -3.12 -3.74 16.93
C THR E 55 -4.48 -3.42 16.35
N VAL E 56 -5.36 -4.41 16.34
CA VAL E 56 -6.68 -4.24 15.76
C VAL E 56 -7.75 -4.38 16.84
N THR E 57 -8.41 -3.29 17.12
CA THR E 57 -9.40 -3.23 18.18
C THR E 57 -10.75 -2.78 17.65
N LYS E 58 -11.74 -2.62 18.52
CA LYS E 58 -12.99 -1.97 18.13
C LYS E 58 -12.71 -0.54 17.65
N ALA E 59 -11.69 0.08 18.25
CA ALA E 59 -11.31 1.44 17.88
C ALA E 59 -10.64 1.44 16.50
N ILE E 60 -9.81 0.45 16.26
CA ILE E 60 -9.20 0.25 14.95
C ILE E 60 -9.66 -1.10 14.40
N PRO E 61 -10.86 -1.13 13.80
CA PRO E 61 -11.55 -2.39 13.45
C PRO E 61 -10.87 -3.19 12.35
N GLN E 62 -9.81 -2.63 11.77
CA GLN E 62 -9.15 -3.26 10.64
C GLN E 62 -7.76 -2.67 10.44
N VAL E 63 -6.75 -3.53 10.48
CA VAL E 63 -5.38 -3.11 10.22
C VAL E 63 -4.91 -3.66 8.88
N ALA E 64 -4.69 -2.77 7.94
CA ALA E 64 -4.15 -3.15 6.64
C ALA E 64 -2.63 -3.04 6.64
N LEU E 65 -1.97 -4.17 6.50
CA LEU E 65 -0.51 -4.23 6.56
C LEU E 65 0.06 -5.10 5.45
N ASP E 66 1.37 -5.03 5.26
CA ASP E 66 2.03 -5.83 4.23
C ASP E 66 2.96 -6.85 4.87
N LEU E 67 2.49 -8.08 4.95
CA LEU E 67 3.30 -9.18 5.44
C LEU E 67 3.59 -10.13 4.31
N ASN E 68 4.79 -10.67 4.26
CA ASN E 68 5.10 -11.68 3.27
C ASN E 68 6.01 -12.73 3.87
N PHE E 69 5.51 -13.96 3.94
CA PHE E 69 6.28 -15.06 4.47
C PHE E 69 6.50 -16.10 3.38
N SER E 70 7.69 -16.68 3.31
CA SER E 70 7.99 -17.63 2.26
C SER E 70 7.95 -19.06 2.80
N LYS E 71 8.10 -20.02 1.89
CA LYS E 71 8.01 -21.43 2.25
C LYS E 71 9.27 -21.90 2.98
N GLY E 72 10.19 -20.97 3.19
CA GLY E 72 11.37 -21.26 3.99
C GLY E 72 11.21 -20.71 5.39
N ASP E 73 10.13 -19.98 5.62
CA ASP E 73 9.85 -19.38 6.92
C ASP E 73 8.83 -20.22 7.68
N ARG E 74 8.92 -20.19 9.00
CA ARG E 74 7.93 -20.80 9.86
C ARG E 74 7.67 -19.89 11.04
N ILE E 75 6.41 -19.65 11.34
CA ILE E 75 6.05 -18.58 12.27
C ILE E 75 4.92 -19.00 13.19
N MET E 76 4.73 -18.25 14.26
CA MET E 76 3.61 -18.46 15.15
C MET E 76 2.73 -17.24 15.16
N PHE E 77 1.47 -17.41 14.80
CA PHE E 77 0.54 -16.31 14.80
C PHE E 77 -0.37 -16.42 16.00
N TYR E 78 -0.47 -15.35 16.77
CA TYR E 78 -1.30 -15.37 17.97
C TYR E 78 -1.80 -13.98 18.33
N THR E 79 -3.04 -13.92 18.77
CA THR E 79 -3.64 -12.66 19.16
C THR E 79 -3.90 -12.62 20.66
N ALA E 80 -3.75 -11.43 21.23
CA ALA E 80 -4.08 -11.20 22.62
C ALA E 80 -5.36 -10.39 22.73
N GLY E 81 -6.12 -10.62 23.80
CA GLY E 81 -7.39 -9.96 23.96
C GLY E 81 -8.52 -10.79 23.39
N ASP E 82 -9.75 -10.34 23.53
CA ASP E 82 -10.85 -11.10 22.98
C ASP E 82 -11.41 -10.38 21.77
N ALA E 83 -11.05 -10.88 20.61
CA ALA E 83 -11.67 -10.52 19.36
C ALA E 83 -11.26 -11.50 18.29
N SER E 84 -12.15 -11.74 17.33
CA SER E 84 -11.84 -12.67 16.26
C SER E 84 -11.51 -11.88 15.00
N VAL E 85 -10.35 -12.13 14.44
CA VAL E 85 -9.87 -11.33 13.31
C VAL E 85 -9.61 -12.19 12.10
N SER E 86 -10.06 -11.71 10.96
CA SER E 86 -9.80 -12.36 9.71
C SER E 86 -8.63 -11.70 9.05
N LEU E 87 -7.56 -12.46 8.84
CA LEU E 87 -6.46 -11.97 8.05
C LEU E 87 -6.69 -12.36 6.62
N LEU E 88 -6.35 -11.48 5.74
CA LEU E 88 -6.55 -11.70 4.34
C LEU E 88 -5.25 -11.45 3.62
N GLY E 89 -4.98 -12.24 2.59
CA GLY E 89 -3.74 -12.09 1.88
C GLY E 89 -3.73 -12.83 0.57
N TYR E 90 -2.56 -12.98 -0.01
CA TYR E 90 -2.42 -13.65 -1.29
C TYR E 90 -1.14 -14.48 -1.32
N LEU E 91 -1.26 -15.70 -1.83
CA LEU E 91 -0.12 -16.57 -2.05
C LEU E 91 0.82 -15.96 -3.08
N HIS E 92 2.05 -15.71 -2.67
CA HIS E 92 3.02 -14.97 -3.48
C HIS E 92 4.03 -15.90 -4.14
N ASP E 93 3.89 -16.06 -5.45
CA ASP E 93 4.90 -16.74 -6.26
C ASP E 93 4.55 -16.60 -7.73
N ILE E 94 5.30 -17.28 -8.58
CA ILE E 94 5.10 -17.20 -10.01
C ILE E 94 5.03 -18.60 -10.62
N ASP E 95 4.05 -18.81 -11.48
CA ASP E 95 3.87 -20.09 -12.15
C ASP E 95 4.81 -20.20 -13.34
N SER E 96 5.38 -21.38 -13.52
CA SER E 96 6.29 -21.63 -14.62
C SER E 96 5.53 -21.74 -15.93
N GLY E 97 6.00 -21.04 -16.95
CA GLY E 97 5.34 -21.04 -18.24
C GLY E 97 5.68 -19.81 -19.05
N SER E 98 5.84 -18.69 -18.35
CA SER E 98 6.20 -17.44 -19.00
C SER E 98 7.72 -17.32 -19.09
N PHE A 1 6.18 -0.47 -26.29
CA PHE A 1 6.17 -0.57 -24.81
C PHE A 1 4.88 -1.20 -24.33
N GLN A 2 4.74 -2.50 -24.56
CA GLN A 2 3.55 -3.24 -24.14
C GLN A 2 3.95 -4.57 -23.51
N GLY A 3 3.03 -5.18 -22.80
CA GLY A 3 3.31 -6.44 -22.14
C GLY A 3 3.09 -6.37 -20.64
N ALA A 4 2.23 -5.46 -20.22
CA ALA A 4 1.90 -5.26 -18.81
C ALA A 4 0.68 -4.37 -18.67
N MET A 5 -0.41 -4.76 -19.34
CA MET A 5 -1.60 -3.94 -19.39
C MET A 5 -2.74 -4.58 -18.61
N ALA A 6 -2.59 -4.66 -17.30
CA ALA A 6 -3.61 -5.23 -16.43
C ALA A 6 -4.91 -4.43 -16.54
N MET A 7 -6.02 -5.14 -16.74
CA MET A 7 -7.32 -4.51 -16.98
C MET A 7 -7.97 -4.05 -15.69
N PHE A 8 -8.76 -3.00 -15.79
CA PHE A 8 -9.48 -2.45 -14.64
C PHE A 8 -10.63 -3.36 -14.21
N TRP A 9 -10.88 -3.41 -12.91
CA TRP A 9 -11.93 -4.23 -12.33
C TRP A 9 -12.72 -3.40 -11.32
N GLY A 10 -14.00 -3.70 -11.19
CA GLY A 10 -14.84 -3.00 -10.24
C GLY A 10 -16.00 -3.86 -9.76
N LEU A 11 -16.50 -3.57 -8.57
CA LEU A 11 -17.61 -4.34 -8.00
C LEU A 11 -18.50 -3.44 -7.14
N ASN A 12 -19.69 -3.14 -7.63
CA ASN A 12 -20.66 -2.36 -6.86
C ASN A 12 -21.55 -3.28 -6.04
N MET A 13 -21.50 -3.10 -4.72
CA MET A 13 -22.22 -3.96 -3.79
C MET A 13 -23.52 -3.32 -3.34
N LYS A 14 -24.55 -4.14 -3.24
CA LYS A 14 -25.84 -3.71 -2.71
C LYS A 14 -25.97 -4.17 -1.27
N PRO A 15 -26.63 -3.36 -0.42
CA PRO A 15 -26.79 -3.65 1.01
C PRO A 15 -27.41 -5.01 1.27
N GLU A 16 -26.65 -5.90 1.92
CA GLU A 16 -27.11 -7.22 2.31
C GLU A 16 -27.46 -8.08 1.11
N ARG A 17 -26.46 -8.38 0.29
CA ARG A 17 -26.62 -9.31 -0.82
C ARG A 17 -25.35 -10.11 -1.02
N LYS A 18 -25.49 -11.40 -1.29
CA LYS A 18 -24.34 -12.29 -1.44
C LYS A 18 -24.09 -12.68 -2.88
N TYR A 19 -22.87 -12.47 -3.36
CA TYR A 19 -22.49 -12.91 -4.69
C TYR A 19 -21.45 -14.01 -4.60
N SER A 20 -21.88 -15.24 -4.83
CA SER A 20 -20.94 -16.35 -4.88
C SER A 20 -20.44 -16.51 -6.31
N GLN A 21 -19.23 -16.00 -6.56
CA GLN A 21 -18.71 -15.89 -7.91
C GLN A 21 -17.51 -16.81 -8.13
N THR A 22 -17.42 -17.35 -9.35
CA THR A 22 -16.31 -18.18 -9.74
C THR A 22 -15.35 -17.37 -10.61
N ILE A 23 -14.06 -17.58 -10.42
CA ILE A 23 -13.05 -16.76 -11.05
C ILE A 23 -12.46 -17.42 -12.29
N ILE A 24 -12.62 -16.74 -13.42
CA ILE A 24 -12.05 -17.21 -14.67
C ILE A 24 -10.84 -16.36 -15.06
N LYS A 25 -10.65 -15.28 -14.31
CA LYS A 25 -9.54 -14.37 -14.55
C LYS A 25 -8.98 -13.87 -13.22
N SER A 26 -7.72 -14.16 -12.96
CA SER A 26 -7.08 -13.81 -11.69
C SER A 26 -6.95 -12.31 -11.55
N PHE A 27 -7.32 -11.78 -10.39
CA PHE A 27 -7.36 -10.34 -10.23
C PHE A 27 -7.02 -9.89 -8.81
N HIS A 28 -6.78 -8.59 -8.69
CA HIS A 28 -6.46 -7.96 -7.42
C HIS A 28 -7.52 -6.91 -7.10
N ILE A 29 -8.11 -7.02 -5.93
CA ILE A 29 -8.98 -5.96 -5.42
C ILE A 29 -8.15 -5.00 -4.58
N SER A 30 -8.35 -3.72 -4.77
CA SER A 30 -7.47 -2.72 -4.18
C SER A 30 -8.23 -1.73 -3.30
N GLY A 31 -9.56 -1.80 -3.28
CA GLY A 31 -10.29 -0.91 -2.41
C GLY A 31 -11.79 -1.14 -2.42
N VAL A 32 -12.45 -0.65 -1.39
CA VAL A 32 -13.91 -0.66 -1.29
C VAL A 32 -14.37 0.61 -0.58
N ALA A 33 -15.33 1.33 -1.15
CA ALA A 33 -15.79 2.59 -0.56
C ALA A 33 -17.28 2.81 -0.79
N LEU A 34 -17.89 3.63 0.05
CA LEU A 34 -19.31 3.93 -0.11
C LEU A 34 -19.56 5.41 -0.28
N ASP A 35 -20.56 5.69 -1.08
CA ASP A 35 -21.04 7.05 -1.27
C ASP A 35 -22.38 7.19 -0.58
N LYS A 36 -23.31 6.33 -0.97
CA LYS A 36 -24.59 6.25 -0.30
C LYS A 36 -24.61 5.02 0.60
N GLY A 37 -24.96 5.22 1.85
CA GLY A 37 -25.04 4.11 2.77
C GLY A 37 -24.62 4.47 4.16
N GLN A 38 -25.04 3.68 5.13
CA GLN A 38 -24.68 3.92 6.53
C GLN A 38 -23.58 2.97 6.98
N GLU A 39 -23.71 1.68 6.66
CA GLU A 39 -22.71 0.70 7.05
C GLU A 39 -22.66 -0.44 6.04
N ALA A 40 -21.47 -0.74 5.55
CA ALA A 40 -21.27 -1.92 4.73
C ALA A 40 -20.12 -2.75 5.28
N LYS A 41 -20.43 -3.95 5.73
CA LYS A 41 -19.41 -4.87 6.17
C LYS A 41 -19.08 -5.81 5.02
N LEU A 42 -17.88 -5.67 4.49
CA LEU A 42 -17.47 -6.45 3.34
C LEU A 42 -16.97 -7.81 3.79
N TYR A 43 -17.75 -8.83 3.51
CA TYR A 43 -17.36 -10.18 3.84
C TYR A 43 -17.02 -10.95 2.59
N LEU A 44 -16.04 -11.82 2.72
CA LEU A 44 -15.65 -12.70 1.66
C LEU A 44 -15.60 -14.12 2.19
N ALA A 45 -16.44 -14.97 1.67
CA ALA A 45 -16.44 -16.36 2.06
C ALA A 45 -15.78 -17.20 0.98
N ALA A 46 -14.60 -17.70 1.31
CA ALA A 46 -13.81 -18.49 0.38
C ALA A 46 -13.19 -19.65 1.12
N GLU A 47 -13.05 -20.79 0.44
CA GLU A 47 -12.49 -21.99 1.04
C GLU A 47 -13.32 -22.39 2.28
N LYS A 48 -14.62 -22.12 2.19
CA LYS A 48 -15.57 -22.44 3.26
C LYS A 48 -15.26 -21.69 4.55
N GLN A 49 -14.83 -20.43 4.42
CA GLN A 49 -14.54 -19.62 5.59
C GLN A 49 -15.00 -18.18 5.36
N GLU A 50 -15.58 -17.58 6.39
CA GLU A 50 -16.08 -16.21 6.30
C GLU A 50 -14.99 -15.23 6.73
N TYR A 51 -14.48 -14.49 5.78
CA TYR A 51 -13.46 -13.49 6.06
C TYR A 51 -14.08 -12.11 6.09
N ILE A 52 -13.78 -11.35 7.13
CA ILE A 52 -14.19 -9.95 7.17
C ILE A 52 -13.14 -9.11 6.46
N VAL A 53 -13.47 -8.73 5.24
CA VAL A 53 -12.53 -8.08 4.34
C VAL A 53 -12.33 -6.62 4.73
N ALA A 54 -13.45 -5.91 4.91
CA ALA A 54 -13.39 -4.51 5.23
C ALA A 54 -14.62 -4.05 5.98
N THR A 55 -14.45 -3.10 6.88
CA THR A 55 -15.58 -2.45 7.50
C THR A 55 -15.65 -1.02 7.00
N VAL A 56 -16.53 -0.77 6.06
CA VAL A 56 -16.65 0.54 5.46
C VAL A 56 -18.00 1.14 5.78
N THR A 57 -17.99 2.22 6.54
CA THR A 57 -19.20 2.82 7.03
C THR A 57 -19.32 4.28 6.60
N LYS A 58 -20.37 4.94 7.03
CA LYS A 58 -20.47 6.39 6.86
C LYS A 58 -19.35 7.09 7.62
N ALA A 59 -18.91 6.46 8.71
CA ALA A 59 -17.81 6.98 9.52
C ALA A 59 -16.48 6.73 8.82
N ILE A 60 -16.35 5.56 8.23
CA ILE A 60 -15.18 5.20 7.44
C ILE A 60 -15.63 5.00 5.99
N PRO A 61 -15.78 6.09 5.22
CA PRO A 61 -16.44 6.06 3.91
C PRO A 61 -15.64 5.33 2.84
N GLN A 62 -14.48 4.81 3.19
CA GLN A 62 -13.61 4.16 2.23
C GLN A 62 -12.56 3.30 2.91
N VAL A 63 -12.45 2.07 2.45
CA VAL A 63 -11.42 1.16 2.92
C VAL A 63 -10.52 0.74 1.77
N ALA A 64 -9.24 1.02 1.91
CA ALA A 64 -8.25 0.58 0.93
C ALA A 64 -7.87 -0.86 1.19
N LEU A 65 -7.88 -1.67 0.15
CA LEU A 65 -7.68 -3.10 0.30
C LEU A 65 -6.53 -3.62 -0.54
N ASP A 66 -6.13 -4.84 -0.26
CA ASP A 66 -5.17 -5.57 -1.08
C ASP A 66 -5.58 -7.04 -1.10
N LEU A 67 -6.26 -7.43 -2.15
CA LEU A 67 -6.69 -8.80 -2.31
C LEU A 67 -6.25 -9.32 -3.65
N ASN A 68 -5.82 -10.56 -3.70
CA ASN A 68 -5.50 -11.18 -4.97
C ASN A 68 -6.08 -12.58 -5.03
N PHE A 69 -6.91 -12.82 -6.03
CA PHE A 69 -7.56 -14.12 -6.17
C PHE A 69 -7.11 -14.80 -7.45
N SER A 70 -6.96 -16.12 -7.39
CA SER A 70 -6.54 -16.90 -8.54
C SER A 70 -7.76 -17.43 -9.29
N LYS A 71 -7.52 -17.92 -10.51
CA LYS A 71 -8.61 -18.48 -11.32
C LYS A 71 -9.00 -19.85 -10.78
N GLY A 72 -8.23 -20.34 -9.82
CA GLY A 72 -8.57 -21.58 -9.16
C GLY A 72 -9.39 -21.33 -7.91
N ASP A 73 -9.52 -20.05 -7.54
CA ASP A 73 -10.30 -19.68 -6.36
C ASP A 73 -11.72 -19.34 -6.78
N ARG A 74 -12.67 -19.67 -5.94
CA ARG A 74 -14.04 -19.24 -6.13
C ARG A 74 -14.59 -18.77 -4.79
N ILE A 75 -15.14 -17.57 -4.79
CA ILE A 75 -15.38 -16.85 -3.55
C ILE A 75 -16.75 -16.22 -3.53
N MET A 76 -17.23 -15.90 -2.34
CA MET A 76 -18.46 -15.15 -2.23
C MET A 76 -18.17 -13.79 -1.64
N PHE A 77 -18.50 -12.75 -2.39
CA PHE A 77 -18.34 -11.41 -1.90
C PHE A 77 -19.70 -10.87 -1.52
N TYR A 78 -19.81 -10.36 -0.31
CA TYR A 78 -21.09 -9.90 0.15
C TYR A 78 -20.98 -8.87 1.26
N THR A 79 -21.86 -7.90 1.24
CA THR A 79 -21.83 -6.80 2.18
C THR A 79 -23.05 -6.82 3.08
N ALA A 80 -22.80 -6.68 4.38
CA ALA A 80 -23.88 -6.63 5.36
C ALA A 80 -24.08 -5.22 5.88
N GLY A 81 -25.24 -4.96 6.45
CA GLY A 81 -25.57 -3.62 6.89
C GLY A 81 -26.28 -2.87 5.79
N ASP A 82 -26.57 -1.60 6.01
CA ASP A 82 -27.21 -0.83 4.97
C ASP A 82 -26.25 0.20 4.42
N ALA A 83 -25.72 -0.12 3.25
CA ALA A 83 -24.92 0.79 2.46
C ALA A 83 -24.58 0.14 1.13
N SER A 84 -24.31 0.96 0.14
CA SER A 84 -23.93 0.46 -1.16
C SER A 84 -22.51 0.88 -1.48
N VAL A 85 -21.62 -0.09 -1.63
CA VAL A 85 -20.21 0.19 -1.82
C VAL A 85 -19.74 -0.15 -3.22
N SER A 86 -18.58 0.36 -3.55
CA SER A 86 -17.95 0.07 -4.82
C SER A 86 -16.51 -0.37 -4.58
N LEU A 87 -16.18 -1.57 -5.02
CA LEU A 87 -14.80 -2.03 -4.97
C LEU A 87 -14.11 -1.73 -6.27
N LEU A 88 -12.80 -1.61 -6.18
CA LEU A 88 -11.99 -1.32 -7.33
C LEU A 88 -10.79 -2.25 -7.33
N GLY A 89 -10.37 -2.66 -8.51
CA GLY A 89 -9.24 -3.56 -8.62
C GLY A 89 -8.74 -3.67 -10.04
N TYR A 90 -7.89 -4.65 -10.31
CA TYR A 90 -7.39 -4.89 -11.65
C TYR A 90 -7.17 -6.37 -11.92
N LEU A 91 -7.60 -6.78 -13.11
CA LEU A 91 -7.40 -8.14 -13.59
C LEU A 91 -5.96 -8.31 -14.07
N HIS A 92 -5.35 -9.42 -13.74
CA HIS A 92 -3.99 -9.68 -14.18
C HIS A 92 -3.95 -10.01 -15.66
N ASP A 93 -3.24 -9.19 -16.41
CA ASP A 93 -3.03 -9.40 -17.84
C ASP A 93 -1.79 -10.26 -18.04
N ILE A 94 -1.10 -10.50 -16.92
CA ILE A 94 0.16 -11.23 -16.90
C ILE A 94 1.25 -10.40 -17.57
N ASP A 95 1.87 -9.56 -16.75
CA ASP A 95 2.94 -8.69 -17.20
C ASP A 95 4.18 -9.50 -17.49
N SER A 96 4.51 -9.57 -18.76
CA SER A 96 5.66 -10.36 -19.21
C SER A 96 6.96 -9.59 -18.97
N GLY A 97 6.89 -8.27 -19.15
CA GLY A 97 8.05 -7.43 -18.95
C GLY A 97 9.08 -7.58 -20.04
N SER A 98 9.70 -8.75 -20.11
CA SER A 98 10.74 -9.02 -21.08
C SER A 98 10.23 -10.01 -22.13
N PHE B 1 21.83 -0.12 -15.86
CA PHE B 1 20.70 -0.48 -14.98
C PHE B 1 19.43 0.22 -15.44
N GLN B 2 18.88 -0.26 -16.56
CA GLN B 2 17.65 0.29 -17.12
C GLN B 2 16.72 -0.83 -17.55
N GLY B 3 15.46 -0.51 -17.76
CA GLY B 3 14.48 -1.50 -18.16
C GLY B 3 13.32 -1.58 -17.19
N ALA B 4 13.07 -0.48 -16.49
CA ALA B 4 11.98 -0.40 -15.51
C ALA B 4 11.75 1.04 -15.11
N MET B 5 11.54 1.90 -16.10
CA MET B 5 11.43 3.33 -15.85
C MET B 5 10.01 3.82 -16.10
N ALA B 6 9.08 3.38 -15.25
CA ALA B 6 7.69 3.80 -15.36
C ALA B 6 7.55 5.31 -15.21
N MET B 7 6.83 5.93 -16.12
CA MET B 7 6.71 7.39 -16.17
C MET B 7 5.69 7.90 -15.17
N PHE B 8 5.92 9.12 -14.70
CA PHE B 8 5.02 9.76 -13.75
C PHE B 8 3.71 10.19 -14.41
N TRP B 9 2.63 10.11 -13.65
CA TRP B 9 1.30 10.47 -14.13
C TRP B 9 0.60 11.35 -13.09
N GLY B 10 -0.24 12.26 -13.55
CA GLY B 10 -0.98 13.11 -12.65
C GLY B 10 -2.29 13.57 -13.25
N LEU B 11 -3.25 13.89 -12.41
CA LEU B 11 -4.57 14.34 -12.86
C LEU B 11 -5.17 15.36 -11.89
N ASN B 12 -5.22 16.62 -12.31
CA ASN B 12 -5.84 17.66 -11.51
C ASN B 12 -7.32 17.79 -11.85
N MET B 13 -8.17 17.58 -10.85
CA MET B 13 -9.61 17.57 -11.05
C MET B 13 -10.23 18.89 -10.62
N LYS B 14 -11.18 19.34 -11.41
CA LYS B 14 -11.97 20.52 -11.10
C LYS B 14 -13.31 20.11 -10.51
N PRO B 15 -13.83 20.90 -9.57
CA PRO B 15 -15.10 20.60 -8.88
C PRO B 15 -16.26 20.41 -9.84
N GLU B 16 -16.81 19.19 -9.85
CA GLU B 16 -17.98 18.84 -10.65
C GLU B 16 -17.69 18.97 -12.15
N ARG B 17 -16.78 18.13 -12.63
CA ARG B 17 -16.50 18.04 -14.06
C ARG B 17 -16.16 16.61 -14.43
N LYS B 18 -16.67 16.14 -15.57
CA LYS B 18 -16.46 14.76 -15.99
C LYS B 18 -15.50 14.66 -17.16
N TYR B 19 -14.47 13.84 -16.99
CA TYR B 19 -13.53 13.57 -18.08
C TYR B 19 -13.67 12.12 -18.54
N SER B 20 -14.31 11.91 -19.67
CA SER B 20 -14.39 10.59 -20.26
C SER B 20 -13.19 10.38 -21.17
N GLN B 21 -12.19 9.66 -20.66
CA GLN B 21 -10.91 9.55 -21.33
C GLN B 21 -10.64 8.13 -21.82
N THR B 22 -9.98 8.04 -22.97
CA THR B 22 -9.59 6.76 -23.54
C THR B 22 -8.10 6.52 -23.27
N ILE B 23 -7.74 5.29 -22.96
CA ILE B 23 -6.39 4.97 -22.52
C ILE B 23 -5.55 4.41 -23.65
N ILE B 24 -4.47 5.11 -23.96
CA ILE B 24 -3.51 4.65 -24.95
C ILE B 24 -2.25 4.12 -24.28
N LYS B 25 -2.15 4.35 -22.97
CA LYS B 25 -1.01 3.90 -22.19
C LYS B 25 -1.47 3.41 -20.82
N SER B 26 -1.22 2.15 -20.54
CA SER B 26 -1.67 1.52 -19.30
C SER B 26 -0.97 2.12 -18.10
N PHE B 27 -1.73 2.46 -17.05
CA PHE B 27 -1.15 3.17 -15.93
C PHE B 27 -1.79 2.81 -14.60
N HIS B 28 -1.12 3.22 -13.55
CA HIS B 28 -1.59 3.02 -12.18
C HIS B 28 -1.79 4.36 -11.50
N ILE B 29 -2.98 4.57 -10.95
CA ILE B 29 -3.23 5.72 -10.10
C ILE B 29 -2.97 5.32 -8.66
N SER B 30 -2.29 6.16 -7.92
CA SER B 30 -1.82 5.79 -6.61
C SER B 30 -2.32 6.74 -5.51
N GLY B 31 -2.99 7.82 -5.89
CA GLY B 31 -3.53 8.70 -4.88
C GLY B 31 -4.33 9.86 -5.44
N VAL B 32 -5.15 10.45 -4.58
CA VAL B 32 -5.90 11.66 -4.90
C VAL B 32 -6.02 12.54 -3.66
N ALA B 33 -5.68 13.81 -3.77
CA ALA B 33 -5.69 14.70 -2.61
C ALA B 33 -6.12 16.11 -2.98
N LEU B 34 -6.61 16.88 -2.01
CA LEU B 34 -7.02 18.25 -2.26
C LEU B 34 -6.27 19.23 -1.39
N ASP B 35 -6.00 20.38 -1.97
CA ASP B 35 -5.42 21.49 -1.25
C ASP B 35 -6.48 22.55 -1.05
N LYS B 36 -7.06 22.99 -2.15
CA LYS B 36 -8.18 23.89 -2.11
C LYS B 36 -9.47 23.12 -2.40
N GLY B 37 -10.44 23.26 -1.52
CA GLY B 37 -11.70 22.59 -1.74
C GLY B 37 -12.35 22.13 -0.46
N GLN B 38 -13.65 21.90 -0.51
CA GLN B 38 -14.38 21.43 0.66
C GLN B 38 -14.67 19.94 0.57
N GLU B 39 -15.13 19.48 -0.60
CA GLU B 39 -15.44 18.08 -0.79
C GLU B 39 -15.25 17.67 -2.24
N ALA B 40 -14.48 16.62 -2.47
CA ALA B 40 -14.38 16.03 -3.79
C ALA B 40 -14.65 14.54 -3.73
N LYS B 41 -15.73 14.12 -4.37
CA LYS B 41 -16.03 12.71 -4.48
C LYS B 41 -15.50 12.21 -5.81
N LEU B 42 -14.48 11.35 -5.74
CA LEU B 42 -13.84 10.87 -6.94
C LEU B 42 -14.61 9.68 -7.48
N TYR B 43 -15.28 9.88 -8.60
CA TYR B 43 -16.02 8.83 -9.24
C TYR B 43 -15.32 8.41 -10.52
N LEU B 44 -15.39 7.14 -10.80
CA LEU B 44 -14.88 6.58 -12.03
C LEU B 44 -15.94 5.73 -12.67
N ALA B 45 -16.39 6.13 -13.84
CA ALA B 45 -17.36 5.36 -14.57
C ALA B 45 -16.68 4.62 -15.70
N ALA B 46 -16.62 3.30 -15.55
CA ALA B 46 -15.97 2.44 -16.50
C ALA B 46 -16.80 1.18 -16.69
N GLU B 47 -16.80 0.64 -17.91
CA GLU B 47 -17.57 -0.55 -18.23
C GLU B 47 -19.06 -0.30 -17.92
N LYS B 48 -19.48 0.95 -18.12
CA LYS B 48 -20.86 1.38 -17.90
C LYS B 48 -21.28 1.23 -16.45
N GLN B 49 -20.36 1.50 -15.52
CA GLN B 49 -20.67 1.42 -14.10
C GLN B 49 -20.01 2.58 -13.34
N GLU B 50 -20.74 3.16 -12.40
CA GLU B 50 -20.22 4.26 -11.60
C GLU B 50 -19.53 3.75 -10.35
N TYR B 51 -18.23 3.87 -10.30
CA TYR B 51 -17.46 3.44 -9.15
C TYR B 51 -17.07 4.64 -8.30
N ILE B 52 -17.32 4.56 -7.01
CA ILE B 52 -16.86 5.58 -6.09
C ILE B 52 -15.42 5.26 -5.68
N VAL B 53 -14.49 5.97 -6.30
CA VAL B 53 -13.07 5.68 -6.16
C VAL B 53 -12.54 6.16 -4.83
N ALA B 54 -12.84 7.41 -4.50
CA ALA B 54 -12.34 8.00 -3.27
C ALA B 54 -13.25 9.10 -2.78
N THR B 55 -13.34 9.25 -1.47
CA THR B 55 -14.00 10.39 -0.88
C THR B 55 -12.96 11.26 -0.21
N VAL B 56 -12.56 12.32 -0.88
CA VAL B 56 -11.52 13.18 -0.36
C VAL B 56 -12.09 14.57 -0.08
N THR B 57 -12.10 14.92 1.19
CA THR B 57 -12.73 16.16 1.63
C THR B 57 -11.74 17.06 2.35
N LYS B 58 -12.22 18.20 2.83
CA LYS B 58 -11.42 19.02 3.73
C LYS B 58 -11.10 18.27 5.01
N ALA B 59 -12.00 17.37 5.39
CA ALA B 59 -11.82 16.53 6.57
C ALA B 59 -10.81 15.42 6.29
N ILE B 60 -10.91 14.85 5.10
CA ILE B 60 -9.97 13.85 4.63
C ILE B 60 -9.22 14.41 3.42
N PRO B 61 -8.18 15.23 3.67
CA PRO B 61 -7.54 16.06 2.62
C PRO B 61 -6.76 15.24 1.60
N GLN B 62 -6.72 13.93 1.77
CA GLN B 62 -5.94 13.07 0.90
C GLN B 62 -6.38 11.62 1.00
N VAL B 63 -6.61 11.01 -0.15
CA VAL B 63 -6.92 9.59 -0.22
C VAL B 63 -5.87 8.85 -1.03
N ALA B 64 -5.23 7.89 -0.42
CA ALA B 64 -4.27 7.04 -1.11
C ALA B 64 -5.00 5.95 -1.86
N LEU B 65 -4.66 5.77 -3.13
CA LEU B 65 -5.39 4.86 -4.00
C LEU B 65 -4.48 3.81 -4.62
N ASP B 66 -5.11 2.81 -5.20
CA ASP B 66 -4.43 1.82 -6.01
C ASP B 66 -5.34 1.43 -7.17
N LEU B 67 -5.08 2.03 -8.31
CA LEU B 67 -5.85 1.75 -9.51
C LEU B 67 -4.93 1.39 -10.64
N ASN B 68 -5.30 0.43 -11.44
CA ASN B 68 -4.53 0.11 -12.62
C ASN B 68 -5.46 -0.08 -13.81
N PHE B 69 -5.23 0.70 -14.85
CA PHE B 69 -6.08 0.64 -16.03
C PHE B 69 -5.27 0.18 -17.24
N SER B 70 -5.91 -0.60 -18.11
CA SER B 70 -5.27 -1.11 -19.30
C SER B 70 -5.55 -0.19 -20.49
N LYS B 71 -4.79 -0.38 -21.57
CA LYS B 71 -4.98 0.42 -22.78
C LYS B 71 -6.23 -0.02 -23.51
N GLY B 72 -6.83 -1.11 -23.03
CA GLY B 72 -8.09 -1.57 -23.56
C GLY B 72 -9.26 -1.02 -22.78
N ASP B 73 -8.96 -0.35 -21.67
CA ASP B 73 -9.98 0.25 -20.84
C ASP B 73 -10.18 1.71 -21.23
N ARG B 74 -11.41 2.18 -21.16
CA ARG B 74 -11.69 3.59 -21.34
C ARG B 74 -12.69 4.02 -20.29
N ILE B 75 -12.35 5.07 -19.56
CA ILE B 75 -13.00 5.37 -18.31
C ILE B 75 -13.36 6.84 -18.19
N MET B 76 -14.28 7.16 -17.31
CA MET B 76 -14.57 8.55 -17.03
C MET B 76 -14.18 8.86 -15.60
N PHE B 77 -13.28 9.80 -15.44
CA PHE B 77 -12.89 10.22 -14.12
C PHE B 77 -13.54 11.55 -13.84
N TYR B 78 -14.21 11.66 -12.72
CA TYR B 78 -14.93 12.87 -12.41
C TYR B 78 -15.16 13.06 -10.93
N THR B 79 -15.08 14.30 -10.49
CA THR B 79 -15.21 14.61 -9.07
C THR B 79 -16.44 15.44 -8.82
N ALA B 80 -17.21 15.04 -7.81
CA ALA B 80 -18.41 15.78 -7.42
C ALA B 80 -18.16 16.54 -6.12
N GLY B 81 -19.00 17.53 -5.87
CA GLY B 81 -18.81 18.38 -4.71
C GLY B 81 -17.97 19.58 -5.07
N ASP B 82 -17.63 20.40 -4.10
CA ASP B 82 -16.79 21.54 -4.40
C ASP B 82 -15.42 21.35 -3.77
N ALA B 83 -14.48 20.98 -4.62
CA ALA B 83 -13.08 20.91 -4.28
C ALA B 83 -12.26 20.59 -5.52
N SER B 84 -11.00 20.96 -5.51
CA SER B 84 -10.13 20.65 -6.62
C SER B 84 -9.02 19.73 -6.16
N VAL B 85 -8.99 18.53 -6.73
CA VAL B 85 -8.05 17.52 -6.28
C VAL B 85 -6.98 17.23 -7.31
N SER B 86 -5.93 16.57 -6.87
CA SER B 86 -4.86 16.16 -7.74
C SER B 86 -4.58 14.68 -7.51
N LEU B 87 -4.70 13.88 -8.57
CA LEU B 87 -4.32 12.48 -8.51
C LEU B 87 -2.90 12.31 -8.96
N LEU B 88 -2.30 11.26 -8.48
CA LEU B 88 -0.93 10.95 -8.82
C LEU B 88 -0.83 9.47 -9.17
N GLY B 89 0.02 9.15 -10.12
CA GLY B 89 0.18 7.78 -10.54
C GLY B 89 1.39 7.59 -11.42
N TYR B 90 1.49 6.44 -12.07
CA TYR B 90 2.60 6.19 -12.99
C TYR B 90 2.16 5.31 -14.16
N LEU B 91 2.62 5.72 -15.34
CA LEU B 91 2.39 4.98 -16.58
C LEU B 91 3.33 3.79 -16.63
N HIS B 92 2.82 2.64 -17.05
CA HIS B 92 3.64 1.45 -17.17
C HIS B 92 4.58 1.56 -18.36
N ASP B 93 5.88 1.52 -18.08
CA ASP B 93 6.91 1.52 -19.11
C ASP B 93 7.21 0.09 -19.53
N ILE B 94 6.59 -0.84 -18.79
CA ILE B 94 6.80 -2.26 -18.98
C ILE B 94 8.21 -2.63 -18.53
N ASP B 95 8.32 -2.91 -17.25
CA ASP B 95 9.57 -3.29 -16.64
C ASP B 95 9.97 -4.69 -17.08
N SER B 96 11.03 -4.75 -17.88
CA SER B 96 11.49 -6.01 -18.43
C SER B 96 12.31 -6.77 -17.39
N GLY B 97 13.06 -6.03 -16.58
CA GLY B 97 13.87 -6.64 -15.56
C GLY B 97 15.09 -7.37 -16.11
N SER B 98 14.84 -8.45 -16.82
CA SER B 98 15.91 -9.27 -17.38
C SER B 98 15.92 -9.11 -18.90
N PHE C 1 21.74 -15.26 -4.63
CA PHE C 1 20.38 -14.66 -4.60
C PHE C 1 20.48 -13.15 -4.76
N GLN C 2 20.80 -12.70 -5.96
CA GLN C 2 20.91 -11.28 -6.26
C GLN C 2 20.23 -10.97 -7.59
N GLY C 3 19.96 -9.69 -7.83
CA GLY C 3 19.29 -9.29 -9.05
C GLY C 3 18.01 -8.55 -8.79
N ALA C 4 17.92 -7.92 -7.61
CA ALA C 4 16.74 -7.17 -7.21
C ALA C 4 17.05 -6.32 -5.97
N MET C 5 18.10 -5.52 -6.07
CA MET C 5 18.58 -4.77 -4.93
C MET C 5 18.33 -3.27 -5.11
N ALA C 6 17.06 -2.88 -5.12
CA ALA C 6 16.71 -1.48 -5.27
C ALA C 6 17.28 -0.64 -4.13
N MET C 7 17.92 0.47 -4.47
CA MET C 7 18.63 1.30 -3.50
C MET C 7 17.67 2.21 -2.76
N PHE C 8 18.03 2.54 -1.53
CA PHE C 8 17.24 3.42 -0.68
C PHE C 8 17.32 4.87 -1.16
N TRP C 9 16.22 5.61 -1.00
CA TRP C 9 16.14 6.99 -1.41
C TRP C 9 15.48 7.81 -0.29
N GLY C 10 15.89 9.06 -0.17
CA GLY C 10 15.30 9.93 0.83
C GLY C 10 15.36 11.38 0.41
N LEU C 11 14.45 12.19 0.94
CA LEU C 11 14.39 13.61 0.61
C LEU C 11 13.91 14.43 1.80
N ASN C 12 14.81 15.19 2.41
CA ASN C 12 14.44 16.07 3.51
C ASN C 12 14.07 17.45 2.99
N MET C 13 12.84 17.86 3.27
CA MET C 13 12.31 19.12 2.75
C MET C 13 12.37 20.21 3.80
N LYS C 14 12.71 21.40 3.34
CA LYS C 14 12.71 22.58 4.18
C LYS C 14 11.45 23.40 3.92
N PRO C 15 10.90 24.03 4.97
CA PRO C 15 9.66 24.81 4.87
C PRO C 15 9.73 25.90 3.79
N GLU C 16 8.86 25.75 2.78
CA GLU C 16 8.74 26.72 1.69
C GLU C 16 10.03 26.84 0.88
N ARG C 17 10.40 25.76 0.22
CA ARG C 17 11.52 25.77 -0.70
C ARG C 17 11.25 24.84 -1.87
N LYS C 18 11.61 25.26 -3.08
CA LYS C 18 11.32 24.49 -4.28
C LYS C 18 12.57 23.84 -4.86
N TYR C 19 12.53 22.53 -5.06
CA TYR C 19 13.62 21.83 -5.72
C TYR C 19 13.18 21.32 -7.08
N SER C 20 13.60 21.99 -8.14
CA SER C 20 13.34 21.51 -9.48
C SER C 20 14.46 20.57 -9.91
N GLN C 21 14.20 19.27 -9.83
CA GLN C 21 15.23 18.27 -10.00
C GLN C 21 15.00 17.44 -11.25
N THR C 22 16.11 17.07 -11.89
CA THR C 22 16.08 16.21 -13.06
C THR C 22 16.46 14.78 -12.66
N ILE C 23 15.79 13.81 -13.25
CA ILE C 23 15.94 12.42 -12.84
C ILE C 23 16.88 11.66 -13.74
N ILE C 24 17.95 11.14 -13.15
CA ILE C 24 18.90 10.31 -13.88
C ILE C 24 18.73 8.85 -13.48
N LYS C 25 17.94 8.62 -12.45
CA LYS C 25 17.68 7.28 -11.95
C LYS C 25 16.23 7.16 -11.53
N SER C 26 15.50 6.24 -12.17
CA SER C 26 14.07 6.07 -11.93
C SER C 26 13.82 5.54 -10.52
N PHE C 27 12.88 6.13 -9.82
CA PHE C 27 12.68 5.77 -8.42
C PHE C 27 11.23 5.88 -7.99
N HIS C 28 10.97 5.30 -6.82
CA HIS C 28 9.65 5.32 -6.20
C HIS C 28 9.72 6.02 -4.86
N ILE C 29 8.87 7.02 -4.67
CA ILE C 29 8.72 7.63 -3.36
C ILE C 29 7.58 6.92 -2.64
N SER C 30 7.77 6.63 -1.36
CA SER C 30 6.84 5.78 -0.66
C SER C 30 6.29 6.45 0.60
N GLY C 31 6.79 7.64 0.94
CA GLY C 31 6.24 8.33 2.09
C GLY C 31 6.85 9.69 2.33
N VAL C 32 6.13 10.51 3.09
CA VAL C 32 6.61 11.81 3.54
C VAL C 32 6.08 12.09 4.95
N ALA C 33 6.96 12.47 5.87
CA ALA C 33 6.54 12.69 7.25
C ALA C 33 7.32 13.83 7.90
N LEU C 34 6.75 14.42 8.95
CA LEU C 34 7.44 15.50 9.65
C LEU C 34 7.63 15.19 11.11
N ASP C 35 8.75 15.65 11.63
CA ASP C 35 9.05 15.56 13.04
C ASP C 35 8.93 16.96 13.64
N LYS C 36 9.69 17.88 13.08
CA LYS C 36 9.59 19.28 13.45
C LYS C 36 8.81 20.02 12.38
N GLY C 37 7.78 20.74 12.78
CA GLY C 37 7.03 21.51 11.84
C GLY C 37 5.56 21.57 12.17
N GLN C 38 4.87 22.56 11.63
CA GLN C 38 3.44 22.71 11.87
C GLN C 38 2.63 22.23 10.67
N GLU C 39 3.03 22.62 9.47
CA GLU C 39 2.33 22.22 8.25
C GLU C 39 3.28 22.14 7.07
N ALA C 40 3.29 21.02 6.39
CA ALA C 40 4.01 20.91 5.14
C ALA C 40 3.09 20.38 4.04
N LYS C 41 2.85 21.21 3.04
CA LYS C 41 2.09 20.78 1.88
C LYS C 41 3.05 20.36 0.80
N LEU C 42 3.07 19.06 0.51
CA LEU C 42 4.00 18.52 -0.45
C LEU C 42 3.44 18.68 -1.86
N TYR C 43 4.05 19.57 -2.61
CA TYR C 43 3.65 19.80 -3.98
C TYR C 43 4.70 19.26 -4.93
N LEU C 44 4.23 18.73 -6.02
CA LEU C 44 5.10 18.27 -7.08
C LEU C 44 4.64 18.88 -8.40
N ALA C 45 5.50 19.68 -8.99
CA ALA C 45 5.20 20.27 -10.27
C ALA C 45 5.96 19.55 -11.36
N ALA C 46 5.22 18.81 -12.17
CA ALA C 46 5.80 18.03 -13.24
C ALA C 46 4.93 18.13 -14.48
N GLU C 47 5.54 18.11 -15.65
CA GLU C 47 4.82 18.24 -16.91
C GLU C 47 4.03 19.55 -16.93
N LYS C 48 4.61 20.56 -16.28
CA LYS C 48 4.02 21.90 -16.20
C LYS C 48 2.67 21.88 -15.46
N GLN C 49 2.57 21.07 -14.42
CA GLN C 49 1.34 21.01 -13.63
C GLN C 49 1.68 20.87 -12.16
N GLU C 50 0.94 21.58 -11.32
CA GLU C 50 1.15 21.54 -9.87
C GLU C 50 0.29 20.45 -9.25
N TYR C 51 0.93 19.40 -8.78
CA TYR C 51 0.22 18.31 -8.12
C TYR C 51 0.39 18.41 -6.62
N ILE C 52 -0.72 18.32 -5.90
CA ILE C 52 -0.66 18.25 -4.45
C ILE C 52 -0.45 16.80 -4.03
N VAL C 53 0.79 16.49 -3.68
CA VAL C 53 1.22 15.12 -3.43
C VAL C 53 0.72 14.65 -2.08
N ALA C 54 0.95 15.46 -1.05
CA ALA C 54 0.59 15.08 0.30
C ALA C 54 0.35 16.30 1.17
N THR C 55 -0.57 16.19 2.10
CA THR C 55 -0.74 17.20 3.11
C THR C 55 -0.32 16.61 4.45
N VAL C 56 0.89 16.95 4.87
CA VAL C 56 1.43 16.39 6.10
C VAL C 56 1.64 17.50 7.12
N THR C 57 0.89 17.44 8.20
CA THR C 57 0.89 18.50 9.18
C THR C 57 1.26 17.97 10.56
N LYS C 58 1.26 18.84 11.55
CA LYS C 58 1.38 18.40 12.95
C LYS C 58 0.22 17.49 13.32
N ALA C 59 -0.93 17.73 12.70
CA ALA C 59 -2.12 16.92 12.92
C ALA C 59 -1.99 15.58 12.21
N ILE C 60 -1.45 15.62 11.01
CA ILE C 60 -1.16 14.41 10.24
C ILE C 60 0.34 14.31 10.05
N PRO C 61 1.06 13.79 11.07
CA PRO C 61 2.53 13.87 11.14
C PRO C 61 3.24 13.01 10.10
N GLN C 62 2.48 12.29 9.29
CA GLN C 62 3.06 11.38 8.32
C GLN C 62 2.05 11.01 7.24
N VAL C 63 2.48 11.13 6.00
CA VAL C 63 1.68 10.70 4.86
C VAL C 63 2.41 9.60 4.09
N ALA C 64 1.77 8.45 3.97
CA ALA C 64 2.31 7.36 3.17
C ALA C 64 1.98 7.59 1.70
N LEU C 65 2.97 7.47 0.84
CA LEU C 65 2.82 7.79 -0.56
C LEU C 65 3.17 6.64 -1.47
N ASP C 66 2.79 6.78 -2.73
CA ASP C 66 3.22 5.87 -3.78
C ASP C 66 3.45 6.68 -5.05
N LEU C 67 4.70 6.99 -5.31
CA LEU C 67 5.08 7.75 -6.49
C LEU C 67 6.16 7.02 -7.24
N ASN C 68 6.10 7.01 -8.54
CA ASN C 68 7.16 6.44 -9.33
C ASN C 68 7.50 7.36 -10.49
N PHE C 69 8.74 7.78 -10.56
CA PHE C 69 9.19 8.70 -11.60
C PHE C 69 10.22 8.03 -12.49
N SER C 70 10.18 8.35 -13.78
CA SER C 70 11.10 7.79 -14.75
C SER C 70 12.28 8.72 -14.95
N LYS C 71 13.34 8.22 -15.59
CA LYS C 71 14.52 9.01 -15.85
C LYS C 71 14.25 9.99 -16.99
N GLY C 72 13.09 9.86 -17.60
CA GLY C 72 12.65 10.80 -18.60
C GLY C 72 11.81 11.91 -18.02
N ASP C 73 11.47 11.76 -16.74
CA ASP C 73 10.69 12.76 -16.03
C ASP C 73 11.60 13.72 -15.31
N ARG C 74 11.21 14.99 -15.26
CA ARG C 74 11.91 15.96 -14.45
C ARG C 74 10.88 16.81 -13.71
N ILE C 75 11.04 16.90 -12.41
CA ILE C 75 9.96 17.35 -11.55
C ILE C 75 10.45 18.36 -10.52
N MET C 76 9.53 19.12 -9.97
CA MET C 76 9.87 20.00 -8.86
C MET C 76 9.17 19.54 -7.62
N PHE C 77 9.94 19.20 -6.61
CA PHE C 77 9.37 18.83 -5.34
C PHE C 77 9.52 19.98 -4.38
N TYR C 78 8.44 20.38 -3.76
CA TYR C 78 8.49 21.53 -2.88
C TYR C 78 7.38 21.52 -1.85
N THR C 79 7.71 21.98 -0.65
CA THR C 79 6.78 21.97 0.45
C THR C 79 6.42 23.36 0.89
N ALA C 80 5.13 23.61 1.05
CA ALA C 80 4.65 24.91 1.52
C ALA C 80 4.19 24.82 2.96
N GLY C 81 4.11 25.98 3.62
CA GLY C 81 3.78 26.01 5.02
C GLY C 81 5.03 25.96 5.86
N ASP C 82 4.89 25.90 7.18
CA ASP C 82 6.07 25.82 8.01
C ASP C 82 6.15 24.44 8.64
N ALA C 83 7.03 23.63 8.08
CA ALA C 83 7.40 22.34 8.62
C ALA C 83 8.52 21.75 7.79
N SER C 84 9.30 20.87 8.40
CA SER C 84 10.37 20.20 7.69
C SER C 84 10.08 18.71 7.63
N VAL C 85 9.92 18.20 6.42
CA VAL C 85 9.53 16.81 6.25
C VAL C 85 10.64 15.97 5.65
N SER C 86 10.48 14.68 5.74
CA SER C 86 11.40 13.74 5.17
C SER C 86 10.65 12.71 4.34
N LEU C 87 10.96 12.64 3.05
CA LEU C 87 10.40 11.62 2.20
C LEU C 87 11.31 10.42 2.15
N LEU C 88 10.72 9.28 1.89
CA LEU C 88 11.45 8.04 1.79
C LEU C 88 11.02 7.30 0.55
N GLY C 89 11.95 6.61 -0.07
CA GLY C 89 11.66 5.88 -1.28
C GLY C 89 12.77 4.93 -1.66
N TYR C 90 12.72 4.40 -2.88
CA TYR C 90 13.77 3.53 -3.38
C TYR C 90 13.99 3.70 -4.87
N LEU C 91 15.27 3.74 -5.24
CA LEU C 91 15.70 3.82 -6.62
C LEU C 91 15.59 2.44 -7.25
N HIS C 92 15.08 2.39 -8.48
CA HIS C 92 14.96 1.13 -9.19
C HIS C 92 16.33 0.63 -9.64
N ASP C 93 16.71 -0.53 -9.14
CA ASP C 93 17.95 -1.19 -9.53
C ASP C 93 17.69 -2.08 -10.74
N ILE C 94 16.41 -2.17 -11.08
CA ILE C 94 15.93 -3.02 -12.17
C ILE C 94 16.07 -4.48 -11.77
N ASP C 95 15.05 -4.97 -11.09
CA ASP C 95 15.00 -6.35 -10.63
C ASP C 95 14.82 -7.28 -11.81
N SER C 96 15.86 -8.05 -12.10
CA SER C 96 15.85 -8.96 -13.22
C SER C 96 15.10 -10.24 -12.88
N GLY C 97 15.23 -10.67 -11.62
CA GLY C 97 14.55 -11.86 -11.17
C GLY C 97 15.16 -13.13 -11.73
N SER C 98 15.03 -13.32 -13.03
CA SER C 98 15.53 -14.51 -13.69
C SER C 98 16.73 -14.15 -14.56
N PHE D 1 6.07 -24.98 -8.22
CA PHE D 1 5.71 -23.55 -8.13
C PHE D 1 6.62 -22.84 -7.13
N GLN D 2 7.87 -22.64 -7.51
CA GLN D 2 8.85 -21.96 -6.66
C GLN D 2 9.65 -20.97 -7.49
N GLY D 3 10.32 -20.05 -6.81
CA GLY D 3 11.10 -19.04 -7.49
C GLY D 3 10.66 -17.63 -7.12
N ALA D 4 10.08 -17.49 -5.93
CA ALA D 4 9.60 -16.21 -5.44
C ALA D 4 9.27 -16.31 -3.95
N MET D 5 10.23 -16.78 -3.17
CA MET D 5 9.99 -17.04 -1.76
C MET D 5 10.76 -16.05 -0.88
N ALA D 6 10.35 -14.79 -0.94
CA ALA D 6 10.98 -13.74 -0.13
C ALA D 6 10.84 -14.05 1.36
N MET D 7 11.94 -13.97 2.09
CA MET D 7 11.97 -14.36 3.50
C MET D 7 11.43 -13.25 4.39
N PHE D 8 10.86 -13.64 5.52
CA PHE D 8 10.31 -12.72 6.48
C PHE D 8 11.42 -11.97 7.23
N TRP D 9 11.14 -10.71 7.57
CA TRP D 9 12.09 -9.86 8.28
C TRP D 9 11.37 -9.13 9.40
N GLY D 10 12.09 -8.86 10.49
CA GLY D 10 11.52 -8.15 11.60
C GLY D 10 12.57 -7.38 12.38
N LEU D 11 12.15 -6.33 13.07
CA LEU D 11 13.07 -5.51 13.84
C LEU D 11 12.38 -4.94 15.09
N ASN D 12 12.73 -5.45 16.26
CA ASN D 12 12.20 -4.94 17.51
C ASN D 12 13.08 -3.83 18.05
N MET D 13 12.51 -2.64 18.20
CA MET D 13 13.24 -1.46 18.61
C MET D 13 13.05 -1.18 20.09
N LYS D 14 14.13 -0.79 20.74
CA LYS D 14 14.10 -0.38 22.13
C LYS D 14 14.11 1.15 22.21
N PRO D 15 13.40 1.71 23.20
CA PRO D 15 13.27 3.16 23.36
C PRO D 15 14.62 3.88 23.45
N GLU D 16 14.88 4.74 22.46
CA GLU D 16 16.09 5.56 22.41
C GLU D 16 17.35 4.69 22.32
N ARG D 17 17.47 3.99 21.20
CA ARG D 17 18.69 3.22 20.90
C ARG D 17 18.94 3.24 19.40
N LYS D 18 20.21 3.40 19.01
CA LYS D 18 20.56 3.51 17.61
C LYS D 18 21.26 2.25 17.10
N TYR D 19 20.74 1.67 16.01
CA TYR D 19 21.39 0.54 15.38
C TYR D 19 21.92 0.94 14.01
N SER D 20 23.22 1.13 13.90
CA SER D 20 23.84 1.40 12.62
C SER D 20 24.22 0.08 11.96
N GLN D 21 23.39 -0.36 11.03
CA GLN D 21 23.50 -1.70 10.47
C GLN D 21 23.90 -1.67 9.00
N THR D 22 24.70 -2.65 8.61
CA THR D 22 25.12 -2.80 7.23
C THR D 22 24.31 -3.91 6.57
N ILE D 23 23.93 -3.71 5.31
CA ILE D 23 23.01 -4.61 4.64
C ILE D 23 23.75 -5.60 3.75
N ILE D 24 23.57 -6.88 4.04
CA ILE D 24 24.13 -7.95 3.22
C ILE D 24 23.04 -8.61 2.40
N LYS D 25 21.80 -8.27 2.70
CA LYS D 25 20.64 -8.83 2.01
C LYS D 25 19.58 -7.75 1.81
N SER D 26 19.27 -7.45 0.56
CA SER D 26 18.33 -6.39 0.22
C SER D 26 16.93 -6.74 0.68
N PHE D 27 16.25 -5.79 1.33
CA PHE D 27 14.97 -6.09 1.93
C PHE D 27 14.01 -4.91 1.92
N HIS D 28 12.76 -5.23 2.19
CA HIS D 28 11.69 -4.24 2.27
C HIS D 28 11.09 -4.22 3.66
N ILE D 29 11.05 -3.06 4.27
CA ILE D 29 10.32 -2.88 5.52
C ILE D 29 8.91 -2.43 5.20
N SER D 30 7.93 -3.01 5.86
CA SER D 30 6.55 -2.79 5.48
C SER D 30 5.71 -2.25 6.63
N GLY D 31 6.27 -2.15 7.83
CA GLY D 31 5.52 -1.58 8.93
C GLY D 31 6.31 -1.47 10.21
N VAL D 32 5.82 -0.62 11.10
CA VAL D 32 6.36 -0.47 12.45
C VAL D 32 5.23 -0.17 13.43
N ALA D 33 5.15 -0.91 14.52
CA ALA D 33 4.06 -0.74 15.48
C ALA D 33 4.52 -0.96 16.91
N LEU D 34 3.78 -0.41 17.87
CA LEU D 34 4.13 -0.60 19.28
C LEU D 34 2.99 -1.23 20.05
N ASP D 35 3.38 -2.04 21.01
CA ASP D 35 2.44 -2.62 21.95
C ASP D 35 2.64 -1.96 23.30
N LYS D 36 3.86 -2.01 23.79
CA LYS D 36 4.24 -1.32 25.00
C LYS D 36 5.02 -0.07 24.63
N GLY D 37 4.60 1.07 25.14
CA GLY D 37 5.31 2.28 24.87
C GLY D 37 4.40 3.49 24.74
N GLN D 38 4.97 4.67 24.93
CA GLN D 38 4.18 5.90 24.81
C GLN D 38 4.44 6.60 23.48
N GLU D 39 5.70 6.70 23.09
CA GLU D 39 6.05 7.34 21.82
C GLU D 39 7.33 6.76 21.25
N ALA D 40 7.27 6.33 19.99
CA ALA D 40 8.47 5.93 19.28
C ALA D 40 8.58 6.66 17.96
N LYS D 41 9.60 7.49 17.84
CA LYS D 41 9.88 8.15 16.58
C LYS D 41 10.91 7.35 15.82
N LEU D 42 10.49 6.76 14.71
CA LEU D 42 11.36 5.90 13.94
C LEU D 42 12.20 6.74 13.00
N TYR D 43 13.48 6.83 13.30
CA TYR D 43 14.40 7.57 12.46
C TYR D 43 15.31 6.60 11.73
N LEU D 44 15.65 6.97 10.53
CA LEU D 44 16.59 6.24 9.74
C LEU D 44 17.64 7.18 9.19
N ALA D 45 18.87 6.99 9.59
CA ALA D 45 19.95 7.80 9.10
C ALA D 45 20.75 7.02 8.07
N ALA D 46 20.64 7.46 6.83
CA ALA D 46 21.30 6.80 5.72
C ALA D 46 21.83 7.84 4.76
N GLU D 47 22.97 7.56 4.15
CA GLU D 47 23.61 8.49 3.23
C GLU D 47 23.91 9.81 3.94
N LYS D 48 24.20 9.69 5.24
CA LYS D 48 24.52 10.84 6.10
C LYS D 48 23.35 11.81 6.21
N GLN D 49 22.13 11.27 6.28
CA GLN D 49 20.95 12.12 6.43
C GLN D 49 19.96 11.45 7.39
N GLU D 50 19.35 12.26 8.24
CA GLU D 50 18.38 11.76 9.21
C GLU D 50 16.98 11.81 8.62
N TYR D 51 16.42 10.65 8.34
CA TYR D 51 15.07 10.57 7.81
C TYR D 51 14.10 10.17 8.90
N ILE D 52 13.01 10.91 9.02
CA ILE D 52 11.94 10.53 9.93
C ILE D 52 11.02 9.53 9.22
N VAL D 53 11.20 8.27 9.56
CA VAL D 53 10.54 7.18 8.86
C VAL D 53 9.08 7.07 9.28
N ALA D 54 8.85 7.07 10.58
CA ALA D 54 7.49 6.91 11.10
C ALA D 54 7.36 7.53 12.47
N THR D 55 6.18 8.07 12.75
CA THR D 55 5.86 8.49 14.10
C THR D 55 4.81 7.56 14.66
N VAL D 56 5.22 6.63 15.49
CA VAL D 56 4.31 5.65 16.03
C VAL D 56 4.23 5.82 17.54
N THR D 57 3.05 6.19 18.00
CA THR D 57 2.85 6.51 19.40
C THR D 57 1.75 5.65 20.02
N LYS D 58 1.46 5.88 21.29
CA LYS D 58 0.30 5.26 21.91
C LYS D 58 -0.98 5.72 21.21
N ALA D 59 -0.94 6.93 20.66
CA ALA D 59 -2.08 7.49 19.93
C ALA D 59 -2.17 6.86 18.54
N ILE D 60 -1.01 6.67 17.92
CA ILE D 60 -0.91 5.99 16.64
C ILE D 60 -0.11 4.71 16.84
N PRO D 61 -0.77 3.63 17.33
CA PRO D 61 -0.09 2.42 17.80
C PRO D 61 0.57 1.61 16.69
N GLN D 62 0.46 2.06 15.46
CA GLN D 62 0.98 1.32 14.33
C GLN D 62 1.11 2.20 13.10
N VAL D 63 2.28 2.16 12.48
CA VAL D 63 2.52 2.86 11.23
C VAL D 63 2.89 1.86 10.14
N ALA D 64 2.10 1.85 9.08
CA ALA D 64 2.40 1.02 7.92
C ALA D 64 3.43 1.72 7.03
N LEU D 65 4.46 0.99 6.65
CA LEU D 65 5.58 1.58 5.92
C LEU D 65 5.84 0.90 4.59
N ASP D 66 6.65 1.55 3.78
CA ASP D 66 7.17 0.96 2.57
C ASP D 66 8.60 1.42 2.37
N LEU D 67 9.53 0.58 2.75
CA LEU D 67 10.94 0.89 2.62
C LEU D 67 11.63 -0.24 1.90
N ASN D 68 12.56 0.09 1.02
CA ASN D 68 13.35 -0.93 0.38
C ASN D 68 14.81 -0.52 0.36
N PHE D 69 15.66 -1.34 0.94
CA PHE D 69 17.08 -1.05 1.04
C PHE D 69 17.89 -2.06 0.24
N SER D 70 18.96 -1.59 -0.38
CA SER D 70 19.84 -2.44 -1.17
C SER D 70 21.00 -2.93 -0.33
N LYS D 71 21.71 -3.94 -0.83
CA LYS D 71 22.85 -4.50 -0.13
C LYS D 71 24.04 -3.54 -0.23
N GLY D 72 23.87 -2.50 -1.04
CA GLY D 72 24.86 -1.46 -1.14
C GLY D 72 24.58 -0.33 -0.18
N ASP D 73 23.42 -0.37 0.46
CA ASP D 73 23.03 0.64 1.42
C ASP D 73 23.42 0.20 2.82
N ARG D 74 23.82 1.15 3.65
CA ARG D 74 24.04 0.88 5.06
C ARG D 74 23.43 2.01 5.87
N ILE D 75 22.61 1.65 6.83
CA ILE D 75 21.69 2.61 7.42
C ILE D 75 21.67 2.48 8.94
N MET D 76 21.21 3.53 9.61
CA MET D 76 21.01 3.44 11.05
C MET D 76 19.53 3.55 11.34
N PHE D 77 19.00 2.52 11.97
CA PHE D 77 17.62 2.56 12.38
C PHE D 77 17.56 2.80 13.86
N TYR D 78 16.80 3.78 14.27
CA TYR D 78 16.75 4.13 15.67
C TYR D 78 15.46 4.84 16.04
N THR D 79 14.97 4.54 17.24
CA THR D 79 13.72 5.09 17.70
C THR D 79 13.92 6.00 18.90
N ALA D 80 13.33 7.17 18.85
CA ALA D 80 13.39 8.13 19.94
C ALA D 80 12.08 8.18 20.71
N GLY D 81 12.14 8.68 21.94
CA GLY D 81 10.97 8.68 22.79
C GLY D 81 10.92 7.43 23.63
N ASP D 82 9.87 7.24 24.40
CA ASP D 82 9.77 6.04 25.19
C ASP D 82 8.68 5.16 24.65
N ALA D 83 9.10 4.13 23.93
CA ALA D 83 8.24 3.06 23.47
C ALA D 83 9.08 1.99 22.79
N SER D 84 8.56 0.78 22.77
CA SER D 84 9.26 -0.31 22.11
C SER D 84 8.43 -0.81 20.93
N VAL D 85 8.98 -0.67 19.73
CA VAL D 85 8.24 -0.99 18.52
C VAL D 85 8.79 -2.22 17.82
N SER D 86 8.00 -2.75 16.93
CA SER D 86 8.40 -3.88 16.13
C SER D 86 8.14 -3.58 14.65
N LEU D 87 9.19 -3.62 13.85
CA LEU D 87 9.04 -3.48 12.42
C LEU D 87 8.91 -4.83 11.78
N LEU D 88 8.27 -4.84 10.64
CA LEU D 88 8.06 -6.05 9.89
C LEU D 88 8.39 -5.80 8.43
N GLY D 89 8.95 -6.81 7.78
CA GLY D 89 9.33 -6.66 6.38
C GLY D 89 9.66 -8.00 5.75
N TYR D 90 10.27 -7.97 4.58
CA TYR D 90 10.69 -9.19 3.90
C TYR D 90 11.97 -8.98 3.11
N LEU D 91 12.87 -9.95 3.24
CA LEU D 91 14.11 -9.99 2.50
C LEU D 91 13.85 -10.45 1.07
N HIS D 92 14.48 -9.80 0.11
CA HIS D 92 14.31 -10.18 -1.28
C HIS D 92 15.03 -11.49 -1.58
N ASP D 93 14.27 -12.48 -1.98
CA ASP D 93 14.82 -13.78 -2.39
C ASP D 93 15.14 -13.74 -3.88
N ILE D 94 14.74 -12.64 -4.50
CA ILE D 94 14.88 -12.43 -5.93
C ILE D 94 13.94 -13.36 -6.68
N ASP D 95 12.71 -12.89 -6.85
CA ASP D 95 11.67 -13.63 -7.54
C ASP D 95 11.99 -13.70 -9.03
N SER D 96 12.31 -14.89 -9.49
CA SER D 96 12.68 -15.11 -10.87
C SER D 96 11.43 -15.17 -11.75
N GLY D 97 10.37 -15.76 -11.21
CA GLY D 97 9.13 -15.88 -11.94
C GLY D 97 9.20 -16.92 -13.04
N SER D 98 9.99 -16.62 -14.06
CA SER D 98 10.12 -17.51 -15.21
C SER D 98 11.51 -18.16 -15.20
N PHE E 1 -3.53 -15.82 -21.57
CA PHE E 1 -3.06 -14.83 -20.57
C PHE E 1 -3.02 -15.44 -19.18
N GLN E 2 -2.05 -16.33 -18.97
CA GLN E 2 -1.88 -16.99 -17.67
C GLN E 2 -0.40 -17.01 -17.29
N GLY E 3 -0.14 -17.26 -16.02
CA GLY E 3 1.23 -17.28 -15.53
C GLY E 3 1.46 -16.29 -14.41
N ALA E 4 0.39 -15.96 -13.70
CA ALA E 4 0.44 -15.03 -12.58
C ALA E 4 -0.85 -15.09 -11.77
N MET E 5 -1.21 -16.30 -11.34
CA MET E 5 -2.48 -16.51 -10.67
C MET E 5 -2.28 -16.84 -9.20
N ALA E 6 -1.79 -15.87 -8.44
CA ALA E 6 -1.57 -16.05 -7.00
C ALA E 6 -2.88 -16.39 -6.29
N MET E 7 -2.86 -17.42 -5.47
CA MET E 7 -4.07 -17.92 -4.82
C MET E 7 -4.42 -17.09 -3.59
N PHE E 8 -5.70 -17.05 -3.29
CA PHE E 8 -6.20 -16.31 -2.14
C PHE E 8 -5.86 -17.03 -0.83
N TRP E 9 -5.61 -16.24 0.21
CA TRP E 9 -5.26 -16.76 1.52
C TRP E 9 -6.07 -16.03 2.60
N GLY E 10 -6.39 -16.72 3.67
CA GLY E 10 -7.12 -16.11 4.76
C GLY E 10 -6.82 -16.77 6.09
N LEU E 11 -6.99 -16.04 7.17
CA LEU E 11 -6.72 -16.56 8.50
C LEU E 11 -7.66 -15.95 9.54
N ASN E 12 -8.61 -16.73 10.03
CA ASN E 12 -9.53 -16.28 11.07
C ASN E 12 -8.95 -16.59 12.46
N MET E 13 -8.75 -15.55 13.24
CA MET E 13 -8.12 -15.68 14.54
C MET E 13 -9.15 -15.67 15.65
N LYS E 14 -8.92 -16.52 16.63
CA LYS E 14 -9.74 -16.57 17.83
C LYS E 14 -9.04 -15.84 18.97
N PRO E 15 -9.82 -15.16 19.83
CA PRO E 15 -9.27 -14.37 20.95
C PRO E 15 -8.35 -15.18 21.86
N GLU E 16 -7.08 -14.77 21.90
CA GLU E 16 -6.08 -15.39 22.77
C GLU E 16 -5.83 -16.85 22.42
N ARG E 17 -5.32 -17.08 21.21
CA ARG E 17 -4.91 -18.41 20.80
C ARG E 17 -3.69 -18.33 19.89
N LYS E 18 -2.74 -19.23 20.09
CA LYS E 18 -1.49 -19.21 19.34
C LYS E 18 -1.42 -20.31 18.30
N TYR E 19 -1.16 -19.94 17.04
CA TYR E 19 -0.95 -20.92 15.99
C TYR E 19 0.50 -20.89 15.52
N SER E 20 1.27 -21.87 15.93
CA SER E 20 2.63 -22.00 15.45
C SER E 20 2.64 -22.85 14.17
N GLN E 21 2.71 -22.17 13.04
CA GLN E 21 2.51 -22.81 11.75
C GLN E 21 3.79 -22.85 10.92
N THR E 22 3.97 -23.93 10.17
CA THR E 22 5.09 -24.07 9.27
C THR E 22 4.64 -23.80 7.83
N ILE E 23 5.47 -23.13 7.07
CA ILE E 23 5.09 -22.67 5.75
C ILE E 23 5.59 -23.60 4.65
N ILE E 24 4.66 -24.14 3.89
CA ILE E 24 5.00 -24.98 2.74
C ILE E 24 4.75 -24.22 1.45
N LYS E 25 4.12 -23.06 1.56
CA LYS E 25 3.82 -22.22 0.41
C LYS E 25 4.01 -20.75 0.78
N SER E 26 4.92 -20.09 0.08
CA SER E 26 5.26 -18.70 0.38
C SER E 26 4.09 -17.78 0.06
N PHE E 27 3.78 -16.87 0.99
CA PHE E 27 2.58 -16.06 0.83
C PHE E 27 2.74 -14.66 1.40
N HIS E 28 1.80 -13.81 1.04
CA HIS E 28 1.75 -12.44 1.52
C HIS E 28 0.45 -12.21 2.28
N ILE E 29 0.56 -11.71 3.50
CA ILE E 29 -0.61 -11.26 4.24
C ILE E 29 -0.79 -9.78 3.99
N SER E 30 -2.03 -9.36 3.75
CA SER E 30 -2.29 -8.02 3.29
C SER E 30 -3.25 -7.26 4.21
N GLY E 31 -3.81 -7.94 5.20
CA GLY E 31 -4.68 -7.25 6.14
C GLY E 31 -5.20 -8.12 7.26
N VAL E 32 -5.65 -7.46 8.31
CA VAL E 32 -6.31 -8.13 9.44
C VAL E 32 -7.41 -7.20 9.99
N ALA E 33 -8.62 -7.74 10.16
CA ALA E 33 -9.74 -6.91 10.61
C ALA E 33 -10.68 -7.70 11.51
N LEU E 34 -11.45 -7.00 12.34
CA LEU E 34 -12.41 -7.66 13.21
C LEU E 34 -13.82 -7.18 12.97
N ASP E 35 -14.75 -8.10 13.12
CA ASP E 35 -16.16 -7.79 13.07
C ASP E 35 -16.72 -7.91 14.47
N LYS E 36 -16.54 -9.06 15.07
CA LYS E 36 -16.90 -9.27 16.45
C LYS E 36 -15.65 -9.25 17.31
N GLY E 37 -15.65 -8.43 18.34
CA GLY E 37 -14.52 -8.37 19.22
C GLY E 37 -14.25 -6.99 19.76
N GLN E 38 -13.53 -6.91 20.86
CA GLN E 38 -13.19 -5.62 21.46
C GLN E 38 -11.76 -5.23 21.16
N GLU E 39 -10.83 -6.16 21.30
CA GLU E 39 -9.42 -5.89 21.03
C GLU E 39 -8.71 -7.14 20.57
N ALA E 40 -8.03 -7.05 19.43
CA ALA E 40 -7.15 -8.13 19.00
C ALA E 40 -5.76 -7.58 18.69
N LYS E 41 -4.79 -8.02 19.46
CA LYS E 41 -3.40 -7.66 19.18
C LYS E 41 -2.77 -8.77 18.39
N LEU E 42 -2.44 -8.49 17.14
CA LEU E 42 -1.90 -9.49 16.25
C LEU E 42 -0.40 -9.60 16.46
N TYR E 43 0.02 -10.70 17.06
CA TYR E 43 1.43 -10.95 17.27
C TYR E 43 1.90 -12.05 16.35
N LEU E 44 3.12 -11.91 15.90
CA LEU E 44 3.78 -12.91 15.12
C LEU E 44 5.14 -13.21 15.72
N ALA E 45 5.31 -14.43 16.16
CA ALA E 45 6.58 -14.84 16.70
C ALA E 45 7.32 -15.70 15.70
N ALA E 46 8.39 -15.14 15.15
CA ALA E 46 9.18 -15.80 14.13
C ALA E 46 10.66 -15.54 14.39
N GLU E 47 11.48 -16.52 14.09
CA GLU E 47 12.92 -16.42 14.32
C GLU E 47 13.19 -16.16 15.80
N LYS E 48 12.32 -16.72 16.64
CA LYS E 48 12.42 -16.60 18.10
C LYS E 48 12.28 -15.15 18.56
N GLN E 49 11.39 -14.40 17.91
CA GLN E 49 11.16 -13.02 18.29
C GLN E 49 9.66 -12.69 18.19
N GLU E 50 9.15 -11.95 19.16
CA GLU E 50 7.74 -11.57 19.18
C GLU E 50 7.54 -10.25 18.47
N TYR E 51 6.91 -10.29 17.31
CA TYR E 51 6.63 -9.09 16.56
C TYR E 51 5.18 -8.68 16.73
N ILE E 52 4.95 -7.42 17.05
CA ILE E 52 3.60 -6.90 17.09
C ILE E 52 3.19 -6.46 15.69
N VAL E 53 2.40 -7.30 15.05
CA VAL E 53 2.06 -7.14 13.64
C VAL E 53 1.03 -6.05 13.45
N ALA E 54 -0.04 -6.12 14.24
CA ALA E 54 -1.12 -5.16 14.11
C ALA E 54 -1.88 -5.01 15.41
N THR E 55 -2.36 -3.81 15.67
CA THR E 55 -3.28 -3.60 16.77
C THR E 55 -4.65 -3.27 16.20
N VAL E 56 -5.52 -4.26 16.18
CA VAL E 56 -6.84 -4.09 15.59
C VAL E 56 -7.91 -4.24 16.68
N THR E 57 -8.61 -3.15 16.94
CA THR E 57 -9.56 -3.10 18.02
C THR E 57 -10.95 -2.73 17.52
N LYS E 58 -11.90 -2.63 18.44
CA LYS E 58 -13.21 -2.07 18.10
C LYS E 58 -13.06 -0.61 17.64
N ALA E 59 -12.04 0.06 18.16
CA ALA E 59 -11.76 1.44 17.78
C ALA E 59 -11.09 1.48 16.41
N ILE E 60 -10.19 0.54 16.17
CA ILE E 60 -9.55 0.37 14.87
C ILE E 60 -9.96 -0.98 14.29
N PRO E 61 -11.16 -1.05 13.68
CA PRO E 61 -11.80 -2.32 13.30
C PRO E 61 -11.09 -3.06 12.18
N GLN E 62 -10.01 -2.49 11.66
CA GLN E 62 -9.31 -3.07 10.53
C GLN E 62 -7.90 -2.49 10.39
N VAL E 63 -6.93 -3.37 10.27
CA VAL E 63 -5.56 -2.98 10.01
C VAL E 63 -5.08 -3.56 8.69
N ALA E 64 -4.68 -2.69 7.79
CA ALA E 64 -4.10 -3.12 6.52
C ALA E 64 -2.63 -3.46 6.71
N LEU E 65 -2.23 -4.62 6.21
CA LEU E 65 -0.89 -5.13 6.45
C LEU E 65 -0.14 -5.41 5.16
N ASP E 66 1.16 -5.62 5.31
CA ASP E 66 2.00 -6.10 4.23
C ASP E 66 3.04 -7.04 4.81
N LEU E 67 2.78 -8.32 4.69
CA LEU E 67 3.69 -9.33 5.20
C LEU E 67 3.98 -10.34 4.11
N ASN E 68 5.21 -10.77 4.01
CA ASN E 68 5.55 -11.82 3.07
C ASN E 68 6.44 -12.85 3.74
N PHE E 69 6.00 -14.10 3.75
CA PHE E 69 6.74 -15.16 4.39
C PHE E 69 7.19 -16.19 3.36
N SER E 70 8.38 -16.74 3.57
CA SER E 70 8.94 -17.74 2.68
C SER E 70 8.62 -19.13 3.18
N LYS E 71 8.82 -20.13 2.32
CA LYS E 71 8.57 -21.52 2.69
C LYS E 71 9.68 -22.03 3.61
N GLY E 72 10.70 -21.20 3.77
CA GLY E 72 11.75 -21.51 4.72
C GLY E 72 11.49 -20.90 6.07
N ASP E 73 10.45 -20.07 6.15
CA ASP E 73 10.07 -19.44 7.40
C ASP E 73 9.00 -20.27 8.10
N ARG E 74 9.05 -20.30 9.42
CA ARG E 74 8.00 -20.91 10.20
C ARG E 74 7.69 -20.00 11.38
N ILE E 75 6.42 -19.67 11.53
CA ILE E 75 6.04 -18.55 12.36
C ILE E 75 4.86 -18.90 13.26
N MET E 76 4.67 -18.13 14.32
CA MET E 76 3.49 -18.28 15.13
C MET E 76 2.63 -17.04 15.02
N PHE E 77 1.42 -17.22 14.55
CA PHE E 77 0.48 -16.12 14.49
C PHE E 77 -0.51 -16.25 15.61
N TYR E 78 -0.67 -15.20 16.38
CA TYR E 78 -1.55 -15.28 17.52
C TYR E 78 -2.07 -13.91 17.94
N THR E 79 -3.32 -13.89 18.37
CA THR E 79 -3.96 -12.65 18.74
C THR E 79 -4.29 -12.62 20.22
N ALA E 80 -3.95 -11.52 20.87
CA ALA E 80 -4.24 -11.33 22.28
C ALA E 80 -5.40 -10.35 22.47
N GLY E 81 -6.01 -10.40 23.64
CA GLY E 81 -7.18 -9.58 23.89
C GLY E 81 -8.44 -10.33 23.54
N ASP E 82 -9.58 -9.69 23.63
CA ASP E 82 -10.80 -10.36 23.26
C ASP E 82 -11.36 -9.76 21.99
N ALA E 83 -11.15 -10.48 20.91
CA ALA E 83 -11.74 -10.19 19.62
C ALA E 83 -11.39 -11.29 18.64
N SER E 84 -12.21 -11.46 17.62
CA SER E 84 -11.95 -12.45 16.59
C SER E 84 -11.71 -11.75 15.26
N VAL E 85 -10.52 -11.90 14.72
CA VAL E 85 -10.14 -11.19 13.51
C VAL E 85 -9.99 -12.12 12.34
N SER E 86 -9.96 -11.54 11.16
CA SER E 86 -9.75 -12.27 9.93
C SER E 86 -8.65 -11.60 9.13
N LEU E 87 -7.59 -12.35 8.85
CA LEU E 87 -6.54 -11.86 7.97
C LEU E 87 -6.81 -12.29 6.56
N LEU E 88 -6.28 -11.53 5.64
CA LEU E 88 -6.43 -11.79 4.23
C LEU E 88 -5.08 -11.66 3.56
N GLY E 89 -4.84 -12.50 2.56
CA GLY E 89 -3.58 -12.47 1.85
C GLY E 89 -3.63 -13.29 0.58
N TYR E 90 -2.46 -13.54 -0.01
CA TYR E 90 -2.38 -14.36 -1.21
C TYR E 90 -1.11 -15.19 -1.24
N LEU E 91 -1.27 -16.44 -1.61
CA LEU E 91 -0.16 -17.38 -1.80
C LEU E 91 0.52 -17.08 -3.12
N HIS E 92 1.84 -17.10 -3.12
CA HIS E 92 2.60 -16.86 -4.35
C HIS E 92 2.50 -18.06 -5.28
N ASP E 93 1.95 -17.83 -6.45
CA ASP E 93 1.85 -18.86 -7.50
C ASP E 93 3.10 -18.81 -8.36
N ILE E 94 3.92 -17.80 -8.09
CA ILE E 94 5.14 -17.52 -8.83
C ILE E 94 4.78 -17.03 -10.23
N ASP E 95 4.58 -15.73 -10.31
CA ASP E 95 4.24 -15.08 -11.57
C ASP E 95 5.44 -15.07 -12.51
N SER E 96 5.32 -15.85 -13.57
CA SER E 96 6.40 -15.99 -14.53
C SER E 96 6.42 -14.80 -15.47
N GLY E 97 5.25 -14.30 -15.81
CA GLY E 97 5.14 -13.15 -16.70
C GLY E 97 5.46 -13.50 -18.14
N SER E 98 6.73 -13.82 -18.40
CA SER E 98 7.18 -14.14 -19.73
C SER E 98 7.50 -15.63 -19.84
N PHE A 1 12.22 -2.39 -16.74
CA PHE A 1 10.88 -1.93 -17.13
C PHE A 1 9.82 -2.81 -16.49
N GLN A 2 8.70 -2.20 -16.14
CA GLN A 2 7.61 -2.91 -15.50
C GLN A 2 6.31 -2.64 -16.27
N GLY A 3 6.27 -3.13 -17.49
CA GLY A 3 5.09 -2.97 -18.32
C GLY A 3 3.98 -3.90 -17.90
N ALA A 4 2.76 -3.37 -17.85
CA ALA A 4 1.60 -4.15 -17.46
C ALA A 4 0.35 -3.52 -18.04
N MET A 5 -0.62 -4.37 -18.38
CA MET A 5 -1.86 -3.89 -18.97
C MET A 5 -3.04 -4.41 -18.18
N ALA A 6 -2.89 -4.40 -16.85
CA ALA A 6 -3.93 -4.86 -15.94
C ALA A 6 -5.25 -4.18 -16.25
N MET A 7 -6.30 -4.99 -16.39
CA MET A 7 -7.59 -4.48 -16.81
C MET A 7 -8.50 -4.19 -15.64
N PHE A 8 -9.06 -3.00 -15.66
CA PHE A 8 -9.86 -2.48 -14.55
C PHE A 8 -11.04 -3.39 -14.21
N TRP A 9 -11.31 -3.48 -12.90
CA TRP A 9 -12.39 -4.29 -12.37
C TRP A 9 -13.12 -3.49 -11.31
N GLY A 10 -14.44 -3.63 -11.27
CA GLY A 10 -15.22 -2.92 -10.28
C GLY A 10 -16.38 -3.76 -9.79
N LEU A 11 -16.84 -3.46 -8.58
CA LEU A 11 -17.95 -4.18 -7.98
C LEU A 11 -18.81 -3.24 -7.13
N ASN A 12 -20.00 -2.93 -7.62
CA ASN A 12 -20.93 -2.09 -6.88
C ASN A 12 -21.82 -2.94 -5.97
N MET A 13 -21.54 -2.87 -4.68
CA MET A 13 -22.30 -3.59 -3.67
C MET A 13 -23.50 -2.80 -3.22
N LYS A 14 -24.63 -3.46 -3.14
CA LYS A 14 -25.82 -2.86 -2.57
C LYS A 14 -25.98 -3.34 -1.13
N PRO A 15 -26.51 -2.48 -0.25
CA PRO A 15 -26.60 -2.77 1.20
C PRO A 15 -27.18 -4.14 1.51
N GLU A 16 -26.32 -5.03 2.03
CA GLU A 16 -26.71 -6.39 2.41
C GLU A 16 -27.04 -7.25 1.20
N ARG A 17 -26.11 -7.30 0.28
CA ARG A 17 -26.20 -8.21 -0.86
C ARG A 17 -25.16 -9.30 -0.74
N LYS A 18 -25.45 -10.45 -1.31
CA LYS A 18 -24.53 -11.57 -1.27
C LYS A 18 -24.37 -12.19 -2.64
N TYR A 19 -23.21 -11.99 -3.26
CA TYR A 19 -22.95 -12.54 -4.57
C TYR A 19 -21.89 -13.63 -4.45
N SER A 20 -22.21 -14.84 -4.86
CA SER A 20 -21.20 -15.87 -4.97
C SER A 20 -20.36 -15.60 -6.22
N GLN A 21 -19.05 -15.54 -6.03
CA GLN A 21 -18.17 -14.98 -7.04
C GLN A 21 -17.42 -16.07 -7.81
N THR A 22 -17.69 -16.14 -9.11
CA THR A 22 -16.96 -17.03 -9.99
C THR A 22 -15.86 -16.26 -10.69
N ILE A 23 -14.62 -16.72 -10.54
CA ILE A 23 -13.46 -16.00 -11.03
C ILE A 23 -13.07 -16.45 -12.44
N ILE A 24 -13.32 -15.57 -13.40
CA ILE A 24 -12.96 -15.84 -14.79
C ILE A 24 -11.47 -15.66 -15.01
N LYS A 25 -10.90 -14.63 -14.39
CA LYS A 25 -9.47 -14.35 -14.49
C LYS A 25 -8.94 -13.93 -13.14
N SER A 26 -7.72 -14.38 -12.83
CA SER A 26 -7.09 -14.07 -11.56
C SER A 26 -6.92 -12.56 -11.42
N PHE A 27 -7.50 -12.00 -10.38
CA PHE A 27 -7.58 -10.55 -10.28
C PHE A 27 -7.21 -10.03 -8.90
N HIS A 28 -6.99 -8.74 -8.85
CA HIS A 28 -6.64 -8.06 -7.62
C HIS A 28 -7.70 -7.02 -7.29
N ILE A 29 -8.26 -7.10 -6.09
CA ILE A 29 -9.11 -6.03 -5.61
C ILE A 29 -8.24 -5.10 -4.77
N SER A 30 -8.44 -3.82 -4.92
CA SER A 30 -7.52 -2.85 -4.34
C SER A 30 -8.22 -1.93 -3.34
N GLY A 31 -9.53 -1.79 -3.47
CA GLY A 31 -10.24 -0.94 -2.54
C GLY A 31 -11.73 -1.18 -2.52
N VAL A 32 -12.35 -0.82 -1.41
CA VAL A 32 -13.81 -0.85 -1.28
C VAL A 32 -14.27 0.41 -0.56
N ALA A 33 -15.19 1.16 -1.17
CA ALA A 33 -15.56 2.47 -0.65
C ALA A 33 -17.05 2.75 -0.81
N LEU A 34 -17.59 3.58 0.08
CA LEU A 34 -18.99 3.96 0.00
C LEU A 34 -19.15 5.46 -0.18
N ASP A 35 -20.14 5.82 -0.99
CA ASP A 35 -20.50 7.21 -1.16
C ASP A 35 -21.85 7.43 -0.51
N LYS A 36 -22.80 6.56 -0.81
CA LYS A 36 -24.06 6.53 -0.12
C LYS A 36 -24.04 5.37 0.87
N GLY A 37 -24.34 5.64 2.12
CA GLY A 37 -24.40 4.56 3.07
C GLY A 37 -23.95 4.94 4.46
N GLN A 38 -24.37 4.15 5.44
CA GLN A 38 -23.97 4.36 6.82
C GLN A 38 -22.89 3.35 7.24
N GLU A 39 -23.09 2.08 6.88
CA GLU A 39 -22.11 1.04 7.21
C GLU A 39 -22.14 -0.07 6.18
N ALA A 40 -20.97 -0.47 5.71
CA ALA A 40 -20.86 -1.68 4.90
C ALA A 40 -19.71 -2.54 5.40
N LYS A 41 -20.05 -3.71 5.91
CA LYS A 41 -19.04 -4.67 6.30
C LYS A 41 -18.83 -5.66 5.16
N LEU A 42 -17.67 -5.61 4.55
CA LEU A 42 -17.36 -6.45 3.42
C LEU A 42 -16.88 -7.80 3.91
N TYR A 43 -17.64 -8.83 3.61
CA TYR A 43 -17.28 -10.18 3.95
C TYR A 43 -17.08 -11.00 2.70
N LEU A 44 -16.13 -11.90 2.74
CA LEU A 44 -15.97 -12.83 1.66
C LEU A 44 -15.84 -14.24 2.22
N ALA A 45 -16.59 -15.15 1.63
CA ALA A 45 -16.55 -16.53 2.05
C ALA A 45 -15.83 -17.38 1.02
N ALA A 46 -14.65 -17.84 1.39
CA ALA A 46 -13.87 -18.73 0.54
C ALA A 46 -13.51 -19.97 1.33
N GLU A 47 -13.33 -21.10 0.65
CA GLU A 47 -13.15 -22.41 1.29
C GLU A 47 -14.15 -22.61 2.43
N LYS A 48 -15.36 -22.10 2.22
CA LYS A 48 -16.45 -22.13 3.20
C LYS A 48 -15.99 -21.51 4.54
N GLN A 49 -15.36 -20.35 4.45
CA GLN A 49 -14.97 -19.60 5.63
C GLN A 49 -15.32 -18.14 5.45
N GLU A 50 -15.97 -17.57 6.44
CA GLU A 50 -16.40 -16.18 6.37
C GLU A 50 -15.28 -15.25 6.83
N TYR A 51 -14.72 -14.50 5.89
CA TYR A 51 -13.68 -13.55 6.22
C TYR A 51 -14.23 -12.13 6.21
N ILE A 52 -13.98 -11.39 7.27
CA ILE A 52 -14.25 -9.98 7.26
C ILE A 52 -13.16 -9.25 6.47
N VAL A 53 -13.51 -8.87 5.26
CA VAL A 53 -12.55 -8.30 4.32
C VAL A 53 -12.24 -6.86 4.69
N ALA A 54 -13.29 -6.08 4.90
CA ALA A 54 -13.13 -4.68 5.23
C ALA A 54 -14.37 -4.13 5.91
N THR A 55 -14.17 -3.22 6.84
CA THR A 55 -15.28 -2.51 7.43
C THR A 55 -15.21 -1.06 6.98
N VAL A 56 -16.06 -0.73 6.02
CA VAL A 56 -16.09 0.60 5.46
C VAL A 56 -17.41 1.27 5.85
N THR A 57 -17.30 2.37 6.54
CA THR A 57 -18.47 3.01 7.11
C THR A 57 -18.64 4.44 6.63
N LYS A 58 -19.69 5.10 7.10
CA LYS A 58 -19.88 6.51 6.85
C LYS A 58 -18.72 7.31 7.46
N ALA A 59 -18.10 6.74 8.49
CA ALA A 59 -16.96 7.36 9.16
C ALA A 59 -15.67 7.04 8.42
N ILE A 60 -15.54 5.81 7.96
CA ILE A 60 -14.41 5.41 7.13
C ILE A 60 -14.89 5.22 5.70
N PRO A 61 -14.84 6.29 4.89
CA PRO A 61 -15.47 6.33 3.56
C PRO A 61 -14.91 5.29 2.59
N GLN A 62 -13.70 4.80 2.86
CA GLN A 62 -13.06 3.84 1.98
C GLN A 62 -12.04 2.99 2.70
N VAL A 63 -12.07 1.71 2.43
CA VAL A 63 -11.05 0.79 2.89
C VAL A 63 -10.22 0.28 1.72
N ALA A 64 -8.96 0.66 1.70
CA ALA A 64 -8.06 0.21 0.66
C ALA A 64 -7.35 -1.06 1.12
N LEU A 65 -7.49 -2.13 0.33
CA LEU A 65 -6.91 -3.41 0.68
C LEU A 65 -6.39 -4.15 -0.54
N ASP A 66 -5.28 -4.85 -0.36
CA ASP A 66 -4.69 -5.65 -1.43
C ASP A 66 -5.25 -7.07 -1.42
N LEU A 67 -6.19 -7.33 -2.31
CA LEU A 67 -6.77 -8.65 -2.46
C LEU A 67 -6.34 -9.26 -3.79
N ASN A 68 -6.01 -10.53 -3.79
CA ASN A 68 -5.72 -11.23 -5.02
C ASN A 68 -6.36 -12.60 -5.00
N PHE A 69 -7.10 -12.90 -6.04
CA PHE A 69 -7.78 -14.18 -6.15
C PHE A 69 -7.39 -14.87 -7.45
N SER A 70 -7.32 -16.19 -7.42
CA SER A 70 -6.94 -16.96 -8.59
C SER A 70 -8.17 -17.52 -9.27
N LYS A 71 -8.11 -17.67 -10.58
CA LYS A 71 -9.24 -18.16 -11.37
C LYS A 71 -9.54 -19.62 -11.05
N GLY A 72 -8.63 -20.26 -10.32
CA GLY A 72 -8.86 -21.62 -9.89
C GLY A 72 -9.58 -21.69 -8.56
N ASP A 73 -9.72 -20.55 -7.89
CA ASP A 73 -10.40 -20.50 -6.61
C ASP A 73 -11.83 -19.97 -6.80
N ARG A 74 -12.70 -20.23 -5.84
CA ARG A 74 -14.08 -19.80 -5.92
C ARG A 74 -14.51 -19.21 -4.59
N ILE A 75 -15.03 -18.00 -4.62
CA ILE A 75 -15.29 -17.25 -3.40
C ILE A 75 -16.70 -16.67 -3.39
N MET A 76 -17.05 -16.01 -2.31
CA MET A 76 -18.31 -15.29 -2.21
C MET A 76 -18.06 -13.89 -1.69
N PHE A 77 -18.69 -12.88 -2.27
CA PHE A 77 -18.55 -11.53 -1.78
C PHE A 77 -19.90 -11.00 -1.33
N TYR A 78 -19.94 -10.48 -0.11
CA TYR A 78 -21.20 -9.98 0.43
C TYR A 78 -20.97 -8.92 1.51
N THR A 79 -21.87 -7.95 1.57
CA THR A 79 -21.73 -6.84 2.51
C THR A 79 -22.88 -6.82 3.51
N ALA A 80 -22.57 -6.42 4.73
CA ALA A 80 -23.58 -6.28 5.78
C ALA A 80 -23.71 -4.82 6.21
N GLY A 81 -24.90 -4.45 6.66
CA GLY A 81 -25.15 -3.08 7.07
C GLY A 81 -25.86 -2.32 5.98
N ASP A 82 -26.11 -1.03 6.19
CA ASP A 82 -26.74 -0.24 5.16
C ASP A 82 -25.73 0.73 4.58
N ALA A 83 -25.24 0.39 3.40
CA ALA A 83 -24.41 1.25 2.60
C ALA A 83 -24.12 0.60 1.26
N SER A 84 -23.82 1.40 0.26
CA SER A 84 -23.50 0.88 -1.05
C SER A 84 -22.04 1.15 -1.37
N VAL A 85 -21.26 0.08 -1.57
CA VAL A 85 -19.83 0.22 -1.73
C VAL A 85 -19.34 -0.28 -3.08
N SER A 86 -18.44 0.48 -3.66
CA SER A 86 -17.81 0.10 -4.90
C SER A 86 -16.43 -0.45 -4.61
N LEU A 87 -16.20 -1.68 -5.00
CA LEU A 87 -14.86 -2.23 -4.95
C LEU A 87 -14.17 -1.93 -6.25
N LEU A 88 -12.89 -1.69 -6.16
CA LEU A 88 -12.12 -1.35 -7.31
C LEU A 88 -10.87 -2.20 -7.36
N GLY A 89 -10.61 -2.76 -8.53
CA GLY A 89 -9.50 -3.65 -8.69
C GLY A 89 -9.08 -3.77 -10.14
N TYR A 90 -8.26 -4.76 -10.43
CA TYR A 90 -7.84 -5.02 -11.79
C TYR A 90 -7.49 -6.47 -12.00
N LEU A 91 -8.00 -7.00 -13.10
CA LEU A 91 -7.71 -8.34 -13.55
C LEU A 91 -6.27 -8.38 -14.07
N HIS A 92 -5.54 -9.43 -13.74
CA HIS A 92 -4.18 -9.58 -14.24
C HIS A 92 -4.20 -9.81 -15.74
N ASP A 93 -3.50 -8.95 -16.47
CA ASP A 93 -3.59 -8.88 -17.93
C ASP A 93 -3.43 -10.24 -18.60
N ILE A 94 -2.20 -10.73 -18.70
CA ILE A 94 -1.92 -11.99 -19.38
C ILE A 94 -0.92 -12.82 -18.59
N ASP A 95 -1.37 -13.97 -18.12
CA ASP A 95 -0.49 -14.88 -17.40
C ASP A 95 0.09 -15.89 -18.39
N SER A 96 1.18 -15.49 -19.03
CA SER A 96 1.85 -16.34 -20.01
C SER A 96 3.21 -15.76 -20.35
N GLY A 97 4.24 -16.60 -20.29
CA GLY A 97 5.57 -16.16 -20.62
C GLY A 97 5.78 -16.05 -22.12
N SER A 98 6.65 -15.13 -22.53
CA SER A 98 6.92 -14.93 -23.94
C SER A 98 8.36 -14.46 -24.14
N PHE B 1 16.78 -8.07 -9.45
CA PHE B 1 16.67 -6.62 -9.74
C PHE B 1 15.25 -6.30 -10.21
N GLN B 2 14.78 -5.13 -9.84
CA GLN B 2 13.45 -4.69 -10.23
C GLN B 2 13.53 -3.31 -10.87
N GLY B 3 14.17 -3.27 -12.04
CA GLY B 3 14.30 -2.02 -12.76
C GLY B 3 13.00 -1.63 -13.45
N ALA B 4 12.65 -0.35 -13.35
CA ALA B 4 11.44 0.15 -13.96
C ALA B 4 11.58 1.64 -14.22
N MET B 5 10.96 2.11 -15.28
CA MET B 5 11.04 3.51 -15.67
C MET B 5 9.65 4.09 -15.82
N ALA B 6 8.75 3.69 -14.90
CA ALA B 6 7.38 4.15 -14.90
C ALA B 6 7.32 5.68 -14.97
N MET B 7 6.52 6.18 -15.91
CA MET B 7 6.48 7.61 -16.17
C MET B 7 5.33 8.28 -15.44
N PHE B 8 5.68 9.36 -14.73
CA PHE B 8 4.76 10.06 -13.86
C PHE B 8 3.50 10.53 -14.58
N TRP B 9 2.38 10.45 -13.87
CA TRP B 9 1.09 10.84 -14.38
C TRP B 9 0.36 11.64 -13.31
N GLY B 10 -0.34 12.67 -13.72
CA GLY B 10 -1.09 13.48 -12.79
C GLY B 10 -2.42 13.94 -13.35
N LEU B 11 -3.36 14.23 -12.48
CA LEU B 11 -4.67 14.70 -12.89
C LEU B 11 -5.23 15.71 -11.90
N ASN B 12 -5.28 16.97 -12.30
CA ASN B 12 -5.85 18.03 -11.46
C ASN B 12 -7.35 18.17 -11.70
N MET B 13 -8.12 17.70 -10.74
CA MET B 13 -9.57 17.78 -10.79
C MET B 13 -10.06 19.09 -10.24
N LYS B 14 -10.99 19.69 -10.95
CA LYS B 14 -11.67 20.88 -10.47
C LYS B 14 -13.02 20.48 -9.91
N PRO B 15 -13.49 21.17 -8.86
CA PRO B 15 -14.72 20.83 -8.15
C PRO B 15 -15.91 20.56 -9.07
N GLU B 16 -16.33 19.28 -9.14
CA GLU B 16 -17.47 18.86 -9.94
C GLU B 16 -17.17 18.96 -11.43
N ARG B 17 -16.08 18.33 -11.83
CA ARG B 17 -15.75 18.19 -13.24
C ARG B 17 -15.89 16.74 -13.66
N LYS B 18 -16.18 16.54 -14.94
CA LYS B 18 -16.34 15.19 -15.46
C LYS B 18 -15.58 15.03 -16.77
N TYR B 19 -14.48 14.28 -16.71
CA TYR B 19 -13.68 14.05 -17.89
C TYR B 19 -13.80 12.58 -18.32
N SER B 20 -14.27 12.34 -19.53
CA SER B 20 -14.22 10.99 -20.06
C SER B 20 -12.78 10.67 -20.47
N GLN B 21 -12.28 9.56 -19.97
CA GLN B 21 -10.85 9.31 -19.99
C GLN B 21 -10.48 8.29 -21.07
N THR B 22 -9.70 8.75 -22.04
CA THR B 22 -9.15 7.87 -23.06
C THR B 22 -7.73 7.46 -22.69
N ILE B 23 -7.50 6.15 -22.60
CA ILE B 23 -6.24 5.64 -22.10
C ILE B 23 -5.25 5.38 -23.24
N ILE B 24 -4.23 6.21 -23.31
CA ILE B 24 -3.18 6.06 -24.31
C ILE B 24 -2.22 4.93 -23.94
N LYS B 25 -1.91 4.83 -22.65
CA LYS B 25 -1.01 3.81 -22.14
C LYS B 25 -1.55 3.29 -20.82
N SER B 26 -1.41 1.97 -20.62
CA SER B 26 -1.90 1.33 -19.41
C SER B 26 -1.16 1.92 -18.20
N PHE B 27 -1.91 2.48 -17.27
CA PHE B 27 -1.30 3.25 -16.20
C PHE B 27 -1.87 2.91 -14.84
N HIS B 28 -1.16 3.36 -13.82
CA HIS B 28 -1.56 3.16 -12.44
C HIS B 28 -1.78 4.50 -11.77
N ILE B 29 -2.95 4.69 -11.19
CA ILE B 29 -3.17 5.84 -10.33
C ILE B 29 -2.91 5.39 -8.91
N SER B 30 -2.26 6.24 -8.14
CA SER B 30 -1.77 5.82 -6.84
C SER B 30 -2.36 6.67 -5.71
N GLY B 31 -2.81 7.87 -6.03
CA GLY B 31 -3.41 8.70 -5.01
C GLY B 31 -4.24 9.83 -5.56
N VAL B 32 -5.16 10.30 -4.75
CA VAL B 32 -5.95 11.50 -5.06
C VAL B 32 -6.06 12.37 -3.81
N ALA B 33 -5.68 13.64 -3.93
CA ALA B 33 -5.58 14.50 -2.75
C ALA B 33 -6.03 15.93 -3.04
N LEU B 34 -6.51 16.62 -2.01
CA LEU B 34 -6.93 18.01 -2.16
C LEU B 34 -6.12 18.92 -1.26
N ASP B 35 -5.82 20.09 -1.78
CA ASP B 35 -5.17 21.13 -1.00
C ASP B 35 -6.16 22.25 -0.78
N LYS B 36 -6.83 22.68 -1.85
CA LYS B 36 -7.95 23.57 -1.74
C LYS B 36 -9.22 22.78 -1.91
N GLY B 37 -10.15 22.91 -0.98
CA GLY B 37 -11.41 22.24 -1.14
C GLY B 37 -12.02 21.76 0.15
N GLN B 38 -13.32 21.52 0.12
CA GLN B 38 -14.03 21.00 1.28
C GLN B 38 -14.33 19.51 1.12
N GLU B 39 -14.80 19.12 -0.06
CA GLU B 39 -15.10 17.72 -0.33
C GLU B 39 -14.92 17.38 -1.81
N ALA B 40 -14.23 16.30 -2.09
CA ALA B 40 -14.19 15.77 -3.45
C ALA B 40 -14.43 14.27 -3.44
N LYS B 41 -15.55 13.87 -4.02
CA LYS B 41 -15.84 12.46 -4.18
C LYS B 41 -15.41 12.03 -5.57
N LEU B 42 -14.39 11.19 -5.62
CA LEU B 42 -13.84 10.74 -6.88
C LEU B 42 -14.65 9.57 -7.39
N TYR B 43 -15.29 9.76 -8.53
CA TYR B 43 -16.05 8.71 -9.16
C TYR B 43 -15.45 8.39 -10.52
N LEU B 44 -15.47 7.13 -10.88
CA LEU B 44 -15.08 6.75 -12.20
C LEU B 44 -16.12 5.83 -12.81
N ALA B 45 -16.50 6.12 -14.03
CA ALA B 45 -17.48 5.32 -14.72
C ALA B 45 -16.82 4.50 -15.81
N ALA B 46 -16.75 3.20 -15.60
CA ALA B 46 -16.21 2.27 -16.57
C ALA B 46 -17.24 1.20 -16.83
N GLU B 47 -17.22 0.62 -18.04
CA GLU B 47 -18.26 -0.32 -18.51
C GLU B 47 -19.66 0.19 -18.15
N LYS B 48 -19.82 1.51 -18.25
CA LYS B 48 -21.06 2.20 -17.92
C LYS B 48 -21.51 1.86 -16.49
N GLN B 49 -20.57 1.93 -15.56
CA GLN B 49 -20.87 1.72 -14.15
C GLN B 49 -20.18 2.79 -13.32
N GLU B 50 -20.92 3.43 -12.43
CA GLU B 50 -20.38 4.49 -11.60
C GLU B 50 -19.73 3.90 -10.36
N TYR B 51 -18.42 4.01 -10.29
CA TYR B 51 -17.68 3.53 -9.13
C TYR B 51 -17.22 4.70 -8.28
N ILE B 52 -17.51 4.64 -6.99
CA ILE B 52 -16.92 5.59 -6.06
C ILE B 52 -15.48 5.18 -5.78
N VAL B 53 -14.56 5.92 -6.40
CA VAL B 53 -13.16 5.58 -6.36
C VAL B 53 -12.56 5.96 -5.01
N ALA B 54 -12.83 7.19 -4.60
CA ALA B 54 -12.28 7.69 -3.34
C ALA B 54 -13.09 8.87 -2.82
N THR B 55 -13.22 8.97 -1.52
CA THR B 55 -13.81 10.13 -0.91
C THR B 55 -12.73 10.90 -0.17
N VAL B 56 -12.27 11.96 -0.79
CA VAL B 56 -11.22 12.77 -0.22
C VAL B 56 -11.79 14.13 0.17
N THR B 57 -11.68 14.46 1.44
CA THR B 57 -12.33 15.65 1.95
C THR B 57 -11.34 16.59 2.61
N LYS B 58 -11.86 17.71 3.11
CA LYS B 58 -11.06 18.62 3.90
C LYS B 58 -10.56 17.92 5.16
N ALA B 59 -11.31 16.91 5.60
CA ALA B 59 -10.95 16.12 6.77
C ALA B 59 -9.96 15.02 6.40
N ILE B 60 -10.19 14.40 5.26
CA ILE B 60 -9.25 13.41 4.73
C ILE B 60 -8.52 14.01 3.53
N PRO B 61 -7.38 14.67 3.77
CA PRO B 61 -6.68 15.48 2.77
C PRO B 61 -6.23 14.69 1.54
N GLN B 62 -6.11 13.38 1.69
CA GLN B 62 -5.64 12.53 0.60
C GLN B 62 -6.11 11.10 0.73
N VAL B 63 -6.57 10.55 -0.37
CA VAL B 63 -6.89 9.13 -0.45
C VAL B 63 -5.89 8.43 -1.35
N ALA B 64 -5.10 7.56 -0.77
CA ALA B 64 -4.13 6.77 -1.53
C ALA B 64 -4.76 5.45 -1.95
N LEU B 65 -4.80 5.20 -3.25
CA LEU B 65 -5.41 4.01 -3.79
C LEU B 65 -4.65 3.44 -4.98
N ASP B 66 -4.61 2.13 -5.07
CA ASP B 66 -3.96 1.45 -6.18
C ASP B 66 -4.93 1.21 -7.33
N LEU B 67 -4.85 2.05 -8.33
CA LEU B 67 -5.67 1.91 -9.53
C LEU B 67 -4.80 1.52 -10.70
N ASN B 68 -5.27 0.61 -11.52
CA ASN B 68 -4.59 0.27 -12.75
C ASN B 68 -5.59 0.12 -13.88
N PHE B 69 -5.34 0.82 -14.97
CA PHE B 69 -6.21 0.76 -16.13
C PHE B 69 -5.42 0.36 -17.36
N SER B 70 -6.06 -0.37 -18.26
CA SER B 70 -5.42 -0.83 -19.47
C SER B 70 -5.79 0.06 -20.64
N LYS B 71 -4.87 0.21 -21.59
CA LYS B 71 -5.07 1.07 -22.75
C LYS B 71 -6.18 0.53 -23.66
N GLY B 72 -6.61 -0.69 -23.39
CA GLY B 72 -7.70 -1.26 -24.13
C GLY B 72 -9.05 -0.97 -23.50
N ASP B 73 -9.02 -0.42 -22.30
CA ASP B 73 -10.25 -0.07 -21.60
C ASP B 73 -10.52 1.42 -21.72
N ARG B 74 -11.76 1.83 -21.51
CA ARG B 74 -12.15 3.23 -21.62
C ARG B 74 -13.03 3.62 -20.44
N ILE B 75 -12.63 4.66 -19.73
CA ILE B 75 -13.28 5.00 -18.47
C ILE B 75 -13.65 6.48 -18.42
N MET B 76 -14.28 6.89 -17.32
CA MET B 76 -14.59 8.29 -17.09
C MET B 76 -14.15 8.67 -15.68
N PHE B 77 -13.52 9.82 -15.53
CA PHE B 77 -13.14 10.28 -14.21
C PHE B 77 -13.84 11.58 -13.89
N TYR B 78 -14.49 11.63 -12.73
CA TYR B 78 -15.22 12.83 -12.35
C TYR B 78 -15.37 12.94 -10.84
N THR B 79 -15.36 14.17 -10.34
CA THR B 79 -15.43 14.41 -8.90
C THR B 79 -16.68 15.19 -8.53
N ALA B 80 -17.23 14.88 -7.36
CA ALA B 80 -18.39 15.59 -6.85
C ALA B 80 -18.05 16.34 -5.57
N GLY B 81 -18.75 17.44 -5.32
CA GLY B 81 -18.48 18.25 -4.15
C GLY B 81 -17.65 19.45 -4.50
N ASP B 82 -17.27 20.25 -3.52
CA ASP B 82 -16.42 21.39 -3.80
C ASP B 82 -15.04 21.15 -3.22
N ALA B 83 -14.13 20.80 -4.11
CA ALA B 83 -12.71 20.70 -3.80
C ALA B 83 -11.93 20.40 -5.07
N SER B 84 -10.66 20.74 -5.07
CA SER B 84 -9.81 20.47 -6.22
C SER B 84 -8.76 19.43 -5.85
N VAL B 85 -8.78 18.30 -6.53
CA VAL B 85 -7.93 17.19 -6.17
C VAL B 85 -6.96 16.81 -7.27
N SER B 86 -5.74 16.55 -6.88
CA SER B 86 -4.72 16.08 -7.79
C SER B 86 -4.57 14.59 -7.63
N LEU B 87 -4.78 13.85 -8.71
CA LEU B 87 -4.46 12.45 -8.71
C LEU B 87 -3.05 12.27 -9.17
N LEU B 88 -2.39 11.29 -8.61
CA LEU B 88 -1.00 11.05 -8.91
C LEU B 88 -0.81 9.58 -9.22
N GLY B 89 -0.11 9.33 -10.31
CA GLY B 89 0.08 7.97 -10.76
C GLY B 89 1.26 7.86 -11.69
N TYR B 90 1.37 6.73 -12.37
CA TYR B 90 2.44 6.53 -13.33
C TYR B 90 2.02 5.54 -14.41
N LEU B 91 2.33 5.94 -15.63
CA LEU B 91 2.14 5.12 -16.80
C LEU B 91 3.16 4.00 -16.79
N HIS B 92 2.74 2.78 -17.13
CA HIS B 92 3.66 1.67 -17.21
C HIS B 92 4.63 1.88 -18.35
N ASP B 93 5.93 1.87 -18.04
CA ASP B 93 6.98 2.26 -18.97
C ASP B 93 6.87 1.59 -20.34
N ILE B 94 7.28 0.34 -20.43
CA ILE B 94 7.28 -0.38 -21.69
C ILE B 94 6.75 -1.80 -21.50
N ASP B 95 5.63 -2.10 -22.13
CA ASP B 95 5.06 -3.43 -22.08
C ASP B 95 5.55 -4.23 -23.28
N SER B 96 6.73 -4.83 -23.15
CA SER B 96 7.33 -5.60 -24.21
C SER B 96 8.51 -6.41 -23.66
N GLY B 97 8.53 -7.70 -23.96
CA GLY B 97 9.62 -8.54 -23.51
C GLY B 97 10.87 -8.35 -24.35
N SER B 98 12.02 -8.55 -23.74
CA SER B 98 13.29 -8.38 -24.45
C SER B 98 14.34 -9.33 -23.87
N PHE C 1 10.74 -16.23 -7.54
CA PHE C 1 11.61 -15.36 -6.73
C PHE C 1 11.46 -13.91 -7.17
N GLN C 2 11.55 -13.00 -6.22
CA GLN C 2 11.43 -11.58 -6.51
C GLN C 2 12.63 -10.84 -5.92
N GLY C 3 13.79 -11.11 -6.48
CA GLY C 3 15.00 -10.46 -6.05
C GLY C 3 15.09 -9.04 -6.54
N ALA C 4 15.50 -8.13 -5.67
CA ALA C 4 15.62 -6.72 -6.01
C ALA C 4 16.62 -6.06 -5.09
N MET C 5 17.34 -5.07 -5.60
CA MET C 5 18.36 -4.37 -4.84
C MET C 5 18.10 -2.87 -4.88
N ALA C 6 16.82 -2.51 -4.80
CA ALA C 6 16.40 -1.12 -4.83
C ALA C 6 17.17 -0.29 -3.81
N MET C 7 17.73 0.81 -4.27
CA MET C 7 18.62 1.60 -3.44
C MET C 7 17.88 2.75 -2.77
N PHE C 8 18.07 2.86 -1.46
CA PHE C 8 17.34 3.80 -0.62
C PHE C 8 17.51 5.25 -1.09
N TRP C 9 16.44 6.00 -0.97
CA TRP C 9 16.39 7.40 -1.37
C TRP C 9 15.67 8.19 -0.28
N GLY C 10 16.15 9.39 0.00
CA GLY C 10 15.51 10.22 0.99
C GLY C 10 15.54 11.68 0.60
N LEU C 11 14.60 12.45 1.13
CA LEU C 11 14.52 13.87 0.86
C LEU C 11 14.03 14.64 2.08
N ASN C 12 14.94 15.39 2.69
CA ASN C 12 14.58 16.21 3.85
C ASN C 12 14.12 17.60 3.41
N MET C 13 12.83 17.83 3.50
CA MET C 13 12.22 19.10 3.14
C MET C 13 12.25 20.06 4.30
N LYS C 14 12.63 21.28 4.03
CA LYS C 14 12.56 22.34 5.02
C LYS C 14 11.32 23.18 4.73
N PRO C 15 10.67 23.70 5.79
CA PRO C 15 9.39 24.42 5.69
C PRO C 15 9.38 25.48 4.58
N GLU C 16 8.61 25.21 3.53
CA GLU C 16 8.45 26.13 2.40
C GLU C 16 9.72 26.23 1.58
N ARG C 17 10.22 25.08 1.15
CA ARG C 17 11.33 25.02 0.22
C ARG C 17 10.86 24.51 -1.12
N LYS C 18 11.55 24.91 -2.17
CA LYS C 18 11.19 24.49 -3.52
C LYS C 18 12.42 24.03 -4.28
N TYR C 19 12.52 22.73 -4.49
CA TYR C 19 13.64 22.17 -5.22
C TYR C 19 13.17 21.64 -6.57
N SER C 20 13.72 22.15 -7.65
CA SER C 20 13.46 21.56 -8.94
C SER C 20 14.28 20.27 -9.06
N GLN C 21 13.60 19.18 -9.40
CA GLN C 21 14.15 17.86 -9.23
C GLN C 21 14.61 17.27 -10.55
N THR C 22 15.90 17.03 -10.66
CA THR C 22 16.47 16.35 -11.80
C THR C 22 16.67 14.87 -11.49
N ILE C 23 16.07 14.00 -12.29
CA ILE C 23 16.03 12.58 -12.01
C ILE C 23 17.19 11.85 -12.67
N ILE C 24 18.15 11.42 -11.86
CA ILE C 24 19.29 10.66 -12.34
C ILE C 24 18.90 9.22 -12.66
N LYS C 25 18.07 8.64 -11.80
CA LYS C 25 17.60 7.27 -11.98
C LYS C 25 16.12 7.19 -11.63
N SER C 26 15.39 6.40 -12.40
CA SER C 26 13.96 6.23 -12.19
C SER C 26 13.70 5.65 -10.80
N PHE C 27 12.96 6.38 -9.99
CA PHE C 27 12.84 6.03 -8.58
C PHE C 27 11.40 6.07 -8.10
N HIS C 28 11.21 5.47 -6.92
CA HIS C 28 9.93 5.43 -6.27
C HIS C 28 9.99 6.14 -4.94
N ILE C 29 9.11 7.11 -4.73
CA ILE C 29 8.96 7.69 -3.41
C ILE C 29 7.82 6.96 -2.73
N SER C 30 7.97 6.66 -1.46
CA SER C 30 7.05 5.79 -0.78
C SER C 30 6.36 6.48 0.40
N GLY C 31 6.99 7.52 0.93
CA GLY C 31 6.38 8.22 2.04
C GLY C 31 6.95 9.60 2.26
N VAL C 32 6.16 10.44 2.90
CA VAL C 32 6.61 11.77 3.33
C VAL C 32 6.08 12.04 4.74
N ALA C 33 6.97 12.37 5.67
CA ALA C 33 6.58 12.47 7.07
C ALA C 33 7.29 13.61 7.79
N LEU C 34 6.66 14.15 8.82
CA LEU C 34 7.27 15.22 9.61
C LEU C 34 7.44 14.81 11.06
N ASP C 35 8.55 15.24 11.63
CA ASP C 35 8.79 15.05 13.04
C ASP C 35 8.71 16.40 13.73
N LYS C 36 9.40 17.38 13.16
CA LYS C 36 9.25 18.76 13.58
C LYS C 36 8.37 19.48 12.58
N GLY C 37 7.33 20.13 13.03
CA GLY C 37 6.52 20.90 12.12
C GLY C 37 5.06 20.90 12.46
N GLN C 38 4.35 21.90 11.93
CA GLN C 38 2.91 22.00 12.14
C GLN C 38 2.15 21.56 10.89
N GLU C 39 2.60 22.00 9.71
CA GLU C 39 1.96 21.61 8.46
C GLU C 39 2.96 21.59 7.31
N ALA C 40 2.95 20.53 6.53
CA ALA C 40 3.69 20.51 5.28
C ALA C 40 2.84 19.98 4.15
N LYS C 41 2.54 20.83 3.20
CA LYS C 41 1.82 20.41 2.01
C LYS C 41 2.82 20.12 0.91
N LEU C 42 2.92 18.86 0.55
CA LEU C 42 3.88 18.42 -0.44
C LEU C 42 3.30 18.62 -1.83
N TYR C 43 3.92 19.50 -2.60
CA TYR C 43 3.50 19.75 -3.96
C TYR C 43 4.61 19.36 -4.90
N LEU C 44 4.25 18.84 -6.05
CA LEU C 44 5.21 18.58 -7.09
C LEU C 44 4.71 19.13 -8.40
N ALA C 45 5.57 19.84 -9.09
CA ALA C 45 5.22 20.42 -10.37
C ALA C 45 5.92 19.66 -11.49
N ALA C 46 5.14 18.93 -12.26
CA ALA C 46 5.64 18.21 -13.41
C ALA C 46 4.83 18.60 -14.62
N GLU C 47 5.43 18.54 -15.81
CA GLU C 47 4.82 19.05 -17.05
C GLU C 47 4.17 20.41 -16.83
N LYS C 48 4.82 21.22 -16.00
CA LYS C 48 4.33 22.54 -15.60
C LYS C 48 2.91 22.47 -15.03
N GLN C 49 2.70 21.51 -14.14
CA GLN C 49 1.43 21.38 -13.44
C GLN C 49 1.67 21.15 -11.96
N GLU C 50 1.00 21.92 -11.12
CA GLU C 50 1.17 21.82 -9.69
C GLU C 50 0.27 20.72 -9.12
N TYR C 51 0.89 19.65 -8.66
CA TYR C 51 0.15 18.56 -8.05
C TYR C 51 0.32 18.58 -6.54
N ILE C 52 -0.79 18.53 -5.82
CA ILE C 52 -0.72 18.32 -4.39
C ILE C 52 -0.46 16.84 -4.12
N VAL C 53 0.78 16.55 -3.76
CA VAL C 53 1.25 15.18 -3.61
C VAL C 53 0.73 14.60 -2.31
N ALA C 54 0.92 15.35 -1.22
CA ALA C 54 0.50 14.88 0.09
C ALA C 54 0.33 16.04 1.05
N THR C 55 -0.64 15.93 1.93
CA THR C 55 -0.78 16.88 3.01
C THR C 55 -0.43 16.20 4.31
N VAL C 56 0.76 16.46 4.80
CA VAL C 56 1.24 15.86 6.02
C VAL C 56 1.37 16.93 7.09
N THR C 57 0.65 16.75 8.18
CA THR C 57 0.56 17.78 9.19
C THR C 57 1.01 17.28 10.55
N LYS C 58 0.96 18.16 11.54
CA LYS C 58 1.20 17.78 12.91
C LYS C 58 0.16 16.75 13.37
N ALA C 59 -1.00 16.80 12.73
CA ALA C 59 -2.09 15.87 13.03
C ALA C 59 -1.90 14.56 12.26
N ILE C 60 -1.48 14.67 11.01
CA ILE C 60 -1.14 13.50 10.20
C ILE C 60 0.38 13.42 10.05
N PRO C 61 1.06 12.75 10.98
CA PRO C 61 2.53 12.76 11.07
C PRO C 61 3.24 12.23 9.84
N GLN C 62 2.53 11.46 9.02
CA GLN C 62 3.13 10.86 7.84
C GLN C 62 2.10 10.52 6.78
N VAL C 63 2.43 10.86 5.55
CA VAL C 63 1.63 10.44 4.40
C VAL C 63 2.40 9.44 3.58
N ALA C 64 1.92 8.21 3.54
CA ALA C 64 2.54 7.18 2.73
C ALA C 64 1.89 7.13 1.36
N LEU C 65 2.71 7.31 0.33
CA LEU C 65 2.21 7.35 -1.05
C LEU C 65 3.16 6.66 -2.02
N ASP C 66 2.59 5.99 -3.00
CA ASP C 66 3.37 5.33 -4.03
C ASP C 66 3.64 6.27 -5.21
N LEU C 67 4.83 6.83 -5.24
CA LEU C 67 5.25 7.70 -6.33
C LEU C 67 6.32 7.01 -7.15
N ASN C 68 6.24 7.12 -8.46
CA ASN C 68 7.30 6.63 -9.33
C ASN C 68 7.58 7.63 -10.42
N PHE C 69 8.84 7.98 -10.58
CA PHE C 69 9.25 8.93 -11.59
C PHE C 69 10.32 8.31 -12.48
N SER C 70 10.32 8.68 -13.76
CA SER C 70 11.28 8.15 -14.70
C SER C 70 12.41 9.15 -14.92
N LYS C 71 13.60 8.63 -15.20
CA LYS C 71 14.78 9.48 -15.38
C LYS C 71 14.66 10.32 -16.63
N GLY C 72 13.66 10.02 -17.45
CA GLY C 72 13.40 10.82 -18.64
C GLY C 72 12.46 11.97 -18.37
N ASP C 73 11.86 11.98 -17.18
CA ASP C 73 10.95 13.04 -16.80
C ASP C 73 11.66 14.03 -15.88
N ARG C 74 11.12 15.24 -15.77
CA ARG C 74 11.71 16.29 -14.95
C ARG C 74 10.64 16.98 -14.13
N ILE C 75 10.83 17.01 -12.82
CA ILE C 75 9.77 17.48 -11.94
C ILE C 75 10.29 18.51 -10.94
N MET C 76 9.40 19.03 -10.11
CA MET C 76 9.78 19.92 -9.03
C MET C 76 9.14 19.46 -7.74
N PHE C 77 9.89 19.46 -6.66
CA PHE C 77 9.34 19.10 -5.36
C PHE C 77 9.42 20.27 -4.41
N TYR C 78 8.30 20.61 -3.79
CA TYR C 78 8.26 21.74 -2.88
C TYR C 78 7.14 21.61 -1.86
N THR C 79 7.40 22.11 -0.65
CA THR C 79 6.43 21.99 0.44
C THR C 79 5.97 23.36 0.92
N ALA C 80 4.70 23.43 1.30
CA ALA C 80 4.14 24.66 1.84
C ALA C 80 3.73 24.48 3.30
N GLY C 81 3.76 25.57 4.06
CA GLY C 81 3.43 25.50 5.47
C GLY C 81 4.69 25.47 6.32
N ASP C 82 4.53 25.35 7.63
CA ASP C 82 5.70 25.25 8.48
C ASP C 82 5.81 23.85 9.04
N ALA C 83 6.71 23.09 8.46
CA ALA C 83 7.09 21.77 8.95
C ALA C 83 8.24 21.23 8.11
N SER C 84 9.00 20.32 8.68
CA SER C 84 10.11 19.70 7.98
C SER C 84 9.81 18.23 7.75
N VAL C 85 9.75 17.83 6.49
CA VAL C 85 9.33 16.48 6.15
C VAL C 85 10.40 15.70 5.42
N SER C 86 10.55 14.46 5.81
CA SER C 86 11.46 13.56 5.14
C SER C 86 10.68 12.65 4.22
N LEU C 87 10.99 12.69 2.95
CA LEU C 87 10.45 11.72 2.03
C LEU C 87 11.36 10.53 1.97
N LEU C 88 10.77 9.38 1.81
CA LEU C 88 11.52 8.16 1.79
C LEU C 88 11.11 7.33 0.60
N GLY C 89 12.10 6.83 -0.11
CA GLY C 89 11.85 6.09 -1.32
C GLY C 89 13.02 5.23 -1.69
N TYR C 90 13.01 4.72 -2.91
CA TYR C 90 14.11 3.91 -3.41
C TYR C 90 14.23 3.99 -4.91
N LEU C 91 15.46 4.19 -5.34
CA LEU C 91 15.81 4.17 -6.75
C LEU C 91 15.73 2.75 -7.28
N HIS C 92 15.18 2.58 -8.47
CA HIS C 92 15.11 1.25 -9.07
C HIS C 92 16.51 0.78 -9.42
N ASP C 93 16.87 -0.39 -8.89
CA ASP C 93 18.25 -0.89 -8.93
C ASP C 93 18.86 -0.85 -10.33
N ILE C 94 18.50 -1.80 -11.18
CA ILE C 94 19.06 -1.90 -12.51
C ILE C 94 17.97 -2.19 -13.54
N ASP C 95 17.76 -1.26 -14.45
CA ASP C 95 16.80 -1.46 -15.52
C ASP C 95 17.50 -2.02 -16.74
N SER C 96 17.66 -3.34 -16.76
CA SER C 96 18.33 -4.01 -17.86
C SER C 96 18.09 -5.52 -17.77
N GLY C 97 17.68 -6.12 -18.87
CA GLY C 97 17.44 -7.55 -18.89
C GLY C 97 18.73 -8.33 -18.98
N SER C 98 18.74 -9.53 -18.43
CA SER C 98 19.92 -10.37 -18.44
C SER C 98 19.52 -11.84 -18.46
N PHE D 1 2.48 -15.57 -13.67
CA PHE D 1 2.72 -16.04 -12.29
C PHE D 1 3.69 -15.11 -11.59
N GLN D 2 3.49 -14.91 -10.29
CA GLN D 2 4.35 -14.05 -9.50
C GLN D 2 4.85 -14.82 -8.28
N GLY D 3 5.67 -15.82 -8.53
CA GLY D 3 6.23 -16.61 -7.47
C GLY D 3 7.35 -15.87 -6.75
N ALA D 4 7.35 -15.95 -5.44
CA ALA D 4 8.35 -15.29 -4.62
C ALA D 4 8.48 -15.98 -3.28
N MET D 5 9.68 -16.00 -2.74
CA MET D 5 9.95 -16.66 -1.46
C MET D 5 10.60 -15.69 -0.50
N ALA D 6 10.13 -14.45 -0.53
CA ALA D 6 10.64 -13.40 0.34
C ALA D 6 10.67 -13.85 1.79
N MET D 7 11.82 -13.68 2.43
CA MET D 7 12.02 -14.21 3.77
C MET D 7 11.76 -13.15 4.82
N PHE D 8 10.94 -13.52 5.80
CA PHE D 8 10.46 -12.61 6.83
C PHE D 8 11.60 -11.94 7.60
N TRP D 9 11.39 -10.68 7.93
CA TRP D 9 12.34 -9.87 8.65
C TRP D 9 11.61 -9.09 9.73
N GLY D 10 12.22 -8.95 10.89
CA GLY D 10 11.62 -8.21 11.97
C GLY D 10 12.64 -7.43 12.76
N LEU D 11 12.19 -6.36 13.40
CA LEU D 11 13.07 -5.53 14.22
C LEU D 11 12.33 -4.98 15.43
N ASN D 12 12.67 -5.50 16.61
CA ASN D 12 12.08 -5.02 17.85
C ASN D 12 12.87 -3.86 18.43
N MET D 13 12.31 -2.67 18.32
CA MET D 13 12.92 -1.46 18.82
C MET D 13 12.55 -1.24 20.28
N LYS D 14 13.55 -0.89 21.07
CA LYS D 14 13.32 -0.51 22.45
C LYS D 14 13.36 1.01 22.53
N PRO D 15 12.54 1.60 23.43
CA PRO D 15 12.38 3.06 23.54
C PRO D 15 13.71 3.82 23.57
N GLU D 16 13.98 4.55 22.49
CA GLU D 16 15.19 5.37 22.36
C GLU D 16 16.44 4.51 22.23
N ARG D 17 16.40 3.61 21.27
CA ARG D 17 17.58 2.84 20.90
C ARG D 17 18.08 3.25 19.55
N LYS D 18 19.38 3.08 19.32
CA LYS D 18 19.98 3.44 18.06
C LYS D 18 20.89 2.33 17.55
N TYR D 19 20.44 1.64 16.52
CA TYR D 19 21.23 0.56 15.94
C TYR D 19 21.72 0.98 14.55
N SER D 20 23.02 0.99 14.36
CA SER D 20 23.55 1.18 13.03
C SER D 20 23.38 -0.13 12.24
N GLN D 21 22.77 -0.03 11.08
CA GLN D 21 22.24 -1.20 10.39
C GLN D 21 23.13 -1.60 9.22
N THR D 22 23.70 -2.79 9.32
CA THR D 22 24.46 -3.38 8.23
C THR D 22 23.58 -4.34 7.44
N ILE D 23 23.46 -4.10 6.15
CA ILE D 23 22.53 -4.84 5.31
C ILE D 23 23.19 -6.04 4.66
N ILE D 24 22.83 -7.22 5.13
CA ILE D 24 23.35 -8.47 4.57
C ILE D 24 22.67 -8.80 3.24
N LYS D 25 21.37 -8.54 3.17
CA LYS D 25 20.61 -8.79 1.96
C LYS D 25 19.62 -7.66 1.74
N SER D 26 19.44 -7.28 0.49
CA SER D 26 18.54 -6.20 0.13
C SER D 26 17.12 -6.56 0.56
N PHE D 27 16.53 -5.72 1.40
CA PHE D 27 15.28 -6.08 2.03
C PHE D 27 14.26 -4.96 2.02
N HIS D 28 13.03 -5.33 2.31
CA HIS D 28 11.92 -4.39 2.37
C HIS D 28 11.34 -4.36 3.76
N ILE D 29 11.26 -3.19 4.35
CA ILE D 29 10.51 -3.03 5.58
C ILE D 29 9.11 -2.57 5.21
N SER D 30 8.11 -3.11 5.87
CA SER D 30 6.74 -2.90 5.45
C SER D 30 5.91 -2.22 6.53
N GLY D 31 6.33 -2.34 7.78
CA GLY D 31 5.58 -1.70 8.84
C GLY D 31 6.37 -1.54 10.11
N VAL D 32 5.95 -0.58 10.92
CA VAL D 32 6.50 -0.39 12.26
C VAL D 32 5.37 -0.10 13.24
N ALA D 33 5.26 -0.87 14.31
CA ALA D 33 4.10 -0.78 15.20
C ALA D 33 4.49 -0.96 16.66
N LEU D 34 3.71 -0.37 17.55
CA LEU D 34 3.95 -0.51 18.97
C LEU D 34 2.77 -1.15 19.68
N ASP D 35 3.09 -1.98 20.65
CA ASP D 35 2.08 -2.58 21.50
C ASP D 35 2.20 -1.99 22.89
N LYS D 36 3.41 -1.96 23.40
CA LYS D 36 3.72 -1.23 24.61
C LYS D 36 4.42 0.06 24.24
N GLY D 37 3.92 1.18 24.73
CA GLY D 37 4.59 2.43 24.46
C GLY D 37 3.66 3.60 24.31
N GLN D 38 4.20 4.80 24.49
CA GLN D 38 3.44 6.02 24.32
C GLN D 38 3.77 6.69 22.99
N GLU D 39 5.06 6.77 22.65
CA GLU D 39 5.48 7.37 21.39
C GLU D 39 6.78 6.75 20.89
N ALA D 40 6.81 6.39 19.63
CA ALA D 40 8.07 6.01 18.99
C ALA D 40 8.22 6.70 17.65
N LYS D 41 9.20 7.57 17.56
CA LYS D 41 9.54 8.21 16.31
C LYS D 41 10.66 7.44 15.64
N LEU D 42 10.34 6.80 14.53
CA LEU D 42 11.29 5.98 13.83
C LEU D 42 12.14 6.85 12.92
N TYR D 43 13.42 6.91 13.19
CA TYR D 43 14.35 7.67 12.38
C TYR D 43 15.36 6.73 11.77
N LEU D 44 15.77 7.01 10.55
CA LEU D 44 16.86 6.28 9.96
C LEU D 44 17.85 7.24 9.35
N ALA D 45 19.11 7.02 9.65
CA ALA D 45 20.16 7.86 9.12
C ALA D 45 20.94 7.11 8.04
N ALA D 46 20.77 7.56 6.81
CA ALA D 46 21.50 7.01 5.68
C ALA D 46 22.19 8.14 4.96
N GLU D 47 23.31 7.84 4.29
CA GLU D 47 24.19 8.86 3.69
C GLU D 47 24.40 10.05 4.63
N LYS D 48 24.48 9.73 5.93
CA LYS D 48 24.63 10.72 6.99
C LYS D 48 23.51 11.77 6.93
N GLN D 49 22.29 11.28 6.79
CA GLN D 49 21.12 12.15 6.81
C GLN D 49 20.04 11.53 7.68
N GLU D 50 19.49 12.32 8.59
CA GLU D 50 18.47 11.83 9.50
C GLU D 50 17.10 11.92 8.86
N TYR D 51 16.52 10.78 8.55
CA TYR D 51 15.17 10.74 7.99
C TYR D 51 14.16 10.30 9.02
N ILE D 52 13.10 11.06 9.17
CA ILE D 52 11.97 10.61 9.97
C ILE D 52 11.17 9.59 9.16
N VAL D 53 11.34 8.34 9.52
CA VAL D 53 10.77 7.23 8.77
C VAL D 53 9.29 7.11 9.06
N ALA D 54 8.95 7.11 10.35
CA ALA D 54 7.57 6.96 10.77
C ALA D 54 7.36 7.49 12.18
N THR D 55 6.20 8.07 12.42
CA THR D 55 5.83 8.45 13.76
C THR D 55 4.70 7.55 14.22
N VAL D 56 5.04 6.57 15.03
CA VAL D 56 4.06 5.62 15.52
C VAL D 56 3.87 5.84 17.02
N THR D 57 2.65 6.13 17.41
CA THR D 57 2.39 6.51 18.79
C THR D 57 1.35 5.60 19.43
N LYS D 58 1.05 5.88 20.68
CA LYS D 58 -0.03 5.22 21.38
C LYS D 58 -1.36 5.48 20.67
N ALA D 59 -1.42 6.62 19.98
CA ALA D 59 -2.61 7.01 19.22
C ALA D 59 -2.61 6.36 17.85
N ILE D 60 -1.45 6.31 17.22
CA ILE D 60 -1.28 5.61 15.95
C ILE D 60 -0.49 4.33 16.19
N PRO D 61 -1.19 3.22 16.48
CA PRO D 61 -0.57 1.97 16.95
C PRO D 61 0.41 1.36 15.95
N GLN D 62 0.28 1.73 14.68
CA GLN D 62 1.14 1.18 13.65
C GLN D 62 1.26 2.09 12.45
N VAL D 63 2.47 2.24 11.96
CA VAL D 63 2.73 2.93 10.72
C VAL D 63 3.20 1.94 9.67
N ALA D 64 2.39 1.76 8.64
CA ALA D 64 2.75 0.88 7.54
C ALA D 64 3.44 1.69 6.45
N LEU D 65 4.66 1.29 6.11
CA LEU D 65 5.45 2.01 5.11
C LEU D 65 6.26 1.06 4.24
N ASP D 66 6.39 1.41 2.98
CA ASP D 66 7.17 0.64 2.03
C ASP D 66 8.63 1.12 2.00
N LEU D 67 9.49 0.39 2.70
CA LEU D 67 10.91 0.69 2.71
C LEU D 67 11.66 -0.39 1.97
N ASN D 68 12.65 0.00 1.18
CA ASN D 68 13.53 -0.97 0.53
C ASN D 68 14.96 -0.48 0.61
N PHE D 69 15.83 -1.34 1.09
CA PHE D 69 17.24 -1.00 1.20
C PHE D 69 18.08 -2.03 0.47
N SER D 70 19.19 -1.59 -0.10
CA SER D 70 20.07 -2.47 -0.84
C SER D 70 21.25 -2.89 0.02
N LYS D 71 21.76 -4.09 -0.22
CA LYS D 71 22.87 -4.64 0.57
C LYS D 71 24.15 -3.85 0.32
N GLY D 72 24.13 -2.99 -0.68
CA GLY D 72 25.27 -2.15 -0.96
C GLY D 72 25.20 -0.83 -0.21
N ASP D 73 24.06 -0.56 0.41
CA ASP D 73 23.88 0.66 1.19
C ASP D 73 24.04 0.37 2.67
N ARG D 74 24.31 1.39 3.46
CA ARG D 74 24.51 1.25 4.90
C ARG D 74 23.74 2.34 5.64
N ILE D 75 22.90 1.93 6.57
CA ILE D 75 21.98 2.87 7.20
C ILE D 75 22.01 2.74 8.72
N MET D 76 21.24 3.58 9.39
CA MET D 76 21.08 3.49 10.84
C MET D 76 19.61 3.53 11.18
N PHE D 77 19.16 2.68 12.09
CA PHE D 77 17.78 2.71 12.52
C PHE D 77 17.70 3.02 14.00
N TYR D 78 16.90 4.01 14.35
CA TYR D 78 16.78 4.42 15.74
C TYR D 78 15.44 5.10 16.03
N THR D 79 14.92 4.88 17.24
CA THR D 79 13.63 5.41 17.61
C THR D 79 13.75 6.39 18.77
N ALA D 80 12.90 7.42 18.75
CA ALA D 80 12.84 8.40 19.82
C ALA D 80 11.50 8.35 20.53
N GLY D 81 11.51 8.71 21.81
CA GLY D 81 10.28 8.67 22.60
C GLY D 81 10.23 7.42 23.46
N ASP D 82 9.15 7.22 24.19
CA ASP D 82 9.03 6.02 24.97
C ASP D 82 7.97 5.12 24.37
N ALA D 83 8.44 4.10 23.68
CA ALA D 83 7.60 3.03 23.18
C ALA D 83 8.48 1.96 22.54
N SER D 84 7.96 0.75 22.47
CA SER D 84 8.70 -0.35 21.86
C SER D 84 7.99 -0.79 20.59
N VAL D 85 8.68 -0.68 19.46
CA VAL D 85 8.06 -0.92 18.17
C VAL D 85 8.71 -2.07 17.41
N SER D 86 7.88 -2.89 16.82
CA SER D 86 8.35 -3.97 15.99
C SER D 86 8.20 -3.57 14.53
N LEU D 87 9.30 -3.56 13.81
CA LEU D 87 9.23 -3.39 12.39
C LEU D 87 9.11 -4.74 11.75
N LEU D 88 8.38 -4.79 10.66
CA LEU D 88 8.13 -6.02 9.98
C LEU D 88 8.40 -5.85 8.50
N GLY D 89 9.14 -6.79 7.95
CA GLY D 89 9.53 -6.70 6.56
C GLY D 89 9.93 -8.04 6.01
N TYR D 90 10.57 -8.03 4.85
CA TYR D 90 11.03 -9.26 4.24
C TYR D 90 12.23 -9.02 3.35
N LEU D 91 13.22 -9.87 3.52
CA LEU D 91 14.41 -9.88 2.69
C LEU D 91 14.04 -10.41 1.32
N HIS D 92 14.57 -9.80 0.27
CA HIS D 92 14.32 -10.28 -1.07
C HIS D 92 14.99 -11.63 -1.28
N ASP D 93 14.19 -12.62 -1.66
CA ASP D 93 14.62 -14.02 -1.69
C ASP D 93 15.95 -14.24 -2.41
N ILE D 94 15.93 -14.22 -3.74
CA ILE D 94 17.12 -14.47 -4.53
C ILE D 94 17.21 -13.49 -5.69
N ASP D 95 18.24 -12.67 -5.68
CA ASP D 95 18.47 -11.74 -6.77
C ASP D 95 19.42 -12.37 -7.79
N SER D 96 18.85 -13.15 -8.69
CA SER D 96 19.63 -13.83 -9.71
C SER D 96 18.71 -14.39 -10.78
N GLY D 97 19.01 -14.11 -12.04
CA GLY D 97 18.21 -14.61 -13.14
C GLY D 97 18.49 -16.08 -13.41
N SER D 98 17.49 -16.79 -13.90
CA SER D 98 17.63 -18.20 -14.20
C SER D 98 16.74 -18.59 -15.36
N PHE E 1 3.38 -7.02 -19.36
CA PHE E 1 2.27 -7.75 -18.73
C PHE E 1 2.67 -8.24 -17.36
N GLN E 2 1.72 -8.24 -16.43
CA GLN E 2 1.98 -8.70 -15.07
C GLN E 2 0.95 -9.75 -14.69
N GLY E 3 1.02 -10.89 -15.36
CA GLY E 3 0.11 -11.98 -15.07
C GLY E 3 0.48 -12.69 -13.79
N ALA E 4 -0.51 -13.01 -12.98
CA ALA E 4 -0.30 -13.70 -11.72
C ALA E 4 -1.56 -14.42 -11.31
N MET E 5 -1.40 -15.56 -10.65
CA MET E 5 -2.54 -16.36 -10.23
C MET E 5 -2.45 -16.63 -8.74
N ALA E 6 -2.04 -15.62 -7.99
CA ALA E 6 -1.91 -15.70 -6.54
C ALA E 6 -3.18 -16.25 -5.91
N MET E 7 -3.02 -17.26 -5.07
CA MET E 7 -4.17 -17.97 -4.52
C MET E 7 -4.53 -17.44 -3.15
N PHE E 8 -5.81 -17.13 -2.99
CA PHE E 8 -6.35 -16.49 -1.80
C PHE E 8 -6.04 -17.27 -0.52
N TRP E 9 -5.75 -16.53 0.53
CA TRP E 9 -5.43 -17.08 1.84
C TRP E 9 -6.18 -16.30 2.90
N GLY E 10 -6.67 -16.98 3.92
CA GLY E 10 -7.36 -16.33 4.99
C GLY E 10 -7.08 -16.96 6.33
N LEU E 11 -7.22 -16.19 7.40
CA LEU E 11 -7.00 -16.68 8.75
C LEU E 11 -7.96 -16.03 9.73
N ASN E 12 -8.91 -16.82 10.22
CA ASN E 12 -9.86 -16.34 11.22
C ASN E 12 -9.34 -16.54 12.62
N MET E 13 -8.93 -15.46 13.25
CA MET E 13 -8.41 -15.47 14.60
C MET E 13 -9.53 -15.35 15.61
N LYS E 14 -9.47 -16.18 16.63
CA LYS E 14 -10.39 -16.08 17.75
C LYS E 14 -9.68 -15.37 18.90
N PRO E 15 -10.43 -14.58 19.69
CA PRO E 15 -9.85 -13.74 20.75
C PRO E 15 -8.88 -14.48 21.65
N GLU E 16 -7.59 -14.14 21.55
CA GLU E 16 -6.53 -14.71 22.36
C GLU E 16 -6.28 -16.16 21.99
N ARG E 17 -6.04 -16.39 20.72
CA ARG E 17 -5.61 -17.70 20.23
C ARG E 17 -4.17 -17.62 19.78
N LYS E 18 -3.48 -18.76 19.85
CA LYS E 18 -2.10 -18.82 19.44
C LYS E 18 -1.85 -20.04 18.56
N TYR E 19 -1.64 -19.79 17.27
CA TYR E 19 -1.38 -20.87 16.34
C TYR E 19 0.06 -20.80 15.85
N SER E 20 0.82 -21.85 16.07
CA SER E 20 2.14 -21.93 15.48
C SER E 20 1.98 -22.26 13.99
N GLN E 21 2.59 -21.46 13.14
CA GLN E 21 2.27 -21.46 11.73
C GLN E 21 3.34 -22.17 10.91
N THR E 22 2.94 -23.26 10.27
CA THR E 22 3.80 -23.97 9.35
C THR E 22 3.49 -23.54 7.92
N ILE E 23 4.50 -23.06 7.22
CA ILE E 23 4.30 -22.47 5.90
C ILE E 23 4.49 -23.50 4.79
N ILE E 24 3.39 -23.88 4.16
CA ILE E 24 3.43 -24.82 3.05
C ILE E 24 3.91 -24.14 1.77
N LYS E 25 3.49 -22.91 1.56
CA LYS E 25 3.88 -22.14 0.39
C LYS E 25 4.14 -20.69 0.80
N SER E 26 5.16 -20.09 0.21
CA SER E 26 5.53 -18.72 0.51
C SER E 26 4.37 -17.79 0.16
N PHE E 27 3.89 -17.06 1.15
CA PHE E 27 2.65 -16.32 0.98
C PHE E 27 2.75 -14.89 1.51
N HIS E 28 1.78 -14.10 1.11
CA HIS E 28 1.68 -12.71 1.52
C HIS E 28 0.39 -12.49 2.29
N ILE E 29 0.52 -11.95 3.49
CA ILE E 29 -0.66 -11.49 4.22
C ILE E 29 -0.82 -10.02 3.94
N SER E 30 -2.04 -9.58 3.72
CA SER E 30 -2.27 -8.24 3.23
C SER E 30 -3.12 -7.42 4.21
N GLY E 31 -3.89 -8.08 5.05
CA GLY E 31 -4.69 -7.35 6.00
C GLY E 31 -5.18 -8.20 7.15
N VAL E 32 -5.49 -7.55 8.26
CA VAL E 32 -6.11 -8.19 9.40
C VAL E 32 -7.22 -7.29 9.96
N ALA E 33 -8.43 -7.81 10.07
CA ALA E 33 -9.57 -6.97 10.42
C ALA E 33 -10.55 -7.67 11.34
N LEU E 34 -11.28 -6.91 12.14
CA LEU E 34 -12.28 -7.48 13.04
C LEU E 34 -13.66 -6.94 12.73
N ASP E 35 -14.64 -7.82 12.85
CA ASP E 35 -16.03 -7.44 12.72
C ASP E 35 -16.69 -7.53 14.08
N LYS E 36 -16.47 -8.65 14.75
CA LYS E 36 -16.85 -8.80 16.13
C LYS E 36 -15.61 -8.67 17.00
N GLY E 37 -15.65 -7.78 17.98
CA GLY E 37 -14.52 -7.67 18.87
C GLY E 37 -14.27 -6.28 19.37
N GLN E 38 -13.55 -6.17 20.47
CA GLN E 38 -13.18 -4.88 21.03
C GLN E 38 -11.72 -4.56 20.73
N GLU E 39 -10.82 -5.54 20.90
CA GLU E 39 -9.41 -5.33 20.62
C GLU E 39 -8.74 -6.64 20.19
N ALA E 40 -7.98 -6.59 19.12
CA ALA E 40 -7.12 -7.70 18.76
C ALA E 40 -5.72 -7.21 18.42
N LYS E 41 -4.76 -7.59 19.24
CA LYS E 41 -3.37 -7.29 18.95
C LYS E 41 -2.74 -8.48 18.27
N LEU E 42 -2.39 -8.30 17.00
CA LEU E 42 -1.83 -9.37 16.21
C LEU E 42 -0.34 -9.46 16.46
N TYR E 43 0.09 -10.57 17.02
CA TYR E 43 1.50 -10.81 17.27
C TYR E 43 1.95 -12.00 16.47
N LEU E 44 3.17 -11.95 15.98
CA LEU E 44 3.75 -13.11 15.35
C LEU E 44 5.14 -13.35 15.91
N ALA E 45 5.40 -14.59 16.27
CA ALA E 45 6.70 -14.94 16.80
C ALA E 45 7.49 -15.74 15.77
N ALA E 46 8.52 -15.13 15.24
CA ALA E 46 9.41 -15.79 14.30
C ALA E 46 10.84 -15.65 14.82
N GLU E 47 11.70 -16.61 14.46
CA GLU E 47 13.06 -16.73 15.02
C GLU E 47 13.05 -16.50 16.54
N LYS E 48 12.00 -17.00 17.17
CA LYS E 48 11.78 -16.84 18.62
C LYS E 48 11.81 -15.38 19.03
N GLN E 49 11.10 -14.54 18.27
CA GLN E 49 10.97 -13.14 18.60
C GLN E 49 9.51 -12.72 18.44
N GLU E 50 8.98 -12.04 19.45
CA GLU E 50 7.59 -11.62 19.43
C GLU E 50 7.46 -10.28 18.72
N TYR E 51 6.85 -10.30 17.55
CA TYR E 51 6.61 -9.08 16.81
C TYR E 51 5.16 -8.65 16.91
N ILE E 52 4.92 -7.40 17.26
CA ILE E 52 3.59 -6.85 17.17
C ILE E 52 3.29 -6.51 15.71
N VAL E 53 2.49 -7.35 15.09
CA VAL E 53 2.22 -7.27 13.68
C VAL E 53 1.25 -6.14 13.39
N ALA E 54 0.15 -6.12 14.14
CA ALA E 54 -0.88 -5.11 13.94
C ALA E 54 -1.74 -4.96 15.18
N THR E 55 -2.17 -3.75 15.45
CA THR E 55 -3.14 -3.53 16.50
C THR E 55 -4.45 -3.11 15.87
N VAL E 56 -5.37 -4.05 15.77
CA VAL E 56 -6.67 -3.81 15.17
C VAL E 56 -7.74 -3.85 16.25
N THR E 57 -8.45 -2.75 16.40
CA THR E 57 -9.39 -2.62 17.49
C THR E 57 -10.80 -2.33 17.00
N LYS E 58 -11.72 -2.20 17.94
CA LYS E 58 -13.07 -1.76 17.63
C LYS E 58 -13.04 -0.36 17.01
N ALA E 59 -12.00 0.40 17.36
CA ALA E 59 -11.82 1.74 16.83
C ALA E 59 -11.13 1.71 15.47
N ILE E 60 -10.15 0.83 15.33
CA ILE E 60 -9.49 0.60 14.06
C ILE E 60 -9.93 -0.75 13.50
N PRO E 61 -11.03 -0.77 12.72
CA PRO E 61 -11.70 -2.02 12.30
C PRO E 61 -10.81 -2.94 11.46
N GLN E 62 -9.75 -2.39 10.87
CA GLN E 62 -8.87 -3.17 10.03
C GLN E 62 -7.49 -2.57 9.92
N VAL E 63 -6.49 -3.42 10.03
CA VAL E 63 -5.12 -3.04 9.77
C VAL E 63 -4.61 -3.71 8.52
N ALA E 64 -4.35 -2.92 7.50
CA ALA E 64 -3.80 -3.43 6.26
C ALA E 64 -2.28 -3.38 6.29
N LEU E 65 -1.66 -4.53 6.10
CA LEU E 65 -0.20 -4.63 6.18
C LEU E 65 0.35 -5.62 5.15
N ASP E 66 1.51 -5.28 4.60
CA ASP E 66 2.18 -6.14 3.63
C ASP E 66 3.12 -7.11 4.34
N LEU E 67 2.66 -8.35 4.50
CA LEU E 67 3.46 -9.40 5.10
C LEU E 67 3.83 -10.42 4.04
N ASN E 68 5.06 -10.89 4.06
CA ASN E 68 5.47 -11.97 3.19
C ASN E 68 6.33 -12.96 3.95
N PHE E 69 5.97 -14.22 3.89
CA PHE E 69 6.70 -15.27 4.57
C PHE E 69 7.13 -16.33 3.57
N SER E 70 8.28 -16.93 3.80
CA SER E 70 8.81 -17.96 2.92
C SER E 70 8.52 -19.34 3.50
N LYS E 71 8.34 -20.32 2.62
CA LYS E 71 8.01 -21.68 3.04
C LYS E 71 9.19 -22.33 3.76
N GLY E 72 10.35 -21.68 3.72
CA GLY E 72 11.51 -22.15 4.44
C GLY E 72 11.57 -21.59 5.85
N ASP E 73 10.71 -20.63 6.15
CA ASP E 73 10.68 -20.03 7.47
C ASP E 73 9.52 -20.61 8.27
N ARG E 74 9.59 -20.48 9.58
CA ARG E 74 8.56 -21.03 10.47
C ARG E 74 8.19 -20.00 11.53
N ILE E 75 6.92 -19.68 11.63
CA ILE E 75 6.48 -18.56 12.48
C ILE E 75 5.33 -18.96 13.38
N MET E 76 4.89 -18.03 14.22
CA MET E 76 3.72 -18.24 15.06
C MET E 76 2.79 -17.05 14.92
N PHE E 77 1.49 -17.29 14.78
CA PHE E 77 0.54 -16.20 14.73
C PHE E 77 -0.41 -16.28 15.90
N TYR E 78 -0.56 -15.18 16.62
CA TYR E 78 -1.43 -15.17 17.78
C TYR E 78 -1.93 -13.77 18.11
N THR E 79 -3.16 -13.68 18.60
CA THR E 79 -3.78 -12.40 18.88
C THR E 79 -4.09 -12.25 20.37
N ALA E 80 -3.97 -11.02 20.86
CA ALA E 80 -4.28 -10.70 22.25
C ALA E 80 -5.46 -9.75 22.33
N GLY E 81 -6.21 -9.83 23.42
CA GLY E 81 -7.38 -8.99 23.59
C GLY E 81 -8.65 -9.74 23.24
N ASP E 82 -9.79 -9.07 23.29
CA ASP E 82 -11.02 -9.73 22.92
C ASP E 82 -11.53 -9.17 21.61
N ALA E 83 -11.31 -9.92 20.56
CA ALA E 83 -11.86 -9.66 19.24
C ALA E 83 -11.51 -10.79 18.30
N SER E 84 -12.31 -10.95 17.25
CA SER E 84 -12.06 -11.99 16.27
C SER E 84 -11.68 -11.35 14.94
N VAL E 85 -10.47 -11.64 14.47
CA VAL E 85 -9.96 -10.98 13.29
C VAL E 85 -9.67 -11.94 12.16
N SER E 86 -10.04 -11.53 10.96
CA SER E 86 -9.74 -12.29 9.77
C SER E 86 -8.55 -11.66 9.07
N LEU E 87 -7.50 -12.43 8.90
CA LEU E 87 -6.40 -12.01 8.07
C LEU E 87 -6.67 -12.44 6.66
N LEU E 88 -6.24 -11.63 5.74
CA LEU E 88 -6.47 -11.90 4.34
C LEU E 88 -5.17 -11.73 3.56
N GLY E 89 -4.88 -12.70 2.73
CA GLY E 89 -3.65 -12.71 2.00
C GLY E 89 -3.73 -13.60 0.78
N TYR E 90 -2.58 -13.89 0.20
CA TYR E 90 -2.52 -14.77 -0.95
C TYR E 90 -1.18 -15.47 -1.05
N LEU E 91 -1.27 -16.77 -1.28
CA LEU E 91 -0.11 -17.61 -1.52
C LEU E 91 0.46 -17.28 -2.89
N HIS E 92 1.78 -17.21 -3.00
CA HIS E 92 2.40 -16.95 -4.28
C HIS E 92 2.19 -18.15 -5.20
N ASP E 93 1.60 -17.89 -6.36
CA ASP E 93 1.13 -18.94 -7.26
C ASP E 93 2.18 -20.02 -7.55
N ILE E 94 3.14 -19.73 -8.40
CA ILE E 94 4.16 -20.69 -8.78
C ILE E 94 5.53 -20.04 -8.83
N ASP E 95 6.42 -20.50 -7.96
CA ASP E 95 7.79 -20.00 -7.95
C ASP E 95 8.66 -20.92 -8.81
N SER E 96 8.66 -20.64 -10.11
CA SER E 96 9.45 -21.42 -11.05
C SER E 96 9.51 -20.70 -12.39
N GLY E 97 10.71 -20.56 -12.93
CA GLY E 97 10.88 -19.92 -14.22
C GLY E 97 10.49 -20.82 -15.37
N SER E 98 10.02 -20.23 -16.46
CA SER E 98 9.61 -21.00 -17.61
C SER E 98 9.84 -20.19 -18.89
N PHE A 1 11.68 -2.75 -19.99
CA PHE A 1 10.93 -3.73 -20.79
C PHE A 1 10.08 -4.61 -19.89
N GLN A 2 9.21 -5.42 -20.50
CA GLN A 2 8.38 -6.38 -19.77
C GLN A 2 7.39 -5.68 -18.84
N GLY A 3 6.81 -6.44 -17.93
CA GLY A 3 5.85 -5.88 -17.00
C GLY A 3 4.43 -6.20 -17.39
N ALA A 4 3.84 -7.18 -16.70
CA ALA A 4 2.49 -7.61 -16.99
C ALA A 4 1.49 -6.50 -16.70
N MET A 5 0.57 -6.29 -17.64
CA MET A 5 -0.44 -5.26 -17.49
C MET A 5 -1.75 -5.87 -17.01
N ALA A 6 -2.43 -5.15 -16.14
CA ALA A 6 -3.71 -5.58 -15.61
C ALA A 6 -4.83 -4.70 -16.15
N MET A 7 -6.03 -5.25 -16.19
CA MET A 7 -7.18 -4.53 -16.72
C MET A 7 -8.18 -4.20 -15.61
N PHE A 8 -8.72 -3.00 -15.68
CA PHE A 8 -9.59 -2.45 -14.63
C PHE A 8 -10.78 -3.37 -14.30
N TRP A 9 -11.14 -3.39 -13.03
CA TRP A 9 -12.23 -4.18 -12.51
C TRP A 9 -13.01 -3.37 -11.48
N GLY A 10 -14.31 -3.61 -11.38
CA GLY A 10 -15.11 -2.92 -10.41
C GLY A 10 -16.28 -3.76 -9.95
N LEU A 11 -16.74 -3.52 -8.73
CA LEU A 11 -17.86 -4.27 -8.17
C LEU A 11 -18.82 -3.36 -7.42
N ASN A 12 -19.99 -3.15 -7.99
CA ASN A 12 -21.05 -2.41 -7.32
C ASN A 12 -21.78 -3.33 -6.33
N MET A 13 -21.52 -3.13 -5.06
CA MET A 13 -22.10 -3.97 -4.01
C MET A 13 -23.29 -3.29 -3.38
N LYS A 14 -24.37 -4.05 -3.25
CA LYS A 14 -25.60 -3.55 -2.67
C LYS A 14 -25.69 -3.97 -1.20
N PRO A 15 -26.31 -3.11 -0.36
CA PRO A 15 -26.41 -3.33 1.09
C PRO A 15 -27.02 -4.68 1.45
N GLU A 16 -26.20 -5.53 2.10
CA GLU A 16 -26.65 -6.84 2.56
C GLU A 16 -27.05 -7.74 1.41
N ARG A 17 -26.30 -7.65 0.32
CA ARG A 17 -26.49 -8.56 -0.81
C ARG A 17 -25.30 -9.51 -0.87
N LYS A 18 -25.54 -10.72 -1.37
CA LYS A 18 -24.51 -11.74 -1.36
C LYS A 18 -24.29 -12.32 -2.75
N TYR A 19 -23.08 -12.18 -3.26
CA TYR A 19 -22.75 -12.70 -4.58
C TYR A 19 -21.79 -13.88 -4.45
N SER A 20 -22.28 -15.09 -4.64
CA SER A 20 -21.41 -16.24 -4.73
C SER A 20 -20.97 -16.42 -6.18
N GLN A 21 -19.77 -15.95 -6.48
CA GLN A 21 -19.33 -15.79 -7.86
C GLN A 21 -18.02 -16.51 -8.15
N THR A 22 -17.89 -16.96 -9.39
CA THR A 22 -16.70 -17.65 -9.85
C THR A 22 -15.72 -16.65 -10.45
N ILE A 23 -14.46 -17.04 -10.54
CA ILE A 23 -13.41 -16.16 -11.00
C ILE A 23 -12.97 -16.53 -12.41
N ILE A 24 -13.16 -15.60 -13.34
CA ILE A 24 -12.81 -15.83 -14.73
C ILE A 24 -11.31 -15.64 -14.93
N LYS A 25 -10.79 -14.57 -14.35
CA LYS A 25 -9.36 -14.26 -14.41
C LYS A 25 -8.86 -13.86 -13.04
N SER A 26 -7.66 -14.32 -12.69
CA SER A 26 -7.03 -13.97 -11.43
C SER A 26 -6.93 -12.45 -11.31
N PHE A 27 -7.48 -11.88 -10.25
CA PHE A 27 -7.59 -10.44 -10.16
C PHE A 27 -7.30 -9.91 -8.77
N HIS A 28 -6.95 -8.64 -8.73
CA HIS A 28 -6.64 -7.96 -7.50
C HIS A 28 -7.70 -6.90 -7.20
N ILE A 29 -8.28 -6.96 -6.03
CA ILE A 29 -9.16 -5.89 -5.56
C ILE A 29 -8.34 -4.96 -4.69
N SER A 30 -8.46 -3.67 -4.92
CA SER A 30 -7.58 -2.71 -4.29
C SER A 30 -8.35 -1.74 -3.39
N GLY A 31 -9.66 -1.67 -3.54
CA GLY A 31 -10.42 -0.78 -2.71
C GLY A 31 -11.90 -1.12 -2.65
N VAL A 32 -12.51 -0.76 -1.54
CA VAL A 32 -13.97 -0.85 -1.38
C VAL A 32 -14.46 0.38 -0.60
N ALA A 33 -15.39 1.13 -1.17
CA ALA A 33 -15.79 2.39 -0.56
C ALA A 33 -17.29 2.66 -0.73
N LEU A 34 -17.85 3.45 0.19
CA LEU A 34 -19.27 3.81 0.10
C LEU A 34 -19.43 5.29 -0.06
N ASP A 35 -20.36 5.66 -0.92
CA ASP A 35 -20.76 7.04 -1.08
C ASP A 35 -22.17 7.20 -0.53
N LYS A 36 -23.05 6.29 -0.92
CA LYS A 36 -24.36 6.19 -0.32
C LYS A 36 -24.38 5.01 0.64
N GLY A 37 -24.81 5.23 1.87
CA GLY A 37 -24.90 4.14 2.80
C GLY A 37 -24.63 4.53 4.22
N GLN A 38 -25.03 3.69 5.16
CA GLN A 38 -24.78 3.94 6.57
C GLN A 38 -23.61 3.10 7.08
N GLU A 39 -23.63 1.80 6.79
CA GLU A 39 -22.53 0.90 7.15
C GLU A 39 -22.45 -0.28 6.19
N ALA A 40 -21.25 -0.65 5.79
CA ALA A 40 -21.07 -1.88 5.03
C ALA A 40 -19.87 -2.67 5.53
N LYS A 41 -20.13 -3.85 6.06
CA LYS A 41 -19.06 -4.76 6.40
C LYS A 41 -18.86 -5.73 5.25
N LEU A 42 -17.70 -5.66 4.63
CA LEU A 42 -17.42 -6.49 3.48
C LEU A 42 -16.92 -7.84 3.94
N TYR A 43 -17.69 -8.87 3.62
CA TYR A 43 -17.31 -10.23 3.96
C TYR A 43 -17.13 -11.03 2.69
N LEU A 44 -16.17 -11.92 2.70
CA LEU A 44 -16.00 -12.84 1.61
C LEU A 44 -15.85 -14.24 2.15
N ALA A 45 -16.60 -15.16 1.59
CA ALA A 45 -16.53 -16.54 2.01
C ALA A 45 -15.92 -17.38 0.89
N ALA A 46 -14.79 -17.99 1.20
CA ALA A 46 -14.12 -18.86 0.26
C ALA A 46 -13.77 -20.17 0.94
N GLU A 47 -14.05 -21.28 0.27
CA GLU A 47 -13.86 -22.62 0.84
C GLU A 47 -14.62 -22.76 2.16
N LYS A 48 -15.83 -22.18 2.18
CA LYS A 48 -16.73 -22.26 3.33
C LYS A 48 -16.14 -21.53 4.54
N GLN A 49 -15.23 -20.59 4.30
CA GLN A 49 -14.65 -19.79 5.37
C GLN A 49 -15.08 -18.35 5.23
N GLU A 50 -15.68 -17.80 6.27
CA GLU A 50 -16.15 -16.43 6.26
C GLU A 50 -15.03 -15.49 6.68
N TYR A 51 -14.61 -14.62 5.78
CA TYR A 51 -13.59 -13.64 6.09
C TYR A 51 -14.17 -12.24 6.11
N ILE A 52 -13.86 -11.50 7.15
CA ILE A 52 -14.19 -10.08 7.18
C ILE A 52 -13.13 -9.30 6.40
N VAL A 53 -13.51 -8.92 5.19
CA VAL A 53 -12.58 -8.31 4.26
C VAL A 53 -12.31 -6.87 4.63
N ALA A 54 -13.36 -6.13 4.89
CA ALA A 54 -13.24 -4.71 5.22
C ALA A 54 -14.44 -4.23 6.01
N THR A 55 -14.23 -3.22 6.84
CA THR A 55 -15.33 -2.53 7.47
C THR A 55 -15.38 -1.09 6.97
N VAL A 56 -16.29 -0.83 6.05
CA VAL A 56 -16.40 0.48 5.46
C VAL A 56 -17.71 1.13 5.87
N THR A 57 -17.60 2.19 6.63
CA THR A 57 -18.78 2.84 7.20
C THR A 57 -18.85 4.32 6.80
N LYS A 58 -19.85 5.03 7.30
CA LYS A 58 -19.87 6.48 7.17
C LYS A 58 -18.62 7.09 7.79
N ALA A 59 -18.16 6.48 8.89
CA ALA A 59 -16.97 6.95 9.59
C ALA A 59 -15.71 6.64 8.80
N ILE A 60 -15.68 5.45 8.21
CA ILE A 60 -14.60 5.05 7.33
C ILE A 60 -15.17 4.84 5.92
N PRO A 61 -15.34 5.92 5.16
CA PRO A 61 -16.10 5.90 3.90
C PRO A 61 -15.39 5.14 2.77
N GLN A 62 -14.22 4.61 3.07
CA GLN A 62 -13.42 3.93 2.05
C GLN A 62 -12.36 3.05 2.69
N VAL A 63 -12.33 1.81 2.28
CA VAL A 63 -11.28 0.89 2.71
C VAL A 63 -10.41 0.48 1.53
N ALA A 64 -9.18 0.93 1.55
CA ALA A 64 -8.21 0.52 0.54
C ALA A 64 -7.46 -0.72 1.02
N LEU A 65 -7.69 -1.83 0.35
CA LEU A 65 -7.12 -3.10 0.76
C LEU A 65 -6.45 -3.81 -0.41
N ASP A 66 -5.70 -4.86 -0.10
CA ASP A 66 -4.99 -5.62 -1.11
C ASP A 66 -5.52 -7.04 -1.18
N LEU A 67 -6.37 -7.29 -2.16
CA LEU A 67 -6.93 -8.61 -2.40
C LEU A 67 -6.44 -9.15 -3.72
N ASN A 68 -6.14 -10.43 -3.78
CA ASN A 68 -5.79 -11.05 -5.05
C ASN A 68 -6.29 -12.49 -5.08
N PHE A 69 -7.21 -12.75 -5.97
CA PHE A 69 -7.79 -14.08 -6.10
C PHE A 69 -7.33 -14.73 -7.40
N SER A 70 -7.43 -16.04 -7.47
CA SER A 70 -7.01 -16.79 -8.64
C SER A 70 -8.21 -17.40 -9.34
N LYS A 71 -8.11 -17.55 -10.66
CA LYS A 71 -9.22 -18.04 -11.48
C LYS A 71 -9.49 -19.54 -11.28
N GLY A 72 -8.85 -20.12 -10.27
CA GLY A 72 -9.10 -21.51 -9.95
C GLY A 72 -10.07 -21.68 -8.80
N ASP A 73 -10.20 -20.64 -7.98
CA ASP A 73 -11.06 -20.69 -6.80
C ASP A 73 -12.39 -19.99 -7.07
N ARG A 74 -13.33 -20.13 -6.14
CA ARG A 74 -14.64 -19.50 -6.24
C ARG A 74 -15.04 -18.93 -4.89
N ILE A 75 -15.45 -17.67 -4.88
CA ILE A 75 -15.64 -16.96 -3.63
C ILE A 75 -17.01 -16.28 -3.58
N MET A 76 -17.44 -15.91 -2.39
CA MET A 76 -18.68 -15.16 -2.24
C MET A 76 -18.39 -13.81 -1.63
N PHE A 77 -18.79 -12.76 -2.32
CA PHE A 77 -18.62 -11.43 -1.81
C PHE A 77 -19.96 -10.89 -1.35
N TYR A 78 -20.00 -10.41 -0.12
CA TYR A 78 -21.26 -9.93 0.44
C TYR A 78 -21.02 -8.92 1.56
N THR A 79 -21.95 -8.00 1.72
CA THR A 79 -21.82 -6.97 2.74
C THR A 79 -22.92 -7.06 3.78
N ALA A 80 -22.57 -6.67 5.00
CA ALA A 80 -23.53 -6.60 6.08
C ALA A 80 -23.75 -5.15 6.50
N GLY A 81 -24.98 -4.82 6.88
CA GLY A 81 -25.31 -3.45 7.21
C GLY A 81 -25.95 -2.77 6.03
N ASP A 82 -26.37 -1.53 6.19
CA ASP A 82 -26.99 -0.84 5.09
C ASP A 82 -26.04 0.21 4.54
N ALA A 83 -25.43 -0.12 3.42
CA ALA A 83 -24.66 0.81 2.62
C ALA A 83 -24.30 0.17 1.30
N SER A 84 -24.14 0.98 0.27
CA SER A 84 -23.78 0.46 -1.04
C SER A 84 -22.35 0.83 -1.35
N VAL A 85 -21.51 -0.18 -1.59
CA VAL A 85 -20.10 0.05 -1.76
C VAL A 85 -19.63 -0.37 -3.13
N SER A 86 -18.66 0.36 -3.63
CA SER A 86 -18.08 0.06 -4.91
C SER A 86 -16.65 -0.41 -4.70
N LEU A 87 -16.36 -1.62 -5.14
CA LEU A 87 -15.00 -2.10 -5.08
C LEU A 87 -14.30 -1.82 -6.38
N LEU A 88 -13.01 -1.65 -6.29
CA LEU A 88 -12.21 -1.34 -7.44
C LEU A 88 -10.98 -2.24 -7.44
N GLY A 89 -10.61 -2.68 -8.62
CA GLY A 89 -9.50 -3.60 -8.74
C GLY A 89 -9.04 -3.73 -10.17
N TYR A 90 -8.22 -4.74 -10.43
CA TYR A 90 -7.75 -5.01 -11.78
C TYR A 90 -7.47 -6.49 -11.98
N LEU A 91 -8.02 -7.02 -13.06
CA LEU A 91 -7.81 -8.39 -13.47
C LEU A 91 -6.41 -8.55 -14.05
N HIS A 92 -5.73 -9.62 -13.68
CA HIS A 92 -4.43 -9.91 -14.26
C HIS A 92 -4.63 -10.54 -15.64
N ASP A 93 -4.32 -9.79 -16.68
CA ASP A 93 -4.53 -10.25 -18.04
C ASP A 93 -3.19 -10.42 -18.75
N ILE A 94 -3.22 -10.78 -20.01
CA ILE A 94 -2.02 -10.96 -20.80
C ILE A 94 -1.86 -9.78 -21.75
N ASP A 95 -3.00 -9.29 -22.24
CA ASP A 95 -3.06 -8.21 -23.24
C ASP A 95 -2.46 -8.65 -24.58
N SER A 96 -3.14 -8.31 -25.66
CA SER A 96 -2.73 -8.75 -26.99
C SER A 96 -1.77 -7.75 -27.63
N GLY A 97 -1.34 -6.76 -26.87
CA GLY A 97 -0.46 -5.74 -27.41
C GLY A 97 -1.24 -4.72 -28.21
N SER A 98 -1.81 -5.16 -29.32
CA SER A 98 -2.64 -4.32 -30.15
C SER A 98 -3.92 -5.06 -30.52
N PHE B 1 18.66 -7.18 -12.01
CA PHE B 1 18.39 -6.87 -13.43
C PHE B 1 16.90 -6.76 -13.68
N GLN B 2 16.53 -6.31 -14.88
CA GLN B 2 15.13 -6.23 -15.32
C GLN B 2 14.34 -5.24 -14.45
N GLY B 3 13.03 -5.31 -14.55
CA GLY B 3 12.18 -4.42 -13.80
C GLY B 3 11.65 -3.29 -14.64
N ALA B 4 10.38 -3.42 -15.04
CA ALA B 4 9.74 -2.42 -15.89
C ALA B 4 9.62 -1.08 -15.17
N MET B 5 9.97 -0.02 -15.86
CA MET B 5 9.91 1.32 -15.29
C MET B 5 8.64 2.03 -15.74
N ALA B 6 8.04 2.77 -14.83
CA ALA B 6 6.85 3.54 -15.14
C ALA B 6 7.16 5.02 -15.16
N MET B 7 6.36 5.78 -15.89
CA MET B 7 6.57 7.22 -16.01
C MET B 7 5.46 7.99 -15.31
N PHE B 8 5.84 9.06 -14.63
CA PHE B 8 4.95 9.86 -13.79
C PHE B 8 3.70 10.34 -14.52
N TRP B 9 2.59 10.37 -13.80
CA TRP B 9 1.30 10.80 -14.32
C TRP B 9 0.59 11.65 -13.27
N GLY B 10 -0.20 12.60 -13.70
CA GLY B 10 -0.95 13.42 -12.78
C GLY B 10 -2.25 13.90 -13.38
N LEU B 11 -3.23 14.17 -12.53
CA LEU B 11 -4.54 14.63 -12.99
C LEU B 11 -5.08 15.73 -12.10
N ASN B 12 -5.11 16.95 -12.62
CA ASN B 12 -5.72 18.07 -11.94
C ASN B 12 -7.23 18.03 -12.13
N MET B 13 -7.95 17.65 -11.09
CA MET B 13 -9.39 17.51 -11.15
C MET B 13 -10.09 18.73 -10.57
N LYS B 14 -11.07 19.23 -11.31
CA LYS B 14 -11.82 20.40 -10.88
C LYS B 14 -13.13 19.98 -10.24
N PRO B 15 -13.59 20.74 -9.24
CA PRO B 15 -14.81 20.43 -8.47
C PRO B 15 -16.03 20.20 -9.37
N GLU B 16 -16.55 18.97 -9.34
CA GLU B 16 -17.76 18.60 -10.08
C GLU B 16 -17.55 18.72 -11.58
N ARG B 17 -16.37 18.36 -12.03
CA ARG B 17 -16.08 18.31 -13.46
C ARG B 17 -15.95 16.85 -13.88
N LYS B 18 -16.31 16.55 -15.12
CA LYS B 18 -16.35 15.17 -15.59
C LYS B 18 -15.52 14.99 -16.85
N TYR B 19 -14.50 14.14 -16.76
CA TYR B 19 -13.65 13.86 -17.92
C TYR B 19 -13.89 12.45 -18.42
N SER B 20 -14.58 12.31 -19.53
CA SER B 20 -14.69 11.03 -20.19
C SER B 20 -13.51 10.86 -21.15
N GLN B 21 -12.50 10.14 -20.70
CA GLN B 21 -11.20 10.13 -21.37
C GLN B 21 -10.74 8.73 -21.75
N THR B 22 -9.99 8.65 -22.84
CA THR B 22 -9.46 7.40 -23.32
C THR B 22 -8.05 7.18 -22.75
N ILE B 23 -7.60 5.93 -22.77
CA ILE B 23 -6.33 5.58 -22.17
C ILE B 23 -5.28 5.31 -23.24
N ILE B 24 -4.23 6.12 -23.23
CA ILE B 24 -3.15 6.00 -24.21
C ILE B 24 -2.22 4.87 -23.81
N LYS B 25 -1.87 4.83 -22.54
CA LYS B 25 -1.00 3.79 -22.01
C LYS B 25 -1.56 3.28 -20.69
N SER B 26 -1.48 1.97 -20.48
CA SER B 26 -1.94 1.35 -19.24
C SER B 26 -1.22 1.99 -18.06
N PHE B 27 -1.98 2.52 -17.10
CA PHE B 27 -1.37 3.31 -16.05
C PHE B 27 -1.99 3.04 -14.69
N HIS B 28 -1.21 3.37 -13.66
CA HIS B 28 -1.62 3.18 -12.29
C HIS B 28 -1.81 4.55 -11.62
N ILE B 29 -2.98 4.76 -11.04
CA ILE B 29 -3.18 5.93 -10.21
C ILE B 29 -2.97 5.52 -8.76
N SER B 30 -2.22 6.31 -8.02
CA SER B 30 -1.79 5.91 -6.70
C SER B 30 -2.31 6.86 -5.62
N GLY B 31 -2.78 8.02 -6.01
CA GLY B 31 -3.30 8.95 -5.02
C GLY B 31 -4.20 10.00 -5.61
N VAL B 32 -5.13 10.48 -4.79
CA VAL B 32 -5.97 11.63 -5.11
C VAL B 32 -6.15 12.50 -3.87
N ALA B 33 -5.80 13.77 -3.94
CA ALA B 33 -5.80 14.62 -2.75
C ALA B 33 -6.24 16.03 -3.05
N LEU B 34 -6.78 16.72 -2.03
CA LEU B 34 -7.19 18.11 -2.20
C LEU B 34 -6.41 19.02 -1.28
N ASP B 35 -6.05 20.15 -1.83
CA ASP B 35 -5.43 21.21 -1.05
C ASP B 35 -6.40 22.36 -0.93
N LYS B 36 -6.98 22.74 -2.06
CA LYS B 36 -8.08 23.68 -2.09
C LYS B 36 -9.38 22.92 -2.31
N GLY B 37 -10.37 23.13 -1.46
CA GLY B 37 -11.64 22.49 -1.65
C GLY B 37 -12.34 22.15 -0.37
N GLN B 38 -13.64 21.89 -0.46
CA GLN B 38 -14.42 21.51 0.70
C GLN B 38 -14.68 20.00 0.74
N GLU B 39 -15.12 19.44 -0.39
CA GLU B 39 -15.32 17.99 -0.51
C GLU B 39 -15.17 17.54 -1.95
N ALA B 40 -14.50 16.42 -2.18
CA ALA B 40 -14.47 15.83 -3.50
C ALA B 40 -14.67 14.32 -3.43
N LYS B 41 -15.77 13.85 -3.99
CA LYS B 41 -15.97 12.42 -4.14
C LYS B 41 -15.54 12.01 -5.53
N LEU B 42 -14.50 11.19 -5.59
CA LEU B 42 -13.94 10.78 -6.85
C LEU B 42 -14.72 9.59 -7.39
N TYR B 43 -15.36 9.80 -8.53
CA TYR B 43 -16.11 8.75 -9.19
C TYR B 43 -15.49 8.46 -10.53
N LEU B 44 -15.50 7.21 -10.91
CA LEU B 44 -15.08 6.83 -12.24
C LEU B 44 -16.11 5.90 -12.84
N ALA B 45 -16.51 6.20 -14.06
CA ALA B 45 -17.46 5.37 -14.75
C ALA B 45 -16.80 4.67 -15.92
N ALA B 46 -16.79 3.35 -15.86
CA ALA B 46 -16.22 2.54 -16.92
C ALA B 46 -17.21 1.46 -17.33
N GLU B 47 -17.41 1.30 -18.63
CA GLU B 47 -18.39 0.35 -19.15
C GLU B 47 -19.79 0.66 -18.58
N LYS B 48 -20.08 1.96 -18.47
CA LYS B 48 -21.38 2.45 -18.01
C LYS B 48 -21.63 2.06 -16.54
N GLN B 49 -20.56 1.81 -15.80
CA GLN B 49 -20.67 1.50 -14.39
C GLN B 49 -20.04 2.60 -13.56
N GLU B 50 -20.81 3.16 -12.64
CA GLU B 50 -20.33 4.24 -11.79
C GLU B 50 -19.65 3.67 -10.56
N TYR B 51 -18.37 3.93 -10.42
CA TYR B 51 -17.62 3.48 -9.27
C TYR B 51 -17.20 4.66 -8.40
N ILE B 52 -17.45 4.55 -7.10
CA ILE B 52 -16.92 5.53 -6.17
C ILE B 52 -15.48 5.17 -5.85
N VAL B 53 -14.58 5.92 -6.46
CA VAL B 53 -13.15 5.62 -6.40
C VAL B 53 -12.58 6.03 -5.06
N ALA B 54 -12.89 7.24 -4.64
CA ALA B 54 -12.37 7.77 -3.38
C ALA B 54 -13.26 8.85 -2.82
N THR B 55 -13.27 9.00 -1.52
CA THR B 55 -13.90 10.15 -0.89
C THR B 55 -12.84 10.99 -0.21
N VAL B 56 -12.46 12.08 -0.86
CA VAL B 56 -11.42 12.94 -0.34
C VAL B 56 -12.02 14.30 0.06
N THR B 57 -11.99 14.58 1.34
CA THR B 57 -12.63 15.77 1.87
C THR B 57 -11.64 16.63 2.64
N LYS B 58 -12.11 17.73 3.22
CA LYS B 58 -11.30 18.50 4.17
C LYS B 58 -10.86 17.60 5.32
N ALA B 59 -11.75 16.69 5.73
CA ALA B 59 -11.48 15.78 6.82
C ALA B 59 -10.46 14.73 6.40
N ILE B 60 -10.62 14.23 5.19
CA ILE B 60 -9.67 13.30 4.60
C ILE B 60 -9.03 13.96 3.39
N PRO B 61 -7.99 14.79 3.62
CA PRO B 61 -7.43 15.68 2.58
C PRO B 61 -6.66 14.95 1.49
N GLN B 62 -6.60 13.63 1.60
CA GLN B 62 -5.83 12.83 0.67
C GLN B 62 -6.23 11.37 0.74
N VAL B 63 -6.54 10.81 -0.42
CA VAL B 63 -6.83 9.38 -0.52
C VAL B 63 -5.77 8.69 -1.36
N ALA B 64 -4.97 7.86 -0.71
CA ALA B 64 -3.98 7.05 -1.40
C ALA B 64 -4.60 5.71 -1.78
N LEU B 65 -4.79 5.49 -3.08
CA LEU B 65 -5.45 4.30 -3.56
C LEU B 65 -4.64 3.62 -4.67
N ASP B 66 -5.04 2.40 -5.01
CA ASP B 66 -4.35 1.63 -6.03
C ASP B 66 -5.25 1.40 -7.23
N LEU B 67 -5.06 2.20 -8.26
CA LEU B 67 -5.81 2.06 -9.49
C LEU B 67 -4.87 1.66 -10.62
N ASN B 68 -5.34 0.79 -11.50
CA ASN B 68 -4.55 0.44 -12.68
C ASN B 68 -5.49 0.16 -13.84
N PHE B 69 -5.39 1.00 -14.86
CA PHE B 69 -6.24 0.85 -16.03
C PHE B 69 -5.40 0.41 -17.22
N SER B 70 -6.05 -0.14 -18.24
CA SER B 70 -5.36 -0.62 -19.42
C SER B 70 -5.73 0.23 -20.63
N LYS B 71 -4.79 0.34 -21.56
CA LYS B 71 -4.96 1.20 -22.75
C LYS B 71 -5.98 0.65 -23.74
N GLY B 72 -6.71 -0.37 -23.33
CA GLY B 72 -7.75 -0.91 -24.18
C GLY B 72 -9.13 -0.41 -23.79
N ASP B 73 -9.27 0.05 -22.55
CA ASP B 73 -10.56 0.51 -22.05
C ASP B 73 -10.64 2.03 -22.07
N ARG B 74 -11.83 2.56 -21.79
CA ARG B 74 -12.05 4.00 -21.75
C ARG B 74 -12.93 4.34 -20.57
N ILE B 75 -12.50 5.31 -19.77
CA ILE B 75 -13.15 5.58 -18.49
C ILE B 75 -13.48 7.05 -18.34
N MET B 76 -14.38 7.35 -17.40
CA MET B 76 -14.69 8.74 -17.09
C MET B 76 -14.32 9.03 -15.66
N PHE B 77 -13.47 10.03 -15.46
CA PHE B 77 -13.10 10.45 -14.13
C PHE B 77 -13.80 11.74 -13.79
N TYR B 78 -14.48 11.77 -12.66
CA TYR B 78 -15.23 12.95 -12.28
C TYR B 78 -15.43 13.02 -10.77
N THR B 79 -15.53 14.23 -10.24
CA THR B 79 -15.70 14.41 -8.81
C THR B 79 -17.01 15.08 -8.48
N ALA B 80 -17.55 14.74 -7.32
CA ALA B 80 -18.76 15.36 -6.81
C ALA B 80 -18.43 16.18 -5.56
N GLY B 81 -19.12 17.30 -5.40
CA GLY B 81 -18.83 18.19 -4.30
C GLY B 81 -17.93 19.31 -4.74
N ASP B 82 -17.63 20.24 -3.86
CA ASP B 82 -16.77 21.33 -4.24
C ASP B 82 -15.40 21.16 -3.61
N ALA B 83 -14.47 20.71 -4.42
CA ALA B 83 -13.06 20.67 -4.08
C ALA B 83 -12.25 20.32 -5.31
N SER B 84 -11.01 20.79 -5.36
CA SER B 84 -10.15 20.51 -6.49
C SER B 84 -9.06 19.54 -6.06
N VAL B 85 -9.00 18.39 -6.73
CA VAL B 85 -8.10 17.34 -6.31
C VAL B 85 -7.09 17.02 -7.38
N SER B 86 -5.91 16.66 -6.94
CA SER B 86 -4.85 16.27 -7.84
C SER B 86 -4.58 14.80 -7.66
N LEU B 87 -4.73 14.04 -8.74
CA LEU B 87 -4.37 12.64 -8.70
C LEU B 87 -2.96 12.47 -9.16
N LEU B 88 -2.33 11.43 -8.65
CA LEU B 88 -0.98 11.14 -8.97
C LEU B 88 -0.84 9.67 -9.30
N GLY B 89 -0.03 9.37 -10.29
CA GLY B 89 0.12 8.00 -10.73
C GLY B 89 1.32 7.84 -11.64
N TYR B 90 1.38 6.70 -12.32
CA TYR B 90 2.44 6.46 -13.27
C TYR B 90 1.99 5.52 -14.39
N LEU B 91 2.25 5.95 -15.60
CA LEU B 91 1.98 5.18 -16.81
C LEU B 91 2.97 4.04 -16.92
N HIS B 92 2.48 2.87 -17.27
CA HIS B 92 3.37 1.74 -17.53
C HIS B 92 3.96 1.89 -18.92
N ASP B 93 5.25 2.20 -18.99
CA ASP B 93 5.91 2.42 -20.27
C ASP B 93 6.97 1.35 -20.49
N ILE B 94 7.69 1.47 -21.59
CA ILE B 94 8.74 0.52 -21.92
C ILE B 94 10.10 1.16 -21.65
N ASP B 95 10.18 2.47 -21.92
CA ASP B 95 11.42 3.25 -21.82
C ASP B 95 12.45 2.80 -22.85
N SER B 96 13.08 3.76 -23.50
CA SER B 96 14.02 3.48 -24.57
C SER B 96 15.44 3.28 -24.03
N GLY B 97 15.59 3.26 -22.72
CA GLY B 97 16.90 3.13 -22.12
C GLY B 97 17.63 4.45 -22.11
N SER B 98 17.94 4.94 -23.29
CA SER B 98 18.59 6.23 -23.46
C SER B 98 17.89 7.03 -24.54
N PHE C 1 13.87 -16.92 -8.00
CA PHE C 1 14.94 -16.26 -8.78
C PHE C 1 14.47 -14.89 -9.27
N GLN C 2 15.42 -14.12 -9.82
CA GLN C 2 15.12 -12.82 -10.41
C GLN C 2 14.61 -11.83 -9.35
N GLY C 3 14.04 -10.72 -9.81
CA GLY C 3 13.53 -9.72 -8.91
C GLY C 3 14.47 -8.53 -8.81
N ALA C 4 14.11 -7.45 -9.49
CA ALA C 4 14.92 -6.24 -9.50
C ALA C 4 15.00 -5.62 -8.11
N MET C 5 16.20 -5.26 -7.71
CA MET C 5 16.42 -4.65 -6.41
C MET C 5 16.52 -3.14 -6.54
N ALA C 6 15.95 -2.45 -5.57
CA ALA C 6 16.00 -0.99 -5.54
C ALA C 6 16.89 -0.51 -4.41
N MET C 7 17.43 0.69 -4.56
CA MET C 7 18.33 1.25 -3.56
C MET C 7 17.69 2.44 -2.85
N PHE C 8 17.92 2.50 -1.54
CA PHE C 8 17.27 3.48 -0.67
C PHE C 8 17.47 4.92 -1.14
N TRP C 9 16.44 5.73 -0.94
CA TRP C 9 16.43 7.14 -1.31
C TRP C 9 15.75 7.94 -0.20
N GLY C 10 16.18 9.18 -0.02
CA GLY C 10 15.57 10.04 0.96
C GLY C 10 15.63 11.50 0.57
N LEU C 11 14.69 12.28 1.05
CA LEU C 11 14.65 13.70 0.73
C LEU C 11 14.29 14.54 1.96
N ASN C 12 15.27 15.26 2.47
CA ASN C 12 15.04 16.20 3.55
C ASN C 12 14.46 17.50 3.00
N MET C 13 13.17 17.71 3.23
CA MET C 13 12.47 18.87 2.69
C MET C 13 12.33 19.94 3.76
N LYS C 14 12.66 21.17 3.38
CA LYS C 14 12.59 22.30 4.29
C LYS C 14 11.30 23.07 4.06
N PRO C 15 10.73 23.65 5.13
CA PRO C 15 9.45 24.37 5.08
C PRO C 15 9.41 25.47 4.02
N GLU C 16 8.54 25.29 3.02
CA GLU C 16 8.34 26.27 1.96
C GLU C 16 9.60 26.45 1.13
N ARG C 17 10.30 25.36 0.89
CA ARG C 17 11.44 25.38 -0.02
C ARG C 17 11.09 24.63 -1.28
N LYS C 18 11.68 25.03 -2.40
CA LYS C 18 11.31 24.47 -3.69
C LYS C 18 12.53 23.93 -4.42
N TYR C 19 12.52 22.63 -4.71
CA TYR C 19 13.62 22.01 -5.43
C TYR C 19 13.18 21.60 -6.82
N SER C 20 13.60 22.35 -7.83
CA SER C 20 13.39 21.93 -9.21
C SER C 20 14.56 21.05 -9.63
N GLN C 21 14.34 19.74 -9.60
CA GLN C 21 15.43 18.77 -9.68
C GLN C 21 15.22 17.76 -10.81
N THR C 22 16.33 17.31 -11.37
CA THR C 22 16.31 16.33 -12.44
C THR C 22 16.44 14.92 -11.86
N ILE C 23 16.04 13.92 -12.62
CA ILE C 23 16.02 12.55 -12.15
C ILE C 23 17.15 11.75 -12.76
N ILE C 24 18.04 11.27 -11.91
CA ILE C 24 19.19 10.49 -12.35
C ILE C 24 18.78 9.06 -12.65
N LYS C 25 17.99 8.49 -11.74
CA LYS C 25 17.49 7.13 -11.91
C LYS C 25 16.00 7.10 -11.56
N SER C 26 15.23 6.34 -12.34
CA SER C 26 13.81 6.16 -12.08
C SER C 26 13.61 5.64 -10.68
N PHE C 27 12.82 6.35 -9.87
CA PHE C 27 12.72 6.01 -8.47
C PHE C 27 11.30 6.13 -7.94
N HIS C 28 11.08 5.43 -6.84
CA HIS C 28 9.79 5.42 -6.17
C HIS C 28 9.89 6.12 -4.82
N ILE C 29 9.03 7.10 -4.59
CA ILE C 29 8.91 7.69 -3.27
C ILE C 29 7.75 7.02 -2.56
N SER C 30 7.95 6.62 -1.33
CA SER C 30 6.98 5.80 -0.64
C SER C 30 6.42 6.50 0.61
N GLY C 31 7.07 7.56 1.06
CA GLY C 31 6.56 8.25 2.21
C GLY C 31 7.11 9.66 2.35
N VAL C 32 6.31 10.51 2.98
CA VAL C 32 6.73 11.86 3.36
C VAL C 32 6.16 12.19 4.74
N ALA C 33 7.01 12.54 5.69
CA ALA C 33 6.56 12.72 7.07
C ALA C 33 7.28 13.86 7.76
N LEU C 34 6.63 14.45 8.77
CA LEU C 34 7.25 15.53 9.54
C LEU C 34 7.39 15.13 10.99
N ASP C 35 8.54 15.50 11.54
CA ASP C 35 8.78 15.35 12.96
C ASP C 35 8.82 16.72 13.60
N LYS C 36 9.55 17.62 12.97
CA LYS C 36 9.53 19.02 13.33
C LYS C 36 8.71 19.79 12.31
N GLY C 37 7.73 20.55 12.75
CA GLY C 37 6.96 21.35 11.83
C GLY C 37 5.52 21.53 12.25
N GLN C 38 4.85 22.51 11.65
CA GLN C 38 3.46 22.75 11.94
C GLN C 38 2.57 22.20 10.83
N GLU C 39 2.90 22.51 9.57
CA GLU C 39 2.17 21.99 8.41
C GLU C 39 3.07 21.94 7.19
N ALA C 40 2.99 20.86 6.43
CA ALA C 40 3.68 20.80 5.15
C ALA C 40 2.78 20.20 4.07
N LYS C 41 2.44 21.01 3.08
CA LYS C 41 1.74 20.51 1.92
C LYS C 41 2.76 20.21 0.83
N LEU C 42 2.89 18.94 0.49
CA LEU C 42 3.87 18.51 -0.49
C LEU C 42 3.31 18.69 -1.89
N TYR C 43 3.94 19.56 -2.65
CA TYR C 43 3.55 19.80 -4.02
C TYR C 43 4.67 19.41 -4.94
N LEU C 44 4.32 18.86 -6.08
CA LEU C 44 5.30 18.59 -7.10
C LEU C 44 4.80 19.12 -8.43
N ALA C 45 5.65 19.84 -9.11
CA ALA C 45 5.30 20.38 -10.40
C ALA C 45 6.12 19.69 -11.49
N ALA C 46 5.43 19.02 -12.39
CA ALA C 46 6.06 18.35 -13.51
C ALA C 46 5.36 18.73 -14.79
N GLU C 47 6.14 19.08 -15.81
CA GLU C 47 5.59 19.55 -17.09
C GLU C 47 4.68 20.77 -16.87
N LYS C 48 5.11 21.63 -15.95
CA LYS C 48 4.41 22.87 -15.64
C LYS C 48 3.03 22.61 -15.02
N GLN C 49 2.86 21.43 -14.44
CA GLN C 49 1.61 21.08 -13.77
C GLN C 49 1.85 20.94 -12.28
N GLU C 50 1.10 21.69 -11.49
CA GLU C 50 1.24 21.65 -10.04
C GLU C 50 0.36 20.54 -9.46
N TYR C 51 1.00 19.56 -8.85
CA TYR C 51 0.27 18.47 -8.21
C TYR C 51 0.42 18.53 -6.71
N ILE C 52 -0.70 18.43 -6.00
CA ILE C 52 -0.65 18.29 -4.56
C ILE C 52 -0.38 16.82 -4.22
N VAL C 53 0.85 16.56 -3.85
CA VAL C 53 1.33 15.19 -3.65
C VAL C 53 0.82 14.64 -2.33
N ALA C 54 0.96 15.43 -1.27
CA ALA C 54 0.55 15.00 0.05
C ALA C 54 0.27 16.18 0.96
N THR C 55 -0.62 16.00 1.91
CA THR C 55 -0.79 16.97 2.96
C THR C 55 -0.38 16.36 4.29
N VAL C 56 0.81 16.71 4.74
CA VAL C 56 1.35 16.17 5.97
C VAL C 56 1.45 17.26 7.03
N THR C 57 0.67 17.12 8.07
CA THR C 57 0.57 18.14 9.10
C THR C 57 0.90 17.58 10.48
N LYS C 58 0.81 18.42 11.50
CA LYS C 58 0.88 17.92 12.87
C LYS C 58 -0.22 16.87 13.12
N ALA C 59 -1.37 17.09 12.49
CA ALA C 59 -2.51 16.19 12.64
C ALA C 59 -2.25 14.89 11.88
N ILE C 60 -1.68 15.02 10.70
CA ILE C 60 -1.28 13.87 9.90
C ILE C 60 0.25 13.89 9.76
N PRO C 61 0.97 13.40 10.77
CA PRO C 61 2.43 13.58 10.88
C PRO C 61 3.22 12.77 9.84
N GLN C 62 2.52 12.04 8.99
CA GLN C 62 3.15 11.18 8.02
C GLN C 62 2.19 10.79 6.92
N VAL C 63 2.61 10.99 5.69
CA VAL C 63 1.85 10.55 4.53
C VAL C 63 2.61 9.48 3.78
N ALA C 64 2.09 8.27 3.82
CA ALA C 64 2.65 7.17 3.04
C ALA C 64 1.98 7.09 1.69
N LEU C 65 2.73 7.40 0.64
CA LEU C 65 2.18 7.46 -0.70
C LEU C 65 3.03 6.66 -1.69
N ASP C 66 2.48 6.47 -2.88
CA ASP C 66 3.17 5.70 -3.91
C ASP C 66 3.50 6.59 -5.10
N LEU C 67 4.75 7.02 -5.15
CA LEU C 67 5.24 7.84 -6.25
C LEU C 67 6.29 7.07 -7.02
N ASN C 68 6.29 7.20 -8.33
CA ASN C 68 7.34 6.62 -9.15
C ASN C 68 7.62 7.48 -10.35
N PHE C 69 8.82 8.03 -10.40
CA PHE C 69 9.22 8.90 -11.49
C PHE C 69 10.26 8.21 -12.36
N SER C 70 10.42 8.69 -13.58
CA SER C 70 11.36 8.11 -14.51
C SER C 70 12.50 9.08 -14.80
N LYS C 71 13.69 8.53 -15.08
CA LYS C 71 14.89 9.34 -15.28
C LYS C 71 14.87 10.13 -16.59
N GLY C 72 13.73 10.15 -17.25
CA GLY C 72 13.59 10.93 -18.46
C GLY C 72 12.92 12.27 -18.21
N ASP C 73 12.17 12.36 -17.11
CA ASP C 73 11.43 13.58 -16.80
C ASP C 73 12.16 14.41 -15.75
N ARG C 74 11.69 15.62 -15.51
CA ARG C 74 12.27 16.52 -14.52
C ARG C 74 11.16 17.20 -13.73
N ILE C 75 11.26 17.15 -12.41
CA ILE C 75 10.15 17.58 -11.56
C ILE C 75 10.61 18.57 -10.50
N MET C 76 9.66 19.28 -9.91
CA MET C 76 9.99 20.17 -8.82
C MET C 76 9.25 19.72 -7.56
N PHE C 77 10.00 19.47 -6.51
CA PHE C 77 9.41 19.10 -5.24
C PHE C 77 9.48 20.26 -4.29
N TYR C 78 8.35 20.62 -3.71
CA TYR C 78 8.31 21.76 -2.82
C TYR C 78 7.15 21.66 -1.85
N THR C 79 7.32 22.25 -0.67
CA THR C 79 6.29 22.18 0.36
C THR C 79 5.76 23.58 0.70
N ALA C 80 4.49 23.62 1.07
CA ALA C 80 3.87 24.85 1.53
C ALA C 80 3.51 24.73 3.01
N GLY C 81 3.63 25.83 3.73
CA GLY C 81 3.40 25.81 5.16
C GLY C 81 4.70 25.69 5.90
N ASP C 82 4.66 25.74 7.22
CA ASP C 82 5.90 25.62 7.97
C ASP C 82 5.98 24.25 8.62
N ALA C 83 6.78 23.40 8.01
CA ALA C 83 7.17 22.13 8.59
C ALA C 83 8.28 21.51 7.75
N SER C 84 9.12 20.72 8.38
CA SER C 84 10.20 20.07 7.67
C SER C 84 9.91 18.59 7.54
N VAL C 85 9.86 18.10 6.32
CA VAL C 85 9.45 16.73 6.08
C VAL C 85 10.54 15.93 5.42
N SER C 86 10.59 14.67 5.77
CA SER C 86 11.55 13.77 5.19
C SER C 86 10.81 12.77 4.32
N LEU C 87 11.15 12.73 3.04
CA LEU C 87 10.59 11.73 2.16
C LEU C 87 11.50 10.54 2.12
N LEU C 88 10.91 9.39 1.87
CA LEU C 88 11.63 8.16 1.82
C LEU C 88 11.20 7.38 0.60
N GLY C 89 12.15 6.74 -0.05
CA GLY C 89 11.87 6.02 -1.27
C GLY C 89 13.00 5.12 -1.66
N TYR C 90 12.97 4.64 -2.89
CA TYR C 90 14.03 3.81 -3.42
C TYR C 90 14.16 3.94 -4.92
N LEU C 91 15.40 4.19 -5.34
CA LEU C 91 15.76 4.28 -6.75
C LEU C 91 15.74 2.90 -7.38
N HIS C 92 15.19 2.78 -8.57
CA HIS C 92 15.23 1.53 -9.30
C HIS C 92 16.60 1.38 -9.96
N ASP C 93 17.40 0.46 -9.43
CA ASP C 93 18.75 0.27 -9.92
C ASP C 93 18.87 -1.11 -10.55
N ILE C 94 20.07 -1.45 -10.99
CA ILE C 94 20.34 -2.74 -11.61
C ILE C 94 21.10 -3.62 -10.62
N ASP C 95 21.97 -2.98 -9.85
CA ASP C 95 22.87 -3.66 -8.90
C ASP C 95 23.88 -4.55 -9.63
N SER C 96 25.12 -4.48 -9.18
CA SER C 96 26.21 -5.21 -9.83
C SER C 96 26.37 -6.60 -9.25
N GLY C 97 25.47 -7.00 -8.37
CA GLY C 97 25.57 -8.29 -7.73
C GLY C 97 26.57 -8.26 -6.59
N SER C 98 27.83 -8.04 -6.94
CA SER C 98 28.88 -7.92 -5.95
C SER C 98 29.76 -6.71 -6.27
N PHE D 1 4.03 -18.50 -13.61
CA PHE D 1 5.43 -18.91 -13.36
C PHE D 1 6.24 -17.74 -12.83
N GLN D 2 7.47 -18.03 -12.40
CA GLN D 2 8.40 -17.00 -11.93
C GLN D 2 7.89 -16.31 -10.67
N GLY D 3 8.49 -15.18 -10.34
CA GLY D 3 8.09 -14.44 -9.16
C GLY D 3 9.05 -14.65 -8.01
N ALA D 4 9.91 -13.67 -7.78
CA ALA D 4 10.89 -13.75 -6.71
C ALA D 4 10.22 -13.80 -5.34
N MET D 5 10.68 -14.72 -4.51
CA MET D 5 10.13 -14.86 -3.17
C MET D 5 11.02 -14.16 -2.15
N ALA D 6 10.39 -13.53 -1.17
CA ALA D 6 11.11 -12.85 -0.12
C ALA D 6 10.94 -13.60 1.20
N MET D 7 11.89 -13.42 2.10
CA MET D 7 11.86 -14.11 3.38
C MET D 7 11.63 -13.12 4.53
N PHE D 8 10.81 -13.55 5.48
CA PHE D 8 10.35 -12.70 6.58
C PHE D 8 11.50 -12.05 7.35
N TRP D 9 11.27 -10.81 7.79
CA TRP D 9 12.23 -10.03 8.54
C TRP D 9 11.51 -9.29 9.66
N GLY D 10 12.18 -9.06 10.77
CA GLY D 10 11.59 -8.32 11.86
C GLY D 10 12.63 -7.58 12.66
N LEU D 11 12.23 -6.49 13.30
CA LEU D 11 13.14 -5.67 14.09
C LEU D 11 12.49 -5.21 15.38
N ASN D 12 12.94 -5.78 16.49
CA ASN D 12 12.50 -5.35 17.81
C ASN D 12 13.27 -4.09 18.22
N MET D 13 12.60 -2.94 18.17
CA MET D 13 13.24 -1.67 18.47
C MET D 13 12.92 -1.24 19.89
N LYS D 14 13.96 -0.82 20.61
CA LYS D 14 13.82 -0.39 21.98
C LYS D 14 13.76 1.13 22.05
N PRO D 15 12.99 1.68 23.00
CA PRO D 15 12.78 3.12 23.15
C PRO D 15 14.08 3.92 23.22
N GLU D 16 14.29 4.77 22.22
CA GLU D 16 15.46 5.64 22.18
C GLU D 16 16.76 4.85 22.10
N ARG D 17 16.73 3.76 21.34
CA ARG D 17 17.94 3.00 21.07
C ARG D 17 18.33 3.19 19.62
N LYS D 18 19.62 3.12 19.33
CA LYS D 18 20.12 3.41 18.00
C LYS D 18 20.97 2.27 17.45
N TYR D 19 20.52 1.69 16.33
CA TYR D 19 21.25 0.60 15.72
C TYR D 19 21.86 1.06 14.40
N SER D 20 23.17 1.28 14.39
CA SER D 20 23.86 1.53 13.14
C SER D 20 24.29 0.20 12.54
N GLN D 21 23.51 -0.28 11.58
CA GLN D 21 23.63 -1.65 11.12
C GLN D 21 23.84 -1.75 9.61
N THR D 22 24.57 -2.79 9.21
CA THR D 22 24.84 -3.05 7.81
C THR D 22 23.78 -3.98 7.23
N ILE D 23 23.67 -3.99 5.91
CA ILE D 23 22.62 -4.75 5.24
C ILE D 23 23.22 -5.98 4.57
N ILE D 24 22.77 -7.15 5.00
CA ILE D 24 23.25 -8.41 4.48
C ILE D 24 22.57 -8.71 3.15
N LYS D 25 21.26 -8.52 3.12
CA LYS D 25 20.47 -8.73 1.92
C LYS D 25 19.50 -7.58 1.73
N SER D 26 19.33 -7.15 0.48
CA SER D 26 18.38 -6.10 0.15
C SER D 26 17.00 -6.47 0.64
N PHE D 27 16.39 -5.62 1.46
CA PHE D 27 15.15 -6.00 2.11
C PHE D 27 14.15 -4.85 2.17
N HIS D 28 12.90 -5.24 2.33
CA HIS D 28 11.80 -4.30 2.41
C HIS D 28 11.20 -4.31 3.81
N ILE D 29 11.12 -3.16 4.44
CA ILE D 29 10.39 -3.03 5.69
C ILE D 29 8.99 -2.52 5.37
N SER D 30 7.98 -3.15 5.95
CA SER D 30 6.62 -2.89 5.55
C SER D 30 5.79 -2.33 6.71
N GLY D 31 6.29 -2.43 7.92
CA GLY D 31 5.55 -1.91 9.05
C GLY D 31 6.40 -1.68 10.27
N VAL D 32 5.98 -0.72 11.09
CA VAL D 32 6.57 -0.48 12.40
C VAL D 32 5.46 -0.12 13.39
N ALA D 33 5.34 -0.86 14.48
CA ALA D 33 4.21 -0.67 15.39
C ALA D 33 4.60 -0.85 16.84
N LEU D 34 3.86 -0.22 17.75
CA LEU D 34 4.11 -0.36 19.17
C LEU D 34 2.93 -0.97 19.88
N ASP D 35 3.25 -1.87 20.79
CA ASP D 35 2.25 -2.44 21.67
C ASP D 35 2.48 -1.92 23.07
N LYS D 36 3.74 -1.97 23.51
CA LYS D 36 4.14 -1.32 24.74
C LYS D 36 4.89 -0.03 24.40
N GLY D 37 4.48 1.08 24.97
CA GLY D 37 5.18 2.31 24.74
C GLY D 37 4.29 3.52 24.76
N GLN D 38 4.89 4.70 24.89
CA GLN D 38 4.14 5.94 24.89
C GLN D 38 4.26 6.65 23.53
N GLU D 39 5.49 6.78 23.04
CA GLU D 39 5.74 7.38 21.71
C GLU D 39 7.02 6.83 21.11
N ALA D 40 7.01 6.52 19.83
CA ALA D 40 8.24 6.18 19.14
C ALA D 40 8.32 6.87 17.77
N LYS D 41 9.28 7.76 17.61
CA LYS D 41 9.54 8.33 16.32
C LYS D 41 10.67 7.55 15.66
N LEU D 42 10.35 6.89 14.57
CA LEU D 42 11.31 6.05 13.89
C LEU D 42 12.16 6.90 12.95
N TYR D 43 13.44 6.95 13.24
CA TYR D 43 14.38 7.69 12.42
C TYR D 43 15.39 6.73 11.83
N LEU D 44 15.79 6.99 10.61
CA LEU D 44 16.86 6.25 10.01
C LEU D 44 17.86 7.20 9.39
N ALA D 45 19.11 6.99 9.69
CA ALA D 45 20.16 7.82 9.14
C ALA D 45 21.00 7.02 8.16
N ALA D 46 21.00 7.45 6.91
CA ALA D 46 21.79 6.81 5.87
C ALA D 46 22.58 7.85 5.12
N GLU D 47 23.86 7.59 4.89
CA GLU D 47 24.77 8.55 4.27
C GLU D 47 24.78 9.86 5.03
N LYS D 48 24.73 9.75 6.36
CA LYS D 48 24.80 10.91 7.27
C LYS D 48 23.56 11.80 7.12
N GLN D 49 22.47 11.23 6.61
CA GLN D 49 21.22 11.97 6.48
C GLN D 49 20.18 11.39 7.41
N GLU D 50 19.61 12.23 8.25
CA GLU D 50 18.60 11.79 9.20
C GLU D 50 17.22 11.85 8.57
N TYR D 51 16.59 10.71 8.44
CA TYR D 51 15.25 10.65 7.88
C TYR D 51 14.25 10.25 8.95
N ILE D 52 13.16 10.99 9.04
CA ILE D 52 12.05 10.58 9.89
C ILE D 52 11.21 9.55 9.14
N VAL D 53 11.38 8.30 9.51
CA VAL D 53 10.79 7.18 8.80
C VAL D 53 9.31 7.06 9.13
N ALA D 54 9.00 7.12 10.42
CA ALA D 54 7.63 6.98 10.86
C ALA D 54 7.42 7.61 12.22
N THR D 55 6.21 8.07 12.49
CA THR D 55 5.84 8.49 13.81
C THR D 55 4.76 7.56 14.35
N VAL D 56 5.16 6.64 15.20
CA VAL D 56 4.25 5.67 15.75
C VAL D 56 4.07 5.90 17.24
N THR D 57 2.86 6.29 17.62
CA THR D 57 2.58 6.66 19.00
C THR D 57 1.46 5.81 19.58
N LYS D 58 1.07 6.09 20.82
CA LYS D 58 -0.15 5.51 21.38
C LYS D 58 -1.36 5.85 20.50
N ALA D 59 -1.33 7.07 19.95
CA ALA D 59 -2.42 7.54 19.10
C ALA D 59 -2.39 6.84 17.75
N ILE D 60 -1.19 6.67 17.22
CA ILE D 60 -0.99 5.91 15.99
C ILE D 60 -0.15 4.68 16.32
N PRO D 61 -0.80 3.61 16.81
CA PRO D 61 -0.09 2.45 17.38
C PRO D 61 0.64 1.60 16.35
N GLN D 62 0.56 2.00 15.09
CA GLN D 62 1.15 1.22 14.02
C GLN D 62 1.31 2.07 12.76
N VAL D 63 2.50 2.08 12.22
CA VAL D 63 2.77 2.73 10.95
C VAL D 63 3.15 1.72 9.89
N ALA D 64 2.27 1.54 8.92
CA ALA D 64 2.56 0.68 7.79
C ALA D 64 3.20 1.50 6.68
N LEU D 65 4.47 1.23 6.41
CA LEU D 65 5.22 2.00 5.43
C LEU D 65 5.95 1.10 4.44
N ASP D 66 6.46 1.70 3.38
CA ASP D 66 7.16 0.94 2.34
C ASP D 66 8.63 1.35 2.30
N LEU D 67 9.47 0.53 2.89
CA LEU D 67 10.90 0.75 2.89
C LEU D 67 11.60 -0.36 2.12
N ASN D 68 12.61 -0.01 1.36
CA ASN D 68 13.40 -1.03 0.68
C ASN D 68 14.85 -0.58 0.59
N PHE D 69 15.72 -1.31 1.26
CA PHE D 69 17.13 -0.98 1.28
C PHE D 69 17.92 -2.02 0.50
N SER D 70 19.12 -1.66 0.08
CA SER D 70 19.97 -2.56 -0.69
C SER D 70 21.18 -2.97 0.11
N LYS D 71 21.68 -4.18 -0.15
CA LYS D 71 22.79 -4.76 0.62
C LYS D 71 24.13 -4.08 0.32
N GLY D 72 24.09 -2.96 -0.39
CA GLY D 72 25.29 -2.22 -0.66
C GLY D 72 25.45 -1.02 0.27
N ASP D 73 24.35 -0.58 0.86
CA ASP D 73 24.37 0.58 1.73
C ASP D 73 24.36 0.17 3.21
N ARG D 74 24.55 1.12 4.09
CA ARG D 74 24.54 0.87 5.53
C ARG D 74 23.78 1.99 6.24
N ILE D 75 22.84 1.61 7.09
CA ILE D 75 21.92 2.58 7.66
C ILE D 75 21.84 2.46 9.17
N MET D 76 21.32 3.49 9.82
CA MET D 76 21.10 3.44 11.25
C MET D 76 19.64 3.58 11.56
N PHE D 77 19.08 2.60 12.25
CA PHE D 77 17.69 2.65 12.65
C PHE D 77 17.61 2.98 14.13
N TYR D 78 16.83 3.99 14.47
CA TYR D 78 16.72 4.41 15.85
C TYR D 78 15.42 5.13 16.11
N THR D 79 14.91 5.04 17.34
CA THR D 79 13.66 5.68 17.69
C THR D 79 13.84 6.73 18.75
N ALA D 80 12.99 7.75 18.70
CA ALA D 80 12.97 8.78 19.71
C ALA D 80 11.66 8.73 20.49
N GLY D 81 11.74 9.03 21.78
CA GLY D 81 10.58 8.92 22.64
C GLY D 81 10.60 7.61 23.37
N ASP D 82 9.63 7.39 24.26
CA ASP D 82 9.60 6.15 24.98
C ASP D 82 8.50 5.26 24.46
N ALA D 83 8.90 4.27 23.67
CA ALA D 83 8.03 3.20 23.24
C ALA D 83 8.86 2.13 22.54
N SER D 84 8.41 0.89 22.61
CA SER D 84 9.12 -0.20 21.97
C SER D 84 8.34 -0.67 20.75
N VAL D 85 8.97 -0.61 19.59
CA VAL D 85 8.28 -0.89 18.36
C VAL D 85 8.89 -2.08 17.64
N SER D 86 8.02 -2.82 16.98
CA SER D 86 8.46 -3.96 16.22
C SER D 86 8.25 -3.66 14.75
N LEU D 87 9.32 -3.70 13.98
CA LEU D 87 9.20 -3.55 12.54
C LEU D 87 9.08 -4.90 11.90
N LEU D 88 8.41 -4.91 10.78
CA LEU D 88 8.19 -6.13 10.05
C LEU D 88 8.49 -5.90 8.59
N GLY D 89 9.09 -6.89 7.96
CA GLY D 89 9.50 -6.75 6.58
C GLY D 89 9.88 -8.09 5.98
N TYR D 90 10.52 -8.04 4.82
CA TYR D 90 10.99 -9.24 4.18
C TYR D 90 12.23 -8.97 3.32
N LEU D 91 13.23 -9.81 3.55
CA LEU D 91 14.47 -9.77 2.79
C LEU D 91 14.24 -10.33 1.39
N HIS D 92 14.79 -9.66 0.39
CA HIS D 92 14.73 -10.17 -0.96
C HIS D 92 15.78 -11.27 -1.14
N ASP D 93 15.32 -12.49 -1.24
CA ASP D 93 16.23 -13.64 -1.34
C ASP D 93 16.06 -14.30 -2.71
N ILE D 94 16.78 -15.39 -2.92
CA ILE D 94 16.72 -16.12 -4.17
C ILE D 94 15.93 -17.40 -3.95
N ASP D 95 16.09 -17.99 -2.77
CA ASP D 95 15.48 -19.27 -2.39
C ASP D 95 16.05 -20.42 -3.23
N SER D 96 16.36 -21.52 -2.57
CA SER D 96 16.98 -22.66 -3.23
C SER D 96 15.95 -23.62 -3.80
N GLY D 97 14.68 -23.24 -3.74
CA GLY D 97 13.61 -24.10 -4.22
C GLY D 97 13.27 -25.16 -3.19
N SER D 98 14.22 -26.03 -2.93
CA SER D 98 14.07 -27.07 -1.92
C SER D 98 15.31 -27.14 -1.05
N PHE E 1 2.69 -9.75 -20.99
CA PHE E 1 2.96 -11.19 -20.76
C PHE E 1 3.54 -11.39 -19.37
N GLN E 2 3.65 -12.66 -18.97
CA GLN E 2 4.25 -13.05 -17.69
C GLN E 2 3.44 -12.52 -16.51
N GLY E 3 4.04 -12.54 -15.33
CA GLY E 3 3.36 -12.07 -14.15
C GLY E 3 2.85 -13.22 -13.30
N ALA E 4 3.58 -13.51 -12.23
CA ALA E 4 3.23 -14.60 -11.33
C ALA E 4 1.89 -14.34 -10.65
N MET E 5 1.04 -15.35 -10.63
CA MET E 5 -0.27 -15.23 -10.01
C MET E 5 -0.26 -15.85 -8.62
N ALA E 6 -0.95 -15.20 -7.71
CA ALA E 6 -1.05 -15.69 -6.34
C ALA E 6 -2.46 -16.19 -6.06
N MET E 7 -2.58 -17.09 -5.10
CA MET E 7 -3.87 -17.67 -4.76
C MET E 7 -4.32 -17.22 -3.37
N PHE E 8 -5.61 -16.94 -3.27
CA PHE E 8 -6.21 -16.35 -2.07
C PHE E 8 -5.92 -17.17 -0.80
N TRP E 9 -5.74 -16.45 0.30
CA TRP E 9 -5.46 -17.03 1.61
C TRP E 9 -6.24 -16.27 2.67
N GLY E 10 -6.62 -16.96 3.73
CA GLY E 10 -7.33 -16.32 4.82
C GLY E 10 -7.06 -16.99 6.14
N LEU E 11 -7.16 -16.24 7.22
CA LEU E 11 -6.91 -16.77 8.55
C LEU E 11 -7.94 -16.25 9.55
N ASN E 12 -8.82 -17.14 9.99
CA ASN E 12 -9.77 -16.83 11.05
C ASN E 12 -9.09 -16.94 12.41
N MET E 13 -8.80 -15.80 13.02
CA MET E 13 -8.09 -15.76 14.28
C MET E 13 -9.06 -15.57 15.44
N LYS E 14 -8.89 -16.39 16.47
CA LYS E 14 -9.75 -16.34 17.63
C LYS E 14 -9.06 -15.55 18.75
N PRO E 15 -9.85 -14.83 19.56
CA PRO E 15 -9.34 -13.96 20.62
C PRO E 15 -8.40 -14.68 21.58
N GLU E 16 -7.13 -14.24 21.59
CA GLU E 16 -6.12 -14.78 22.50
C GLU E 16 -5.85 -16.25 22.22
N ARG E 17 -5.85 -16.61 20.94
CA ARG E 17 -5.47 -17.95 20.53
C ARG E 17 -4.12 -17.89 19.83
N LYS E 18 -3.35 -18.95 19.93
CA LYS E 18 -2.00 -18.95 19.39
C LYS E 18 -1.77 -20.12 18.45
N TYR E 19 -1.45 -19.81 17.20
CA TYR E 19 -1.19 -20.84 16.21
C TYR E 19 0.28 -20.86 15.84
N SER E 20 1.02 -21.84 16.32
CA SER E 20 2.38 -22.05 15.87
C SER E 20 2.36 -22.94 14.64
N GLN E 21 2.46 -22.33 13.47
CA GLN E 21 2.16 -23.00 12.22
C GLN E 21 3.32 -22.93 11.22
N THR E 22 3.44 -23.98 10.41
CA THR E 22 4.46 -24.05 9.39
C THR E 22 3.93 -23.49 8.06
N ILE E 23 4.83 -23.13 7.18
CA ILE E 23 4.47 -22.49 5.93
C ILE E 23 4.62 -23.47 4.76
N ILE E 24 3.51 -23.75 4.10
CA ILE E 24 3.50 -24.69 2.98
C ILE E 24 4.00 -23.98 1.73
N LYS E 25 3.50 -22.78 1.50
CA LYS E 25 3.89 -21.97 0.36
C LYS E 25 4.16 -20.54 0.80
N SER E 26 5.20 -19.93 0.25
CA SER E 26 5.53 -18.53 0.55
C SER E 26 4.32 -17.66 0.24
N PHE E 27 3.87 -16.89 1.22
CA PHE E 27 2.62 -16.16 1.05
C PHE E 27 2.68 -14.77 1.65
N HIS E 28 1.78 -13.93 1.15
CA HIS E 28 1.66 -12.56 1.59
C HIS E 28 0.36 -12.35 2.33
N ILE E 29 0.44 -11.82 3.54
CA ILE E 29 -0.76 -11.40 4.26
C ILE E 29 -0.93 -9.91 4.04
N SER E 30 -2.14 -9.49 3.71
CA SER E 30 -2.36 -8.13 3.29
C SER E 30 -3.31 -7.39 4.22
N GLY E 31 -4.02 -8.11 5.07
CA GLY E 31 -4.92 -7.46 5.98
C GLY E 31 -5.31 -8.32 7.17
N VAL E 32 -5.62 -7.65 8.27
CA VAL E 32 -6.19 -8.30 9.45
C VAL E 32 -7.25 -7.38 10.06
N ALA E 33 -8.48 -7.88 10.21
CA ALA E 33 -9.58 -7.02 10.64
C ALA E 33 -10.54 -7.74 11.56
N LEU E 34 -11.23 -6.97 12.41
CA LEU E 34 -12.23 -7.56 13.31
C LEU E 34 -13.61 -7.02 13.02
N ASP E 35 -14.58 -7.91 13.06
CA ASP E 35 -15.97 -7.53 12.96
C ASP E 35 -16.62 -7.76 14.31
N LYS E 36 -16.37 -8.93 14.88
CA LYS E 36 -16.75 -9.21 16.25
C LYS E 36 -15.52 -9.13 17.14
N GLY E 37 -15.59 -8.35 18.20
CA GLY E 37 -14.47 -8.28 19.11
C GLY E 37 -14.30 -6.93 19.75
N GLN E 38 -13.54 -6.88 20.83
CA GLN E 38 -13.27 -5.63 21.52
C GLN E 38 -11.87 -5.11 21.18
N GLU E 39 -10.86 -5.97 21.27
CA GLU E 39 -9.49 -5.62 20.89
C GLU E 39 -8.72 -6.85 20.45
N ALA E 40 -7.93 -6.72 19.39
CA ALA E 40 -7.02 -7.79 19.02
C ALA E 40 -5.65 -7.23 18.63
N LYS E 41 -4.65 -7.56 19.42
CA LYS E 41 -3.28 -7.25 19.05
C LYS E 41 -2.67 -8.45 18.36
N LEU E 42 -2.34 -8.28 17.09
CA LEU E 42 -1.81 -9.37 16.30
C LEU E 42 -0.32 -9.47 16.52
N TYR E 43 0.11 -10.59 17.09
CA TYR E 43 1.51 -10.85 17.32
C TYR E 43 1.94 -12.06 16.51
N LEU E 44 3.15 -12.01 16.01
CA LEU E 44 3.72 -13.16 15.36
C LEU E 44 5.11 -13.40 15.91
N ALA E 45 5.38 -14.63 16.27
CA ALA E 45 6.68 -14.98 16.77
C ALA E 45 7.40 -15.89 15.78
N ALA E 46 8.52 -15.42 15.28
CA ALA E 46 9.34 -16.18 14.36
C ALA E 46 10.78 -16.18 14.82
N GLU E 47 11.40 -17.35 14.82
CA GLU E 47 12.77 -17.52 15.32
C GLU E 47 12.86 -17.03 16.77
N LYS E 48 11.82 -17.32 17.54
CA LYS E 48 11.75 -16.99 18.97
C LYS E 48 11.73 -15.47 19.18
N GLN E 49 11.31 -14.73 18.17
CA GLN E 49 11.20 -13.28 18.29
C GLN E 49 9.73 -12.88 18.20
N GLU E 50 9.26 -12.16 19.21
CA GLU E 50 7.88 -11.71 19.25
C GLU E 50 7.73 -10.39 18.53
N TYR E 51 6.95 -10.39 17.45
CA TYR E 51 6.70 -9.19 16.70
C TYR E 51 5.25 -8.76 16.85
N ILE E 52 5.04 -7.48 17.15
CA ILE E 52 3.69 -6.93 17.12
C ILE E 52 3.34 -6.57 15.68
N VAL E 53 2.53 -7.42 15.08
CA VAL E 53 2.22 -7.33 13.66
C VAL E 53 1.23 -6.21 13.41
N ALA E 54 0.16 -6.17 14.20
CA ALA E 54 -0.87 -5.18 14.04
C ALA E 54 -1.65 -4.97 15.33
N THR E 55 -2.18 -3.77 15.50
CA THR E 55 -3.12 -3.52 16.57
C THR E 55 -4.48 -3.19 15.98
N VAL E 56 -5.37 -4.16 15.98
CA VAL E 56 -6.68 -3.98 15.41
C VAL E 56 -7.74 -4.02 16.50
N THR E 57 -8.39 -2.89 16.70
CA THR E 57 -9.35 -2.75 17.79
C THR E 57 -10.72 -2.34 17.28
N LYS E 58 -11.66 -2.13 18.18
CA LYS E 58 -12.93 -1.51 17.82
C LYS E 58 -12.69 -0.14 17.17
N ALA E 59 -11.68 0.57 17.69
CA ALA E 59 -11.33 1.89 17.19
C ALA E 59 -10.68 1.79 15.81
N ILE E 60 -9.82 0.80 15.66
CA ILE E 60 -9.19 0.51 14.38
C ILE E 60 -9.65 -0.87 13.93
N PRO E 61 -10.85 -0.97 13.31
CA PRO E 61 -11.51 -2.25 13.04
C PRO E 61 -10.84 -3.07 11.96
N GLN E 62 -9.75 -2.56 11.40
CA GLN E 62 -9.07 -3.21 10.30
C GLN E 62 -7.66 -2.67 10.13
N VAL E 63 -6.70 -3.57 10.09
CA VAL E 63 -5.32 -3.20 9.81
C VAL E 63 -4.87 -3.82 8.49
N ALA E 64 -4.66 -2.96 7.50
CA ALA E 64 -4.13 -3.39 6.23
C ALA E 64 -2.61 -3.30 6.25
N LEU E 65 -1.95 -4.45 6.22
CA LEU E 65 -0.50 -4.51 6.33
C LEU E 65 0.11 -5.36 5.23
N ASP E 66 1.42 -5.28 5.10
CA ASP E 66 2.15 -6.02 4.07
C ASP E 66 3.07 -7.06 4.71
N LEU E 67 2.62 -8.30 4.74
CA LEU E 67 3.40 -9.39 5.27
C LEU E 67 3.75 -10.36 4.15
N ASN E 68 4.94 -10.90 4.16
CA ASN E 68 5.31 -11.93 3.21
C ASN E 68 6.28 -12.92 3.85
N PHE E 69 5.83 -14.14 3.99
CA PHE E 69 6.64 -15.18 4.61
C PHE E 69 7.06 -16.20 3.55
N SER E 70 8.11 -16.95 3.86
CA SER E 70 8.63 -17.95 2.93
C SER E 70 8.41 -19.35 3.49
N LYS E 71 8.23 -20.31 2.58
CA LYS E 71 7.91 -21.69 2.96
C LYS E 71 9.09 -22.42 3.60
N GLY E 72 10.15 -21.68 3.92
CA GLY E 72 11.28 -22.28 4.59
C GLY E 72 11.26 -22.01 6.08
N ASP E 73 10.54 -20.98 6.49
CA ASP E 73 10.48 -20.60 7.90
C ASP E 73 9.19 -21.10 8.55
N ARG E 74 9.12 -20.97 9.87
CA ARG E 74 7.94 -21.38 10.62
C ARG E 74 7.61 -20.34 11.68
N ILE E 75 6.37 -19.91 11.72
CA ILE E 75 5.99 -18.76 12.54
C ILE E 75 4.79 -19.07 13.43
N MET E 76 4.59 -18.24 14.43
CA MET E 76 3.41 -18.39 15.29
C MET E 76 2.57 -17.14 15.20
N PHE E 77 1.32 -17.30 14.80
CA PHE E 77 0.40 -16.18 14.75
C PHE E 77 -0.56 -16.26 15.91
N TYR E 78 -0.67 -15.17 16.65
CA TYR E 78 -1.52 -15.15 17.82
C TYR E 78 -1.96 -13.75 18.17
N THR E 79 -3.14 -13.63 18.77
CA THR E 79 -3.67 -12.32 19.12
C THR E 79 -3.84 -12.17 20.63
N ALA E 80 -3.70 -10.95 21.09
CA ALA E 80 -3.93 -10.60 22.48
C ALA E 80 -5.15 -9.69 22.61
N GLY E 81 -5.90 -9.88 23.68
CA GLY E 81 -7.12 -9.13 23.86
C GLY E 81 -8.32 -9.94 23.41
N ASP E 82 -9.52 -9.42 23.57
CA ASP E 82 -10.68 -10.16 23.16
C ASP E 82 -11.25 -9.56 21.89
N ALA E 83 -10.98 -10.22 20.78
CA ALA E 83 -11.60 -9.95 19.51
C ALA E 83 -11.24 -11.02 18.51
N SER E 84 -12.11 -11.27 17.55
CA SER E 84 -11.84 -12.28 16.55
C SER E 84 -11.56 -11.60 15.22
N VAL E 85 -10.38 -11.87 14.67
CA VAL E 85 -9.94 -11.17 13.47
C VAL E 85 -9.73 -12.12 12.33
N SER E 86 -10.01 -11.63 11.14
CA SER E 86 -9.81 -12.40 9.95
C SER E 86 -8.69 -11.78 9.15
N LEU E 87 -7.64 -12.55 8.90
CA LEU E 87 -6.58 -12.07 8.04
C LEU E 87 -6.84 -12.51 6.63
N LEU E 88 -6.33 -11.72 5.71
CA LEU E 88 -6.52 -11.98 4.31
C LEU E 88 -5.20 -11.83 3.61
N GLY E 89 -4.93 -12.70 2.65
CA GLY E 89 -3.68 -12.69 1.95
C GLY E 89 -3.72 -13.55 0.71
N TYR E 90 -2.54 -13.82 0.15
CA TYR E 90 -2.45 -14.69 -1.00
C TYR E 90 -1.11 -15.42 -1.04
N LEU E 91 -1.22 -16.73 -1.23
CA LEU E 91 -0.07 -17.61 -1.37
C LEU E 91 0.57 -17.39 -2.74
N HIS E 92 1.89 -17.33 -2.77
CA HIS E 92 2.60 -17.25 -4.04
C HIS E 92 2.68 -18.64 -4.65
N ASP E 93 1.93 -18.84 -5.72
CA ASP E 93 1.86 -20.15 -6.36
C ASP E 93 2.46 -20.06 -7.77
N ILE E 94 2.41 -21.16 -8.49
CA ILE E 94 2.92 -21.22 -9.84
C ILE E 94 1.76 -21.23 -10.83
N ASP E 95 0.68 -21.90 -10.43
CA ASP E 95 -0.51 -22.09 -11.26
C ASP E 95 -0.21 -22.97 -12.47
N SER E 96 -1.09 -23.91 -12.75
CA SER E 96 -0.88 -24.87 -13.83
C SER E 96 -1.43 -24.35 -15.16
N GLY E 97 -1.87 -23.11 -15.18
CA GLY E 97 -2.45 -22.54 -16.38
C GLY E 97 -3.89 -22.99 -16.56
N SER E 98 -4.07 -24.27 -16.76
CA SER E 98 -5.39 -24.87 -16.89
C SER E 98 -5.47 -26.13 -16.04
N PHE A 1 6.92 -10.74 -24.41
CA PHE A 1 6.19 -9.49 -24.06
C PHE A 1 6.05 -9.37 -22.55
N GLN A 2 6.19 -8.17 -22.04
CA GLN A 2 6.05 -7.94 -20.61
C GLN A 2 5.71 -6.47 -20.36
N GLY A 3 4.54 -6.06 -20.84
CA GLY A 3 4.08 -4.71 -20.63
C GLY A 3 3.26 -4.58 -19.37
N ALA A 4 2.71 -5.72 -18.91
CA ALA A 4 1.89 -5.79 -17.71
C ALA A 4 0.72 -4.81 -17.79
N MET A 5 -0.26 -5.17 -18.60
CA MET A 5 -1.41 -4.32 -18.85
C MET A 5 -2.65 -4.83 -18.12
N ALA A 6 -2.55 -4.90 -16.80
CA ALA A 6 -3.67 -5.35 -15.96
C ALA A 6 -4.92 -4.53 -16.24
N MET A 7 -6.06 -5.20 -16.27
CA MET A 7 -7.30 -4.55 -16.72
C MET A 7 -8.21 -4.20 -15.55
N PHE A 8 -8.73 -2.98 -15.60
CA PHE A 8 -9.55 -2.43 -14.52
C PHE A 8 -10.77 -3.31 -14.20
N TRP A 9 -11.11 -3.36 -12.92
CA TRP A 9 -12.22 -4.15 -12.41
C TRP A 9 -12.99 -3.33 -11.39
N GLY A 10 -14.29 -3.58 -11.28
CA GLY A 10 -15.09 -2.89 -10.28
C GLY A 10 -16.26 -3.73 -9.82
N LEU A 11 -16.80 -3.40 -8.65
CA LEU A 11 -17.95 -4.12 -8.11
C LEU A 11 -18.84 -3.19 -7.29
N ASN A 12 -20.00 -2.87 -7.82
CA ASN A 12 -20.99 -2.09 -7.08
C ASN A 12 -21.95 -3.02 -6.34
N MET A 13 -21.75 -3.13 -5.04
CA MET A 13 -22.52 -4.06 -4.22
C MET A 13 -23.71 -3.36 -3.58
N LYS A 14 -24.80 -4.10 -3.45
CA LYS A 14 -26.01 -3.61 -2.82
C LYS A 14 -26.10 -4.13 -1.38
N PRO A 15 -26.72 -3.35 -0.49
CA PRO A 15 -26.81 -3.70 0.94
C PRO A 15 -27.44 -5.07 1.20
N GLU A 16 -26.69 -5.94 1.88
CA GLU A 16 -27.14 -7.28 2.24
C GLU A 16 -27.47 -8.11 1.00
N ARG A 17 -26.49 -8.26 0.14
CA ARG A 17 -26.62 -9.10 -1.03
C ARG A 17 -25.39 -10.00 -1.15
N LYS A 18 -25.59 -11.23 -1.57
CA LYS A 18 -24.52 -12.21 -1.62
C LYS A 18 -24.26 -12.70 -3.03
N TYR A 19 -23.08 -12.41 -3.55
CA TYR A 19 -22.69 -12.85 -4.88
C TYR A 19 -21.59 -13.90 -4.79
N SER A 20 -21.91 -15.14 -5.11
CA SER A 20 -20.87 -16.16 -5.20
C SER A 20 -20.11 -15.99 -6.50
N GLN A 21 -18.80 -15.81 -6.39
CA GLN A 21 -17.97 -15.37 -7.49
C GLN A 21 -17.23 -16.53 -8.15
N THR A 22 -17.36 -16.62 -9.46
CA THR A 22 -16.55 -17.52 -10.25
C THR A 22 -15.39 -16.74 -10.86
N ILE A 23 -14.17 -17.19 -10.62
CA ILE A 23 -13.00 -16.44 -11.02
C ILE A 23 -12.45 -16.91 -12.37
N ILE A 24 -12.45 -15.99 -13.33
CA ILE A 24 -11.92 -16.28 -14.65
C ILE A 24 -10.46 -15.85 -14.73
N LYS A 25 -10.19 -14.66 -14.21
CA LYS A 25 -8.85 -14.11 -14.20
C LYS A 25 -8.42 -13.89 -12.76
N SER A 26 -7.15 -14.18 -12.47
CA SER A 26 -6.59 -13.86 -11.16
C SER A 26 -6.62 -12.35 -10.99
N PHE A 27 -7.40 -11.86 -10.05
CA PHE A 27 -7.62 -10.42 -9.98
C PHE A 27 -7.39 -9.86 -8.59
N HIS A 28 -6.95 -8.62 -8.58
CA HIS A 28 -6.66 -7.90 -7.35
C HIS A 28 -7.73 -6.86 -7.08
N ILE A 29 -8.31 -6.92 -5.91
CA ILE A 29 -9.20 -5.86 -5.46
C ILE A 29 -8.40 -4.93 -4.56
N SER A 30 -8.52 -3.64 -4.79
CA SER A 30 -7.65 -2.68 -4.14
C SER A 30 -8.41 -1.74 -3.22
N GLY A 31 -9.72 -1.68 -3.37
CA GLY A 31 -10.50 -0.82 -2.50
C GLY A 31 -11.98 -1.12 -2.50
N VAL A 32 -12.62 -0.81 -1.40
CA VAL A 32 -14.08 -0.88 -1.29
C VAL A 32 -14.60 0.35 -0.53
N ALA A 33 -15.49 1.11 -1.15
CA ALA A 33 -15.95 2.36 -0.57
C ALA A 33 -17.44 2.57 -0.78
N LEU A 34 -18.07 3.37 0.07
CA LEU A 34 -19.49 3.63 -0.06
C LEU A 34 -19.78 5.08 -0.39
N ASP A 35 -20.77 5.26 -1.26
CA ASP A 35 -21.25 6.58 -1.62
C ASP A 35 -22.59 6.82 -0.97
N LYS A 36 -23.54 5.94 -1.26
CA LYS A 36 -24.79 5.91 -0.55
C LYS A 36 -24.76 4.76 0.45
N GLY A 37 -25.06 5.04 1.71
CA GLY A 37 -25.13 3.98 2.66
C GLY A 37 -24.84 4.42 4.07
N GLN A 38 -25.28 3.60 5.02
CA GLN A 38 -25.03 3.88 6.42
C GLN A 38 -23.88 3.00 6.94
N GLU A 39 -23.93 1.71 6.63
CA GLU A 39 -22.87 0.78 7.00
C GLU A 39 -22.81 -0.39 6.02
N ALA A 40 -21.63 -0.69 5.50
CA ALA A 40 -21.45 -1.88 4.69
C ALA A 40 -20.31 -2.72 5.24
N LYS A 41 -20.63 -3.94 5.64
CA LYS A 41 -19.62 -4.84 6.14
C LYS A 41 -19.29 -5.88 5.09
N LEU A 42 -18.11 -5.78 4.52
CA LEU A 42 -17.73 -6.61 3.40
C LEU A 42 -17.18 -7.94 3.89
N TYR A 43 -17.88 -9.00 3.58
CA TYR A 43 -17.43 -10.34 3.90
C TYR A 43 -17.19 -11.11 2.62
N LEU A 44 -16.20 -11.97 2.65
CA LEU A 44 -16.00 -12.90 1.56
C LEU A 44 -15.80 -14.29 2.11
N ALA A 45 -16.57 -15.23 1.59
CA ALA A 45 -16.47 -16.60 2.03
C ALA A 45 -15.79 -17.45 0.98
N ALA A 46 -14.70 -18.10 1.38
CA ALA A 46 -14.00 -19.02 0.52
C ALA A 46 -13.78 -20.32 1.28
N GLU A 47 -14.22 -21.43 0.70
CA GLU A 47 -14.23 -22.72 1.38
C GLU A 47 -15.14 -22.63 2.61
N LYS A 48 -16.23 -21.88 2.46
CA LYS A 48 -17.23 -21.71 3.52
C LYS A 48 -16.71 -20.78 4.64
N GLN A 49 -15.44 -20.42 4.58
CA GLN A 49 -14.84 -19.60 5.63
C GLN A 49 -15.20 -18.14 5.40
N GLU A 50 -15.98 -17.58 6.32
CA GLU A 50 -16.41 -16.19 6.21
C GLU A 50 -15.31 -15.26 6.68
N TYR A 51 -14.72 -14.53 5.74
CA TYR A 51 -13.70 -13.57 6.07
C TYR A 51 -14.29 -12.17 6.11
N ILE A 52 -14.01 -11.44 7.18
CA ILE A 52 -14.39 -10.04 7.23
C ILE A 52 -13.35 -9.22 6.46
N VAL A 53 -13.69 -8.90 5.23
CA VAL A 53 -12.76 -8.29 4.29
C VAL A 53 -12.54 -6.84 4.66
N ALA A 54 -13.62 -6.11 4.85
CA ALA A 54 -13.53 -4.68 5.15
C ALA A 54 -14.79 -4.19 5.83
N THR A 55 -14.61 -3.33 6.82
CA THR A 55 -15.73 -2.66 7.43
C THR A 55 -15.75 -1.23 6.91
N VAL A 56 -16.64 -0.97 5.97
CA VAL A 56 -16.72 0.34 5.36
C VAL A 56 -18.05 1.00 5.73
N THR A 57 -17.95 2.03 6.53
CA THR A 57 -19.12 2.69 7.08
C THR A 57 -19.12 4.18 6.73
N LYS A 58 -20.10 4.92 7.23
CA LYS A 58 -20.07 6.37 7.14
C LYS A 58 -18.80 6.91 7.80
N ALA A 59 -18.37 6.25 8.86
CA ALA A 59 -17.18 6.66 9.62
C ALA A 59 -15.92 6.32 8.83
N ILE A 60 -15.93 5.15 8.20
CA ILE A 60 -14.86 4.76 7.31
C ILE A 60 -15.42 4.59 5.90
N PRO A 61 -15.60 5.70 5.17
CA PRO A 61 -16.35 5.71 3.89
C PRO A 61 -15.61 4.99 2.77
N GLN A 62 -14.43 4.47 3.07
CA GLN A 62 -13.58 3.86 2.07
C GLN A 62 -12.50 3.02 2.71
N VAL A 63 -12.52 1.73 2.40
CA VAL A 63 -11.49 0.82 2.86
C VAL A 63 -10.59 0.40 1.71
N ALA A 64 -9.37 0.89 1.72
CA ALA A 64 -8.38 0.48 0.73
C ALA A 64 -7.63 -0.74 1.23
N LEU A 65 -7.76 -1.84 0.50
CA LEU A 65 -7.17 -3.11 0.92
C LEU A 65 -6.50 -3.82 -0.25
N ASP A 66 -5.73 -4.85 0.05
CA ASP A 66 -5.02 -5.60 -0.97
C ASP A 66 -5.57 -7.02 -1.06
N LEU A 67 -6.43 -7.25 -2.02
CA LEU A 67 -6.99 -8.57 -2.27
C LEU A 67 -6.48 -9.09 -3.59
N ASN A 68 -6.21 -10.38 -3.66
CA ASN A 68 -5.83 -10.99 -4.92
C ASN A 68 -6.26 -12.45 -4.94
N PHE A 69 -7.17 -12.77 -5.84
CA PHE A 69 -7.71 -14.12 -5.94
C PHE A 69 -7.21 -14.79 -7.22
N SER A 70 -7.24 -16.11 -7.25
CA SER A 70 -6.71 -16.85 -8.38
C SER A 70 -7.84 -17.52 -9.16
N LYS A 71 -7.56 -17.83 -10.42
CA LYS A 71 -8.54 -18.48 -11.30
C LYS A 71 -8.77 -19.92 -10.86
N GLY A 72 -8.02 -20.36 -9.87
CA GLY A 72 -8.15 -21.71 -9.36
C GLY A 72 -9.10 -21.80 -8.18
N ASP A 73 -9.24 -20.71 -7.44
CA ASP A 73 -10.11 -20.70 -6.27
C ASP A 73 -11.44 -20.04 -6.59
N ARG A 74 -12.40 -20.19 -5.68
CA ARG A 74 -13.73 -19.62 -5.84
C ARG A 74 -14.16 -19.01 -4.53
N ILE A 75 -14.87 -17.90 -4.59
CA ILE A 75 -15.21 -17.15 -3.39
C ILE A 75 -16.64 -16.62 -3.46
N MET A 76 -17.08 -15.99 -2.38
CA MET A 76 -18.36 -15.29 -2.39
C MET A 76 -18.20 -13.92 -1.77
N PHE A 77 -18.70 -12.90 -2.42
CA PHE A 77 -18.62 -11.56 -1.88
C PHE A 77 -20.01 -11.12 -1.44
N TYR A 78 -20.10 -10.64 -0.20
CA TYR A 78 -21.37 -10.20 0.32
C TYR A 78 -21.21 -9.14 1.39
N THR A 79 -22.03 -8.11 1.32
CA THR A 79 -21.96 -7.00 2.24
C THR A 79 -23.18 -6.97 3.15
N ALA A 80 -22.93 -6.80 4.44
CA ALA A 80 -24.00 -6.70 5.43
C ALA A 80 -24.22 -5.25 5.83
N GLY A 81 -25.32 -5.01 6.53
CA GLY A 81 -25.68 -3.66 6.93
C GLY A 81 -26.44 -2.95 5.84
N ASP A 82 -26.66 -1.65 5.98
CA ASP A 82 -27.29 -0.92 4.91
C ASP A 82 -26.32 0.10 4.35
N ALA A 83 -25.76 -0.24 3.20
CA ALA A 83 -24.97 0.67 2.41
C ALA A 83 -24.62 0.01 1.09
N SER A 84 -24.41 0.81 0.07
CA SER A 84 -24.04 0.30 -1.24
C SER A 84 -22.60 0.70 -1.55
N VAL A 85 -21.76 -0.30 -1.80
CA VAL A 85 -20.34 -0.04 -1.94
C VAL A 85 -19.86 -0.31 -3.35
N SER A 86 -18.76 0.32 -3.68
CA SER A 86 -18.12 0.14 -4.96
C SER A 86 -16.69 -0.30 -4.72
N LEU A 87 -16.37 -1.53 -5.12
CA LEU A 87 -15.01 -2.00 -5.05
C LEU A 87 -14.30 -1.70 -6.34
N LEU A 88 -13.00 -1.57 -6.23
CA LEU A 88 -12.18 -1.27 -7.36
C LEU A 88 -10.99 -2.19 -7.37
N GLY A 89 -10.62 -2.66 -8.54
CA GLY A 89 -9.53 -3.59 -8.65
C GLY A 89 -9.04 -3.72 -10.08
N TYR A 90 -8.24 -4.74 -10.33
CA TYR A 90 -7.76 -5.01 -11.68
C TYR A 90 -7.44 -6.48 -11.89
N LEU A 91 -7.97 -7.00 -12.98
CA LEU A 91 -7.71 -8.35 -13.44
C LEU A 91 -6.27 -8.46 -13.92
N HIS A 92 -5.56 -9.51 -13.49
CA HIS A 92 -4.18 -9.69 -13.90
C HIS A 92 -4.12 -10.07 -15.36
N ASP A 93 -3.29 -9.36 -16.10
CA ASP A 93 -3.09 -9.64 -17.52
C ASP A 93 -2.08 -10.76 -17.67
N ILE A 94 -2.02 -11.33 -18.86
CA ILE A 94 -1.05 -12.36 -19.17
C ILE A 94 -0.30 -11.99 -20.44
N ASP A 95 0.20 -10.75 -20.47
CA ASP A 95 0.96 -10.26 -21.61
C ASP A 95 2.24 -11.06 -21.76
N SER A 96 2.78 -11.52 -20.64
CA SER A 96 3.96 -12.36 -20.63
C SER A 96 3.58 -13.82 -20.88
N GLY A 97 2.82 -14.03 -21.95
CA GLY A 97 2.37 -15.35 -22.30
C GLY A 97 1.55 -15.32 -23.56
N SER A 98 0.53 -14.46 -23.58
CA SER A 98 -0.34 -14.28 -24.73
C SER A 98 -1.06 -15.59 -25.05
N PHE B 1 15.71 -6.22 -21.72
CA PHE B 1 15.74 -5.05 -20.81
C PHE B 1 14.63 -5.18 -19.77
N GLN B 2 14.91 -4.81 -18.54
CA GLN B 2 13.93 -4.84 -17.48
C GLN B 2 14.31 -3.88 -16.37
N GLY B 3 14.32 -2.60 -16.69
CA GLY B 3 14.62 -1.58 -15.72
C GLY B 3 13.37 -1.09 -15.03
N ALA B 4 12.22 -1.28 -15.68
CA ALA B 4 10.93 -0.86 -15.15
C ALA B 4 10.92 0.63 -14.83
N MET B 5 10.87 1.43 -15.87
CA MET B 5 10.94 2.88 -15.72
C MET B 5 9.58 3.52 -15.94
N ALA B 6 8.62 3.14 -15.11
CA ALA B 6 7.25 3.69 -15.18
C ALA B 6 7.29 5.21 -15.11
N MET B 7 6.44 5.84 -15.89
CA MET B 7 6.51 7.29 -16.06
C MET B 7 5.41 8.00 -15.29
N PHE B 8 5.80 9.06 -14.58
CA PHE B 8 4.91 9.82 -13.70
C PHE B 8 3.66 10.33 -14.45
N TRP B 9 2.54 10.34 -13.72
CA TRP B 9 1.26 10.78 -14.25
C TRP B 9 0.55 11.63 -13.21
N GLY B 10 -0.26 12.58 -13.65
CA GLY B 10 -1.01 13.39 -12.72
C GLY B 10 -2.32 13.87 -13.33
N LEU B 11 -3.26 14.26 -12.47
CA LEU B 11 -4.55 14.75 -12.94
C LEU B 11 -5.11 15.80 -11.97
N ASN B 12 -5.11 17.06 -12.40
CA ASN B 12 -5.72 18.13 -11.62
C ASN B 12 -7.17 18.33 -12.05
N MET B 13 -8.09 17.84 -11.23
CA MET B 13 -9.51 17.86 -11.56
C MET B 13 -10.19 19.08 -10.96
N LYS B 14 -11.15 19.60 -11.69
CA LYS B 14 -11.94 20.74 -11.25
C LYS B 14 -13.29 20.26 -10.70
N PRO B 15 -13.86 20.99 -9.73
CA PRO B 15 -15.11 20.62 -9.06
C PRO B 15 -16.28 20.41 -10.04
N GLU B 16 -16.85 19.21 -10.02
CA GLU B 16 -18.00 18.85 -10.85
C GLU B 16 -17.65 18.97 -12.33
N ARG B 17 -16.63 18.23 -12.74
CA ARG B 17 -16.26 18.16 -14.14
C ARG B 17 -16.05 16.70 -14.53
N LYS B 18 -16.45 16.34 -15.74
CA LYS B 18 -16.40 14.96 -16.18
C LYS B 18 -15.48 14.79 -17.38
N TYR B 19 -14.41 14.02 -17.21
CA TYR B 19 -13.48 13.76 -18.29
C TYR B 19 -13.54 12.29 -18.68
N SER B 20 -14.07 12.01 -19.85
CA SER B 20 -14.03 10.64 -20.36
C SER B 20 -12.64 10.35 -20.89
N GLN B 21 -12.02 9.31 -20.35
CA GLN B 21 -10.61 9.05 -20.54
C GLN B 21 -10.36 7.98 -21.60
N THR B 22 -9.50 8.31 -22.54
CA THR B 22 -8.99 7.34 -23.49
C THR B 22 -7.62 6.87 -23.04
N ILE B 23 -7.44 5.58 -22.87
CA ILE B 23 -6.22 5.04 -22.29
C ILE B 23 -5.22 4.62 -23.35
N ILE B 24 -4.06 5.26 -23.33
CA ILE B 24 -2.99 4.94 -24.26
C ILE B 24 -2.03 3.94 -23.63
N LYS B 25 -1.69 4.20 -22.37
CA LYS B 25 -0.81 3.33 -21.61
C LYS B 25 -1.54 2.79 -20.40
N SER B 26 -1.31 1.52 -20.08
CA SER B 26 -1.84 0.95 -18.86
C SER B 26 -1.23 1.69 -17.69
N PHE B 27 -2.04 2.40 -16.92
CA PHE B 27 -1.48 3.28 -15.92
C PHE B 27 -2.11 3.10 -14.55
N HIS B 28 -1.29 3.34 -13.54
CA HIS B 28 -1.69 3.19 -12.16
C HIS B 28 -1.88 4.56 -11.52
N ILE B 29 -3.04 4.79 -10.95
CA ILE B 29 -3.26 5.98 -10.14
C ILE B 29 -3.08 5.59 -8.69
N SER B 30 -2.32 6.38 -7.94
CA SER B 30 -1.91 5.98 -6.61
C SER B 30 -2.47 6.91 -5.55
N GLY B 31 -2.95 8.08 -5.94
CA GLY B 31 -3.52 8.99 -4.97
C GLY B 31 -4.36 10.08 -5.58
N VAL B 32 -5.32 10.56 -4.80
CA VAL B 32 -6.12 11.73 -5.16
C VAL B 32 -6.30 12.62 -3.94
N ALA B 33 -5.89 13.88 -4.04
CA ALA B 33 -5.91 14.77 -2.88
C ALA B 33 -6.34 16.18 -3.27
N LEU B 34 -6.87 16.94 -2.30
CA LEU B 34 -7.30 18.30 -2.59
C LEU B 34 -6.49 19.33 -1.85
N ASP B 35 -6.23 20.42 -2.55
CA ASP B 35 -5.52 21.55 -1.96
C ASP B 35 -6.50 22.68 -1.72
N LYS B 36 -7.17 23.10 -2.79
CA LYS B 36 -8.30 23.99 -2.68
C LYS B 36 -9.58 23.21 -2.83
N GLY B 37 -10.50 23.34 -1.90
CA GLY B 37 -11.76 22.67 -2.05
C GLY B 37 -12.45 22.36 -0.74
N GLN B 38 -13.75 22.13 -0.81
CA GLN B 38 -14.51 21.77 0.36
C GLN B 38 -14.79 20.27 0.39
N GLU B 39 -15.23 19.73 -0.76
CA GLU B 39 -15.47 18.29 -0.90
C GLU B 39 -15.29 17.87 -2.36
N ALA B 40 -14.51 16.83 -2.59
CA ALA B 40 -14.44 16.24 -3.92
C ALA B 40 -14.72 14.75 -3.86
N LYS B 41 -15.76 14.33 -4.55
CA LYS B 41 -16.12 12.93 -4.60
C LYS B 41 -15.71 12.35 -5.93
N LEU B 42 -14.68 11.52 -5.92
CA LEU B 42 -14.09 11.00 -7.14
C LEU B 42 -14.85 9.79 -7.62
N TYR B 43 -15.48 9.91 -8.78
CA TYR B 43 -16.18 8.81 -9.39
C TYR B 43 -15.51 8.46 -10.70
N LEU B 44 -15.49 7.20 -11.04
CA LEU B 44 -15.07 6.79 -12.35
C LEU B 44 -16.07 5.82 -12.94
N ALA B 45 -16.51 6.11 -14.13
CA ALA B 45 -17.46 5.25 -14.80
C ALA B 45 -16.80 4.46 -15.91
N ALA B 46 -16.91 3.15 -15.82
CA ALA B 46 -16.41 2.26 -16.86
C ALA B 46 -17.51 1.28 -17.23
N GLU B 47 -17.84 1.21 -18.52
CA GLU B 47 -18.99 0.45 -18.98
C GLU B 47 -20.26 0.99 -18.36
N LYS B 48 -20.29 2.33 -18.21
CA LYS B 48 -21.45 3.05 -17.66
C LYS B 48 -21.56 2.85 -16.14
N GLN B 49 -20.75 1.96 -15.58
CA GLN B 49 -20.83 1.66 -14.16
C GLN B 49 -20.11 2.73 -13.37
N GLU B 50 -20.86 3.48 -12.57
CA GLU B 50 -20.29 4.55 -11.78
C GLU B 50 -19.66 4.00 -10.51
N TYR B 51 -18.35 4.05 -10.45
CA TYR B 51 -17.62 3.60 -9.28
C TYR B 51 -17.23 4.79 -8.42
N ILE B 52 -17.52 4.71 -7.13
CA ILE B 52 -17.04 5.72 -6.20
C ILE B 52 -15.58 5.40 -5.85
N VAL B 53 -14.68 6.10 -6.51
CA VAL B 53 -13.26 5.81 -6.44
C VAL B 53 -12.70 6.26 -5.11
N ALA B 54 -12.98 7.51 -4.75
CA ALA B 54 -12.45 8.07 -3.53
C ALA B 54 -13.28 9.24 -3.05
N THR B 55 -13.51 9.31 -1.76
CA THR B 55 -14.14 10.48 -1.17
C THR B 55 -13.06 11.31 -0.50
N VAL B 56 -12.66 12.38 -1.16
CA VAL B 56 -11.60 13.23 -0.66
C VAL B 56 -12.16 14.59 -0.30
N THR B 57 -12.20 14.86 0.99
CA THR B 57 -12.81 16.07 1.51
C THR B 57 -11.83 16.88 2.34
N LYS B 58 -12.28 17.98 2.93
CA LYS B 58 -11.47 18.70 3.91
C LYS B 58 -11.09 17.76 5.06
N ALA B 59 -12.01 16.85 5.40
CA ALA B 59 -11.79 15.89 6.48
C ALA B 59 -10.79 14.82 6.07
N ILE B 60 -10.91 14.37 4.83
CA ILE B 60 -9.96 13.45 4.25
C ILE B 60 -9.28 14.14 3.06
N PRO B 61 -8.28 14.99 3.32
CA PRO B 61 -7.70 15.87 2.30
C PRO B 61 -6.88 15.13 1.25
N GLN B 62 -6.81 13.81 1.39
CA GLN B 62 -5.97 12.99 0.53
C GLN B 62 -6.36 11.53 0.63
N VAL B 63 -6.78 10.97 -0.49
CA VAL B 63 -7.09 9.55 -0.57
C VAL B 63 -6.04 8.82 -1.38
N ALA B 64 -5.23 8.04 -0.71
CA ALA B 64 -4.24 7.20 -1.37
C ALA B 64 -4.87 5.85 -1.73
N LEU B 65 -4.94 5.57 -3.01
CA LEU B 65 -5.60 4.35 -3.49
C LEU B 65 -4.78 3.66 -4.58
N ASP B 66 -5.15 2.44 -4.91
CA ASP B 66 -4.45 1.68 -5.93
C ASP B 66 -5.35 1.44 -7.13
N LEU B 67 -5.16 2.26 -8.16
CA LEU B 67 -5.90 2.12 -9.40
C LEU B 67 -4.95 1.70 -10.50
N ASN B 68 -5.42 0.84 -11.39
CA ASN B 68 -4.63 0.46 -12.55
C ASN B 68 -5.54 0.11 -13.72
N PHE B 69 -5.46 0.90 -14.77
CA PHE B 69 -6.30 0.71 -15.94
C PHE B 69 -5.48 0.21 -17.11
N SER B 70 -6.12 -0.41 -18.08
CA SER B 70 -5.41 -1.00 -19.21
C SER B 70 -5.71 -0.22 -20.48
N LYS B 71 -4.82 -0.36 -21.46
CA LYS B 71 -4.95 0.32 -22.75
C LYS B 71 -6.10 -0.29 -23.55
N GLY B 72 -6.69 -1.35 -23.01
CA GLY B 72 -7.78 -2.01 -23.68
C GLY B 72 -9.14 -1.49 -23.22
N ASP B 73 -9.21 -0.98 -22.00
CA ASP B 73 -10.46 -0.47 -21.46
C ASP B 73 -10.52 1.04 -21.54
N ARG B 74 -11.71 1.59 -21.32
CA ARG B 74 -11.92 3.02 -21.37
C ARG B 74 -12.79 3.43 -20.19
N ILE B 75 -12.53 4.60 -19.63
CA ILE B 75 -13.19 5.01 -18.40
C ILE B 75 -13.54 6.48 -18.45
N MET B 76 -14.22 6.95 -17.41
CA MET B 76 -14.47 8.39 -17.26
C MET B 76 -14.18 8.80 -15.83
N PHE B 77 -13.42 9.87 -15.66
CA PHE B 77 -13.11 10.37 -14.34
C PHE B 77 -13.86 11.66 -14.09
N TYR B 78 -14.57 11.72 -12.98
CA TYR B 78 -15.34 12.92 -12.67
C TYR B 78 -15.52 13.08 -11.16
N THR B 79 -15.33 14.31 -10.70
CA THR B 79 -15.43 14.62 -9.28
C THR B 79 -16.65 15.47 -8.99
N ALA B 80 -17.38 15.09 -7.97
CA ALA B 80 -18.56 15.84 -7.54
C ALA B 80 -18.24 16.68 -6.30
N GLY B 81 -19.15 17.58 -5.96
CA GLY B 81 -18.93 18.47 -4.84
C GLY B 81 -18.14 19.69 -5.24
N ASP B 82 -17.70 20.49 -4.29
CA ASP B 82 -16.85 21.60 -4.63
C ASP B 82 -15.48 21.40 -4.02
N ALA B 83 -14.55 21.00 -4.86
CA ALA B 83 -13.14 20.93 -4.52
C ALA B 83 -12.35 20.58 -5.76
N SER B 84 -11.10 21.01 -5.79
CA SER B 84 -10.23 20.71 -6.92
C SER B 84 -9.14 19.76 -6.46
N VAL B 85 -9.05 18.61 -7.10
CA VAL B 85 -8.14 17.57 -6.65
C VAL B 85 -7.03 17.31 -7.62
N SER B 86 -5.95 16.76 -7.11
CA SER B 86 -4.82 16.39 -7.90
C SER B 86 -4.53 14.91 -7.68
N LEU B 87 -4.71 14.11 -8.73
CA LEU B 87 -4.35 12.72 -8.67
C LEU B 87 -2.94 12.53 -9.09
N LEU B 88 -2.35 11.48 -8.59
CA LEU B 88 -0.97 11.17 -8.90
C LEU B 88 -0.88 9.69 -9.24
N GLY B 89 -0.08 9.38 -10.25
CA GLY B 89 0.05 8.02 -10.70
C GLY B 89 1.25 7.84 -11.59
N TYR B 90 1.31 6.71 -12.27
CA TYR B 90 2.39 6.45 -13.21
C TYR B 90 1.96 5.49 -14.31
N LEU B 91 2.25 5.89 -15.53
CA LEU B 91 2.03 5.09 -16.73
C LEU B 91 3.00 3.91 -16.73
N HIS B 92 2.50 2.73 -17.01
CA HIS B 92 3.35 1.55 -17.04
C HIS B 92 4.27 1.60 -18.25
N ASP B 93 5.56 1.41 -18.01
CA ASP B 93 6.54 1.38 -19.08
C ASP B 93 6.57 0.00 -19.71
N ILE B 94 7.18 -0.08 -20.88
CA ILE B 94 7.35 -1.36 -21.56
C ILE B 94 8.81 -1.56 -21.92
N ASP B 95 9.68 -1.35 -20.93
CA ASP B 95 11.11 -1.52 -21.12
C ASP B 95 11.43 -2.97 -21.46
N SER B 96 10.63 -3.87 -20.91
CA SER B 96 10.76 -5.29 -21.19
C SER B 96 10.04 -5.65 -22.49
N GLY B 97 10.36 -4.89 -23.53
CA GLY B 97 9.75 -5.10 -24.82
C GLY B 97 10.31 -4.14 -25.85
N SER B 98 10.27 -2.85 -25.50
CA SER B 98 10.78 -1.79 -26.35
C SER B 98 10.03 -1.77 -27.69
N PHE C 1 20.12 -11.95 -14.47
CA PHE C 1 20.05 -11.57 -13.04
C PHE C 1 18.71 -10.91 -12.75
N GLN C 2 18.13 -11.22 -11.60
CA GLN C 2 16.87 -10.62 -11.20
C GLN C 2 16.72 -10.69 -9.69
N GLY C 3 17.61 -9.99 -8.99
CA GLY C 3 17.53 -9.93 -7.55
C GLY C 3 16.69 -8.77 -7.07
N ALA C 4 16.53 -7.77 -7.94
CA ALA C 4 15.75 -6.57 -7.64
C ALA C 4 16.25 -5.89 -6.36
N MET C 5 17.38 -5.25 -6.48
CA MET C 5 18.04 -4.61 -5.34
C MET C 5 17.88 -3.10 -5.38
N ALA C 6 16.62 -2.64 -5.36
CA ALA C 6 16.31 -1.21 -5.38
C ALA C 6 17.02 -0.50 -4.24
N MET C 7 17.52 0.69 -4.52
CA MET C 7 18.39 1.39 -3.58
C MET C 7 17.66 2.52 -2.87
N PHE C 8 17.87 2.57 -1.55
CA PHE C 8 17.17 3.52 -0.67
C PHE C 8 17.40 4.97 -1.11
N TRP C 9 16.35 5.78 -0.94
CA TRP C 9 16.35 7.19 -1.30
C TRP C 9 15.68 7.99 -0.20
N GLY C 10 16.09 9.24 -0.03
CA GLY C 10 15.47 10.10 0.95
C GLY C 10 15.54 11.56 0.56
N LEU C 11 14.67 12.37 1.14
CA LEU C 11 14.64 13.80 0.86
C LEU C 11 14.20 14.59 2.08
N ASN C 12 15.13 15.30 2.69
CA ASN C 12 14.81 16.19 3.81
C ASN C 12 14.54 17.60 3.28
N MET C 13 13.27 17.97 3.23
CA MET C 13 12.86 19.24 2.67
C MET C 13 12.71 20.30 3.75
N LYS C 14 13.05 21.53 3.39
CA LYS C 14 12.92 22.66 4.28
C LYS C 14 11.65 23.45 3.94
N PRO C 15 11.04 24.10 4.94
CA PRO C 15 9.78 24.83 4.78
C PRO C 15 9.85 25.91 3.69
N GLU C 16 8.96 25.79 2.70
CA GLU C 16 8.86 26.75 1.60
C GLU C 16 10.15 26.82 0.80
N ARG C 17 10.57 25.68 0.29
CA ARG C 17 11.73 25.61 -0.59
C ARG C 17 11.38 24.78 -1.81
N LYS C 18 11.90 25.18 -2.96
CA LYS C 18 11.57 24.55 -4.22
C LYS C 18 12.79 23.93 -4.89
N TYR C 19 12.78 22.61 -5.02
CA TYR C 19 13.87 21.91 -5.68
C TYR C 19 13.40 21.32 -7.00
N SER C 20 13.86 21.86 -8.11
CA SER C 20 13.58 21.26 -9.40
C SER C 20 14.47 20.03 -9.59
N GLN C 21 13.84 18.89 -9.81
CA GLN C 21 14.51 17.60 -9.74
C GLN C 21 14.87 17.08 -11.13
N THR C 22 16.13 16.72 -11.29
CA THR C 22 16.57 16.00 -12.47
C THR C 22 16.66 14.51 -12.14
N ILE C 23 15.98 13.68 -12.92
CA ILE C 23 15.86 12.27 -12.59
C ILE C 23 16.89 11.43 -13.32
N ILE C 24 17.74 10.77 -12.55
CA ILE C 24 18.77 9.89 -13.10
C ILE C 24 18.25 8.46 -13.15
N LYS C 25 17.62 8.05 -12.05
CA LYS C 25 17.04 6.72 -11.94
C LYS C 25 15.55 6.82 -11.73
N SER C 26 14.80 5.93 -12.36
CA SER C 26 13.37 5.84 -12.12
C SER C 26 13.16 5.45 -10.66
N PHE C 27 12.59 6.34 -9.87
CA PHE C 27 12.55 6.10 -8.44
C PHE C 27 11.17 6.27 -7.84
N HIS C 28 10.93 5.49 -6.79
CA HIS C 28 9.67 5.48 -6.10
C HIS C 28 9.79 6.18 -4.77
N ILE C 29 8.95 7.17 -4.53
CA ILE C 29 8.84 7.77 -3.21
C ILE C 29 7.67 7.14 -2.49
N SER C 30 7.88 6.73 -1.26
CA SER C 30 6.89 5.93 -0.56
C SER C 30 6.32 6.65 0.66
N GLY C 31 6.96 7.72 1.09
CA GLY C 31 6.44 8.44 2.23
C GLY C 31 7.03 9.82 2.38
N VAL C 32 6.26 10.70 2.99
CA VAL C 32 6.73 12.04 3.38
C VAL C 32 6.19 12.38 4.76
N ALA C 33 7.08 12.68 5.69
CA ALA C 33 6.67 12.91 7.08
C ALA C 33 7.46 14.05 7.71
N LEU C 34 6.89 14.68 8.74
CA LEU C 34 7.56 15.78 9.40
C LEU C 34 7.92 15.45 10.84
N ASP C 35 9.09 15.91 11.23
CA ASP C 35 9.56 15.77 12.59
C ASP C 35 9.48 17.12 13.29
N LYS C 36 10.16 18.10 12.72
CA LYS C 36 9.99 19.47 13.14
C LYS C 36 9.11 20.19 12.13
N GLY C 37 8.06 20.84 12.60
CA GLY C 37 7.25 21.61 11.70
C GLY C 37 5.83 21.76 12.16
N GLN C 38 5.15 22.75 11.60
CA GLN C 38 3.76 22.99 11.91
C GLN C 38 2.86 22.47 10.78
N GLU C 39 3.22 22.81 9.54
CA GLU C 39 2.50 22.33 8.36
C GLU C 39 3.42 22.26 7.16
N ALA C 40 3.45 21.12 6.47
CA ALA C 40 4.17 21.04 5.21
C ALA C 40 3.24 20.53 4.11
N LYS C 41 3.06 21.34 3.09
CA LYS C 41 2.22 20.96 1.98
C LYS C 41 3.11 20.59 0.79
N LEU C 42 3.16 19.31 0.47
CA LEU C 42 4.08 18.80 -0.52
C LEU C 42 3.46 18.93 -1.91
N TYR C 43 4.06 19.77 -2.74
CA TYR C 43 3.64 19.93 -4.11
C TYR C 43 4.75 19.46 -5.03
N LEU C 44 4.37 18.89 -6.15
CA LEU C 44 5.33 18.58 -7.18
C LEU C 44 4.79 19.07 -8.51
N ALA C 45 5.61 19.82 -9.21
CA ALA C 45 5.22 20.34 -10.51
C ALA C 45 5.95 19.61 -11.61
N ALA C 46 5.19 19.04 -12.52
CA ALA C 46 5.73 18.38 -13.70
C ALA C 46 5.01 18.89 -14.92
N GLU C 47 5.76 19.40 -15.89
CA GLU C 47 5.17 20.09 -17.05
C GLU C 47 4.40 21.31 -16.59
N LYS C 48 4.93 21.97 -15.55
CA LYS C 48 4.36 23.19 -14.98
C LYS C 48 3.09 22.88 -14.16
N GLN C 49 2.62 21.64 -14.21
CA GLN C 49 1.40 21.26 -13.52
C GLN C 49 1.68 21.02 -12.05
N GLU C 50 1.13 21.87 -11.20
CA GLU C 50 1.35 21.76 -9.77
C GLU C 50 0.44 20.70 -9.16
N TYR C 51 1.04 19.60 -8.75
CA TYR C 51 0.30 18.53 -8.11
C TYR C 51 0.45 18.61 -6.61
N ILE C 52 -0.67 18.56 -5.90
CA ILE C 52 -0.62 18.46 -4.45
C ILE C 52 -0.35 17.01 -4.06
N VAL C 53 0.90 16.73 -3.77
CA VAL C 53 1.36 15.38 -3.55
C VAL C 53 0.88 14.86 -2.21
N ALA C 54 1.11 15.64 -1.17
CA ALA C 54 0.75 15.23 0.17
C ALA C 54 0.59 16.42 1.09
N THR C 55 -0.42 16.38 1.94
CA THR C 55 -0.57 17.37 2.97
C THR C 55 -0.14 16.74 4.29
N VAL C 56 1.07 17.07 4.73
CA VAL C 56 1.61 16.49 5.93
C VAL C 56 1.76 17.57 7.00
N THR C 57 0.94 17.47 8.02
CA THR C 57 0.88 18.49 9.05
C THR C 57 1.14 17.88 10.43
N LYS C 58 1.04 18.70 11.47
CA LYS C 58 1.05 18.18 12.84
C LYS C 58 -0.07 17.15 13.02
N ALA C 59 -1.19 17.40 12.36
CA ALA C 59 -2.36 16.53 12.44
C ALA C 59 -2.13 15.24 11.67
N ILE C 60 -1.50 15.37 10.51
CA ILE C 60 -1.08 14.23 9.72
C ILE C 60 0.44 14.24 9.61
N PRO C 61 1.14 13.76 10.65
CA PRO C 61 2.60 13.91 10.77
C PRO C 61 3.37 13.06 9.77
N GLN C 62 2.65 12.32 8.94
CA GLN C 62 3.26 11.39 8.02
C GLN C 62 2.28 10.96 6.94
N VAL C 63 2.63 11.27 5.70
CA VAL C 63 1.83 10.84 4.56
C VAL C 63 2.56 9.76 3.79
N ALA C 64 2.06 8.54 3.88
CA ALA C 64 2.59 7.44 3.11
C ALA C 64 1.88 7.36 1.77
N LEU C 65 2.64 7.54 0.69
CA LEU C 65 2.08 7.59 -0.65
C LEU C 65 2.92 6.78 -1.64
N ASP C 66 2.38 6.56 -2.82
CA ASP C 66 3.07 5.78 -3.84
C ASP C 66 3.42 6.68 -5.03
N LEU C 67 4.66 7.12 -5.07
CA LEU C 67 5.15 7.93 -6.17
C LEU C 67 6.19 7.15 -6.95
N ASN C 68 6.19 7.30 -8.25
CA ASN C 68 7.22 6.68 -9.07
C ASN C 68 7.46 7.50 -10.32
N PHE C 69 8.67 8.04 -10.43
CA PHE C 69 9.02 8.89 -11.55
C PHE C 69 10.02 8.18 -12.44
N SER C 70 10.11 8.63 -13.70
CA SER C 70 10.98 7.96 -14.66
C SER C 70 12.16 8.85 -15.02
N LYS C 71 13.22 8.22 -15.52
CA LYS C 71 14.43 8.93 -15.91
C LYS C 71 14.18 9.77 -17.16
N GLY C 72 12.98 9.63 -17.73
CA GLY C 72 12.63 10.37 -18.91
C GLY C 72 11.92 11.67 -18.61
N ASP C 73 11.25 11.73 -17.46
CA ASP C 73 10.52 12.93 -17.09
C ASP C 73 11.31 13.76 -16.07
N ARG C 74 10.85 14.98 -15.85
CA ARG C 74 11.50 15.88 -14.92
C ARG C 74 10.44 16.59 -14.09
N ILE C 75 10.74 16.83 -12.83
CA ILE C 75 9.74 17.34 -11.90
C ILE C 75 10.34 18.38 -10.98
N MET C 76 9.49 18.98 -10.14
CA MET C 76 9.98 19.87 -9.09
C MET C 76 9.28 19.54 -7.79
N PHE C 77 10.05 19.40 -6.72
CA PHE C 77 9.47 19.13 -5.42
C PHE C 77 9.58 20.35 -4.54
N TYR C 78 8.47 20.75 -3.96
CA TYR C 78 8.48 21.92 -3.10
C TYR C 78 7.38 21.85 -2.05
N THR C 79 7.74 22.22 -0.83
CA THR C 79 6.82 22.16 0.29
C THR C 79 6.45 23.55 0.77
N ALA C 80 5.16 23.78 0.98
CA ALA C 80 4.67 25.05 1.48
C ALA C 80 4.33 24.95 2.96
N GLY C 81 4.12 26.09 3.59
CA GLY C 81 3.84 26.13 5.01
C GLY C 81 5.11 26.15 5.81
N ASP C 82 5.02 25.99 7.13
CA ASP C 82 6.22 25.89 7.93
C ASP C 82 6.31 24.51 8.54
N ALA C 83 7.16 23.69 7.95
CA ALA C 83 7.55 22.41 8.48
C ALA C 83 8.64 21.82 7.64
N SER C 84 9.47 20.98 8.24
CA SER C 84 10.55 20.33 7.53
C SER C 84 10.25 18.84 7.44
N VAL C 85 10.19 18.32 6.23
CA VAL C 85 9.76 16.95 6.01
C VAL C 85 10.87 16.08 5.49
N SER C 86 10.72 14.79 5.71
CA SER C 86 11.65 13.81 5.23
C SER C 86 10.88 12.79 4.41
N LEU C 87 11.17 12.77 3.11
CA LEU C 87 10.60 11.76 2.25
C LEU C 87 11.49 10.55 2.20
N LEU C 88 10.88 9.43 1.94
CA LEU C 88 11.58 8.18 1.88
C LEU C 88 11.16 7.43 0.63
N GLY C 89 12.11 6.81 -0.03
CA GLY C 89 11.82 6.12 -1.26
C GLY C 89 12.94 5.19 -1.66
N TYR C 90 12.91 4.72 -2.89
CA TYR C 90 13.96 3.86 -3.41
C TYR C 90 14.09 3.98 -4.93
N LEU C 91 15.32 4.17 -5.36
CA LEU C 91 15.68 4.20 -6.76
C LEU C 91 15.56 2.81 -7.35
N HIS C 92 14.94 2.69 -8.51
CA HIS C 92 14.78 1.39 -9.14
C HIS C 92 16.12 0.89 -9.65
N ASP C 93 16.45 -0.34 -9.30
CA ASP C 93 17.67 -0.96 -9.75
C ASP C 93 17.47 -1.55 -11.14
N ILE C 94 18.57 -1.87 -11.80
CA ILE C 94 18.50 -2.51 -13.11
C ILE C 94 19.36 -3.77 -13.10
N ASP C 95 19.14 -4.59 -12.07
CA ASP C 95 19.87 -5.85 -11.94
C ASP C 95 19.54 -6.78 -13.11
N SER C 96 18.31 -6.66 -13.61
CA SER C 96 17.87 -7.42 -14.77
C SER C 96 18.31 -6.72 -16.05
N GLY C 97 19.60 -6.40 -16.11
CA GLY C 97 20.15 -5.74 -17.26
C GLY C 97 21.64 -5.51 -17.10
N SER C 98 22.00 -4.91 -15.98
CA SER C 98 23.40 -4.65 -15.64
C SER C 98 24.03 -3.73 -16.70
N PHE D 1 14.15 -19.97 -12.63
CA PHE D 1 13.25 -20.01 -11.46
C PHE D 1 12.74 -18.61 -11.15
N GLN D 2 11.48 -18.51 -10.77
CA GLN D 2 10.88 -17.24 -10.42
C GLN D 2 9.67 -17.45 -9.52
N GLY D 3 9.92 -17.99 -8.34
CA GLY D 3 8.86 -18.20 -7.38
C GLY D 3 8.69 -17.01 -6.46
N ALA D 4 9.74 -16.20 -6.36
CA ALA D 4 9.74 -15.00 -5.51
C ALA D 4 9.37 -15.34 -4.07
N MET D 5 10.33 -15.95 -3.38
CA MET D 5 10.11 -16.42 -2.02
C MET D 5 10.81 -15.52 -1.02
N ALA D 6 10.43 -14.25 -1.01
CA ALA D 6 11.00 -13.26 -0.08
C ALA D 6 10.85 -13.75 1.36
N MET D 7 11.88 -13.50 2.15
CA MET D 7 11.94 -14.09 3.49
C MET D 7 11.63 -13.06 4.57
N PHE D 8 10.80 -13.47 5.51
CA PHE D 8 10.30 -12.59 6.58
C PHE D 8 11.45 -11.97 7.39
N TRP D 9 11.21 -10.72 7.80
CA TRP D 9 12.18 -9.95 8.56
C TRP D 9 11.46 -9.21 9.68
N GLY D 10 12.14 -8.97 10.78
CA GLY D 10 11.55 -8.21 11.88
C GLY D 10 12.59 -7.47 12.67
N LEU D 11 12.16 -6.45 13.40
CA LEU D 11 13.07 -5.65 14.23
C LEU D 11 12.35 -5.12 15.47
N ASN D 12 12.69 -5.69 16.63
CA ASN D 12 12.17 -5.20 17.90
C ASN D 12 13.12 -4.16 18.49
N MET D 13 12.74 -2.90 18.38
CA MET D 13 13.58 -1.80 18.82
C MET D 13 13.25 -1.37 20.23
N LYS D 14 14.27 -0.97 20.96
CA LYS D 14 14.12 -0.48 22.31
C LYS D 14 14.17 1.04 22.33
N PRO D 15 13.46 1.68 23.28
CA PRO D 15 13.36 3.14 23.36
C PRO D 15 14.71 3.85 23.45
N GLU D 16 14.97 4.73 22.48
CA GLU D 16 16.19 5.53 22.42
C GLU D 16 17.42 4.63 22.30
N ARG D 17 17.43 3.82 21.25
CA ARG D 17 18.58 2.99 20.95
C ARG D 17 18.91 3.12 19.47
N LYS D 18 20.19 3.11 19.14
CA LYS D 18 20.64 3.33 17.77
C LYS D 18 21.40 2.14 17.23
N TYR D 19 20.85 1.51 16.20
CA TYR D 19 21.50 0.37 15.57
C TYR D 19 21.94 0.75 14.16
N SER D 20 23.24 0.85 13.94
CA SER D 20 23.75 1.06 12.61
C SER D 20 23.71 -0.26 11.84
N GLN D 21 23.00 -0.26 10.72
CA GLN D 21 22.64 -1.48 10.02
C GLN D 21 23.56 -1.76 8.85
N THR D 22 24.09 -2.97 8.81
CA THR D 22 24.81 -3.47 7.65
C THR D 22 23.87 -4.34 6.83
N ILE D 23 23.72 -4.02 5.55
CA ILE D 23 22.72 -4.69 4.73
C ILE D 23 23.34 -5.83 3.93
N ILE D 24 22.84 -7.03 4.18
CA ILE D 24 23.29 -8.22 3.47
C ILE D 24 22.37 -8.49 2.29
N LYS D 25 21.08 -8.38 2.54
CA LYS D 25 20.07 -8.60 1.51
C LYS D 25 19.26 -7.32 1.32
N SER D 26 18.93 -7.01 0.07
CA SER D 26 18.04 -5.89 -0.21
C SER D 26 16.69 -6.22 0.41
N PHE D 27 16.27 -5.44 1.40
CA PHE D 27 15.09 -5.82 2.16
C PHE D 27 14.08 -4.70 2.29
N HIS D 28 12.82 -5.10 2.36
CA HIS D 28 11.71 -4.18 2.46
C HIS D 28 11.15 -4.22 3.87
N ILE D 29 11.06 -3.06 4.49
CA ILE D 29 10.35 -2.94 5.76
C ILE D 29 8.96 -2.41 5.46
N SER D 30 7.95 -3.05 6.03
CA SER D 30 6.58 -2.76 5.65
C SER D 30 5.77 -2.17 6.80
N GLY D 31 6.28 -2.26 8.02
CA GLY D 31 5.57 -1.69 9.14
C GLY D 31 6.41 -1.54 10.38
N VAL D 32 6.05 -0.56 11.20
CA VAL D 32 6.65 -0.38 12.52
C VAL D 32 5.54 -0.03 13.53
N ALA D 33 5.43 -0.82 14.58
CA ALA D 33 4.33 -0.65 15.53
C ALA D 33 4.79 -0.86 16.96
N LEU D 34 4.08 -0.28 17.93
CA LEU D 34 4.46 -0.44 19.32
C LEU D 34 3.41 -1.20 20.12
N ASP D 35 3.91 -2.03 21.01
CA ASP D 35 3.05 -2.79 21.92
C ASP D 35 3.17 -2.18 23.31
N LYS D 36 4.39 -2.14 23.82
CA LYS D 36 4.69 -1.41 25.03
C LYS D 36 5.36 -0.11 24.65
N GLY D 37 4.85 1.01 25.15
CA GLY D 37 5.51 2.26 24.89
C GLY D 37 4.57 3.44 24.92
N GLN D 38 5.16 4.62 25.09
CA GLN D 38 4.40 5.84 25.09
C GLN D 38 4.55 6.56 23.75
N GLU D 39 5.78 6.69 23.27
CA GLU D 39 6.07 7.31 21.98
C GLU D 39 7.36 6.73 21.39
N ALA D 40 7.31 6.29 20.14
CA ALA D 40 8.54 5.90 19.45
C ALA D 40 8.65 6.64 18.13
N LYS D 41 9.71 7.42 17.99
CA LYS D 41 9.95 8.15 16.77
C LYS D 41 11.05 7.46 15.98
N LEU D 42 10.67 6.84 14.88
CA LEU D 42 11.59 6.03 14.10
C LEU D 42 12.37 6.90 13.14
N TYR D 43 13.68 6.97 13.36
CA TYR D 43 14.56 7.68 12.46
C TYR D 43 15.53 6.71 11.82
N LEU D 44 15.88 6.98 10.59
CA LEU D 44 16.94 6.22 9.95
C LEU D 44 17.90 7.18 9.29
N ALA D 45 19.16 7.02 9.60
CA ALA D 45 20.19 7.86 9.02
C ALA D 45 20.99 7.11 7.98
N ALA D 46 21.00 7.66 6.77
CA ALA D 46 21.80 7.11 5.69
C ALA D 46 22.61 8.23 5.06
N GLU D 47 23.93 8.05 4.99
CA GLU D 47 24.83 9.11 4.58
C GLU D 47 24.73 10.29 5.55
N LYS D 48 24.54 9.95 6.83
CA LYS D 48 24.46 10.93 7.91
C LYS D 48 23.11 11.68 7.89
N GLN D 49 22.33 11.46 6.85
CA GLN D 49 21.07 12.16 6.71
C GLN D 49 20.00 11.50 7.57
N GLU D 50 19.53 12.22 8.58
CA GLU D 50 18.53 11.69 9.49
C GLU D 50 17.15 11.79 8.89
N TYR D 51 16.58 10.66 8.54
CA TYR D 51 15.23 10.62 7.99
C TYR D 51 14.24 10.24 9.07
N ILE D 52 13.18 11.00 9.19
CA ILE D 52 12.09 10.61 10.08
C ILE D 52 11.21 9.59 9.36
N VAL D 53 11.44 8.33 9.69
CA VAL D 53 10.84 7.22 8.99
C VAL D 53 9.37 7.08 9.35
N ALA D 54 9.10 7.09 10.65
CA ALA D 54 7.75 6.91 11.14
C ALA D 54 7.59 7.44 12.54
N THR D 55 6.48 8.11 12.79
CA THR D 55 6.13 8.51 14.13
C THR D 55 5.06 7.57 14.66
N VAL D 56 5.48 6.63 15.49
CA VAL D 56 4.56 5.63 16.01
C VAL D 56 4.38 5.83 17.51
N THR D 57 3.21 6.26 17.89
CA THR D 57 2.91 6.61 19.26
C THR D 57 1.74 5.81 19.80
N LYS D 58 1.33 6.09 21.03
CA LYS D 58 0.07 5.54 21.55
C LYS D 58 -1.10 5.93 20.63
N ALA D 59 -1.01 7.15 20.09
CA ALA D 59 -2.05 7.67 19.21
C ALA D 59 -2.01 6.98 17.85
N ILE D 60 -0.81 6.76 17.36
CA ILE D 60 -0.60 6.00 16.14
C ILE D 60 0.21 4.75 16.48
N PRO D 61 -0.47 3.71 17.00
CA PRO D 61 0.21 2.53 17.57
C PRO D 61 0.89 1.66 16.52
N GLN D 62 0.78 2.07 15.27
CA GLN D 62 1.29 1.27 14.16
C GLN D 62 1.41 2.11 12.90
N VAL D 63 2.62 2.23 12.40
CA VAL D 63 2.87 2.92 11.15
C VAL D 63 3.25 1.92 10.06
N ALA D 64 2.35 1.71 9.13
CA ALA D 64 2.62 0.87 7.97
C ALA D 64 3.24 1.71 6.86
N LEU D 65 4.47 1.38 6.49
CA LEU D 65 5.21 2.14 5.50
C LEU D 65 5.92 1.24 4.51
N ASP D 66 6.42 1.83 3.44
CA ASP D 66 7.12 1.06 2.41
C ASP D 66 8.59 1.46 2.36
N LEU D 67 9.42 0.65 2.98
CA LEU D 67 10.86 0.86 2.98
C LEU D 67 11.53 -0.24 2.19
N ASN D 68 12.56 0.09 1.44
CA ASN D 68 13.33 -0.93 0.74
C ASN D 68 14.77 -0.46 0.59
N PHE D 69 15.68 -1.19 1.21
CA PHE D 69 17.09 -0.82 1.19
C PHE D 69 17.87 -1.84 0.37
N SER D 70 19.04 -1.45 -0.11
CA SER D 70 19.83 -2.31 -0.98
C SER D 70 21.08 -2.79 -0.26
N LYS D 71 21.64 -3.89 -0.75
CA LYS D 71 22.84 -4.47 -0.19
C LYS D 71 24.06 -3.59 -0.47
N GLY D 72 23.84 -2.54 -1.24
CA GLY D 72 24.90 -1.63 -1.59
C GLY D 72 24.99 -0.45 -0.64
N ASP D 73 23.87 -0.08 -0.04
CA ASP D 73 23.84 1.06 0.87
C ASP D 73 23.88 0.59 2.32
N ARG D 74 24.10 1.54 3.22
CA ARG D 74 24.17 1.26 4.65
C ARG D 74 23.41 2.33 5.40
N ILE D 75 22.74 1.94 6.47
CA ILE D 75 21.85 2.85 7.17
C ILE D 75 21.96 2.68 8.68
N MET D 76 21.26 3.51 9.42
CA MET D 76 21.16 3.33 10.86
C MET D 76 19.72 3.49 11.29
N PHE D 77 19.22 2.56 12.09
CA PHE D 77 17.86 2.64 12.58
C PHE D 77 17.87 2.98 14.06
N TYR D 78 17.13 4.00 14.43
CA TYR D 78 17.07 4.41 15.82
C TYR D 78 15.76 5.08 16.16
N THR D 79 15.21 4.71 17.32
CA THR D 79 13.93 5.23 17.75
C THR D 79 14.09 6.13 18.96
N ALA D 80 13.46 7.29 18.92
CA ALA D 80 13.48 8.23 20.02
C ALA D 80 12.19 8.16 20.82
N GLY D 81 12.19 8.78 21.99
CA GLY D 81 11.03 8.75 22.86
C GLY D 81 11.05 7.52 23.75
N ASP D 82 9.97 7.25 24.45
CA ASP D 82 9.91 6.03 25.22
C ASP D 82 8.81 5.13 24.66
N ALA D 83 9.24 4.14 23.91
CA ALA D 83 8.39 3.07 23.45
C ALA D 83 9.24 2.01 22.76
N SER D 84 8.77 0.78 22.79
CA SER D 84 9.47 -0.31 22.14
C SER D 84 8.67 -0.78 20.94
N VAL D 85 9.27 -0.74 19.76
CA VAL D 85 8.56 -1.02 18.54
C VAL D 85 9.03 -2.28 17.86
N SER D 86 8.16 -2.84 17.06
CA SER D 86 8.45 -4.01 16.29
C SER D 86 8.21 -3.71 14.83
N LEU D 87 9.28 -3.71 14.04
CA LEU D 87 9.14 -3.54 12.61
C LEU D 87 8.99 -4.89 11.96
N LEU D 88 8.34 -4.88 10.82
CA LEU D 88 8.11 -6.09 10.08
C LEU D 88 8.45 -5.83 8.62
N GLY D 89 9.08 -6.81 8.01
CA GLY D 89 9.50 -6.66 6.63
C GLY D 89 9.86 -7.99 6.01
N TYR D 90 10.51 -7.95 4.86
CA TYR D 90 10.97 -9.16 4.19
C TYR D 90 12.19 -8.89 3.32
N LEU D 91 13.18 -9.75 3.51
CA LEU D 91 14.39 -9.75 2.72
C LEU D 91 14.08 -10.24 1.31
N HIS D 92 14.58 -9.53 0.31
CA HIS D 92 14.32 -9.91 -1.07
C HIS D 92 15.07 -11.18 -1.40
N ASP D 93 14.37 -12.14 -1.96
CA ASP D 93 14.97 -13.40 -2.38
C ASP D 93 15.60 -13.23 -3.75
N ILE D 94 16.44 -14.18 -4.12
CA ILE D 94 17.05 -14.17 -5.44
C ILE D 94 16.82 -15.53 -6.10
N ASP D 95 15.56 -15.96 -6.10
CA ASP D 95 15.19 -17.23 -6.71
C ASP D 95 15.43 -17.18 -8.22
N SER D 96 15.28 -15.99 -8.78
CA SER D 96 15.55 -15.75 -10.19
C SER D 96 17.04 -15.51 -10.42
N GLY D 97 17.84 -16.42 -9.89
CA GLY D 97 19.28 -16.33 -10.01
C GLY D 97 19.97 -17.50 -9.35
N SER D 98 19.61 -17.74 -8.09
CA SER D 98 20.15 -18.85 -7.32
C SER D 98 21.66 -18.71 -7.19
N PHE E 1 6.02 -19.24 -18.77
CA PHE E 1 4.72 -18.74 -18.27
C PHE E 1 4.94 -17.68 -17.21
N GLN E 2 4.12 -16.65 -17.22
CA GLN E 2 4.22 -15.58 -16.23
C GLN E 2 2.89 -14.84 -16.12
N GLY E 3 1.88 -15.57 -15.67
CA GLY E 3 0.57 -14.98 -15.48
C GLY E 3 0.41 -14.44 -14.08
N ALA E 4 1.22 -14.94 -13.15
CA ALA E 4 1.20 -14.53 -11.74
C ALA E 4 -0.19 -14.69 -11.15
N MET E 5 -0.55 -15.93 -10.90
CA MET E 5 -1.88 -16.26 -10.40
C MET E 5 -1.84 -16.62 -8.91
N ALA E 6 -1.39 -15.67 -8.10
CA ALA E 6 -1.32 -15.85 -6.64
C ALA E 6 -2.68 -16.26 -6.09
N MET E 7 -2.66 -17.18 -5.13
CA MET E 7 -3.89 -17.80 -4.67
C MET E 7 -4.32 -17.25 -3.31
N PHE E 8 -5.60 -16.94 -3.21
CA PHE E 8 -6.19 -16.31 -2.02
C PHE E 8 -5.93 -17.12 -0.75
N TRP E 9 -5.71 -16.41 0.35
CA TRP E 9 -5.44 -17.00 1.65
C TRP E 9 -6.24 -16.25 2.72
N GLY E 10 -6.60 -16.94 3.78
CA GLY E 10 -7.30 -16.29 4.88
C GLY E 10 -7.03 -16.97 6.21
N LEU E 11 -7.26 -16.25 7.29
CA LEU E 11 -7.05 -16.79 8.63
C LEU E 11 -8.04 -16.19 9.63
N ASN E 12 -9.00 -16.99 10.07
CA ASN E 12 -9.93 -16.56 11.10
C ASN E 12 -9.41 -16.98 12.48
N MET E 13 -8.88 -16.01 13.21
CA MET E 13 -8.24 -16.28 14.50
C MET E 13 -9.23 -16.06 15.64
N LYS E 14 -9.08 -16.89 16.66
CA LYS E 14 -9.90 -16.79 17.86
C LYS E 14 -9.14 -16.08 18.96
N PRO E 15 -9.85 -15.37 19.85
CA PRO E 15 -9.23 -14.57 20.93
C PRO E 15 -8.31 -15.38 21.83
N GLU E 16 -7.04 -14.96 21.90
CA GLU E 16 -6.04 -15.59 22.75
C GLU E 16 -5.80 -17.04 22.35
N ARG E 17 -5.45 -17.24 21.09
CA ARG E 17 -5.09 -18.56 20.59
C ARG E 17 -3.79 -18.47 19.80
N LYS E 18 -2.95 -19.49 19.94
CA LYS E 18 -1.63 -19.47 19.31
C LYS E 18 -1.47 -20.59 18.31
N TYR E 19 -1.28 -20.22 17.05
CA TYR E 19 -1.08 -21.20 15.99
C TYR E 19 0.35 -21.10 15.46
N SER E 20 1.16 -22.10 15.72
CA SER E 20 2.48 -22.15 15.15
C SER E 20 2.36 -22.61 13.69
N GLN E 21 2.85 -21.78 12.78
CA GLN E 21 2.59 -21.94 11.35
C GLN E 21 3.74 -22.61 10.63
N THR E 22 3.43 -23.65 9.88
CA THR E 22 4.36 -24.25 8.96
C THR E 22 4.09 -23.73 7.55
N ILE E 23 5.10 -23.18 6.92
CA ILE E 23 4.91 -22.50 5.65
C ILE E 23 5.22 -23.41 4.47
N ILE E 24 4.21 -23.64 3.65
CA ILE E 24 4.35 -24.47 2.46
C ILE E 24 4.66 -23.58 1.26
N LYS E 25 3.92 -22.48 1.15
CA LYS E 25 4.09 -21.53 0.07
C LYS E 25 4.48 -20.17 0.65
N SER E 26 5.39 -19.49 -0.01
CA SER E 26 5.73 -18.12 0.36
C SER E 26 4.49 -17.27 0.19
N PHE E 27 3.94 -16.74 1.27
CA PHE E 27 2.64 -16.09 1.18
C PHE E 27 2.63 -14.71 1.82
N HIS E 28 1.80 -13.86 1.25
CA HIS E 28 1.65 -12.48 1.68
C HIS E 28 0.34 -12.32 2.43
N ILE E 29 0.41 -11.80 3.63
CA ILE E 29 -0.78 -11.39 4.36
C ILE E 29 -0.96 -9.90 4.18
N SER E 30 -2.16 -9.48 3.83
CA SER E 30 -2.39 -8.11 3.44
C SER E 30 -3.32 -7.37 4.40
N GLY E 31 -4.01 -8.10 5.25
CA GLY E 31 -4.88 -7.44 6.21
C GLY E 31 -5.32 -8.33 7.34
N VAL E 32 -5.61 -7.72 8.48
CA VAL E 32 -6.20 -8.40 9.63
C VAL E 32 -7.29 -7.52 10.24
N ALA E 33 -8.50 -8.02 10.32
CA ALA E 33 -9.63 -7.21 10.78
C ALA E 33 -10.55 -8.01 11.68
N LEU E 34 -11.31 -7.31 12.53
CA LEU E 34 -12.23 -8.00 13.43
C LEU E 34 -13.68 -7.66 13.14
N ASP E 35 -14.51 -8.68 13.25
CA ASP E 35 -15.95 -8.51 13.08
C ASP E 35 -16.62 -8.60 14.44
N LYS E 36 -16.40 -9.72 15.11
CA LYS E 36 -16.78 -9.85 16.51
C LYS E 36 -15.54 -9.70 17.37
N GLY E 37 -15.58 -8.82 18.35
CA GLY E 37 -14.48 -8.70 19.25
C GLY E 37 -14.35 -7.34 19.88
N GLN E 38 -13.61 -7.28 20.97
CA GLN E 38 -13.37 -6.03 21.65
C GLN E 38 -11.96 -5.52 21.33
N GLU E 39 -10.97 -6.41 21.44
CA GLU E 39 -9.58 -6.08 21.11
C GLU E 39 -8.83 -7.32 20.65
N ALA E 40 -8.16 -7.25 19.51
CA ALA E 40 -7.28 -8.33 19.10
C ALA E 40 -5.89 -7.78 18.81
N LYS E 41 -4.91 -8.27 19.54
CA LYS E 41 -3.54 -7.85 19.34
C LYS E 41 -2.78 -8.95 18.61
N LEU E 42 -2.46 -8.72 17.36
CA LEU E 42 -1.86 -9.73 16.51
C LEU E 42 -0.36 -9.77 16.70
N TYR E 43 0.12 -10.88 17.23
CA TYR E 43 1.55 -11.08 17.39
C TYR E 43 1.99 -12.25 16.54
N LEU E 44 3.18 -12.17 16.02
CA LEU E 44 3.77 -13.29 15.34
C LEU E 44 5.18 -13.50 15.85
N ALA E 45 5.48 -14.71 16.24
CA ALA E 45 6.79 -15.04 16.75
C ALA E 45 7.56 -15.87 15.73
N ALA E 46 8.72 -15.36 15.34
CA ALA E 46 9.61 -16.08 14.46
C ALA E 46 11.01 -16.07 15.06
N GLU E 47 11.59 -17.26 15.23
CA GLU E 47 12.85 -17.41 15.96
C GLU E 47 12.67 -16.95 17.39
N LYS E 48 11.48 -17.23 17.94
CA LYS E 48 11.13 -16.89 19.33
C LYS E 48 10.88 -15.38 19.50
N GLN E 49 11.17 -14.61 18.46
CA GLN E 49 11.02 -13.17 18.54
C GLN E 49 9.57 -12.78 18.35
N GLU E 50 8.97 -12.23 19.41
CA GLU E 50 7.57 -11.84 19.35
C GLU E 50 7.41 -10.49 18.68
N TYR E 51 6.84 -10.50 17.49
CA TYR E 51 6.59 -9.27 16.76
C TYR E 51 5.14 -8.85 16.93
N ILE E 52 4.93 -7.59 17.28
CA ILE E 52 3.58 -7.06 17.29
C ILE E 52 3.19 -6.67 15.87
N VAL E 53 2.43 -7.56 15.25
CA VAL E 53 2.11 -7.45 13.84
C VAL E 53 1.09 -6.36 13.61
N ALA E 54 0.01 -6.40 14.38
CA ALA E 54 -1.06 -5.45 14.21
C ALA E 54 -1.91 -5.33 15.46
N THR E 55 -2.28 -4.12 15.82
CA THR E 55 -3.22 -3.91 16.89
C THR E 55 -4.57 -3.58 16.27
N VAL E 56 -5.45 -4.56 16.25
CA VAL E 56 -6.75 -4.40 15.64
C VAL E 56 -7.84 -4.46 16.71
N THR E 57 -8.46 -3.32 16.96
CA THR E 57 -9.43 -3.20 18.03
C THR E 57 -10.76 -2.70 17.50
N LYS E 58 -11.72 -2.48 18.39
CA LYS E 58 -12.96 -1.81 18.00
C LYS E 58 -12.64 -0.43 17.40
N ALA E 59 -11.60 0.21 17.93
CA ALA E 59 -11.19 1.53 17.46
C ALA E 59 -10.52 1.44 16.10
N ILE E 60 -9.70 0.41 15.93
CA ILE E 60 -9.09 0.11 14.65
C ILE E 60 -9.58 -1.25 14.18
N PRO E 61 -10.80 -1.31 13.60
CA PRO E 61 -11.48 -2.58 13.30
C PRO E 61 -10.82 -3.37 12.18
N GLN E 62 -9.75 -2.82 11.63
CA GLN E 62 -9.10 -3.41 10.48
C GLN E 62 -7.70 -2.84 10.29
N VAL E 63 -6.71 -3.70 10.36
CA VAL E 63 -5.34 -3.31 10.10
C VAL E 63 -4.86 -3.90 8.78
N ALA E 64 -4.70 -3.04 7.79
CA ALA E 64 -4.14 -3.45 6.51
C ALA E 64 -2.63 -3.33 6.54
N LEU E 65 -1.95 -4.45 6.39
CA LEU E 65 -0.50 -4.49 6.48
C LEU E 65 0.11 -5.34 5.38
N ASP E 66 1.42 -5.25 5.24
CA ASP E 66 2.13 -6.00 4.20
C ASP E 66 3.05 -7.03 4.84
N LEU E 67 2.59 -8.27 4.88
CA LEU E 67 3.37 -9.38 5.39
C LEU E 67 3.71 -10.32 4.27
N ASN E 68 4.91 -10.88 4.29
CA ASN E 68 5.28 -11.88 3.31
C ASN E 68 6.30 -12.83 3.92
N PHE E 69 5.91 -14.09 4.04
CA PHE E 69 6.77 -15.10 4.65
C PHE E 69 7.23 -16.09 3.59
N SER E 70 8.33 -16.78 3.87
CA SER E 70 8.91 -17.70 2.89
C SER E 70 8.73 -19.13 3.34
N LYS E 71 8.81 -20.04 2.37
CA LYS E 71 8.67 -21.48 2.64
C LYS E 71 9.88 -22.00 3.40
N GLY E 72 10.87 -21.13 3.59
CA GLY E 72 12.07 -21.51 4.29
C GLY E 72 12.00 -21.19 5.77
N ASP E 73 11.21 -20.19 6.13
CA ASP E 73 11.10 -19.79 7.54
C ASP E 73 9.82 -20.36 8.16
N ARG E 74 9.74 -20.27 9.47
CA ARG E 74 8.60 -20.76 10.21
C ARG E 74 8.22 -19.74 11.28
N ILE E 75 6.93 -19.59 11.52
CA ILE E 75 6.45 -18.53 12.40
C ILE E 75 5.32 -19.03 13.28
N MET E 76 4.86 -18.17 14.18
CA MET E 76 3.66 -18.47 14.96
C MET E 76 2.75 -17.27 14.97
N PHE E 77 1.48 -17.48 14.70
CA PHE E 77 0.52 -16.39 14.72
C PHE E 77 -0.39 -16.55 15.93
N TYR E 78 -0.51 -15.48 16.70
CA TYR E 78 -1.35 -15.53 17.88
C TYR E 78 -1.88 -14.15 18.25
N THR E 79 -3.16 -14.11 18.59
CA THR E 79 -3.83 -12.86 18.91
C THR E 79 -4.19 -12.80 20.38
N ALA E 80 -3.89 -11.68 21.02
CA ALA E 80 -4.22 -11.47 22.42
C ALA E 80 -5.44 -10.58 22.55
N GLY E 81 -5.98 -10.51 23.76
CA GLY E 81 -7.19 -9.73 23.99
C GLY E 81 -8.42 -10.53 23.70
N ASP E 82 -9.59 -9.91 23.68
CA ASP E 82 -10.79 -10.61 23.29
C ASP E 82 -11.33 -10.02 22.01
N ALA E 83 -11.08 -10.72 20.93
CA ALA E 83 -11.67 -10.44 19.63
C ALA E 83 -11.29 -11.53 18.65
N SER E 84 -12.14 -11.75 17.67
CA SER E 84 -11.87 -12.75 16.66
C SER E 84 -11.61 -12.06 15.33
N VAL E 85 -10.44 -12.31 14.75
CA VAL E 85 -10.02 -11.58 13.57
C VAL E 85 -9.93 -12.47 12.36
N SER E 86 -10.04 -11.84 11.21
CA SER E 86 -9.91 -12.52 9.94
C SER E 86 -8.80 -11.85 9.15
N LEU E 87 -7.72 -12.58 8.91
CA LEU E 87 -6.66 -12.09 8.06
C LEU E 87 -6.91 -12.51 6.64
N LEU E 88 -6.39 -11.72 5.74
CA LEU E 88 -6.54 -11.96 4.33
C LEU E 88 -5.20 -11.82 3.66
N GLY E 89 -4.94 -12.71 2.72
CA GLY E 89 -3.67 -12.71 2.05
C GLY E 89 -3.70 -13.54 0.78
N TYR E 90 -2.53 -13.83 0.24
CA TYR E 90 -2.43 -14.68 -0.94
C TYR E 90 -1.09 -15.39 -1.01
N LEU E 91 -1.18 -16.70 -1.23
CA LEU E 91 -0.04 -17.56 -1.44
C LEU E 91 0.61 -17.24 -2.78
N HIS E 92 1.92 -17.10 -2.79
CA HIS E 92 2.63 -16.79 -4.03
C HIS E 92 2.59 -17.99 -4.96
N ASP E 93 2.20 -17.75 -6.20
CA ASP E 93 2.17 -18.79 -7.21
C ASP E 93 3.54 -18.95 -7.82
N ILE E 94 3.74 -20.06 -8.52
CA ILE E 94 4.99 -20.30 -9.21
C ILE E 94 4.70 -20.64 -10.67
N ASP E 95 3.88 -19.79 -11.30
CA ASP E 95 3.53 -19.98 -12.71
C ASP E 95 4.78 -19.85 -13.58
N SER E 96 5.70 -19.01 -13.14
CA SER E 96 6.98 -18.84 -13.81
C SER E 96 7.96 -19.93 -13.41
N GLY E 97 7.50 -21.16 -13.51
CA GLY E 97 8.31 -22.31 -13.14
C GLY E 97 7.57 -23.60 -13.38
N SER E 98 6.36 -23.68 -12.82
CA SER E 98 5.51 -24.84 -12.97
C SER E 98 6.19 -26.08 -12.38
N PHE A 1 4.27 -2.01 -28.77
CA PHE A 1 3.00 -2.51 -28.20
C PHE A 1 3.28 -3.58 -27.15
N GLN A 2 3.02 -3.25 -25.89
CA GLN A 2 3.15 -4.21 -24.80
C GLN A 2 1.93 -5.11 -24.75
N GLY A 3 0.76 -4.50 -24.81
CA GLY A 3 -0.47 -5.24 -24.76
C GLY A 3 -1.48 -4.61 -23.82
N ALA A 4 -2.62 -5.26 -23.63
CA ALA A 4 -3.61 -4.78 -22.69
C ALA A 4 -3.26 -5.26 -21.29
N MET A 5 -2.97 -6.55 -21.20
CA MET A 5 -2.45 -7.16 -19.99
C MET A 5 -3.38 -7.01 -18.78
N ALA A 6 -3.07 -6.05 -17.92
CA ALA A 6 -3.85 -5.83 -16.71
C ALA A 6 -5.02 -4.92 -16.99
N MET A 7 -6.21 -5.33 -16.55
CA MET A 7 -7.42 -4.56 -16.85
C MET A 7 -8.17 -4.18 -15.58
N PHE A 8 -8.76 -2.99 -15.62
CA PHE A 8 -9.50 -2.45 -14.51
C PHE A 8 -10.71 -3.31 -14.15
N TRP A 9 -11.02 -3.37 -12.87
CA TRP A 9 -12.12 -4.18 -12.35
C TRP A 9 -12.90 -3.36 -11.33
N GLY A 10 -14.19 -3.60 -11.25
CA GLY A 10 -15.02 -2.90 -10.29
C GLY A 10 -16.22 -3.72 -9.86
N LEU A 11 -16.71 -3.45 -8.66
CA LEU A 11 -17.87 -4.16 -8.13
C LEU A 11 -18.68 -3.22 -7.23
N ASN A 12 -19.83 -2.77 -7.70
CA ASN A 12 -20.69 -1.94 -6.87
C ASN A 12 -21.80 -2.77 -6.23
N MET A 13 -21.68 -2.91 -4.91
CA MET A 13 -22.62 -3.70 -4.14
C MET A 13 -23.84 -2.88 -3.75
N LYS A 14 -24.97 -3.54 -3.78
CA LYS A 14 -26.19 -2.97 -3.26
C LYS A 14 -26.29 -3.35 -1.79
N PRO A 15 -26.82 -2.45 -0.95
CA PRO A 15 -26.87 -2.63 0.51
C PRO A 15 -27.36 -4.02 0.93
N GLU A 16 -26.42 -4.82 1.48
CA GLU A 16 -26.73 -6.13 2.03
C GLU A 16 -27.07 -7.12 0.91
N ARG A 17 -26.08 -7.43 0.10
CA ARG A 17 -26.23 -8.43 -0.96
C ARG A 17 -25.19 -9.52 -0.79
N LYS A 18 -25.35 -10.62 -1.53
CA LYS A 18 -24.47 -11.77 -1.40
C LYS A 18 -24.26 -12.47 -2.72
N TYR A 19 -23.08 -12.28 -3.31
CA TYR A 19 -22.79 -12.85 -4.62
C TYR A 19 -21.73 -13.96 -4.52
N SER A 20 -22.13 -15.19 -4.75
CA SER A 20 -21.17 -16.27 -4.89
C SER A 20 -20.78 -16.40 -6.36
N GLN A 21 -19.53 -16.05 -6.67
CA GLN A 21 -19.11 -15.90 -8.05
C GLN A 21 -17.77 -16.58 -8.34
N THR A 22 -17.64 -17.01 -9.59
CA THR A 22 -16.43 -17.65 -10.07
C THR A 22 -15.47 -16.62 -10.66
N ILE A 23 -14.21 -16.99 -10.77
CA ILE A 23 -13.18 -16.06 -11.22
C ILE A 23 -12.65 -16.43 -12.61
N ILE A 24 -12.69 -15.48 -13.52
CA ILE A 24 -12.21 -15.72 -14.88
C ILE A 24 -10.74 -15.35 -15.05
N LYS A 25 -10.27 -14.44 -14.19
CA LYS A 25 -8.88 -14.01 -14.21
C LYS A 25 -8.42 -13.69 -12.80
N SER A 26 -7.26 -14.19 -12.42
CA SER A 26 -6.67 -13.88 -11.14
C SER A 26 -6.57 -12.37 -11.00
N PHE A 27 -7.23 -11.79 -10.00
CA PHE A 27 -7.35 -10.35 -9.94
C PHE A 27 -7.14 -9.81 -8.54
N HIS A 28 -6.77 -8.54 -8.49
CA HIS A 28 -6.51 -7.85 -7.25
C HIS A 28 -7.59 -6.82 -6.99
N ILE A 29 -8.24 -6.90 -5.84
CA ILE A 29 -9.13 -5.85 -5.41
C ILE A 29 -8.34 -4.90 -4.51
N SER A 30 -8.50 -3.61 -4.72
CA SER A 30 -7.63 -2.64 -4.09
C SER A 30 -8.41 -1.66 -3.21
N GLY A 31 -9.73 -1.60 -3.37
CA GLY A 31 -10.50 -0.72 -2.53
C GLY A 31 -11.97 -1.07 -2.49
N VAL A 32 -12.57 -0.87 -1.33
CA VAL A 32 -14.03 -0.93 -1.18
C VAL A 32 -14.52 0.32 -0.47
N ALA A 33 -15.41 1.08 -1.10
CA ALA A 33 -15.81 2.36 -0.55
C ALA A 33 -17.28 2.66 -0.78
N LEU A 34 -17.87 3.48 0.08
CA LEU A 34 -19.26 3.87 -0.07
C LEU A 34 -19.41 5.37 -0.11
N ASP A 35 -20.35 5.83 -0.91
CA ASP A 35 -20.69 7.23 -0.94
C ASP A 35 -22.07 7.39 -0.34
N LYS A 36 -22.98 6.53 -0.77
CA LYS A 36 -24.30 6.43 -0.17
C LYS A 36 -24.35 5.19 0.72
N GLY A 37 -24.80 5.36 1.96
CA GLY A 37 -24.96 4.21 2.82
C GLY A 37 -24.68 4.51 4.26
N GLN A 38 -25.14 3.63 5.14
CA GLN A 38 -24.89 3.76 6.57
C GLN A 38 -23.77 2.83 7.02
N GLU A 39 -23.85 1.56 6.61
CA GLU A 39 -22.85 0.57 6.97
C GLU A 39 -22.74 -0.52 5.92
N ALA A 40 -21.53 -0.86 5.53
CA ALA A 40 -21.31 -2.05 4.74
C ALA A 40 -20.13 -2.84 5.29
N LYS A 41 -20.42 -4.01 5.81
CA LYS A 41 -19.37 -4.90 6.26
C LYS A 41 -19.08 -5.92 5.17
N LEU A 42 -17.90 -5.82 4.60
CA LEU A 42 -17.54 -6.63 3.46
C LEU A 42 -17.05 -7.98 3.95
N TYR A 43 -17.80 -9.02 3.65
CA TYR A 43 -17.41 -10.37 3.99
C TYR A 43 -17.19 -11.17 2.72
N LEU A 44 -16.19 -12.00 2.72
CA LEU A 44 -15.98 -12.90 1.62
C LEU A 44 -15.81 -14.31 2.14
N ALA A 45 -16.51 -15.23 1.54
CA ALA A 45 -16.39 -16.62 1.91
C ALA A 45 -15.73 -17.40 0.80
N ALA A 46 -14.55 -17.92 1.09
CA ALA A 46 -13.79 -18.73 0.14
C ALA A 46 -13.37 -20.01 0.83
N GLU A 47 -13.38 -21.12 0.10
CA GLU A 47 -13.10 -22.43 0.69
C GLU A 47 -14.09 -22.73 1.82
N LYS A 48 -15.29 -22.16 1.69
CA LYS A 48 -16.35 -22.30 2.68
C LYS A 48 -15.93 -21.67 4.01
N GLN A 49 -15.02 -20.71 3.95
CA GLN A 49 -14.53 -20.04 5.14
C GLN A 49 -14.91 -18.57 5.08
N GLU A 50 -15.57 -18.08 6.13
CA GLU A 50 -16.02 -16.71 6.16
C GLU A 50 -14.92 -15.77 6.61
N TYR A 51 -14.63 -14.78 5.79
CA TYR A 51 -13.63 -13.77 6.14
C TYR A 51 -14.25 -12.37 6.16
N ILE A 52 -13.96 -11.62 7.21
CA ILE A 52 -14.31 -10.20 7.22
C ILE A 52 -13.24 -9.42 6.46
N VAL A 53 -13.62 -8.97 5.28
CA VAL A 53 -12.68 -8.36 4.35
C VAL A 53 -12.41 -6.92 4.74
N ALA A 54 -13.47 -6.16 4.97
CA ALA A 54 -13.33 -4.76 5.33
C ALA A 54 -14.58 -4.23 6.00
N THR A 55 -14.41 -3.28 6.90
CA THR A 55 -15.54 -2.61 7.51
C THR A 55 -15.62 -1.19 6.99
N VAL A 56 -16.52 -0.95 6.07
CA VAL A 56 -16.65 0.37 5.45
C VAL A 56 -18.04 0.95 5.74
N THR A 57 -18.06 2.02 6.50
CA THR A 57 -19.30 2.60 6.96
C THR A 57 -19.42 4.06 6.54
N LYS A 58 -20.51 4.71 6.92
CA LYS A 58 -20.62 6.16 6.73
C LYS A 58 -19.56 6.89 7.55
N ALA A 59 -19.04 6.22 8.58
CA ALA A 59 -17.99 6.77 9.42
C ALA A 59 -16.63 6.53 8.76
N ILE A 60 -16.47 5.35 8.20
CA ILE A 60 -15.28 5.01 7.42
C ILE A 60 -15.69 4.80 5.97
N PRO A 61 -15.81 5.91 5.21
CA PRO A 61 -16.45 5.91 3.88
C PRO A 61 -15.65 5.18 2.81
N GLN A 62 -14.50 4.65 3.16
CA GLN A 62 -13.64 4.00 2.20
C GLN A 62 -12.58 3.13 2.87
N VAL A 63 -12.51 1.88 2.46
CA VAL A 63 -11.46 0.98 2.92
C VAL A 63 -10.59 0.53 1.75
N ALA A 64 -9.39 1.08 1.69
CA ALA A 64 -8.40 0.63 0.71
C ALA A 64 -7.70 -0.62 1.24
N LEU A 65 -7.79 -1.70 0.49
CA LEU A 65 -7.30 -2.98 0.94
C LEU A 65 -6.61 -3.73 -0.20
N ASP A 66 -5.91 -4.80 0.13
CA ASP A 66 -5.18 -5.57 -0.87
C ASP A 66 -5.70 -7.00 -0.94
N LEU A 67 -6.44 -7.29 -1.99
CA LEU A 67 -6.96 -8.62 -2.24
C LEU A 67 -6.42 -9.15 -3.55
N ASN A 68 -6.16 -10.44 -3.61
CA ASN A 68 -5.76 -11.06 -4.87
C ASN A 68 -6.25 -12.49 -4.91
N PHE A 69 -7.16 -12.77 -5.83
CA PHE A 69 -7.76 -14.09 -5.97
C PHE A 69 -7.26 -14.76 -7.25
N SER A 70 -7.45 -16.06 -7.36
CA SER A 70 -6.98 -16.81 -8.50
C SER A 70 -8.14 -17.23 -9.39
N LYS A 71 -7.87 -17.33 -10.69
CA LYS A 71 -8.89 -17.73 -11.66
C LYS A 71 -9.30 -19.19 -11.48
N GLY A 72 -8.53 -19.91 -10.68
CA GLY A 72 -8.87 -21.27 -10.36
C GLY A 72 -9.66 -21.37 -9.06
N ASP A 73 -9.80 -20.24 -8.39
CA ASP A 73 -10.49 -20.19 -7.11
C ASP A 73 -11.91 -19.68 -7.31
N ARG A 74 -12.74 -19.82 -6.28
CA ARG A 74 -14.13 -19.39 -6.34
C ARG A 74 -14.57 -18.85 -4.99
N ILE A 75 -15.14 -17.67 -4.99
CA ILE A 75 -15.40 -16.97 -3.74
C ILE A 75 -16.79 -16.36 -3.70
N MET A 76 -17.22 -15.97 -2.52
CA MET A 76 -18.48 -15.26 -2.39
C MET A 76 -18.23 -13.91 -1.76
N PHE A 77 -18.64 -12.86 -2.43
CA PHE A 77 -18.51 -11.53 -1.90
C PHE A 77 -19.86 -11.03 -1.45
N TYR A 78 -19.94 -10.56 -0.22
CA TYR A 78 -21.22 -10.12 0.31
C TYR A 78 -21.06 -9.10 1.43
N THR A 79 -21.97 -8.15 1.47
CA THR A 79 -21.90 -7.08 2.45
C THR A 79 -23.08 -7.11 3.39
N ALA A 80 -22.82 -6.82 4.65
CA ALA A 80 -23.86 -6.74 5.66
C ALA A 80 -24.09 -5.28 6.05
N GLY A 81 -25.30 -4.97 6.50
CA GLY A 81 -25.66 -3.60 6.82
C GLY A 81 -26.30 -2.94 5.62
N ASP A 82 -26.61 -1.66 5.71
CA ASP A 82 -27.16 -0.98 4.56
C ASP A 82 -26.25 0.15 4.11
N ALA A 83 -25.56 -0.11 3.03
CA ALA A 83 -24.78 0.88 2.30
C ALA A 83 -24.41 0.32 0.94
N SER A 84 -24.17 1.20 -0.02
CA SER A 84 -23.80 0.76 -1.35
C SER A 84 -22.32 1.01 -1.58
N VAL A 85 -21.55 -0.06 -1.68
CA VAL A 85 -20.11 0.06 -1.76
C VAL A 85 -19.59 -0.36 -3.12
N SER A 86 -18.65 0.41 -3.62
CA SER A 86 -18.04 0.12 -4.89
C SER A 86 -16.62 -0.35 -4.64
N LEU A 87 -16.34 -1.58 -5.04
CA LEU A 87 -14.99 -2.08 -4.99
C LEU A 87 -14.29 -1.78 -6.27
N LEU A 88 -13.00 -1.60 -6.16
CA LEU A 88 -12.18 -1.29 -7.30
C LEU A 88 -10.97 -2.19 -7.28
N GLY A 89 -10.58 -2.64 -8.46
CA GLY A 89 -9.47 -3.55 -8.56
C GLY A 89 -8.97 -3.66 -9.98
N TYR A 90 -8.13 -4.65 -10.23
CA TYR A 90 -7.64 -4.91 -11.57
C TYR A 90 -7.26 -6.36 -11.76
N LEU A 91 -7.73 -6.89 -12.88
CA LEU A 91 -7.40 -8.22 -13.32
C LEU A 91 -5.91 -8.28 -13.64
N HIS A 92 -5.21 -9.25 -13.05
CA HIS A 92 -3.78 -9.36 -13.19
C HIS A 92 -3.38 -9.71 -14.63
N ASP A 93 -2.26 -9.15 -15.04
CA ASP A 93 -1.68 -9.38 -16.35
C ASP A 93 -1.05 -10.77 -16.42
N ILE A 94 -0.07 -10.94 -17.30
CA ILE A 94 0.57 -12.24 -17.48
C ILE A 94 1.45 -12.61 -16.30
N ASP A 95 1.30 -13.83 -15.83
CA ASP A 95 2.12 -14.34 -14.74
C ASP A 95 3.46 -14.82 -15.29
N SER A 96 4.22 -13.87 -15.82
CA SER A 96 5.50 -14.16 -16.47
C SER A 96 5.26 -15.03 -17.71
N GLY A 97 6.32 -15.63 -18.24
CA GLY A 97 6.18 -16.50 -19.39
C GLY A 97 5.85 -15.73 -20.65
N SER A 98 6.57 -14.64 -20.88
CA SER A 98 6.37 -13.82 -22.05
C SER A 98 7.23 -14.34 -23.21
N PHE B 1 21.99 1.26 -19.10
CA PHE B 1 20.72 1.96 -19.41
C PHE B 1 19.56 1.00 -19.42
N GLN B 2 18.68 1.12 -18.43
CA GLN B 2 17.48 0.30 -18.36
C GLN B 2 16.41 0.87 -19.29
N GLY B 3 16.21 2.18 -19.19
CA GLY B 3 15.22 2.85 -20.02
C GLY B 3 14.38 3.82 -19.22
N ALA B 4 13.39 4.42 -19.86
CA ALA B 4 12.48 5.30 -19.17
C ALA B 4 11.38 4.49 -18.50
N MET B 5 10.81 3.57 -19.28
CA MET B 5 9.85 2.58 -18.79
C MET B 5 8.63 3.20 -18.14
N ALA B 6 8.61 3.24 -16.82
CA ALA B 6 7.47 3.75 -16.08
C ALA B 6 7.58 5.26 -15.92
N MET B 7 6.51 5.98 -16.23
CA MET B 7 6.53 7.42 -16.20
C MET B 7 5.45 8.00 -15.30
N PHE B 8 5.79 9.10 -14.64
CA PHE B 8 4.90 9.77 -13.71
C PHE B 8 3.64 10.29 -14.41
N TRP B 9 2.53 10.25 -13.70
CA TRP B 9 1.23 10.67 -14.22
C TRP B 9 0.53 11.53 -13.18
N GLY B 10 -0.25 12.49 -13.64
CA GLY B 10 -0.99 13.34 -12.74
C GLY B 10 -2.28 13.85 -13.35
N LEU B 11 -3.25 14.16 -12.51
CA LEU B 11 -4.53 14.68 -12.96
C LEU B 11 -5.11 15.65 -11.93
N ASN B 12 -5.08 16.93 -12.22
CA ASN B 12 -5.67 17.91 -11.31
C ASN B 12 -7.07 18.30 -11.77
N MET B 13 -8.05 17.87 -10.99
CA MET B 13 -9.44 18.10 -11.28
C MET B 13 -9.89 19.46 -10.77
N LYS B 14 -10.73 20.10 -11.56
CA LYS B 14 -11.40 21.30 -11.13
C LYS B 14 -12.72 20.89 -10.46
N PRO B 15 -13.13 21.62 -9.41
CA PRO B 15 -14.31 21.28 -8.61
C PRO B 15 -15.53 20.90 -9.45
N GLU B 16 -15.89 19.62 -9.41
CA GLU B 16 -17.08 19.10 -10.07
C GLU B 16 -16.92 19.13 -11.59
N ARG B 17 -16.01 18.31 -12.08
CA ARG B 17 -15.81 18.15 -13.52
C ARG B 17 -16.00 16.69 -13.91
N LYS B 18 -16.07 16.43 -15.21
CA LYS B 18 -16.33 15.09 -15.71
C LYS B 18 -15.61 14.83 -17.02
N TYR B 19 -14.53 14.05 -16.96
CA TYR B 19 -13.72 13.78 -18.14
C TYR B 19 -13.85 12.33 -18.58
N SER B 20 -14.48 12.10 -19.73
CA SER B 20 -14.46 10.78 -20.33
C SER B 20 -13.28 10.68 -21.28
N GLN B 21 -12.29 9.86 -20.90
CA GLN B 21 -11.01 9.87 -21.58
C GLN B 21 -10.51 8.46 -21.91
N THR B 22 -9.75 8.38 -22.99
CA THR B 22 -9.15 7.14 -23.44
C THR B 22 -7.75 6.97 -22.84
N ILE B 23 -7.26 5.74 -22.85
CA ILE B 23 -5.99 5.43 -22.21
C ILE B 23 -4.93 5.08 -23.24
N ILE B 24 -3.79 5.77 -23.18
CA ILE B 24 -2.70 5.53 -24.11
C ILE B 24 -1.70 4.50 -23.56
N LYS B 25 -1.65 4.38 -22.24
CA LYS B 25 -0.78 3.43 -21.58
C LYS B 25 -1.43 2.92 -20.31
N SER B 26 -1.41 1.61 -20.12
CA SER B 26 -1.92 1.01 -18.90
C SER B 26 -1.22 1.64 -17.70
N PHE B 27 -1.97 2.28 -16.82
CA PHE B 27 -1.36 3.09 -15.79
C PHE B 27 -2.02 2.90 -14.44
N HIS B 28 -1.24 3.20 -13.40
CA HIS B 28 -1.69 3.08 -12.04
C HIS B 28 -1.86 4.46 -11.42
N ILE B 29 -3.05 4.72 -10.90
CA ILE B 29 -3.26 5.92 -10.10
C ILE B 29 -3.08 5.54 -8.63
N SER B 30 -2.35 6.36 -7.89
CA SER B 30 -1.93 5.99 -6.56
C SER B 30 -2.44 6.95 -5.50
N GLY B 31 -2.91 8.12 -5.90
CA GLY B 31 -3.46 9.04 -4.93
C GLY B 31 -4.35 10.09 -5.53
N VAL B 32 -5.38 10.47 -4.79
CA VAL B 32 -6.20 11.64 -5.13
C VAL B 32 -6.33 12.53 -3.90
N ALA B 33 -5.90 13.78 -4.01
CA ALA B 33 -5.85 14.65 -2.84
C ALA B 33 -6.23 16.09 -3.17
N LEU B 34 -6.72 16.81 -2.18
CA LEU B 34 -7.08 18.21 -2.37
C LEU B 34 -6.38 19.08 -1.37
N ASP B 35 -6.00 20.26 -1.81
CA ASP B 35 -5.45 21.27 -0.92
C ASP B 35 -6.45 22.39 -0.77
N LYS B 36 -7.00 22.81 -1.91
CA LYS B 36 -8.10 23.76 -1.94
C LYS B 36 -9.40 23.01 -2.25
N GLY B 37 -10.42 23.22 -1.44
CA GLY B 37 -11.69 22.60 -1.74
C GLY B 37 -12.47 22.22 -0.51
N GLN B 38 -13.76 21.99 -0.68
CA GLN B 38 -14.61 21.56 0.41
C GLN B 38 -14.89 20.06 0.33
N GLU B 39 -15.26 19.59 -0.86
CA GLU B 39 -15.55 18.17 -1.06
C GLU B 39 -15.27 17.75 -2.49
N ALA B 40 -14.59 16.64 -2.67
CA ALA B 40 -14.50 16.02 -3.98
C ALA B 40 -14.74 14.52 -3.86
N LYS B 41 -15.83 14.07 -4.44
CA LYS B 41 -16.11 12.66 -4.50
C LYS B 41 -15.69 12.13 -5.85
N LEU B 42 -14.66 11.30 -5.85
CA LEU B 42 -14.07 10.82 -7.08
C LEU B 42 -14.87 9.63 -7.59
N TYR B 43 -15.52 9.80 -8.72
CA TYR B 43 -16.26 8.74 -9.35
C TYR B 43 -15.62 8.42 -10.69
N LEU B 44 -15.57 7.16 -11.02
CA LEU B 44 -15.11 6.76 -12.33
C LEU B 44 -16.11 5.81 -12.94
N ALA B 45 -16.46 6.06 -14.17
CA ALA B 45 -17.36 5.20 -14.88
C ALA B 45 -16.63 4.47 -15.99
N ALA B 46 -16.54 3.16 -15.86
CA ALA B 46 -15.91 2.32 -16.85
C ALA B 46 -16.84 1.18 -17.20
N GLU B 47 -16.87 0.79 -18.46
CA GLU B 47 -17.82 -0.23 -18.95
C GLU B 47 -19.25 0.23 -18.68
N LYS B 48 -19.44 1.55 -18.68
CA LYS B 48 -20.74 2.18 -18.41
C LYS B 48 -21.19 1.86 -16.98
N GLN B 49 -20.24 1.57 -16.10
CA GLN B 49 -20.55 1.26 -14.72
C GLN B 49 -19.95 2.33 -13.81
N GLU B 50 -20.78 2.91 -12.96
CA GLU B 50 -20.34 3.98 -12.07
C GLU B 50 -19.68 3.41 -10.83
N TYR B 51 -18.45 3.84 -10.57
CA TYR B 51 -17.74 3.43 -9.37
C TYR B 51 -17.35 4.64 -8.53
N ILE B 52 -17.60 4.56 -7.23
CA ILE B 52 -17.08 5.55 -6.31
C ILE B 52 -15.63 5.20 -5.97
N VAL B 53 -14.72 5.98 -6.52
CA VAL B 53 -13.31 5.68 -6.45
C VAL B 53 -12.74 6.09 -5.10
N ALA B 54 -13.03 7.32 -4.69
CA ALA B 54 -12.52 7.82 -3.41
C ALA B 54 -13.35 9.00 -2.94
N THR B 55 -13.45 9.16 -1.63
CA THR B 55 -14.09 10.32 -1.05
C THR B 55 -13.04 11.20 -0.39
N VAL B 56 -12.67 12.27 -1.07
CA VAL B 56 -11.63 13.15 -0.57
C VAL B 56 -12.21 14.55 -0.33
N THR B 57 -12.23 14.94 0.93
CA THR B 57 -12.85 16.20 1.31
C THR B 57 -11.88 17.10 2.03
N LYS B 58 -12.34 18.27 2.47
CA LYS B 58 -11.55 19.12 3.34
C LYS B 58 -11.29 18.42 4.68
N ALA B 59 -12.13 17.44 5.00
CA ALA B 59 -11.97 16.66 6.22
C ALA B 59 -10.97 15.53 5.99
N ILE B 60 -11.08 14.91 4.81
CA ILE B 60 -10.13 13.90 4.38
C ILE B 60 -9.35 14.44 3.18
N PRO B 61 -8.30 15.25 3.44
CA PRO B 61 -7.64 16.06 2.40
C PRO B 61 -6.83 15.24 1.39
N GLN B 62 -6.82 13.93 1.55
CA GLN B 62 -6.03 13.07 0.68
C GLN B 62 -6.45 11.62 0.78
N VAL B 63 -6.74 11.02 -0.35
CA VAL B 63 -7.03 9.60 -0.42
C VAL B 63 -6.00 8.88 -1.26
N ALA B 64 -5.12 8.14 -0.61
CA ALA B 64 -4.18 7.28 -1.30
C ALA B 64 -4.85 5.97 -1.66
N LEU B 65 -4.87 5.65 -2.95
CA LEU B 65 -5.62 4.51 -3.44
C LEU B 65 -4.84 3.79 -4.53
N ASP B 66 -5.28 2.60 -4.89
CA ASP B 66 -4.58 1.80 -5.90
C ASP B 66 -5.49 1.54 -7.10
N LEU B 67 -5.21 2.23 -8.18
CA LEU B 67 -5.94 2.07 -9.42
C LEU B 67 -4.99 1.60 -10.52
N ASN B 68 -5.45 0.76 -11.41
CA ASN B 68 -4.66 0.37 -12.56
C ASN B 68 -5.58 0.08 -13.74
N PHE B 69 -5.46 0.90 -14.77
CA PHE B 69 -6.30 0.76 -15.96
C PHE B 69 -5.46 0.28 -17.14
N SER B 70 -6.13 -0.19 -18.19
CA SER B 70 -5.44 -0.73 -19.35
C SER B 70 -5.55 0.22 -20.53
N LYS B 71 -4.52 0.22 -21.37
CA LYS B 71 -4.49 1.07 -22.55
C LYS B 71 -5.54 0.64 -23.58
N GLY B 72 -6.12 -0.52 -23.37
CA GLY B 72 -7.20 -0.98 -24.22
C GLY B 72 -8.55 -0.63 -23.65
N ASP B 73 -8.55 -0.08 -22.44
CA ASP B 73 -9.79 0.26 -21.76
C ASP B 73 -10.06 1.76 -21.89
N ARG B 74 -11.26 2.18 -21.53
CA ARG B 74 -11.66 3.58 -21.65
C ARG B 74 -12.59 3.94 -20.51
N ILE B 75 -12.26 5.02 -19.81
CA ILE B 75 -12.94 5.33 -18.55
C ILE B 75 -13.33 6.80 -18.47
N MET B 76 -14.20 7.11 -17.53
CA MET B 76 -14.53 8.50 -17.27
C MET B 76 -14.21 8.84 -15.84
N PHE B 77 -13.38 9.84 -15.64
CA PHE B 77 -13.04 10.28 -14.30
C PHE B 77 -13.76 11.59 -14.01
N TYR B 78 -14.47 11.63 -12.90
CA TYR B 78 -15.23 12.82 -12.58
C TYR B 78 -15.46 12.96 -11.09
N THR B 79 -15.45 14.20 -10.61
CA THR B 79 -15.60 14.48 -9.19
C THR B 79 -16.86 15.27 -8.92
N ALA B 80 -17.52 14.93 -7.81
CA ALA B 80 -18.69 15.65 -7.37
C ALA B 80 -18.36 16.49 -6.14
N GLY B 81 -19.11 17.57 -5.94
CA GLY B 81 -18.82 18.49 -4.87
C GLY B 81 -17.93 19.61 -5.34
N ASP B 82 -17.49 20.48 -4.45
CA ASP B 82 -16.57 21.52 -4.86
C ASP B 82 -15.26 21.40 -4.12
N ALA B 83 -14.27 20.91 -4.83
CA ALA B 83 -12.89 20.90 -4.40
C ALA B 83 -12.00 20.58 -5.58
N SER B 84 -10.75 21.01 -5.52
CA SER B 84 -9.82 20.76 -6.61
C SER B 84 -8.83 19.68 -6.18
N VAL B 85 -8.94 18.51 -6.81
CA VAL B 85 -8.13 17.37 -6.40
C VAL B 85 -7.10 17.00 -7.45
N SER B 86 -5.92 16.70 -6.98
CA SER B 86 -4.85 16.29 -7.85
C SER B 86 -4.59 14.81 -7.65
N LEU B 87 -4.78 14.04 -8.71
CA LEU B 87 -4.45 12.65 -8.68
C LEU B 87 -3.02 12.46 -9.11
N LEU B 88 -2.41 11.45 -8.58
CA LEU B 88 -1.05 11.14 -8.89
C LEU B 88 -0.94 9.67 -9.21
N GLY B 89 -0.12 9.35 -10.18
CA GLY B 89 0.03 7.98 -10.61
C GLY B 89 1.24 7.80 -11.48
N TYR B 90 1.32 6.65 -12.13
CA TYR B 90 2.41 6.37 -13.05
C TYR B 90 2.00 5.37 -14.11
N LEU B 91 2.33 5.73 -15.35
CA LEU B 91 2.15 4.87 -16.50
C LEU B 91 3.05 3.66 -16.35
N HIS B 92 2.46 2.47 -16.47
CA HIS B 92 3.19 1.23 -16.26
C HIS B 92 4.25 1.01 -17.34
N ASP B 93 5.36 0.43 -16.92
CA ASP B 93 6.46 0.09 -17.79
C ASP B 93 6.13 -1.12 -18.66
N ILE B 94 7.14 -1.85 -19.09
CA ILE B 94 6.92 -2.99 -19.98
C ILE B 94 6.29 -4.16 -19.23
N ASP B 95 5.27 -4.74 -19.83
CA ASP B 95 4.61 -5.91 -19.27
C ASP B 95 5.40 -7.16 -19.61
N SER B 96 6.62 -7.23 -19.08
CA SER B 96 7.54 -8.32 -19.38
C SER B 96 7.91 -8.29 -20.87
N GLY B 97 8.49 -9.38 -21.36
CA GLY B 97 8.83 -9.45 -22.77
C GLY B 97 9.98 -8.54 -23.12
N SER B 98 11.02 -8.56 -22.31
CA SER B 98 12.20 -7.75 -22.56
C SER B 98 13.18 -8.50 -23.45
N PHE C 1 24.92 -14.02 -5.76
CA PHE C 1 24.91 -12.54 -5.80
C PHE C 1 23.87 -12.04 -6.81
N GLN C 2 22.81 -11.44 -6.30
CA GLN C 2 21.78 -10.85 -7.16
C GLN C 2 22.24 -9.48 -7.63
N GLY C 3 22.72 -8.67 -6.69
CA GLY C 3 23.20 -7.35 -7.02
C GLY C 3 22.69 -6.33 -6.03
N ALA C 4 22.99 -5.06 -6.28
CA ALA C 4 22.50 -3.98 -5.44
C ALA C 4 21.09 -3.61 -5.86
N MET C 5 20.94 -3.42 -7.18
CA MET C 5 19.65 -3.22 -7.82
C MET C 5 18.89 -2.00 -7.27
N ALA C 6 17.93 -2.24 -6.38
CA ALA C 6 17.11 -1.18 -5.83
C ALA C 6 17.81 -0.55 -4.63
N MET C 7 17.88 0.77 -4.62
CA MET C 7 18.59 1.47 -3.56
C MET C 7 17.70 2.49 -2.84
N PHE C 8 17.92 2.61 -1.54
CA PHE C 8 17.15 3.51 -0.70
C PHE C 8 17.34 4.97 -1.11
N TRP C 9 16.28 5.74 -0.96
CA TRP C 9 16.26 7.14 -1.35
C TRP C 9 15.59 7.96 -0.24
N GLY C 10 16.04 9.19 -0.06
CA GLY C 10 15.45 10.06 0.94
C GLY C 10 15.54 11.52 0.56
N LEU C 11 14.63 12.32 1.08
CA LEU C 11 14.60 13.76 0.81
C LEU C 11 14.06 14.51 2.02
N ASN C 12 14.93 15.19 2.76
CA ASN C 12 14.47 15.98 3.88
C ASN C 12 14.34 17.44 3.50
N MET C 13 13.09 17.90 3.45
CA MET C 13 12.78 19.25 3.06
C MET C 13 12.86 20.19 4.23
N LYS C 14 13.35 21.38 3.95
CA LYS C 14 13.33 22.47 4.90
C LYS C 14 12.03 23.23 4.71
N PRO C 15 11.42 23.73 5.80
CA PRO C 15 10.10 24.38 5.78
C PRO C 15 9.96 25.40 4.65
N GLU C 16 9.13 25.05 3.66
CA GLU C 16 8.79 25.93 2.55
C GLU C 16 9.98 26.12 1.63
N ARG C 17 10.36 25.05 0.95
CA ARG C 17 11.42 25.09 -0.05
C ARG C 17 10.90 24.60 -1.38
N LYS C 18 11.70 24.80 -2.44
CA LYS C 18 11.27 24.46 -3.79
C LYS C 18 12.44 23.98 -4.64
N TYR C 19 12.52 22.67 -4.88
CA TYR C 19 13.62 22.11 -5.62
C TYR C 19 13.17 21.57 -6.98
N SER C 20 13.58 22.22 -8.05
CA SER C 20 13.38 21.67 -9.38
C SER C 20 14.57 20.82 -9.76
N GLN C 21 14.36 19.51 -9.84
CA GLN C 21 15.47 18.56 -9.94
C GLN C 21 15.24 17.51 -11.02
N THR C 22 16.35 17.06 -11.58
CA THR C 22 16.35 16.01 -12.60
C THR C 22 16.48 14.64 -11.97
N ILE C 23 16.11 13.62 -12.71
CA ILE C 23 16.08 12.25 -12.18
C ILE C 23 17.16 11.40 -12.83
N ILE C 24 17.99 10.77 -11.99
CA ILE C 24 19.07 9.92 -12.48
C ILE C 24 18.63 8.45 -12.59
N LYS C 25 17.62 8.09 -11.81
CA LYS C 25 17.08 6.74 -11.83
C LYS C 25 15.60 6.78 -11.53
N SER C 26 14.82 6.07 -12.33
CA SER C 26 13.39 5.95 -12.09
C SER C 26 13.17 5.43 -10.68
N PHE C 27 12.49 6.20 -9.86
CA PHE C 27 12.42 5.88 -8.44
C PHE C 27 11.03 6.06 -7.86
N HIS C 28 10.79 5.35 -6.77
CA HIS C 28 9.52 5.38 -6.08
C HIS C 28 9.67 6.09 -4.75
N ILE C 29 8.86 7.11 -4.53
CA ILE C 29 8.77 7.73 -3.21
C ILE C 29 7.60 7.08 -2.48
N SER C 30 7.81 6.73 -1.22
CA SER C 30 6.86 5.91 -0.51
C SER C 30 6.31 6.61 0.73
N GLY C 31 6.97 7.67 1.18
CA GLY C 31 6.47 8.39 2.33
C GLY C 31 7.00 9.80 2.44
N VAL C 32 6.17 10.70 2.93
CA VAL C 32 6.60 12.04 3.32
C VAL C 32 6.09 12.34 4.73
N ALA C 33 6.99 12.63 5.65
CA ALA C 33 6.58 12.78 7.05
C ALA C 33 7.37 13.88 7.75
N LEU C 34 6.77 14.46 8.79
CA LEU C 34 7.44 15.49 9.57
C LEU C 34 7.47 15.13 11.03
N ASP C 35 8.55 15.49 11.68
CA ASP C 35 8.66 15.34 13.11
C ASP C 35 8.63 16.72 13.74
N LYS C 36 9.41 17.62 13.16
CA LYS C 36 9.38 19.02 13.52
C LYS C 36 8.64 19.81 12.45
N GLY C 37 7.67 20.60 12.86
CA GLY C 37 6.98 21.43 11.89
C GLY C 37 5.52 21.65 12.21
N GLN C 38 4.93 22.66 11.60
CA GLN C 38 3.52 22.94 11.78
C GLN C 38 2.71 22.44 10.59
N GLU C 39 3.16 22.76 9.38
CA GLU C 39 2.47 22.33 8.17
C GLU C 39 3.44 22.18 7.01
N ALA C 40 3.34 21.09 6.28
CA ALA C 40 4.02 20.97 5.01
C ALA C 40 3.09 20.41 3.96
N LYS C 41 2.77 21.22 2.97
CA LYS C 41 1.97 20.76 1.85
C LYS C 41 2.91 20.41 0.71
N LEU C 42 2.98 19.14 0.39
CA LEU C 42 3.91 18.66 -0.60
C LEU C 42 3.32 18.83 -1.98
N TYR C 43 3.93 19.70 -2.76
CA TYR C 43 3.51 19.91 -4.13
C TYR C 43 4.63 19.51 -5.06
N LEU C 44 4.27 18.90 -6.17
CA LEU C 44 5.24 18.58 -7.18
C LEU C 44 4.74 19.06 -8.52
N ALA C 45 5.61 19.74 -9.24
CA ALA C 45 5.27 20.22 -10.56
C ALA C 45 6.06 19.47 -11.60
N ALA C 46 5.36 18.71 -12.41
CA ALA C 46 5.97 17.96 -13.50
C ALA C 46 5.21 18.24 -14.78
N GLU C 47 5.93 18.33 -15.90
CA GLU C 47 5.33 18.72 -17.17
C GLU C 47 4.69 20.11 -17.06
N LYS C 48 5.26 20.92 -16.17
CA LYS C 48 4.76 22.27 -15.89
C LYS C 48 3.34 22.22 -15.30
N GLN C 49 3.01 21.09 -14.68
CA GLN C 49 1.70 20.91 -14.08
C GLN C 49 1.85 20.76 -12.57
N GLU C 50 1.12 21.57 -11.81
CA GLU C 50 1.22 21.54 -10.36
C GLU C 50 0.34 20.45 -9.78
N TYR C 51 0.94 19.58 -8.99
CA TYR C 51 0.19 18.52 -8.31
C TYR C 51 0.36 18.63 -6.80
N ILE C 52 -0.75 18.54 -6.07
CA ILE C 52 -0.67 18.41 -4.63
C ILE C 52 -0.42 16.95 -4.29
N VAL C 53 0.80 16.68 -3.85
CA VAL C 53 1.27 15.32 -3.64
C VAL C 53 0.75 14.76 -2.31
N ALA C 54 0.91 15.54 -1.25
CA ALA C 54 0.48 15.11 0.07
C ALA C 54 0.33 16.29 1.00
N THR C 55 -0.60 16.18 1.94
CA THR C 55 -0.74 17.19 2.98
C THR C 55 -0.29 16.60 4.31
N VAL C 56 0.91 16.96 4.72
CA VAL C 56 1.48 16.43 5.94
C VAL C 56 1.72 17.56 6.95
N THR C 57 0.98 17.53 8.04
CA THR C 57 1.03 18.60 9.01
C THR C 57 1.41 18.08 10.39
N LYS C 58 1.46 18.96 11.38
CA LYS C 58 1.61 18.54 12.77
C LYS C 58 0.41 17.70 13.21
N ALA C 59 -0.71 17.85 12.51
CA ALA C 59 -1.90 17.07 12.78
C ALA C 59 -1.83 15.72 12.08
N ILE C 60 -1.33 15.74 10.86
CA ILE C 60 -1.06 14.52 10.10
C ILE C 60 0.44 14.39 9.91
N PRO C 61 1.16 13.86 10.93
CA PRO C 61 2.63 13.91 11.00
C PRO C 61 3.33 13.04 9.97
N GLN C 62 2.57 12.34 9.14
CA GLN C 62 3.16 11.42 8.18
C GLN C 62 2.15 11.03 7.10
N VAL C 63 2.55 11.20 5.85
CA VAL C 63 1.76 10.76 4.72
C VAL C 63 2.51 9.70 3.92
N ALA C 64 2.07 8.46 4.07
CA ALA C 64 2.61 7.37 3.26
C ALA C 64 1.90 7.36 1.91
N LEU C 65 2.67 7.49 0.85
CA LEU C 65 2.11 7.64 -0.48
C LEU C 65 2.92 6.85 -1.51
N ASP C 66 2.38 6.71 -2.71
CA ASP C 66 3.04 5.92 -3.75
C ASP C 66 3.37 6.80 -4.95
N LEU C 67 4.63 7.14 -5.10
CA LEU C 67 5.11 7.92 -6.22
C LEU C 67 6.12 7.11 -7.00
N ASN C 68 6.14 7.27 -8.31
CA ASN C 68 7.16 6.64 -9.13
C ASN C 68 7.44 7.51 -10.35
N PHE C 69 8.66 8.03 -10.41
CA PHE C 69 9.06 8.90 -11.50
C PHE C 69 10.08 8.21 -12.39
N SER C 70 10.30 8.75 -13.58
CA SER C 70 11.20 8.13 -14.54
C SER C 70 12.48 8.93 -14.67
N LYS C 71 13.58 8.25 -14.96
CA LYS C 71 14.88 8.89 -15.11
C LYS C 71 14.92 9.78 -16.36
N GLY C 72 13.92 9.64 -17.20
CA GLY C 72 13.82 10.49 -18.37
C GLY C 72 12.93 11.69 -18.10
N ASP C 73 12.32 11.71 -16.93
CA ASP C 73 11.41 12.79 -16.56
C ASP C 73 12.12 13.79 -15.65
N ARG C 74 11.51 14.94 -15.44
CA ARG C 74 12.09 15.99 -14.62
C ARG C 74 11.00 16.72 -13.85
N ILE C 75 11.17 16.84 -12.55
CA ILE C 75 10.09 17.31 -11.70
C ILE C 75 10.58 18.35 -10.70
N MET C 76 9.64 19.05 -10.08
CA MET C 76 9.98 19.97 -9.01
C MET C 76 9.25 19.57 -7.75
N PHE C 77 10.00 19.34 -6.70
CA PHE C 77 9.40 19.00 -5.42
C PHE C 77 9.50 20.19 -4.50
N TYR C 78 8.37 20.58 -3.92
CA TYR C 78 8.38 21.76 -3.07
C TYR C 78 7.25 21.72 -2.05
N THR C 79 7.52 22.22 -0.86
CA THR C 79 6.56 22.20 0.22
C THR C 79 6.15 23.60 0.63
N ALA C 80 4.87 23.75 0.94
CA ALA C 80 4.34 25.02 1.44
C ALA C 80 4.02 24.90 2.92
N GLY C 81 4.06 26.03 3.61
CA GLY C 81 3.86 26.03 5.05
C GLY C 81 5.19 25.93 5.76
N ASP C 82 5.18 25.83 7.09
CA ASP C 82 6.43 25.65 7.80
C ASP C 82 6.44 24.33 8.55
N ALA C 83 7.18 23.40 7.98
CA ALA C 83 7.51 22.14 8.62
C ALA C 83 8.64 21.47 7.87
N SER C 84 9.40 20.63 8.53
CA SER C 84 10.50 19.94 7.89
C SER C 84 10.13 18.48 7.66
N VAL C 85 9.94 18.11 6.40
CA VAL C 85 9.46 16.78 6.07
C VAL C 85 10.53 15.95 5.39
N SER C 86 10.59 14.70 5.78
CA SER C 86 11.54 13.78 5.21
C SER C 86 10.78 12.78 4.36
N LEU C 87 11.07 12.77 3.07
CA LEU C 87 10.51 11.79 2.18
C LEU C 87 11.42 10.59 2.13
N LEU C 88 10.81 9.46 1.93
CA LEU C 88 11.53 8.22 1.87
C LEU C 88 11.08 7.45 0.65
N GLY C 89 12.03 6.81 -0.01
CA GLY C 89 11.72 6.09 -1.22
C GLY C 89 12.84 5.15 -1.61
N TYR C 90 12.79 4.64 -2.82
CA TYR C 90 13.82 3.77 -3.33
C TYR C 90 13.92 3.84 -4.84
N LEU C 91 15.15 4.00 -5.30
CA LEU C 91 15.47 3.95 -6.71
C LEU C 91 15.20 2.57 -7.24
N HIS C 92 14.42 2.48 -8.31
CA HIS C 92 13.99 1.22 -8.87
C HIS C 92 15.16 0.44 -9.46
N ASP C 93 15.09 -0.88 -9.31
CA ASP C 93 16.07 -1.80 -9.82
C ASP C 93 15.96 -1.93 -11.34
N ILE C 94 16.38 -3.07 -11.87
CA ILE C 94 16.35 -3.28 -13.31
C ILE C 94 14.94 -3.48 -13.83
N ASP C 95 14.60 -2.78 -14.90
CA ASP C 95 13.31 -2.92 -15.54
C ASP C 95 13.31 -4.15 -16.45
N SER C 96 13.46 -5.32 -15.83
CA SER C 96 13.58 -6.58 -16.56
C SER C 96 14.85 -6.56 -17.41
N GLY C 97 14.93 -7.50 -18.35
CA GLY C 97 16.09 -7.54 -19.24
C GLY C 97 17.35 -7.98 -18.52
N SER C 98 17.23 -9.03 -17.73
CA SER C 98 18.36 -9.57 -17.01
C SER C 98 19.11 -10.58 -17.86
N PHE D 1 8.97 -26.77 -7.28
CA PHE D 1 9.73 -26.02 -6.26
C PHE D 1 10.22 -24.68 -6.82
N GLN D 2 9.65 -23.59 -6.34
CA GLN D 2 10.09 -22.26 -6.74
C GLN D 2 11.34 -21.87 -5.95
N GLY D 3 11.27 -22.07 -4.65
CA GLY D 3 12.39 -21.74 -3.78
C GLY D 3 11.94 -21.02 -2.54
N ALA D 4 12.89 -20.59 -1.72
CA ALA D 4 12.58 -19.82 -0.54
C ALA D 4 12.42 -18.36 -0.91
N MET D 5 13.40 -17.86 -1.67
CA MET D 5 13.36 -16.54 -2.28
C MET D 5 13.20 -15.41 -1.25
N ALA D 6 11.99 -14.91 -1.08
CA ALA D 6 11.74 -13.81 -0.18
C ALA D 6 11.49 -14.32 1.22
N MET D 7 12.17 -13.72 2.20
CA MET D 7 12.08 -14.20 3.57
C MET D 7 11.65 -13.10 4.53
N PHE D 8 10.86 -13.50 5.52
CA PHE D 8 10.33 -12.58 6.51
C PHE D 8 11.45 -11.92 7.33
N TRP D 9 11.21 -10.67 7.71
CA TRP D 9 12.18 -9.89 8.45
C TRP D 9 11.47 -9.15 9.58
N GLY D 10 12.16 -8.95 10.70
CA GLY D 10 11.58 -8.24 11.80
C GLY D 10 12.63 -7.51 12.63
N LEU D 11 12.22 -6.44 13.30
CA LEU D 11 13.12 -5.68 14.15
C LEU D 11 12.36 -5.09 15.33
N ASN D 12 12.56 -5.63 16.51
CA ASN D 12 11.91 -5.08 17.70
C ASN D 12 12.86 -4.17 18.46
N MET D 13 12.54 -2.88 18.42
CA MET D 13 13.35 -1.86 19.05
C MET D 13 13.00 -1.71 20.51
N LYS D 14 14.02 -1.48 21.31
CA LYS D 14 13.84 -1.12 22.69
C LYS D 14 13.76 0.40 22.77
N PRO D 15 12.92 0.93 23.68
CA PRO D 15 12.64 2.37 23.79
C PRO D 15 13.91 3.23 23.74
N GLU D 16 14.07 3.96 22.63
CA GLU D 16 15.16 4.92 22.45
C GLU D 16 16.49 4.19 22.29
N ARG D 17 16.62 3.48 21.18
CA ARG D 17 17.87 2.81 20.84
C ARG D 17 18.37 3.29 19.48
N LYS D 18 19.59 2.93 19.14
CA LYS D 18 20.21 3.41 17.91
C LYS D 18 21.15 2.35 17.33
N TYR D 19 20.70 1.69 16.26
CA TYR D 19 21.50 0.63 15.65
C TYR D 19 22.00 1.03 14.27
N SER D 20 23.30 1.22 14.14
CA SER D 20 23.90 1.40 12.82
C SER D 20 24.32 0.04 12.28
N GLN D 21 23.62 -0.41 11.25
CA GLN D 21 23.75 -1.79 10.79
C GLN D 21 23.91 -1.90 9.28
N THR D 22 24.62 -2.95 8.87
CA THR D 22 24.85 -3.24 7.47
C THR D 22 23.76 -4.17 6.93
N ILE D 23 23.62 -4.21 5.61
CA ILE D 23 22.55 -4.97 4.99
C ILE D 23 23.10 -6.18 4.23
N ILE D 24 22.57 -7.36 4.55
CA ILE D 24 23.01 -8.58 3.89
C ILE D 24 22.16 -8.91 2.67
N LYS D 25 20.93 -8.41 2.66
CA LYS D 25 20.02 -8.62 1.54
C LYS D 25 19.13 -7.41 1.38
N SER D 26 18.99 -6.93 0.15
CA SER D 26 18.08 -5.84 -0.15
C SER D 26 16.69 -6.20 0.34
N PHE D 27 16.15 -5.41 1.26
CA PHE D 27 14.92 -5.81 1.93
C PHE D 27 13.94 -4.66 2.08
N HIS D 28 12.68 -5.04 2.22
CA HIS D 28 11.59 -4.10 2.36
C HIS D 28 11.05 -4.15 3.78
N ILE D 29 11.02 -3.00 4.44
CA ILE D 29 10.31 -2.90 5.70
C ILE D 29 8.91 -2.38 5.43
N SER D 30 7.92 -2.99 6.05
CA SER D 30 6.54 -2.74 5.69
C SER D 30 5.72 -2.18 6.85
N GLY D 31 6.24 -2.31 8.07
CA GLY D 31 5.52 -1.77 9.19
C GLY D 31 6.38 -1.56 10.41
N VAL D 32 6.09 -0.49 11.16
CA VAL D 32 6.68 -0.29 12.48
C VAL D 32 5.55 0.01 13.48
N ALA D 33 5.43 -0.80 14.52
CA ALA D 33 4.31 -0.67 15.44
C ALA D 33 4.71 -0.93 16.88
N LEU D 34 3.96 -0.35 17.81
CA LEU D 34 4.22 -0.56 19.23
C LEU D 34 2.98 -1.07 19.93
N ASP D 35 3.20 -1.94 20.89
CA ASP D 35 2.13 -2.41 21.75
C ASP D 35 2.35 -1.83 23.14
N LYS D 36 3.58 -1.92 23.61
CA LYS D 36 4.00 -1.28 24.83
C LYS D 36 4.83 -0.04 24.50
N GLY D 37 4.47 1.10 25.08
CA GLY D 37 5.25 2.28 24.87
C GLY D 37 4.45 3.55 24.86
N GLN D 38 5.12 4.68 25.02
CA GLN D 38 4.45 5.97 24.97
C GLN D 38 4.69 6.66 23.63
N GLU D 39 5.94 6.67 23.18
CA GLU D 39 6.29 7.31 21.91
C GLU D 39 7.52 6.65 21.30
N ALA D 40 7.47 6.34 20.02
CA ALA D 40 8.66 5.98 19.29
C ALA D 40 8.71 6.70 17.95
N LYS D 41 9.68 7.57 17.81
CA LYS D 41 9.89 8.24 16.55
C LYS D 41 11.00 7.53 15.80
N LEU D 42 10.63 6.90 14.70
CA LEU D 42 11.55 6.08 13.95
C LEU D 42 12.38 6.95 13.02
N TYR D 43 13.66 7.04 13.29
CA TYR D 43 14.57 7.77 12.44
C TYR D 43 15.56 6.82 11.83
N LEU D 44 15.90 7.05 10.58
CA LEU D 44 16.94 6.28 9.95
C LEU D 44 17.93 7.22 9.30
N ALA D 45 19.19 6.97 9.54
CA ALA D 45 20.22 7.77 8.93
C ALA D 45 20.99 6.94 7.91
N ALA D 46 20.88 7.33 6.66
CA ALA D 46 21.59 6.66 5.58
C ALA D 46 22.31 7.72 4.75
N GLU D 47 23.51 7.38 4.27
CA GLU D 47 24.35 8.34 3.57
C GLU D 47 24.65 9.54 4.46
N LYS D 48 24.67 9.28 5.77
CA LYS D 48 24.90 10.31 6.78
C LYS D 48 23.77 11.36 6.76
N GLN D 49 22.61 10.95 6.28
CA GLN D 49 21.47 11.84 6.20
C GLN D 49 20.36 11.34 7.12
N GLU D 50 19.87 12.18 7.99
CA GLU D 50 18.85 11.80 8.95
C GLU D 50 17.46 11.88 8.33
N TYR D 51 16.73 10.78 8.37
CA TYR D 51 15.37 10.75 7.87
C TYR D 51 14.40 10.35 8.97
N ILE D 52 13.30 11.08 9.09
CA ILE D 52 12.21 10.66 9.95
C ILE D 52 11.36 9.65 9.21
N VAL D 53 11.48 8.40 9.62
CA VAL D 53 10.87 7.28 8.90
C VAL D 53 9.39 7.18 9.24
N ALA D 54 9.08 7.19 10.53
CA ALA D 54 7.69 7.07 10.97
C ALA D 54 7.53 7.60 12.38
N THR D 55 6.36 8.13 12.68
CA THR D 55 6.02 8.54 14.03
C THR D 55 4.98 7.60 14.59
N VAL D 56 5.41 6.67 15.43
CA VAL D 56 4.53 5.68 16.00
C VAL D 56 4.47 5.83 17.51
N THR D 57 3.31 6.20 18.01
CA THR D 57 3.15 6.49 19.43
C THR D 57 2.07 5.63 20.06
N LYS D 58 1.81 5.84 21.34
CA LYS D 58 0.66 5.20 21.99
C LYS D 58 -0.65 5.71 21.36
N ALA D 59 -0.58 6.87 20.72
CA ALA D 59 -1.73 7.44 20.03
C ALA D 59 -1.86 6.84 18.63
N ILE D 60 -0.72 6.68 17.98
CA ILE D 60 -0.65 6.01 16.69
C ILE D 60 0.13 4.72 16.86
N PRO D 61 -0.54 3.65 17.33
CA PRO D 61 0.13 2.41 17.79
C PRO D 61 0.78 1.60 16.67
N GLN D 62 0.67 2.06 15.44
CA GLN D 62 1.20 1.31 14.31
C GLN D 62 1.32 2.19 13.08
N VAL D 63 2.51 2.20 12.49
CA VAL D 63 2.74 2.89 11.23
C VAL D 63 3.14 1.89 10.15
N ALA D 64 2.22 1.62 9.24
CA ALA D 64 2.52 0.80 8.08
C ALA D 64 3.17 1.66 7.01
N LEU D 65 4.37 1.30 6.60
CA LEU D 65 5.16 2.12 5.70
C LEU D 65 5.89 1.26 4.68
N ASP D 66 6.45 1.89 3.65
CA ASP D 66 7.12 1.16 2.60
C ASP D 66 8.59 1.57 2.52
N LEU D 67 9.45 0.69 2.99
CA LEU D 67 10.89 0.91 2.95
C LEU D 67 11.54 -0.19 2.12
N ASN D 68 12.57 0.16 1.38
CA ASN D 68 13.34 -0.85 0.66
C ASN D 68 14.80 -0.41 0.56
N PHE D 69 15.67 -1.17 1.20
CA PHE D 69 17.09 -0.84 1.24
C PHE D 69 17.87 -1.86 0.41
N SER D 70 19.12 -1.53 0.08
CA SER D 70 19.93 -2.40 -0.75
C SER D 70 21.02 -3.06 0.07
N LYS D 71 21.41 -4.27 -0.33
CA LYS D 71 22.45 -5.02 0.37
C LYS D 71 23.82 -4.36 0.21
N GLY D 72 23.90 -3.40 -0.71
CA GLY D 72 25.11 -2.65 -0.90
C GLY D 72 25.11 -1.37 -0.09
N ASP D 73 23.97 -1.08 0.53
CA ASP D 73 23.81 0.14 1.31
C ASP D 73 23.98 -0.15 2.79
N ARG D 74 24.10 0.90 3.59
CA ARG D 74 24.31 0.75 5.04
C ARG D 74 23.60 1.88 5.77
N ILE D 75 22.79 1.53 6.75
CA ILE D 75 21.89 2.49 7.37
C ILE D 75 21.91 2.38 8.88
N MET D 76 21.36 3.40 9.54
CA MET D 76 21.20 3.34 10.98
C MET D 76 19.73 3.50 11.32
N PHE D 77 19.20 2.54 12.03
CA PHE D 77 17.82 2.61 12.47
C PHE D 77 17.78 2.93 13.95
N TYR D 78 17.04 3.95 14.32
CA TYR D 78 16.99 4.35 15.71
C TYR D 78 15.70 5.08 16.05
N THR D 79 15.20 4.85 17.26
CA THR D 79 13.95 5.43 17.70
C THR D 79 14.16 6.38 18.86
N ALA D 80 13.41 7.47 18.84
CA ALA D 80 13.43 8.44 19.92
C ALA D 80 12.13 8.35 20.73
N GLY D 81 12.21 8.74 22.00
CA GLY D 81 11.06 8.61 22.88
C GLY D 81 11.11 7.29 23.61
N ASP D 82 10.09 6.96 24.39
CA ASP D 82 10.08 5.68 25.06
C ASP D 82 8.88 4.86 24.61
N ALA D 83 9.17 3.89 23.78
CA ALA D 83 8.23 2.86 23.37
C ALA D 83 8.99 1.74 22.70
N SER D 84 8.44 0.54 22.72
CA SER D 84 9.09 -0.60 22.10
C SER D 84 8.35 -0.96 20.81
N VAL D 85 9.01 -0.73 19.68
CA VAL D 85 8.37 -0.92 18.39
C VAL D 85 8.94 -2.08 17.64
N SER D 86 8.08 -2.84 17.02
CA SER D 86 8.48 -3.96 16.23
C SER D 86 8.25 -3.65 14.77
N LEU D 87 9.32 -3.63 14.00
CA LEU D 87 9.22 -3.47 12.58
C LEU D 87 9.08 -4.82 11.93
N LEU D 88 8.38 -4.82 10.82
CA LEU D 88 8.14 -6.02 10.08
C LEU D 88 8.45 -5.77 8.62
N GLY D 89 9.05 -6.76 7.99
CA GLY D 89 9.43 -6.60 6.61
C GLY D 89 9.77 -7.93 5.97
N TYR D 90 10.39 -7.88 4.80
CA TYR D 90 10.82 -9.09 4.13
C TYR D 90 12.00 -8.83 3.21
N LEU D 91 12.99 -9.69 3.34
CA LEU D 91 14.15 -9.69 2.47
C LEU D 91 13.71 -10.04 1.06
N HIS D 92 14.10 -9.20 0.11
CA HIS D 92 13.67 -9.35 -1.27
C HIS D 92 14.27 -10.61 -1.90
N ASP D 93 13.46 -11.23 -2.75
CA ASP D 93 13.84 -12.42 -3.51
C ASP D 93 14.83 -12.06 -4.62
N ILE D 94 14.86 -12.88 -5.66
CA ILE D 94 15.79 -12.66 -6.75
C ILE D 94 15.40 -11.46 -7.60
N ASP D 95 16.38 -10.61 -7.88
CA ASP D 95 16.16 -9.45 -8.75
C ASP D 95 16.21 -9.87 -10.21
N SER D 96 15.25 -10.70 -10.60
CA SER D 96 15.21 -11.28 -11.94
C SER D 96 16.44 -12.16 -12.16
N GLY D 97 16.71 -12.51 -13.41
CA GLY D 97 17.87 -13.32 -13.73
C GLY D 97 17.72 -14.74 -13.24
N SER D 98 16.57 -15.33 -13.50
CA SER D 98 16.31 -16.71 -13.12
C SER D 98 16.78 -17.66 -14.22
N PHE E 1 -3.77 -19.39 -21.47
CA PHE E 1 -3.78 -19.87 -20.06
C PHE E 1 -2.49 -19.52 -19.35
N GLN E 2 -2.56 -18.58 -18.42
CA GLN E 2 -1.41 -18.21 -17.61
C GLN E 2 -1.19 -19.22 -16.50
N GLY E 3 -2.28 -19.54 -15.80
CA GLY E 3 -2.22 -20.50 -14.71
C GLY E 3 -2.98 -20.01 -13.50
N ALA E 4 -2.91 -20.77 -12.42
CA ALA E 4 -3.54 -20.36 -11.18
C ALA E 4 -2.62 -19.43 -10.42
N MET E 5 -1.37 -19.84 -10.32
CA MET E 5 -0.28 -19.03 -9.77
C MET E 5 -0.54 -18.55 -8.34
N ALA E 6 -0.98 -17.31 -8.20
CA ALA E 6 -1.21 -16.73 -6.89
C ALA E 6 -2.61 -17.07 -6.40
N MET E 7 -2.71 -17.55 -5.17
CA MET E 7 -4.00 -17.99 -4.64
C MET E 7 -4.35 -17.26 -3.34
N PHE E 8 -5.63 -17.00 -3.18
CA PHE E 8 -6.16 -16.30 -2.01
C PHE E 8 -5.90 -17.08 -0.72
N TRP E 9 -5.66 -16.35 0.35
CA TRP E 9 -5.36 -16.92 1.64
C TRP E 9 -6.15 -16.18 2.73
N GLY E 10 -6.54 -16.89 3.77
CA GLY E 10 -7.27 -16.27 4.85
C GLY E 10 -7.02 -16.97 6.17
N LEU E 11 -7.17 -16.22 7.26
CA LEU E 11 -6.99 -16.77 8.61
C LEU E 11 -7.92 -16.08 9.59
N ASN E 12 -8.96 -16.76 10.02
CA ASN E 12 -9.86 -16.19 11.02
C ASN E 12 -9.50 -16.68 12.41
N MET E 13 -8.99 -15.76 13.22
CA MET E 13 -8.57 -16.07 14.57
C MET E 13 -9.72 -16.00 15.54
N LYS E 14 -9.71 -16.90 16.49
CA LYS E 14 -10.63 -16.86 17.61
C LYS E 14 -9.97 -16.05 18.72
N PRO E 15 -10.76 -15.27 19.46
CA PRO E 15 -10.25 -14.35 20.49
C PRO E 15 -9.21 -14.97 21.41
N GLU E 16 -7.95 -14.51 21.24
CA GLU E 16 -6.84 -14.92 22.08
C GLU E 16 -6.45 -16.37 21.82
N ARG E 17 -5.94 -16.61 20.62
CA ARG E 17 -5.43 -17.93 20.26
C ARG E 17 -3.98 -17.83 19.84
N LYS E 18 -3.32 -18.97 19.68
CA LYS E 18 -1.90 -19.00 19.38
C LYS E 18 -1.56 -20.20 18.49
N TYR E 19 -1.32 -19.94 17.20
CA TYR E 19 -1.03 -21.01 16.26
C TYR E 19 0.42 -20.95 15.78
N SER E 20 1.22 -21.93 16.17
CA SER E 20 2.55 -22.08 15.60
C SER E 20 2.47 -22.99 14.38
N GLN E 21 2.68 -22.43 13.21
CA GLN E 21 2.38 -23.13 11.96
C GLN E 21 3.50 -23.00 10.94
N THR E 22 3.62 -24.04 10.12
CA THR E 22 4.60 -24.09 9.04
C THR E 22 4.01 -23.54 7.76
N ILE E 23 4.89 -23.16 6.84
CA ILE E 23 4.47 -22.51 5.60
C ILE E 23 4.68 -23.42 4.40
N ILE E 24 3.62 -23.62 3.62
CA ILE E 24 3.69 -24.47 2.44
C ILE E 24 4.02 -23.67 1.18
N LYS E 25 3.71 -22.38 1.21
CA LYS E 25 3.99 -21.49 0.09
C LYS E 25 4.29 -20.09 0.62
N SER E 26 5.36 -19.50 0.11
CA SER E 26 5.70 -18.13 0.46
C SER E 26 4.50 -17.24 0.16
N PHE E 27 3.97 -16.57 1.18
CA PHE E 27 2.71 -15.88 1.01
C PHE E 27 2.71 -14.50 1.66
N HIS E 28 1.83 -13.66 1.16
CA HIS E 28 1.68 -12.30 1.64
C HIS E 28 0.37 -12.15 2.38
N ILE E 29 0.44 -11.69 3.62
CA ILE E 29 -0.77 -11.31 4.34
C ILE E 29 -0.96 -9.81 4.15
N SER E 30 -2.18 -9.41 3.87
CA SER E 30 -2.44 -8.04 3.45
C SER E 30 -3.40 -7.31 4.39
N GLY E 31 -4.12 -8.06 5.23
CA GLY E 31 -5.00 -7.42 6.16
C GLY E 31 -5.37 -8.28 7.34
N VAL E 32 -5.54 -7.66 8.50
CA VAL E 32 -6.12 -8.32 9.65
C VAL E 32 -7.22 -7.43 10.23
N ALA E 33 -8.45 -7.95 10.31
CA ALA E 33 -9.58 -7.12 10.70
C ALA E 33 -10.57 -7.88 11.56
N LEU E 34 -11.33 -7.15 12.38
CA LEU E 34 -12.34 -7.76 13.23
C LEU E 34 -13.69 -7.11 12.99
N ASP E 35 -14.72 -7.93 13.06
CA ASP E 35 -16.08 -7.43 13.01
C ASP E 35 -16.71 -7.61 14.38
N LYS E 36 -16.51 -8.79 14.94
CA LYS E 36 -16.88 -9.08 16.31
C LYS E 36 -15.64 -9.08 17.19
N GLY E 37 -15.67 -8.34 18.27
CA GLY E 37 -14.56 -8.37 19.19
C GLY E 37 -14.30 -7.05 19.88
N GLN E 38 -13.54 -7.10 20.96
CA GLN E 38 -13.18 -5.88 21.67
C GLN E 38 -11.75 -5.47 21.35
N GLU E 39 -10.82 -6.42 21.40
CA GLU E 39 -9.41 -6.15 21.11
C GLU E 39 -8.72 -7.38 20.57
N ALA E 40 -7.96 -7.23 19.50
CA ALA E 40 -7.05 -8.27 19.08
C ALA E 40 -5.70 -7.68 18.73
N LYS E 41 -4.70 -8.03 19.52
CA LYS E 41 -3.35 -7.63 19.22
C LYS E 41 -2.63 -8.75 18.52
N LEU E 42 -2.32 -8.53 17.26
CA LEU E 42 -1.74 -9.57 16.42
C LEU E 42 -0.25 -9.63 16.65
N TYR E 43 0.20 -10.73 17.23
CA TYR E 43 1.61 -10.96 17.43
C TYR E 43 2.05 -12.15 16.62
N LEU E 44 3.23 -12.07 16.06
CA LEU E 44 3.80 -13.19 15.37
C LEU E 44 5.21 -13.43 15.86
N ALA E 45 5.51 -14.66 16.18
CA ALA E 45 6.83 -15.02 16.62
C ALA E 45 7.52 -15.88 15.57
N ALA E 46 8.57 -15.33 15.00
CA ALA E 46 9.37 -16.03 14.01
C ALA E 46 10.83 -15.95 14.40
N GLU E 47 11.57 -17.03 14.17
CA GLU E 47 12.96 -17.12 14.62
C GLU E 47 13.05 -16.96 16.13
N LYS E 48 11.97 -17.37 16.81
CA LYS E 48 11.86 -17.26 18.26
C LYS E 48 11.85 -15.78 18.69
N GLN E 49 11.47 -14.90 17.78
CA GLN E 49 11.43 -13.48 18.07
C GLN E 49 9.99 -12.98 18.01
N GLU E 50 9.54 -12.33 19.06
CA GLU E 50 8.17 -11.85 19.14
C GLU E 50 8.02 -10.52 18.43
N TYR E 51 7.09 -10.46 17.49
CA TYR E 51 6.80 -9.23 16.78
C TYR E 51 5.34 -8.83 16.96
N ILE E 52 5.11 -7.57 17.27
CA ILE E 52 3.75 -7.03 17.25
C ILE E 52 3.39 -6.66 15.81
N VAL E 53 2.53 -7.46 15.23
CA VAL E 53 2.22 -7.36 13.81
C VAL E 53 1.23 -6.24 13.56
N ALA E 54 0.14 -6.23 14.34
CA ALA E 54 -0.88 -5.21 14.18
C ALA E 54 -1.74 -5.10 15.43
N THR E 55 -2.24 -3.90 15.69
CA THR E 55 -3.18 -3.70 16.77
C THR E 55 -4.55 -3.40 16.20
N VAL E 56 -5.41 -4.40 16.21
CA VAL E 56 -6.73 -4.25 15.63
C VAL E 56 -7.79 -4.44 16.71
N THR E 57 -8.52 -3.39 17.00
CA THR E 57 -9.47 -3.39 18.09
C THR E 57 -10.88 -3.04 17.61
N LYS E 58 -11.84 -2.98 18.52
CA LYS E 58 -13.16 -2.46 18.19
C LYS E 58 -13.07 -0.98 17.79
N ALA E 59 -11.99 -0.32 18.22
CA ALA E 59 -11.75 1.08 17.88
C ALA E 59 -11.08 1.17 16.51
N ILE E 60 -10.15 0.26 16.27
CA ILE E 60 -9.50 0.13 14.97
C ILE E 60 -9.91 -1.21 14.36
N PRO E 61 -11.09 -1.27 13.72
CA PRO E 61 -11.73 -2.54 13.33
C PRO E 61 -11.02 -3.26 12.19
N GLN E 62 -9.94 -2.70 11.69
CA GLN E 62 -9.24 -3.28 10.57
C GLN E 62 -7.84 -2.69 10.41
N VAL E 63 -6.85 -3.57 10.35
CA VAL E 63 -5.48 -3.17 10.07
C VAL E 63 -5.00 -3.78 8.76
N ALA E 64 -4.90 -2.95 7.74
CA ALA E 64 -4.31 -3.38 6.47
C ALA E 64 -2.81 -3.28 6.56
N LEU E 65 -2.13 -4.40 6.35
CA LEU E 65 -0.69 -4.46 6.56
C LEU E 65 -0.03 -5.30 5.46
N ASP E 66 1.29 -5.25 5.39
CA ASP E 66 2.02 -5.96 4.36
C ASP E 66 2.97 -6.97 4.98
N LEU E 67 2.59 -8.24 4.90
CA LEU E 67 3.41 -9.33 5.40
C LEU E 67 3.78 -10.26 4.25
N ASN E 68 4.97 -10.81 4.28
CA ASN E 68 5.36 -11.81 3.29
C ASN E 68 6.32 -12.80 3.92
N PHE E 69 5.90 -14.05 4.04
CA PHE E 69 6.71 -15.08 4.66
C PHE E 69 7.16 -16.08 3.60
N SER E 70 8.16 -16.91 3.94
CA SER E 70 8.71 -17.86 3.00
C SER E 70 8.30 -19.27 3.35
N LYS E 71 8.17 -20.12 2.34
CA LYS E 71 7.78 -21.51 2.53
C LYS E 71 8.87 -22.30 3.24
N GLY E 72 10.05 -21.70 3.35
CA GLY E 72 11.13 -22.32 4.09
C GLY E 72 11.16 -21.84 5.52
N ASP E 73 10.32 -20.86 5.84
CA ASP E 73 10.29 -20.28 7.17
C ASP E 73 9.14 -20.88 7.97
N ARG E 74 9.14 -20.62 9.27
CA ARG E 74 8.11 -21.15 10.17
C ARG E 74 7.80 -20.15 11.26
N ILE E 75 6.52 -19.83 11.43
CA ILE E 75 6.13 -18.73 12.29
C ILE E 75 4.98 -19.10 13.20
N MET E 76 4.75 -18.27 14.21
CA MET E 76 3.59 -18.45 15.07
C MET E 76 2.74 -17.22 15.03
N PHE E 77 1.48 -17.39 14.66
CA PHE E 77 0.56 -16.28 14.64
C PHE E 77 -0.38 -16.39 15.81
N TYR E 78 -0.49 -15.33 16.59
CA TYR E 78 -1.33 -15.37 17.76
C TYR E 78 -1.83 -13.99 18.17
N THR E 79 -3.06 -13.94 18.66
CA THR E 79 -3.68 -12.67 19.04
C THR E 79 -3.96 -12.62 20.53
N ALA E 80 -3.75 -11.43 21.09
CA ALA E 80 -4.05 -11.19 22.49
C ALA E 80 -5.29 -10.31 22.61
N GLY E 81 -6.00 -10.44 23.73
CA GLY E 81 -7.24 -9.72 23.91
C GLY E 81 -8.41 -10.56 23.47
N ASP E 82 -9.61 -10.02 23.49
CA ASP E 82 -10.74 -10.79 23.00
C ASP E 82 -11.39 -10.10 21.81
N ALA E 83 -11.12 -10.66 20.65
CA ALA E 83 -11.78 -10.29 19.41
C ALA E 83 -11.49 -11.35 18.36
N SER E 84 -12.37 -11.49 17.39
CA SER E 84 -12.16 -12.46 16.34
C SER E 84 -11.75 -11.77 15.06
N VAL E 85 -10.50 -11.97 14.65
CA VAL E 85 -9.96 -11.26 13.51
C VAL E 85 -9.71 -12.18 12.34
N SER E 86 -10.05 -11.69 11.17
CA SER E 86 -9.85 -12.43 9.96
C SER E 86 -8.72 -11.78 9.17
N LEU E 87 -7.66 -12.53 8.96
CA LEU E 87 -6.58 -12.07 8.12
C LEU E 87 -6.84 -12.49 6.70
N LEU E 88 -6.36 -11.68 5.80
CA LEU E 88 -6.53 -11.93 4.40
C LEU E 88 -5.21 -11.76 3.71
N GLY E 89 -4.93 -12.63 2.75
CA GLY E 89 -3.68 -12.59 2.06
C GLY E 89 -3.72 -13.41 0.79
N TYR E 90 -2.55 -13.66 0.23
CA TYR E 90 -2.45 -14.49 -0.96
C TYR E 90 -1.09 -15.17 -1.07
N LEU E 91 -1.16 -16.46 -1.33
CA LEU E 91 0.02 -17.27 -1.60
C LEU E 91 0.68 -16.78 -2.88
N HIS E 92 1.96 -16.49 -2.80
CA HIS E 92 2.69 -15.92 -3.92
C HIS E 92 2.81 -16.92 -5.07
N ASP E 93 2.76 -16.38 -6.28
CA ASP E 93 2.89 -17.14 -7.51
C ASP E 93 4.34 -17.57 -7.74
N ILE E 94 4.71 -17.79 -8.98
CA ILE E 94 6.06 -18.25 -9.30
C ILE E 94 7.09 -17.14 -9.09
N ASP E 95 8.18 -17.48 -8.42
CA ASP E 95 9.27 -16.55 -8.21
C ASP E 95 10.16 -16.51 -9.45
N SER E 96 9.57 -16.03 -10.55
CA SER E 96 10.25 -16.02 -11.85
C SER E 96 10.56 -17.45 -12.30
N GLY E 97 11.42 -17.58 -13.29
CA GLY E 97 11.79 -18.90 -13.76
C GLY E 97 10.67 -19.58 -14.50
N SER E 98 10.02 -18.85 -15.40
CA SER E 98 8.94 -19.38 -16.19
C SER E 98 9.48 -20.04 -17.47
N PHE A 1 7.76 -6.14 -26.02
CA PHE A 1 8.78 -6.48 -25.01
C PHE A 1 8.73 -5.47 -23.87
N GLN A 2 7.76 -5.64 -22.98
CA GLN A 2 7.60 -4.75 -21.83
C GLN A 2 7.10 -5.52 -20.62
N GLY A 3 7.00 -4.83 -19.50
CA GLY A 3 6.53 -5.45 -18.28
C GLY A 3 5.04 -5.78 -18.34
N ALA A 4 4.62 -6.76 -17.55
CA ALA A 4 3.24 -7.19 -17.52
C ALA A 4 2.32 -6.07 -17.05
N MET A 5 1.05 -6.15 -17.43
CA MET A 5 0.07 -5.14 -17.09
C MET A 5 -1.23 -5.78 -16.64
N ALA A 6 -1.93 -5.12 -15.74
CA ALA A 6 -3.22 -5.59 -15.26
C ALA A 6 -4.34 -4.68 -15.75
N MET A 7 -5.50 -5.26 -15.98
CA MET A 7 -6.64 -4.50 -16.46
C MET A 7 -7.51 -4.04 -15.28
N PHE A 8 -8.45 -3.15 -15.54
CA PHE A 8 -9.29 -2.60 -14.49
C PHE A 8 -10.42 -3.55 -14.09
N TRP A 9 -10.55 -3.78 -12.79
CA TRP A 9 -11.64 -4.57 -12.24
C TRP A 9 -12.55 -3.69 -11.39
N GLY A 10 -13.83 -4.01 -11.35
CA GLY A 10 -14.77 -3.24 -10.56
C GLY A 10 -15.92 -4.08 -10.04
N LEU A 11 -16.39 -3.75 -8.84
CA LEU A 11 -17.51 -4.48 -8.24
C LEU A 11 -18.47 -3.51 -7.55
N ASN A 12 -19.65 -3.37 -8.12
CA ASN A 12 -20.70 -2.54 -7.53
C ASN A 12 -21.51 -3.36 -6.52
N MET A 13 -21.46 -2.97 -5.25
CA MET A 13 -22.13 -3.71 -4.19
C MET A 13 -23.47 -3.11 -3.82
N LYS A 14 -24.48 -3.97 -3.76
CA LYS A 14 -25.80 -3.58 -3.30
C LYS A 14 -25.96 -4.05 -1.86
N PRO A 15 -26.45 -3.16 -0.96
CA PRO A 15 -26.57 -3.43 0.48
C PRO A 15 -27.18 -4.80 0.78
N GLU A 16 -26.40 -5.65 1.44
CA GLU A 16 -26.84 -6.98 1.84
C GLU A 16 -27.14 -7.85 0.64
N ARG A 17 -26.15 -7.99 -0.23
CA ARG A 17 -26.25 -8.91 -1.34
C ARG A 17 -25.08 -9.88 -1.32
N LYS A 18 -25.36 -11.15 -1.53
CA LYS A 18 -24.31 -12.15 -1.57
C LYS A 18 -24.01 -12.58 -2.99
N TYR A 19 -22.80 -12.30 -3.45
CA TYR A 19 -22.39 -12.75 -4.76
C TYR A 19 -21.43 -13.91 -4.61
N SER A 20 -21.90 -15.12 -4.83
CA SER A 20 -21.02 -16.27 -4.84
C SER A 20 -20.51 -16.48 -6.26
N GLN A 21 -19.29 -16.00 -6.51
CA GLN A 21 -18.80 -15.88 -7.86
C GLN A 21 -17.66 -16.85 -8.15
N THR A 22 -17.60 -17.31 -9.38
CA THR A 22 -16.52 -18.16 -9.86
C THR A 22 -15.53 -17.31 -10.66
N ILE A 23 -14.26 -17.62 -10.54
CA ILE A 23 -13.22 -16.79 -11.13
C ILE A 23 -12.57 -17.45 -12.32
N ILE A 24 -12.56 -16.76 -13.44
CA ILE A 24 -11.92 -17.23 -14.65
C ILE A 24 -10.58 -16.51 -14.81
N LYS A 25 -10.64 -15.20 -14.71
CA LYS A 25 -9.46 -14.36 -14.73
C LYS A 25 -9.14 -13.90 -13.32
N SER A 26 -7.93 -14.22 -12.87
CA SER A 26 -7.48 -13.88 -11.52
C SER A 26 -7.50 -12.37 -11.32
N PHE A 27 -7.86 -11.92 -10.13
CA PHE A 27 -7.94 -10.48 -9.91
C PHE A 27 -7.60 -10.07 -8.48
N HIS A 28 -7.02 -8.89 -8.38
CA HIS A 28 -6.69 -8.28 -7.10
C HIS A 28 -7.70 -7.20 -6.77
N ILE A 29 -8.33 -7.28 -5.61
CA ILE A 29 -9.18 -6.21 -5.16
C ILE A 29 -8.34 -5.18 -4.41
N SER A 30 -8.50 -3.91 -4.75
CA SER A 30 -7.60 -2.89 -4.28
C SER A 30 -8.30 -1.86 -3.39
N GLY A 31 -9.62 -1.87 -3.37
CA GLY A 31 -10.32 -0.95 -2.50
C GLY A 31 -11.83 -1.07 -2.57
N VAL A 32 -12.48 -0.59 -1.52
CA VAL A 32 -13.94 -0.53 -1.45
C VAL A 32 -14.37 0.77 -0.77
N ALA A 33 -15.41 1.44 -1.26
CA ALA A 33 -15.84 2.71 -0.67
C ALA A 33 -17.31 2.97 -0.90
N LEU A 34 -17.91 3.80 -0.03
CA LEU A 34 -19.33 4.14 -0.17
C LEU A 34 -19.54 5.64 -0.23
N ASP A 35 -20.57 6.02 -0.97
CA ASP A 35 -21.06 7.40 -0.97
C ASP A 35 -22.41 7.43 -0.29
N LYS A 36 -23.34 6.63 -0.78
CA LYS A 36 -24.63 6.49 -0.17
C LYS A 36 -24.66 5.21 0.65
N GLY A 37 -25.04 5.34 1.91
CA GLY A 37 -25.15 4.19 2.75
C GLY A 37 -24.90 4.50 4.20
N GLN A 38 -25.31 3.60 5.08
CA GLN A 38 -25.07 3.76 6.50
C GLN A 38 -23.92 2.88 6.97
N GLU A 39 -23.93 1.62 6.56
CA GLU A 39 -22.86 0.68 6.88
C GLU A 39 -22.75 -0.39 5.82
N ALA A 40 -21.54 -0.65 5.35
CA ALA A 40 -21.31 -1.83 4.53
C ALA A 40 -20.17 -2.65 5.10
N LYS A 41 -20.49 -3.84 5.58
CA LYS A 41 -19.49 -4.76 6.06
C LYS A 41 -19.12 -5.71 4.94
N LEU A 42 -17.91 -5.59 4.44
CA LEU A 42 -17.50 -6.36 3.30
C LEU A 42 -16.98 -7.71 3.75
N TYR A 43 -17.77 -8.74 3.48
CA TYR A 43 -17.41 -10.09 3.85
C TYR A 43 -17.03 -10.90 2.63
N LEU A 44 -16.10 -11.78 2.84
CA LEU A 44 -15.65 -12.69 1.83
C LEU A 44 -15.65 -14.11 2.37
N ALA A 45 -16.47 -14.96 1.80
CA ALA A 45 -16.48 -16.35 2.20
C ALA A 45 -15.79 -17.19 1.14
N ALA A 46 -14.62 -17.68 1.49
CA ALA A 46 -13.80 -18.46 0.59
C ALA A 46 -13.10 -19.56 1.36
N GLU A 47 -12.83 -20.68 0.68
CA GLU A 47 -12.19 -21.84 1.31
C GLU A 47 -13.01 -22.32 2.50
N LYS A 48 -14.34 -22.12 2.39
CA LYS A 48 -15.28 -22.50 3.45
C LYS A 48 -14.99 -21.75 4.75
N GLN A 49 -14.66 -20.47 4.63
CA GLN A 49 -14.36 -19.65 5.79
C GLN A 49 -14.87 -18.23 5.56
N GLU A 50 -15.50 -17.65 6.57
CA GLU A 50 -16.00 -16.28 6.48
C GLU A 50 -14.90 -15.30 6.87
N TYR A 51 -14.52 -14.46 5.94
CA TYR A 51 -13.51 -13.45 6.19
C TYR A 51 -14.12 -12.06 6.13
N ILE A 52 -13.99 -11.30 7.20
CA ILE A 52 -14.34 -9.90 7.17
C ILE A 52 -13.20 -9.10 6.54
N VAL A 53 -13.34 -8.75 5.27
CA VAL A 53 -12.26 -8.14 4.52
C VAL A 53 -12.22 -6.63 4.71
N ALA A 54 -13.38 -6.00 4.87
CA ALA A 54 -13.41 -4.55 5.07
C ALA A 54 -14.64 -4.11 5.85
N THR A 55 -14.47 -3.10 6.68
CA THR A 55 -15.60 -2.44 7.30
C THR A 55 -15.67 -1.01 6.81
N VAL A 56 -16.58 -0.75 5.89
CA VAL A 56 -16.70 0.58 5.31
C VAL A 56 -18.05 1.20 5.66
N THR A 57 -18.01 2.26 6.45
CA THR A 57 -19.21 2.89 6.95
C THR A 57 -19.25 4.37 6.56
N LYS A 58 -20.28 5.08 7.01
CA LYS A 58 -20.28 6.54 6.87
C LYS A 58 -19.08 7.14 7.59
N ALA A 59 -18.72 6.54 8.72
CA ALA A 59 -17.59 6.98 9.51
C ALA A 59 -16.28 6.68 8.81
N ILE A 60 -16.20 5.51 8.20
CA ILE A 60 -15.07 5.12 7.39
C ILE A 60 -15.52 4.98 5.94
N PRO A 61 -15.60 6.10 5.20
CA PRO A 61 -16.26 6.16 3.88
C PRO A 61 -15.54 5.37 2.81
N GLN A 62 -14.36 4.86 3.13
CA GLN A 62 -13.54 4.18 2.14
C GLN A 62 -12.49 3.30 2.80
N VAL A 63 -12.40 2.07 2.33
CA VAL A 63 -11.40 1.13 2.79
C VAL A 63 -10.50 0.69 1.65
N ALA A 64 -9.22 0.98 1.77
CA ALA A 64 -8.24 0.51 0.80
C ALA A 64 -7.86 -0.93 1.10
N LEU A 65 -7.96 -1.78 0.09
CA LEU A 65 -7.78 -3.22 0.28
C LEU A 65 -6.62 -3.76 -0.53
N ASP A 66 -6.19 -4.96 -0.17
CA ASP A 66 -5.25 -5.72 -0.96
C ASP A 66 -5.66 -7.19 -0.92
N LEU A 67 -6.37 -7.62 -1.94
CA LEU A 67 -6.82 -8.99 -2.05
C LEU A 67 -6.49 -9.51 -3.43
N ASN A 68 -6.38 -10.82 -3.57
CA ASN A 68 -6.16 -11.42 -4.88
C ASN A 68 -6.67 -12.85 -4.87
N PHE A 69 -7.50 -13.18 -5.83
CA PHE A 69 -8.05 -14.51 -5.93
C PHE A 69 -7.73 -15.08 -7.31
N SER A 70 -7.48 -16.38 -7.37
CA SER A 70 -7.06 -17.02 -8.60
C SER A 70 -8.22 -17.73 -9.30
N LYS A 71 -7.92 -18.37 -10.42
CA LYS A 71 -8.92 -19.09 -11.19
C LYS A 71 -9.50 -20.25 -10.37
N GLY A 72 -8.67 -20.79 -9.48
CA GLY A 72 -9.09 -21.89 -8.65
C GLY A 72 -9.82 -21.45 -7.39
N ASP A 73 -10.05 -20.16 -7.26
CA ASP A 73 -10.78 -19.63 -6.11
C ASP A 73 -12.23 -19.36 -6.45
N ARG A 74 -13.13 -20.03 -5.77
CA ARG A 74 -14.55 -19.77 -5.89
C ARG A 74 -15.03 -19.16 -4.59
N ILE A 75 -15.29 -17.87 -4.62
CA ILE A 75 -15.50 -17.12 -3.39
C ILE A 75 -16.87 -16.47 -3.37
N MET A 76 -17.27 -15.97 -2.23
CA MET A 76 -18.47 -15.16 -2.15
C MET A 76 -18.14 -13.81 -1.59
N PHE A 77 -18.51 -12.78 -2.31
CA PHE A 77 -18.34 -11.43 -1.80
C PHE A 77 -19.70 -10.88 -1.45
N TYR A 78 -19.83 -10.37 -0.24
CA TYR A 78 -21.12 -9.91 0.20
C TYR A 78 -21.01 -8.87 1.30
N THR A 79 -21.87 -7.87 1.23
CA THR A 79 -21.87 -6.79 2.19
C THR A 79 -23.04 -6.91 3.14
N ALA A 80 -22.79 -6.65 4.41
CA ALA A 80 -23.83 -6.62 5.42
C ALA A 80 -24.12 -5.19 5.84
N GLY A 81 -25.33 -4.94 6.29
CA GLY A 81 -25.73 -3.59 6.66
C GLY A 81 -26.39 -2.89 5.50
N ASP A 82 -26.69 -1.61 5.65
CA ASP A 82 -27.27 -0.87 4.55
C ASP A 82 -26.29 0.18 4.07
N ALA A 83 -25.66 -0.10 2.95
CA ALA A 83 -24.86 0.87 2.22
C ALA A 83 -24.46 0.30 0.88
N SER A 84 -24.23 1.18 -0.09
CA SER A 84 -23.82 0.75 -1.41
C SER A 84 -22.37 1.13 -1.66
N VAL A 85 -21.54 0.14 -1.99
CA VAL A 85 -20.12 0.37 -2.12
C VAL A 85 -19.58 -0.06 -3.46
N SER A 86 -18.50 0.58 -3.87
CA SER A 86 -17.80 0.23 -5.08
C SER A 86 -16.43 -0.34 -4.74
N LEU A 87 -16.13 -1.52 -5.25
CA LEU A 87 -14.77 -2.03 -5.16
C LEU A 87 -14.08 -1.85 -6.49
N LEU A 88 -12.78 -1.63 -6.44
CA LEU A 88 -11.98 -1.57 -7.64
C LEU A 88 -10.84 -2.55 -7.49
N GLY A 89 -10.33 -3.02 -8.62
CA GLY A 89 -9.26 -3.99 -8.56
C GLY A 89 -8.50 -4.13 -9.86
N TYR A 90 -7.68 -5.17 -9.90
CA TYR A 90 -6.80 -5.46 -11.01
C TYR A 90 -7.15 -6.80 -11.63
N LEU A 91 -7.53 -6.79 -12.90
CA LEU A 91 -7.73 -8.01 -13.65
C LEU A 91 -6.41 -8.54 -14.16
N HIS A 92 -6.05 -9.73 -13.71
CA HIS A 92 -4.86 -10.40 -14.19
C HIS A 92 -5.26 -11.34 -15.33
N ASP A 93 -4.27 -11.94 -15.99
CA ASP A 93 -4.51 -12.92 -17.05
C ASP A 93 -4.96 -12.23 -18.33
N ILE A 94 -4.98 -10.91 -18.30
CA ILE A 94 -5.39 -10.12 -19.45
C ILE A 94 -4.36 -10.23 -20.56
N ASP A 95 -4.82 -10.61 -21.75
CA ASP A 95 -3.95 -10.70 -22.92
C ASP A 95 -3.68 -9.31 -23.47
N SER A 96 -2.76 -8.61 -22.83
CA SER A 96 -2.38 -7.28 -23.23
C SER A 96 -0.95 -7.00 -22.78
N GLY A 97 -0.15 -6.42 -23.66
CA GLY A 97 1.22 -6.11 -23.32
C GLY A 97 1.90 -5.32 -24.41
N SER A 98 1.14 -4.43 -25.04
CA SER A 98 1.64 -3.61 -26.14
C SER A 98 0.57 -2.61 -26.54
N PHE B 1 19.55 -4.30 -19.33
CA PHE B 1 19.13 -5.53 -18.64
C PHE B 1 18.76 -5.23 -17.19
N GLN B 2 17.58 -4.68 -16.98
CA GLN B 2 17.12 -4.34 -15.65
C GLN B 2 15.62 -4.54 -15.53
N GLY B 3 15.09 -4.35 -14.34
CA GLY B 3 13.67 -4.51 -14.11
C GLY B 3 12.85 -3.40 -14.77
N ALA B 4 11.60 -3.70 -15.05
CA ALA B 4 10.71 -2.74 -15.69
C ALA B 4 10.49 -1.50 -14.83
N MET B 5 10.14 -0.41 -15.47
CA MET B 5 9.93 0.86 -14.77
C MET B 5 8.68 1.55 -15.29
N ALA B 6 8.02 2.29 -14.41
CA ALA B 6 6.83 3.04 -14.77
C ALA B 6 7.12 4.53 -14.73
N MET B 7 6.45 5.28 -15.60
CA MET B 7 6.65 6.73 -15.65
C MET B 7 5.60 7.43 -14.78
N PHE B 8 5.80 8.72 -14.56
CA PHE B 8 4.91 9.50 -13.70
C PHE B 8 3.62 9.90 -14.41
N TRP B 9 2.49 9.63 -13.76
CA TRP B 9 1.18 10.04 -14.26
C TRP B 9 0.59 11.07 -13.31
N GLY B 10 -0.20 11.99 -13.83
CA GLY B 10 -0.84 13.01 -13.01
C GLY B 10 -2.18 13.45 -13.57
N LEU B 11 -3.11 13.77 -12.68
CA LEU B 11 -4.43 14.22 -13.08
C LEU B 11 -4.91 15.37 -12.20
N ASN B 12 -4.98 16.57 -12.77
CA ASN B 12 -5.49 17.74 -12.07
C ASN B 12 -7.01 17.81 -12.21
N MET B 13 -7.72 17.70 -11.09
CA MET B 13 -9.17 17.68 -11.10
C MET B 13 -9.77 19.04 -10.77
N LYS B 14 -10.71 19.46 -11.61
CA LYS B 14 -11.47 20.67 -11.38
C LYS B 14 -12.84 20.28 -10.80
N PRO B 15 -13.27 20.94 -9.72
CA PRO B 15 -14.52 20.61 -9.01
C PRO B 15 -15.71 20.40 -9.94
N GLU B 16 -16.25 19.18 -9.91
CA GLU B 16 -17.41 18.81 -10.71
C GLU B 16 -17.10 18.88 -12.21
N ARG B 17 -16.08 18.15 -12.61
CA ARG B 17 -15.77 18.01 -14.02
C ARG B 17 -15.71 16.54 -14.38
N LYS B 18 -16.33 16.18 -15.50
CA LYS B 18 -16.31 14.81 -15.97
C LYS B 18 -15.34 14.65 -17.12
N TYR B 19 -14.30 13.86 -16.91
CA TYR B 19 -13.38 13.55 -17.98
C TYR B 19 -13.61 12.12 -18.45
N SER B 20 -14.28 11.97 -19.58
CA SER B 20 -14.44 10.67 -20.18
C SER B 20 -13.26 10.42 -21.12
N GLN B 21 -12.28 9.68 -20.63
CA GLN B 21 -10.99 9.59 -21.30
C GLN B 21 -10.73 8.21 -21.88
N THR B 22 -10.03 8.19 -23.01
CA THR B 22 -9.60 6.96 -23.64
C THR B 22 -8.14 6.70 -23.30
N ILE B 23 -7.77 5.45 -23.10
CA ILE B 23 -6.45 5.11 -22.63
C ILE B 23 -5.61 4.47 -23.72
N ILE B 24 -4.44 5.04 -23.94
CA ILE B 24 -3.49 4.51 -24.91
C ILE B 24 -2.40 3.77 -24.15
N LYS B 25 -1.83 4.45 -23.16
CA LYS B 25 -0.84 3.86 -22.28
C LYS B 25 -1.49 3.53 -20.94
N SER B 26 -1.41 2.27 -20.56
CA SER B 26 -2.03 1.78 -19.33
C SER B 26 -1.43 2.49 -18.13
N PHE B 27 -2.24 2.79 -17.12
CA PHE B 27 -1.72 3.51 -15.98
C PHE B 27 -2.40 3.13 -14.67
N HIS B 28 -1.61 3.21 -13.60
CA HIS B 28 -2.08 2.98 -12.24
C HIS B 28 -2.26 4.30 -11.53
N ILE B 29 -3.44 4.54 -11.00
CA ILE B 29 -3.64 5.71 -10.15
C ILE B 29 -3.28 5.35 -8.72
N SER B 30 -2.48 6.18 -8.08
CA SER B 30 -1.89 5.82 -6.80
C SER B 30 -2.36 6.74 -5.68
N GLY B 31 -3.00 7.86 -6.02
CA GLY B 31 -3.50 8.73 -4.97
C GLY B 31 -4.21 9.96 -5.49
N VAL B 32 -5.04 10.54 -4.64
CA VAL B 32 -5.75 11.79 -4.93
C VAL B 32 -5.80 12.64 -3.66
N ALA B 33 -5.59 13.94 -3.78
CA ALA B 33 -5.59 14.82 -2.60
C ALA B 33 -5.99 16.24 -2.94
N LEU B 34 -6.48 16.99 -1.94
CA LEU B 34 -6.88 18.37 -2.15
C LEU B 34 -6.19 19.31 -1.18
N ASP B 35 -5.94 20.51 -1.66
CA ASP B 35 -5.49 21.61 -0.81
C ASP B 35 -6.60 22.64 -0.69
N LYS B 36 -7.07 23.12 -1.83
CA LYS B 36 -8.19 24.02 -1.86
C LYS B 36 -9.45 23.24 -2.24
N GLY B 37 -10.48 23.38 -1.43
CA GLY B 37 -11.72 22.72 -1.74
C GLY B 37 -12.50 22.37 -0.49
N GLN B 38 -13.78 22.08 -0.67
CA GLN B 38 -14.63 21.68 0.43
C GLN B 38 -14.86 20.17 0.41
N GLU B 39 -15.20 19.64 -0.75
CA GLU B 39 -15.40 18.20 -0.93
C GLU B 39 -15.10 17.80 -2.36
N ALA B 40 -14.33 16.74 -2.55
CA ALA B 40 -14.21 16.13 -3.86
C ALA B 40 -14.50 14.65 -3.77
N LYS B 41 -15.59 14.23 -4.39
CA LYS B 41 -15.93 12.83 -4.47
C LYS B 41 -15.42 12.29 -5.79
N LEU B 42 -14.43 11.43 -5.72
CA LEU B 42 -13.78 10.93 -6.90
C LEU B 42 -14.54 9.73 -7.44
N TYR B 43 -15.23 9.94 -8.55
CA TYR B 43 -16.00 8.89 -9.18
C TYR B 43 -15.34 8.42 -10.44
N LEU B 44 -15.50 7.15 -10.69
CA LEU B 44 -14.99 6.53 -11.89
C LEU B 44 -16.10 5.72 -12.55
N ALA B 45 -16.49 6.11 -13.74
CA ALA B 45 -17.48 5.35 -14.47
C ALA B 45 -16.81 4.57 -15.58
N ALA B 46 -16.76 3.26 -15.40
CA ALA B 46 -16.10 2.37 -16.32
C ALA B 46 -16.89 1.08 -16.43
N GLU B 47 -16.82 0.44 -17.60
CA GLU B 47 -17.55 -0.80 -17.85
C GLU B 47 -19.05 -0.58 -17.63
N LYS B 48 -19.49 0.64 -17.90
CA LYS B 48 -20.89 1.04 -17.72
C LYS B 48 -21.33 0.90 -16.27
N GLN B 49 -20.44 1.28 -15.35
CA GLN B 49 -20.74 1.20 -13.93
C GLN B 49 -20.12 2.38 -13.20
N GLU B 50 -20.86 2.99 -12.28
CA GLU B 50 -20.34 4.10 -11.51
C GLU B 50 -19.63 3.58 -10.26
N TYR B 51 -18.34 3.86 -10.18
CA TYR B 51 -17.55 3.46 -9.03
C TYR B 51 -17.10 4.68 -8.24
N ILE B 52 -17.44 4.72 -6.96
CA ILE B 52 -16.89 5.72 -6.08
C ILE B 52 -15.50 5.27 -5.62
N VAL B 53 -14.47 5.84 -6.25
CA VAL B 53 -13.11 5.37 -6.01
C VAL B 53 -12.47 6.04 -4.80
N ALA B 54 -12.82 7.30 -4.56
CA ALA B 54 -12.26 8.00 -3.40
C ALA B 54 -13.18 9.11 -2.91
N THR B 55 -13.21 9.29 -1.60
CA THR B 55 -13.86 10.44 -1.02
C THR B 55 -12.82 11.32 -0.32
N VAL B 56 -12.45 12.40 -0.98
CA VAL B 56 -11.42 13.27 -0.43
C VAL B 56 -12.01 14.65 -0.12
N THR B 57 -12.03 14.97 1.16
CA THR B 57 -12.65 16.20 1.63
C THR B 57 -11.64 17.05 2.41
N LYS B 58 -12.09 18.17 2.95
CA LYS B 58 -11.27 18.93 3.90
C LYS B 58 -10.93 18.06 5.10
N ALA B 59 -11.89 17.22 5.50
CA ALA B 59 -11.71 16.33 6.64
C ALA B 59 -10.73 15.22 6.30
N ILE B 60 -10.85 14.70 5.08
CA ILE B 60 -9.91 13.71 4.57
C ILE B 60 -9.14 14.33 3.41
N PRO B 61 -8.08 15.11 3.71
CA PRO B 61 -7.40 15.96 2.72
C PRO B 61 -6.65 15.17 1.64
N GLN B 62 -6.60 13.86 1.79
CA GLN B 62 -5.84 13.04 0.88
C GLN B 62 -6.27 11.58 0.95
N VAL B 63 -6.49 10.99 -0.21
CA VAL B 63 -6.83 9.59 -0.32
C VAL B 63 -5.80 8.84 -1.14
N ALA B 64 -5.14 7.87 -0.53
CA ALA B 64 -4.20 7.02 -1.23
C ALA B 64 -4.96 5.93 -1.98
N LEU B 65 -4.69 5.79 -3.27
CA LEU B 65 -5.46 4.89 -4.11
C LEU B 65 -4.61 3.80 -4.74
N ASP B 66 -5.26 2.78 -5.23
CA ASP B 66 -4.63 1.77 -6.05
C ASP B 66 -5.57 1.38 -7.17
N LEU B 67 -5.37 1.98 -8.33
CA LEU B 67 -6.19 1.70 -9.49
C LEU B 67 -5.29 1.44 -10.68
N ASN B 68 -5.78 0.73 -11.68
CA ASN B 68 -5.03 0.53 -12.90
C ASN B 68 -5.98 0.24 -14.04
N PHE B 69 -5.83 0.98 -15.12
CA PHE B 69 -6.68 0.81 -16.28
C PHE B 69 -5.81 0.53 -17.51
N SER B 70 -6.30 -0.30 -18.40
CA SER B 70 -5.52 -0.72 -19.55
C SER B 70 -5.91 0.04 -20.82
N LYS B 71 -5.27 -0.29 -21.93
CA LYS B 71 -5.54 0.35 -23.21
C LYS B 71 -6.99 0.10 -23.63
N GLY B 72 -7.51 -1.05 -23.23
CA GLY B 72 -8.87 -1.41 -23.58
C GLY B 72 -9.90 -0.84 -22.63
N ASP B 73 -9.46 -0.02 -21.68
CA ASP B 73 -10.39 0.60 -20.75
C ASP B 73 -10.67 2.04 -21.16
N ARG B 74 -11.94 2.32 -21.42
CA ARG B 74 -12.37 3.68 -21.68
C ARG B 74 -13.25 4.12 -20.53
N ILE B 75 -12.70 4.99 -19.69
CA ILE B 75 -13.32 5.29 -18.42
C ILE B 75 -13.65 6.77 -18.29
N MET B 76 -14.43 7.12 -17.29
CA MET B 76 -14.65 8.51 -16.98
C MET B 76 -14.23 8.79 -15.56
N PHE B 77 -13.36 9.77 -15.38
CA PHE B 77 -12.97 10.18 -14.06
C PHE B 77 -13.59 11.52 -13.79
N TYR B 78 -14.28 11.64 -12.68
CA TYR B 78 -14.99 12.87 -12.39
C TYR B 78 -15.22 13.06 -10.91
N THR B 79 -15.07 14.30 -10.47
CA THR B 79 -15.23 14.63 -9.06
C THR B 79 -16.53 15.37 -8.83
N ALA B 80 -17.22 15.02 -7.75
CA ALA B 80 -18.42 15.71 -7.35
C ALA B 80 -18.15 16.58 -6.13
N GLY B 81 -18.92 17.64 -5.97
CA GLY B 81 -18.71 18.56 -4.87
C GLY B 81 -17.83 19.71 -5.30
N ASP B 82 -17.44 20.56 -4.36
CA ASP B 82 -16.54 21.63 -4.71
C ASP B 82 -15.21 21.43 -4.02
N ALA B 83 -14.24 20.99 -4.78
CA ALA B 83 -12.85 20.95 -4.36
C ALA B 83 -11.96 20.61 -5.55
N SER B 84 -10.72 21.04 -5.49
CA SER B 84 -9.76 20.75 -6.55
C SER B 84 -8.72 19.77 -6.07
N VAL B 85 -8.58 18.65 -6.77
CA VAL B 85 -7.71 17.58 -6.32
C VAL B 85 -6.68 17.19 -7.36
N SER B 86 -5.57 16.67 -6.90
CA SER B 86 -4.53 16.15 -7.76
C SER B 86 -4.42 14.65 -7.58
N LEU B 87 -4.50 13.91 -8.67
CA LEU B 87 -4.18 12.49 -8.63
C LEU B 87 -2.79 12.27 -9.19
N LEU B 88 -2.12 11.28 -8.66
CA LEU B 88 -0.83 10.87 -9.19
C LEU B 88 -0.89 9.40 -9.51
N GLY B 89 -0.07 8.96 -10.44
CA GLY B 89 -0.09 7.57 -10.82
C GLY B 89 1.14 7.12 -11.57
N TYR B 90 1.04 5.92 -12.11
CA TYR B 90 2.11 5.26 -12.82
C TYR B 90 1.74 5.02 -14.28
N LEU B 91 2.50 5.61 -15.19
CA LEU B 91 2.33 5.32 -16.60
C LEU B 91 3.07 4.05 -16.98
N HIS B 92 2.32 3.07 -17.42
CA HIS B 92 2.89 1.84 -17.91
C HIS B 92 3.06 1.94 -19.42
N ASP B 93 3.71 0.94 -20.03
CA ASP B 93 3.88 0.88 -21.49
C ASP B 93 4.94 1.86 -21.95
N ILE B 94 5.58 2.51 -20.99
CA ILE B 94 6.62 3.49 -21.29
C ILE B 94 7.87 2.80 -21.83
N ASP B 95 8.33 3.24 -22.99
CA ASP B 95 9.53 2.70 -23.59
C ASP B 95 10.76 3.27 -22.88
N SER B 96 11.07 2.71 -21.73
CA SER B 96 12.21 3.12 -20.95
C SER B 96 12.67 1.97 -20.09
N GLY B 97 13.97 1.75 -20.04
CA GLY B 97 14.53 0.68 -19.24
C GLY B 97 16.04 0.73 -19.21
N SER B 98 16.58 1.94 -19.20
CA SER B 98 18.02 2.14 -19.19
C SER B 98 18.32 3.62 -19.02
N PHE C 1 21.15 -14.70 -10.54
CA PHE C 1 19.83 -15.10 -11.07
C PHE C 1 18.75 -14.93 -10.00
N GLN C 2 18.32 -13.71 -9.78
CA GLN C 2 17.30 -13.42 -8.79
C GLN C 2 16.42 -12.28 -9.24
N GLY C 3 15.39 -11.97 -8.46
CA GLY C 3 14.48 -10.91 -8.80
C GLY C 3 15.12 -9.53 -8.65
N ALA C 4 14.58 -8.55 -9.38
CA ALA C 4 15.11 -7.20 -9.37
C ALA C 4 15.01 -6.59 -7.97
N MET C 5 15.85 -5.60 -7.71
CA MET C 5 15.88 -4.94 -6.41
C MET C 5 16.00 -3.43 -6.58
N ALA C 6 15.42 -2.69 -5.66
CA ALA C 6 15.50 -1.24 -5.68
C ALA C 6 16.34 -0.75 -4.51
N MET C 7 17.04 0.36 -4.73
CA MET C 7 17.89 0.93 -3.69
C MET C 7 17.13 1.98 -2.89
N PHE C 8 17.70 2.41 -1.78
CA PHE C 8 17.04 3.38 -0.90
C PHE C 8 17.16 4.81 -1.42
N TRP C 9 16.02 5.49 -1.48
CA TRP C 9 15.96 6.90 -1.85
C TRP C 9 15.50 7.73 -0.65
N GLY C 10 15.98 8.96 -0.55
CA GLY C 10 15.58 9.83 0.53
C GLY C 10 15.58 11.29 0.13
N LEU C 11 14.65 12.06 0.69
CA LEU C 11 14.55 13.48 0.40
C LEU C 11 14.25 14.28 1.68
N ASN C 12 15.23 15.04 2.13
CA ASN C 12 15.07 15.92 3.28
C ASN C 12 14.49 17.26 2.84
N MET C 13 13.29 17.57 3.32
CA MET C 13 12.60 18.80 2.92
C MET C 13 12.76 19.92 3.93
N LYS C 14 13.14 21.08 3.43
CA LYS C 14 13.22 22.28 4.24
C LYS C 14 11.96 23.12 4.00
N PRO C 15 11.29 23.59 5.07
CA PRO C 15 10.03 24.33 4.97
C PRO C 15 10.04 25.42 3.89
N GLU C 16 9.15 25.26 2.90
CA GLU C 16 9.00 26.22 1.82
C GLU C 16 10.27 26.30 0.97
N ARG C 17 10.68 25.15 0.45
CA ARG C 17 11.78 25.11 -0.49
C ARG C 17 11.34 24.41 -1.76
N LYS C 18 11.68 24.98 -2.90
CA LYS C 18 11.35 24.37 -4.17
C LYS C 18 12.56 23.70 -4.80
N TYR C 19 12.50 22.39 -4.94
CA TYR C 19 13.57 21.68 -5.62
C TYR C 19 13.09 21.25 -7.00
N SER C 20 13.52 21.98 -8.03
CA SER C 20 13.24 21.57 -9.38
C SER C 20 14.34 20.66 -9.86
N GLN C 21 14.09 19.36 -9.81
CA GLN C 21 15.14 18.36 -9.97
C GLN C 21 14.99 17.57 -11.27
N THR C 22 16.13 17.21 -11.83
CA THR C 22 16.17 16.36 -13.01
C THR C 22 16.50 14.92 -12.58
N ILE C 23 15.89 13.96 -13.25
CA ILE C 23 16.01 12.57 -12.83
C ILE C 23 16.87 11.77 -13.79
N ILE C 24 17.87 11.10 -13.22
CA ILE C 24 18.75 10.24 -13.98
C ILE C 24 18.36 8.79 -13.72
N LYS C 25 18.24 8.47 -12.44
CA LYS C 25 17.76 7.16 -12.01
C LYS C 25 16.32 7.27 -11.55
N SER C 26 15.45 6.49 -12.17
CA SER C 26 14.02 6.51 -11.88
C SER C 26 13.79 6.12 -10.43
N PHE C 27 12.82 6.75 -9.77
CA PHE C 27 12.58 6.44 -8.37
C PHE C 27 11.13 6.56 -7.95
N HIS C 28 10.77 5.72 -6.99
CA HIS C 28 9.44 5.72 -6.40
C HIS C 28 9.49 6.39 -5.04
N ILE C 29 8.67 7.40 -4.82
CA ILE C 29 8.55 7.98 -3.49
C ILE C 29 7.49 7.20 -2.72
N SER C 30 7.82 6.81 -1.50
CA SER C 30 6.99 5.88 -0.76
C SER C 30 6.41 6.50 0.50
N GLY C 31 6.91 7.66 0.90
CA GLY C 31 6.34 8.31 2.07
C GLY C 31 7.01 9.62 2.42
N VAL C 32 6.28 10.44 3.17
CA VAL C 32 6.78 11.71 3.68
C VAL C 32 6.26 11.94 5.10
N ALA C 33 7.10 12.44 6.00
CA ALA C 33 6.68 12.62 7.40
C ALA C 33 7.45 13.75 8.07
N LEU C 34 6.86 14.33 9.13
CA LEU C 34 7.52 15.40 9.88
C LEU C 34 7.60 15.09 11.35
N ASP C 35 8.67 15.58 11.97
CA ASP C 35 8.81 15.57 13.41
C ASP C 35 8.71 16.99 13.93
N LYS C 36 9.56 17.85 13.40
CA LYS C 36 9.49 19.26 13.72
C LYS C 36 8.80 20.00 12.59
N GLY C 37 7.79 20.78 12.95
CA GLY C 37 7.10 21.55 11.95
C GLY C 37 5.65 21.80 12.32
N GLN C 38 5.04 22.77 11.67
CA GLN C 38 3.63 23.05 11.87
C GLN C 38 2.79 22.49 10.74
N GLU C 39 3.21 22.76 9.50
CA GLU C 39 2.53 22.24 8.32
C GLU C 39 3.51 22.09 7.17
N ALA C 40 3.48 20.95 6.50
CA ALA C 40 4.19 20.80 5.26
C ALA C 40 3.24 20.29 4.17
N LYS C 41 2.98 21.13 3.19
CA LYS C 41 2.18 20.73 2.06
C LYS C 41 3.10 20.30 0.94
N LEU C 42 3.08 19.02 0.64
CA LEU C 42 4.01 18.46 -0.33
C LEU C 42 3.45 18.62 -1.72
N TYR C 43 4.04 19.52 -2.48
CA TYR C 43 3.60 19.78 -3.84
C TYR C 43 4.60 19.24 -4.82
N LEU C 44 4.08 18.79 -5.93
CA LEU C 44 4.87 18.30 -7.03
C LEU C 44 4.42 18.96 -8.32
N ALA C 45 5.30 19.73 -8.92
CA ALA C 45 5.00 20.34 -10.20
C ALA C 45 5.73 19.60 -11.31
N ALA C 46 4.96 18.87 -12.11
CA ALA C 46 5.50 18.05 -13.17
C ALA C 46 4.57 18.09 -14.36
N GLU C 47 5.13 17.95 -15.56
CA GLU C 47 4.35 18.00 -16.80
C GLU C 47 3.59 19.33 -16.89
N LYS C 48 4.19 20.37 -16.32
CA LYS C 48 3.60 21.71 -16.29
C LYS C 48 2.27 21.72 -15.54
N GLN C 49 2.20 20.98 -14.44
CA GLN C 49 0.99 20.90 -13.65
C GLN C 49 1.34 20.81 -12.17
N GLU C 50 0.64 21.56 -11.33
CA GLU C 50 0.86 21.51 -9.89
C GLU C 50 0.04 20.41 -9.27
N TYR C 51 0.72 19.44 -8.66
CA TYR C 51 0.05 18.34 -7.99
C TYR C 51 0.29 18.41 -6.50
N ILE C 52 -0.77 18.46 -5.72
CA ILE C 52 -0.66 18.31 -4.28
C ILE C 52 -0.55 16.83 -3.95
N VAL C 53 0.66 16.36 -3.69
CA VAL C 53 0.90 14.93 -3.51
C VAL C 53 0.66 14.51 -2.07
N ALA C 54 0.95 15.36 -1.10
CA ALA C 54 0.72 15.02 0.29
C ALA C 54 0.47 16.24 1.17
N THR C 55 -0.40 16.09 2.14
CA THR C 55 -0.56 17.09 3.17
C THR C 55 -0.13 16.52 4.51
N VAL C 56 1.06 16.87 4.96
CA VAL C 56 1.58 16.33 6.19
C VAL C 56 1.76 17.45 7.22
N THR C 57 0.99 17.37 8.28
CA THR C 57 0.97 18.41 9.30
C THR C 57 1.29 17.83 10.67
N LYS C 58 1.25 18.66 11.70
CA LYS C 58 1.33 18.15 13.08
C LYS C 58 0.17 17.18 13.34
N ALA C 59 -0.98 17.49 12.76
CA ALA C 59 -2.17 16.67 12.92
C ALA C 59 -2.03 15.36 12.16
N ILE C 60 -1.44 15.44 10.98
CA ILE C 60 -1.13 14.26 10.18
C ILE C 60 0.39 14.16 10.06
N PRO C 61 1.06 13.59 11.08
CA PRO C 61 2.52 13.64 11.22
C PRO C 61 3.26 12.84 10.15
N GLN C 62 2.52 12.11 9.33
CA GLN C 62 3.14 11.24 8.34
C GLN C 62 2.16 10.86 7.25
N VAL C 63 2.61 10.99 6.02
CA VAL C 63 1.82 10.59 4.86
C VAL C 63 2.54 9.52 4.07
N ALA C 64 1.92 8.36 3.95
CA ALA C 64 2.45 7.29 3.13
C ALA C 64 2.08 7.54 1.67
N LEU C 65 3.08 7.50 0.79
CA LEU C 65 2.88 7.87 -0.60
C LEU C 65 3.20 6.73 -1.55
N ASP C 66 2.73 6.88 -2.78
CA ASP C 66 3.13 6.01 -3.86
C ASP C 66 3.31 6.84 -5.12
N LEU C 67 4.54 7.19 -5.40
CA LEU C 67 4.87 8.00 -6.57
C LEU C 67 6.02 7.34 -7.30
N ASN C 68 6.16 7.60 -8.58
CA ASN C 68 7.31 7.12 -9.33
C ASN C 68 7.54 8.01 -10.53
N PHE C 69 8.76 8.47 -10.67
CA PHE C 69 9.13 9.33 -11.78
C PHE C 69 10.29 8.71 -12.55
N SER C 70 10.29 8.88 -13.86
CA SER C 70 11.29 8.25 -14.71
C SER C 70 12.41 9.21 -15.09
N LYS C 71 13.35 8.73 -15.89
CA LYS C 71 14.48 9.54 -16.35
C LYS C 71 13.98 10.72 -17.17
N GLY C 72 12.86 10.51 -17.86
CA GLY C 72 12.30 11.55 -18.72
C GLY C 72 11.42 12.52 -17.95
N ASP C 73 11.33 12.36 -16.64
CA ASP C 73 10.53 13.25 -15.83
C ASP C 73 11.41 14.30 -15.15
N ARG C 74 11.14 15.56 -15.46
CA ARG C 74 11.81 16.66 -14.77
C ARG C 74 10.78 17.38 -13.93
N ILE C 75 10.86 17.19 -12.64
CA ILE C 75 9.78 17.59 -11.75
C ILE C 75 10.28 18.59 -10.71
N MET C 76 9.35 19.21 -10.00
CA MET C 76 9.73 20.02 -8.87
C MET C 76 9.03 19.53 -7.63
N PHE C 77 9.80 19.25 -6.60
CA PHE C 77 9.22 18.86 -5.34
C PHE C 77 9.40 20.00 -4.37
N TYR C 78 8.32 20.42 -3.74
CA TYR C 78 8.40 21.56 -2.86
C TYR C 78 7.30 21.55 -1.81
N THR C 79 7.68 21.95 -0.61
CA THR C 79 6.74 21.97 0.50
C THR C 79 6.33 23.39 0.83
N ALA C 80 5.05 23.57 1.12
CA ALA C 80 4.54 24.85 1.57
C ALA C 80 4.20 24.80 3.05
N GLY C 81 4.26 25.96 3.69
CA GLY C 81 4.02 26.02 5.13
C GLY C 81 5.32 25.92 5.89
N ASP C 82 5.25 25.83 7.20
CA ASP C 82 6.46 25.68 7.98
C ASP C 82 6.48 24.32 8.64
N ALA C 83 7.27 23.43 8.08
CA ALA C 83 7.60 22.15 8.69
C ALA C 83 8.70 21.48 7.90
N SER C 84 9.46 20.64 8.57
CA SER C 84 10.54 19.92 7.92
C SER C 84 10.20 18.43 7.81
N VAL C 85 10.21 17.91 6.59
CA VAL C 85 9.76 16.54 6.36
C VAL C 85 10.80 15.70 5.67
N SER C 86 10.73 14.40 5.90
CA SER C 86 11.59 13.45 5.24
C SER C 86 10.77 12.57 4.33
N LEU C 87 11.16 12.48 3.06
CA LEU C 87 10.57 11.50 2.17
C LEU C 87 11.51 10.34 2.00
N LEU C 88 10.95 9.17 1.83
CA LEU C 88 11.74 7.99 1.53
C LEU C 88 11.20 7.37 0.26
N GLY C 89 12.05 6.64 -0.44
CA GLY C 89 11.63 6.04 -1.68
C GLY C 89 12.53 4.93 -2.17
N TYR C 90 12.28 4.53 -3.41
CA TYR C 90 12.97 3.44 -4.06
C TYR C 90 13.74 3.94 -5.28
N LEU C 91 15.05 3.77 -5.26
CA LEU C 91 15.86 4.06 -6.43
C LEU C 91 15.84 2.88 -7.39
N HIS C 92 15.33 3.11 -8.57
CA HIS C 92 15.32 2.11 -9.62
C HIS C 92 16.56 2.33 -10.48
N ASP C 93 16.80 1.42 -11.43
CA ASP C 93 17.92 1.52 -12.38
C ASP C 93 19.25 1.21 -11.70
N ILE C 94 19.17 0.81 -10.44
CA ILE C 94 20.37 0.48 -9.68
C ILE C 94 21.00 -0.80 -10.19
N ASP C 95 22.28 -0.73 -10.52
CA ASP C 95 23.02 -1.90 -10.99
C ASP C 95 23.37 -2.79 -9.79
N SER C 96 22.40 -3.56 -9.36
CA SER C 96 22.58 -4.47 -8.25
C SER C 96 21.59 -5.63 -8.39
N GLY C 97 22.06 -6.84 -8.17
CA GLY C 97 21.20 -8.00 -8.26
C GLY C 97 21.92 -9.26 -7.82
N SER C 98 22.76 -9.12 -6.80
CA SER C 98 23.54 -10.22 -6.28
C SER C 98 24.29 -9.77 -5.03
N PHE D 1 10.35 -23.05 -11.73
CA PHE D 1 9.92 -22.04 -12.72
C PHE D 1 8.72 -21.27 -12.19
N GLN D 2 8.97 -20.33 -11.28
CA GLN D 2 7.90 -19.53 -10.70
C GLN D 2 8.39 -18.11 -10.43
N GLY D 3 7.49 -17.25 -9.98
CA GLY D 3 7.84 -15.89 -9.67
C GLY D 3 8.72 -15.78 -8.43
N ALA D 4 9.48 -14.70 -8.35
CA ALA D 4 10.39 -14.47 -7.24
C ALA D 4 9.63 -14.35 -5.92
N MET D 5 10.31 -14.63 -4.82
CA MET D 5 9.70 -14.58 -3.51
C MET D 5 10.63 -13.91 -2.52
N ALA D 6 10.05 -13.23 -1.54
CA ALA D 6 10.83 -12.57 -0.50
C ALA D 6 10.61 -13.27 0.83
N MET D 7 11.63 -13.26 1.67
CA MET D 7 11.57 -13.90 2.97
C MET D 7 11.14 -12.90 4.04
N PHE D 8 10.81 -13.38 5.23
CA PHE D 8 10.33 -12.52 6.30
C PHE D 8 11.48 -11.80 7.02
N TRP D 9 11.34 -10.49 7.16
CA TRP D 9 12.28 -9.67 7.91
C TRP D 9 11.60 -9.11 9.16
N GLY D 10 12.36 -8.91 10.22
CA GLY D 10 11.81 -8.37 11.45
C GLY D 10 12.82 -7.56 12.23
N LEU D 11 12.37 -6.50 12.89
CA LEU D 11 13.23 -5.66 13.69
C LEU D 11 12.56 -5.27 15.00
N ASN D 12 13.06 -5.80 16.10
CA ASN D 12 12.57 -5.46 17.43
C ASN D 12 13.29 -4.22 17.94
N MET D 13 12.54 -3.14 18.16
CA MET D 13 13.12 -1.87 18.59
C MET D 13 13.00 -1.65 20.08
N LYS D 14 14.12 -1.28 20.69
CA LYS D 14 14.16 -0.91 22.09
C LYS D 14 14.17 0.61 22.19
N PRO D 15 13.32 1.20 23.05
CA PRO D 15 13.16 2.66 23.18
C PRO D 15 14.49 3.40 23.25
N GLU D 16 14.72 4.26 22.26
CA GLU D 16 15.93 5.09 22.19
C GLU D 16 17.17 4.23 22.04
N ARG D 17 17.19 3.41 21.00
CA ARG D 17 18.37 2.66 20.64
C ARG D 17 18.73 2.93 19.20
N LYS D 18 20.02 3.15 18.95
CA LYS D 18 20.49 3.38 17.59
C LYS D 18 21.18 2.16 17.04
N TYR D 19 20.61 1.58 15.99
CA TYR D 19 21.25 0.47 15.33
C TYR D 19 21.83 0.94 14.01
N SER D 20 23.13 1.13 13.97
CA SER D 20 23.80 1.45 12.72
C SER D 20 24.21 0.15 12.05
N GLN D 21 23.41 -0.29 11.09
CA GLN D 21 23.52 -1.64 10.55
C GLN D 21 24.01 -1.65 9.11
N THR D 22 24.78 -2.67 8.78
CA THR D 22 25.24 -2.90 7.43
C THR D 22 24.36 -3.97 6.78
N ILE D 23 24.09 -3.81 5.49
CA ILE D 23 23.14 -4.68 4.81
C ILE D 23 23.85 -5.61 3.84
N ILE D 24 23.58 -6.90 4.01
CA ILE D 24 24.12 -7.93 3.13
C ILE D 24 23.03 -8.36 2.17
N LYS D 25 21.87 -8.69 2.73
CA LYS D 25 20.69 -9.02 1.95
C LYS D 25 19.73 -7.84 1.95
N SER D 26 19.40 -7.36 0.76
CA SER D 26 18.53 -6.21 0.59
C SER D 26 17.15 -6.50 1.20
N PHE D 27 16.53 -5.50 1.81
CA PHE D 27 15.24 -5.75 2.44
C PHE D 27 14.32 -4.53 2.41
N HIS D 28 13.03 -4.84 2.34
CA HIS D 28 11.97 -3.84 2.38
C HIS D 28 11.34 -3.83 3.75
N ILE D 29 11.30 -2.67 4.39
CA ILE D 29 10.55 -2.54 5.64
C ILE D 29 9.11 -2.20 5.31
N SER D 30 8.18 -2.91 5.91
CA SER D 30 6.78 -2.83 5.51
C SER D 30 5.89 -2.28 6.62
N GLY D 31 6.41 -2.21 7.84
CA GLY D 31 5.61 -1.64 8.91
C GLY D 31 6.32 -1.62 10.25
N VAL D 32 5.84 -0.74 11.12
CA VAL D 32 6.33 -0.64 12.50
C VAL D 32 5.15 -0.37 13.45
N ALA D 33 5.13 -1.01 14.61
CA ALA D 33 4.01 -0.84 15.53
C ALA D 33 4.43 -1.07 16.98
N LEU D 34 3.68 -0.49 17.92
CA LEU D 34 3.97 -0.66 19.35
C LEU D 34 2.77 -1.19 20.11
N ASP D 35 3.07 -1.96 21.14
CA ASP D 35 2.06 -2.37 22.11
C ASP D 35 2.34 -1.69 23.43
N LYS D 36 3.56 -1.86 23.93
CA LYS D 36 3.99 -1.18 25.12
C LYS D 36 4.85 0.00 24.73
N GLY D 37 4.52 1.17 25.24
CA GLY D 37 5.30 2.34 24.97
C GLY D 37 4.48 3.60 24.99
N GLN D 38 5.15 4.74 25.10
CA GLN D 38 4.48 6.02 25.06
C GLN D 38 4.64 6.69 23.70
N GLU D 39 5.88 6.69 23.19
CA GLU D 39 6.17 7.26 21.88
C GLU D 39 7.39 6.58 21.28
N ALA D 40 7.30 6.18 20.03
CA ALA D 40 8.48 5.77 19.30
C ALA D 40 8.57 6.52 17.98
N LYS D 41 9.58 7.36 17.88
CA LYS D 41 9.84 8.06 16.63
C LYS D 41 10.88 7.30 15.85
N LEU D 42 10.46 6.73 14.73
CA LEU D 42 11.32 5.86 13.96
C LEU D 42 12.16 6.70 13.00
N TYR D 43 13.43 6.81 13.32
CA TYR D 43 14.35 7.57 12.50
C TYR D 43 15.28 6.65 11.74
N LEU D 44 15.62 7.09 10.56
CA LEU D 44 16.55 6.40 9.71
C LEU D 44 17.61 7.38 9.22
N ALA D 45 18.84 7.13 9.61
CA ALA D 45 19.94 7.95 9.13
C ALA D 45 20.72 7.19 8.07
N ALA D 46 20.59 7.63 6.84
CA ALA D 46 21.22 6.97 5.70
C ALA D 46 21.67 8.03 4.71
N GLU D 47 22.74 7.72 3.98
CA GLU D 47 23.30 8.65 3.00
C GLU D 47 23.68 9.98 3.68
N LYS D 48 24.06 9.88 4.96
CA LYS D 48 24.42 11.03 5.77
C LYS D 48 23.25 12.01 5.90
N GLN D 49 22.06 11.47 6.08
CA GLN D 49 20.87 12.30 6.22
C GLN D 49 19.90 11.66 7.22
N GLU D 50 19.33 12.47 8.10
CA GLU D 50 18.37 11.96 9.07
C GLU D 50 16.97 11.98 8.48
N TYR D 51 16.37 10.81 8.35
CA TYR D 51 15.03 10.68 7.83
C TYR D 51 14.07 10.21 8.92
N ILE D 52 13.04 10.99 9.18
CA ILE D 52 11.96 10.52 10.04
C ILE D 52 11.03 9.63 9.23
N VAL D 53 11.18 8.32 9.39
CA VAL D 53 10.45 7.37 8.55
C VAL D 53 9.06 7.07 9.11
N ALA D 54 8.91 7.07 10.44
CA ALA D 54 7.62 6.80 11.04
C ALA D 54 7.47 7.44 12.40
N THR D 55 6.27 7.91 12.71
CA THR D 55 5.95 8.34 14.04
C THR D 55 4.88 7.42 14.62
N VAL D 56 5.28 6.50 15.48
CA VAL D 56 4.35 5.55 16.04
C VAL D 56 4.24 5.74 17.55
N THR D 57 3.07 6.14 17.98
CA THR D 57 2.82 6.47 19.38
C THR D 57 1.68 5.64 19.95
N LYS D 58 1.32 5.88 21.19
CA LYS D 58 0.09 5.28 21.74
C LYS D 58 -1.11 5.73 20.92
N ALA D 59 -1.07 6.97 20.46
CA ALA D 59 -2.15 7.53 19.66
C ALA D 59 -2.19 6.90 18.28
N ILE D 60 -1.00 6.69 17.71
CA ILE D 60 -0.86 6.01 16.44
C ILE D 60 -0.11 4.70 16.69
N PRO D 61 -0.83 3.64 17.13
CA PRO D 61 -0.23 2.41 17.64
C PRO D 61 0.51 1.60 16.58
N GLN D 62 0.41 2.02 15.33
CA GLN D 62 0.98 1.26 14.23
C GLN D 62 1.14 2.13 12.99
N VAL D 63 2.31 2.06 12.40
CA VAL D 63 2.59 2.76 11.15
C VAL D 63 2.99 1.77 10.06
N ALA D 64 2.19 1.75 9.00
CA ALA D 64 2.52 0.93 7.83
C ALA D 64 3.54 1.65 6.98
N LEU D 65 4.62 0.97 6.64
CA LEU D 65 5.73 1.60 5.94
C LEU D 65 6.02 0.95 4.60
N ASP D 66 6.77 1.67 3.78
CA ASP D 66 7.31 1.11 2.56
C ASP D 66 8.73 1.63 2.38
N LEU D 67 9.70 0.83 2.78
CA LEU D 67 11.10 1.18 2.67
C LEU D 67 11.85 0.03 2.04
N ASN D 68 12.98 0.30 1.43
CA ASN D 68 13.82 -0.76 0.90
C ASN D 68 15.25 -0.27 0.82
N PHE D 69 16.16 -1.04 1.37
CA PHE D 69 17.57 -0.70 1.36
C PHE D 69 18.36 -1.84 0.72
N SER D 70 19.42 -1.49 0.01
CA SER D 70 20.19 -2.47 -0.74
C SER D 70 21.47 -2.86 -0.01
N LYS D 71 22.26 -3.74 -0.62
CA LYS D 71 23.50 -4.19 -0.05
C LYS D 71 24.47 -3.02 0.13
N GLY D 72 24.35 -2.04 -0.77
CA GLY D 72 25.22 -0.88 -0.73
C GLY D 72 24.73 0.20 0.22
N ASP D 73 23.65 -0.08 0.94
CA ASP D 73 23.12 0.88 1.89
C ASP D 73 23.56 0.53 3.31
N ARG D 74 24.29 1.43 3.94
CA ARG D 74 24.64 1.28 5.35
C ARG D 74 23.91 2.34 6.13
N ILE D 75 22.89 1.92 6.86
CA ILE D 75 21.94 2.86 7.45
C ILE D 75 21.91 2.72 8.95
N MET D 76 21.27 3.67 9.61
CA MET D 76 21.02 3.53 11.03
C MET D 76 19.53 3.63 11.29
N PHE D 77 19.00 2.63 11.97
CA PHE D 77 17.62 2.68 12.36
C PHE D 77 17.55 2.89 13.85
N TYR D 78 16.80 3.88 14.27
CA TYR D 78 16.76 4.22 15.67
C TYR D 78 15.48 4.92 16.06
N THR D 79 14.96 4.57 17.22
CA THR D 79 13.73 5.14 17.71
C THR D 79 13.99 6.13 18.83
N ALA D 80 13.27 7.24 18.81
CA ALA D 80 13.35 8.23 19.88
C ALA D 80 12.08 8.19 20.72
N GLY D 81 12.20 8.58 21.97
CA GLY D 81 11.08 8.52 22.88
C GLY D 81 11.08 7.23 23.65
N ASP D 82 10.03 6.98 24.43
CA ASP D 82 9.95 5.73 25.15
C ASP D 82 8.81 4.90 24.61
N ALA D 83 9.15 3.90 23.83
CA ALA D 83 8.23 2.87 23.41
C ALA D 83 8.98 1.76 22.70
N SER D 84 8.43 0.56 22.74
CA SER D 84 9.05 -0.58 22.09
C SER D 84 8.24 -1.00 20.87
N VAL D 85 8.88 -1.03 19.70
CA VAL D 85 8.15 -1.28 18.47
C VAL D 85 8.73 -2.45 17.69
N SER D 86 7.88 -3.08 16.91
CA SER D 86 8.30 -4.14 16.03
C SER D 86 8.14 -3.70 14.58
N LEU D 87 9.21 -3.82 13.80
CA LEU D 87 9.10 -3.63 12.37
C LEU D 87 9.09 -4.98 11.69
N LEU D 88 8.37 -5.06 10.59
CA LEU D 88 8.38 -6.24 9.77
C LEU D 88 8.74 -5.85 8.35
N GLY D 89 9.30 -6.78 7.61
CA GLY D 89 9.70 -6.47 6.26
C GLY D 89 9.94 -7.69 5.39
N TYR D 90 10.53 -7.43 4.24
CA TYR D 90 10.78 -8.43 3.22
C TYR D 90 12.28 -8.59 2.98
N LEU D 91 12.79 -9.77 3.22
CA LEU D 91 14.18 -10.07 2.88
C LEU D 91 14.29 -10.46 1.41
N HIS D 92 15.02 -9.67 0.66
CA HIS D 92 15.30 -9.96 -0.72
C HIS D 92 16.62 -10.73 -0.81
N ASP D 93 16.96 -11.19 -2.00
CA ASP D 93 18.24 -11.89 -2.25
C ASP D 93 18.20 -13.30 -1.68
N ILE D 94 17.05 -13.69 -1.16
CA ILE D 94 16.88 -15.01 -0.58
C ILE D 94 16.92 -16.08 -1.67
N ASP D 95 17.79 -17.06 -1.49
CA ASP D 95 17.89 -18.17 -2.42
C ASP D 95 16.75 -19.15 -2.19
N SER D 96 15.59 -18.81 -2.73
CA SER D 96 14.41 -19.63 -2.60
C SER D 96 13.48 -19.34 -3.77
N GLY D 97 12.94 -20.40 -4.36
CA GLY D 97 12.03 -20.23 -5.48
C GLY D 97 11.41 -21.54 -5.89
N SER D 98 11.13 -22.38 -4.91
CA SER D 98 10.56 -23.70 -5.15
C SER D 98 10.23 -24.35 -3.81
N PHE E 1 2.04 -17.78 -21.35
CA PHE E 1 3.07 -16.72 -21.37
C PHE E 1 2.50 -15.42 -20.79
N GLN E 2 2.41 -15.36 -19.48
CA GLN E 2 1.89 -14.18 -18.81
C GLN E 2 2.61 -13.95 -17.49
N GLY E 3 2.28 -12.84 -16.83
CA GLY E 3 2.91 -12.53 -15.56
C GLY E 3 2.46 -13.47 -14.45
N ALA E 4 3.30 -13.59 -13.42
CA ALA E 4 3.02 -14.47 -12.29
C ALA E 4 1.76 -14.03 -11.56
N MET E 5 1.15 -14.97 -10.86
CA MET E 5 -0.09 -14.71 -10.13
C MET E 5 -0.04 -15.36 -8.76
N ALA E 6 -0.69 -14.73 -7.79
CA ALA E 6 -0.77 -15.26 -6.44
C ALA E 6 -2.19 -15.70 -6.13
N MET E 7 -2.31 -16.74 -5.32
CA MET E 7 -3.62 -17.26 -4.95
C MET E 7 -4.10 -16.63 -3.64
N PHE E 8 -5.36 -16.83 -3.30
CA PHE E 8 -5.95 -16.23 -2.12
C PHE E 8 -5.57 -16.98 -0.84
N TRP E 9 -5.10 -16.23 0.15
CA TRP E 9 -4.80 -16.76 1.48
C TRP E 9 -5.75 -16.17 2.50
N GLY E 10 -6.08 -16.93 3.53
CA GLY E 10 -6.97 -16.45 4.58
C GLY E 10 -6.65 -17.06 5.93
N LEU E 11 -6.84 -16.28 6.98
CA LEU E 11 -6.60 -16.76 8.35
C LEU E 11 -7.68 -16.26 9.30
N ASN E 12 -8.51 -17.18 9.76
CA ASN E 12 -9.54 -16.87 10.74
C ASN E 12 -8.97 -16.96 12.16
N MET E 13 -8.94 -15.84 12.87
CA MET E 13 -8.36 -15.77 14.19
C MET E 13 -9.40 -15.88 15.30
N LYS E 14 -9.13 -16.76 16.25
CA LYS E 14 -9.96 -16.90 17.43
C LYS E 14 -9.27 -16.17 18.59
N PRO E 15 -10.02 -15.33 19.34
CA PRO E 15 -9.46 -14.51 20.42
C PRO E 15 -8.52 -15.27 21.36
N GLU E 16 -7.26 -14.83 21.39
CA GLU E 16 -6.24 -15.41 22.24
C GLU E 16 -5.96 -16.86 21.86
N ARG E 17 -5.60 -17.06 20.60
CA ARG E 17 -5.16 -18.37 20.14
C ARG E 17 -3.79 -18.24 19.49
N LYS E 18 -2.90 -19.16 19.82
CA LYS E 18 -1.58 -19.17 19.24
C LYS E 18 -1.45 -20.24 18.19
N TYR E 19 -1.24 -19.84 16.94
CA TYR E 19 -1.00 -20.80 15.89
C TYR E 19 0.47 -20.78 15.51
N SER E 20 1.20 -21.78 15.97
CA SER E 20 2.59 -21.92 15.56
C SER E 20 2.64 -22.78 14.30
N GLN E 21 2.74 -22.12 13.16
CA GLN E 21 2.52 -22.78 11.87
C GLN E 21 3.80 -22.90 11.06
N THR E 22 3.89 -24.00 10.31
CA THR E 22 4.98 -24.21 9.39
C THR E 22 4.52 -23.87 7.97
N ILE E 23 5.41 -23.30 7.18
CA ILE E 23 5.04 -22.80 5.87
C ILE E 23 5.61 -23.67 4.76
N ILE E 24 4.74 -24.11 3.88
CA ILE E 24 5.12 -24.90 2.72
C ILE E 24 5.10 -24.00 1.50
N LYS E 25 3.98 -23.30 1.32
CA LYS E 25 3.83 -22.31 0.27
C LYS E 25 3.95 -20.92 0.86
N SER E 26 4.91 -20.15 0.34
CA SER E 26 5.19 -18.81 0.82
C SER E 26 3.97 -17.92 0.65
N PHE E 27 3.71 -17.03 1.59
CA PHE E 27 2.53 -16.20 1.49
C PHE E 27 2.72 -14.81 2.09
N HIS E 28 2.01 -13.85 1.48
CA HIS E 28 1.98 -12.48 1.95
C HIS E 28 0.68 -12.21 2.69
N ILE E 29 0.77 -11.73 3.91
CA ILE E 29 -0.43 -11.30 4.61
C ILE E 29 -0.70 -9.84 4.27
N SER E 30 -1.93 -9.54 3.90
CA SER E 30 -2.25 -8.24 3.35
C SER E 30 -3.21 -7.45 4.22
N GLY E 31 -3.82 -8.09 5.21
CA GLY E 31 -4.70 -7.36 6.09
C GLY E 31 -5.33 -8.22 7.17
N VAL E 32 -5.77 -7.55 8.23
CA VAL E 32 -6.49 -8.20 9.33
C VAL E 32 -7.60 -7.27 9.83
N ALA E 33 -8.77 -7.80 10.12
CA ALA E 33 -9.90 -6.97 10.55
C ALA E 33 -10.88 -7.72 11.44
N LEU E 34 -11.63 -7.00 12.26
CA LEU E 34 -12.62 -7.62 13.14
C LEU E 34 -14.00 -7.03 12.95
N ASP E 35 -15.00 -7.88 13.15
CA ASP E 35 -16.38 -7.44 13.22
C ASP E 35 -16.88 -7.60 14.64
N LYS E 36 -16.75 -8.81 15.15
CA LYS E 36 -17.09 -9.08 16.53
C LYS E 36 -15.81 -9.14 17.36
N GLY E 37 -15.78 -8.37 18.43
CA GLY E 37 -14.62 -8.40 19.29
C GLY E 37 -14.40 -7.08 19.99
N GLN E 38 -13.60 -7.11 21.04
CA GLN E 38 -13.26 -5.90 21.75
C GLN E 38 -11.85 -5.42 21.39
N GLU E 39 -10.90 -6.35 21.40
CA GLU E 39 -9.52 -6.05 21.01
C GLU E 39 -8.85 -7.29 20.47
N ALA E 40 -8.18 -7.16 19.34
CA ALA E 40 -7.29 -8.21 18.88
C ALA E 40 -5.91 -7.64 18.59
N LYS E 41 -4.94 -8.05 19.38
CA LYS E 41 -3.57 -7.67 19.14
C LYS E 41 -2.89 -8.76 18.36
N LEU E 42 -2.54 -8.47 17.11
CA LEU E 42 -2.00 -9.46 16.22
C LEU E 42 -0.50 -9.55 16.42
N TYR E 43 -0.07 -10.64 17.03
CA TYR E 43 1.34 -10.87 17.29
C TYR E 43 1.88 -11.94 16.39
N LEU E 44 3.12 -11.77 16.02
CA LEU E 44 3.83 -12.73 15.22
C LEU E 44 5.16 -13.04 15.87
N ALA E 45 5.35 -14.28 16.27
CA ALA E 45 6.62 -14.69 16.83
C ALA E 45 7.38 -15.51 15.81
N ALA E 46 8.43 -14.93 15.28
CA ALA E 46 9.24 -15.55 14.24
C ALA E 46 10.70 -15.21 14.47
N GLU E 47 11.59 -16.11 14.06
CA GLU E 47 13.02 -15.93 14.23
C GLU E 47 13.36 -15.72 15.72
N LYS E 48 12.55 -16.34 16.58
CA LYS E 48 12.70 -16.25 18.03
C LYS E 48 12.54 -14.81 18.50
N GLN E 49 11.58 -14.09 17.92
CA GLN E 49 11.33 -12.71 18.29
C GLN E 49 9.83 -12.42 18.23
N GLU E 50 9.32 -11.72 19.22
CA GLU E 50 7.90 -11.36 19.24
C GLU E 50 7.69 -10.06 18.50
N TYR E 51 6.92 -10.11 17.43
CA TYR E 51 6.61 -8.92 16.65
C TYR E 51 5.13 -8.58 16.77
N ILE E 52 4.83 -7.38 17.21
CA ILE E 52 3.47 -6.88 17.16
C ILE E 52 3.18 -6.37 15.75
N VAL E 53 2.48 -7.18 14.96
CA VAL E 53 2.29 -6.87 13.56
C VAL E 53 1.08 -5.96 13.34
N ALA E 54 0.04 -6.11 14.16
CA ALA E 54 -1.14 -5.28 14.02
C ALA E 54 -1.88 -5.11 15.32
N THR E 55 -2.45 -3.94 15.54
CA THR E 55 -3.37 -3.72 16.63
C THR E 55 -4.74 -3.40 16.07
N VAL E 56 -5.63 -4.37 16.08
CA VAL E 56 -6.95 -4.17 15.51
C VAL E 56 -8.01 -4.29 16.61
N THR E 57 -8.68 -3.19 16.87
CA THR E 57 -9.66 -3.11 17.95
C THR E 57 -11.02 -2.68 17.42
N LYS E 58 -11.99 -2.50 18.31
CA LYS E 58 -13.26 -1.89 17.93
C LYS E 58 -13.01 -0.48 17.39
N ALA E 59 -12.03 0.20 17.97
CA ALA E 59 -11.68 1.56 17.58
C ALA E 59 -10.99 1.54 16.22
N ILE E 60 -10.12 0.56 16.02
CA ILE E 60 -9.47 0.36 14.73
C ILE E 60 -9.94 -0.97 14.15
N PRO E 61 -11.13 -0.98 13.51
CA PRO E 61 -11.82 -2.21 13.12
C PRO E 61 -11.10 -3.02 12.05
N GLN E 62 -10.04 -2.46 11.50
CA GLN E 62 -9.33 -3.10 10.40
C GLN E 62 -7.92 -2.54 10.25
N VAL E 63 -6.98 -3.44 10.12
CA VAL E 63 -5.58 -3.09 9.90
C VAL E 63 -5.09 -3.67 8.58
N ALA E 64 -4.70 -2.81 7.66
CA ALA E 64 -4.10 -3.25 6.41
C ALA E 64 -2.63 -3.57 6.63
N LEU E 65 -2.21 -4.75 6.21
CA LEU E 65 -0.87 -5.24 6.50
C LEU E 65 -0.08 -5.52 5.24
N ASP E 66 1.23 -5.64 5.42
CA ASP E 66 2.11 -6.12 4.37
C ASP E 66 3.16 -7.01 5.00
N LEU E 67 2.92 -8.31 4.93
CA LEU E 67 3.84 -9.29 5.49
C LEU E 67 4.08 -10.37 4.45
N ASN E 68 5.20 -11.06 4.54
CA ASN E 68 5.45 -12.20 3.66
C ASN E 68 6.43 -13.14 4.34
N PHE E 69 6.06 -14.41 4.38
CA PHE E 69 6.91 -15.41 5.00
C PHE E 69 7.18 -16.52 3.98
N SER E 70 8.38 -17.08 4.04
CA SER E 70 8.79 -18.07 3.06
C SER E 70 8.67 -19.50 3.59
N LYS E 71 9.05 -20.47 2.77
CA LYS E 71 9.00 -21.87 3.16
C LYS E 71 9.91 -22.13 4.36
N GLY E 72 10.98 -21.36 4.44
CA GLY E 72 11.94 -21.53 5.52
C GLY E 72 11.55 -20.77 6.77
N ASP E 73 10.38 -20.15 6.76
CA ASP E 73 9.91 -19.43 7.93
C ASP E 73 8.90 -20.24 8.72
N ARG E 74 9.23 -20.54 9.96
CA ARG E 74 8.30 -21.20 10.86
C ARG E 74 7.90 -20.21 11.93
N ILE E 75 6.68 -19.72 11.83
CA ILE E 75 6.27 -18.58 12.64
C ILE E 75 5.08 -18.92 13.51
N MET E 76 4.77 -18.05 14.45
CA MET E 76 3.54 -18.19 15.21
C MET E 76 2.71 -16.95 15.06
N PHE E 77 1.48 -17.13 14.65
CA PHE E 77 0.55 -16.03 14.57
C PHE E 77 -0.45 -16.18 15.67
N TYR E 78 -0.63 -15.13 16.45
CA TYR E 78 -1.51 -15.21 17.59
C TYR E 78 -2.06 -13.86 18.01
N THR E 79 -3.31 -13.85 18.38
CA THR E 79 -3.97 -12.62 18.78
C THR E 79 -4.18 -12.58 20.29
N ALA E 80 -3.95 -11.41 20.87
CA ALA E 80 -4.20 -11.21 22.29
C ALA E 80 -5.43 -10.33 22.47
N GLY E 81 -6.10 -10.50 23.60
CA GLY E 81 -7.32 -9.76 23.86
C GLY E 81 -8.53 -10.56 23.44
N ASP E 82 -9.70 -9.97 23.49
CA ASP E 82 -10.88 -10.67 23.04
C ASP E 82 -11.44 -10.00 21.80
N ALA E 83 -11.20 -10.64 20.68
CA ALA E 83 -11.84 -10.28 19.42
C ALA E 83 -11.52 -11.33 18.37
N SER E 84 -12.40 -11.46 17.40
CA SER E 84 -12.19 -12.42 16.32
C SER E 84 -11.90 -11.70 15.01
N VAL E 85 -10.77 -12.01 14.41
CA VAL E 85 -10.32 -11.28 13.23
C VAL E 85 -10.05 -12.18 12.04
N SER E 86 -10.19 -11.62 10.87
CA SER E 86 -9.87 -12.32 9.64
C SER E 86 -8.67 -11.68 8.97
N LEU E 87 -7.66 -12.48 8.66
CA LEU E 87 -6.57 -11.99 7.83
C LEU E 87 -6.75 -12.51 6.43
N LEU E 88 -6.32 -11.72 5.47
CA LEU E 88 -6.30 -12.15 4.09
C LEU E 88 -4.90 -11.97 3.55
N GLY E 89 -4.56 -12.76 2.55
CA GLY E 89 -3.22 -12.67 2.00
C GLY E 89 -3.08 -13.29 0.63
N TYR E 90 -1.82 -13.43 0.23
CA TYR E 90 -1.45 -13.92 -1.08
C TYR E 90 -0.66 -15.21 -0.96
N LEU E 91 -1.17 -16.29 -1.51
CA LEU E 91 -0.43 -17.54 -1.59
C LEU E 91 0.50 -17.51 -2.78
N HIS E 92 1.78 -17.60 -2.51
CA HIS E 92 2.79 -17.69 -3.56
C HIS E 92 3.09 -19.16 -3.81
N ASP E 93 3.90 -19.44 -4.83
CA ASP E 93 4.33 -20.82 -5.15
C ASP E 93 3.20 -21.60 -5.79
N ILE E 94 2.09 -20.93 -6.03
CA ILE E 94 0.94 -21.57 -6.64
C ILE E 94 1.22 -21.91 -8.10
N ASP E 95 1.01 -23.17 -8.45
CA ASP E 95 1.19 -23.61 -9.83
C ASP E 95 0.01 -23.18 -10.67
N SER E 96 0.02 -21.93 -11.07
CA SER E 96 -1.04 -21.37 -11.90
C SER E 96 -0.47 -20.20 -12.70
N GLY E 97 -0.82 -20.15 -13.97
CA GLY E 97 -0.35 -19.07 -14.82
C GLY E 97 -0.99 -19.13 -16.19
N SER E 98 -2.25 -19.51 -16.22
CA SER E 98 -2.99 -19.64 -17.47
C SER E 98 -4.45 -19.96 -17.15
N PHE A 1 8.73 -8.04 -20.98
CA PHE A 1 8.53 -6.85 -21.84
C PHE A 1 7.58 -5.87 -21.18
N GLN A 2 8.15 -4.76 -20.69
CA GLN A 2 7.39 -3.72 -19.98
C GLN A 2 6.63 -4.34 -18.80
N GLY A 3 5.34 -4.56 -18.96
CA GLY A 3 4.60 -5.27 -17.95
C GLY A 3 3.74 -4.38 -17.08
N ALA A 4 2.96 -5.02 -16.22
CA ALA A 4 2.06 -4.36 -15.29
C ALA A 4 0.92 -3.65 -16.02
N MET A 5 0.58 -4.16 -17.20
CA MET A 5 -0.47 -3.59 -18.03
C MET A 5 -1.82 -4.22 -17.65
N ALA A 6 -2.07 -4.27 -16.34
CA ALA A 6 -3.27 -4.90 -15.81
C ALA A 6 -4.52 -4.14 -16.22
N MET A 7 -5.63 -4.86 -16.31
CA MET A 7 -6.88 -4.28 -16.79
C MET A 7 -7.84 -4.01 -15.64
N PHE A 8 -8.58 -2.91 -15.74
CA PHE A 8 -9.43 -2.43 -14.65
C PHE A 8 -10.54 -3.42 -14.28
N TRP A 9 -10.89 -3.44 -13.00
CA TRP A 9 -11.94 -4.29 -12.45
C TRP A 9 -12.77 -3.48 -11.45
N GLY A 10 -14.06 -3.77 -11.39
CA GLY A 10 -14.92 -3.06 -10.47
C GLY A 10 -16.08 -3.92 -10.01
N LEU A 11 -16.57 -3.65 -8.80
CA LEU A 11 -17.67 -4.42 -8.23
C LEU A 11 -18.56 -3.54 -7.36
N ASN A 12 -19.76 -3.27 -7.82
CA ASN A 12 -20.72 -2.51 -7.04
C ASN A 12 -21.55 -3.42 -6.14
N MET A 13 -21.53 -3.11 -4.85
CA MET A 13 -22.25 -3.89 -3.86
C MET A 13 -23.57 -3.24 -3.51
N LYS A 14 -24.62 -4.04 -3.55
CA LYS A 14 -25.92 -3.63 -3.07
C LYS A 14 -26.07 -4.13 -1.64
N PRO A 15 -26.56 -3.27 -0.72
CA PRO A 15 -26.65 -3.59 0.71
C PRO A 15 -27.21 -4.98 0.99
N GLU A 16 -26.35 -5.85 1.53
CA GLU A 16 -26.71 -7.21 1.89
C GLU A 16 -26.96 -8.08 0.67
N ARG A 17 -26.08 -7.95 -0.31
CA ARG A 17 -26.07 -8.85 -1.46
C ARG A 17 -24.92 -9.84 -1.34
N LYS A 18 -25.18 -11.09 -1.67
CA LYS A 18 -24.13 -12.10 -1.69
C LYS A 18 -23.88 -12.58 -3.10
N TYR A 19 -22.66 -12.38 -3.58
CA TYR A 19 -22.29 -12.84 -4.91
C TYR A 19 -21.30 -13.99 -4.79
N SER A 20 -21.78 -15.20 -5.02
CA SER A 20 -20.88 -16.35 -5.09
C SER A 20 -20.38 -16.47 -6.52
N GLN A 21 -19.14 -16.05 -6.72
CA GLN A 21 -18.59 -15.91 -8.05
C GLN A 21 -17.39 -16.84 -8.27
N THR A 22 -17.29 -17.34 -9.49
CA THR A 22 -16.15 -18.15 -9.89
C THR A 22 -15.16 -17.27 -10.63
N ILE A 23 -13.90 -17.69 -10.66
CA ILE A 23 -12.86 -16.86 -11.22
C ILE A 23 -12.17 -17.55 -12.39
N ILE A 24 -12.15 -16.88 -13.53
CA ILE A 24 -11.48 -17.38 -14.71
C ILE A 24 -10.32 -16.48 -15.07
N LYS A 25 -10.35 -15.26 -14.53
CA LYS A 25 -9.27 -14.31 -14.71
C LYS A 25 -8.91 -13.69 -13.36
N SER A 26 -7.65 -13.84 -12.98
CA SER A 26 -7.17 -13.43 -11.67
C SER A 26 -7.24 -11.92 -11.51
N PHE A 27 -7.77 -11.46 -10.37
CA PHE A 27 -7.92 -10.03 -10.16
C PHE A 27 -7.54 -9.62 -8.75
N HIS A 28 -7.01 -8.41 -8.65
CA HIS A 28 -6.68 -7.80 -7.37
C HIS A 28 -7.72 -6.75 -7.03
N ILE A 29 -8.32 -6.86 -5.87
CA ILE A 29 -9.19 -5.80 -5.37
C ILE A 29 -8.33 -4.85 -4.54
N SER A 30 -8.48 -3.56 -4.77
CA SER A 30 -7.60 -2.59 -4.16
C SER A 30 -8.35 -1.60 -3.29
N GLY A 31 -9.68 -1.66 -3.29
CA GLY A 31 -10.43 -0.77 -2.43
C GLY A 31 -11.92 -1.01 -2.47
N VAL A 32 -12.59 -0.55 -1.42
CA VAL A 32 -14.05 -0.57 -1.33
C VAL A 32 -14.53 0.68 -0.59
N ALA A 33 -15.52 1.39 -1.14
CA ALA A 33 -15.95 2.65 -0.54
C ALA A 33 -17.43 2.92 -0.75
N LEU A 34 -18.03 3.75 0.11
CA LEU A 34 -19.44 4.09 -0.04
C LEU A 34 -19.66 5.59 -0.08
N ASP A 35 -20.67 5.97 -0.84
CA ASP A 35 -21.18 7.33 -0.80
C ASP A 35 -22.56 7.31 -0.19
N LYS A 36 -23.42 6.46 -0.74
CA LYS A 36 -24.75 6.26 -0.19
C LYS A 36 -24.75 5.00 0.67
N GLY A 37 -25.21 5.13 1.89
CA GLY A 37 -25.27 3.99 2.76
C GLY A 37 -24.93 4.32 4.18
N GLN A 38 -25.36 3.47 5.11
CA GLN A 38 -25.08 3.68 6.51
C GLN A 38 -23.93 2.81 7.00
N GLU A 39 -23.97 1.54 6.61
CA GLU A 39 -22.94 0.58 7.02
C GLU A 39 -22.79 -0.52 5.99
N ALA A 40 -21.58 -0.74 5.50
CA ALA A 40 -21.32 -1.91 4.69
C ALA A 40 -20.13 -2.68 5.25
N LYS A 41 -20.40 -3.88 5.74
CA LYS A 41 -19.33 -4.75 6.17
C LYS A 41 -19.02 -5.75 5.09
N LEU A 42 -17.85 -5.63 4.51
CA LEU A 42 -17.46 -6.46 3.38
C LEU A 42 -16.97 -7.80 3.88
N TYR A 43 -17.70 -8.84 3.53
CA TYR A 43 -17.34 -10.18 3.91
C TYR A 43 -17.02 -11.01 2.67
N LEU A 44 -16.07 -11.89 2.84
CA LEU A 44 -15.68 -12.80 1.79
C LEU A 44 -15.68 -14.22 2.32
N ALA A 45 -16.51 -15.05 1.74
CA ALA A 45 -16.57 -16.44 2.11
C ALA A 45 -15.92 -17.29 1.04
N ALA A 46 -14.71 -17.74 1.33
CA ALA A 46 -13.95 -18.56 0.40
C ALA A 46 -13.52 -19.85 1.08
N GLU A 47 -13.58 -20.95 0.35
CA GLU A 47 -13.30 -22.27 0.90
C GLU A 47 -14.25 -22.56 2.08
N LYS A 48 -15.44 -21.99 1.98
CA LYS A 48 -16.48 -22.12 3.01
C LYS A 48 -16.01 -21.50 4.33
N GLN A 49 -15.16 -20.48 4.25
CA GLN A 49 -14.68 -19.80 5.43
C GLN A 49 -15.05 -18.32 5.34
N GLU A 50 -15.72 -17.82 6.37
CA GLU A 50 -16.18 -16.44 6.39
C GLU A 50 -15.06 -15.50 6.84
N TYR A 51 -14.65 -14.61 5.97
CA TYR A 51 -13.65 -13.60 6.31
C TYR A 51 -14.26 -12.21 6.30
N ILE A 52 -14.00 -11.43 7.34
CA ILE A 52 -14.34 -10.02 7.31
C ILE A 52 -13.23 -9.28 6.57
N VAL A 53 -13.59 -8.74 5.41
CA VAL A 53 -12.63 -8.13 4.51
C VAL A 53 -12.42 -6.67 4.85
N ALA A 54 -13.52 -5.94 4.97
CA ALA A 54 -13.43 -4.50 5.22
C ALA A 54 -14.66 -4.01 5.97
N THR A 55 -14.46 -3.04 6.85
CA THR A 55 -15.57 -2.37 7.47
C THR A 55 -15.66 -0.95 6.94
N VAL A 56 -16.58 -0.73 6.01
CA VAL A 56 -16.72 0.57 5.39
C VAL A 56 -18.10 1.16 5.72
N THR A 57 -18.09 2.19 6.52
CA THR A 57 -19.32 2.79 7.02
C THR A 57 -19.41 4.27 6.68
N LYS A 58 -20.46 4.92 7.12
CA LYS A 58 -20.50 6.39 7.08
C LYS A 58 -19.31 6.99 7.82
N ALA A 59 -18.90 6.33 8.90
CA ALA A 59 -17.79 6.78 9.71
C ALA A 59 -16.47 6.55 8.98
N ILE A 60 -16.38 5.40 8.33
CA ILE A 60 -15.23 5.07 7.51
C ILE A 60 -15.68 4.93 6.06
N PRO A 61 -15.80 6.06 5.33
CA PRO A 61 -16.46 6.10 4.02
C PRO A 61 -15.70 5.36 2.92
N GLN A 62 -14.53 4.83 3.24
CA GLN A 62 -13.69 4.18 2.25
C GLN A 62 -12.63 3.31 2.91
N VAL A 63 -12.53 2.09 2.44
CA VAL A 63 -11.49 1.18 2.89
C VAL A 63 -10.59 0.76 1.73
N ALA A 64 -9.32 1.11 1.84
CA ALA A 64 -8.33 0.69 0.86
C ALA A 64 -7.89 -0.74 1.16
N LEU A 65 -7.97 -1.61 0.17
CA LEU A 65 -7.73 -3.03 0.37
C LEU A 65 -6.59 -3.53 -0.50
N ASP A 66 -6.14 -4.74 -0.18
CA ASP A 66 -5.24 -5.49 -1.04
C ASP A 66 -5.69 -6.93 -1.07
N LEU A 67 -6.42 -7.28 -2.11
CA LEU A 67 -6.91 -8.63 -2.28
C LEU A 67 -6.47 -9.14 -3.63
N ASN A 68 -6.19 -10.42 -3.73
CA ASN A 68 -5.86 -11.00 -5.00
C ASN A 68 -6.33 -12.45 -5.05
N PHE A 69 -7.20 -12.72 -6.01
CA PHE A 69 -7.77 -14.05 -6.15
C PHE A 69 -7.34 -14.66 -7.47
N SER A 70 -7.07 -15.96 -7.46
CA SER A 70 -6.59 -16.65 -8.65
C SER A 70 -7.76 -17.33 -9.35
N LYS A 71 -7.51 -17.81 -10.58
CA LYS A 71 -8.55 -18.45 -11.37
C LYS A 71 -8.83 -19.86 -10.85
N GLY A 72 -8.13 -20.24 -9.80
CA GLY A 72 -8.40 -21.49 -9.14
C GLY A 72 -9.25 -21.29 -7.90
N ASP A 73 -9.53 -20.03 -7.57
CA ASP A 73 -10.31 -19.70 -6.40
C ASP A 73 -11.78 -19.51 -6.77
N ARG A 74 -12.66 -19.87 -5.85
CA ARG A 74 -14.08 -19.60 -5.97
C ARG A 74 -14.56 -18.97 -4.67
N ILE A 75 -15.06 -17.75 -4.75
CA ILE A 75 -15.33 -16.98 -3.55
C ILE A 75 -16.72 -16.38 -3.56
N MET A 76 -17.23 -16.08 -2.38
CA MET A 76 -18.50 -15.41 -2.28
C MET A 76 -18.33 -14.08 -1.58
N PHE A 77 -18.59 -13.01 -2.31
CA PHE A 77 -18.41 -11.67 -1.79
C PHE A 77 -19.76 -11.09 -1.39
N TYR A 78 -19.84 -10.55 -0.19
CA TYR A 78 -21.09 -9.98 0.26
C TYR A 78 -20.87 -8.89 1.29
N THR A 79 -21.80 -7.94 1.30
CA THR A 79 -21.75 -6.85 2.26
C THR A 79 -22.91 -6.95 3.23
N ALA A 80 -22.63 -6.74 4.50
CA ALA A 80 -23.65 -6.76 5.52
C ALA A 80 -23.96 -5.34 5.99
N GLY A 81 -25.18 -5.13 6.44
CA GLY A 81 -25.61 -3.80 6.84
C GLY A 81 -26.32 -3.11 5.71
N ASP A 82 -26.63 -1.82 5.87
CA ASP A 82 -27.25 -1.11 4.79
C ASP A 82 -26.33 -0.02 4.29
N ALA A 83 -25.71 -0.30 3.15
CA ALA A 83 -24.94 0.69 2.41
C ALA A 83 -24.55 0.12 1.06
N SER A 84 -24.30 0.99 0.10
CA SER A 84 -23.90 0.57 -1.23
C SER A 84 -22.46 0.98 -1.49
N VAL A 85 -21.61 0.01 -1.76
CA VAL A 85 -20.18 0.28 -1.90
C VAL A 85 -19.65 -0.16 -3.25
N SER A 86 -18.62 0.54 -3.70
CA SER A 86 -17.93 0.18 -4.92
C SER A 86 -16.58 -0.40 -4.58
N LEU A 87 -16.31 -1.60 -5.08
CA LEU A 87 -14.98 -2.15 -5.01
C LEU A 87 -14.26 -1.85 -6.30
N LEU A 88 -12.97 -1.64 -6.20
CA LEU A 88 -12.17 -1.32 -7.34
C LEU A 88 -10.95 -2.20 -7.36
N GLY A 89 -10.55 -2.63 -8.53
CA GLY A 89 -9.42 -3.53 -8.65
C GLY A 89 -8.91 -3.63 -10.07
N TYR A 90 -8.07 -4.63 -10.32
CA TYR A 90 -7.53 -4.84 -11.66
C TYR A 90 -7.13 -6.29 -11.90
N LEU A 91 -7.53 -6.77 -13.07
CA LEU A 91 -7.19 -8.09 -13.57
C LEU A 91 -5.72 -8.15 -13.95
N HIS A 92 -5.07 -9.25 -13.62
CA HIS A 92 -3.62 -9.33 -13.78
C HIS A 92 -3.22 -9.76 -15.18
N ASP A 93 -2.66 -8.82 -15.91
CA ASP A 93 -1.97 -9.12 -17.16
C ASP A 93 -0.66 -8.33 -17.16
N ILE A 94 0.29 -8.82 -16.38
CA ILE A 94 1.52 -8.09 -16.14
C ILE A 94 2.44 -8.16 -17.35
N ASP A 95 3.18 -9.24 -17.48
CA ASP A 95 4.12 -9.39 -18.59
C ASP A 95 3.40 -9.85 -19.83
N SER A 96 2.83 -8.91 -20.56
CA SER A 96 2.09 -9.20 -21.77
C SER A 96 3.01 -9.69 -22.89
N GLY A 97 4.27 -9.29 -22.82
CA GLY A 97 5.23 -9.69 -23.84
C GLY A 97 6.32 -10.57 -23.28
N SER A 98 6.21 -11.86 -23.51
CA SER A 98 7.19 -12.80 -23.00
C SER A 98 8.07 -13.30 -24.14
N PHE B 1 15.44 -7.06 -17.15
CA PHE B 1 16.58 -6.12 -16.93
C PHE B 1 16.13 -4.97 -16.03
N GLN B 2 16.60 -4.99 -14.77
CA GLN B 2 16.23 -3.98 -13.77
C GLN B 2 14.71 -3.90 -13.64
N GLY B 3 14.11 -2.89 -14.24
CA GLY B 3 12.67 -2.82 -14.28
C GLY B 3 12.08 -1.83 -13.30
N ALA B 4 10.76 -1.67 -13.40
CA ALA B 4 9.99 -0.77 -12.55
C ALA B 4 10.34 0.69 -12.83
N MET B 5 10.79 0.96 -14.05
CA MET B 5 11.18 2.30 -14.45
C MET B 5 9.96 3.05 -15.00
N ALA B 6 8.86 2.97 -14.26
CA ALA B 6 7.60 3.57 -14.67
C ALA B 6 7.69 5.08 -14.72
N MET B 7 6.88 5.68 -15.57
CA MET B 7 6.93 7.12 -15.81
C MET B 7 5.77 7.83 -15.13
N PHE B 8 6.04 9.01 -14.58
CA PHE B 8 5.09 9.75 -13.76
C PHE B 8 3.79 10.11 -14.52
N TRP B 9 2.69 10.14 -13.77
CA TRP B 9 1.38 10.48 -14.31
C TRP B 9 0.66 11.38 -13.29
N GLY B 10 -0.14 12.31 -13.79
CA GLY B 10 -0.86 13.21 -12.91
C GLY B 10 -2.17 13.66 -13.52
N LEU B 11 -3.15 13.96 -12.67
CA LEU B 11 -4.47 14.38 -13.14
C LEU B 11 -5.08 15.40 -12.17
N ASN B 12 -5.17 16.65 -12.59
CA ASN B 12 -5.81 17.67 -11.78
C ASN B 12 -7.31 17.73 -12.07
N MET B 13 -8.09 17.60 -11.01
CA MET B 13 -9.54 17.62 -11.10
C MET B 13 -10.10 18.99 -10.76
N LYS B 14 -10.96 19.47 -11.62
CA LYS B 14 -11.71 20.69 -11.35
C LYS B 14 -13.08 20.28 -10.82
N PRO B 15 -13.55 20.92 -9.73
CA PRO B 15 -14.79 20.55 -9.05
C PRO B 15 -15.95 20.26 -10.01
N GLU B 16 -16.38 19.00 -10.05
CA GLU B 16 -17.48 18.55 -10.88
C GLU B 16 -17.14 18.57 -12.36
N ARG B 17 -15.95 18.10 -12.68
CA ARG B 17 -15.55 17.88 -14.07
C ARG B 17 -15.59 16.40 -14.38
N LYS B 18 -16.09 16.06 -15.57
CA LYS B 18 -16.09 14.69 -16.03
C LYS B 18 -15.17 14.53 -17.22
N TYR B 19 -14.15 13.69 -17.07
CA TYR B 19 -13.24 13.42 -18.16
C TYR B 19 -13.43 11.99 -18.66
N SER B 20 -14.09 11.84 -19.79
CA SER B 20 -14.19 10.54 -20.42
C SER B 20 -12.97 10.33 -21.31
N GLN B 21 -12.03 9.54 -20.81
CA GLN B 21 -10.72 9.42 -21.44
C GLN B 21 -10.46 8.01 -21.94
N THR B 22 -9.77 7.91 -23.06
CA THR B 22 -9.36 6.64 -23.60
C THR B 22 -7.90 6.38 -23.20
N ILE B 23 -7.50 5.13 -23.19
CA ILE B 23 -6.19 4.77 -22.69
C ILE B 23 -5.36 4.08 -23.76
N ILE B 24 -4.19 4.64 -24.03
CA ILE B 24 -3.26 4.06 -24.98
C ILE B 24 -2.00 3.60 -24.26
N LYS B 25 -1.80 4.13 -23.06
CA LYS B 25 -0.69 3.73 -22.21
C LYS B 25 -1.21 3.45 -20.80
N SER B 26 -0.97 2.23 -20.33
CA SER B 26 -1.50 1.76 -19.05
C SER B 26 -0.89 2.54 -17.89
N PHE B 27 -1.74 2.99 -16.98
CA PHE B 27 -1.26 3.78 -15.85
C PHE B 27 -1.91 3.37 -14.54
N HIS B 28 -1.13 3.50 -13.48
CA HIS B 28 -1.60 3.27 -12.12
C HIS B 28 -1.81 4.59 -11.42
N ILE B 29 -3.00 4.80 -10.90
CA ILE B 29 -3.25 5.96 -10.03
C ILE B 29 -2.99 5.54 -8.60
N SER B 30 -2.25 6.35 -7.87
CA SER B 30 -1.78 5.97 -6.56
C SER B 30 -2.29 6.91 -5.47
N GLY B 31 -2.94 8.01 -5.87
CA GLY B 31 -3.48 8.91 -4.88
C GLY B 31 -4.27 10.06 -5.45
N VAL B 32 -5.12 10.63 -4.61
CA VAL B 32 -5.88 11.84 -4.95
C VAL B 32 -6.03 12.71 -3.70
N ALA B 33 -5.74 14.00 -3.81
CA ALA B 33 -5.75 14.87 -2.63
C ALA B 33 -6.16 16.29 -2.98
N LEU B 34 -6.65 17.04 -1.98
CA LEU B 34 -7.05 18.43 -2.19
C LEU B 34 -6.38 19.36 -1.21
N ASP B 35 -6.10 20.56 -1.70
CA ASP B 35 -5.69 21.67 -0.84
C ASP B 35 -6.81 22.69 -0.82
N LYS B 36 -7.24 23.10 -2.00
CA LYS B 36 -8.35 24.01 -2.13
C LYS B 36 -9.60 23.21 -2.47
N GLY B 37 -10.65 23.41 -1.70
CA GLY B 37 -11.88 22.72 -1.96
C GLY B 37 -12.59 22.30 -0.71
N GLN B 38 -13.89 22.05 -0.82
CA GLN B 38 -14.68 21.64 0.33
C GLN B 38 -14.93 20.13 0.31
N GLU B 39 -15.30 19.61 -0.85
CA GLU B 39 -15.58 18.19 -1.00
C GLU B 39 -15.31 17.72 -2.43
N ALA B 40 -14.50 16.70 -2.59
CA ALA B 40 -14.37 16.06 -3.87
C ALA B 40 -14.59 14.56 -3.75
N LYS B 41 -15.66 14.09 -4.36
CA LYS B 41 -15.92 12.67 -4.41
C LYS B 41 -15.48 12.13 -5.76
N LEU B 42 -14.44 11.32 -5.74
CA LEU B 42 -13.85 10.82 -6.97
C LEU B 42 -14.65 9.64 -7.47
N TYR B 43 -15.25 9.80 -8.62
CA TYR B 43 -16.03 8.76 -9.24
C TYR B 43 -15.38 8.33 -10.55
N LEU B 44 -15.50 7.06 -10.83
CA LEU B 44 -15.01 6.50 -12.05
C LEU B 44 -16.09 5.68 -12.72
N ALA B 45 -16.47 6.10 -13.90
CA ALA B 45 -17.46 5.38 -14.67
C ALA B 45 -16.78 4.62 -15.80
N ALA B 46 -16.66 3.32 -15.63
CA ALA B 46 -16.03 2.46 -16.61
C ALA B 46 -16.97 1.31 -16.96
N GLU B 47 -17.01 0.97 -18.26
CA GLU B 47 -17.95 -0.04 -18.75
C GLU B 47 -19.37 0.38 -18.44
N LYS B 48 -19.59 1.70 -18.41
CA LYS B 48 -20.89 2.29 -18.10
C LYS B 48 -21.34 1.93 -16.68
N GLN B 49 -20.37 1.74 -15.79
CA GLN B 49 -20.66 1.44 -14.41
C GLN B 49 -20.04 2.49 -13.51
N GLU B 50 -20.85 3.10 -12.65
CA GLU B 50 -20.39 4.17 -11.78
C GLU B 50 -19.74 3.59 -10.52
N TYR B 51 -18.47 3.87 -10.35
CA TYR B 51 -17.75 3.45 -9.14
C TYR B 51 -17.33 4.66 -8.32
N ILE B 52 -17.59 4.61 -7.02
CA ILE B 52 -17.02 5.60 -6.12
C ILE B 52 -15.59 5.20 -5.78
N VAL B 53 -14.65 6.00 -6.26
CA VAL B 53 -13.23 5.67 -6.17
C VAL B 53 -12.66 6.16 -4.84
N ALA B 54 -12.89 7.43 -4.53
CA ALA B 54 -12.34 8.01 -3.32
C ALA B 54 -13.21 9.14 -2.81
N THR B 55 -13.28 9.27 -1.49
CA THR B 55 -13.92 10.42 -0.89
C THR B 55 -12.86 11.31 -0.26
N VAL B 56 -12.51 12.38 -0.93
CA VAL B 56 -11.49 13.28 -0.45
C VAL B 56 -12.07 14.66 -0.19
N THR B 57 -12.15 15.00 1.09
CA THR B 57 -12.80 16.23 1.51
C THR B 57 -11.84 17.11 2.32
N LYS B 58 -12.34 18.24 2.80
CA LYS B 58 -11.60 19.01 3.80
C LYS B 58 -11.29 18.15 5.03
N ALA B 59 -12.21 17.25 5.36
CA ALA B 59 -12.05 16.37 6.51
C ALA B 59 -11.01 15.29 6.21
N ILE B 60 -11.07 14.77 5.00
CA ILE B 60 -10.09 13.80 4.52
C ILE B 60 -9.32 14.42 3.36
N PRO B 61 -8.29 15.22 3.65
CA PRO B 61 -7.61 16.08 2.66
C PRO B 61 -6.83 15.29 1.61
N GLN B 62 -6.77 13.98 1.75
CA GLN B 62 -5.97 13.15 0.87
C GLN B 62 -6.38 11.70 0.95
N VAL B 63 -6.60 11.09 -0.20
CA VAL B 63 -6.90 9.67 -0.30
C VAL B 63 -5.83 8.94 -1.10
N ALA B 64 -5.15 8.03 -0.46
CA ALA B 64 -4.17 7.18 -1.14
C ALA B 64 -4.90 6.04 -1.85
N LEU B 65 -4.64 5.88 -3.14
CA LEU B 65 -5.37 4.93 -3.95
C LEU B 65 -4.46 3.89 -4.59
N ASP B 66 -5.08 2.85 -5.11
CA ASP B 66 -4.40 1.91 -5.97
C ASP B 66 -5.31 1.56 -7.14
N LEU B 67 -5.07 2.22 -8.25
CA LEU B 67 -5.84 1.99 -9.46
C LEU B 67 -4.91 1.65 -10.58
N ASN B 68 -5.34 0.81 -11.48
CA ASN B 68 -4.53 0.50 -12.64
C ASN B 68 -5.44 0.19 -13.82
N PHE B 69 -5.28 0.97 -14.88
CA PHE B 69 -6.11 0.83 -16.06
C PHE B 69 -5.25 0.43 -17.25
N SER B 70 -5.78 -0.44 -18.10
CA SER B 70 -5.02 -0.94 -19.24
C SER B 70 -5.39 -0.15 -20.49
N LYS B 71 -4.62 -0.35 -21.56
CA LYS B 71 -4.85 0.37 -22.81
C LYS B 71 -6.06 -0.19 -23.54
N GLY B 72 -6.69 -1.19 -22.93
CA GLY B 72 -7.92 -1.72 -23.48
C GLY B 72 -9.13 -1.16 -22.73
N ASP B 73 -8.86 -0.37 -21.70
CA ASP B 73 -9.93 0.22 -20.91
C ASP B 73 -10.25 1.63 -21.39
N ARG B 74 -11.52 2.00 -21.27
CA ARG B 74 -11.96 3.37 -21.54
C ARG B 74 -12.81 3.81 -20.37
N ILE B 75 -12.39 4.85 -19.68
CA ILE B 75 -13.01 5.21 -18.42
C ILE B 75 -13.36 6.69 -18.36
N MET B 76 -14.31 7.02 -17.52
CA MET B 76 -14.65 8.41 -17.30
C MET B 76 -14.42 8.79 -15.85
N PHE B 77 -13.49 9.68 -15.63
CA PHE B 77 -13.11 10.10 -14.30
C PHE B 77 -13.75 11.43 -13.97
N TYR B 78 -14.40 11.52 -12.83
CA TYR B 78 -15.03 12.77 -12.45
C TYR B 78 -15.13 12.92 -10.95
N THR B 79 -15.10 14.16 -10.50
CA THR B 79 -15.24 14.46 -9.08
C THR B 79 -16.55 15.20 -8.83
N ALA B 80 -17.24 14.80 -7.78
CA ALA B 80 -18.47 15.45 -7.38
C ALA B 80 -18.25 16.33 -6.16
N GLY B 81 -19.05 17.37 -6.03
CA GLY B 81 -18.88 18.30 -4.94
C GLY B 81 -18.04 19.48 -5.36
N ASP B 82 -17.68 20.34 -4.43
CA ASP B 82 -16.82 21.45 -4.77
C ASP B 82 -15.48 21.31 -4.09
N ALA B 83 -14.50 20.88 -4.86
CA ALA B 83 -13.11 20.87 -4.45
C ALA B 83 -12.22 20.53 -5.64
N SER B 84 -10.98 20.96 -5.58
CA SER B 84 -10.03 20.68 -6.64
C SER B 84 -8.95 19.73 -6.14
N VAL B 85 -8.83 18.58 -6.78
CA VAL B 85 -7.93 17.53 -6.32
C VAL B 85 -6.90 17.16 -7.37
N SER B 86 -5.75 16.72 -6.90
CA SER B 86 -4.71 16.22 -7.77
C SER B 86 -4.62 14.71 -7.62
N LEU B 87 -4.72 14.00 -8.72
CA LEU B 87 -4.42 12.58 -8.72
C LEU B 87 -3.00 12.39 -9.17
N LEU B 88 -2.36 11.40 -8.61
CA LEU B 88 -0.99 11.11 -8.92
C LEU B 88 -0.85 9.63 -9.23
N GLY B 89 0.00 9.33 -10.20
CA GLY B 89 0.17 7.96 -10.63
C GLY B 89 1.38 7.77 -11.49
N TYR B 90 1.47 6.62 -12.15
CA TYR B 90 2.60 6.34 -13.03
C TYR B 90 2.24 5.33 -14.12
N LEU B 91 2.66 5.66 -15.32
CA LEU B 91 2.53 4.82 -16.50
C LEU B 91 3.47 3.63 -16.40
N HIS B 92 3.00 2.47 -16.81
CA HIS B 92 3.75 1.24 -16.60
C HIS B 92 4.75 0.97 -17.71
N ASP B 93 6.01 1.12 -17.37
CA ASP B 93 7.10 0.66 -18.21
C ASP B 93 8.10 -0.06 -17.31
N ILE B 94 7.74 -1.26 -16.90
CA ILE B 94 8.50 -2.00 -15.90
C ILE B 94 9.79 -2.56 -16.50
N ASP B 95 9.70 -3.70 -17.17
CA ASP B 95 10.87 -4.34 -17.75
C ASP B 95 11.20 -3.70 -19.09
N SER B 96 11.94 -2.60 -19.03
CA SER B 96 12.34 -1.86 -20.22
C SER B 96 13.33 -2.66 -21.05
N GLY B 97 14.08 -3.54 -20.40
CA GLY B 97 15.07 -4.33 -21.11
C GLY B 97 14.74 -5.81 -21.07
N SER B 98 14.21 -6.31 -22.18
CA SER B 98 13.84 -7.71 -22.26
C SER B 98 14.84 -8.47 -23.14
N PHE C 1 16.31 -12.99 -12.19
CA PHE C 1 17.15 -13.52 -11.08
C PHE C 1 16.87 -12.76 -9.80
N GLN C 2 16.16 -13.43 -8.87
CA GLN C 2 15.75 -12.83 -7.60
C GLN C 2 14.98 -11.53 -7.85
N GLY C 3 15.64 -10.39 -7.68
CA GLY C 3 15.02 -9.14 -8.03
C GLY C 3 14.51 -8.35 -6.84
N ALA C 4 14.05 -7.14 -7.13
CA ALA C 4 13.52 -6.21 -6.14
C ALA C 4 14.60 -5.73 -5.19
N MET C 5 15.84 -5.73 -5.68
CA MET C 5 16.99 -5.29 -4.88
C MET C 5 17.18 -3.78 -5.02
N ALA C 6 16.09 -3.06 -4.87
CA ALA C 6 16.08 -1.62 -5.06
C ALA C 6 16.92 -0.92 -3.98
N MET C 7 17.46 0.24 -4.32
CA MET C 7 18.37 0.96 -3.44
C MET C 7 17.67 2.15 -2.79
N PHE C 8 18.00 2.39 -1.53
CA PHE C 8 17.30 3.40 -0.71
C PHE C 8 17.44 4.82 -1.28
N TRP C 9 16.39 5.61 -1.07
CA TRP C 9 16.32 7.00 -1.51
C TRP C 9 15.70 7.85 -0.39
N GLY C 10 16.15 9.09 -0.26
CA GLY C 10 15.60 9.96 0.75
C GLY C 10 15.65 11.41 0.34
N LEU C 11 14.73 12.21 0.85
CA LEU C 11 14.66 13.63 0.51
C LEU C 11 14.17 14.44 1.70
N ASN C 12 15.05 15.23 2.28
CA ASN C 12 14.67 16.11 3.37
C ASN C 12 14.20 17.47 2.84
N MET C 13 12.99 17.84 3.24
CA MET C 13 12.39 19.10 2.82
C MET C 13 12.55 20.17 3.87
N LYS C 14 13.02 21.32 3.43
CA LYS C 14 13.07 22.49 4.27
C LYS C 14 11.83 23.34 3.96
N PRO C 15 11.14 23.83 5.00
CA PRO C 15 9.88 24.55 4.87
C PRO C 15 9.89 25.59 3.74
N GLU C 16 9.09 25.32 2.70
CA GLU C 16 8.95 26.21 1.55
C GLU C 16 10.21 26.24 0.70
N ARG C 17 10.76 25.06 0.46
CA ARG C 17 11.85 24.90 -0.50
C ARG C 17 11.34 24.26 -1.77
N LYS C 18 11.80 24.76 -2.91
CA LYS C 18 11.45 24.17 -4.20
C LYS C 18 12.67 23.56 -4.85
N TYR C 19 12.63 22.25 -5.08
CA TYR C 19 13.72 21.58 -5.74
C TYR C 19 13.29 21.13 -7.13
N SER C 20 13.72 21.84 -8.15
CA SER C 20 13.49 21.40 -9.51
C SER C 20 14.61 20.46 -9.92
N GLN C 21 14.30 19.18 -9.91
CA GLN C 21 15.31 18.15 -10.07
C GLN C 21 15.09 17.32 -11.33
N THR C 22 16.19 16.93 -11.95
CA THR C 22 16.16 16.05 -13.10
C THR C 22 16.42 14.62 -12.65
N ILE C 23 15.97 13.65 -13.43
CA ILE C 23 16.05 12.26 -13.02
C ILE C 23 16.88 11.44 -13.99
N ILE C 24 17.90 10.79 -13.46
CA ILE C 24 18.75 9.92 -14.25
C ILE C 24 18.59 8.48 -13.79
N LYS C 25 18.07 8.33 -12.57
CA LYS C 25 17.78 7.02 -12.01
C LYS C 25 16.37 7.02 -11.43
N SER C 26 15.53 6.11 -11.93
CA SER C 26 14.12 6.07 -11.57
C SER C 26 13.94 5.71 -10.10
N PHE C 27 13.08 6.45 -9.40
CA PHE C 27 12.89 6.21 -7.98
C PHE C 27 11.42 6.28 -7.59
N HIS C 28 11.08 5.48 -6.60
CA HIS C 28 9.75 5.47 -6.01
C HIS C 28 9.79 6.17 -4.66
N ILE C 29 8.96 7.18 -4.47
CA ILE C 29 8.79 7.78 -3.16
C ILE C 29 7.66 7.05 -2.45
N SER C 30 7.87 6.68 -1.21
CA SER C 30 6.94 5.83 -0.50
C SER C 30 6.38 6.51 0.74
N GLY C 31 6.90 7.67 1.10
CA GLY C 31 6.37 8.37 2.25
C GLY C 31 6.99 9.73 2.48
N VAL C 32 6.27 10.56 3.21
CA VAL C 32 6.75 11.87 3.65
C VAL C 32 6.20 12.16 5.06
N ALA C 33 7.06 12.59 5.98
CA ALA C 33 6.62 12.79 7.36
C ALA C 33 7.39 13.91 8.05
N LEU C 34 6.80 14.49 9.10
CA LEU C 34 7.46 15.55 9.84
C LEU C 34 7.52 15.26 11.33
N ASP C 35 8.60 15.71 11.93
CA ASP C 35 8.71 15.75 13.38
C ASP C 35 8.68 17.19 13.84
N LYS C 36 9.55 18.00 13.25
CA LYS C 36 9.56 19.42 13.52
C LYS C 36 8.83 20.14 12.41
N GLY C 37 7.87 20.97 12.77
CA GLY C 37 7.14 21.72 11.79
C GLY C 37 5.68 21.85 12.13
N GLN C 38 5.03 22.85 11.54
CA GLN C 38 3.62 23.07 11.79
C GLN C 38 2.77 22.53 10.64
N GLU C 39 3.19 22.83 9.40
CA GLU C 39 2.46 22.38 8.23
C GLU C 39 3.39 22.22 7.04
N ALA C 40 3.37 21.06 6.42
CA ALA C 40 4.07 20.89 5.15
C ALA C 40 3.13 20.32 4.11
N LYS C 41 2.84 21.12 3.10
CA LYS C 41 2.04 20.63 1.99
C LYS C 41 2.97 20.27 0.85
N LEU C 42 3.04 18.99 0.54
CA LEU C 42 3.97 18.50 -0.45
C LEU C 42 3.37 18.68 -1.84
N TYR C 43 4.01 19.52 -2.63
CA TYR C 43 3.58 19.78 -3.98
C TYR C 43 4.62 19.29 -4.96
N LEU C 44 4.14 18.81 -6.08
CA LEU C 44 4.99 18.37 -7.16
C LEU C 44 4.57 19.02 -8.45
N ALA C 45 5.46 19.78 -9.03
CA ALA C 45 5.19 20.42 -10.29
C ALA C 45 5.97 19.71 -11.40
N ALA C 46 5.24 18.92 -12.18
CA ALA C 46 5.84 18.16 -13.27
C ALA C 46 5.09 18.46 -14.55
N GLU C 47 5.84 18.59 -15.66
CA GLU C 47 5.27 18.98 -16.94
C GLU C 47 4.57 20.33 -16.81
N LYS C 48 5.10 21.16 -15.91
CA LYS C 48 4.56 22.49 -15.62
C LYS C 48 3.13 22.39 -15.07
N GLN C 49 2.85 21.30 -14.38
CA GLN C 49 1.54 21.11 -13.76
C GLN C 49 1.70 20.92 -12.26
N GLU C 50 1.00 21.73 -11.49
CA GLU C 50 1.10 21.70 -10.04
C GLU C 50 0.21 20.61 -9.46
N TYR C 51 0.82 19.62 -8.82
CA TYR C 51 0.07 18.57 -8.14
C TYR C 51 0.26 18.66 -6.63
N ILE C 52 -0.83 18.58 -5.89
CA ILE C 52 -0.73 18.40 -4.45
C ILE C 52 -0.49 16.93 -4.14
N VAL C 53 0.69 16.63 -3.64
CA VAL C 53 1.12 15.26 -3.44
C VAL C 53 0.66 14.74 -2.09
N ALA C 54 0.96 15.50 -1.04
CA ALA C 54 0.63 15.07 0.31
C ALA C 54 0.40 16.26 1.23
N THR C 55 -0.53 16.12 2.15
CA THR C 55 -0.70 17.10 3.20
C THR C 55 -0.22 16.52 4.52
N VAL C 56 0.97 16.90 4.93
CA VAL C 56 1.55 16.38 6.15
C VAL C 56 1.76 17.51 7.15
N THR C 57 0.97 17.48 8.21
CA THR C 57 0.96 18.55 9.19
C THR C 57 1.25 18.01 10.59
N LYS C 58 1.23 18.90 11.58
CA LYS C 58 1.23 18.45 12.98
C LYS C 58 0.05 17.50 13.25
N ALA C 59 -1.07 17.78 12.60
CA ALA C 59 -2.27 16.96 12.75
C ALA C 59 -2.10 15.62 12.06
N ILE C 60 -1.50 15.66 10.88
CA ILE C 60 -1.17 14.45 10.14
C ILE C 60 0.35 14.34 10.02
N PRO C 61 1.02 13.80 11.05
CA PRO C 61 2.49 13.86 11.18
C PRO C 61 3.23 13.03 10.15
N GLN C 62 2.50 12.30 9.32
CA GLN C 62 3.12 11.40 8.36
C GLN C 62 2.14 11.01 7.27
N VAL C 63 2.58 11.13 6.03
CA VAL C 63 1.80 10.69 4.89
C VAL C 63 2.53 9.60 4.12
N ALA C 64 1.93 8.43 4.06
CA ALA C 64 2.46 7.33 3.26
C ALA C 64 2.07 7.52 1.80
N LEU C 65 3.05 7.49 0.92
CA LEU C 65 2.83 7.80 -0.47
C LEU C 65 3.22 6.65 -1.39
N ASP C 66 2.79 6.76 -2.63
CA ASP C 66 3.27 5.89 -3.69
C ASP C 66 3.53 6.73 -4.93
N LEU C 67 4.78 7.09 -5.13
CA LEU C 67 5.19 7.88 -6.28
C LEU C 67 6.27 7.13 -7.01
N ASN C 68 6.30 7.27 -8.32
CA ASN C 68 7.38 6.68 -9.09
C ASN C 68 7.67 7.54 -10.31
N PHE C 69 8.89 8.01 -10.39
CA PHE C 69 9.29 8.87 -11.48
C PHE C 69 10.37 8.20 -12.31
N SER C 70 10.31 8.38 -13.62
CA SER C 70 11.25 7.74 -14.53
C SER C 70 12.38 8.70 -14.87
N LYS C 71 13.43 8.17 -15.51
CA LYS C 71 14.59 8.97 -15.87
C LYS C 71 14.28 9.86 -17.07
N GLY C 72 13.05 9.78 -17.55
CA GLY C 72 12.59 10.66 -18.60
C GLY C 72 11.77 11.80 -18.04
N ASP C 73 11.53 11.76 -16.73
CA ASP C 73 10.75 12.80 -16.07
C ASP C 73 11.64 13.87 -15.46
N ARG C 74 11.14 15.09 -15.46
CA ARG C 74 11.80 16.19 -14.77
C ARG C 74 10.77 16.91 -13.92
N ILE C 75 10.98 16.91 -12.62
CA ILE C 75 9.95 17.36 -11.70
C ILE C 75 10.47 18.37 -10.70
N MET C 76 9.58 19.17 -10.16
CA MET C 76 9.95 20.10 -9.12
C MET C 76 9.18 19.80 -7.85
N PHE C 77 9.91 19.40 -6.82
CA PHE C 77 9.31 19.02 -5.55
C PHE C 77 9.43 20.15 -4.56
N TYR C 78 8.34 20.52 -3.92
CA TYR C 78 8.38 21.58 -2.95
C TYR C 78 7.32 21.44 -1.89
N THR C 79 7.61 21.94 -0.70
CA THR C 79 6.68 21.91 0.39
C THR C 79 6.24 23.32 0.75
N ALA C 80 4.95 23.49 0.97
CA ALA C 80 4.40 24.78 1.36
C ALA C 80 4.04 24.78 2.84
N GLY C 81 4.09 25.94 3.46
CA GLY C 81 3.83 26.04 4.88
C GLY C 81 5.11 26.01 5.65
N ASP C 82 5.03 25.93 6.97
CA ASP C 82 6.25 25.83 7.76
C ASP C 82 6.31 24.49 8.45
N ALA C 83 7.12 23.60 7.90
CA ALA C 83 7.46 22.35 8.53
C ALA C 83 8.58 21.67 7.75
N SER C 84 9.34 20.82 8.42
CA SER C 84 10.42 20.10 7.77
C SER C 84 10.09 18.62 7.70
N VAL C 85 10.05 18.08 6.48
CA VAL C 85 9.61 16.70 6.28
C VAL C 85 10.67 15.87 5.61
N SER C 86 10.67 14.59 5.91
CA SER C 86 11.54 13.64 5.24
C SER C 86 10.72 12.77 4.30
N LEU C 87 11.12 12.74 3.04
CA LEU C 87 10.56 11.78 2.12
C LEU C 87 11.46 10.57 2.06
N LEU C 88 10.85 9.43 1.88
CA LEU C 88 11.59 8.20 1.82
C LEU C 88 11.16 7.41 0.61
N GLY C 89 12.10 6.74 -0.03
CA GLY C 89 11.81 6.01 -1.23
C GLY C 89 12.93 5.06 -1.60
N TYR C 90 12.88 4.56 -2.84
CA TYR C 90 13.91 3.65 -3.32
C TYR C 90 14.03 3.66 -4.84
N LEU C 91 15.28 3.73 -5.27
CA LEU C 91 15.66 3.67 -6.68
C LEU C 91 15.44 2.26 -7.21
N HIS C 92 14.94 2.17 -8.43
CA HIS C 92 14.52 0.88 -8.97
C HIS C 92 15.67 0.14 -9.63
N ASP C 93 16.10 -0.93 -8.97
CA ASP C 93 16.99 -1.91 -9.57
C ASP C 93 16.45 -3.29 -9.23
N ILE C 94 15.38 -3.67 -9.91
CA ILE C 94 14.65 -4.88 -9.58
C ILE C 94 15.42 -6.12 -10.04
N ASP C 95 15.30 -6.47 -11.31
CA ASP C 95 15.95 -7.66 -11.83
C ASP C 95 17.41 -7.35 -12.16
N SER C 96 18.26 -7.43 -11.16
CA SER C 96 19.68 -7.16 -11.30
C SER C 96 20.37 -8.22 -12.16
N GLY C 97 19.80 -9.42 -12.16
CA GLY C 97 20.38 -10.51 -12.92
C GLY C 97 19.47 -10.97 -14.05
N SER C 98 19.78 -10.54 -15.25
CA SER C 98 18.97 -10.91 -16.41
C SER C 98 19.71 -11.95 -17.26
N PHE D 1 10.06 -17.66 -13.00
CA PHE D 1 9.38 -18.85 -12.44
C PHE D 1 8.67 -18.50 -11.13
N GLN D 2 7.35 -18.42 -11.19
CA GLN D 2 6.52 -18.04 -10.04
C GLN D 2 6.99 -16.70 -9.47
N GLY D 3 7.73 -16.73 -8.38
CA GLY D 3 8.32 -15.52 -7.87
C GLY D 3 7.61 -14.95 -6.66
N ALA D 4 8.21 -13.89 -6.12
CA ALA D 4 7.70 -13.19 -4.94
C ALA D 4 7.76 -14.06 -3.70
N MET D 5 8.69 -15.01 -3.69
CA MET D 5 8.86 -15.92 -2.57
C MET D 5 9.81 -15.31 -1.54
N ALA D 6 9.55 -14.05 -1.21
CA ALA D 6 10.39 -13.30 -0.29
C ALA D 6 10.35 -13.87 1.11
N MET D 7 11.43 -13.68 1.86
CA MET D 7 11.57 -14.29 3.17
C MET D 7 11.36 -13.24 4.27
N PHE D 8 10.71 -13.65 5.35
CA PHE D 8 10.29 -12.75 6.42
C PHE D 8 11.48 -12.03 7.09
N TRP D 9 11.22 -10.80 7.53
CA TRP D 9 12.20 -9.97 8.21
C TRP D 9 11.52 -9.25 9.38
N GLY D 10 12.25 -9.05 10.46
CA GLY D 10 11.68 -8.37 11.61
C GLY D 10 12.74 -7.60 12.39
N LEU D 11 12.33 -6.53 13.05
CA LEU D 11 13.25 -5.70 13.82
C LEU D 11 12.56 -5.12 15.04
N ASN D 12 12.94 -5.61 16.23
CA ASN D 12 12.40 -5.07 17.46
C ASN D 12 13.23 -3.89 17.96
N MET D 13 12.57 -2.77 18.17
CA MET D 13 13.21 -1.55 18.63
C MET D 13 13.06 -1.38 20.12
N LYS D 14 14.17 -1.11 20.77
CA LYS D 14 14.18 -0.75 22.18
C LYS D 14 14.23 0.77 22.26
N PRO D 15 13.38 1.39 23.11
CA PRO D 15 13.25 2.86 23.21
C PRO D 15 14.60 3.58 23.22
N GLU D 16 14.85 4.34 22.14
CA GLU D 16 16.06 5.14 21.98
C GLU D 16 17.29 4.26 21.78
N ARG D 17 17.13 3.26 20.92
CA ARG D 17 18.26 2.46 20.47
C ARG D 17 18.64 2.84 19.05
N LYS D 18 19.93 2.93 18.79
CA LYS D 18 20.41 3.20 17.43
C LYS D 18 21.16 2.00 16.89
N TYR D 19 20.66 1.44 15.79
CA TYR D 19 21.32 0.32 15.17
C TYR D 19 21.91 0.75 13.83
N SER D 20 23.21 0.94 13.79
CA SER D 20 23.88 1.21 12.53
C SER D 20 24.22 -0.13 11.88
N GLN D 21 23.44 -0.50 10.87
CA GLN D 21 23.52 -1.83 10.31
C GLN D 21 23.93 -1.80 8.84
N THR D 22 24.70 -2.79 8.44
CA THR D 22 25.09 -2.95 7.05
C THR D 22 24.16 -3.97 6.40
N ILE D 23 24.04 -3.92 5.08
CA ILE D 23 23.09 -4.76 4.39
C ILE D 23 23.78 -5.67 3.38
N ILE D 24 23.56 -6.96 3.53
CA ILE D 24 24.09 -7.95 2.61
C ILE D 24 22.96 -8.63 1.85
N LYS D 25 21.75 -8.50 2.39
CA LYS D 25 20.56 -9.02 1.75
C LYS D 25 19.47 -7.94 1.77
N SER D 26 18.99 -7.59 0.58
CA SER D 26 18.04 -6.49 0.42
C SER D 26 16.70 -6.83 1.07
N PHE D 27 16.17 -5.88 1.84
CA PHE D 27 14.92 -6.13 2.54
C PHE D 27 13.98 -4.93 2.47
N HIS D 28 12.70 -5.25 2.45
CA HIS D 28 11.65 -4.24 2.49
C HIS D 28 11.03 -4.22 3.88
N ILE D 29 11.00 -3.06 4.50
CA ILE D 29 10.26 -2.89 5.74
C ILE D 29 8.85 -2.44 5.39
N SER D 30 7.86 -3.06 6.00
CA SER D 30 6.48 -2.84 5.61
C SER D 30 5.64 -2.29 6.76
N GLY D 31 6.21 -2.23 7.96
CA GLY D 31 5.47 -1.66 9.06
C GLY D 31 6.27 -1.57 10.34
N VAL D 32 5.81 -0.69 11.23
CA VAL D 32 6.36 -0.55 12.57
C VAL D 32 5.23 -0.23 13.56
N ALA D 33 5.17 -0.92 14.68
CA ALA D 33 4.05 -0.74 15.61
C ALA D 33 4.48 -0.97 17.06
N LEU D 34 3.72 -0.40 18.00
CA LEU D 34 4.01 -0.58 19.42
C LEU D 34 2.81 -1.09 20.19
N ASP D 35 3.11 -1.90 21.19
CA ASP D 35 2.12 -2.29 22.19
C ASP D 35 2.49 -1.65 23.51
N LYS D 36 3.73 -1.85 23.92
CA LYS D 36 4.24 -1.21 25.12
C LYS D 36 5.07 0.00 24.72
N GLY D 37 4.76 1.14 25.29
CA GLY D 37 5.51 2.33 25.00
C GLY D 37 4.64 3.56 24.94
N GLN D 38 5.26 4.71 25.09
CA GLN D 38 4.53 5.97 25.04
C GLN D 38 4.70 6.66 23.69
N GLU D 39 5.94 6.70 23.21
CA GLU D 39 6.24 7.35 21.94
C GLU D 39 7.46 6.72 21.29
N ALA D 40 7.33 6.29 20.05
CA ALA D 40 8.50 5.87 19.29
C ALA D 40 8.54 6.60 17.96
N LYS D 41 9.52 7.45 17.79
CA LYS D 41 9.72 8.11 16.51
C LYS D 41 10.81 7.39 15.75
N LEU D 42 10.43 6.75 14.66
CA LEU D 42 11.35 5.94 13.89
C LEU D 42 12.16 6.82 12.98
N TYR D 43 13.46 6.85 13.22
CA TYR D 43 14.38 7.62 12.41
C TYR D 43 15.34 6.70 11.69
N LEU D 44 15.69 7.10 10.50
CA LEU D 44 16.65 6.38 9.70
C LEU D 44 17.73 7.34 9.21
N ALA D 45 18.94 7.08 9.61
CA ALA D 45 20.06 7.88 9.16
C ALA D 45 20.87 7.11 8.14
N ALA D 46 20.71 7.49 6.88
CA ALA D 46 21.40 6.83 5.78
C ALA D 46 22.14 7.87 4.96
N GLU D 47 23.36 7.53 4.53
CA GLU D 47 24.22 8.48 3.82
C GLU D 47 24.48 9.71 4.69
N LYS D 48 24.48 9.48 6.00
CA LYS D 48 24.67 10.54 6.99
C LYS D 48 23.55 11.58 6.92
N GLN D 49 22.36 11.14 6.52
CA GLN D 49 21.21 12.02 6.45
C GLN D 49 20.10 11.48 7.33
N GLU D 50 19.62 12.32 8.24
CA GLU D 50 18.58 11.92 9.18
C GLU D 50 17.20 12.01 8.55
N TYR D 51 16.53 10.87 8.44
CA TYR D 51 15.16 10.85 7.92
C TYR D 51 14.19 10.41 9.02
N ILE D 52 13.10 11.14 9.17
CA ILE D 52 12.01 10.67 10.01
C ILE D 52 11.16 9.68 9.22
N VAL D 53 11.20 8.43 9.64
CA VAL D 53 10.57 7.35 8.91
C VAL D 53 9.12 7.20 9.30
N ALA D 54 8.86 7.11 10.60
CA ALA D 54 7.52 6.90 11.09
C ALA D 54 7.34 7.49 12.48
N THR D 55 6.16 8.01 12.74
CA THR D 55 5.80 8.42 14.08
C THR D 55 4.77 7.47 14.65
N VAL D 56 5.22 6.56 15.50
CA VAL D 56 4.34 5.57 16.07
C VAL D 56 4.26 5.74 17.58
N THR D 57 3.12 6.18 18.05
CA THR D 57 2.92 6.50 19.45
C THR D 57 1.78 5.71 20.06
N LYS D 58 1.48 5.96 21.32
CA LYS D 58 0.24 5.45 21.91
C LYS D 58 -0.97 5.92 21.12
N ALA D 59 -0.90 7.14 20.59
CA ALA D 59 -1.98 7.72 19.79
C ALA D 59 -2.06 7.06 18.44
N ILE D 60 -0.90 6.80 17.84
CA ILE D 60 -0.80 6.07 16.59
C ILE D 60 -0.06 4.77 16.83
N PRO D 61 -0.77 3.73 17.29
CA PRO D 61 -0.14 2.49 17.80
C PRO D 61 0.54 1.66 16.73
N GLN D 62 0.45 2.09 15.49
CA GLN D 62 0.99 1.32 14.37
C GLN D 62 1.12 2.18 13.12
N VAL D 63 2.30 2.13 12.52
CA VAL D 63 2.55 2.81 11.26
C VAL D 63 2.91 1.81 10.16
N ALA D 64 2.09 1.73 9.14
CA ALA D 64 2.37 0.91 7.98
C ALA D 64 3.35 1.63 7.06
N LEU D 65 4.44 0.96 6.72
CA LEU D 65 5.51 1.60 5.97
C LEU D 65 5.78 0.90 4.64
N ASP D 66 6.55 1.56 3.80
CA ASP D 66 7.12 0.96 2.62
C ASP D 66 8.56 1.41 2.48
N LEU D 67 9.47 0.57 2.93
CA LEU D 67 10.88 0.85 2.85
C LEU D 67 11.56 -0.28 2.12
N ASN D 68 12.60 0.03 1.37
CA ASN D 68 13.37 -1.01 0.74
C ASN D 68 14.82 -0.58 0.62
N PHE D 69 15.69 -1.37 1.22
CA PHE D 69 17.11 -1.06 1.23
C PHE D 69 17.89 -2.13 0.49
N SER D 70 18.90 -1.71 -0.26
CA SER D 70 19.69 -2.64 -1.06
C SER D 70 20.95 -3.05 -0.31
N LYS D 71 21.64 -4.05 -0.84
CA LYS D 71 22.85 -4.56 -0.20
C LYS D 71 24.02 -3.61 -0.42
N GLY D 72 23.75 -2.52 -1.12
CA GLY D 72 24.74 -1.49 -1.29
C GLY D 72 24.51 -0.34 -0.33
N ASP D 73 23.43 -0.43 0.44
CA ASP D 73 23.08 0.62 1.40
C ASP D 73 23.60 0.27 2.79
N ARG D 74 23.97 1.28 3.54
CA ARG D 74 24.32 1.14 4.94
C ARG D 74 23.57 2.18 5.74
N ILE D 75 22.72 1.74 6.64
CA ILE D 75 21.79 2.64 7.30
C ILE D 75 21.81 2.49 8.81
N MET D 76 21.39 3.53 9.50
CA MET D 76 21.27 3.47 10.93
C MET D 76 19.84 3.71 11.35
N PHE D 77 19.24 2.68 11.93
CA PHE D 77 17.84 2.73 12.33
C PHE D 77 17.73 2.98 13.81
N TYR D 78 16.94 3.96 14.20
CA TYR D 78 16.77 4.25 15.61
C TYR D 78 15.43 4.86 15.93
N THR D 79 14.95 4.61 17.13
CA THR D 79 13.70 5.17 17.59
C THR D 79 13.94 6.16 18.71
N ALA D 80 13.26 7.29 18.63
CA ALA D 80 13.34 8.30 19.67
C ALA D 80 12.10 8.30 20.53
N GLY D 81 12.25 8.72 21.78
CA GLY D 81 11.14 8.69 22.71
C GLY D 81 11.16 7.42 23.53
N ASP D 82 10.13 7.18 24.31
CA ASP D 82 10.07 5.95 25.06
C ASP D 82 8.92 5.10 24.58
N ALA D 83 9.27 4.08 23.80
CA ALA D 83 8.35 3.03 23.41
C ALA D 83 9.11 1.92 22.71
N SER D 84 8.56 0.72 22.73
CA SER D 84 9.18 -0.41 22.07
C SER D 84 8.34 -0.85 20.89
N VAL D 85 8.93 -0.84 19.70
CA VAL D 85 8.19 -1.11 18.47
C VAL D 85 8.77 -2.27 17.71
N SER D 86 7.92 -2.96 16.99
CA SER D 86 8.33 -4.03 16.11
C SER D 86 8.21 -3.58 14.67
N LEU D 87 9.30 -3.67 13.92
CA LEU D 87 9.23 -3.48 12.49
C LEU D 87 9.10 -4.83 11.83
N LEU D 88 8.38 -4.85 10.73
CA LEU D 88 8.14 -6.07 10.02
C LEU D 88 8.43 -5.84 8.55
N GLY D 89 9.01 -6.84 7.91
CA GLY D 89 9.39 -6.70 6.53
C GLY D 89 9.72 -8.04 5.89
N TYR D 90 10.34 -8.00 4.72
CA TYR D 90 10.73 -9.22 4.02
C TYR D 90 11.90 -9.00 3.08
N LEU D 91 12.84 -9.93 3.17
CA LEU D 91 14.01 -9.99 2.29
C LEU D 91 13.60 -10.39 0.89
N HIS D 92 14.20 -9.77 -0.10
CA HIS D 92 13.76 -9.94 -1.48
C HIS D 92 14.41 -11.15 -2.15
N ASP D 93 13.60 -12.17 -2.36
CA ASP D 93 13.97 -13.28 -3.22
C ASP D 93 12.78 -13.58 -4.12
N ILE D 94 12.59 -12.73 -5.11
CA ILE D 94 11.41 -12.77 -5.95
C ILE D 94 11.47 -13.95 -6.93
N ASP D 95 12.18 -13.75 -8.04
CA ASP D 95 12.27 -14.79 -9.06
C ASP D 95 13.36 -15.79 -8.69
N SER D 96 12.97 -16.76 -7.87
CA SER D 96 13.89 -17.79 -7.39
C SER D 96 14.30 -18.72 -8.53
N GLY D 97 13.44 -18.84 -9.54
CA GLY D 97 13.74 -19.70 -10.66
C GLY D 97 13.89 -18.94 -11.95
N SER D 98 15.13 -18.73 -12.36
CA SER D 98 15.42 -18.01 -13.58
C SER D 98 15.86 -18.96 -14.68
N PHE E 1 5.37 -14.61 -18.43
CA PHE E 1 4.05 -14.76 -19.08
C PHE E 1 2.94 -14.26 -18.16
N GLN E 2 2.39 -13.08 -18.49
CA GLN E 2 1.36 -12.44 -17.68
C GLN E 2 1.83 -12.28 -16.24
N GLY E 3 1.37 -13.14 -15.36
CA GLY E 3 1.88 -13.14 -14.00
C GLY E 3 0.96 -12.51 -13.00
N ALA E 4 1.36 -12.60 -11.73
CA ALA E 4 0.62 -12.06 -10.59
C ALA E 4 -0.69 -12.80 -10.39
N MET E 5 -0.73 -14.05 -10.81
CA MET E 5 -1.92 -14.88 -10.69
C MET E 5 -1.92 -15.59 -9.33
N ALA E 6 -1.66 -14.81 -8.29
CA ALA E 6 -1.55 -15.34 -6.93
C ALA E 6 -2.89 -15.88 -6.44
N MET E 7 -2.83 -16.85 -5.54
CA MET E 7 -4.03 -17.53 -5.06
C MET E 7 -4.40 -17.06 -3.66
N PHE E 8 -5.70 -16.94 -3.41
CA PHE E 8 -6.21 -16.36 -2.18
C PHE E 8 -5.79 -17.13 -0.92
N TRP E 9 -5.62 -16.40 0.18
CA TRP E 9 -5.24 -16.95 1.46
C TRP E 9 -6.05 -16.26 2.56
N GLY E 10 -6.41 -16.99 3.60
CA GLY E 10 -7.16 -16.42 4.69
C GLY E 10 -6.86 -17.08 6.01
N LEU E 11 -6.99 -16.33 7.10
CA LEU E 11 -6.71 -16.85 8.43
C LEU E 11 -7.65 -16.24 9.47
N ASN E 12 -8.56 -17.04 9.99
CA ASN E 12 -9.44 -16.56 11.04
C ASN E 12 -8.83 -16.79 12.43
N MET E 13 -8.74 -15.72 13.19
CA MET E 13 -8.16 -15.74 14.52
C MET E 13 -9.24 -15.83 15.58
N LYS E 14 -9.06 -16.77 16.49
CA LYS E 14 -9.90 -16.87 17.67
C LYS E 14 -9.17 -16.19 18.81
N PRO E 15 -9.88 -15.35 19.58
CA PRO E 15 -9.29 -14.53 20.65
C PRO E 15 -8.29 -15.30 21.52
N GLU E 16 -7.02 -14.91 21.43
CA GLU E 16 -5.94 -15.50 22.20
C GLU E 16 -5.64 -16.93 21.77
N ARG E 17 -5.60 -17.14 20.46
CA ARG E 17 -5.13 -18.39 19.88
C ARG E 17 -3.73 -18.22 19.32
N LYS E 18 -2.88 -19.22 19.55
CA LYS E 18 -1.54 -19.22 18.98
C LYS E 18 -1.39 -20.32 17.97
N TYR E 19 -1.11 -19.95 16.73
CA TYR E 19 -0.89 -20.94 15.69
C TYR E 19 0.57 -20.94 15.27
N SER E 20 1.31 -21.95 15.72
CA SER E 20 2.67 -22.12 15.26
C SER E 20 2.65 -22.94 13.98
N GLN E 21 2.81 -22.26 12.86
CA GLN E 21 2.60 -22.87 11.56
C GLN E 21 3.89 -22.90 10.74
N THR E 22 4.04 -23.97 9.97
CA THR E 22 5.16 -24.09 9.04
C THR E 22 4.69 -23.68 7.65
N ILE E 23 5.62 -23.28 6.79
CA ILE E 23 5.26 -22.76 5.50
C ILE E 23 5.86 -23.58 4.38
N ILE E 24 5.00 -24.06 3.49
CA ILE E 24 5.44 -24.83 2.33
C ILE E 24 5.12 -24.05 1.06
N LYS E 25 4.22 -23.09 1.18
CA LYS E 25 3.87 -22.20 0.09
C LYS E 25 3.88 -20.75 0.58
N SER E 26 4.69 -19.93 -0.06
CA SER E 26 4.91 -18.55 0.35
C SER E 26 3.63 -17.72 0.20
N PHE E 27 3.30 -16.96 1.23
CA PHE E 27 2.08 -16.17 1.20
C PHE E 27 2.29 -14.77 1.75
N HIS E 28 1.53 -13.84 1.18
CA HIS E 28 1.50 -12.47 1.64
C HIS E 28 0.22 -12.21 2.41
N ILE E 29 0.34 -11.73 3.63
CA ILE E 29 -0.83 -11.28 4.37
C ILE E 29 -1.02 -9.80 4.10
N SER E 30 -2.23 -9.40 3.79
CA SER E 30 -2.48 -8.04 3.34
C SER E 30 -3.45 -7.30 4.26
N GLY E 31 -4.02 -8.00 5.24
CA GLY E 31 -4.90 -7.31 6.17
C GLY E 31 -5.40 -8.20 7.29
N VAL E 32 -5.82 -7.55 8.36
CA VAL E 32 -6.48 -8.23 9.49
C VAL E 32 -7.56 -7.31 10.07
N ALA E 33 -8.76 -7.84 10.29
CA ALA E 33 -9.87 -7.00 10.74
C ALA E 33 -10.85 -7.77 11.62
N LEU E 34 -11.61 -7.04 12.45
CA LEU E 34 -12.59 -7.67 13.33
C LEU E 34 -13.97 -7.07 13.16
N ASP E 35 -14.96 -7.93 13.31
CA ASP E 35 -16.34 -7.48 13.44
C ASP E 35 -16.81 -7.74 14.86
N LYS E 36 -16.63 -8.97 15.30
CA LYS E 36 -16.94 -9.34 16.66
C LYS E 36 -15.66 -9.35 17.48
N GLY E 37 -15.66 -8.65 18.59
CA GLY E 37 -14.49 -8.63 19.43
C GLY E 37 -14.24 -7.27 20.04
N GLN E 38 -13.49 -7.25 21.12
CA GLN E 38 -13.18 -6.00 21.80
C GLN E 38 -11.77 -5.52 21.45
N GLU E 39 -10.82 -6.45 21.48
CA GLU E 39 -9.43 -6.12 21.19
C GLU E 39 -8.69 -7.33 20.63
N ALA E 40 -8.06 -7.18 19.48
CA ALA E 40 -7.16 -8.21 19.00
C ALA E 40 -5.82 -7.61 18.65
N LYS E 41 -4.80 -7.99 19.40
CA LYS E 41 -3.45 -7.57 19.09
C LYS E 41 -2.74 -8.69 18.36
N LEU E 42 -2.45 -8.46 17.10
CA LEU E 42 -1.87 -9.48 16.26
C LEU E 42 -0.37 -9.55 16.49
N TYR E 43 0.07 -10.68 17.02
CA TYR E 43 1.48 -10.90 17.26
C TYR E 43 2.00 -12.02 16.40
N LEU E 44 3.24 -11.87 16.00
CA LEU E 44 3.91 -12.87 15.22
C LEU E 44 5.25 -13.21 15.84
N ALA E 45 5.40 -14.44 16.25
CA ALA E 45 6.65 -14.90 16.82
C ALA E 45 7.39 -15.75 15.80
N ALA E 46 8.42 -15.17 15.21
CA ALA E 46 9.22 -15.86 14.21
C ALA E 46 10.68 -15.79 14.60
N GLU E 47 11.40 -16.90 14.39
CA GLU E 47 12.79 -17.02 14.82
C GLU E 47 12.89 -16.80 16.33
N LYS E 48 11.82 -17.18 17.04
CA LYS E 48 11.72 -17.01 18.48
C LYS E 48 11.77 -15.54 18.88
N GLN E 49 11.28 -14.68 18.00
CA GLN E 49 11.23 -13.25 18.28
C GLN E 49 9.79 -12.77 18.19
N GLU E 50 9.32 -12.13 19.24
CA GLU E 50 7.94 -11.65 19.30
C GLU E 50 7.80 -10.30 18.60
N TYR E 51 7.01 -10.27 17.55
CA TYR E 51 6.73 -9.05 16.84
C TYR E 51 5.25 -8.66 16.99
N ILE E 52 5.00 -7.41 17.32
CA ILE E 52 3.64 -6.89 17.25
C ILE E 52 3.33 -6.51 15.81
N VAL E 53 2.41 -7.25 15.21
CA VAL E 53 2.11 -7.11 13.79
C VAL E 53 1.07 -6.03 13.57
N ALA E 54 -0.04 -6.14 14.29
CA ALA E 54 -1.14 -5.20 14.11
C ALA E 54 -1.95 -5.03 15.39
N THR E 55 -2.43 -3.84 15.63
CA THR E 55 -3.36 -3.60 16.70
C THR E 55 -4.74 -3.33 16.12
N VAL E 56 -5.60 -4.33 16.16
CA VAL E 56 -6.92 -4.20 15.59
C VAL E 56 -7.98 -4.36 16.69
N THR E 57 -8.65 -3.27 17.00
CA THR E 57 -9.59 -3.23 18.10
C THR E 57 -10.97 -2.79 17.64
N LYS E 58 -11.90 -2.66 18.56
CA LYS E 58 -13.17 -2.00 18.27
C LYS E 58 -12.93 -0.57 17.77
N ALA E 59 -11.90 0.07 18.30
CA ALA E 59 -11.54 1.43 17.91
C ALA E 59 -10.92 1.44 16.53
N ILE E 60 -10.07 0.46 16.27
CA ILE E 60 -9.47 0.29 14.96
C ILE E 60 -9.94 -1.04 14.38
N PRO E 61 -11.13 -1.06 13.76
CA PRO E 61 -11.83 -2.31 13.38
C PRO E 61 -11.13 -3.08 12.26
N GLN E 62 -10.06 -2.52 11.72
CA GLN E 62 -9.38 -3.14 10.60
C GLN E 62 -7.98 -2.57 10.43
N VAL E 63 -7.01 -3.47 10.29
CA VAL E 63 -5.64 -3.08 10.02
C VAL E 63 -5.18 -3.66 8.68
N ALA E 64 -4.85 -2.78 7.76
CA ALA E 64 -4.28 -3.20 6.48
C ALA E 64 -2.79 -3.48 6.65
N LEU E 65 -2.36 -4.66 6.24
CA LEU E 65 -1.00 -5.09 6.48
C LEU E 65 -0.25 -5.41 5.18
N ASP E 66 1.06 -5.54 5.31
CA ASP E 66 1.88 -6.08 4.24
C ASP E 66 2.88 -7.05 4.85
N LEU E 67 2.57 -8.32 4.79
CA LEU E 67 3.44 -9.36 5.30
C LEU E 67 3.72 -10.35 4.20
N ASN E 68 4.90 -10.91 4.20
CA ASN E 68 5.21 -11.95 3.24
C ASN E 68 6.19 -12.93 3.84
N PHE E 69 5.78 -14.18 3.90
CA PHE E 69 6.59 -15.23 4.50
C PHE E 69 6.96 -16.26 3.46
N SER E 70 8.19 -16.76 3.53
CA SER E 70 8.68 -17.72 2.56
C SER E 70 8.53 -19.14 3.09
N LYS E 71 8.73 -20.11 2.20
CA LYS E 71 8.58 -21.51 2.58
C LYS E 71 9.77 -21.98 3.41
N GLY E 72 10.70 -21.07 3.65
CA GLY E 72 11.80 -21.36 4.55
C GLY E 72 11.56 -20.80 5.92
N ASP E 73 10.45 -20.08 6.08
CA ASP E 73 10.11 -19.47 7.36
C ASP E 73 9.17 -20.36 8.15
N ARG E 74 9.30 -20.32 9.47
CA ARG E 74 8.37 -20.98 10.37
C ARG E 74 7.96 -19.98 11.44
N ILE E 75 6.67 -19.68 11.50
CA ILE E 75 6.22 -18.57 12.32
C ILE E 75 5.05 -18.98 13.21
N MET E 76 4.86 -18.24 14.29
CA MET E 76 3.73 -18.47 15.15
C MET E 76 2.87 -17.23 15.22
N PHE E 77 1.66 -17.35 14.71
CA PHE E 77 0.74 -16.23 14.64
C PHE E 77 -0.27 -16.32 15.77
N TYR E 78 -0.44 -15.24 16.51
CA TYR E 78 -1.41 -15.25 17.60
C TYR E 78 -1.96 -13.88 17.89
N THR E 79 -3.18 -13.85 18.37
CA THR E 79 -3.83 -12.60 18.74
C THR E 79 -4.03 -12.54 20.24
N ALA E 80 -3.75 -11.39 20.82
CA ALA E 80 -3.95 -11.17 22.23
C ALA E 80 -5.17 -10.30 22.47
N GLY E 81 -5.80 -10.48 23.62
CA GLY E 81 -7.01 -9.74 23.93
C GLY E 81 -8.23 -10.56 23.57
N ASP E 82 -9.41 -9.97 23.63
CA ASP E 82 -10.60 -10.69 23.24
C ASP E 82 -11.21 -10.05 22.01
N ALA E 83 -10.98 -10.69 20.88
CA ALA E 83 -11.65 -10.35 19.63
C ALA E 83 -11.34 -11.39 18.58
N SER E 84 -12.22 -11.52 17.61
CA SER E 84 -12.01 -12.48 16.53
C SER E 84 -11.76 -11.75 15.22
N VAL E 85 -10.61 -12.00 14.62
CA VAL E 85 -10.20 -11.26 13.42
C VAL E 85 -9.95 -12.17 12.25
N SER E 86 -10.17 -11.64 11.06
CA SER E 86 -9.86 -12.34 9.84
C SER E 86 -8.64 -11.73 9.18
N LEU E 87 -7.63 -12.53 8.92
CA LEU E 87 -6.53 -12.09 8.09
C LEU E 87 -6.78 -12.51 6.68
N LEU E 88 -6.33 -11.69 5.76
CA LEU E 88 -6.53 -11.96 4.36
C LEU E 88 -5.21 -11.78 3.64
N GLY E 89 -4.97 -12.64 2.65
CA GLY E 89 -3.71 -12.61 1.95
C GLY E 89 -3.76 -13.42 0.67
N TYR E 90 -2.59 -13.68 0.10
CA TYR E 90 -2.51 -14.47 -1.12
C TYR E 90 -1.16 -15.16 -1.28
N LEU E 91 -1.25 -16.43 -1.65
CA LEU E 91 -0.09 -17.27 -1.96
C LEU E 91 0.53 -16.84 -3.26
N HIS E 92 1.85 -16.82 -3.31
CA HIS E 92 2.57 -16.26 -4.45
C HIS E 92 2.75 -17.27 -5.57
N ASP E 93 2.02 -17.05 -6.65
CA ASP E 93 2.26 -17.75 -7.90
C ASP E 93 2.21 -16.71 -9.01
N ILE E 94 3.27 -15.92 -9.10
CA ILE E 94 3.30 -14.78 -10.00
C ILE E 94 3.47 -15.21 -11.45
N ASP E 95 4.70 -15.48 -11.86
CA ASP E 95 4.97 -15.88 -13.24
C ASP E 95 4.71 -17.36 -13.42
N SER E 96 3.45 -17.68 -13.67
CA SER E 96 3.02 -19.06 -13.86
C SER E 96 3.58 -19.64 -15.15
N GLY E 97 3.86 -18.77 -16.12
CA GLY E 97 4.37 -19.22 -17.39
C GLY E 97 5.77 -18.71 -17.66
N SER E 98 6.76 -19.57 -17.45
CA SER E 98 8.14 -19.19 -17.67
C SER E 98 8.68 -19.82 -18.94
N PHE A 1 3.37 -4.79 -27.50
CA PHE A 1 3.96 -3.43 -27.59
C PHE A 1 4.78 -3.11 -26.33
N GLN A 2 4.12 -3.11 -25.19
CA GLN A 2 4.77 -2.74 -23.93
C GLN A 2 4.03 -3.35 -22.76
N GLY A 3 4.53 -3.09 -21.55
CA GLY A 3 3.99 -3.72 -20.36
C GLY A 3 2.70 -3.08 -19.88
N ALA A 4 1.65 -3.20 -20.68
CA ALA A 4 0.36 -2.64 -20.36
C ALA A 4 -0.73 -3.70 -20.53
N MET A 5 -0.72 -4.70 -19.66
CA MET A 5 -1.67 -5.81 -19.75
C MET A 5 -2.74 -5.70 -18.67
N ALA A 6 -2.33 -5.35 -17.46
CA ALA A 6 -3.23 -5.33 -16.30
C ALA A 6 -4.43 -4.41 -16.53
N MET A 7 -5.62 -4.99 -16.47
CA MET A 7 -6.85 -4.24 -16.74
C MET A 7 -7.57 -3.86 -15.46
N PHE A 8 -8.58 -3.01 -15.59
CA PHE A 8 -9.31 -2.47 -14.44
C PHE A 8 -10.48 -3.38 -14.06
N TRP A 9 -10.84 -3.35 -12.78
CA TRP A 9 -11.91 -4.17 -12.24
C TRP A 9 -12.75 -3.35 -11.27
N GLY A 10 -14.05 -3.62 -11.22
CA GLY A 10 -14.92 -2.91 -10.31
C GLY A 10 -16.12 -3.74 -9.89
N LEU A 11 -16.69 -3.42 -8.74
CA LEU A 11 -17.85 -4.15 -8.23
C LEU A 11 -18.74 -3.23 -7.39
N ASN A 12 -19.90 -2.89 -7.92
CA ASN A 12 -20.87 -2.09 -7.17
C ASN A 12 -21.77 -3.00 -6.33
N MET A 13 -21.49 -3.04 -5.04
CA MET A 13 -22.23 -3.87 -4.10
C MET A 13 -23.53 -3.21 -3.70
N LYS A 14 -24.59 -4.00 -3.66
CA LYS A 14 -25.86 -3.53 -3.16
C LYS A 14 -26.03 -4.03 -1.73
N PRO A 15 -26.63 -3.20 -0.86
CA PRO A 15 -26.78 -3.48 0.57
C PRO A 15 -27.35 -4.88 0.86
N GLU A 16 -26.54 -5.73 1.48
CA GLU A 16 -26.95 -7.08 1.87
C GLU A 16 -27.25 -7.94 0.65
N ARG A 17 -26.26 -8.07 -0.20
CA ARG A 17 -26.32 -9.00 -1.32
C ARG A 17 -25.23 -10.04 -1.17
N LYS A 18 -25.37 -11.14 -1.90
CA LYS A 18 -24.39 -12.21 -1.86
C LYS A 18 -24.13 -12.75 -3.25
N TYR A 19 -22.95 -12.49 -3.78
CA TYR A 19 -22.58 -12.97 -5.10
C TYR A 19 -21.49 -14.03 -4.96
N SER A 20 -21.80 -15.26 -5.30
CA SER A 20 -20.78 -16.28 -5.38
C SER A 20 -19.92 -16.01 -6.61
N GLN A 21 -18.65 -15.73 -6.37
CA GLN A 21 -17.79 -15.13 -7.37
C GLN A 21 -16.93 -16.17 -8.09
N THR A 22 -17.13 -16.28 -9.39
CA THR A 22 -16.28 -17.10 -10.22
C THR A 22 -15.16 -16.23 -10.78
N ILE A 23 -13.96 -16.79 -10.90
CA ILE A 23 -12.81 -16.00 -11.27
C ILE A 23 -12.24 -16.43 -12.62
N ILE A 24 -12.13 -15.46 -13.52
CA ILE A 24 -11.61 -15.70 -14.85
C ILE A 24 -10.10 -15.46 -14.86
N LYS A 25 -9.68 -14.39 -14.20
CA LYS A 25 -8.27 -14.04 -14.11
C LYS A 25 -7.96 -13.51 -12.73
N SER A 26 -6.73 -13.74 -12.28
CA SER A 26 -6.28 -13.30 -10.97
C SER A 26 -6.38 -11.78 -10.86
N PHE A 27 -7.24 -11.31 -9.98
CA PHE A 27 -7.46 -9.88 -9.85
C PHE A 27 -7.19 -9.41 -8.43
N HIS A 28 -6.74 -8.17 -8.35
CA HIS A 28 -6.46 -7.53 -7.09
C HIS A 28 -7.53 -6.50 -6.80
N ILE A 29 -8.23 -6.66 -5.69
CA ILE A 29 -9.14 -5.61 -5.24
C ILE A 29 -8.36 -4.66 -4.35
N SER A 30 -8.53 -3.38 -4.57
CA SER A 30 -7.70 -2.40 -3.90
C SER A 30 -8.52 -1.40 -3.08
N GLY A 31 -9.82 -1.34 -3.33
CA GLY A 31 -10.64 -0.42 -2.58
C GLY A 31 -12.09 -0.84 -2.51
N VAL A 32 -12.76 -0.42 -1.45
CA VAL A 32 -14.20 -0.59 -1.30
C VAL A 32 -14.76 0.56 -0.46
N ALA A 33 -15.70 1.31 -1.02
CA ALA A 33 -16.18 2.52 -0.35
C ALA A 33 -17.68 2.73 -0.59
N LEU A 34 -18.34 3.44 0.32
CA LEU A 34 -19.76 3.69 0.16
C LEU A 34 -20.04 5.16 -0.04
N ASP A 35 -20.96 5.43 -0.94
CA ASP A 35 -21.45 6.79 -1.17
C ASP A 35 -22.82 6.92 -0.54
N LYS A 36 -23.73 6.05 -0.95
CA LYS A 36 -25.02 5.94 -0.30
C LYS A 36 -25.00 4.71 0.60
N GLY A 37 -25.38 4.88 1.86
CA GLY A 37 -25.45 3.75 2.74
C GLY A 37 -25.19 4.10 4.19
N GLN A 38 -25.60 3.20 5.08
CA GLN A 38 -25.35 3.40 6.49
C GLN A 38 -24.19 2.53 6.96
N GLU A 39 -24.21 1.25 6.61
CA GLU A 39 -23.14 0.32 6.99
C GLU A 39 -23.01 -0.78 5.96
N ALA A 40 -21.79 -1.07 5.54
CA ALA A 40 -21.54 -2.24 4.73
C ALA A 40 -20.36 -3.03 5.26
N LYS A 41 -20.62 -4.24 5.67
CA LYS A 41 -19.56 -5.13 6.08
C LYS A 41 -19.26 -6.10 4.96
N LEU A 42 -18.08 -5.96 4.39
CA LEU A 42 -17.69 -6.78 3.26
C LEU A 42 -17.13 -8.09 3.75
N TYR A 43 -17.83 -9.17 3.44
CA TYR A 43 -17.37 -10.50 3.79
C TYR A 43 -17.13 -11.29 2.53
N LEU A 44 -16.12 -12.14 2.56
CA LEU A 44 -15.92 -13.06 1.46
C LEU A 44 -15.72 -14.46 2.00
N ALA A 45 -16.44 -15.40 1.43
CA ALA A 45 -16.31 -16.78 1.83
C ALA A 45 -15.54 -17.56 0.78
N ALA A 46 -14.35 -18.03 1.16
CA ALA A 46 -13.56 -18.89 0.32
C ALA A 46 -13.21 -20.14 1.09
N GLU A 47 -13.26 -21.30 0.43
CA GLU A 47 -13.12 -22.59 1.11
C GLU A 47 -14.19 -22.71 2.19
N LYS A 48 -15.34 -22.06 1.93
CA LYS A 48 -16.48 -22.04 2.84
C LYS A 48 -16.14 -21.32 4.15
N GLN A 49 -15.07 -20.54 4.15
CA GLN A 49 -14.67 -19.80 5.34
C GLN A 49 -15.01 -18.33 5.16
N GLU A 50 -15.83 -17.80 6.05
CA GLU A 50 -16.28 -16.42 5.97
C GLU A 50 -15.24 -15.48 6.55
N TYR A 51 -14.64 -14.68 5.68
CA TYR A 51 -13.67 -13.69 6.11
C TYR A 51 -14.29 -12.30 6.13
N ILE A 52 -14.02 -11.53 7.18
CA ILE A 52 -14.41 -10.13 7.19
C ILE A 52 -13.36 -9.32 6.43
N VAL A 53 -13.73 -8.96 5.21
CA VAL A 53 -12.81 -8.33 4.28
C VAL A 53 -12.63 -6.87 4.60
N ALA A 54 -13.74 -6.16 4.71
CA ALA A 54 -13.70 -4.73 4.97
C ALA A 54 -14.87 -4.27 5.81
N THR A 55 -14.59 -3.41 6.77
CA THR A 55 -15.66 -2.76 7.50
C THR A 55 -15.77 -1.32 7.00
N VAL A 56 -16.75 -1.07 6.16
CA VAL A 56 -16.93 0.23 5.57
C VAL A 56 -18.30 0.79 5.91
N THR A 57 -18.30 1.80 6.76
CA THR A 57 -19.54 2.39 7.25
C THR A 57 -19.59 3.88 6.94
N LYS A 58 -20.63 4.56 7.40
CA LYS A 58 -20.65 6.03 7.33
C LYS A 58 -19.44 6.62 8.06
N ALA A 59 -19.01 5.92 9.11
CA ALA A 59 -17.87 6.36 9.91
C ALA A 59 -16.56 6.07 9.18
N ILE A 60 -16.50 4.91 8.55
CA ILE A 60 -15.38 4.56 7.69
C ILE A 60 -15.88 4.40 6.26
N PRO A 61 -16.15 5.52 5.56
CA PRO A 61 -16.87 5.51 4.27
C PRO A 61 -16.01 5.04 3.11
N GLN A 62 -14.77 4.69 3.40
CA GLN A 62 -13.79 4.43 2.37
C GLN A 62 -12.70 3.49 2.89
N VAL A 63 -12.81 2.21 2.53
CA VAL A 63 -11.80 1.24 2.92
C VAL A 63 -10.88 0.92 1.75
N ALA A 64 -9.59 1.17 1.94
CA ALA A 64 -8.59 0.81 0.96
C ALA A 64 -7.84 -0.44 1.40
N LEU A 65 -8.07 -1.53 0.70
CA LEU A 65 -7.51 -2.82 1.09
C LEU A 65 -6.73 -3.47 -0.05
N ASP A 66 -6.01 -4.51 0.26
CA ASP A 66 -5.22 -5.23 -0.73
C ASP A 66 -5.70 -6.68 -0.82
N LEU A 67 -6.43 -6.99 -1.88
CA LEU A 67 -6.92 -8.34 -2.10
C LEU A 67 -6.39 -8.87 -3.42
N ASN A 68 -6.24 -10.18 -3.51
CA ASN A 68 -5.89 -10.81 -4.77
C ASN A 68 -6.41 -12.23 -4.80
N PHE A 69 -7.15 -12.55 -5.84
CA PHE A 69 -7.71 -13.88 -5.99
C PHE A 69 -7.22 -14.50 -7.30
N SER A 70 -7.32 -15.83 -7.43
CA SER A 70 -6.77 -16.52 -8.58
C SER A 70 -7.85 -17.19 -9.42
N LYS A 71 -7.51 -17.44 -10.68
CA LYS A 71 -8.40 -18.09 -11.64
C LYS A 71 -8.75 -19.51 -11.20
N GLY A 72 -7.90 -20.08 -10.36
CA GLY A 72 -8.13 -21.43 -9.87
C GLY A 72 -8.83 -21.43 -8.53
N ASP A 73 -9.08 -20.24 -8.00
CA ASP A 73 -9.74 -20.11 -6.72
C ASP A 73 -11.22 -19.78 -6.93
N ARG A 74 -12.01 -19.91 -5.89
CA ARG A 74 -13.43 -19.60 -5.97
C ARG A 74 -13.89 -19.00 -4.66
N ILE A 75 -14.57 -17.87 -4.73
CA ILE A 75 -14.94 -17.15 -3.52
C ILE A 75 -16.38 -16.70 -3.56
N MET A 76 -16.84 -16.13 -2.47
CA MET A 76 -18.17 -15.53 -2.41
C MET A 76 -18.07 -14.14 -1.83
N PHE A 77 -18.56 -13.14 -2.55
CA PHE A 77 -18.52 -11.80 -2.03
C PHE A 77 -19.91 -11.38 -1.59
N TYR A 78 -20.00 -10.90 -0.35
CA TYR A 78 -21.29 -10.49 0.18
C TYR A 78 -21.14 -9.44 1.27
N THR A 79 -22.05 -8.47 1.27
CA THR A 79 -22.01 -7.38 2.23
C THR A 79 -23.18 -7.46 3.19
N ALA A 80 -22.92 -7.12 4.44
CA ALA A 80 -23.96 -7.06 5.46
C ALA A 80 -24.23 -5.63 5.87
N GLY A 81 -25.46 -5.36 6.27
CA GLY A 81 -25.84 -4.00 6.63
C GLY A 81 -26.46 -3.29 5.44
N ASP A 82 -26.91 -2.07 5.63
CA ASP A 82 -27.50 -1.35 4.53
C ASP A 82 -26.54 -0.25 4.08
N ALA A 83 -25.85 -0.52 3.00
CA ALA A 83 -25.06 0.46 2.29
C ALA A 83 -24.59 -0.10 0.97
N SER A 84 -24.40 0.77 -0.01
CA SER A 84 -23.95 0.34 -1.33
C SER A 84 -22.48 0.71 -1.49
N VAL A 85 -21.64 -0.29 -1.69
CA VAL A 85 -20.20 -0.06 -1.73
C VAL A 85 -19.60 -0.45 -3.05
N SER A 86 -18.75 0.41 -3.56
CA SER A 86 -18.09 0.17 -4.82
C SER A 86 -16.69 -0.35 -4.55
N LEU A 87 -16.41 -1.55 -5.03
CA LEU A 87 -15.07 -2.07 -4.96
C LEU A 87 -14.34 -1.75 -6.23
N LEU A 88 -13.06 -1.53 -6.09
CA LEU A 88 -12.23 -1.19 -7.21
C LEU A 88 -10.98 -2.03 -7.18
N GLY A 89 -10.57 -2.50 -8.34
CA GLY A 89 -9.41 -3.37 -8.42
C GLY A 89 -8.87 -3.45 -9.81
N TYR A 90 -7.98 -4.40 -10.04
CA TYR A 90 -7.41 -4.60 -11.35
C TYR A 90 -6.95 -6.03 -11.58
N LEU A 91 -7.30 -6.53 -12.77
CA LEU A 91 -6.89 -7.86 -13.22
C LEU A 91 -5.44 -7.81 -13.68
N HIS A 92 -4.56 -8.44 -12.93
CA HIS A 92 -3.14 -8.40 -13.26
C HIS A 92 -2.78 -9.56 -14.17
N ASP A 93 -1.78 -9.37 -15.00
CA ASP A 93 -1.33 -10.41 -15.91
C ASP A 93 0.19 -10.41 -15.95
N ILE A 94 0.78 -11.45 -16.53
CA ILE A 94 2.23 -11.57 -16.57
C ILE A 94 2.70 -11.85 -17.99
N ASP A 95 3.57 -10.99 -18.47
CA ASP A 95 4.13 -11.11 -19.81
C ASP A 95 5.54 -10.54 -19.82
N SER A 96 6.37 -11.02 -20.75
CA SER A 96 7.77 -10.64 -20.82
C SER A 96 7.96 -9.19 -21.26
N GLY A 97 6.90 -8.58 -21.76
CA GLY A 97 6.99 -7.22 -22.26
C GLY A 97 7.41 -7.19 -23.70
N SER A 98 7.76 -8.37 -24.20
CA SER A 98 8.19 -8.56 -25.56
C SER A 98 7.88 -9.99 -25.99
N PHE B 1 19.29 0.36 -20.49
CA PHE B 1 20.31 0.56 -19.43
C PHE B 1 19.94 -0.22 -18.17
N GLN B 2 18.79 0.09 -17.59
CA GLN B 2 18.36 -0.51 -16.34
C GLN B 2 16.85 -0.44 -16.20
N GLY B 3 16.34 -0.97 -15.10
CA GLY B 3 14.90 -1.07 -14.92
C GLY B 3 14.26 0.23 -14.48
N ALA B 4 14.30 1.21 -15.37
CA ALA B 4 13.73 2.52 -15.09
C ALA B 4 12.82 2.96 -16.23
N MET B 5 11.70 2.26 -16.38
CA MET B 5 10.77 2.53 -17.47
C MET B 5 9.53 3.28 -16.98
N ALA B 6 9.01 2.86 -15.82
CA ALA B 6 7.76 3.38 -15.29
C ALA B 6 7.82 4.91 -15.09
N MET B 7 6.93 5.62 -15.77
CA MET B 7 6.93 7.08 -15.75
C MET B 7 5.85 7.62 -14.83
N PHE B 8 5.88 8.92 -14.57
CA PHE B 8 4.98 9.56 -13.62
C PHE B 8 3.69 10.02 -14.31
N TRP B 9 2.60 10.08 -13.56
CA TRP B 9 1.29 10.46 -14.08
C TRP B 9 0.61 11.38 -13.07
N GLY B 10 -0.17 12.33 -13.57
CA GLY B 10 -0.89 13.24 -12.70
C GLY B 10 -2.17 13.75 -13.33
N LEU B 11 -3.12 14.16 -12.50
CA LEU B 11 -4.40 14.67 -12.99
C LEU B 11 -4.97 15.71 -12.02
N ASN B 12 -4.95 16.96 -12.42
CA ASN B 12 -5.56 18.02 -11.62
C ASN B 12 -7.04 18.17 -11.95
N MET B 13 -7.88 17.64 -11.06
CA MET B 13 -9.32 17.67 -11.24
C MET B 13 -9.90 19.01 -10.84
N LYS B 14 -10.81 19.50 -11.64
CA LYS B 14 -11.54 20.71 -11.33
C LYS B 14 -12.91 20.31 -10.78
N PRO B 15 -13.41 21.05 -9.78
CA PRO B 15 -14.68 20.74 -9.09
C PRO B 15 -15.83 20.48 -10.05
N GLU B 16 -16.34 19.24 -10.03
CA GLU B 16 -17.49 18.85 -10.85
C GLU B 16 -17.18 18.92 -12.33
N ARG B 17 -16.15 18.19 -12.73
CA ARG B 17 -15.82 18.01 -14.13
C ARG B 17 -15.94 16.55 -14.50
N LYS B 18 -16.02 16.26 -15.79
CA LYS B 18 -16.12 14.90 -16.26
C LYS B 18 -15.26 14.70 -17.50
N TYR B 19 -14.18 13.93 -17.34
CA TYR B 19 -13.30 13.65 -18.45
C TYR B 19 -13.40 12.18 -18.82
N SER B 20 -13.92 11.90 -20.01
CA SER B 20 -13.89 10.54 -20.52
C SER B 20 -12.45 10.19 -20.91
N GLN B 21 -11.90 9.22 -20.22
CA GLN B 21 -10.46 8.99 -20.22
C GLN B 21 -10.06 7.90 -21.20
N THR B 22 -9.26 8.29 -22.18
CA THR B 22 -8.66 7.33 -23.09
C THR B 22 -7.29 6.92 -22.54
N ILE B 23 -6.93 5.66 -22.71
CA ILE B 23 -5.71 5.16 -22.09
C ILE B 23 -4.68 4.75 -23.12
N ILE B 24 -3.50 5.32 -23.00
CA ILE B 24 -2.39 5.03 -23.90
C ILE B 24 -1.57 3.87 -23.35
N LYS B 25 -1.30 3.92 -22.04
CA LYS B 25 -0.54 2.89 -21.37
C LYS B 25 -1.15 2.60 -20.00
N SER B 26 -1.02 1.35 -19.56
CA SER B 26 -1.53 0.93 -18.27
C SER B 26 -0.90 1.74 -17.15
N PHE B 27 -1.71 2.52 -16.46
CA PHE B 27 -1.20 3.38 -15.42
C PHE B 27 -1.87 3.10 -14.09
N HIS B 28 -1.10 3.32 -13.04
CA HIS B 28 -1.57 3.14 -11.68
C HIS B 28 -1.77 4.50 -11.03
N ILE B 29 -2.99 4.79 -10.61
CA ILE B 29 -3.22 5.98 -9.80
C ILE B 29 -3.04 5.61 -8.35
N SER B 30 -2.31 6.44 -7.62
CA SER B 30 -1.92 6.09 -6.27
C SER B 30 -2.41 7.11 -5.24
N GLY B 31 -2.81 8.29 -5.69
CA GLY B 31 -3.29 9.29 -4.76
C GLY B 31 -4.23 10.28 -5.40
N VAL B 32 -5.11 10.84 -4.58
CA VAL B 32 -5.97 11.94 -4.98
C VAL B 32 -6.28 12.82 -3.76
N ALA B 33 -5.94 14.09 -3.83
CA ALA B 33 -6.05 14.97 -2.67
C ALA B 33 -6.46 16.38 -3.06
N LEU B 34 -7.09 17.11 -2.14
CA LEU B 34 -7.52 18.47 -2.43
C LEU B 34 -6.76 19.47 -1.58
N ASP B 35 -6.41 20.56 -2.22
CA ASP B 35 -5.79 21.69 -1.54
C ASP B 35 -6.83 22.79 -1.39
N LYS B 36 -7.38 23.21 -2.51
CA LYS B 36 -8.52 24.11 -2.51
C LYS B 36 -9.79 23.31 -2.78
N GLY B 37 -10.78 23.45 -1.93
CA GLY B 37 -12.03 22.78 -2.18
C GLY B 37 -12.79 22.43 -0.93
N GLN B 38 -14.07 22.15 -1.08
CA GLN B 38 -14.89 21.73 0.04
C GLN B 38 -15.13 20.24 0.04
N GLU B 39 -15.52 19.69 -1.12
CA GLU B 39 -15.76 18.26 -1.24
C GLU B 39 -15.50 17.81 -2.67
N ALA B 40 -14.77 16.72 -2.82
CA ALA B 40 -14.62 16.10 -4.13
C ALA B 40 -14.85 14.60 -4.04
N LYS B 41 -15.89 14.14 -4.70
CA LYS B 41 -16.13 12.71 -4.78
C LYS B 41 -15.66 12.21 -6.13
N LEU B 42 -14.61 11.39 -6.10
CA LEU B 42 -14.01 10.90 -7.32
C LEU B 42 -14.77 9.67 -7.79
N TYR B 43 -15.41 9.79 -8.93
CA TYR B 43 -16.11 8.67 -9.53
C TYR B 43 -15.47 8.33 -10.85
N LEU B 44 -15.45 7.05 -11.18
CA LEU B 44 -15.00 6.65 -12.49
C LEU B 44 -16.00 5.67 -13.09
N ALA B 45 -16.39 5.94 -14.31
CA ALA B 45 -17.30 5.06 -15.01
C ALA B 45 -16.56 4.23 -16.05
N ALA B 46 -16.52 2.93 -15.82
CA ALA B 46 -15.96 2.00 -16.77
C ALA B 46 -16.99 0.92 -17.06
N GLU B 47 -17.10 0.53 -18.34
CA GLU B 47 -18.17 -0.36 -18.77
C GLU B 47 -19.53 0.26 -18.44
N LYS B 48 -19.56 1.59 -18.44
CA LYS B 48 -20.74 2.39 -18.13
C LYS B 48 -21.18 2.19 -16.67
N GLN B 49 -20.29 1.67 -15.84
CA GLN B 49 -20.60 1.46 -14.44
C GLN B 49 -19.89 2.52 -13.59
N GLU B 50 -20.68 3.28 -12.85
CA GLU B 50 -20.14 4.37 -12.04
C GLU B 50 -19.60 3.83 -10.72
N TYR B 51 -18.30 3.90 -10.56
CA TYR B 51 -17.66 3.49 -9.32
C TYR B 51 -17.27 4.70 -8.49
N ILE B 52 -17.52 4.64 -7.19
CA ILE B 52 -17.02 5.65 -6.28
C ILE B 52 -15.57 5.33 -5.93
N VAL B 53 -14.67 6.06 -6.56
CA VAL B 53 -13.25 5.79 -6.48
C VAL B 53 -12.67 6.31 -5.18
N ALA B 54 -12.92 7.58 -4.89
CA ALA B 54 -12.37 8.19 -3.70
C ALA B 54 -13.31 9.23 -3.13
N THR B 55 -13.44 9.24 -1.82
CA THR B 55 -14.15 10.31 -1.15
C THR B 55 -13.13 11.21 -0.49
N VAL B 56 -12.85 12.34 -1.12
CA VAL B 56 -11.85 13.26 -0.62
C VAL B 56 -12.47 14.63 -0.36
N THR B 57 -12.58 14.95 0.91
CA THR B 57 -13.24 16.19 1.33
C THR B 57 -12.28 17.03 2.17
N LYS B 58 -12.77 18.16 2.69
CA LYS B 58 -11.99 18.92 3.68
C LYS B 58 -11.67 18.03 4.89
N ALA B 59 -12.58 17.12 5.20
CA ALA B 59 -12.41 16.20 6.33
C ALA B 59 -11.41 15.11 5.99
N ILE B 60 -11.49 14.61 4.77
CA ILE B 60 -10.51 13.66 4.25
C ILE B 60 -9.79 14.30 3.06
N PRO B 61 -8.85 15.22 3.34
CA PRO B 61 -8.25 16.08 2.31
C PRO B 61 -7.23 15.36 1.44
N GLN B 62 -7.04 14.09 1.71
CA GLN B 62 -5.96 13.34 1.09
C GLN B 62 -6.29 11.85 1.04
N VAL B 63 -6.71 11.38 -0.12
CA VAL B 63 -7.02 9.97 -0.30
C VAL B 63 -5.88 9.27 -1.04
N ALA B 64 -5.31 8.27 -0.41
CA ALA B 64 -4.29 7.44 -1.04
C ALA B 64 -4.89 6.10 -1.45
N LEU B 65 -5.03 5.89 -2.75
CA LEU B 65 -5.69 4.70 -3.26
C LEU B 65 -4.82 3.97 -4.27
N ASP B 66 -5.22 2.76 -4.63
CA ASP B 66 -4.49 1.95 -5.58
C ASP B 66 -5.38 1.65 -6.79
N LEU B 67 -5.10 2.32 -7.88
CA LEU B 67 -5.84 2.12 -9.13
C LEU B 67 -4.89 1.68 -10.22
N ASN B 68 -5.40 0.92 -11.17
CA ASN B 68 -4.63 0.58 -12.35
C ASN B 68 -5.56 0.31 -13.52
N PHE B 69 -5.31 0.98 -14.62
CA PHE B 69 -6.12 0.83 -15.82
C PHE B 69 -5.24 0.37 -16.98
N SER B 70 -5.86 -0.17 -18.02
CA SER B 70 -5.10 -0.75 -19.13
C SER B 70 -5.34 0.01 -20.44
N LYS B 71 -4.38 -0.15 -21.36
CA LYS B 71 -4.43 0.49 -22.67
C LYS B 71 -5.62 -0.02 -23.48
N GLY B 72 -6.12 -1.19 -23.12
CA GLY B 72 -7.25 -1.76 -23.82
C GLY B 72 -8.55 -1.46 -23.12
N ASP B 73 -8.47 -0.75 -22.00
CA ASP B 73 -9.64 -0.39 -21.23
C ASP B 73 -10.01 1.05 -21.54
N ARG B 74 -11.21 1.45 -21.15
CA ARG B 74 -11.66 2.82 -21.36
C ARG B 74 -12.54 3.25 -20.19
N ILE B 75 -12.25 4.39 -19.60
CA ILE B 75 -12.94 4.81 -18.40
C ILE B 75 -13.36 6.27 -18.49
N MET B 76 -14.10 6.71 -17.48
CA MET B 76 -14.46 8.12 -17.37
C MET B 76 -14.15 8.60 -15.97
N PHE B 77 -13.35 9.65 -15.86
CA PHE B 77 -13.05 10.19 -14.55
C PHE B 77 -13.81 11.46 -14.32
N TYR B 78 -14.52 11.54 -13.20
CA TYR B 78 -15.30 12.72 -12.90
C TYR B 78 -15.50 12.89 -11.40
N THR B 79 -15.46 14.14 -10.96
CA THR B 79 -15.59 14.45 -9.55
C THR B 79 -16.88 15.21 -9.27
N ALA B 80 -17.50 14.90 -8.15
CA ALA B 80 -18.70 15.60 -7.72
C ALA B 80 -18.41 16.46 -6.50
N GLY B 81 -19.15 17.55 -6.35
CA GLY B 81 -18.91 18.46 -5.26
C GLY B 81 -17.99 19.58 -5.70
N ASP B 82 -17.72 20.54 -4.82
CA ASP B 82 -16.82 21.60 -5.18
C ASP B 82 -15.51 21.44 -4.44
N ALA B 83 -14.53 20.94 -5.17
CA ALA B 83 -13.15 20.91 -4.71
C ALA B 83 -12.25 20.49 -5.86
N SER B 84 -11.02 20.97 -5.83
CA SER B 84 -10.06 20.63 -6.86
C SER B 84 -9.07 19.61 -6.33
N VAL B 85 -9.02 18.45 -6.95
CA VAL B 85 -8.20 17.36 -6.45
C VAL B 85 -7.15 16.93 -7.44
N SER B 86 -5.96 16.75 -6.93
CA SER B 86 -4.85 16.33 -7.75
C SER B 86 -4.65 14.83 -7.58
N LEU B 87 -4.77 14.10 -8.67
CA LEU B 87 -4.45 12.69 -8.65
C LEU B 87 -3.02 12.49 -9.05
N LEU B 88 -2.41 11.49 -8.48
CA LEU B 88 -1.04 11.19 -8.75
C LEU B 88 -0.89 9.71 -9.01
N GLY B 89 -0.08 9.37 -9.99
CA GLY B 89 0.07 7.98 -10.35
C GLY B 89 1.32 7.76 -11.18
N TYR B 90 1.42 6.57 -11.78
CA TYR B 90 2.56 6.27 -12.63
C TYR B 90 2.22 5.22 -13.68
N LEU B 91 2.67 5.50 -14.90
CA LEU B 91 2.54 4.60 -16.03
C LEU B 91 3.57 3.49 -15.92
N HIS B 92 3.12 2.28 -15.64
CA HIS B 92 4.04 1.17 -15.46
C HIS B 92 4.29 0.48 -16.79
N ASP B 93 5.47 -0.11 -16.93
CA ASP B 93 5.83 -0.81 -18.15
C ASP B 93 6.57 -2.09 -17.78
N ILE B 94 6.75 -2.98 -18.74
CA ILE B 94 7.40 -4.26 -18.48
C ILE B 94 8.52 -4.50 -19.49
N ASP B 95 9.71 -4.72 -18.96
CA ASP B 95 10.89 -4.97 -19.78
C ASP B 95 11.84 -5.89 -19.02
N SER B 96 12.67 -6.62 -19.74
CA SER B 96 13.56 -7.62 -19.15
C SER B 96 14.70 -6.97 -18.36
N GLY B 97 14.87 -5.65 -18.52
CA GLY B 97 15.95 -4.96 -17.85
C GLY B 97 17.21 -5.01 -18.67
N SER B 98 17.15 -5.78 -19.74
CA SER B 98 18.26 -5.96 -20.66
C SER B 98 17.70 -6.33 -22.03
N PHE C 1 24.23 -11.86 -8.05
CA PHE C 1 24.03 -12.84 -6.96
C PHE C 1 22.56 -13.18 -6.79
N GLN C 2 21.74 -12.17 -6.48
CA GLN C 2 20.34 -12.37 -6.21
C GLN C 2 19.56 -11.08 -6.46
N GLY C 3 18.24 -11.14 -6.26
CA GLY C 3 17.38 -10.02 -6.58
C GLY C 3 17.41 -8.92 -5.54
N ALA C 4 18.57 -8.28 -5.41
CA ALA C 4 18.75 -7.21 -4.45
C ALA C 4 19.37 -6.00 -5.13
N MET C 5 18.61 -5.37 -6.01
CA MET C 5 19.10 -4.21 -6.76
C MET C 5 18.52 -2.90 -6.24
N ALA C 6 17.22 -2.91 -5.93
CA ALA C 6 16.51 -1.71 -5.52
C ALA C 6 17.15 -1.04 -4.30
N MET C 7 17.58 0.20 -4.47
CA MET C 7 18.28 0.93 -3.41
C MET C 7 17.36 1.92 -2.71
N PHE C 8 17.84 2.48 -1.61
CA PHE C 8 17.04 3.36 -0.77
C PHE C 8 17.18 4.83 -1.24
N TRP C 9 16.14 5.61 -0.98
CA TRP C 9 16.09 7.01 -1.39
C TRP C 9 15.49 7.85 -0.25
N GLY C 10 15.95 9.07 -0.11
CA GLY C 10 15.43 9.95 0.91
C GLY C 10 15.54 11.42 0.53
N LEU C 11 14.70 12.25 1.12
CA LEU C 11 14.70 13.69 0.83
C LEU C 11 14.24 14.48 2.04
N ASN C 12 15.16 15.18 2.70
CA ASN C 12 14.82 16.05 3.80
C ASN C 12 14.43 17.44 3.29
N MET C 13 13.14 17.70 3.28
CA MET C 13 12.60 18.97 2.82
C MET C 13 12.69 20.04 3.88
N LYS C 14 13.10 21.22 3.46
CA LYS C 14 13.12 22.37 4.34
C LYS C 14 11.88 23.22 4.05
N PRO C 15 11.28 23.80 5.10
CA PRO C 15 10.03 24.56 4.99
C PRO C 15 10.05 25.62 3.89
N GLU C 16 9.20 25.42 2.88
CA GLU C 16 9.05 26.35 1.78
C GLU C 16 10.32 26.44 0.94
N ARG C 17 10.73 25.29 0.43
CA ARG C 17 11.82 25.21 -0.53
C ARG C 17 11.29 24.65 -1.84
N LYS C 18 12.07 24.84 -2.90
CA LYS C 18 11.69 24.35 -4.22
C LYS C 18 12.90 23.77 -4.94
N TYR C 19 12.90 22.46 -5.10
CA TYR C 19 13.99 21.79 -5.79
C TYR C 19 13.49 21.23 -7.11
N SER C 20 13.97 21.77 -8.21
CA SER C 20 13.68 21.18 -9.51
C SER C 20 14.48 19.87 -9.62
N GLN C 21 13.75 18.77 -9.73
CA GLN C 21 14.31 17.45 -9.51
C GLN C 21 14.68 16.77 -10.83
N THR C 22 15.96 16.49 -10.99
CA THR C 22 16.43 15.70 -12.11
C THR C 22 16.47 14.23 -11.67
N ILE C 23 16.15 13.32 -12.58
CA ILE C 23 16.01 11.92 -12.22
C ILE C 23 17.05 11.06 -12.92
N ILE C 24 17.81 10.32 -12.12
CA ILE C 24 18.83 9.43 -12.63
C ILE C 24 18.24 8.04 -12.88
N LYS C 25 17.44 7.59 -11.92
CA LYS C 25 16.80 6.28 -12.02
C LYS C 25 15.36 6.38 -11.49
N SER C 26 14.48 5.54 -12.05
CA SER C 26 13.09 5.51 -11.65
C SER C 26 12.98 5.16 -10.18
N PHE C 27 12.48 6.09 -9.38
CA PHE C 27 12.38 5.87 -7.96
C PHE C 27 10.96 6.02 -7.46
N HIS C 28 10.66 5.26 -6.42
CA HIS C 28 9.36 5.30 -5.78
C HIS C 28 9.47 6.01 -4.45
N ILE C 29 8.73 7.09 -4.28
CA ILE C 29 8.63 7.71 -2.97
C ILE C 29 7.46 7.08 -2.23
N SER C 30 7.67 6.73 -0.98
CA SER C 30 6.71 5.94 -0.25
C SER C 30 6.24 6.65 1.02
N GLY C 31 6.95 7.67 1.45
CA GLY C 31 6.54 8.38 2.65
C GLY C 31 7.07 9.80 2.69
N VAL C 32 6.33 10.65 3.40
CA VAL C 32 6.77 12.00 3.70
C VAL C 32 6.16 12.44 5.03
N ALA C 33 7.00 12.82 5.98
CA ALA C 33 6.54 13.11 7.33
C ALA C 33 7.34 14.23 7.97
N LEU C 34 6.72 14.94 8.92
CA LEU C 34 7.40 16.03 9.61
C LEU C 34 7.65 15.72 11.06
N ASP C 35 8.82 16.10 11.52
CA ASP C 35 9.16 16.00 12.93
C ASP C 35 9.12 17.38 13.54
N LYS C 36 9.88 18.30 12.96
CA LYS C 36 9.79 19.71 13.30
C LYS C 36 9.00 20.42 12.22
N GLY C 37 7.98 21.17 12.61
CA GLY C 37 7.24 21.93 11.64
C GLY C 37 5.80 22.14 12.01
N GLN C 38 5.16 23.12 11.38
CA GLN C 38 3.75 23.37 11.61
C GLN C 38 2.90 22.82 10.48
N GLU C 39 3.29 23.12 9.23
CA GLU C 39 2.57 22.63 8.07
C GLU C 39 3.51 22.48 6.89
N ALA C 40 3.42 21.36 6.20
CA ALA C 40 4.13 21.19 4.94
C ALA C 40 3.22 20.62 3.88
N LYS C 41 2.98 21.40 2.85
CA LYS C 41 2.22 20.91 1.71
C LYS C 41 3.17 20.53 0.60
N LEU C 42 3.25 19.25 0.32
CA LEU C 42 4.17 18.75 -0.68
C LEU C 42 3.55 18.86 -2.05
N TYR C 43 4.14 19.70 -2.89
CA TYR C 43 3.70 19.86 -4.25
C TYR C 43 4.80 19.41 -5.19
N LEU C 44 4.41 18.83 -6.31
CA LEU C 44 5.37 18.53 -7.34
C LEU C 44 4.85 19.00 -8.68
N ALA C 45 5.69 19.71 -9.39
CA ALA C 45 5.33 20.20 -10.71
C ALA C 45 6.03 19.37 -11.78
N ALA C 46 5.24 18.64 -12.54
CA ALA C 46 5.74 17.90 -13.69
C ALA C 46 4.94 18.29 -14.91
N GLU C 47 5.61 18.45 -16.05
CA GLU C 47 4.98 19.00 -17.25
C GLU C 47 4.41 20.38 -16.94
N LYS C 48 5.07 21.06 -16.00
CA LYS C 48 4.67 22.39 -15.54
C LYS C 48 3.31 22.37 -14.85
N GLN C 49 2.86 21.19 -14.44
CA GLN C 49 1.58 21.07 -13.75
C GLN C 49 1.83 20.82 -12.27
N GLU C 50 1.30 21.70 -11.44
CA GLU C 50 1.49 21.63 -10.01
C GLU C 50 0.52 20.64 -9.37
N TYR C 51 1.05 19.53 -8.89
CA TYR C 51 0.24 18.54 -8.21
C TYR C 51 0.42 18.64 -6.70
N ILE C 52 -0.69 18.56 -5.96
CA ILE C 52 -0.61 18.45 -4.52
C ILE C 52 -0.34 17.00 -4.13
N VAL C 53 0.91 16.74 -3.79
CA VAL C 53 1.39 15.39 -3.56
C VAL C 53 0.96 14.89 -2.20
N ALA C 54 1.27 15.67 -1.17
CA ALA C 54 0.96 15.27 0.19
C ALA C 54 0.62 16.46 1.05
N THR C 55 -0.40 16.31 1.88
CA THR C 55 -0.69 17.30 2.89
C THR C 55 -0.25 16.75 4.23
N VAL C 56 0.90 17.21 4.69
CA VAL C 56 1.46 16.72 5.93
C VAL C 56 1.66 17.87 6.91
N THR C 57 0.85 17.87 7.95
CA THR C 57 0.84 18.94 8.94
C THR C 57 1.09 18.40 10.33
N LYS C 58 1.04 19.25 11.34
CA LYS C 58 1.07 18.77 12.73
C LYS C 58 -0.11 17.82 12.97
N ALA C 59 -1.21 18.06 12.28
CA ALA C 59 -2.41 17.24 12.41
C ALA C 59 -2.23 15.91 11.68
N ILE C 60 -1.63 15.98 10.50
CA ILE C 60 -1.26 14.79 9.75
C ILE C 60 0.27 14.75 9.62
N PRO C 61 0.97 14.36 10.70
CA PRO C 61 2.42 14.49 10.79
C PRO C 61 3.18 13.45 9.98
N GLN C 62 2.44 12.61 9.30
CA GLN C 62 3.03 11.44 8.65
C GLN C 62 2.17 11.00 7.47
N VAL C 63 2.59 11.36 6.27
CA VAL C 63 1.88 10.94 5.06
C VAL C 63 2.61 9.79 4.38
N ALA C 64 1.92 8.68 4.23
CA ALA C 64 2.45 7.54 3.50
C ALA C 64 1.79 7.47 2.12
N LEU C 65 2.58 7.75 1.09
CA LEU C 65 2.05 7.81 -0.26
C LEU C 65 2.83 6.92 -1.21
N ASP C 66 2.29 6.73 -2.41
CA ASP C 66 2.94 5.91 -3.43
C ASP C 66 3.26 6.76 -4.65
N LEU C 67 4.53 7.08 -4.81
CA LEU C 67 4.99 7.86 -5.96
C LEU C 67 6.01 7.07 -6.74
N ASN C 68 6.08 7.31 -8.04
CA ASN C 68 7.14 6.73 -8.86
C ASN C 68 7.42 7.63 -10.05
N PHE C 69 8.67 7.98 -10.22
CA PHE C 69 9.10 8.83 -11.32
C PHE C 69 10.13 8.11 -12.17
N SER C 70 10.34 8.56 -13.40
CA SER C 70 11.21 7.87 -14.34
C SER C 70 12.43 8.71 -14.71
N LYS C 71 13.47 8.01 -15.17
CA LYS C 71 14.72 8.63 -15.59
C LYS C 71 14.51 9.55 -16.79
N GLY C 72 13.42 9.31 -17.52
CA GLY C 72 13.12 10.13 -18.68
C GLY C 72 12.14 11.24 -18.35
N ASP C 73 11.72 11.28 -17.09
CA ASP C 73 10.79 12.30 -16.64
C ASP C 73 11.55 13.40 -15.91
N ARG C 74 10.89 14.53 -15.68
CA ARG C 74 11.51 15.63 -14.96
C ARG C 74 10.46 16.33 -14.13
N ILE C 75 10.75 16.54 -12.86
CA ILE C 75 9.75 17.08 -11.95
C ILE C 75 10.33 18.18 -11.08
N MET C 76 9.47 18.81 -10.30
CA MET C 76 9.91 19.80 -9.33
C MET C 76 9.28 19.49 -7.99
N PHE C 77 10.09 19.32 -6.96
CA PHE C 77 9.55 19.06 -5.65
C PHE C 77 9.65 20.29 -4.79
N TYR C 78 8.54 20.70 -4.19
CA TYR C 78 8.53 21.88 -3.36
C TYR C 78 7.43 21.83 -2.31
N THR C 79 7.75 22.32 -1.13
CA THR C 79 6.82 22.30 -0.02
C THR C 79 6.39 23.70 0.37
N ALA C 80 5.12 23.85 0.71
CA ALA C 80 4.58 25.12 1.18
C ALA C 80 4.25 25.05 2.67
N GLY C 81 4.34 26.18 3.33
CA GLY C 81 4.11 26.22 4.77
C GLY C 81 5.41 26.08 5.52
N ASP C 82 5.37 26.16 6.84
CA ASP C 82 6.59 26.01 7.60
C ASP C 82 6.59 24.67 8.31
N ALA C 83 7.33 23.74 7.74
CA ALA C 83 7.63 22.46 8.37
C ALA C 83 8.70 21.74 7.56
N SER C 84 9.49 20.93 8.24
CA SER C 84 10.53 20.16 7.58
C SER C 84 10.10 18.71 7.47
N VAL C 85 9.99 18.23 6.24
CA VAL C 85 9.47 16.88 6.01
C VAL C 85 10.47 15.99 5.34
N SER C 86 10.58 14.78 5.84
CA SER C 86 11.49 13.81 5.31
C SER C 86 10.72 12.86 4.40
N LEU C 87 11.09 12.82 3.14
CA LEU C 87 10.53 11.85 2.23
C LEU C 87 11.39 10.63 2.20
N LEU C 88 10.76 9.50 2.02
CA LEU C 88 11.46 8.24 1.99
C LEU C 88 10.99 7.45 0.81
N GLY C 89 11.91 6.79 0.13
CA GLY C 89 11.57 6.04 -1.05
C GLY C 89 12.64 5.06 -1.42
N TYR C 90 12.54 4.51 -2.62
CA TYR C 90 13.55 3.57 -3.10
C TYR C 90 13.64 3.54 -4.62
N LEU C 91 14.87 3.55 -5.09
CA LEU C 91 15.19 3.45 -6.50
C LEU C 91 15.05 2.00 -6.95
N HIS C 92 14.04 1.72 -7.76
CA HIS C 92 13.79 0.36 -8.19
C HIS C 92 14.53 0.07 -9.48
N ASP C 93 14.90 -1.18 -9.69
CA ASP C 93 15.61 -1.58 -10.89
C ASP C 93 15.05 -2.91 -11.36
N ILE C 94 15.40 -3.32 -12.57
CA ILE C 94 14.88 -4.55 -13.14
C ILE C 94 16.01 -5.41 -13.68
N ASP C 95 16.09 -6.63 -13.18
CA ASP C 95 17.12 -7.58 -13.58
C ASP C 95 16.54 -8.99 -13.48
N SER C 96 17.10 -9.91 -14.27
CA SER C 96 16.60 -11.27 -14.36
C SER C 96 16.89 -12.07 -13.08
N GLY C 97 17.73 -11.53 -12.21
CA GLY C 97 18.10 -12.23 -10.99
C GLY C 97 19.26 -13.16 -11.24
N SER C 98 19.63 -13.27 -12.51
CA SER C 98 20.73 -14.10 -12.93
C SER C 98 21.29 -13.54 -14.23
N PHE D 1 11.33 -24.65 -7.42
CA PHE D 1 9.95 -25.19 -7.45
C PHE D 1 8.97 -24.14 -7.97
N GLN D 2 8.87 -23.02 -7.27
CA GLN D 2 7.91 -21.99 -7.60
C GLN D 2 8.37 -20.65 -7.05
N GLY D 3 7.58 -19.61 -7.31
CA GLY D 3 7.97 -18.26 -6.94
C GLY D 3 7.77 -17.95 -5.47
N ALA D 4 8.53 -18.64 -4.63
CA ALA D 4 8.45 -18.46 -3.19
C ALA D 4 9.84 -18.24 -2.60
N MET D 5 10.44 -17.10 -2.92
CA MET D 5 11.79 -16.79 -2.47
C MET D 5 11.79 -15.76 -1.34
N ALA D 6 10.95 -14.74 -1.49
CA ALA D 6 10.92 -13.62 -0.55
C ALA D 6 10.65 -14.08 0.89
N MET D 7 11.59 -13.80 1.78
CA MET D 7 11.51 -14.25 3.16
C MET D 7 11.06 -13.13 4.09
N PHE D 8 10.75 -13.48 5.33
CA PHE D 8 10.22 -12.53 6.31
C PHE D 8 11.34 -11.83 7.07
N TRP D 9 11.06 -10.61 7.53
CA TRP D 9 12.02 -9.79 8.25
C TRP D 9 11.33 -9.10 9.43
N GLY D 10 12.06 -8.92 10.52
CA GLY D 10 11.50 -8.25 11.68
C GLY D 10 12.56 -7.55 12.50
N LEU D 11 12.14 -6.54 13.26
CA LEU D 11 13.07 -5.77 14.09
C LEU D 11 12.36 -5.24 15.33
N ASN D 12 12.67 -5.81 16.49
CA ASN D 12 12.13 -5.30 17.74
C ASN D 12 13.01 -4.19 18.30
N MET D 13 12.54 -2.96 18.15
CA MET D 13 13.26 -1.78 18.60
C MET D 13 13.06 -1.55 20.08
N LYS D 14 14.14 -1.23 20.76
CA LYS D 14 14.08 -0.85 22.15
C LYS D 14 14.13 0.67 22.25
N PRO D 15 13.37 1.26 23.20
CA PRO D 15 13.24 2.71 23.34
C PRO D 15 14.59 3.43 23.38
N GLU D 16 14.82 4.27 22.36
CA GLU D 16 16.03 5.08 22.26
C GLU D 16 17.28 4.21 22.11
N ARG D 17 17.27 3.40 21.06
CA ARG D 17 18.44 2.65 20.67
C ARG D 17 18.88 3.08 19.29
N LYS D 18 20.10 2.74 18.93
CA LYS D 18 20.64 3.08 17.63
C LYS D 18 21.46 1.92 17.06
N TYR D 19 20.92 1.30 16.02
CA TYR D 19 21.61 0.19 15.38
C TYR D 19 22.06 0.61 13.99
N SER D 20 23.36 0.69 13.78
CA SER D 20 23.87 0.90 12.44
C SER D 20 23.69 -0.39 11.64
N GLN D 21 22.87 -0.30 10.60
CA GLN D 21 22.33 -1.47 9.94
C GLN D 21 23.11 -1.85 8.70
N THR D 22 23.70 -3.04 8.73
CA THR D 22 24.33 -3.60 7.56
C THR D 22 23.31 -4.45 6.80
N ILE D 23 23.37 -4.42 5.48
CA ILE D 23 22.35 -5.08 4.68
C ILE D 23 22.92 -6.24 3.88
N ILE D 24 22.31 -7.41 4.07
CA ILE D 24 22.73 -8.62 3.37
C ILE D 24 21.94 -8.75 2.07
N LYS D 25 20.64 -8.50 2.15
CA LYS D 25 19.77 -8.57 1.00
C LYS D 25 18.76 -7.44 1.04
N SER D 26 18.34 -6.99 -0.15
CA SER D 26 17.38 -5.91 -0.28
C SER D 26 16.08 -6.29 0.40
N PHE D 27 15.73 -5.57 1.45
CA PHE D 27 14.53 -5.88 2.21
C PHE D 27 13.57 -4.71 2.25
N HIS D 28 12.30 -5.05 2.32
CA HIS D 28 11.25 -4.07 2.42
C HIS D 28 10.67 -4.07 3.82
N ILE D 29 10.74 -2.94 4.50
CA ILE D 29 10.04 -2.82 5.78
C ILE D 29 8.64 -2.31 5.50
N SER D 30 7.65 -2.91 6.12
CA SER D 30 6.28 -2.64 5.79
C SER D 30 5.48 -2.14 7.00
N GLY D 31 6.01 -2.33 8.20
CA GLY D 31 5.30 -1.88 9.37
C GLY D 31 6.21 -1.63 10.55
N VAL D 32 5.76 -0.73 11.42
CA VAL D 32 6.43 -0.49 12.69
C VAL D 32 5.38 -0.03 13.73
N ALA D 33 5.27 -0.76 14.83
CA ALA D 33 4.20 -0.49 15.79
C ALA D 33 4.67 -0.74 17.21
N LEU D 34 4.04 -0.07 18.18
CA LEU D 34 4.41 -0.24 19.58
C LEU D 34 3.30 -0.90 20.37
N ASP D 35 3.70 -1.80 21.24
CA ASP D 35 2.79 -2.42 22.18
C ASP D 35 3.01 -1.82 23.55
N LYS D 36 4.24 -1.89 24.02
CA LYS D 36 4.65 -1.19 25.22
C LYS D 36 5.42 0.06 24.83
N GLY D 37 5.03 1.20 25.35
CA GLY D 37 5.77 2.41 25.06
C GLY D 37 4.93 3.65 25.08
N GLN D 38 5.58 4.80 25.20
CA GLN D 38 4.89 6.07 25.17
C GLN D 38 5.04 6.75 23.81
N GLU D 39 6.28 6.81 23.32
CA GLU D 39 6.55 7.43 22.02
C GLU D 39 7.78 6.80 21.39
N ALA D 40 7.68 6.45 20.12
CA ALA D 40 8.85 6.03 19.37
C ALA D 40 8.92 6.74 18.03
N LYS D 41 9.94 7.53 17.85
CA LYS D 41 10.18 8.16 16.57
C LYS D 41 11.25 7.40 15.82
N LEU D 42 10.85 6.76 14.74
CA LEU D 42 11.76 5.94 13.97
C LEU D 42 12.54 6.79 13.00
N TYR D 43 13.83 6.89 13.21
CA TYR D 43 14.70 7.62 12.32
C TYR D 43 15.69 6.66 11.67
N LEU D 44 16.03 6.92 10.43
CA LEU D 44 17.08 6.17 9.80
C LEU D 44 18.06 7.12 9.13
N ALA D 45 19.32 6.91 9.39
CA ALA D 45 20.35 7.71 8.78
C ALA D 45 21.05 6.93 7.68
N ALA D 46 20.88 7.40 6.45
CA ALA D 46 21.59 6.84 5.31
C ALA D 46 22.30 7.96 4.59
N GLU D 47 23.52 7.71 4.14
CA GLU D 47 24.38 8.76 3.58
C GLU D 47 24.57 9.86 4.62
N LYS D 48 24.53 9.45 5.89
CA LYS D 48 24.68 10.35 7.03
C LYS D 48 23.52 11.35 7.11
N GLN D 49 22.43 11.06 6.41
CA GLN D 49 21.26 11.93 6.44
C GLN D 49 20.17 11.31 7.30
N GLU D 50 19.76 12.03 8.34
CA GLU D 50 18.76 11.53 9.27
C GLU D 50 17.35 11.73 8.70
N TYR D 51 16.69 10.63 8.38
CA TYR D 51 15.32 10.69 7.90
C TYR D 51 14.36 10.28 9.01
N ILE D 52 13.26 11.02 9.14
CA ILE D 52 12.19 10.60 10.03
C ILE D 52 11.31 9.58 9.31
N VAL D 53 11.52 8.33 9.67
CA VAL D 53 10.90 7.21 8.98
C VAL D 53 9.46 7.04 9.40
N ALA D 54 9.23 6.96 10.70
CA ALA D 54 7.90 6.75 11.22
C ALA D 54 7.70 7.45 12.55
N THR D 55 6.55 8.07 12.72
CA THR D 55 6.16 8.60 14.01
C THR D 55 5.12 7.68 14.60
N VAL D 56 5.54 6.84 15.53
CA VAL D 56 4.65 5.87 16.13
C VAL D 56 4.60 6.07 17.64
N THR D 57 3.47 6.55 18.10
CA THR D 57 3.27 6.88 19.51
C THR D 57 2.09 6.12 20.09
N LYS D 58 1.76 6.37 21.35
CA LYS D 58 0.52 5.83 21.91
C LYS D 58 -0.68 6.30 21.09
N ALA D 59 -0.57 7.50 20.52
CA ALA D 59 -1.64 8.07 19.71
C ALA D 59 -1.67 7.41 18.34
N ILE D 60 -0.49 7.19 17.78
CA ILE D 60 -0.36 6.43 16.53
C ILE D 60 0.42 5.15 16.82
N PRO D 61 -0.24 4.15 17.42
CA PRO D 61 0.45 2.96 17.96
C PRO D 61 0.87 1.97 16.89
N GLN D 62 0.61 2.31 15.64
CA GLN D 62 0.78 1.38 14.55
C GLN D 62 1.02 2.13 13.24
N VAL D 63 2.27 2.19 12.82
CA VAL D 63 2.61 2.84 11.55
C VAL D 63 2.89 1.79 10.48
N ALA D 64 2.11 1.85 9.41
CA ALA D 64 2.34 0.99 8.27
C ALA D 64 3.00 1.78 7.14
N LEU D 65 4.26 1.47 6.86
CA LEU D 65 5.03 2.23 5.89
C LEU D 65 5.65 1.32 4.84
N ASP D 66 6.19 1.92 3.79
CA ASP D 66 6.82 1.18 2.72
C ASP D 66 8.28 1.58 2.61
N LEU D 67 9.16 0.71 3.06
CA LEU D 67 10.59 0.93 2.99
C LEU D 67 11.25 -0.16 2.18
N ASN D 68 12.36 0.15 1.53
CA ASN D 68 13.16 -0.85 0.87
C ASN D 68 14.60 -0.40 0.79
N PHE D 69 15.50 -1.25 1.26
CA PHE D 69 16.92 -0.96 1.27
C PHE D 69 17.66 -2.02 0.46
N SER D 70 18.89 -1.71 0.03
CA SER D 70 19.64 -2.61 -0.83
C SER D 70 20.89 -3.15 -0.16
N LYS D 71 21.37 -4.27 -0.69
CA LYS D 71 22.58 -4.94 -0.19
C LYS D 71 23.81 -4.05 -0.38
N GLY D 72 23.72 -3.11 -1.30
CA GLY D 72 24.83 -2.21 -1.56
C GLY D 72 24.68 -0.91 -0.80
N ASP D 73 23.58 -0.78 -0.07
CA ASP D 73 23.32 0.42 0.71
C ASP D 73 23.69 0.17 2.17
N ARG D 74 23.77 1.23 2.95
CA ARG D 74 24.09 1.11 4.36
C ARG D 74 23.34 2.18 5.13
N ILE D 75 22.64 1.78 6.19
CA ILE D 75 21.79 2.71 6.90
C ILE D 75 21.97 2.58 8.40
N MET D 76 21.31 3.45 9.14
CA MET D 76 21.30 3.38 10.59
C MET D 76 19.87 3.48 11.08
N PHE D 77 19.41 2.50 11.83
CA PHE D 77 18.06 2.56 12.36
C PHE D 77 18.10 2.90 13.84
N TYR D 78 17.34 3.92 14.22
CA TYR D 78 17.32 4.34 15.61
C TYR D 78 16.01 5.04 15.96
N THR D 79 15.53 4.78 17.17
CA THR D 79 14.28 5.33 17.63
C THR D 79 14.50 6.30 18.77
N ALA D 80 13.72 7.37 18.76
CA ALA D 80 13.75 8.36 19.84
C ALA D 80 12.49 8.29 20.67
N GLY D 81 12.60 8.65 21.94
CA GLY D 81 11.46 8.57 22.83
C GLY D 81 11.45 7.25 23.57
N ASP D 82 10.50 7.06 24.47
CA ASP D 82 10.44 5.80 25.17
C ASP D 82 9.27 4.99 24.67
N ALA D 83 9.56 4.02 23.84
CA ALA D 83 8.61 3.00 23.42
C ALA D 83 9.34 1.91 22.65
N SER D 84 8.81 0.70 22.72
CA SER D 84 9.40 -0.41 22.03
C SER D 84 8.56 -0.75 20.80
N VAL D 85 9.17 -0.66 19.62
CA VAL D 85 8.43 -0.83 18.38
C VAL D 85 8.95 -1.99 17.57
N SER D 86 8.02 -2.77 17.06
CA SER D 86 8.36 -3.91 16.26
C SER D 86 8.18 -3.55 14.79
N LEU D 87 9.26 -3.62 14.04
CA LEU D 87 9.18 -3.44 12.62
C LEU D 87 9.00 -4.78 11.95
N LEU D 88 8.28 -4.76 10.86
CA LEU D 88 8.00 -5.96 10.13
C LEU D 88 8.25 -5.72 8.66
N GLY D 89 8.84 -6.68 8.00
CA GLY D 89 9.17 -6.53 6.61
C GLY D 89 9.47 -7.85 5.94
N TYR D 90 10.03 -7.79 4.74
CA TYR D 90 10.38 -9.00 4.02
C TYR D 90 11.52 -8.78 3.04
N LEU D 91 12.45 -9.72 3.06
CA LEU D 91 13.58 -9.76 2.15
C LEU D 91 13.13 -10.26 0.78
N HIS D 92 13.09 -9.38 -0.20
CA HIS D 92 12.61 -9.76 -1.52
C HIS D 92 13.77 -10.26 -2.37
N ASP D 93 13.47 -11.15 -3.30
CA ASP D 93 14.47 -11.70 -4.18
C ASP D 93 13.90 -11.79 -5.59
N ILE D 94 14.75 -12.04 -6.57
CA ILE D 94 14.31 -12.10 -7.96
C ILE D 94 14.80 -13.38 -8.63
N ASP D 95 13.87 -14.15 -9.15
CA ASP D 95 14.17 -15.40 -9.83
C ASP D 95 13.14 -15.63 -10.92
N SER D 96 13.52 -16.39 -11.94
CA SER D 96 12.66 -16.63 -13.09
C SER D 96 11.47 -17.52 -12.76
N GLY D 97 11.50 -18.15 -11.59
CA GLY D 97 10.43 -19.06 -11.20
C GLY D 97 10.69 -20.45 -11.72
N SER D 98 11.74 -20.56 -12.52
CA SER D 98 12.15 -21.80 -13.10
C SER D 98 13.64 -21.74 -13.40
N PHE E 1 -1.56 -20.29 -19.43
CA PHE E 1 -2.46 -19.39 -20.19
C PHE E 1 -2.02 -17.93 -20.04
N GLN E 2 -2.03 -17.44 -18.81
CA GLN E 2 -1.72 -16.04 -18.54
C GLN E 2 -1.24 -15.88 -17.11
N GLY E 3 -0.90 -14.64 -16.74
CA GLY E 3 -0.32 -14.37 -15.44
C GLY E 3 -1.33 -14.36 -14.31
N ALA E 4 -1.93 -15.51 -14.05
CA ALA E 4 -2.92 -15.64 -13.01
C ALA E 4 -2.60 -16.83 -12.11
N MET E 5 -1.51 -16.70 -11.36
CA MET E 5 -1.05 -17.78 -10.49
C MET E 5 -1.37 -17.51 -9.02
N ALA E 6 -1.15 -16.26 -8.60
CA ALA E 6 -1.28 -15.87 -7.20
C ALA E 6 -2.69 -16.16 -6.66
N MET E 7 -2.76 -17.00 -5.63
CA MET E 7 -4.02 -17.45 -5.06
C MET E 7 -4.35 -16.70 -3.77
N PHE E 8 -5.57 -16.86 -3.30
CA PHE E 8 -6.07 -16.14 -2.13
C PHE E 8 -5.75 -16.89 -0.84
N TRP E 9 -5.61 -16.15 0.25
CA TRP E 9 -5.28 -16.71 1.56
C TRP E 9 -6.11 -16.02 2.63
N GLY E 10 -6.48 -16.76 3.66
CA GLY E 10 -7.25 -16.20 4.75
C GLY E 10 -7.01 -16.91 6.07
N LEU E 11 -7.24 -16.22 7.17
CA LEU E 11 -7.05 -16.79 8.50
C LEU E 11 -8.02 -16.18 9.51
N ASN E 12 -8.99 -16.96 9.94
CA ASN E 12 -9.91 -16.51 10.97
C ASN E 12 -9.36 -16.81 12.36
N MET E 13 -8.85 -15.78 13.01
CA MET E 13 -8.25 -15.90 14.33
C MET E 13 -9.32 -15.92 15.41
N LYS E 14 -9.14 -16.81 16.36
CA LYS E 14 -10.00 -16.85 17.53
C LYS E 14 -9.29 -16.16 18.68
N PRO E 15 -10.04 -15.43 19.52
CA PRO E 15 -9.48 -14.63 20.62
C PRO E 15 -8.51 -15.40 21.50
N GLU E 16 -7.25 -14.98 21.49
CA GLU E 16 -6.21 -15.58 22.33
C GLU E 16 -5.94 -17.02 21.93
N ARG E 17 -5.58 -17.20 20.67
CA ARG E 17 -5.12 -18.49 20.18
C ARG E 17 -3.69 -18.37 19.70
N LYS E 18 -3.02 -19.49 19.55
CA LYS E 18 -1.65 -19.51 19.07
C LYS E 18 -1.43 -20.64 18.09
N TYR E 19 -1.24 -20.30 16.83
CA TYR E 19 -1.00 -21.29 15.81
C TYR E 19 0.43 -21.18 15.31
N SER E 20 1.25 -22.19 15.57
CA SER E 20 2.57 -22.24 14.97
C SER E 20 2.42 -22.56 13.49
N GLN E 21 2.84 -21.62 12.66
CA GLN E 21 2.48 -21.59 11.26
C GLN E 21 3.56 -22.20 10.39
N THR E 22 3.23 -23.29 9.70
CA THR E 22 4.11 -23.86 8.71
C THR E 22 3.75 -23.26 7.34
N ILE E 23 4.75 -23.04 6.51
CA ILE E 23 4.53 -22.34 5.26
C ILE E 23 4.80 -23.23 4.05
N ILE E 24 3.80 -23.33 3.20
CA ILE E 24 3.90 -24.15 1.99
C ILE E 24 4.41 -23.28 0.84
N LYS E 25 3.87 -22.07 0.74
CA LYS E 25 4.26 -21.14 -0.31
C LYS E 25 4.33 -19.73 0.27
N SER E 26 5.21 -18.91 -0.30
CA SER E 26 5.40 -17.54 0.14
C SER E 26 4.09 -16.77 -0.03
N PHE E 27 3.52 -16.33 1.08
CA PHE E 27 2.25 -15.63 1.03
C PHE E 27 2.36 -14.26 1.65
N HIS E 28 1.55 -13.36 1.13
CA HIS E 28 1.46 -12.00 1.62
C HIS E 28 0.16 -11.81 2.38
N ILE E 29 0.26 -11.45 3.64
CA ILE E 29 -0.94 -11.06 4.39
C ILE E 29 -1.14 -9.57 4.20
N SER E 30 -2.36 -9.16 3.92
CA SER E 30 -2.62 -7.80 3.55
C SER E 30 -3.64 -7.13 4.47
N GLY E 31 -4.35 -7.92 5.26
CA GLY E 31 -5.32 -7.33 6.16
C GLY E 31 -5.63 -8.22 7.35
N VAL E 32 -6.03 -7.57 8.44
CA VAL E 32 -6.52 -8.28 9.62
C VAL E 32 -7.53 -7.39 10.35
N ALA E 33 -8.75 -7.87 10.52
CA ALA E 33 -9.82 -7.04 11.07
C ALA E 33 -10.77 -7.85 11.94
N LEU E 34 -11.44 -7.18 12.87
CA LEU E 34 -12.37 -7.87 13.76
C LEU E 34 -13.79 -7.42 13.53
N ASP E 35 -14.68 -8.39 13.56
CA ASP E 35 -16.11 -8.12 13.50
C ASP E 35 -16.71 -8.29 14.87
N LYS E 36 -16.50 -9.46 15.46
CA LYS E 36 -16.84 -9.69 16.84
C LYS E 36 -15.56 -9.65 17.67
N GLY E 37 -15.56 -8.85 18.73
CA GLY E 37 -14.41 -8.83 19.58
C GLY E 37 -14.20 -7.50 20.27
N GLN E 38 -13.40 -7.51 21.33
CA GLN E 38 -13.08 -6.29 22.03
C GLN E 38 -11.67 -5.80 21.67
N GLU E 39 -10.71 -6.70 21.70
CA GLU E 39 -9.33 -6.36 21.38
C GLU E 39 -8.60 -7.58 20.83
N ALA E 40 -7.89 -7.41 19.72
CA ALA E 40 -7.01 -8.46 19.25
C ALA E 40 -5.64 -7.89 18.89
N LYS E 41 -4.64 -8.31 19.60
CA LYS E 41 -3.27 -7.94 19.28
C LYS E 41 -2.61 -9.07 18.53
N LEU E 42 -2.32 -8.83 17.26
CA LEU E 42 -1.75 -9.84 16.41
C LEU E 42 -0.25 -9.87 16.60
N TYR E 43 0.25 -10.96 17.13
CA TYR E 43 1.68 -11.15 17.29
C TYR E 43 2.13 -12.32 16.44
N LEU E 44 3.33 -12.23 15.91
CA LEU E 44 3.92 -13.36 15.23
C LEU E 44 5.34 -13.57 15.72
N ALA E 45 5.63 -14.79 16.08
CA ALA E 45 6.96 -15.15 16.52
C ALA E 45 7.71 -15.89 15.43
N ALA E 46 8.75 -15.26 14.91
CA ALA E 46 9.64 -15.90 13.95
C ALA E 46 11.06 -15.79 14.46
N GLU E 47 11.84 -16.86 14.30
CA GLU E 47 13.17 -16.95 14.91
C GLU E 47 13.06 -16.77 16.42
N LYS E 48 11.90 -17.20 16.95
CA LYS E 48 11.58 -17.11 18.38
C LYS E 48 11.48 -15.65 18.84
N GLN E 49 11.33 -14.74 17.89
CA GLN E 49 11.19 -13.33 18.22
C GLN E 49 9.74 -12.89 18.05
N GLU E 50 9.15 -12.40 19.14
CA GLU E 50 7.76 -11.99 19.13
C GLU E 50 7.61 -10.60 18.55
N TYR E 51 6.99 -10.52 17.39
CA TYR E 51 6.71 -9.24 16.75
C TYR E 51 5.26 -8.85 16.93
N ILE E 52 5.01 -7.59 17.26
CA ILE E 52 3.65 -7.07 17.27
C ILE E 52 3.26 -6.70 15.84
N VAL E 53 2.47 -7.57 15.23
CA VAL E 53 2.11 -7.46 13.83
C VAL E 53 1.05 -6.41 13.61
N ALA E 54 -0.04 -6.53 14.35
CA ALA E 54 -1.16 -5.62 14.19
C ALA E 54 -1.87 -5.37 15.50
N THR E 55 -2.22 -4.13 15.75
CA THR E 55 -3.08 -3.82 16.87
C THR E 55 -4.47 -3.51 16.33
N VAL E 56 -5.36 -4.47 16.45
CA VAL E 56 -6.71 -4.33 15.92
C VAL E 56 -7.73 -4.50 17.04
N THR E 57 -8.36 -3.39 17.39
CA THR E 57 -9.30 -3.35 18.49
C THR E 57 -10.67 -2.87 18.02
N LYS E 58 -11.61 -2.71 18.94
CA LYS E 58 -12.87 -2.05 18.60
C LYS E 58 -12.62 -0.64 18.09
N ALA E 59 -11.55 -0.02 18.59
CA ALA E 59 -11.18 1.34 18.19
C ALA E 59 -10.52 1.32 16.82
N ILE E 60 -9.67 0.32 16.60
CA ILE E 60 -9.08 0.09 15.29
C ILE E 60 -9.55 -1.25 14.76
N PRO E 61 -10.80 -1.32 14.27
CA PRO E 61 -11.46 -2.61 13.96
C PRO E 61 -10.97 -3.24 12.66
N GLN E 62 -10.02 -2.58 12.02
CA GLN E 62 -9.60 -2.97 10.69
C GLN E 62 -8.16 -2.53 10.43
N VAL E 63 -7.23 -3.46 10.52
CA VAL E 63 -5.84 -3.17 10.25
C VAL E 63 -5.44 -3.70 8.88
N ALA E 64 -4.99 -2.81 8.02
CA ALA E 64 -4.48 -3.19 6.71
C ALA E 64 -2.95 -3.12 6.72
N LEU E 65 -2.32 -4.28 6.65
CA LEU E 65 -0.87 -4.36 6.75
C LEU E 65 -0.27 -5.12 5.58
N ASP E 66 1.05 -5.05 5.46
CA ASP E 66 1.76 -5.73 4.39
C ASP E 66 2.74 -6.73 4.98
N LEU E 67 2.38 -8.01 4.88
CA LEU E 67 3.22 -9.09 5.37
C LEU E 67 3.58 -10.03 4.24
N ASN E 68 4.72 -10.66 4.33
CA ASN E 68 5.09 -11.70 3.39
C ASN E 68 6.05 -12.68 4.03
N PHE E 69 5.70 -13.95 3.96
CA PHE E 69 6.51 -15.01 4.54
C PHE E 69 6.92 -15.99 3.46
N SER E 70 7.96 -16.79 3.72
CA SER E 70 8.50 -17.69 2.70
C SER E 70 8.34 -19.15 3.09
N LYS E 71 8.39 -20.01 2.07
CA LYS E 71 8.27 -21.46 2.24
C LYS E 71 9.41 -22.02 3.07
N GLY E 72 10.52 -21.28 3.11
CA GLY E 72 11.67 -21.71 3.87
C GLY E 72 11.69 -21.10 5.25
N ASP E 73 10.71 -20.27 5.54
CA ASP E 73 10.62 -19.61 6.83
C ASP E 73 9.60 -20.34 7.70
N ARG E 74 9.60 -20.05 8.98
CA ARG E 74 8.66 -20.66 9.90
C ARG E 74 8.28 -19.66 10.97
N ILE E 75 6.98 -19.49 11.19
CA ILE E 75 6.52 -18.45 12.10
C ILE E 75 5.44 -18.97 13.04
N MET E 76 5.04 -18.13 13.97
CA MET E 76 3.93 -18.46 14.86
C MET E 76 2.96 -17.30 14.88
N PHE E 77 1.70 -17.56 14.56
CA PHE E 77 0.71 -16.51 14.60
C PHE E 77 -0.17 -16.66 15.81
N TYR E 78 -0.30 -15.60 16.58
CA TYR E 78 -1.12 -15.66 17.79
C TYR E 78 -1.64 -14.29 18.17
N THR E 79 -2.89 -14.26 18.65
CA THR E 79 -3.53 -13.02 19.02
C THR E 79 -3.78 -12.95 20.51
N ALA E 80 -3.60 -11.76 21.07
CA ALA E 80 -3.88 -11.53 22.48
C ALA E 80 -5.11 -10.66 22.65
N GLY E 81 -5.81 -10.84 23.76
CA GLY E 81 -7.04 -10.10 24.00
C GLY E 81 -8.23 -10.90 23.53
N ASP E 82 -9.43 -10.39 23.74
CA ASP E 82 -10.59 -11.10 23.28
C ASP E 82 -11.19 -10.41 22.08
N ALA E 83 -10.93 -10.97 20.92
CA ALA E 83 -11.58 -10.59 19.68
C ALA E 83 -11.22 -11.58 18.58
N SER E 84 -12.12 -11.75 17.63
CA SER E 84 -11.89 -12.66 16.54
C SER E 84 -11.55 -11.87 15.28
N VAL E 85 -10.36 -12.09 14.74
CA VAL E 85 -9.89 -11.30 13.61
C VAL E 85 -9.64 -12.15 12.39
N SER E 86 -10.10 -11.65 11.26
CA SER E 86 -9.91 -12.34 10.02
C SER E 86 -8.74 -11.71 9.28
N LEU E 87 -7.72 -12.50 9.01
CA LEU E 87 -6.63 -12.05 8.18
C LEU E 87 -6.89 -12.43 6.75
N LEU E 88 -6.44 -11.59 5.86
CA LEU E 88 -6.64 -11.80 4.45
C LEU E 88 -5.33 -11.58 3.73
N GLY E 89 -5.04 -12.43 2.77
CA GLY E 89 -3.79 -12.35 2.06
C GLY E 89 -3.82 -13.11 0.76
N TYR E 90 -2.66 -13.31 0.16
CA TYR E 90 -2.57 -14.07 -1.08
C TYR E 90 -1.20 -14.71 -1.26
N LEU E 91 -1.25 -15.96 -1.68
CA LEU E 91 -0.07 -16.75 -2.00
C LEU E 91 0.45 -16.32 -3.36
N HIS E 92 1.59 -15.66 -3.39
CA HIS E 92 2.14 -15.18 -4.65
C HIS E 92 3.05 -16.23 -5.26
N ASP E 93 3.15 -16.22 -6.58
CA ASP E 93 3.99 -17.17 -7.29
C ASP E 93 4.70 -16.44 -8.42
N ILE E 94 5.70 -17.07 -9.02
CA ILE E 94 6.47 -16.45 -10.08
C ILE E 94 6.56 -17.36 -11.30
N ASP E 95 6.11 -16.85 -12.43
CA ASP E 95 6.13 -17.59 -13.68
C ASP E 95 6.31 -16.61 -14.83
N SER E 96 6.85 -17.09 -15.93
CA SER E 96 7.19 -16.26 -17.08
C SER E 96 5.94 -15.77 -17.81
N GLY E 97 4.78 -16.33 -17.48
CA GLY E 97 3.54 -15.96 -18.15
C GLY E 97 3.36 -16.78 -19.41
N SER E 98 4.37 -17.54 -19.74
CA SER E 98 4.37 -18.40 -20.91
C SER E 98 5.33 -19.55 -20.66
N PHE A 1 2.38 -9.80 -19.65
CA PHE A 1 2.47 -10.94 -18.72
C PHE A 1 2.35 -10.46 -17.29
N GLN A 2 1.82 -11.34 -16.42
CA GLN A 2 1.62 -11.11 -14.97
C GLN A 2 0.83 -9.84 -14.64
N GLY A 3 1.39 -8.67 -14.89
CA GLY A 3 0.71 -7.44 -14.56
C GLY A 3 1.18 -6.27 -15.40
N ALA A 4 1.55 -6.55 -16.65
CA ALA A 4 2.02 -5.51 -17.55
C ALA A 4 0.85 -4.67 -18.05
N MET A 5 -0.04 -5.29 -18.79
CA MET A 5 -1.22 -4.60 -19.31
C MET A 5 -2.47 -5.02 -18.54
N ALA A 6 -2.32 -5.07 -17.22
CA ALA A 6 -3.42 -5.47 -16.34
C ALA A 6 -4.64 -4.60 -16.55
N MET A 7 -5.81 -5.22 -16.62
CA MET A 7 -7.03 -4.50 -16.95
C MET A 7 -7.83 -4.16 -15.71
N PHE A 8 -8.57 -3.07 -15.79
CA PHE A 8 -9.33 -2.56 -14.65
C PHE A 8 -10.46 -3.51 -14.24
N TRP A 9 -10.72 -3.55 -12.94
CA TRP A 9 -11.78 -4.38 -12.37
C TRP A 9 -12.59 -3.54 -11.38
N GLY A 10 -13.88 -3.80 -11.30
CA GLY A 10 -14.73 -3.09 -10.38
C GLY A 10 -15.88 -3.93 -9.89
N LEU A 11 -16.28 -3.70 -8.65
CA LEU A 11 -17.40 -4.42 -8.05
C LEU A 11 -18.33 -3.45 -7.33
N ASN A 12 -19.50 -3.24 -7.90
CA ASN A 12 -20.52 -2.39 -7.31
C ASN A 12 -21.44 -3.23 -6.42
N MET A 13 -21.31 -3.10 -5.11
CA MET A 13 -22.06 -3.93 -4.19
C MET A 13 -23.25 -3.18 -3.60
N LYS A 14 -24.33 -3.92 -3.42
CA LYS A 14 -25.58 -3.36 -2.91
C LYS A 14 -25.73 -3.67 -1.43
N PRO A 15 -26.44 -2.80 -0.69
CA PRO A 15 -26.66 -2.95 0.75
C PRO A 15 -27.28 -4.31 1.12
N GLU A 16 -26.50 -5.14 1.83
CA GLU A 16 -26.94 -6.46 2.25
C GLU A 16 -27.27 -7.33 1.05
N ARG A 17 -26.24 -7.72 0.33
CA ARG A 17 -26.40 -8.66 -0.77
C ARG A 17 -25.21 -9.60 -0.80
N LYS A 18 -25.47 -10.86 -1.14
CA LYS A 18 -24.44 -11.87 -1.12
C LYS A 18 -24.19 -12.43 -2.51
N TYR A 19 -22.98 -12.23 -3.03
CA TYR A 19 -22.62 -12.77 -4.33
C TYR A 19 -21.61 -13.89 -4.15
N SER A 20 -21.95 -15.07 -4.64
CA SER A 20 -20.98 -16.15 -4.73
C SER A 20 -20.49 -16.28 -6.17
N GLN A 21 -19.32 -15.72 -6.47
CA GLN A 21 -18.83 -15.70 -7.85
C GLN A 21 -17.53 -16.48 -8.03
N THR A 22 -17.42 -17.14 -9.17
CA THR A 22 -16.22 -17.87 -9.52
C THR A 22 -15.30 -16.98 -10.34
N ILE A 23 -14.03 -17.35 -10.41
CA ILE A 23 -13.03 -16.50 -11.05
C ILE A 23 -12.50 -17.15 -12.32
N ILE A 24 -12.69 -16.47 -13.44
CA ILE A 24 -12.18 -16.92 -14.71
C ILE A 24 -10.89 -16.20 -15.09
N LYS A 25 -10.59 -15.15 -14.34
CA LYS A 25 -9.40 -14.36 -14.58
C LYS A 25 -8.88 -13.80 -13.25
N SER A 26 -7.66 -14.17 -12.90
CA SER A 26 -7.09 -13.80 -11.60
C SER A 26 -6.98 -12.28 -11.47
N PHE A 27 -7.26 -11.75 -10.30
CA PHE A 27 -7.29 -10.31 -10.13
C PHE A 27 -6.96 -9.86 -8.72
N HIS A 28 -6.63 -8.59 -8.60
CA HIS A 28 -6.34 -7.95 -7.34
C HIS A 28 -7.38 -6.90 -7.03
N ILE A 29 -8.02 -7.01 -5.88
CA ILE A 29 -8.89 -5.95 -5.40
C ILE A 29 -8.06 -4.98 -4.59
N SER A 30 -8.26 -3.70 -4.79
CA SER A 30 -7.38 -2.71 -4.22
C SER A 30 -8.12 -1.69 -3.36
N GLY A 31 -9.44 -1.76 -3.32
CA GLY A 31 -10.17 -0.87 -2.43
C GLY A 31 -11.67 -1.06 -2.50
N VAL A 32 -12.33 -0.68 -1.41
CA VAL A 32 -13.79 -0.68 -1.33
C VAL A 32 -14.25 0.61 -0.65
N ALA A 33 -15.25 1.28 -1.21
CA ALA A 33 -15.69 2.55 -0.65
C ALA A 33 -17.17 2.78 -0.89
N LEU A 34 -17.79 3.62 -0.06
CA LEU A 34 -19.20 3.95 -0.23
C LEU A 34 -19.39 5.44 -0.34
N ASP A 35 -20.36 5.82 -1.14
CA ASP A 35 -20.75 7.21 -1.28
C ASP A 35 -22.12 7.39 -0.64
N LYS A 36 -23.06 6.57 -1.05
CA LYS A 36 -24.34 6.49 -0.37
C LYS A 36 -24.36 5.24 0.49
N GLY A 37 -24.68 5.40 1.76
CA GLY A 37 -24.78 4.24 2.62
C GLY A 37 -24.48 4.56 4.06
N GLN A 38 -24.99 3.71 4.95
CA GLN A 38 -24.77 3.87 6.37
C GLN A 38 -23.71 2.89 6.87
N GLU A 39 -23.81 1.64 6.44
CA GLU A 39 -22.82 0.63 6.83
C GLU A 39 -22.71 -0.46 5.79
N ALA A 40 -21.49 -0.74 5.36
CA ALA A 40 -21.24 -1.93 4.57
C ALA A 40 -20.10 -2.73 5.18
N LYS A 41 -20.44 -3.91 5.67
CA LYS A 41 -19.44 -4.83 6.21
C LYS A 41 -19.04 -5.79 5.12
N LEU A 42 -17.82 -5.64 4.62
CA LEU A 42 -17.38 -6.44 3.50
C LEU A 42 -16.90 -7.80 3.98
N TYR A 43 -17.68 -8.82 3.66
CA TYR A 43 -17.33 -10.18 4.02
C TYR A 43 -17.02 -10.98 2.78
N LEU A 44 -15.96 -11.74 2.85
CA LEU A 44 -15.60 -12.64 1.78
C LEU A 44 -15.50 -14.05 2.30
N ALA A 45 -16.28 -14.94 1.72
CA ALA A 45 -16.24 -16.33 2.12
C ALA A 45 -15.62 -17.17 1.02
N ALA A 46 -14.44 -17.68 1.28
CA ALA A 46 -13.72 -18.49 0.33
C ALA A 46 -13.30 -19.79 0.99
N GLU A 47 -13.41 -20.89 0.24
CA GLU A 47 -13.09 -22.21 0.75
C GLU A 47 -13.92 -22.51 2.00
N LYS A 48 -15.16 -22.01 1.99
CA LYS A 48 -16.11 -22.21 3.09
C LYS A 48 -15.64 -21.57 4.39
N GLN A 49 -14.92 -20.46 4.29
CA GLN A 49 -14.51 -19.73 5.46
C GLN A 49 -14.88 -18.26 5.32
N GLU A 50 -15.46 -17.69 6.39
CA GLU A 50 -15.91 -16.31 6.35
C GLU A 50 -14.79 -15.39 6.79
N TYR A 51 -14.43 -14.46 5.91
CA TYR A 51 -13.42 -13.47 6.24
C TYR A 51 -14.03 -12.08 6.22
N ILE A 52 -13.90 -11.37 7.33
CA ILE A 52 -14.24 -9.95 7.34
C ILE A 52 -13.12 -9.18 6.64
N VAL A 53 -13.42 -8.71 5.44
CA VAL A 53 -12.42 -8.10 4.58
C VAL A 53 -12.25 -6.64 4.94
N ALA A 54 -13.37 -5.93 5.08
CA ALA A 54 -13.32 -4.51 5.36
C ALA A 54 -14.57 -4.05 6.09
N THR A 55 -14.40 -3.02 6.90
CA THR A 55 -15.55 -2.34 7.48
C THR A 55 -15.60 -0.93 6.92
N VAL A 56 -16.49 -0.73 5.97
CA VAL A 56 -16.63 0.57 5.34
C VAL A 56 -18.01 1.13 5.65
N THR A 57 -18.04 2.21 6.39
CA THR A 57 -19.28 2.75 6.89
C THR A 57 -19.51 4.19 6.45
N LYS A 58 -20.62 4.75 6.88
CA LYS A 58 -20.89 6.17 6.69
C LYS A 58 -19.78 7.00 7.35
N ALA A 59 -19.24 6.46 8.45
CA ALA A 59 -18.17 7.11 9.19
C ALA A 59 -16.82 6.85 8.53
N ILE A 60 -16.61 5.62 8.08
CA ILE A 60 -15.41 5.26 7.33
C ILE A 60 -15.79 5.04 5.88
N PRO A 61 -15.80 6.12 5.07
CA PRO A 61 -16.40 6.10 3.74
C PRO A 61 -15.58 5.36 2.69
N GLN A 62 -14.44 4.81 3.10
CA GLN A 62 -13.54 4.16 2.17
C GLN A 62 -12.52 3.29 2.89
N VAL A 63 -12.38 2.07 2.41
CA VAL A 63 -11.37 1.16 2.91
C VAL A 63 -10.47 0.71 1.76
N ALA A 64 -9.22 1.13 1.80
CA ALA A 64 -8.23 0.67 0.83
C ALA A 64 -7.84 -0.77 1.13
N LEU A 65 -7.85 -1.62 0.12
CA LEU A 65 -7.63 -3.03 0.31
C LEU A 65 -6.48 -3.56 -0.53
N ASP A 66 -6.07 -4.78 -0.20
CA ASP A 66 -5.14 -5.53 -1.03
C ASP A 66 -5.56 -6.98 -1.02
N LEU A 67 -6.23 -7.40 -2.07
CA LEU A 67 -6.66 -8.78 -2.21
C LEU A 67 -6.25 -9.28 -3.57
N ASN A 68 -5.86 -10.53 -3.65
CA ASN A 68 -5.54 -11.12 -4.94
C ASN A 68 -6.03 -12.54 -5.01
N PHE A 69 -6.98 -12.78 -5.89
CA PHE A 69 -7.57 -14.09 -6.03
C PHE A 69 -7.15 -14.69 -7.36
N SER A 70 -6.99 -16.01 -7.39
CA SER A 70 -6.59 -16.69 -8.61
C SER A 70 -7.82 -17.26 -9.32
N LYS A 71 -7.63 -17.67 -10.56
CA LYS A 71 -8.73 -18.22 -11.36
C LYS A 71 -9.05 -19.64 -10.91
N GLY A 72 -8.34 -20.10 -9.90
CA GLY A 72 -8.65 -21.37 -9.27
C GLY A 72 -9.43 -21.17 -7.99
N ASP A 73 -9.56 -19.92 -7.56
CA ASP A 73 -10.28 -19.59 -6.35
C ASP A 73 -11.74 -19.27 -6.66
N ARG A 74 -12.62 -19.76 -5.82
CA ARG A 74 -14.05 -19.47 -5.93
C ARG A 74 -14.52 -18.84 -4.64
N ILE A 75 -14.97 -17.60 -4.71
CA ILE A 75 -15.20 -16.82 -3.50
C ILE A 75 -16.59 -16.22 -3.48
N MET A 76 -17.02 -15.80 -2.29
CA MET A 76 -18.26 -15.07 -2.17
C MET A 76 -17.98 -13.72 -1.58
N PHE A 77 -18.42 -12.68 -2.26
CA PHE A 77 -18.28 -11.34 -1.76
C PHE A 77 -19.64 -10.83 -1.37
N TYR A 78 -19.77 -10.34 -0.15
CA TYR A 78 -21.06 -9.92 0.32
C TYR A 78 -20.95 -8.90 1.43
N THR A 79 -21.81 -7.90 1.37
CA THR A 79 -21.77 -6.79 2.31
C THR A 79 -22.99 -6.81 3.23
N ALA A 80 -22.74 -6.63 4.51
CA ALA A 80 -23.81 -6.52 5.49
C ALA A 80 -24.07 -5.07 5.86
N GLY A 81 -25.26 -4.78 6.34
CA GLY A 81 -25.63 -3.41 6.65
C GLY A 81 -26.24 -2.73 5.45
N ASP A 82 -26.63 -1.47 5.60
CA ASP A 82 -27.18 -0.76 4.46
C ASP A 82 -26.20 0.29 3.99
N ALA A 83 -25.54 -0.03 2.89
CA ALA A 83 -24.71 0.89 2.15
C ALA A 83 -24.31 0.28 0.82
N SER A 84 -24.11 1.11 -0.18
CA SER A 84 -23.71 0.62 -1.48
C SER A 84 -22.26 1.00 -1.76
N VAL A 85 -21.43 -0.01 -1.99
CA VAL A 85 -20.00 0.21 -2.12
C VAL A 85 -19.48 -0.15 -3.50
N SER A 86 -18.37 0.47 -3.86
CA SER A 86 -17.68 0.14 -5.08
C SER A 86 -16.27 -0.31 -4.76
N LEU A 87 -15.93 -1.52 -5.18
CA LEU A 87 -14.55 -1.96 -5.10
C LEU A 87 -13.87 -1.73 -6.43
N LEU A 88 -12.60 -1.41 -6.37
CA LEU A 88 -11.80 -1.30 -7.55
C LEU A 88 -10.65 -2.27 -7.48
N GLY A 89 -10.21 -2.73 -8.63
CA GLY A 89 -9.10 -3.65 -8.69
C GLY A 89 -8.58 -3.77 -10.10
N TYR A 90 -7.73 -4.75 -10.33
CA TYR A 90 -7.22 -5.00 -11.67
C TYR A 90 -6.95 -6.47 -11.91
N LEU A 91 -7.50 -6.94 -13.04
CA LEU A 91 -7.32 -8.29 -13.52
C LEU A 91 -5.89 -8.47 -14.03
N HIS A 92 -5.31 -9.63 -13.75
CA HIS A 92 -3.96 -9.93 -14.18
C HIS A 92 -3.86 -10.03 -15.69
N ASP A 93 -2.76 -9.52 -16.24
CA ASP A 93 -2.49 -9.58 -17.66
C ASP A 93 -1.72 -10.85 -18.00
N ILE A 94 -2.26 -11.63 -18.92
CA ILE A 94 -1.62 -12.88 -19.30
C ILE A 94 -0.53 -12.64 -20.34
N ASP A 95 -0.84 -11.87 -21.39
CA ASP A 95 0.13 -11.60 -22.46
C ASP A 95 -0.45 -10.60 -23.46
N SER A 96 -1.12 -9.57 -22.95
CA SER A 96 -1.74 -8.57 -23.82
C SER A 96 -0.71 -7.60 -24.36
N GLY A 97 0.25 -8.11 -25.10
CA GLY A 97 1.32 -7.28 -25.62
C GLY A 97 2.52 -7.30 -24.70
N SER A 98 3.33 -8.33 -24.80
CA SER A 98 4.52 -8.47 -23.99
C SER A 98 5.67 -9.05 -24.80
N PHE B 1 10.53 -2.80 -19.24
CA PHE B 1 9.33 -3.63 -19.43
C PHE B 1 8.46 -3.59 -18.16
N GLN B 2 7.14 -3.76 -18.36
CA GLN B 2 6.11 -3.77 -17.31
C GLN B 2 6.13 -2.55 -16.39
N GLY B 3 7.16 -2.40 -15.57
CA GLY B 3 7.22 -1.27 -14.65
C GLY B 3 8.63 -0.93 -14.25
N ALA B 4 9.57 -1.12 -15.17
CA ALA B 4 10.97 -0.81 -14.90
C ALA B 4 11.20 0.69 -14.92
N MET B 5 11.01 1.30 -16.09
CA MET B 5 11.19 2.74 -16.23
C MET B 5 9.83 3.43 -16.34
N ALA B 6 8.91 3.00 -15.49
CA ALA B 6 7.56 3.55 -15.48
C ALA B 6 7.57 5.06 -15.30
N MET B 7 6.77 5.75 -16.10
CA MET B 7 6.79 7.21 -16.12
C MET B 7 5.68 7.79 -15.26
N PHE B 8 5.93 8.98 -14.72
CA PHE B 8 5.00 9.64 -13.81
C PHE B 8 3.70 10.04 -14.52
N TRP B 9 2.60 9.97 -13.76
CA TRP B 9 1.28 10.34 -14.24
C TRP B 9 0.61 11.24 -13.21
N GLY B 10 -0.18 12.17 -13.69
CA GLY B 10 -0.89 13.06 -12.79
C GLY B 10 -2.22 13.51 -13.36
N LEU B 11 -3.19 13.70 -12.49
CA LEU B 11 -4.51 14.17 -12.90
C LEU B 11 -5.00 15.30 -11.98
N ASN B 12 -5.03 16.51 -12.50
CA ASN B 12 -5.51 17.66 -11.76
C ASN B 12 -7.01 17.84 -12.03
N MET B 13 -7.83 17.53 -11.04
CA MET B 13 -9.27 17.56 -11.21
C MET B 13 -9.88 18.81 -10.61
N LYS B 14 -10.89 19.32 -11.29
CA LYS B 14 -11.57 20.54 -10.89
C LYS B 14 -12.87 20.21 -10.17
N PRO B 15 -13.31 21.10 -9.25
CA PRO B 15 -14.55 20.91 -8.48
C PRO B 15 -15.76 20.69 -9.36
N GLU B 16 -16.33 19.48 -9.28
CA GLU B 16 -17.50 19.11 -10.07
C GLU B 16 -17.22 19.21 -11.56
N ARG B 17 -16.42 18.29 -12.04
CA ARG B 17 -16.16 18.19 -13.47
C ARG B 17 -16.05 16.73 -13.86
N LYS B 18 -16.56 16.40 -15.03
CA LYS B 18 -16.59 15.02 -15.47
C LYS B 18 -15.73 14.82 -16.72
N TYR B 19 -14.70 14.00 -16.61
CA TYR B 19 -13.85 13.69 -17.75
C TYR B 19 -14.06 12.26 -18.19
N SER B 20 -14.45 12.06 -19.42
CA SER B 20 -14.47 10.72 -19.99
C SER B 20 -13.26 10.55 -20.91
N GLN B 21 -12.21 9.89 -20.41
CA GLN B 21 -10.96 9.78 -21.17
C GLN B 21 -10.62 8.33 -21.50
N THR B 22 -10.07 8.14 -22.69
CA THR B 22 -9.62 6.84 -23.13
C THR B 22 -8.13 6.67 -22.80
N ILE B 23 -7.66 5.43 -22.77
CA ILE B 23 -6.31 5.14 -22.34
C ILE B 23 -5.47 4.63 -23.49
N ILE B 24 -4.40 5.37 -23.79
CA ILE B 24 -3.46 4.96 -24.82
C ILE B 24 -2.23 4.31 -24.21
N LYS B 25 -2.10 4.42 -22.90
CA LYS B 25 -0.97 3.85 -22.19
C LYS B 25 -1.42 3.42 -20.80
N SER B 26 -1.29 2.13 -20.50
CA SER B 26 -1.77 1.56 -19.25
C SER B 26 -1.05 2.19 -18.07
N PHE B 27 -1.79 2.45 -16.99
CA PHE B 27 -1.20 3.16 -15.86
C PHE B 27 -1.85 2.81 -14.54
N HIS B 28 -1.13 3.13 -13.47
CA HIS B 28 -1.61 2.94 -12.11
C HIS B 28 -1.79 4.28 -11.43
N ILE B 29 -2.98 4.53 -10.92
CA ILE B 29 -3.22 5.69 -10.07
C ILE B 29 -2.94 5.29 -8.63
N SER B 30 -2.23 6.15 -7.91
CA SER B 30 -1.74 5.76 -6.60
C SER B 30 -2.21 6.71 -5.50
N GLY B 31 -2.90 7.79 -5.87
CA GLY B 31 -3.44 8.66 -4.85
C GLY B 31 -4.20 9.85 -5.40
N VAL B 32 -5.11 10.37 -4.59
CA VAL B 32 -5.85 11.59 -4.92
C VAL B 32 -5.93 12.48 -3.67
N ALA B 33 -5.64 13.76 -3.81
CA ALA B 33 -5.62 14.65 -2.66
C ALA B 33 -6.02 16.06 -3.04
N LEU B 34 -6.50 16.82 -2.06
CA LEU B 34 -6.88 18.22 -2.29
C LEU B 34 -6.14 19.13 -1.34
N ASP B 35 -5.82 20.31 -1.85
CA ASP B 35 -5.22 21.35 -1.05
C ASP B 35 -6.22 22.47 -0.85
N LYS B 36 -6.78 22.94 -1.96
CA LYS B 36 -7.91 23.84 -1.89
C LYS B 36 -9.17 23.06 -2.22
N GLY B 37 -10.17 23.15 -1.37
CA GLY B 37 -11.42 22.49 -1.65
C GLY B 37 -12.18 22.09 -0.41
N GLN B 38 -13.48 21.92 -0.56
CA GLN B 38 -14.34 21.52 0.55
C GLN B 38 -14.69 20.05 0.45
N GLU B 39 -15.05 19.59 -0.75
CA GLU B 39 -15.37 18.19 -0.96
C GLU B 39 -15.10 17.77 -2.40
N ALA B 40 -14.36 16.68 -2.56
CA ALA B 40 -14.26 16.05 -3.87
C ALA B 40 -14.58 14.57 -3.75
N LYS B 41 -15.68 14.16 -4.34
CA LYS B 41 -16.06 12.76 -4.39
C LYS B 41 -15.56 12.18 -5.68
N LEU B 42 -14.55 11.32 -5.59
CA LEU B 42 -13.93 10.78 -6.79
C LEU B 42 -14.74 9.61 -7.32
N TYR B 43 -15.38 9.83 -8.45
CA TYR B 43 -16.15 8.79 -9.10
C TYR B 43 -15.49 8.39 -10.39
N LEU B 44 -15.43 7.10 -10.63
CA LEU B 44 -14.93 6.57 -11.86
C LEU B 44 -15.97 5.68 -12.50
N ALA B 45 -16.36 6.02 -13.71
CA ALA B 45 -17.33 5.22 -14.43
C ALA B 45 -16.66 4.51 -15.59
N ALA B 46 -16.55 3.21 -15.48
CA ALA B 46 -15.92 2.39 -16.49
C ALA B 46 -16.85 1.26 -16.88
N GLU B 47 -16.90 0.96 -18.18
CA GLU B 47 -17.79 -0.07 -18.71
C GLU B 47 -19.25 0.23 -18.32
N LYS B 48 -19.56 1.53 -18.28
CA LYS B 48 -20.91 2.02 -17.96
C LYS B 48 -21.31 1.66 -16.53
N GLN B 49 -20.34 1.63 -15.62
CA GLN B 49 -20.64 1.39 -14.22
C GLN B 49 -19.98 2.47 -13.36
N GLU B 50 -20.74 3.01 -12.42
CA GLU B 50 -20.24 4.09 -11.57
C GLU B 50 -19.58 3.50 -10.34
N TYR B 51 -18.30 3.83 -10.16
CA TYR B 51 -17.57 3.41 -8.98
C TYR B 51 -17.15 4.61 -8.16
N ILE B 52 -17.55 4.62 -6.90
CA ILE B 52 -17.00 5.61 -5.97
C ILE B 52 -15.58 5.19 -5.59
N VAL B 53 -14.62 5.92 -6.12
CA VAL B 53 -13.23 5.55 -5.98
C VAL B 53 -12.67 6.06 -4.66
N ALA B 54 -12.94 7.31 -4.36
CA ALA B 54 -12.41 7.92 -3.16
C ALA B 54 -13.30 9.06 -2.66
N THR B 55 -13.31 9.26 -1.36
CA THR B 55 -13.92 10.43 -0.79
C THR B 55 -12.83 11.29 -0.17
N VAL B 56 -12.45 12.35 -0.87
CA VAL B 56 -11.42 13.23 -0.40
C VAL B 56 -12.01 14.61 -0.15
N THR B 57 -12.02 15.02 1.10
CA THR B 57 -12.70 16.23 1.49
C THR B 57 -11.77 17.21 2.17
N LYS B 58 -12.32 18.35 2.56
CA LYS B 58 -11.59 19.31 3.38
C LYS B 58 -11.15 18.64 4.68
N ALA B 59 -11.96 17.71 5.16
CA ALA B 59 -11.68 16.97 6.38
C ALA B 59 -10.69 15.83 6.12
N ILE B 60 -10.88 15.14 5.00
CA ILE B 60 -9.95 14.10 4.56
C ILE B 60 -9.17 14.61 3.36
N PRO B 61 -8.06 15.32 3.59
CA PRO B 61 -7.38 16.10 2.56
C PRO B 61 -6.60 15.25 1.55
N GLN B 62 -6.64 13.94 1.73
CA GLN B 62 -5.86 13.05 0.88
C GLN B 62 -6.34 11.61 1.00
N VAL B 63 -6.55 10.98 -0.15
CA VAL B 63 -6.88 9.57 -0.22
C VAL B 63 -5.85 8.82 -1.05
N ALA B 64 -5.08 7.97 -0.41
CA ALA B 64 -4.14 7.11 -1.12
C ALA B 64 -4.90 6.00 -1.84
N LEU B 65 -4.58 5.81 -3.11
CA LEU B 65 -5.33 4.88 -3.94
C LEU B 65 -4.44 3.82 -4.57
N ASP B 66 -5.09 2.81 -5.12
CA ASP B 66 -4.43 1.82 -5.96
C ASP B 66 -5.36 1.45 -7.10
N LEU B 67 -5.11 2.04 -8.25
CA LEU B 67 -5.90 1.75 -9.43
C LEU B 67 -4.97 1.43 -10.57
N ASN B 68 -5.36 0.50 -11.42
CA ASN B 68 -4.56 0.21 -12.59
C ASN B 68 -5.46 -0.07 -13.77
N PHE B 69 -5.37 0.80 -14.76
CA PHE B 69 -6.20 0.67 -15.94
C PHE B 69 -5.34 0.29 -17.14
N SER B 70 -5.90 -0.47 -18.05
CA SER B 70 -5.17 -0.90 -19.22
C SER B 70 -5.52 0.00 -20.41
N LYS B 71 -4.72 -0.10 -21.47
CA LYS B 71 -4.93 0.72 -22.65
C LYS B 71 -6.12 0.20 -23.46
N GLY B 72 -6.75 -0.84 -22.94
CA GLY B 72 -7.98 -1.34 -23.51
C GLY B 72 -9.19 -0.84 -22.73
N ASP B 73 -8.93 -0.20 -21.61
CA ASP B 73 -9.99 0.33 -20.76
C ASP B 73 -10.29 1.77 -21.11
N ARG B 74 -11.57 2.11 -21.13
CA ARG B 74 -12.00 3.48 -21.37
C ARG B 74 -12.85 3.92 -20.19
N ILE B 75 -12.39 4.93 -19.48
CA ILE B 75 -12.99 5.26 -18.20
C ILE B 75 -13.36 6.72 -18.10
N MET B 76 -14.22 7.04 -17.15
CA MET B 76 -14.52 8.43 -16.86
C MET B 76 -14.15 8.74 -15.44
N PHE B 77 -13.34 9.77 -15.26
CA PHE B 77 -12.97 10.21 -13.94
C PHE B 77 -13.63 11.53 -13.66
N TYR B 78 -14.34 11.62 -12.57
CA TYR B 78 -15.08 12.83 -12.28
C TYR B 78 -15.32 13.01 -10.80
N THR B 79 -15.18 14.25 -10.35
CA THR B 79 -15.30 14.56 -8.94
C THR B 79 -16.54 15.39 -8.66
N ALA B 80 -17.27 15.01 -7.63
CA ALA B 80 -18.43 15.76 -7.18
C ALA B 80 -18.09 16.62 -5.98
N GLY B 81 -18.86 17.68 -5.76
CA GLY B 81 -18.57 18.59 -4.68
C GLY B 81 -17.65 19.69 -5.13
N ASP B 82 -17.32 20.62 -4.24
CA ASP B 82 -16.39 21.67 -4.63
C ASP B 82 -15.06 21.46 -3.94
N ALA B 83 -14.12 20.96 -4.70
CA ALA B 83 -12.72 20.87 -4.32
C ALA B 83 -11.87 20.51 -5.53
N SER B 84 -10.63 20.95 -5.53
CA SER B 84 -9.74 20.64 -6.64
C SER B 84 -8.68 19.65 -6.17
N VAL B 85 -8.61 18.51 -6.83
CA VAL B 85 -7.74 17.44 -6.39
C VAL B 85 -6.67 17.10 -7.42
N SER B 86 -5.58 16.55 -6.93
CA SER B 86 -4.54 16.05 -7.79
C SER B 86 -4.33 14.57 -7.53
N LEU B 87 -4.47 13.77 -8.59
CA LEU B 87 -4.10 12.37 -8.49
C LEU B 87 -2.70 12.18 -9.01
N LEU B 88 -1.99 11.26 -8.43
CA LEU B 88 -0.69 10.88 -8.92
C LEU B 88 -0.69 9.41 -9.26
N GLY B 89 0.12 9.05 -10.22
CA GLY B 89 0.24 7.68 -10.64
C GLY B 89 1.45 7.47 -11.50
N TYR B 90 1.52 6.32 -12.15
CA TYR B 90 2.61 6.03 -13.06
C TYR B 90 2.18 5.14 -14.21
N LEU B 91 2.51 5.59 -15.41
CA LEU B 91 2.27 4.87 -16.64
C LEU B 91 3.21 3.68 -16.73
N HIS B 92 2.71 2.56 -17.23
CA HIS B 92 3.52 1.37 -17.37
C HIS B 92 4.60 1.54 -18.41
N ASP B 93 5.77 0.97 -18.13
CA ASP B 93 6.90 1.01 -19.03
C ASP B 93 6.87 -0.20 -19.95
N ILE B 94 6.90 0.07 -21.25
CA ILE B 94 6.86 -1.00 -22.23
C ILE B 94 8.25 -1.61 -22.46
N ASP B 95 9.25 -0.75 -22.67
CA ASP B 95 10.61 -1.21 -22.93
C ASP B 95 11.57 -0.02 -23.02
N SER B 96 11.41 0.94 -22.12
CA SER B 96 12.24 2.15 -22.14
C SER B 96 13.61 1.86 -21.53
N GLY B 97 14.35 0.95 -22.15
CA GLY B 97 15.64 0.56 -21.62
C GLY B 97 15.53 -0.65 -20.73
N SER B 98 15.46 -1.82 -21.32
CA SER B 98 15.36 -3.06 -20.56
C SER B 98 16.19 -4.15 -21.22
N PHE C 1 17.54 -6.44 -11.76
CA PHE C 1 16.70 -5.81 -12.79
C PHE C 1 15.39 -5.30 -12.17
N GLN C 2 14.84 -4.25 -12.76
CA GLN C 2 13.58 -3.59 -12.36
C GLN C 2 13.53 -3.17 -10.88
N GLY C 3 13.49 -4.13 -9.96
CA GLY C 3 13.40 -3.81 -8.55
C GLY C 3 13.95 -4.91 -7.67
N ALA C 4 14.96 -5.61 -8.17
CA ALA C 4 15.57 -6.70 -7.41
C ALA C 4 16.44 -6.14 -6.28
N MET C 5 17.51 -5.45 -6.66
CA MET C 5 18.42 -4.85 -5.70
C MET C 5 18.21 -3.34 -5.63
N ALA C 6 16.94 -2.94 -5.62
CA ALA C 6 16.57 -1.53 -5.58
C ALA C 6 17.20 -0.82 -4.39
N MET C 7 17.76 0.35 -4.63
CA MET C 7 18.51 1.07 -3.60
C MET C 7 17.65 2.12 -2.93
N PHE C 8 17.97 2.39 -1.67
CA PHE C 8 17.21 3.32 -0.85
C PHE C 8 17.31 4.76 -1.36
N TRP C 9 16.21 5.50 -1.20
CA TRP C 9 16.13 6.89 -1.61
C TRP C 9 15.51 7.70 -0.48
N GLY C 10 15.95 8.94 -0.32
CA GLY C 10 15.41 9.79 0.70
C GLY C 10 15.43 11.25 0.30
N LEU C 11 14.43 12.00 0.75
CA LEU C 11 14.35 13.43 0.46
C LEU C 11 14.01 14.20 1.73
N ASN C 12 14.99 14.94 2.24
CA ASN C 12 14.80 15.77 3.42
C ASN C 12 14.38 17.18 2.98
N MET C 13 13.12 17.53 3.19
CA MET C 13 12.60 18.80 2.72
C MET C 13 12.49 19.82 3.84
N LYS C 14 12.76 21.05 3.49
CA LYS C 14 12.77 22.15 4.44
C LYS C 14 11.47 22.95 4.34
N PRO C 15 11.04 23.56 5.45
CA PRO C 15 9.80 24.36 5.49
C PRO C 15 9.77 25.46 4.43
N GLU C 16 8.85 25.33 3.47
CA GLU C 16 8.68 26.29 2.39
C GLU C 16 9.95 26.40 1.57
N ARG C 17 10.23 25.36 0.81
CA ARG C 17 11.33 25.37 -0.13
C ARG C 17 10.93 24.63 -1.38
N LYS C 18 11.39 25.12 -2.52
CA LYS C 18 11.02 24.55 -3.80
C LYS C 18 12.23 23.98 -4.52
N TYR C 19 12.22 22.67 -4.76
CA TYR C 19 13.30 22.05 -5.49
C TYR C 19 12.80 21.59 -6.86
N SER C 20 13.42 22.07 -7.91
CA SER C 20 13.17 21.53 -9.24
C SER C 20 14.31 20.61 -9.65
N GLN C 21 14.11 19.30 -9.51
CA GLN C 21 15.18 18.35 -9.75
C GLN C 21 14.87 17.40 -10.92
N THR C 22 15.90 17.07 -11.68
CA THR C 22 15.79 16.13 -12.77
C THR C 22 16.15 14.73 -12.29
N ILE C 23 15.73 13.73 -13.02
CA ILE C 23 15.89 12.35 -12.59
C ILE C 23 16.89 11.60 -13.48
N ILE C 24 17.96 11.13 -12.87
CA ILE C 24 18.96 10.34 -13.58
C ILE C 24 18.76 8.85 -13.32
N LYS C 25 17.92 8.54 -12.36
CA LYS C 25 17.64 7.16 -12.00
C LYS C 25 16.20 7.05 -11.50
N SER C 26 15.40 6.23 -12.20
CA SER C 26 13.98 6.11 -11.92
C SER C 26 13.76 5.59 -10.50
N PHE C 27 12.77 6.11 -9.80
CA PHE C 27 12.57 5.74 -8.42
C PHE C 27 11.12 5.85 -7.97
N HIS C 28 10.84 5.19 -6.86
CA HIS C 28 9.52 5.23 -6.24
C HIS C 28 9.61 5.91 -4.88
N ILE C 29 8.81 6.95 -4.69
CA ILE C 29 8.65 7.55 -3.37
C ILE C 29 7.54 6.82 -2.64
N SER C 30 7.76 6.51 -1.37
CA SER C 30 6.85 5.65 -0.66
C SER C 30 6.30 6.30 0.61
N GLY C 31 6.79 7.49 0.95
CA GLY C 31 6.22 8.17 2.10
C GLY C 31 6.87 9.51 2.38
N VAL C 32 6.12 10.38 3.03
CA VAL C 32 6.61 11.68 3.49
C VAL C 32 6.11 11.93 4.92
N ALA C 33 6.99 12.35 5.80
CA ALA C 33 6.60 12.55 7.20
C ALA C 33 7.39 13.67 7.85
N LEU C 34 6.82 14.26 8.91
CA LEU C 34 7.51 15.31 9.64
C LEU C 34 7.64 14.95 11.11
N ASP C 35 8.74 15.37 11.69
CA ASP C 35 8.95 15.22 13.12
C ASP C 35 8.89 16.59 13.76
N LYS C 36 9.67 17.52 13.24
CA LYS C 36 9.55 18.90 13.62
C LYS C 36 8.82 19.66 12.53
N GLY C 37 7.77 20.37 12.88
CA GLY C 37 7.06 21.14 11.90
C GLY C 37 5.60 21.34 12.22
N GLN C 38 5.02 22.39 11.67
CA GLN C 38 3.62 22.69 11.87
C GLN C 38 2.78 22.27 10.66
N GLU C 39 3.27 22.59 9.47
CA GLU C 39 2.58 22.20 8.25
C GLU C 39 3.53 22.05 7.08
N ALA C 40 3.46 20.92 6.40
CA ALA C 40 4.14 20.78 5.13
C ALA C 40 3.16 20.29 4.07
N LYS C 41 2.89 21.15 3.11
CA LYS C 41 2.04 20.78 1.99
C LYS C 41 2.93 20.31 0.85
N LEU C 42 2.91 19.02 0.56
CA LEU C 42 3.80 18.46 -0.43
C LEU C 42 3.22 18.68 -1.82
N TYR C 43 3.86 19.55 -2.57
CA TYR C 43 3.45 19.81 -3.93
C TYR C 43 4.52 19.32 -4.90
N LEU C 44 4.07 18.67 -5.94
CA LEU C 44 4.95 18.23 -7.00
C LEU C 44 4.48 18.79 -8.33
N ALA C 45 5.35 19.53 -8.97
CA ALA C 45 5.03 20.10 -10.27
C ALA C 45 5.84 19.41 -11.35
N ALA C 46 5.14 18.65 -12.17
CA ALA C 46 5.78 17.92 -13.26
C ALA C 46 5.06 18.21 -14.56
N GLU C 47 5.84 18.38 -15.63
CA GLU C 47 5.29 18.72 -16.94
C GLU C 47 4.48 20.02 -16.85
N LYS C 48 4.95 20.92 -15.99
CA LYS C 48 4.33 22.23 -15.79
C LYS C 48 2.92 22.11 -15.21
N GLN C 49 2.70 21.09 -14.39
CA GLN C 49 1.41 20.95 -13.71
C GLN C 49 1.63 20.76 -12.22
N GLU C 50 0.86 21.49 -11.42
CA GLU C 50 1.00 21.42 -9.97
C GLU C 50 0.13 20.33 -9.40
N TYR C 51 0.76 19.38 -8.72
CA TYR C 51 0.03 18.32 -8.06
C TYR C 51 0.22 18.39 -6.56
N ILE C 52 -0.88 18.47 -5.82
CA ILE C 52 -0.81 18.32 -4.39
C ILE C 52 -0.63 16.85 -4.06
N VAL C 53 0.57 16.50 -3.63
CA VAL C 53 0.93 15.10 -3.43
C VAL C 53 0.49 14.62 -2.07
N ALA C 54 0.76 15.42 -1.04
CA ALA C 54 0.44 15.04 0.31
C ALA C 54 0.23 16.25 1.21
N THR C 55 -0.63 16.10 2.20
CA THR C 55 -0.75 17.08 3.25
C THR C 55 -0.26 16.47 4.55
N VAL C 56 0.96 16.81 4.93
CA VAL C 56 1.53 16.29 6.15
C VAL C 56 1.76 17.42 7.12
N THR C 57 1.04 17.38 8.23
CA THR C 57 1.06 18.49 9.17
C THR C 57 1.49 18.05 10.56
N LYS C 58 1.50 19.00 11.48
CA LYS C 58 1.72 18.70 12.88
C LYS C 58 0.64 17.74 13.38
N ALA C 59 -0.55 17.85 12.80
CA ALA C 59 -1.67 17.01 13.16
C ALA C 59 -1.59 15.67 12.44
N ILE C 60 -1.21 15.71 11.17
CA ILE C 60 -0.97 14.49 10.39
C ILE C 60 0.53 14.33 10.17
N PRO C 61 1.23 13.69 11.12
CA PRO C 61 2.69 13.71 11.18
C PRO C 61 3.36 12.84 10.12
N GLN C 62 2.56 12.18 9.29
CA GLN C 62 3.10 11.25 8.31
C GLN C 62 2.07 10.92 7.24
N VAL C 63 2.50 11.00 6.00
CA VAL C 63 1.70 10.60 4.86
C VAL C 63 2.42 9.53 4.05
N ALA C 64 1.88 8.32 4.07
CA ALA C 64 2.41 7.25 3.25
C ALA C 64 2.02 7.47 1.79
N LEU C 65 3.00 7.36 0.90
CA LEU C 65 2.79 7.70 -0.50
C LEU C 65 3.14 6.54 -1.43
N ASP C 66 2.74 6.71 -2.67
CA ASP C 66 3.16 5.82 -3.74
C ASP C 66 3.38 6.65 -4.99
N LEU C 67 4.62 6.97 -5.27
CA LEU C 67 4.97 7.73 -6.46
C LEU C 67 6.08 7.00 -7.18
N ASN C 68 6.06 7.04 -8.49
CA ASN C 68 7.14 6.45 -9.25
C ASN C 68 7.45 7.32 -10.46
N PHE C 69 8.64 7.87 -10.48
CA PHE C 69 9.05 8.75 -11.55
C PHE C 69 10.14 8.07 -12.36
N SER C 70 10.16 8.34 -13.66
CA SER C 70 11.16 7.75 -14.54
C SER C 70 12.29 8.72 -14.77
N LYS C 71 13.39 8.22 -15.31
CA LYS C 71 14.57 9.04 -15.57
C LYS C 71 14.34 9.94 -16.79
N GLY C 72 13.15 9.86 -17.34
CA GLY C 72 12.75 10.77 -18.39
C GLY C 72 11.86 11.88 -17.85
N ASP C 73 11.48 11.75 -16.59
CA ASP C 73 10.63 12.74 -15.95
C ASP C 73 11.47 13.78 -15.22
N ARG C 74 11.06 15.03 -15.34
CA ARG C 74 11.70 16.12 -14.63
C ARG C 74 10.67 16.83 -13.77
N ILE C 75 10.87 16.79 -12.47
CA ILE C 75 9.81 17.20 -11.56
C ILE C 75 10.31 18.24 -10.55
N MET C 76 9.38 18.92 -9.92
CA MET C 76 9.71 19.81 -8.83
C MET C 76 9.00 19.37 -7.58
N PHE C 77 9.75 19.15 -6.54
CA PHE C 77 9.18 18.80 -5.26
C PHE C 77 9.34 19.96 -4.32
N TYR C 78 8.25 20.39 -3.71
CA TYR C 78 8.31 21.55 -2.86
C TYR C 78 7.20 21.56 -1.83
N THR C 79 7.54 21.96 -0.63
CA THR C 79 6.62 21.93 0.49
C THR C 79 6.26 23.35 0.93
N ALA C 80 4.96 23.56 1.14
CA ALA C 80 4.47 24.83 1.66
C ALA C 80 4.18 24.73 3.15
N GLY C 81 4.18 25.86 3.83
CA GLY C 81 3.99 25.86 5.27
C GLY C 81 5.30 25.71 6.00
N ASP C 82 5.27 25.71 7.32
CA ASP C 82 6.51 25.53 8.06
C ASP C 82 6.52 24.17 8.71
N ALA C 83 7.27 23.27 8.10
CA ALA C 83 7.59 21.97 8.66
C ALA C 83 8.69 21.33 7.84
N SER C 84 9.49 20.49 8.48
CA SER C 84 10.57 19.81 7.78
C SER C 84 10.23 18.33 7.66
N VAL C 85 10.17 17.83 6.43
CA VAL C 85 9.73 16.46 6.19
C VAL C 85 10.80 15.61 5.56
N SER C 86 10.68 14.32 5.76
CA SER C 86 11.55 13.36 5.14
C SER C 86 10.72 12.40 4.29
N LEU C 87 11.02 12.32 3.02
CA LEU C 87 10.43 11.30 2.17
C LEU C 87 11.37 10.14 2.06
N LEU C 88 10.81 8.95 1.98
CA LEU C 88 11.59 7.76 1.74
C LEU C 88 11.10 7.11 0.47
N GLY C 89 12.01 6.43 -0.20
CA GLY C 89 11.68 5.74 -1.41
C GLY C 89 12.77 4.79 -1.81
N TYR C 90 12.69 4.27 -3.03
CA TYR C 90 13.74 3.40 -3.54
C TYR C 90 13.92 3.55 -5.04
N LEU C 91 15.18 3.73 -5.41
CA LEU C 91 15.61 3.83 -6.79
C LEU C 91 15.52 2.45 -7.45
N HIS C 92 15.10 2.43 -8.70
CA HIS C 92 14.98 1.18 -9.44
C HIS C 92 16.34 0.54 -9.70
N ASP C 93 16.38 -0.77 -9.61
CA ASP C 93 17.59 -1.53 -9.88
C ASP C 93 17.66 -1.92 -11.34
N ILE C 94 18.74 -1.56 -11.99
CA ILE C 94 18.90 -1.86 -13.41
C ILE C 94 19.42 -3.28 -13.62
N ASP C 95 20.46 -3.66 -12.89
CA ASP C 95 21.07 -4.99 -13.01
C ASP C 95 22.17 -5.19 -11.98
N SER C 96 21.93 -4.75 -10.76
CA SER C 96 22.92 -4.84 -9.69
C SER C 96 22.98 -6.27 -9.14
N GLY C 97 23.31 -7.22 -9.99
CA GLY C 97 23.34 -8.61 -9.58
C GLY C 97 22.03 -9.30 -9.88
N SER C 98 21.85 -9.71 -11.13
CA SER C 98 20.63 -10.38 -11.54
C SER C 98 20.96 -11.51 -12.52
N PHE D 1 13.65 -15.60 -7.62
CA PHE D 1 14.32 -14.36 -8.05
C PHE D 1 13.51 -13.15 -7.64
N GLN D 2 14.21 -12.02 -7.42
CA GLN D 2 13.64 -10.72 -7.02
C GLN D 2 12.74 -10.77 -5.77
N GLY D 3 11.58 -11.41 -5.87
CA GLY D 3 10.67 -11.45 -4.74
C GLY D 3 9.74 -12.65 -4.80
N ALA D 4 10.22 -13.74 -5.36
CA ALA D 4 9.42 -14.96 -5.47
C ALA D 4 9.28 -15.64 -4.12
N MET D 5 10.41 -16.12 -3.59
CA MET D 5 10.42 -16.79 -2.30
C MET D 5 11.03 -15.87 -1.24
N ALA D 6 10.62 -14.61 -1.28
CA ALA D 6 11.12 -13.60 -0.35
C ALA D 6 10.89 -14.03 1.10
N MET D 7 11.92 -13.85 1.92
CA MET D 7 11.88 -14.34 3.30
C MET D 7 11.50 -13.23 4.27
N PHE D 8 10.87 -13.62 5.36
CA PHE D 8 10.36 -12.67 6.35
C PHE D 8 11.50 -11.94 7.08
N TRP D 9 11.24 -10.68 7.41
CA TRP D 9 12.19 -9.84 8.11
C TRP D 9 11.47 -9.14 9.27
N GLY D 10 12.18 -8.93 10.35
CA GLY D 10 11.60 -8.24 11.50
C GLY D 10 12.63 -7.45 12.27
N LEU D 11 12.21 -6.34 12.84
CA LEU D 11 13.08 -5.50 13.65
C LEU D 11 12.38 -5.09 14.94
N ASN D 12 12.82 -5.65 16.05
CA ASN D 12 12.29 -5.30 17.35
C ASN D 12 13.11 -4.17 17.96
N MET D 13 12.53 -2.97 18.01
CA MET D 13 13.27 -1.80 18.47
C MET D 13 12.90 -1.44 19.89
N LYS D 14 13.90 -0.98 20.63
CA LYS D 14 13.75 -0.63 22.03
C LYS D 14 13.61 0.89 22.18
N PRO D 15 12.90 1.34 23.23
CA PRO D 15 12.68 2.76 23.50
C PRO D 15 13.98 3.55 23.59
N GLU D 16 14.18 4.46 22.62
CA GLU D 16 15.37 5.30 22.55
C GLU D 16 16.63 4.45 22.43
N ARG D 17 16.79 3.85 21.27
CA ARG D 17 18.00 3.12 20.96
C ARG D 17 18.37 3.34 19.50
N LYS D 18 19.66 3.43 19.24
CA LYS D 18 20.13 3.73 17.90
C LYS D 18 20.95 2.58 17.33
N TYR D 19 20.47 1.98 16.25
CA TYR D 19 21.20 0.90 15.61
C TYR D 19 21.74 1.38 14.27
N SER D 20 23.04 1.30 14.08
CA SER D 20 23.62 1.52 12.77
C SER D 20 24.00 0.18 12.15
N GLN D 21 23.16 -0.33 11.25
CA GLN D 21 23.37 -1.66 10.70
C GLN D 21 23.59 -1.63 9.18
N THR D 22 24.47 -2.50 8.73
CA THR D 22 24.76 -2.65 7.31
C THR D 22 23.87 -3.76 6.73
N ILE D 23 23.71 -3.76 5.43
CA ILE D 23 22.79 -4.68 4.77
C ILE D 23 23.54 -5.69 3.92
N ILE D 24 23.37 -6.97 4.26
CA ILE D 24 23.97 -8.05 3.50
C ILE D 24 22.95 -8.68 2.56
N LYS D 25 21.69 -8.33 2.75
CA LYS D 25 20.61 -8.85 1.93
C LYS D 25 19.53 -7.79 1.78
N SER D 26 19.26 -7.38 0.55
CA SER D 26 18.31 -6.31 0.28
C SER D 26 16.91 -6.67 0.76
N PHE D 27 16.20 -5.71 1.33
CA PHE D 27 14.91 -6.02 1.92
C PHE D 27 13.96 -4.83 1.91
N HIS D 28 12.69 -5.16 2.09
CA HIS D 28 11.64 -4.16 2.18
C HIS D 28 11.02 -4.17 3.57
N ILE D 29 11.01 -3.01 4.22
CA ILE D 29 10.29 -2.84 5.47
C ILE D 29 8.86 -2.42 5.13
N SER D 30 7.89 -3.03 5.79
CA SER D 30 6.52 -2.84 5.41
C SER D 30 5.64 -2.31 6.55
N GLY D 31 6.22 -2.19 7.75
CA GLY D 31 5.45 -1.61 8.83
C GLY D 31 6.21 -1.55 10.14
N VAL D 32 5.81 -0.61 10.98
CA VAL D 32 6.36 -0.47 12.34
C VAL D 32 5.20 -0.21 13.32
N ALA D 33 5.18 -0.92 14.43
CA ALA D 33 4.07 -0.78 15.38
C ALA D 33 4.52 -1.02 16.80
N LEU D 34 3.79 -0.47 17.77
CA LEU D 34 4.09 -0.68 19.17
C LEU D 34 2.91 -1.25 19.91
N ASP D 35 3.20 -2.10 20.87
CA ASP D 35 2.19 -2.64 21.74
C ASP D 35 2.36 -2.05 23.13
N LYS D 36 3.58 -2.13 23.66
CA LYS D 36 3.93 -1.41 24.86
C LYS D 36 4.75 -0.19 24.48
N GLY D 37 4.35 0.97 24.95
CA GLY D 37 5.12 2.16 24.67
C GLY D 37 4.29 3.42 24.63
N GLN D 38 4.95 4.54 24.87
CA GLN D 38 4.28 5.83 24.85
C GLN D 38 4.57 6.57 23.54
N GLU D 39 5.83 6.57 23.11
CA GLU D 39 6.19 7.22 21.87
C GLU D 39 7.43 6.56 21.25
N ALA D 40 7.33 6.21 19.98
CA ALA D 40 8.51 5.82 19.23
C ALA D 40 8.58 6.61 17.92
N LYS D 41 9.58 7.47 17.83
CA LYS D 41 9.82 8.22 16.63
C LYS D 41 10.84 7.48 15.79
N LEU D 42 10.39 6.91 14.67
CA LEU D 42 11.26 6.08 13.87
C LEU D 42 12.11 6.95 12.97
N TYR D 43 13.39 7.01 13.26
CA TYR D 43 14.33 7.76 12.45
C TYR D 43 15.28 6.81 11.75
N LEU D 44 15.52 7.09 10.49
CA LEU D 44 16.48 6.34 9.73
C LEU D 44 17.51 7.29 9.13
N ALA D 45 18.75 7.06 9.46
CA ALA D 45 19.82 7.87 8.94
C ALA D 45 20.66 7.07 7.96
N ALA D 46 20.56 7.45 6.69
CA ALA D 46 21.28 6.76 5.63
C ALA D 46 22.04 7.78 4.81
N GLU D 47 23.26 7.42 4.43
CA GLU D 47 24.14 8.32 3.68
C GLU D 47 24.33 9.64 4.44
N LYS D 48 24.38 9.51 5.77
CA LYS D 48 24.59 10.65 6.67
C LYS D 48 23.45 11.66 6.60
N GLN D 49 22.24 11.18 6.35
CA GLN D 49 21.07 12.05 6.34
C GLN D 49 19.98 11.46 7.24
N GLU D 50 19.39 12.31 8.07
CA GLU D 50 18.38 11.86 9.02
C GLU D 50 17.00 11.93 8.37
N TYR D 51 16.33 10.80 8.32
CA TYR D 51 14.98 10.74 7.80
C TYR D 51 14.01 10.31 8.88
N ILE D 52 13.00 11.13 9.13
CA ILE D 52 11.90 10.71 9.98
C ILE D 52 11.01 9.75 9.19
N VAL D 53 11.10 8.48 9.53
CA VAL D 53 10.43 7.43 8.77
C VAL D 53 8.99 7.29 9.20
N ALA D 54 8.77 7.25 10.50
CA ALA D 54 7.44 7.06 11.03
C ALA D 54 7.29 7.65 12.42
N THR D 55 6.09 8.10 12.73
CA THR D 55 5.75 8.48 14.09
C THR D 55 4.73 7.49 14.63
N VAL D 56 5.19 6.57 15.44
CA VAL D 56 4.31 5.57 16.01
C VAL D 56 4.27 5.74 17.52
N THR D 57 3.10 6.10 18.03
CA THR D 57 2.96 6.44 19.42
C THR D 57 1.94 5.59 20.14
N LYS D 58 1.76 5.85 21.41
CA LYS D 58 0.68 5.23 22.17
C LYS D 58 -0.67 5.55 21.52
N ALA D 59 -0.75 6.74 20.92
CA ALA D 59 -1.96 7.19 20.25
C ALA D 59 -2.06 6.60 18.85
N ILE D 60 -0.93 6.55 18.15
CA ILE D 60 -0.86 5.91 16.85
C ILE D 60 -0.06 4.62 16.98
N PRO D 61 -0.75 3.51 17.33
CA PRO D 61 -0.08 2.28 17.76
C PRO D 61 0.57 1.49 16.63
N GLN D 62 0.47 2.01 15.42
CA GLN D 62 0.97 1.29 14.25
C GLN D 62 1.11 2.21 13.05
N VAL D 63 2.27 2.14 12.41
CA VAL D 63 2.51 2.85 11.18
C VAL D 63 2.91 1.88 10.07
N ALA D 64 2.05 1.72 9.09
CA ALA D 64 2.36 0.91 7.92
C ALA D 64 3.36 1.64 7.03
N LEU D 65 4.41 0.95 6.64
CA LEU D 65 5.50 1.57 5.91
C LEU D 65 5.77 0.90 4.58
N ASP D 66 6.57 1.57 3.77
CA ASP D 66 7.11 0.99 2.55
C ASP D 66 8.54 1.48 2.38
N LEU D 67 9.48 0.64 2.76
CA LEU D 67 10.89 0.98 2.61
C LEU D 67 11.59 -0.18 1.92
N ASN D 68 12.55 0.12 1.09
CA ASN D 68 13.32 -0.92 0.45
C ASN D 68 14.77 -0.50 0.35
N PHE D 69 15.62 -1.22 1.06
CA PHE D 69 17.03 -0.92 1.10
C PHE D 69 17.80 -2.00 0.36
N SER D 70 18.89 -1.63 -0.29
CA SER D 70 19.71 -2.57 -1.02
C SER D 70 20.90 -3.01 -0.17
N LYS D 71 21.57 -4.07 -0.60
CA LYS D 71 22.72 -4.60 0.13
C LYS D 71 23.94 -3.71 -0.08
N GLY D 72 23.74 -2.63 -0.82
CA GLY D 72 24.77 -1.63 -0.97
C GLY D 72 24.51 -0.44 -0.05
N ASP D 73 23.34 -0.43 0.58
CA ASP D 73 22.96 0.64 1.47
C ASP D 73 23.34 0.31 2.90
N ARG D 74 23.86 1.30 3.61
CA ARG D 74 24.19 1.16 5.02
C ARG D 74 23.43 2.21 5.80
N ILE D 75 22.55 1.76 6.69
CA ILE D 75 21.59 2.66 7.30
C ILE D 75 21.59 2.55 8.81
N MET D 76 21.04 3.56 9.47
CA MET D 76 20.84 3.49 10.90
C MET D 76 19.37 3.61 11.21
N PHE D 77 18.86 2.66 11.95
CA PHE D 77 17.48 2.70 12.38
C PHE D 77 17.45 2.96 13.85
N TYR D 78 16.71 3.97 14.26
CA TYR D 78 16.69 4.33 15.65
C TYR D 78 15.41 5.05 16.04
N THR D 79 14.89 4.71 17.21
CA THR D 79 13.64 5.26 17.68
C THR D 79 13.84 6.17 18.87
N ALA D 80 13.18 7.33 18.82
CA ALA D 80 13.20 8.27 19.93
C ALA D 80 11.93 8.15 20.76
N GLY D 81 12.00 8.58 22.00
CA GLY D 81 10.85 8.45 22.89
C GLY D 81 10.86 7.12 23.61
N ASP D 82 9.89 6.87 24.47
CA ASP D 82 9.83 5.59 25.14
C ASP D 82 8.68 4.76 24.60
N ALA D 83 9.05 3.81 23.77
CA ALA D 83 8.14 2.78 23.29
C ALA D 83 8.94 1.70 22.58
N SER D 84 8.44 0.48 22.61
CA SER D 84 9.12 -0.62 21.95
C SER D 84 8.31 -1.06 20.74
N VAL D 85 8.94 -1.01 19.57
CA VAL D 85 8.23 -1.26 18.33
C VAL D 85 8.76 -2.46 17.59
N SER D 86 7.92 -3.05 16.77
CA SER D 86 8.32 -4.12 15.90
C SER D 86 8.05 -3.74 14.45
N LEU D 87 9.10 -3.77 13.65
CA LEU D 87 8.93 -3.60 12.22
C LEU D 87 8.87 -4.96 11.56
N LEU D 88 8.09 -5.05 10.52
CA LEU D 88 8.04 -6.26 9.73
C LEU D 88 8.41 -5.92 8.30
N GLY D 89 8.99 -6.89 7.62
CA GLY D 89 9.38 -6.70 6.25
C GLY D 89 9.72 -8.02 5.60
N TYR D 90 10.31 -7.96 4.43
CA TYR D 90 10.74 -9.17 3.74
C TYR D 90 12.00 -8.94 2.92
N LEU D 91 12.95 -9.84 3.14
CA LEU D 91 14.21 -9.86 2.41
C LEU D 91 13.97 -10.35 1.00
N HIS D 92 14.67 -9.75 0.04
CA HIS D 92 14.53 -10.12 -1.36
C HIS D 92 15.04 -11.53 -1.62
N ASP D 93 14.35 -12.24 -2.48
CA ASP D 93 14.73 -13.58 -2.88
C ASP D 93 15.64 -13.53 -4.10
N ILE D 94 16.82 -14.13 -3.98
CA ILE D 94 17.77 -14.13 -5.07
C ILE D 94 17.46 -15.23 -6.09
N ASP D 95 17.23 -16.44 -5.60
CA ASP D 95 16.96 -17.59 -6.47
C ASP D 95 16.62 -18.83 -5.66
N SER D 96 15.82 -18.66 -4.60
CA SER D 96 15.47 -19.76 -3.72
C SER D 96 14.38 -20.63 -4.35
N GLY D 97 14.69 -21.21 -5.49
CA GLY D 97 13.73 -22.01 -6.21
C GLY D 97 12.98 -21.18 -7.24
N SER D 98 13.60 -20.99 -8.39
CA SER D 98 13.00 -20.22 -9.46
C SER D 98 13.31 -20.85 -10.81
N PHE E 1 4.23 -17.72 -12.50
CA PHE E 1 5.48 -17.57 -11.73
C PHE E 1 5.39 -16.37 -10.80
N GLN E 2 6.12 -16.45 -9.68
CA GLN E 2 6.21 -15.41 -8.64
C GLN E 2 4.85 -14.92 -8.10
N GLY E 3 4.06 -14.24 -8.92
CA GLY E 3 2.79 -13.73 -8.46
C GLY E 3 1.81 -13.51 -9.59
N ALA E 4 1.89 -14.36 -10.61
CA ALA E 4 1.01 -14.26 -11.75
C ALA E 4 -0.39 -14.76 -11.40
N MET E 5 -0.49 -16.05 -11.10
CA MET E 5 -1.75 -16.66 -10.72
C MET E 5 -1.79 -16.93 -9.23
N ALA E 6 -1.33 -15.95 -8.45
CA ALA E 6 -1.27 -16.06 -7.00
C ALA E 6 -2.64 -16.37 -6.43
N MET E 7 -2.69 -17.32 -5.50
CA MET E 7 -3.96 -17.80 -4.96
C MET E 7 -4.28 -17.14 -3.63
N PHE E 8 -5.57 -17.02 -3.37
CA PHE E 8 -6.07 -16.33 -2.18
C PHE E 8 -5.69 -17.07 -0.89
N TRP E 9 -5.44 -16.29 0.16
CA TRP E 9 -5.10 -16.82 1.46
C TRP E 9 -5.93 -16.10 2.52
N GLY E 10 -6.28 -16.82 3.58
CA GLY E 10 -7.05 -16.22 4.65
C GLY E 10 -6.75 -16.85 5.98
N LEU E 11 -6.80 -16.05 7.04
CA LEU E 11 -6.57 -16.54 8.39
C LEU E 11 -7.64 -16.01 9.35
N ASN E 12 -8.51 -16.89 9.78
CA ASN E 12 -9.56 -16.54 10.74
C ASN E 12 -9.04 -16.78 12.16
N MET E 13 -8.76 -15.72 12.89
CA MET E 13 -8.17 -15.85 14.21
C MET E 13 -9.20 -15.64 15.31
N LYS E 14 -9.04 -16.41 16.37
CA LYS E 14 -9.96 -16.40 17.49
C LYS E 14 -9.39 -15.56 18.64
N PRO E 15 -10.26 -14.95 19.46
CA PRO E 15 -9.86 -14.11 20.59
C PRO E 15 -8.92 -14.84 21.55
N GLU E 16 -7.67 -14.35 21.62
CA GLU E 16 -6.64 -14.93 22.48
C GLU E 16 -6.38 -16.38 22.13
N ARG E 17 -5.76 -16.59 20.99
CA ARG E 17 -5.33 -17.91 20.58
C ARG E 17 -3.99 -17.81 19.89
N LYS E 18 -3.14 -18.80 20.11
CA LYS E 18 -1.79 -18.78 19.58
C LYS E 18 -1.57 -19.93 18.61
N TYR E 19 -1.30 -19.60 17.35
CA TYR E 19 -1.02 -20.62 16.35
C TYR E 19 0.45 -20.56 15.96
N SER E 20 1.15 -21.65 16.13
CA SER E 20 2.50 -21.77 15.58
C SER E 20 2.46 -22.64 14.32
N GLN E 21 2.47 -21.99 13.15
CA GLN E 21 2.31 -22.72 11.90
C GLN E 21 3.54 -22.59 10.99
N THR E 22 3.85 -23.67 10.30
CA THR E 22 4.94 -23.70 9.34
C THR E 22 4.40 -23.39 7.95
N ILE E 23 5.29 -22.98 7.05
CA ILE E 23 4.88 -22.54 5.74
C ILE E 23 5.34 -23.49 4.65
N ILE E 24 4.39 -24.05 3.93
CA ILE E 24 4.68 -24.94 2.83
C ILE E 24 4.58 -24.20 1.49
N LYS E 25 4.03 -23.00 1.53
CA LYS E 25 3.86 -22.18 0.34
C LYS E 25 3.98 -20.71 0.72
N SER E 26 4.96 -20.03 0.14
CA SER E 26 5.26 -18.64 0.48
C SER E 26 4.06 -17.75 0.17
N PHE E 27 3.79 -16.78 1.04
CA PHE E 27 2.61 -15.96 0.86
C PHE E 27 2.76 -14.57 1.45
N HIS E 28 1.87 -13.69 1.01
CA HIS E 28 1.81 -12.32 1.50
C HIS E 28 0.50 -12.10 2.24
N ILE E 29 0.59 -11.65 3.49
CA ILE E 29 -0.58 -11.21 4.22
C ILE E 29 -0.79 -9.73 3.93
N SER E 30 -2.03 -9.34 3.69
CA SER E 30 -2.30 -8.01 3.21
C SER E 30 -3.27 -7.24 4.10
N GLY E 31 -3.83 -7.91 5.10
CA GLY E 31 -4.70 -7.19 6.03
C GLY E 31 -5.25 -8.07 7.13
N VAL E 32 -5.60 -7.44 8.24
CA VAL E 32 -6.26 -8.10 9.35
C VAL E 32 -7.39 -7.21 9.88
N ALA E 33 -8.56 -7.76 10.09
CA ALA E 33 -9.70 -6.95 10.52
C ALA E 33 -10.66 -7.74 11.40
N LEU E 34 -11.43 -7.04 12.23
CA LEU E 34 -12.42 -7.69 13.07
C LEU E 34 -13.79 -7.12 12.83
N ASP E 35 -14.79 -7.99 12.94
CA ASP E 35 -16.16 -7.58 12.85
C ASP E 35 -16.81 -7.71 14.22
N LYS E 36 -16.66 -8.88 14.82
CA LYS E 36 -17.02 -9.07 16.20
C LYS E 36 -15.76 -9.09 17.04
N GLY E 37 -15.70 -8.27 18.07
CA GLY E 37 -14.55 -8.27 18.93
C GLY E 37 -14.29 -6.94 19.60
N GLN E 38 -13.59 -6.98 20.72
CA GLN E 38 -13.25 -5.77 21.45
C GLN E 38 -11.79 -5.38 21.21
N GLU E 39 -10.90 -6.36 21.26
CA GLU E 39 -9.49 -6.09 21.00
C GLU E 39 -8.79 -7.33 20.45
N ALA E 40 -8.08 -7.17 19.35
CA ALA E 40 -7.17 -8.20 18.89
C ALA E 40 -5.79 -7.60 18.63
N LYS E 41 -4.84 -8.00 19.44
CA LYS E 41 -3.46 -7.58 19.25
C LYS E 41 -2.74 -8.64 18.44
N LEU E 42 -2.42 -8.33 17.20
CA LEU E 42 -1.83 -9.31 16.31
C LEU E 42 -0.34 -9.40 16.56
N TYR E 43 0.08 -10.52 17.13
CA TYR E 43 1.48 -10.78 17.38
C TYR E 43 1.97 -11.90 16.50
N LEU E 44 3.13 -11.71 15.95
CA LEU E 44 3.77 -12.74 15.16
C LEU E 44 5.15 -13.01 15.72
N ALA E 45 5.38 -14.25 16.09
CA ALA E 45 6.67 -14.65 16.62
C ALA E 45 7.38 -15.54 15.62
N ALA E 46 8.44 -15.02 15.05
CA ALA E 46 9.21 -15.75 14.05
C ALA E 46 10.68 -15.72 14.43
N GLU E 47 11.35 -16.85 14.27
CA GLU E 47 12.76 -16.99 14.65
C GLU E 47 12.94 -16.66 16.13
N LYS E 48 11.94 -17.03 16.92
CA LYS E 48 11.94 -16.82 18.37
C LYS E 48 11.96 -15.34 18.74
N GLN E 49 11.34 -14.50 17.91
CA GLN E 49 11.22 -13.09 18.22
C GLN E 49 9.77 -12.65 18.11
N GLU E 50 9.30 -11.90 19.10
CA GLU E 50 7.92 -11.46 19.13
C GLU E 50 7.78 -10.13 18.40
N TYR E 51 6.94 -10.11 17.38
CA TYR E 51 6.66 -8.90 16.65
C TYR E 51 5.21 -8.51 16.79
N ILE E 52 4.95 -7.31 17.27
CA ILE E 52 3.61 -6.76 17.23
C ILE E 52 3.29 -6.33 15.80
N VAL E 53 2.44 -7.10 15.15
CA VAL E 53 2.18 -6.91 13.73
C VAL E 53 1.12 -5.85 13.53
N ALA E 54 0.04 -5.94 14.30
CA ALA E 54 -1.07 -5.02 14.15
C ALA E 54 -1.85 -4.87 15.45
N THR E 55 -2.43 -3.70 15.65
CA THR E 55 -3.38 -3.52 16.71
C THR E 55 -4.75 -3.25 16.10
N VAL E 56 -5.58 -4.26 16.08
CA VAL E 56 -6.90 -4.13 15.52
C VAL E 56 -7.95 -4.32 16.61
N THR E 57 -8.68 -3.26 16.89
CA THR E 57 -9.59 -3.26 18.01
C THR E 57 -11.02 -2.96 17.59
N LYS E 58 -11.91 -2.93 18.57
CA LYS E 58 -13.28 -2.49 18.34
C LYS E 58 -13.28 -1.06 17.80
N ALA E 59 -12.29 -0.28 18.23
CA ALA E 59 -12.14 1.11 17.80
C ALA E 59 -11.45 1.18 16.43
N ILE E 60 -10.44 0.35 16.24
CA ILE E 60 -9.76 0.23 14.95
C ILE E 60 -10.14 -1.10 14.32
N PRO E 61 -11.26 -1.15 13.59
CA PRO E 61 -11.89 -2.41 13.16
C PRO E 61 -11.14 -3.11 12.04
N GLN E 62 -10.04 -2.54 11.59
CA GLN E 62 -9.31 -3.08 10.46
C GLN E 62 -7.91 -2.49 10.36
N VAL E 63 -6.94 -3.37 10.20
CA VAL E 63 -5.56 -2.96 9.96
C VAL E 63 -5.06 -3.57 8.65
N ALA E 64 -4.81 -2.71 7.68
CA ALA E 64 -4.22 -3.15 6.42
C ALA E 64 -2.74 -3.45 6.63
N LEU E 65 -2.30 -4.60 6.14
CA LEU E 65 -0.95 -5.07 6.40
C LEU E 65 -0.18 -5.35 5.13
N ASP E 66 1.12 -5.53 5.28
CA ASP E 66 1.97 -6.03 4.23
C ASP E 66 3.01 -6.95 4.83
N LEU E 67 2.77 -8.24 4.74
CA LEU E 67 3.69 -9.24 5.24
C LEU E 67 3.95 -10.25 4.15
N ASN E 68 5.16 -10.75 4.07
CA ASN E 68 5.47 -11.79 3.12
C ASN E 68 6.42 -12.79 3.73
N PHE E 69 5.95 -14.00 3.91
CA PHE E 69 6.74 -15.05 4.51
C PHE E 69 7.10 -16.09 3.47
N SER E 70 8.27 -16.70 3.60
CA SER E 70 8.71 -17.70 2.67
C SER E 70 8.43 -19.09 3.21
N LYS E 71 8.53 -20.10 2.35
CA LYS E 71 8.27 -21.47 2.75
C LYS E 71 9.43 -22.03 3.57
N GLY E 72 10.42 -21.17 3.80
CA GLY E 72 11.51 -21.51 4.70
C GLY E 72 11.31 -20.89 6.06
N ASP E 73 10.30 -20.03 6.17
CA ASP E 73 10.01 -19.35 7.43
C ASP E 73 8.97 -20.14 8.22
N ARG E 74 9.19 -20.22 9.52
CA ARG E 74 8.25 -20.86 10.42
C ARG E 74 7.83 -19.85 11.48
N ILE E 75 6.56 -19.52 11.51
CA ILE E 75 6.11 -18.38 12.30
C ILE E 75 4.96 -18.75 13.21
N MET E 76 4.71 -17.91 14.20
CA MET E 76 3.54 -18.08 15.04
C MET E 76 2.68 -16.84 14.94
N PHE E 77 1.43 -17.03 14.61
CA PHE E 77 0.49 -15.93 14.56
C PHE E 77 -0.48 -16.08 15.69
N TYR E 78 -0.62 -15.03 16.49
CA TYR E 78 -1.47 -15.12 17.65
C TYR E 78 -1.99 -13.76 18.08
N THR E 79 -3.25 -13.74 18.46
CA THR E 79 -3.92 -12.50 18.83
C THR E 79 -4.23 -12.45 20.30
N ALA E 80 -3.93 -11.32 20.93
CA ALA E 80 -4.28 -11.10 22.33
C ALA E 80 -5.52 -10.24 22.44
N GLY E 81 -6.20 -10.34 23.57
CA GLY E 81 -7.45 -9.62 23.76
C GLY E 81 -8.62 -10.44 23.28
N ASP E 82 -9.83 -9.91 23.42
CA ASP E 82 -10.99 -10.64 22.93
C ASP E 82 -11.53 -9.97 21.68
N ALA E 83 -11.24 -10.58 20.55
CA ALA E 83 -11.82 -10.23 19.27
C ALA E 83 -11.47 -11.30 18.25
N SER E 84 -12.32 -11.48 17.27
CA SER E 84 -12.07 -12.47 16.24
C SER E 84 -11.78 -11.75 14.93
N VAL E 85 -10.60 -12.02 14.37
CA VAL E 85 -10.15 -11.29 13.20
C VAL E 85 -9.96 -12.20 11.99
N SER E 86 -10.05 -11.61 10.82
CA SER E 86 -9.77 -12.30 9.59
C SER E 86 -8.64 -11.60 8.86
N LEU E 87 -7.57 -12.33 8.58
CA LEU E 87 -6.53 -11.81 7.72
C LEU E 87 -6.75 -12.30 6.32
N LEU E 88 -6.40 -11.47 5.36
CA LEU E 88 -6.44 -11.86 3.98
C LEU E 88 -5.06 -11.72 3.39
N GLY E 89 -4.76 -12.55 2.41
CA GLY E 89 -3.49 -12.50 1.75
C GLY E 89 -3.51 -13.32 0.48
N TYR E 90 -2.34 -13.55 -0.10
CA TYR E 90 -2.24 -14.37 -1.29
C TYR E 90 -0.94 -15.16 -1.34
N LEU E 91 -1.10 -16.45 -1.57
CA LEU E 91 0.01 -17.37 -1.74
C LEU E 91 0.70 -17.13 -3.08
N HIS E 92 2.01 -17.22 -3.08
CA HIS E 92 2.79 -17.00 -4.30
C HIS E 92 2.52 -18.09 -5.33
N ASP E 93 2.48 -17.67 -6.58
CA ASP E 93 2.28 -18.59 -7.69
C ASP E 93 3.62 -19.08 -8.21
N ILE E 94 3.78 -20.39 -8.26
CA ILE E 94 5.03 -20.97 -8.72
C ILE E 94 5.09 -21.05 -10.25
N ASP E 95 4.02 -21.57 -10.86
CA ASP E 95 3.96 -21.72 -12.31
C ASP E 95 2.58 -22.22 -12.75
N SER E 96 1.53 -21.67 -12.15
CA SER E 96 0.17 -22.10 -12.45
C SER E 96 -0.31 -21.49 -13.77
N GLY E 97 0.38 -21.81 -14.84
CA GLY E 97 0.06 -21.24 -16.13
C GLY E 97 0.87 -19.99 -16.41
N SER E 98 2.10 -20.19 -16.86
CA SER E 98 2.99 -19.08 -17.17
C SER E 98 3.80 -19.38 -18.41
N PHE A 1 11.61 -6.96 -20.39
CA PHE A 1 10.25 -6.61 -20.86
C PHE A 1 9.21 -7.40 -20.07
N GLN A 2 8.20 -6.70 -19.55
CA GLN A 2 7.15 -7.35 -18.78
C GLN A 2 5.85 -6.54 -18.82
N GLY A 3 5.96 -5.23 -18.60
CA GLY A 3 4.81 -4.36 -18.72
C GLY A 3 3.95 -4.33 -17.48
N ALA A 4 3.46 -5.51 -17.09
CA ALA A 4 2.56 -5.65 -15.94
C ALA A 4 1.31 -4.80 -16.14
N MET A 5 0.77 -4.86 -17.35
CA MET A 5 -0.39 -4.07 -17.72
C MET A 5 -1.67 -4.73 -17.20
N ALA A 6 -2.10 -4.31 -16.03
CA ALA A 6 -3.30 -4.84 -15.43
C ALA A 6 -4.54 -4.12 -15.97
N MET A 7 -5.67 -4.81 -15.98
CA MET A 7 -6.90 -4.25 -16.54
C MET A 7 -7.91 -3.96 -15.43
N PHE A 8 -8.59 -2.84 -15.55
CA PHE A 8 -9.48 -2.33 -14.49
C PHE A 8 -10.61 -3.30 -14.15
N TRP A 9 -10.90 -3.41 -12.85
CA TRP A 9 -11.96 -4.25 -12.33
C TRP A 9 -12.78 -3.45 -11.34
N GLY A 10 -14.07 -3.72 -11.27
CA GLY A 10 -14.93 -3.01 -10.34
C GLY A 10 -16.10 -3.85 -9.90
N LEU A 11 -16.61 -3.57 -8.71
CA LEU A 11 -17.77 -4.26 -8.18
C LEU A 11 -18.68 -3.28 -7.44
N ASN A 12 -19.82 -2.96 -8.05
CA ASN A 12 -20.81 -2.10 -7.42
C ASN A 12 -21.74 -2.95 -6.56
N MET A 13 -21.47 -2.93 -5.27
CA MET A 13 -22.06 -3.84 -4.33
C MET A 13 -23.30 -3.23 -3.67
N LYS A 14 -24.36 -4.01 -3.61
CA LYS A 14 -25.61 -3.55 -3.03
C LYS A 14 -25.75 -4.05 -1.60
N PRO A 15 -26.43 -3.29 -0.73
CA PRO A 15 -26.61 -3.64 0.69
C PRO A 15 -27.24 -5.01 0.89
N GLU A 16 -26.53 -5.87 1.61
CA GLU A 16 -27.01 -7.22 1.95
C GLU A 16 -27.25 -8.05 0.71
N ARG A 17 -26.23 -8.10 -0.15
CA ARG A 17 -26.26 -8.97 -1.31
C ARG A 17 -25.14 -10.00 -1.22
N LYS A 18 -25.40 -11.19 -1.73
CA LYS A 18 -24.45 -12.29 -1.64
C LYS A 18 -24.12 -12.82 -3.03
N TYR A 19 -22.90 -12.58 -3.49
CA TYR A 19 -22.50 -13.04 -4.81
C TYR A 19 -21.47 -14.15 -4.69
N SER A 20 -21.89 -15.38 -4.92
CA SER A 20 -20.96 -16.48 -5.01
C SER A 20 -20.41 -16.55 -6.43
N GLN A 21 -19.22 -16.00 -6.62
CA GLN A 21 -18.70 -15.80 -7.96
C GLN A 21 -17.48 -16.67 -8.25
N THR A 22 -17.39 -17.12 -9.48
CA THR A 22 -16.24 -17.86 -9.95
C THR A 22 -15.28 -16.92 -10.66
N ILE A 23 -14.02 -17.31 -10.74
CA ILE A 23 -13.01 -16.44 -11.31
C ILE A 23 -12.43 -17.03 -12.59
N ILE A 24 -12.64 -16.32 -13.69
CA ILE A 24 -12.13 -16.74 -14.98
C ILE A 24 -10.79 -16.07 -15.23
N LYS A 25 -10.70 -14.81 -14.84
CA LYS A 25 -9.47 -14.05 -14.93
C LYS A 25 -9.12 -13.48 -13.56
N SER A 26 -7.88 -13.73 -13.14
CA SER A 26 -7.44 -13.36 -11.79
C SER A 26 -7.45 -11.84 -11.61
N PHE A 27 -7.85 -11.39 -10.43
CA PHE A 27 -7.92 -9.96 -10.18
C PHE A 27 -7.48 -9.58 -8.78
N HIS A 28 -7.00 -8.37 -8.67
CA HIS A 28 -6.64 -7.79 -7.40
C HIS A 28 -7.65 -6.71 -7.03
N ILE A 29 -8.31 -6.88 -5.91
CA ILE A 29 -9.15 -5.82 -5.37
C ILE A 29 -8.27 -4.88 -4.56
N SER A 30 -8.42 -3.59 -4.77
CA SER A 30 -7.53 -2.63 -4.17
C SER A 30 -8.29 -1.65 -3.28
N GLY A 31 -9.61 -1.73 -3.28
CA GLY A 31 -10.38 -0.86 -2.41
C GLY A 31 -11.87 -1.13 -2.44
N VAL A 32 -12.53 -0.72 -1.38
CA VAL A 32 -14.00 -0.76 -1.29
C VAL A 32 -14.49 0.52 -0.60
N ALA A 33 -15.40 1.23 -1.22
CA ALA A 33 -15.85 2.51 -0.66
C ALA A 33 -17.33 2.73 -0.90
N LEU A 34 -17.97 3.51 -0.04
CA LEU A 34 -19.39 3.78 -0.19
C LEU A 34 -19.65 5.25 -0.40
N ASP A 35 -20.67 5.51 -1.20
CA ASP A 35 -21.13 6.86 -1.44
C ASP A 35 -22.44 7.07 -0.71
N LYS A 36 -23.41 6.20 -1.02
CA LYS A 36 -24.64 6.14 -0.27
C LYS A 36 -24.59 4.94 0.67
N GLY A 37 -24.86 5.17 1.94
CA GLY A 37 -24.93 4.06 2.85
C GLY A 37 -24.61 4.42 4.28
N GLN A 38 -25.08 3.58 5.20
CA GLN A 38 -24.79 3.76 6.61
C GLN A 38 -23.70 2.80 7.05
N GLU A 39 -23.81 1.54 6.64
CA GLU A 39 -22.84 0.53 7.04
C GLU A 39 -22.75 -0.58 6.00
N ALA A 40 -21.57 -0.83 5.46
CA ALA A 40 -21.35 -2.00 4.63
C ALA A 40 -20.25 -2.86 5.22
N LYS A 41 -20.61 -4.04 5.65
CA LYS A 41 -19.67 -4.98 6.19
C LYS A 41 -19.27 -5.97 5.11
N LEU A 42 -18.07 -5.81 4.58
CA LEU A 42 -17.63 -6.61 3.46
C LEU A 42 -17.09 -7.94 3.94
N TYR A 43 -17.81 -9.01 3.65
CA TYR A 43 -17.36 -10.34 3.96
C TYR A 43 -17.11 -11.10 2.68
N LEU A 44 -16.19 -12.02 2.74
CA LEU A 44 -15.97 -12.93 1.63
C LEU A 44 -15.79 -14.33 2.16
N ALA A 45 -16.57 -15.24 1.62
CA ALA A 45 -16.47 -16.63 2.00
C ALA A 45 -15.78 -17.43 0.91
N ALA A 46 -14.59 -17.91 1.22
CA ALA A 46 -13.83 -18.73 0.31
C ALA A 46 -13.40 -20.00 1.00
N GLU A 47 -13.59 -21.13 0.34
CA GLU A 47 -13.29 -22.44 0.91
C GLU A 47 -14.11 -22.64 2.17
N LYS A 48 -15.37 -22.17 2.12
CA LYS A 48 -16.33 -22.31 3.21
C LYS A 48 -15.85 -21.59 4.48
N GLN A 49 -15.18 -20.46 4.30
CA GLN A 49 -14.71 -19.68 5.43
C GLN A 49 -15.12 -18.22 5.25
N GLU A 50 -15.92 -17.72 6.18
CA GLU A 50 -16.39 -16.34 6.13
C GLU A 50 -15.33 -15.38 6.68
N TYR A 51 -14.71 -14.63 5.79
CA TYR A 51 -13.71 -13.64 6.18
C TYR A 51 -14.33 -12.25 6.21
N ILE A 52 -14.07 -11.51 7.28
CA ILE A 52 -14.40 -10.09 7.29
C ILE A 52 -13.33 -9.32 6.53
N VAL A 53 -13.68 -8.91 5.33
CA VAL A 53 -12.72 -8.29 4.41
C VAL A 53 -12.50 -6.84 4.77
N ALA A 54 -13.59 -6.10 4.94
CA ALA A 54 -13.50 -4.67 5.20
C ALA A 54 -14.71 -4.16 5.96
N THR A 55 -14.48 -3.17 6.81
CA THR A 55 -15.57 -2.48 7.46
C THR A 55 -15.65 -1.07 6.90
N VAL A 56 -16.58 -0.84 6.00
CA VAL A 56 -16.72 0.46 5.36
C VAL A 56 -18.09 1.04 5.66
N THR A 57 -18.11 2.12 6.41
CA THR A 57 -19.35 2.71 6.86
C THR A 57 -19.48 4.17 6.43
N LYS A 58 -20.58 4.80 6.83
CA LYS A 58 -20.72 6.24 6.65
C LYS A 58 -19.62 6.99 7.43
N ALA A 59 -19.09 6.33 8.46
CA ALA A 59 -18.02 6.91 9.27
C ALA A 59 -16.67 6.66 8.61
N ILE A 60 -16.51 5.46 8.08
CA ILE A 60 -15.32 5.11 7.30
C ILE A 60 -15.74 4.90 5.85
N PRO A 61 -15.86 5.98 5.08
CA PRO A 61 -16.50 5.96 3.75
C PRO A 61 -15.68 5.23 2.69
N GLN A 62 -14.52 4.73 3.06
CA GLN A 62 -13.63 4.09 2.11
C GLN A 62 -12.58 3.23 2.81
N VAL A 63 -12.49 1.98 2.39
CA VAL A 63 -11.47 1.06 2.88
C VAL A 63 -10.55 0.64 1.74
N ALA A 64 -9.27 0.90 1.90
CA ALA A 64 -8.28 0.47 0.93
C ALA A 64 -7.92 -1.00 1.15
N LEU A 65 -8.00 -1.80 0.11
CA LEU A 65 -7.81 -3.24 0.23
C LEU A 65 -6.64 -3.73 -0.62
N ASP A 66 -6.26 -4.97 -0.37
CA ASP A 66 -5.28 -5.66 -1.19
C ASP A 66 -5.66 -7.14 -1.25
N LEU A 67 -6.34 -7.53 -2.32
CA LEU A 67 -6.88 -8.88 -2.46
C LEU A 67 -6.56 -9.45 -3.82
N ASN A 68 -5.68 -10.42 -3.89
CA ASN A 68 -5.38 -11.05 -5.16
C ASN A 68 -6.06 -12.41 -5.21
N PHE A 69 -7.02 -12.54 -6.11
CA PHE A 69 -7.73 -13.80 -6.28
C PHE A 69 -7.33 -14.44 -7.61
N SER A 70 -7.10 -15.74 -7.59
CA SER A 70 -6.69 -16.46 -8.78
C SER A 70 -7.90 -17.12 -9.44
N LYS A 71 -7.73 -17.57 -10.67
CA LYS A 71 -8.81 -18.20 -11.41
C LYS A 71 -9.12 -19.59 -10.86
N GLY A 72 -8.30 -20.02 -9.92
CA GLY A 72 -8.55 -21.28 -9.25
C GLY A 72 -9.32 -21.07 -7.95
N ASP A 73 -9.47 -19.81 -7.56
CA ASP A 73 -10.22 -19.49 -6.36
C ASP A 73 -11.69 -19.31 -6.68
N ARG A 74 -12.54 -19.80 -5.80
CA ARG A 74 -13.98 -19.62 -5.95
C ARG A 74 -14.52 -19.02 -4.65
N ILE A 75 -15.02 -17.79 -4.75
CA ILE A 75 -15.30 -17.01 -3.55
C ILE A 75 -16.69 -16.42 -3.58
N MET A 76 -17.20 -16.07 -2.40
CA MET A 76 -18.47 -15.37 -2.32
C MET A 76 -18.27 -14.03 -1.66
N PHE A 77 -18.67 -12.98 -2.35
CA PHE A 77 -18.56 -11.65 -1.81
C PHE A 77 -19.92 -11.17 -1.35
N TYR A 78 -19.99 -10.69 -0.13
CA TYR A 78 -21.26 -10.23 0.40
C TYR A 78 -21.09 -9.15 1.45
N THR A 79 -21.90 -8.11 1.33
CA THR A 79 -21.86 -7.00 2.26
C THR A 79 -23.11 -6.99 3.13
N ALA A 80 -22.89 -6.87 4.44
CA ALA A 80 -23.99 -6.79 5.38
C ALA A 80 -24.21 -5.35 5.82
N GLY A 81 -25.36 -5.09 6.42
CA GLY A 81 -25.69 -3.74 6.83
C GLY A 81 -26.36 -2.99 5.71
N ASP A 82 -26.61 -1.71 5.91
CA ASP A 82 -27.22 -0.93 4.85
C ASP A 82 -26.25 0.11 4.33
N ALA A 83 -25.69 -0.21 3.18
CA ALA A 83 -24.86 0.71 2.42
C ALA A 83 -24.50 0.09 1.08
N SER A 84 -24.24 0.92 0.09
CA SER A 84 -23.86 0.44 -1.22
C SER A 84 -22.43 0.87 -1.52
N VAL A 85 -21.59 -0.10 -1.87
CA VAL A 85 -20.16 0.16 -2.03
C VAL A 85 -19.69 -0.17 -3.42
N SER A 86 -18.59 0.44 -3.80
CA SER A 86 -17.91 0.10 -5.02
C SER A 86 -16.53 -0.44 -4.70
N LEU A 87 -16.26 -1.67 -5.07
CA LEU A 87 -14.92 -2.19 -4.98
C LEU A 87 -14.21 -1.90 -6.26
N LEU A 88 -12.94 -1.63 -6.14
CA LEU A 88 -12.13 -1.30 -7.28
C LEU A 88 -10.89 -2.15 -7.27
N GLY A 89 -10.47 -2.58 -8.44
CA GLY A 89 -9.33 -3.44 -8.55
C GLY A 89 -8.81 -3.55 -9.96
N TYR A 90 -7.93 -4.50 -10.19
CA TYR A 90 -7.37 -4.72 -11.51
C TYR A 90 -7.00 -6.17 -11.74
N LEU A 91 -7.49 -6.67 -12.87
CA LEU A 91 -7.21 -8.01 -13.34
C LEU A 91 -5.75 -8.18 -13.72
N HIS A 92 -5.19 -9.33 -13.40
CA HIS A 92 -3.81 -9.62 -13.72
C HIS A 92 -3.68 -10.06 -15.16
N ASP A 93 -3.09 -9.20 -15.97
CA ASP A 93 -2.83 -9.50 -17.37
C ASP A 93 -1.39 -9.13 -17.70
N ILE A 94 -0.95 -9.46 -18.91
CA ILE A 94 0.43 -9.25 -19.28
C ILE A 94 0.57 -8.81 -20.74
N ASP A 95 -0.54 -8.40 -21.34
CA ASP A 95 -0.50 -7.93 -22.71
C ASP A 95 0.05 -6.51 -22.76
N SER A 96 1.37 -6.41 -22.86
CA SER A 96 2.02 -5.12 -22.93
C SER A 96 2.12 -4.68 -24.39
N GLY A 97 0.99 -4.28 -24.94
CA GLY A 97 0.94 -3.87 -26.33
C GLY A 97 1.46 -2.46 -26.55
N SER A 98 1.80 -2.15 -27.80
CA SER A 98 2.30 -0.84 -28.18
C SER A 98 3.63 -0.55 -27.48
N PHE B 1 16.81 -9.16 -15.19
CA PHE B 1 16.70 -7.74 -15.60
C PHE B 1 15.24 -7.41 -15.92
N GLN B 2 14.74 -6.32 -15.35
CA GLN B 2 13.36 -5.90 -15.58
C GLN B 2 13.20 -4.39 -15.38
N GLY B 3 13.74 -3.88 -14.28
CA GLY B 3 13.72 -2.45 -14.02
C GLY B 3 12.41 -1.98 -13.41
N ALA B 4 11.31 -2.22 -14.13
CA ALA B 4 9.99 -1.77 -13.71
C ALA B 4 9.97 -0.24 -13.57
N MET B 5 10.58 0.43 -14.53
CA MET B 5 10.70 1.87 -14.51
C MET B 5 9.40 2.52 -14.99
N ALA B 6 8.56 2.86 -14.04
CA ALA B 6 7.29 3.50 -14.34
C ALA B 6 7.46 5.00 -14.49
N MET B 7 6.60 5.62 -15.29
CA MET B 7 6.71 7.05 -15.57
C MET B 7 5.57 7.81 -14.91
N PHE B 8 5.90 8.98 -14.36
CA PHE B 8 4.97 9.76 -13.55
C PHE B 8 3.70 10.16 -14.32
N TRP B 9 2.57 10.09 -13.61
CA TRP B 9 1.27 10.47 -14.15
C TRP B 9 0.56 11.36 -13.14
N GLY B 10 -0.23 12.30 -13.63
CA GLY B 10 -0.95 13.18 -12.75
C GLY B 10 -2.24 13.68 -13.37
N LEU B 11 -3.21 14.01 -12.52
CA LEU B 11 -4.49 14.53 -12.98
C LEU B 11 -4.96 15.64 -12.03
N ASN B 12 -4.88 16.87 -12.50
CA ASN B 12 -5.38 18.01 -11.74
C ASN B 12 -6.87 18.20 -12.03
N MET B 13 -7.67 17.73 -11.10
CA MET B 13 -9.10 17.59 -11.29
C MET B 13 -9.84 18.81 -10.74
N LYS B 14 -10.78 19.30 -11.53
CA LYS B 14 -11.56 20.47 -11.15
C LYS B 14 -12.92 20.04 -10.62
N PRO B 15 -13.48 20.82 -9.69
CA PRO B 15 -14.79 20.51 -9.06
C PRO B 15 -15.91 20.33 -10.08
N GLU B 16 -16.53 19.15 -10.03
CA GLU B 16 -17.67 18.82 -10.89
C GLU B 16 -17.29 18.86 -12.36
N ARG B 17 -16.22 18.16 -12.69
CA ARG B 17 -15.80 17.99 -14.08
C ARG B 17 -15.85 16.52 -14.46
N LYS B 18 -16.21 16.25 -15.71
CA LYS B 18 -16.37 14.88 -16.19
C LYS B 18 -15.47 14.63 -17.38
N TYR B 19 -14.43 13.81 -17.19
CA TYR B 19 -13.52 13.51 -18.27
C TYR B 19 -13.67 12.06 -18.72
N SER B 20 -14.31 11.87 -19.85
CA SER B 20 -14.36 10.54 -20.45
C SER B 20 -13.11 10.34 -21.29
N GLN B 21 -12.14 9.64 -20.72
CA GLN B 21 -10.81 9.57 -21.30
C GLN B 21 -10.47 8.17 -21.80
N THR B 22 -9.75 8.12 -22.89
CA THR B 22 -9.23 6.88 -23.43
C THR B 22 -7.80 6.68 -22.97
N ILE B 23 -7.33 5.44 -22.97
CA ILE B 23 -6.02 5.13 -22.46
C ILE B 23 -5.11 4.61 -23.56
N ILE B 24 -4.06 5.36 -23.83
CA ILE B 24 -3.07 4.99 -24.84
C ILE B 24 -1.94 4.22 -24.16
N LYS B 25 -1.55 4.70 -23.00
CA LYS B 25 -0.53 4.06 -22.19
C LYS B 25 -1.09 3.76 -20.80
N SER B 26 -0.95 2.51 -20.37
CA SER B 26 -1.54 2.04 -19.12
C SER B 26 -0.93 2.76 -17.92
N PHE B 27 -1.74 3.07 -16.93
CA PHE B 27 -1.25 3.81 -15.77
C PHE B 27 -1.89 3.33 -14.49
N HIS B 28 -1.14 3.49 -13.42
CA HIS B 28 -1.62 3.22 -12.07
C HIS B 28 -1.82 4.53 -11.34
N ILE B 29 -3.04 4.79 -10.90
CA ILE B 29 -3.30 5.91 -10.01
C ILE B 29 -3.01 5.46 -8.59
N SER B 30 -2.28 6.26 -7.85
CA SER B 30 -1.83 5.87 -6.53
C SER B 30 -2.34 6.81 -5.45
N GLY B 31 -2.99 7.90 -5.85
CA GLY B 31 -3.57 8.78 -4.87
C GLY B 31 -4.37 9.92 -5.47
N VAL B 32 -5.26 10.47 -4.66
CA VAL B 32 -6.02 11.67 -5.01
C VAL B 32 -6.13 12.57 -3.78
N ALA B 33 -5.74 13.83 -3.91
CA ALA B 33 -5.72 14.73 -2.76
C ALA B 33 -6.12 16.14 -3.13
N LEU B 34 -6.67 16.88 -2.19
CA LEU B 34 -7.08 18.26 -2.46
C LEU B 34 -6.32 19.25 -1.62
N ASP B 35 -6.08 20.39 -2.22
CA ASP B 35 -5.46 21.50 -1.53
C ASP B 35 -6.50 22.56 -1.25
N LYS B 36 -7.15 23.01 -2.31
CA LYS B 36 -8.30 23.88 -2.20
C LYS B 36 -9.57 23.05 -2.42
N GLY B 37 -10.51 23.13 -1.51
CA GLY B 37 -11.76 22.46 -1.73
C GLY B 37 -12.47 22.07 -0.46
N GLN B 38 -13.78 21.86 -0.58
CA GLN B 38 -14.59 21.43 0.53
C GLN B 38 -14.89 19.93 0.43
N GLU B 39 -15.26 19.49 -0.77
CA GLU B 39 -15.59 18.10 -0.98
C GLU B 39 -15.35 17.68 -2.43
N ALA B 40 -14.53 16.67 -2.64
CA ALA B 40 -14.40 16.07 -3.96
C ALA B 40 -14.74 14.59 -3.90
N LYS B 41 -15.82 14.23 -4.56
CA LYS B 41 -16.24 12.85 -4.63
C LYS B 41 -15.75 12.26 -5.94
N LEU B 42 -14.72 11.43 -5.85
CA LEU B 42 -14.09 10.89 -7.04
C LEU B 42 -14.86 9.68 -7.53
N TYR B 43 -15.51 9.83 -8.67
CA TYR B 43 -16.20 8.71 -9.30
C TYR B 43 -15.53 8.39 -10.62
N LEU B 44 -15.58 7.14 -11.00
CA LEU B 44 -15.13 6.74 -12.30
C LEU B 44 -16.13 5.78 -12.92
N ALA B 45 -16.55 6.10 -14.12
CA ALA B 45 -17.47 5.25 -14.83
C ALA B 45 -16.76 4.50 -15.93
N ALA B 46 -16.66 3.19 -15.76
CA ALA B 46 -16.04 2.33 -16.74
C ALA B 46 -16.98 1.19 -17.08
N GLU B 47 -17.14 0.93 -18.38
CA GLU B 47 -18.08 -0.09 -18.86
C GLU B 47 -19.50 0.26 -18.40
N LYS B 48 -19.80 1.56 -18.42
CA LYS B 48 -21.11 2.08 -18.06
C LYS B 48 -21.46 1.77 -16.60
N GLN B 49 -20.46 1.80 -15.74
CA GLN B 49 -20.67 1.56 -14.32
C GLN B 49 -20.01 2.66 -13.50
N GLU B 50 -20.81 3.40 -12.75
CA GLU B 50 -20.31 4.48 -11.92
C GLU B 50 -19.75 3.95 -10.60
N TYR B 51 -18.43 3.98 -10.49
CA TYR B 51 -17.76 3.55 -9.26
C TYR B 51 -17.38 4.75 -8.40
N ILE B 52 -17.66 4.68 -7.12
CA ILE B 52 -17.14 5.66 -6.19
C ILE B 52 -15.69 5.29 -5.85
N VAL B 53 -14.76 6.03 -6.43
CA VAL B 53 -13.35 5.72 -6.34
C VAL B 53 -12.78 6.17 -5.01
N ALA B 54 -13.04 7.43 -4.66
CA ALA B 54 -12.48 8.00 -3.45
C ALA B 54 -13.35 9.12 -2.90
N THR B 55 -13.37 9.24 -1.58
CA THR B 55 -14.01 10.38 -0.95
C THR B 55 -12.94 11.25 -0.33
N VAL B 56 -12.60 12.35 -1.00
CA VAL B 56 -11.55 13.22 -0.52
C VAL B 56 -12.12 14.61 -0.28
N THR B 57 -12.13 15.01 0.98
CA THR B 57 -12.76 16.26 1.37
C THR B 57 -11.79 17.17 2.09
N LYS B 58 -12.26 18.33 2.53
CA LYS B 58 -11.48 19.19 3.40
C LYS B 58 -11.17 18.49 4.73
N ALA B 59 -12.00 17.50 5.06
CA ALA B 59 -11.81 16.71 6.28
C ALA B 59 -10.83 15.58 6.02
N ILE B 60 -10.95 14.97 4.87
CA ILE B 60 -10.02 13.95 4.42
C ILE B 60 -9.25 14.49 3.21
N PRO B 61 -8.20 15.29 3.46
CA PRO B 61 -7.53 16.09 2.41
C PRO B 61 -6.74 15.25 1.41
N GLN B 62 -6.72 13.93 1.60
CA GLN B 62 -5.93 13.07 0.75
C GLN B 62 -6.37 11.61 0.87
N VAL B 63 -6.65 11.01 -0.28
CA VAL B 63 -6.99 9.59 -0.34
C VAL B 63 -5.93 8.84 -1.15
N ALA B 64 -5.32 7.85 -0.53
CA ALA B 64 -4.36 6.99 -1.21
C ALA B 64 -5.10 5.92 -2.00
N LEU B 65 -4.77 5.81 -3.28
CA LEU B 65 -5.48 4.90 -4.17
C LEU B 65 -4.56 3.85 -4.78
N ASP B 66 -5.17 2.87 -5.40
CA ASP B 66 -4.46 1.86 -6.18
C ASP B 66 -5.33 1.47 -7.37
N LEU B 67 -5.05 2.06 -8.51
CA LEU B 67 -5.88 1.88 -9.70
C LEU B 67 -5.01 1.61 -10.92
N ASN B 68 -5.04 0.40 -11.43
CA ASN B 68 -4.29 0.09 -12.62
C ASN B 68 -5.24 0.00 -13.81
N PHE B 69 -5.09 0.93 -14.73
CA PHE B 69 -5.92 0.95 -15.93
C PHE B 69 -5.09 0.55 -17.14
N SER B 70 -5.64 -0.28 -18.00
CA SER B 70 -4.93 -0.74 -19.19
C SER B 70 -5.34 0.09 -20.39
N LYS B 71 -4.59 -0.03 -21.47
CA LYS B 71 -4.87 0.73 -22.69
C LYS B 71 -6.10 0.19 -23.40
N GLY B 72 -6.63 -0.90 -22.88
CA GLY B 72 -7.86 -1.46 -23.40
C GLY B 72 -9.06 -0.96 -22.63
N ASP B 73 -8.80 -0.29 -21.51
CA ASP B 73 -9.87 0.26 -20.68
C ASP B 73 -10.23 1.66 -21.15
N ARG B 74 -11.51 1.95 -21.15
CA ARG B 74 -11.99 3.29 -21.48
C ARG B 74 -12.88 3.79 -20.35
N ILE B 75 -12.43 4.83 -19.67
CA ILE B 75 -13.05 5.20 -18.41
C ILE B 75 -13.39 6.67 -18.36
N MET B 76 -14.30 7.04 -17.49
CA MET B 76 -14.61 8.43 -17.27
C MET B 76 -14.34 8.81 -15.83
N PHE B 77 -13.50 9.80 -15.64
CA PHE B 77 -13.18 10.26 -14.31
C PHE B 77 -13.91 11.55 -14.02
N TYR B 78 -14.61 11.60 -12.90
CA TYR B 78 -15.36 12.79 -12.55
C TYR B 78 -15.51 12.97 -11.05
N THR B 79 -15.28 14.19 -10.60
CA THR B 79 -15.38 14.53 -9.20
C THR B 79 -16.60 15.40 -8.95
N ALA B 80 -17.40 15.01 -7.96
CA ALA B 80 -18.57 15.78 -7.57
C ALA B 80 -18.27 16.59 -6.32
N GLY B 81 -19.12 17.56 -6.05
CA GLY B 81 -18.90 18.43 -4.90
C GLY B 81 -18.02 19.60 -5.27
N ASP B 82 -17.64 20.40 -4.29
CA ASP B 82 -16.78 21.52 -4.59
C ASP B 82 -15.42 21.31 -3.93
N ALA B 83 -14.46 20.92 -4.75
CA ALA B 83 -13.07 20.83 -4.37
C ALA B 83 -12.24 20.48 -5.60
N SER B 84 -10.98 20.89 -5.58
CA SER B 84 -10.08 20.58 -6.68
C SER B 84 -8.98 19.65 -6.20
N VAL B 85 -8.81 18.53 -6.89
CA VAL B 85 -7.90 17.49 -6.44
C VAL B 85 -6.82 17.20 -7.46
N SER B 86 -5.73 16.66 -6.98
CA SER B 86 -4.69 16.17 -7.84
C SER B 86 -4.55 14.67 -7.65
N LEU B 87 -4.76 13.91 -8.71
CA LEU B 87 -4.47 12.50 -8.67
C LEU B 87 -3.05 12.30 -9.11
N LEU B 88 -2.42 11.33 -8.51
CA LEU B 88 -1.04 11.05 -8.80
C LEU B 88 -0.88 9.58 -9.09
N GLY B 89 -0.05 9.25 -10.05
CA GLY B 89 0.14 7.88 -10.43
C GLY B 89 1.35 7.68 -11.28
N TYR B 90 1.46 6.50 -11.89
CA TYR B 90 2.58 6.19 -12.76
C TYR B 90 2.20 5.21 -13.85
N LEU B 91 2.55 5.60 -15.07
CA LEU B 91 2.36 4.81 -16.27
C LEU B 91 3.23 3.56 -16.24
N HIS B 92 2.68 2.46 -16.71
CA HIS B 92 3.42 1.21 -16.77
C HIS B 92 4.32 1.17 -17.98
N ASP B 93 5.62 1.27 -17.74
CA ASP B 93 6.61 1.19 -18.80
C ASP B 93 7.71 0.21 -18.38
N ILE B 94 8.63 -0.08 -19.28
CA ILE B 94 9.66 -1.06 -19.01
C ILE B 94 11.00 -0.66 -19.61
N ASP B 95 11.13 0.60 -20.00
CA ASP B 95 12.38 1.08 -20.55
C ASP B 95 13.38 1.32 -19.43
N SER B 96 14.12 0.28 -19.08
CA SER B 96 15.11 0.37 -18.03
C SER B 96 16.45 0.80 -18.64
N GLY B 97 16.53 2.07 -19.01
CA GLY B 97 17.72 2.59 -19.63
C GLY B 97 18.82 2.90 -18.63
N SER B 98 20.04 3.02 -19.14
CA SER B 98 21.21 3.33 -18.32
C SER B 98 21.47 2.20 -17.31
N PHE C 1 14.52 -15.63 -12.01
CA PHE C 1 15.46 -14.75 -11.31
C PHE C 1 15.17 -13.29 -11.65
N GLN C 2 15.06 -12.44 -10.63
CA GLN C 2 14.78 -11.02 -10.85
C GLN C 2 15.30 -10.17 -9.69
N GLY C 3 15.01 -10.60 -8.48
CA GLY C 3 15.53 -9.92 -7.30
C GLY C 3 14.71 -8.72 -6.90
N ALA C 4 14.58 -7.76 -7.82
CA ALA C 4 13.89 -6.50 -7.58
C ALA C 4 14.52 -5.77 -6.41
N MET C 5 15.85 -5.74 -6.40
CA MET C 5 16.60 -5.12 -5.32
C MET C 5 16.66 -3.62 -5.52
N ALA C 6 15.73 -2.92 -4.87
CA ALA C 6 15.67 -1.48 -4.95
C ALA C 6 16.61 -0.84 -3.93
N MET C 7 17.09 0.35 -4.24
CA MET C 7 18.06 1.03 -3.38
C MET C 7 17.42 2.24 -2.70
N PHE C 8 17.75 2.43 -1.43
CA PHE C 8 17.10 3.43 -0.59
C PHE C 8 17.26 4.86 -1.13
N TRP C 9 16.19 5.64 -1.02
CA TRP C 9 16.15 7.03 -1.45
C TRP C 9 15.52 7.86 -0.34
N GLY C 10 15.98 9.10 -0.20
CA GLY C 10 15.43 9.97 0.83
C GLY C 10 15.51 11.42 0.44
N LEU C 11 14.60 12.22 0.97
CA LEU C 11 14.60 13.66 0.71
C LEU C 11 14.23 14.41 1.99
N ASN C 12 15.23 15.06 2.59
CA ASN C 12 14.99 15.90 3.76
C ASN C 12 14.60 17.30 3.33
N MET C 13 13.31 17.55 3.38
CA MET C 13 12.70 18.72 2.79
C MET C 13 12.56 19.83 3.81
N LYS C 14 12.93 21.03 3.40
CA LYS C 14 12.88 22.19 4.28
C LYS C 14 11.62 23.02 3.96
N PRO C 15 11.07 23.69 4.98
CA PRO C 15 9.85 24.50 4.83
C PRO C 15 9.96 25.57 3.74
N GLU C 16 9.05 25.50 2.77
CA GLU C 16 8.97 26.47 1.68
C GLU C 16 10.25 26.47 0.85
N ARG C 17 10.65 25.28 0.42
CA ARG C 17 11.77 25.14 -0.51
C ARG C 17 11.30 24.52 -1.82
N LYS C 18 11.91 24.94 -2.91
CA LYS C 18 11.50 24.49 -4.24
C LYS C 18 12.67 23.85 -4.97
N TYR C 19 12.61 22.54 -5.15
CA TYR C 19 13.69 21.83 -5.83
C TYR C 19 13.22 21.35 -7.19
N SER C 20 13.64 22.02 -8.25
CA SER C 20 13.40 21.52 -9.59
C SER C 20 14.50 20.53 -9.95
N GLN C 21 14.20 19.25 -9.82
CA GLN C 21 15.22 18.22 -9.91
C GLN C 21 15.03 17.34 -11.13
N THR C 22 16.16 16.93 -11.70
CA THR C 22 16.18 16.00 -12.80
C THR C 22 16.43 14.58 -12.26
N ILE C 23 16.02 13.58 -13.02
CA ILE C 23 16.12 12.21 -12.56
C ILE C 23 17.10 11.42 -13.41
N ILE C 24 18.15 10.96 -12.78
CA ILE C 24 19.17 10.15 -13.45
C ILE C 24 18.83 8.68 -13.26
N LYS C 25 18.40 8.35 -12.06
CA LYS C 25 17.97 7.00 -11.71
C LYS C 25 16.55 7.04 -11.17
N SER C 26 15.69 6.21 -11.74
CA SER C 26 14.27 6.22 -11.41
C SER C 26 14.04 5.81 -9.96
N PHE C 27 13.09 6.45 -9.30
CA PHE C 27 12.84 6.16 -7.90
C PHE C 27 11.36 6.19 -7.56
N HIS C 28 11.02 5.42 -6.55
CA HIS C 28 9.69 5.41 -5.99
C HIS C 28 9.70 6.09 -4.63
N ILE C 29 8.93 7.15 -4.49
CA ILE C 29 8.71 7.74 -3.17
C ILE C 29 7.59 6.97 -2.49
N SER C 30 7.80 6.62 -1.25
CA SER C 30 6.86 5.77 -0.55
C SER C 30 6.29 6.46 0.69
N GLY C 31 6.82 7.62 1.04
CA GLY C 31 6.27 8.35 2.16
C GLY C 31 6.89 9.71 2.37
N VAL C 32 6.16 10.57 3.06
CA VAL C 32 6.65 11.88 3.48
C VAL C 32 6.15 12.16 4.90
N ALA C 33 7.05 12.50 5.80
CA ALA C 33 6.66 12.69 7.20
C ALA C 33 7.45 13.81 7.85
N LEU C 34 6.87 14.45 8.86
CA LEU C 34 7.55 15.53 9.54
C LEU C 34 7.79 15.21 11.00
N ASP C 35 8.90 15.71 11.49
CA ASP C 35 9.25 15.59 12.88
C ASP C 35 9.08 16.94 13.55
N LYS C 36 9.77 17.92 13.00
CA LYS C 36 9.56 19.31 13.39
C LYS C 36 8.73 20.01 12.33
N GLY C 37 7.66 20.65 12.74
CA GLY C 37 6.89 21.41 11.79
C GLY C 37 5.44 21.56 12.16
N GLN C 38 4.81 22.59 11.59
CA GLN C 38 3.40 22.82 11.80
C GLN C 38 2.59 22.35 10.59
N GLU C 39 3.06 22.68 9.40
CA GLU C 39 2.37 22.31 8.18
C GLU C 39 3.34 22.20 7.00
N ALA C 40 3.37 21.05 6.36
CA ALA C 40 4.10 20.91 5.11
C ALA C 40 3.17 20.46 4.01
N LYS C 41 2.96 21.32 3.04
CA LYS C 41 2.13 21.00 1.90
C LYS C 41 3.02 20.56 0.75
N LEU C 42 3.03 19.27 0.48
CA LEU C 42 3.92 18.71 -0.51
C LEU C 42 3.32 18.85 -1.90
N TYR C 43 3.92 19.70 -2.71
CA TYR C 43 3.50 19.86 -4.09
C TYR C 43 4.61 19.40 -4.99
N LEU C 44 4.24 18.91 -6.15
CA LEU C 44 5.21 18.59 -7.17
C LEU C 44 4.72 19.09 -8.50
N ALA C 45 5.55 19.83 -9.19
CA ALA C 45 5.21 20.35 -10.49
C ALA C 45 5.99 19.59 -11.56
N ALA C 46 5.26 18.83 -12.35
CA ALA C 46 5.83 18.08 -13.44
C ALA C 46 5.07 18.38 -14.72
N GLU C 47 5.82 18.64 -15.79
CA GLU C 47 5.21 19.02 -17.06
C GLU C 47 4.38 20.29 -16.90
N LYS C 48 4.89 21.20 -16.07
CA LYS C 48 4.27 22.49 -15.80
C LYS C 48 2.90 22.34 -15.16
N GLN C 49 2.75 21.32 -14.31
CA GLN C 49 1.50 21.09 -13.62
C GLN C 49 1.76 20.91 -12.13
N GLU C 50 1.19 21.80 -11.32
CA GLU C 50 1.37 21.75 -9.87
C GLU C 50 0.41 20.74 -9.25
N TYR C 51 0.97 19.63 -8.81
CA TYR C 51 0.18 18.60 -8.13
C TYR C 51 0.32 18.70 -6.63
N ILE C 52 -0.78 18.63 -5.91
CA ILE C 52 -0.72 18.49 -4.46
C ILE C 52 -0.48 17.02 -4.14
N VAL C 53 0.76 16.73 -3.74
CA VAL C 53 1.21 15.35 -3.54
C VAL C 53 0.73 14.83 -2.19
N ALA C 54 0.97 15.60 -1.15
CA ALA C 54 0.63 15.17 0.20
C ALA C 54 0.39 16.35 1.13
N THR C 55 -0.53 16.15 2.07
CA THR C 55 -0.72 17.13 3.12
C THR C 55 -0.24 16.54 4.43
N VAL C 56 0.95 16.93 4.85
CA VAL C 56 1.53 16.39 6.06
C VAL C 56 1.77 17.50 7.07
N THR C 57 1.05 17.46 8.16
CA THR C 57 1.09 18.53 9.15
C THR C 57 1.47 18.01 10.52
N LYS C 58 1.50 18.90 11.50
CA LYS C 58 1.67 18.49 12.89
C LYS C 58 0.49 17.61 13.33
N ALA C 59 -0.63 17.75 12.64
CA ALA C 59 -1.81 16.95 12.92
C ALA C 59 -1.73 15.60 12.21
N ILE C 60 -1.25 15.63 10.98
CA ILE C 60 -0.99 14.43 10.21
C ILE C 60 0.52 14.31 10.00
N PRO C 61 1.24 13.77 11.01
CA PRO C 61 2.71 13.83 11.06
C PRO C 61 3.40 12.94 10.03
N GLN C 62 2.62 12.24 9.23
CA GLN C 62 3.18 11.32 8.25
C GLN C 62 2.16 10.94 7.18
N VAL C 63 2.56 11.11 5.94
CA VAL C 63 1.75 10.69 4.80
C VAL C 63 2.46 9.60 4.01
N ALA C 64 1.81 8.46 3.87
CA ALA C 64 2.34 7.37 3.07
C ALA C 64 2.03 7.61 1.60
N LEU C 65 3.07 7.54 0.76
CA LEU C 65 2.94 7.87 -0.64
C LEU C 65 3.29 6.70 -1.54
N ASP C 66 2.97 6.86 -2.82
CA ASP C 66 3.37 5.92 -3.84
C ASP C 66 3.62 6.70 -5.13
N LEU C 67 4.88 7.00 -5.38
CA LEU C 67 5.27 7.85 -6.51
C LEU C 67 6.43 7.23 -7.26
N ASN C 68 6.19 6.75 -8.47
CA ASN C 68 7.27 6.22 -9.28
C ASN C 68 7.64 7.22 -10.36
N PHE C 69 8.85 7.75 -10.26
CA PHE C 69 9.33 8.70 -11.25
C PHE C 69 10.41 8.05 -12.10
N SER C 70 10.36 8.28 -13.40
CA SER C 70 11.34 7.70 -14.31
C SER C 70 12.43 8.71 -14.62
N LYS C 71 13.52 8.23 -15.22
CA LYS C 71 14.65 9.10 -15.54
C LYS C 71 14.32 10.01 -16.71
N GLY C 72 13.14 9.81 -17.30
CA GLY C 72 12.68 10.68 -18.34
C GLY C 72 11.78 11.77 -17.80
N ASP C 73 11.42 11.65 -16.52
CA ASP C 73 10.59 12.65 -15.87
C ASP C 73 11.46 13.75 -15.28
N ARG C 74 11.00 14.98 -15.40
CA ARG C 74 11.67 16.12 -14.79
C ARG C 74 10.68 16.88 -13.95
N ILE C 75 10.90 16.90 -12.64
CA ILE C 75 9.89 17.34 -11.71
C ILE C 75 10.43 18.34 -10.71
N MET C 76 9.53 19.12 -10.13
CA MET C 76 9.92 20.04 -9.07
C MET C 76 9.18 19.68 -7.81
N PHE C 77 9.93 19.44 -6.75
CA PHE C 77 9.34 19.12 -5.47
C PHE C 77 9.43 20.32 -4.55
N TYR C 78 8.30 20.71 -3.97
CA TYR C 78 8.29 21.86 -3.09
C TYR C 78 7.21 21.77 -2.03
N THR C 79 7.60 22.08 -0.80
CA THR C 79 6.69 22.05 0.33
C THR C 79 6.36 23.46 0.79
N ALA C 80 5.07 23.73 0.96
CA ALA C 80 4.64 25.01 1.45
C ALA C 80 4.26 24.92 2.92
N GLY C 81 4.13 26.05 3.58
CA GLY C 81 3.83 26.08 4.99
C GLY C 81 5.10 25.99 5.81
N ASP C 82 4.97 25.88 7.12
CA ASP C 82 6.14 25.75 7.95
C ASP C 82 6.20 24.39 8.58
N ALA C 83 7.05 23.54 8.02
CA ALA C 83 7.39 22.25 8.56
C ALA C 83 8.51 21.63 7.74
N SER C 84 9.29 20.76 8.36
CA SER C 84 10.37 20.08 7.67
C SER C 84 10.07 18.59 7.60
N VAL C 85 10.10 18.04 6.40
CA VAL C 85 9.68 16.66 6.19
C VAL C 85 10.80 15.82 5.61
N SER C 86 10.69 14.52 5.81
CA SER C 86 11.57 13.58 5.17
C SER C 86 10.75 12.68 4.27
N LEU C 87 11.05 12.70 2.99
CA LEU C 87 10.45 11.74 2.08
C LEU C 87 11.34 10.54 2.03
N LEU C 88 10.72 9.39 1.89
CA LEU C 88 11.45 8.16 1.86
C LEU C 88 11.00 7.35 0.66
N GLY C 89 11.93 6.69 0.03
CA GLY C 89 11.62 5.92 -1.15
C GLY C 89 12.72 4.97 -1.53
N TYR C 90 12.63 4.42 -2.73
CA TYR C 90 13.63 3.51 -3.23
C TYR C 90 13.76 3.56 -4.75
N LEU C 91 15.01 3.71 -5.16
CA LEU C 91 15.39 3.73 -6.56
C LEU C 91 15.18 2.36 -7.20
N HIS C 92 14.71 2.37 -8.43
CA HIS C 92 14.48 1.13 -9.17
C HIS C 92 15.78 0.61 -9.75
N ASP C 93 16.26 -0.48 -9.19
CA ASP C 93 17.45 -1.14 -9.68
C ASP C 93 17.19 -2.63 -9.80
N ILE C 94 18.14 -3.37 -10.36
CA ILE C 94 17.94 -4.79 -10.63
C ILE C 94 19.21 -5.59 -10.38
N ASP C 95 20.18 -4.99 -9.71
CA ASP C 95 21.41 -5.69 -9.39
C ASP C 95 21.18 -6.65 -8.23
N SER C 96 20.75 -7.85 -8.55
CA SER C 96 20.51 -8.87 -7.53
C SER C 96 21.79 -9.65 -7.28
N GLY C 97 22.73 -9.00 -6.59
CA GLY C 97 24.01 -9.62 -6.32
C GLY C 97 23.95 -10.60 -5.16
N SER C 98 24.96 -11.46 -5.08
CA SER C 98 25.06 -12.47 -4.03
C SER C 98 23.89 -13.46 -4.10
N PHE D 1 7.78 -17.55 -15.14
CA PHE D 1 8.15 -18.06 -13.80
C PHE D 1 9.00 -17.02 -13.07
N GLN D 2 8.62 -16.71 -11.83
CA GLN D 2 9.36 -15.73 -11.04
C GLN D 2 9.19 -15.98 -9.54
N GLY D 3 7.94 -16.19 -9.13
CA GLY D 3 7.66 -16.54 -7.74
C GLY D 3 7.58 -15.31 -6.84
N ALA D 4 8.68 -14.56 -6.79
CA ALA D 4 8.80 -13.39 -5.92
C ALA D 4 8.61 -13.80 -4.46
N MET D 5 9.24 -14.92 -4.10
CA MET D 5 9.12 -15.46 -2.76
C MET D 5 10.04 -14.71 -1.80
N ALA D 6 9.48 -13.72 -1.13
CA ALA D 6 10.22 -12.94 -0.17
C ALA D 6 10.24 -13.62 1.19
N MET D 7 11.28 -13.37 1.97
CA MET D 7 11.45 -14.02 3.26
C MET D 7 11.25 -13.03 4.40
N PHE D 8 10.58 -13.47 5.45
CA PHE D 8 10.16 -12.59 6.55
C PHE D 8 11.34 -11.91 7.25
N TRP D 9 11.14 -10.65 7.59
CA TRP D 9 12.13 -9.84 8.29
C TRP D 9 11.45 -9.11 9.44
N GLY D 10 12.16 -8.91 10.53
CA GLY D 10 11.60 -8.23 11.67
C GLY D 10 12.65 -7.50 12.48
N LEU D 11 12.24 -6.44 13.16
CA LEU D 11 13.13 -5.66 14.00
C LEU D 11 12.41 -5.25 15.28
N ASN D 12 12.75 -5.88 16.40
CA ASN D 12 12.20 -5.51 17.69
C ASN D 12 13.04 -4.39 18.29
N MET D 13 12.52 -3.18 18.18
CA MET D 13 13.25 -1.98 18.46
C MET D 13 13.00 -1.51 19.89
N LYS D 14 14.07 -1.14 20.57
CA LYS D 14 13.98 -0.69 21.95
C LYS D 14 14.04 0.82 22.01
N PRO D 15 13.37 1.43 23.01
CA PRO D 15 13.31 2.89 23.16
C PRO D 15 14.68 3.54 23.24
N GLU D 16 14.94 4.47 22.32
CA GLU D 16 16.18 5.24 22.28
C GLU D 16 17.39 4.33 22.07
N ARG D 17 17.30 3.50 21.04
CA ARG D 17 18.42 2.66 20.63
C ARG D 17 18.84 3.03 19.22
N LYS D 18 20.15 2.94 18.96
CA LYS D 18 20.69 3.33 17.67
C LYS D 18 21.46 2.17 17.04
N TYR D 19 20.91 1.61 15.98
CA TYR D 19 21.56 0.49 15.31
C TYR D 19 22.09 0.91 13.95
N SER D 20 23.39 1.10 13.85
CA SER D 20 24.01 1.33 12.56
C SER D 20 24.30 -0.01 11.91
N GLN D 21 23.43 -0.42 11.00
CA GLN D 21 23.45 -1.78 10.48
C GLN D 21 23.82 -1.81 9.01
N THR D 22 24.56 -2.84 8.65
CA THR D 22 24.90 -3.11 7.26
C THR D 22 23.92 -4.11 6.67
N ILE D 23 23.80 -4.12 5.35
CA ILE D 23 22.82 -4.98 4.70
C ILE D 23 23.49 -6.02 3.84
N ILE D 24 23.30 -7.27 4.21
CA ILE D 24 23.85 -8.40 3.46
C ILE D 24 22.83 -8.89 2.45
N LYS D 25 21.58 -8.93 2.89
CA LYS D 25 20.47 -9.31 2.05
C LYS D 25 19.42 -8.20 2.06
N SER D 26 19.02 -7.76 0.86
CA SER D 26 18.11 -6.63 0.72
C SER D 26 16.75 -6.93 1.32
N PHE D 27 16.14 -5.94 1.96
CA PHE D 27 14.86 -6.16 2.60
C PHE D 27 13.94 -4.97 2.45
N HIS D 28 12.65 -5.27 2.48
CA HIS D 28 11.62 -4.26 2.48
C HIS D 28 10.97 -4.20 3.86
N ILE D 29 11.03 -3.06 4.50
CA ILE D 29 10.27 -2.85 5.73
C ILE D 29 8.86 -2.42 5.34
N SER D 30 7.87 -3.02 5.95
CA SER D 30 6.50 -2.79 5.55
C SER D 30 5.67 -2.23 6.71
N GLY D 31 6.25 -2.16 7.90
CA GLY D 31 5.53 -1.57 9.01
C GLY D 31 6.36 -1.45 10.27
N VAL D 32 5.93 -0.55 11.14
CA VAL D 32 6.50 -0.40 12.47
C VAL D 32 5.38 -0.12 13.47
N ALA D 33 5.30 -0.89 14.54
CA ALA D 33 4.20 -0.77 15.48
C ALA D 33 4.66 -1.00 16.91
N LEU D 34 3.96 -0.40 17.87
CA LEU D 34 4.33 -0.57 19.26
C LEU D 34 3.22 -1.23 20.06
N ASP D 35 3.63 -2.03 21.01
CA ASP D 35 2.70 -2.66 21.93
C ASP D 35 2.81 -1.98 23.29
N LYS D 36 4.03 -1.96 23.81
CA LYS D 36 4.34 -1.18 24.99
C LYS D 36 5.08 0.08 24.58
N GLY D 37 4.60 1.23 25.02
CA GLY D 37 5.31 2.44 24.74
C GLY D 37 4.44 3.67 24.71
N GLN D 38 5.07 4.82 24.89
CA GLN D 38 4.38 6.09 24.83
C GLN D 38 4.63 6.77 23.49
N GLU D 39 5.90 6.79 23.08
CA GLU D 39 6.28 7.44 21.84
C GLU D 39 7.53 6.81 21.24
N ALA D 40 7.45 6.33 20.01
CA ALA D 40 8.63 5.90 19.30
C ALA D 40 8.78 6.68 18.01
N LYS D 41 9.81 7.49 17.93
CA LYS D 41 10.09 8.26 16.74
C LYS D 41 11.12 7.53 15.91
N LEU D 42 10.68 6.93 14.81
CA LEU D 42 11.56 6.10 14.01
C LEU D 42 12.35 6.96 13.05
N TYR D 43 13.65 7.04 13.28
CA TYR D 43 14.53 7.75 12.38
C TYR D 43 15.49 6.77 11.75
N LEU D 44 15.90 7.07 10.55
CA LEU D 44 16.95 6.30 9.92
C LEU D 44 17.94 7.24 9.26
N ALA D 45 19.21 7.04 9.58
CA ALA D 45 20.26 7.84 9.00
C ALA D 45 21.02 7.03 7.96
N ALA D 46 20.87 7.43 6.71
CA ALA D 46 21.56 6.79 5.62
C ALA D 46 22.29 7.84 4.80
N GLU D 47 23.55 7.57 4.49
CA GLU D 47 24.39 8.51 3.76
C GLU D 47 24.51 9.82 4.56
N LYS D 48 24.60 9.66 5.88
CA LYS D 48 24.76 10.78 6.80
C LYS D 48 23.57 11.74 6.75
N GLN D 49 22.37 11.18 6.56
CA GLN D 49 21.17 11.98 6.51
C GLN D 49 20.11 11.38 7.43
N GLU D 50 19.71 12.13 8.44
CA GLU D 50 18.70 11.66 9.39
C GLU D 50 17.30 11.84 8.83
N TYR D 51 16.67 10.73 8.48
CA TYR D 51 15.30 10.75 7.97
C TYR D 51 14.32 10.36 9.07
N ILE D 52 13.25 11.13 9.20
CA ILE D 52 12.15 10.71 10.06
C ILE D 52 11.29 9.70 9.29
N VAL D 53 11.44 8.44 9.66
CA VAL D 53 10.82 7.34 8.94
C VAL D 53 9.35 7.21 9.32
N ALA D 54 9.08 7.18 10.62
CA ALA D 54 7.72 6.97 11.10
C ALA D 54 7.51 7.58 12.47
N THR D 55 6.31 8.06 12.72
CA THR D 55 5.94 8.50 14.04
C THR D 55 4.91 7.53 14.61
N VAL D 56 5.36 6.64 15.47
CA VAL D 56 4.47 5.64 16.02
C VAL D 56 4.42 5.78 17.54
N THR D 57 3.25 6.14 18.04
CA THR D 57 3.09 6.45 19.45
C THR D 57 2.01 5.59 20.08
N LYS D 58 1.75 5.81 21.37
CA LYS D 58 0.61 5.18 22.03
C LYS D 58 -0.71 5.65 21.38
N ALA D 59 -0.65 6.81 20.72
CA ALA D 59 -1.82 7.35 20.04
C ALA D 59 -1.93 6.75 18.64
N ILE D 60 -0.79 6.62 17.98
CA ILE D 60 -0.70 5.95 16.69
C ILE D 60 0.09 4.66 16.87
N PRO D 61 -0.58 3.58 17.32
CA PRO D 61 0.10 2.36 17.78
C PRO D 61 0.74 1.55 16.66
N GLN D 62 0.62 2.02 15.43
CA GLN D 62 1.12 1.28 14.28
C GLN D 62 1.24 2.17 13.05
N VAL D 63 2.42 2.17 12.47
CA VAL D 63 2.67 2.88 11.21
C VAL D 63 3.03 1.90 10.11
N ALA D 64 2.25 1.92 9.04
CA ALA D 64 2.54 1.08 7.87
C ALA D 64 3.60 1.75 7.01
N LEU D 65 4.65 1.02 6.69
CA LEU D 65 5.78 1.58 5.97
C LEU D 65 6.02 0.89 4.64
N ASP D 66 6.88 1.50 3.83
CA ASP D 66 7.35 0.90 2.59
C ASP D 66 8.80 1.33 2.37
N LEU D 67 9.72 0.46 2.75
CA LEU D 67 11.15 0.79 2.72
C LEU D 67 11.93 -0.34 2.09
N ASN D 68 12.46 -0.14 0.91
CA ASN D 68 13.29 -1.15 0.28
C ASN D 68 14.75 -0.75 0.38
N PHE D 69 15.51 -1.52 1.14
CA PHE D 69 16.92 -1.26 1.30
C PHE D 69 17.72 -2.32 0.56
N SER D 70 18.77 -1.89 -0.14
CA SER D 70 19.60 -2.82 -0.90
C SER D 70 20.85 -3.19 -0.09
N LYS D 71 21.55 -4.22 -0.53
CA LYS D 71 22.74 -4.68 0.17
C LYS D 71 23.90 -3.72 -0.04
N GLY D 72 23.68 -2.71 -0.87
CA GLY D 72 24.65 -1.66 -1.06
C GLY D 72 24.39 -0.48 -0.16
N ASP D 73 23.22 -0.48 0.50
CA ASP D 73 22.86 0.58 1.42
C ASP D 73 23.38 0.27 2.81
N ARG D 74 23.87 1.30 3.49
CA ARG D 74 24.31 1.16 4.86
C ARG D 74 23.60 2.21 5.71
N ILE D 75 22.77 1.76 6.62
CA ILE D 75 21.83 2.66 7.28
C ILE D 75 21.86 2.49 8.79
N MET D 76 21.40 3.51 9.49
CA MET D 76 21.26 3.43 10.93
C MET D 76 19.82 3.62 11.32
N PHE D 77 19.28 2.65 12.03
CA PHE D 77 17.90 2.74 12.48
C PHE D 77 17.88 3.07 13.95
N TYR D 78 17.12 4.09 14.32
CA TYR D 78 17.04 4.49 15.71
C TYR D 78 15.71 5.14 16.05
N THR D 79 15.16 4.73 17.18
CA THR D 79 13.90 5.25 17.66
C THR D 79 14.11 6.13 18.87
N ALA D 80 13.52 7.32 18.84
CA ALA D 80 13.60 8.23 19.97
C ALA D 80 12.29 8.20 20.75
N GLY D 81 12.33 8.74 21.96
CA GLY D 81 11.16 8.72 22.82
C GLY D 81 11.11 7.44 23.62
N ASP D 82 10.04 7.22 24.36
CA ASP D 82 9.93 6.00 25.12
C ASP D 82 8.81 5.14 24.58
N ALA D 83 9.21 4.13 23.83
CA ALA D 83 8.31 3.08 23.36
C ALA D 83 9.13 2.00 22.67
N SER D 84 8.61 0.79 22.67
CA SER D 84 9.29 -0.31 22.02
C SER D 84 8.45 -0.79 20.83
N VAL D 85 9.07 -0.84 19.66
CA VAL D 85 8.33 -1.14 18.43
C VAL D 85 8.86 -2.38 17.75
N SER D 86 8.02 -2.97 16.93
CA SER D 86 8.42 -4.05 16.07
C SER D 86 8.25 -3.63 14.63
N LEU D 87 9.34 -3.60 13.88
CA LEU D 87 9.24 -3.40 12.45
C LEU D 87 9.10 -4.74 11.79
N LEU D 88 8.34 -4.76 10.74
CA LEU D 88 8.08 -5.98 10.02
C LEU D 88 8.34 -5.75 8.56
N GLY D 89 8.91 -6.74 7.91
CA GLY D 89 9.24 -6.61 6.51
C GLY D 89 9.57 -7.94 5.87
N TYR D 90 10.12 -7.88 4.68
CA TYR D 90 10.50 -9.10 3.96
C TYR D 90 11.69 -8.87 3.05
N LEU D 91 12.65 -9.76 3.21
CA LEU D 91 13.86 -9.80 2.40
C LEU D 91 13.54 -10.16 0.96
N HIS D 92 14.24 -9.51 0.04
CA HIS D 92 14.05 -9.78 -1.38
C HIS D 92 14.82 -11.02 -1.79
N ASP D 93 14.08 -12.08 -2.08
CA ASP D 93 14.68 -13.32 -2.55
C ASP D 93 13.90 -13.81 -3.77
N ILE D 94 14.38 -14.86 -4.40
CA ILE D 94 13.78 -15.34 -5.63
C ILE D 94 13.78 -16.87 -5.71
N ASP D 95 14.05 -17.52 -4.59
CA ASP D 95 14.05 -18.97 -4.57
C ASP D 95 12.61 -19.49 -4.55
N SER D 96 12.04 -19.67 -5.72
CA SER D 96 10.69 -20.16 -5.84
C SER D 96 10.71 -21.69 -5.90
N GLY D 97 10.97 -22.30 -4.75
CA GLY D 97 11.06 -23.74 -4.67
C GLY D 97 9.70 -24.41 -4.63
N SER D 98 9.69 -25.71 -4.93
CA SER D 98 8.47 -26.50 -4.93
C SER D 98 7.48 -25.99 -5.98
N PHE E 1 6.01 -12.19 -20.34
CA PHE E 1 4.96 -13.04 -19.73
C PHE E 1 5.34 -13.37 -18.29
N GLN E 2 4.41 -13.16 -17.36
CA GLN E 2 4.66 -13.45 -15.95
C GLN E 2 3.36 -13.73 -15.21
N GLY E 3 2.36 -12.88 -15.40
CA GLY E 3 1.05 -13.10 -14.82
C GLY E 3 0.96 -12.61 -13.39
N ALA E 4 1.82 -13.17 -12.53
CA ALA E 4 1.82 -12.86 -11.10
C ALA E 4 0.46 -13.21 -10.49
N MET E 5 -0.06 -14.36 -10.88
CA MET E 5 -1.36 -14.81 -10.43
C MET E 5 -1.27 -15.41 -9.03
N ALA E 6 -1.53 -14.58 -8.03
CA ALA E 6 -1.49 -15.02 -6.65
C ALA E 6 -2.82 -15.65 -6.25
N MET E 7 -2.77 -16.56 -5.29
CA MET E 7 -3.96 -17.29 -4.87
C MET E 7 -4.39 -16.85 -3.47
N PHE E 8 -5.70 -16.73 -3.28
CA PHE E 8 -6.26 -16.16 -2.05
C PHE E 8 -5.88 -16.96 -0.80
N TRP E 9 -5.59 -16.23 0.28
CA TRP E 9 -5.24 -16.81 1.57
C TRP E 9 -6.05 -16.10 2.66
N GLY E 10 -6.40 -16.83 3.69
CA GLY E 10 -7.16 -16.24 4.78
C GLY E 10 -6.90 -16.93 6.10
N LEU E 11 -7.06 -16.19 7.19
CA LEU E 11 -6.88 -16.74 8.52
C LEU E 11 -7.94 -16.18 9.46
N ASN E 12 -8.90 -17.01 9.83
CA ASN E 12 -9.93 -16.63 10.80
C ASN E 12 -9.43 -16.90 12.19
N MET E 13 -8.99 -15.84 12.84
CA MET E 13 -8.25 -15.91 14.08
C MET E 13 -9.17 -15.76 15.27
N LYS E 14 -9.00 -16.62 16.26
CA LYS E 14 -9.82 -16.60 17.46
C LYS E 14 -9.08 -15.90 18.59
N PRO E 15 -9.83 -15.24 19.50
CA PRO E 15 -9.24 -14.49 20.62
C PRO E 15 -8.33 -15.35 21.50
N GLU E 16 -7.07 -14.91 21.63
CA GLU E 16 -6.08 -15.57 22.47
C GLU E 16 -5.82 -16.99 22.01
N ARG E 17 -5.52 -17.12 20.73
CA ARG E 17 -5.10 -18.40 20.15
C ARG E 17 -3.70 -18.29 19.61
N LYS E 18 -2.94 -19.38 19.72
CA LYS E 18 -1.54 -19.38 19.29
C LYS E 18 -1.30 -20.47 18.27
N TYR E 19 -1.06 -20.07 17.02
CA TYR E 19 -0.82 -21.04 15.96
C TYR E 19 0.63 -21.00 15.52
N SER E 20 1.41 -21.98 15.94
CA SER E 20 2.76 -22.12 15.41
C SER E 20 2.70 -22.91 14.12
N GLN E 21 2.75 -22.18 13.00
CA GLN E 21 2.47 -22.76 11.70
C GLN E 21 3.71 -22.80 10.81
N THR E 22 3.81 -23.86 10.03
CA THR E 22 4.84 -24.00 9.04
C THR E 22 4.32 -23.56 7.68
N ILE E 23 5.21 -23.18 6.79
CA ILE E 23 4.81 -22.65 5.50
C ILE E 23 5.24 -23.58 4.37
N ILE E 24 4.26 -24.11 3.66
CA ILE E 24 4.52 -24.99 2.53
C ILE E 24 4.53 -24.16 1.25
N LYS E 25 3.60 -23.22 1.18
CA LYS E 25 3.50 -22.29 0.07
C LYS E 25 3.55 -20.86 0.59
N SER E 26 4.45 -20.06 0.01
CA SER E 26 4.69 -18.70 0.49
C SER E 26 3.46 -17.83 0.31
N PHE E 27 3.20 -16.95 1.26
CA PHE E 27 2.03 -16.10 1.19
C PHE E 27 2.28 -14.70 1.70
N HIS E 28 1.52 -13.78 1.17
CA HIS E 28 1.53 -12.40 1.62
C HIS E 28 0.24 -12.12 2.38
N ILE E 29 0.37 -11.73 3.64
CA ILE E 29 -0.78 -11.23 4.38
C ILE E 29 -0.94 -9.75 4.06
N SER E 30 -2.16 -9.34 3.77
CA SER E 30 -2.40 -7.99 3.32
C SER E 30 -3.35 -7.24 4.25
N GLY E 31 -3.91 -7.94 5.23
CA GLY E 31 -4.77 -7.27 6.18
C GLY E 31 -5.24 -8.16 7.31
N VAL E 32 -5.63 -7.54 8.40
CA VAL E 32 -6.27 -8.22 9.52
C VAL E 32 -7.38 -7.33 10.08
N ALA E 33 -8.59 -7.88 10.20
CA ALA E 33 -9.72 -7.07 10.62
C ALA E 33 -10.67 -7.87 11.50
N LEU E 34 -11.40 -7.18 12.38
CA LEU E 34 -12.34 -7.85 13.26
C LEU E 34 -13.76 -7.41 13.01
N ASP E 35 -14.66 -8.35 13.18
CA ASP E 35 -16.09 -8.07 13.09
C ASP E 35 -16.68 -8.11 14.48
N LYS E 36 -16.48 -9.23 15.15
CA LYS E 36 -16.81 -9.35 16.56
C LYS E 36 -15.54 -9.24 17.38
N GLY E 37 -15.52 -8.36 18.36
CA GLY E 37 -14.37 -8.30 19.23
C GLY E 37 -14.17 -6.95 19.86
N GLN E 38 -13.43 -6.94 20.96
CA GLN E 38 -13.08 -5.72 21.64
C GLN E 38 -11.64 -5.32 21.32
N GLU E 39 -10.73 -6.29 21.39
CA GLU E 39 -9.33 -6.03 21.15
C GLU E 39 -8.62 -7.29 20.65
N ALA E 40 -7.99 -7.20 19.48
CA ALA E 40 -7.13 -8.26 19.02
C ALA E 40 -5.73 -7.73 18.78
N LYS E 41 -4.79 -8.18 19.57
CA LYS E 41 -3.41 -7.80 19.42
C LYS E 41 -2.67 -8.86 18.62
N LEU E 42 -2.38 -8.57 17.37
CA LEU E 42 -1.80 -9.55 16.48
C LEU E 42 -0.29 -9.60 16.68
N TYR E 43 0.19 -10.69 17.22
CA TYR E 43 1.61 -10.90 17.38
C TYR E 43 2.04 -12.07 16.52
N LEU E 44 3.26 -12.03 16.06
CA LEU E 44 3.84 -13.15 15.38
C LEU E 44 5.25 -13.40 15.88
N ALA E 45 5.51 -14.61 16.27
CA ALA E 45 6.82 -14.98 16.74
C ALA E 45 7.54 -15.81 15.69
N ALA E 46 8.57 -15.24 15.12
CA ALA E 46 9.38 -15.92 14.13
C ALA E 46 10.84 -15.84 14.54
N GLU E 47 11.53 -16.98 14.47
CA GLU E 47 12.93 -17.07 14.89
C GLU E 47 13.05 -16.68 16.37
N LYS E 48 12.04 -17.10 17.14
CA LYS E 48 12.00 -16.87 18.59
C LYS E 48 11.95 -15.38 18.92
N GLN E 49 11.26 -14.62 18.08
CA GLN E 49 11.11 -13.19 18.31
C GLN E 49 9.65 -12.79 18.19
N GLU E 50 9.09 -12.27 19.28
CA GLU E 50 7.69 -11.86 19.31
C GLU E 50 7.53 -10.47 18.70
N TYR E 51 6.95 -10.42 17.52
CA TYR E 51 6.68 -9.15 16.84
C TYR E 51 5.23 -8.75 17.03
N ILE E 52 5.00 -7.49 17.37
CA ILE E 52 3.65 -6.94 17.34
C ILE E 52 3.31 -6.57 15.90
N VAL E 53 2.48 -7.40 15.29
CA VAL E 53 2.18 -7.26 13.87
C VAL E 53 1.14 -6.17 13.64
N ALA E 54 0.05 -6.24 14.39
CA ALA E 54 -1.03 -5.29 14.20
C ALA E 54 -1.83 -5.09 15.47
N THR E 55 -2.34 -3.89 15.66
CA THR E 55 -3.27 -3.62 16.74
C THR E 55 -4.64 -3.35 16.15
N VAL E 56 -5.51 -4.35 16.19
CA VAL E 56 -6.82 -4.22 15.61
C VAL E 56 -7.89 -4.41 16.68
N THR E 57 -8.61 -3.35 16.96
CA THR E 57 -9.57 -3.35 18.05
C THR E 57 -10.97 -3.00 17.56
N LYS E 58 -11.92 -2.93 18.49
CA LYS E 58 -13.25 -2.42 18.17
C LYS E 58 -13.16 -0.95 17.74
N ALA E 59 -12.09 -0.27 18.15
CA ALA E 59 -11.86 1.11 17.78
C ALA E 59 -11.19 1.19 16.42
N ILE E 60 -10.24 0.29 16.19
CA ILE E 60 -9.58 0.15 14.90
C ILE E 60 -9.99 -1.19 14.31
N PRO E 61 -11.16 -1.26 13.66
CA PRO E 61 -11.79 -2.54 13.26
C PRO E 61 -11.07 -3.24 12.13
N GLN E 62 -9.99 -2.66 11.62
CA GLN E 62 -9.28 -3.21 10.49
C GLN E 62 -7.89 -2.62 10.35
N VAL E 63 -6.90 -3.50 10.27
CA VAL E 63 -5.53 -3.09 10.04
C VAL E 63 -5.03 -3.66 8.71
N ALA E 64 -4.60 -2.78 7.82
CA ALA E 64 -4.04 -3.20 6.55
C ALA E 64 -2.57 -3.58 6.73
N LEU E 65 -2.21 -4.77 6.28
CA LEU E 65 -0.87 -5.29 6.51
C LEU E 65 -0.13 -5.57 5.21
N ASP E 66 1.16 -5.83 5.34
CA ASP E 66 1.99 -6.26 4.23
C ASP E 66 3.04 -7.22 4.78
N LEU E 67 2.77 -8.51 4.66
CA LEU E 67 3.63 -9.54 5.23
C LEU E 67 3.90 -10.65 4.23
N ASN E 68 5.11 -10.74 3.74
CA ASN E 68 5.46 -11.81 2.83
C ASN E 68 6.27 -12.87 3.56
N PHE E 69 5.69 -14.04 3.71
CA PHE E 69 6.38 -15.15 4.37
C PHE E 69 6.76 -16.20 3.35
N SER E 70 7.97 -16.72 3.46
CA SER E 70 8.46 -17.73 2.53
C SER E 70 8.27 -19.12 3.13
N LYS E 71 8.41 -20.14 2.29
CA LYS E 71 8.23 -21.52 2.73
C LYS E 71 9.41 -21.98 3.59
N GLY E 72 10.41 -21.11 3.71
CA GLY E 72 11.53 -21.38 4.58
C GLY E 72 11.33 -20.74 5.94
N ASP E 73 10.30 -19.91 6.06
CA ASP E 73 9.99 -19.25 7.32
C ASP E 73 9.06 -20.13 8.15
N ARG E 74 9.30 -20.17 9.44
CA ARG E 74 8.44 -20.89 10.36
C ARG E 74 8.01 -19.94 11.47
N ILE E 75 6.72 -19.65 11.52
CA ILE E 75 6.24 -18.55 12.35
C ILE E 75 5.07 -18.96 13.22
N MET E 76 4.86 -18.20 14.28
CA MET E 76 3.70 -18.43 15.12
C MET E 76 2.83 -17.20 15.13
N PHE E 77 1.57 -17.36 14.77
CA PHE E 77 0.64 -16.26 14.75
C PHE E 77 -0.28 -16.38 15.95
N TYR E 78 -0.40 -15.30 16.72
CA TYR E 78 -1.25 -15.32 17.88
C TYR E 78 -1.80 -13.95 18.22
N THR E 79 -3.10 -13.92 18.52
CA THR E 79 -3.78 -12.69 18.87
C THR E 79 -4.13 -12.68 20.34
N ALA E 80 -3.79 -11.58 21.01
CA ALA E 80 -4.13 -11.42 22.41
C ALA E 80 -5.33 -10.50 22.57
N GLY E 81 -5.93 -10.52 23.74
CA GLY E 81 -7.11 -9.72 23.98
C GLY E 81 -8.36 -10.47 23.58
N ASP E 82 -9.51 -9.83 23.63
CA ASP E 82 -10.73 -10.50 23.23
C ASP E 82 -11.28 -9.86 21.97
N ALA E 83 -11.06 -10.56 20.87
CA ALA E 83 -11.64 -10.23 19.58
C ALA E 83 -11.30 -11.32 18.58
N SER E 84 -12.13 -11.48 17.57
CA SER E 84 -11.88 -12.46 16.53
C SER E 84 -11.65 -11.75 15.21
N VAL E 85 -10.53 -12.07 14.57
CA VAL E 85 -10.13 -11.35 13.36
C VAL E 85 -9.99 -12.27 12.17
N SER E 86 -10.08 -11.68 11.00
CA SER E 86 -9.80 -12.39 9.78
C SER E 86 -8.61 -11.74 9.10
N LEU E 87 -7.55 -12.48 8.92
CA LEU E 87 -6.45 -12.01 8.10
C LEU E 87 -6.69 -12.42 6.68
N LEU E 88 -6.29 -11.58 5.78
CA LEU E 88 -6.50 -11.83 4.38
C LEU E 88 -5.18 -11.63 3.65
N GLY E 89 -4.94 -12.47 2.68
CA GLY E 89 -3.70 -12.40 1.94
C GLY E 89 -3.74 -13.20 0.67
N TYR E 90 -2.57 -13.40 0.07
CA TYR E 90 -2.48 -14.18 -1.15
C TYR E 90 -1.13 -14.89 -1.28
N LEU E 91 -1.23 -16.17 -1.55
CA LEU E 91 -0.11 -17.04 -1.78
C LEU E 91 0.62 -16.66 -3.06
N HIS E 92 1.94 -16.74 -3.03
CA HIS E 92 2.75 -16.42 -4.19
C HIS E 92 2.81 -17.60 -5.14
N ASP E 93 2.15 -17.45 -6.27
CA ASP E 93 2.15 -18.48 -7.31
C ASP E 93 2.43 -17.82 -8.65
N ILE E 94 2.60 -18.61 -9.68
CA ILE E 94 2.98 -18.09 -10.99
C ILE E 94 2.29 -18.84 -12.13
N ASP E 95 1.27 -19.62 -11.80
CA ASP E 95 0.53 -20.34 -12.82
C ASP E 95 -0.42 -19.40 -13.54
N SER E 96 0.09 -18.77 -14.58
CA SER E 96 -0.70 -17.84 -15.37
C SER E 96 -1.41 -18.62 -16.48
N GLY E 97 -2.43 -19.38 -16.10
CA GLY E 97 -3.15 -20.19 -17.06
C GLY E 97 -4.16 -19.39 -17.86
N SER E 98 -4.59 -19.96 -18.99
CA SER E 98 -5.56 -19.32 -19.88
C SER E 98 -5.00 -18.01 -20.45
N PHE A 1 5.21 -5.78 -28.18
CA PHE A 1 6.27 -6.06 -27.19
C PHE A 1 5.72 -5.94 -25.78
N GLN A 2 5.50 -4.71 -25.33
CA GLN A 2 4.92 -4.47 -24.01
C GLN A 2 3.45 -4.11 -24.17
N GLY A 3 2.64 -4.53 -23.22
CA GLY A 3 1.22 -4.29 -23.30
C GLY A 3 0.43 -5.36 -22.62
N ALA A 4 -0.90 -5.31 -22.79
CA ALA A 4 -1.81 -6.27 -22.17
C ALA A 4 -1.63 -6.28 -20.64
N MET A 5 -1.55 -5.08 -20.07
CA MET A 5 -1.38 -4.93 -18.63
C MET A 5 -2.66 -5.32 -17.90
N ALA A 6 -2.56 -5.37 -16.57
CA ALA A 6 -3.71 -5.68 -15.72
C ALA A 6 -4.88 -4.75 -16.03
N MET A 7 -6.04 -5.33 -16.21
CA MET A 7 -7.21 -4.57 -16.64
C MET A 7 -8.12 -4.23 -15.47
N PHE A 8 -8.63 -3.01 -15.49
CA PHE A 8 -9.49 -2.47 -14.44
C PHE A 8 -10.69 -3.36 -14.13
N TRP A 9 -11.03 -3.44 -12.86
CA TRP A 9 -12.12 -4.25 -12.36
C TRP A 9 -12.92 -3.43 -11.34
N GLY A 10 -14.22 -3.67 -11.27
CA GLY A 10 -15.06 -2.97 -10.32
C GLY A 10 -16.22 -3.82 -9.85
N LEU A 11 -16.71 -3.55 -8.66
CA LEU A 11 -17.85 -4.28 -8.12
C LEU A 11 -18.79 -3.34 -7.35
N ASN A 12 -19.94 -3.08 -7.96
CA ASN A 12 -20.99 -2.31 -7.29
C ASN A 12 -21.77 -3.22 -6.35
N MET A 13 -21.48 -3.11 -5.07
CA MET A 13 -22.07 -3.99 -4.08
C MET A 13 -23.28 -3.34 -3.43
N LYS A 14 -24.36 -4.10 -3.37
CA LYS A 14 -25.59 -3.64 -2.75
C LYS A 14 -25.72 -4.22 -1.34
N PRO A 15 -26.30 -3.44 -0.42
CA PRO A 15 -26.38 -3.81 1.02
C PRO A 15 -27.07 -5.15 1.25
N GLU A 16 -26.37 -6.04 1.95
CA GLU A 16 -26.88 -7.36 2.32
C GLU A 16 -27.24 -8.19 1.10
N ARG A 17 -26.32 -8.23 0.14
CA ARG A 17 -26.43 -9.12 -1.00
C ARG A 17 -25.23 -10.05 -1.06
N LYS A 18 -25.48 -11.31 -1.38
CA LYS A 18 -24.40 -12.29 -1.49
C LYS A 18 -24.20 -12.72 -2.93
N TYR A 19 -23.01 -12.48 -3.46
CA TYR A 19 -22.68 -12.92 -4.80
C TYR A 19 -21.64 -14.02 -4.74
N SER A 20 -22.07 -15.26 -4.94
CA SER A 20 -21.15 -16.37 -5.02
C SER A 20 -20.68 -16.53 -6.47
N GLN A 21 -19.51 -16.00 -6.76
CA GLN A 21 -19.06 -15.88 -8.14
C GLN A 21 -17.80 -16.69 -8.40
N THR A 22 -17.72 -17.23 -9.61
CA THR A 22 -16.56 -18.00 -10.04
C THR A 22 -15.60 -17.08 -10.79
N ILE A 23 -14.31 -17.31 -10.61
CA ILE A 23 -13.30 -16.44 -11.17
C ILE A 23 -12.84 -16.93 -12.53
N ILE A 24 -13.01 -16.08 -13.54
CA ILE A 24 -12.60 -16.40 -14.90
C ILE A 24 -11.10 -16.18 -15.03
N LYS A 25 -10.67 -14.98 -14.65
CA LYS A 25 -9.26 -14.64 -14.63
C LYS A 25 -8.90 -14.00 -13.30
N SER A 26 -7.75 -14.42 -12.76
CA SER A 26 -7.27 -13.98 -11.45
C SER A 26 -7.24 -12.46 -11.36
N PHE A 27 -7.60 -11.91 -10.21
CA PHE A 27 -7.67 -10.46 -10.08
C PHE A 27 -7.36 -9.97 -8.68
N HIS A 28 -6.97 -8.71 -8.62
CA HIS A 28 -6.66 -8.05 -7.36
C HIS A 28 -7.71 -7.00 -7.06
N ILE A 29 -8.28 -7.05 -5.88
CA ILE A 29 -9.15 -5.97 -5.42
C ILE A 29 -8.33 -5.04 -4.55
N SER A 30 -8.51 -3.75 -4.71
CA SER A 30 -7.63 -2.80 -4.06
C SER A 30 -8.40 -1.81 -3.19
N GLY A 31 -9.71 -1.66 -3.44
CA GLY A 31 -10.48 -0.73 -2.64
C GLY A 31 -11.95 -1.08 -2.57
N VAL A 32 -12.59 -0.59 -1.52
CA VAL A 32 -14.03 -0.69 -1.35
C VAL A 32 -14.53 0.55 -0.61
N ALA A 33 -15.48 1.28 -1.19
CA ALA A 33 -15.92 2.54 -0.60
C ALA A 33 -17.42 2.76 -0.80
N LEU A 34 -18.01 3.56 0.07
CA LEU A 34 -19.44 3.86 -0.03
C LEU A 34 -19.69 5.34 -0.20
N ASP A 35 -20.65 5.63 -1.05
CA ASP A 35 -21.13 6.99 -1.25
C ASP A 35 -22.47 7.15 -0.57
N LYS A 36 -23.40 6.27 -0.90
CA LYS A 36 -24.63 6.17 -0.15
C LYS A 36 -24.57 4.95 0.75
N GLY A 37 -24.84 5.14 2.03
CA GLY A 37 -24.86 4.01 2.94
C GLY A 37 -24.50 4.38 4.35
N GLN A 38 -24.95 3.56 5.30
CA GLN A 38 -24.66 3.77 6.70
C GLN A 38 -23.57 2.82 7.19
N GLU A 39 -23.67 1.55 6.80
CA GLU A 39 -22.64 0.57 7.15
C GLU A 39 -22.60 -0.55 6.14
N ALA A 40 -21.42 -0.81 5.59
CA ALA A 40 -21.23 -2.00 4.78
C ALA A 40 -20.08 -2.82 5.34
N LYS A 41 -20.40 -3.98 5.85
CA LYS A 41 -19.38 -4.88 6.35
C LYS A 41 -19.04 -5.88 5.26
N LEU A 42 -17.87 -5.72 4.66
CA LEU A 42 -17.50 -6.54 3.52
C LEU A 42 -17.00 -7.88 3.98
N TYR A 43 -17.72 -8.92 3.63
CA TYR A 43 -17.34 -10.28 3.95
C TYR A 43 -17.19 -11.07 2.68
N LEU A 44 -16.17 -11.89 2.62
CA LEU A 44 -16.03 -12.81 1.52
C LEU A 44 -15.91 -14.22 2.05
N ALA A 45 -16.65 -15.12 1.47
CA ALA A 45 -16.60 -16.50 1.88
C ALA A 45 -15.99 -17.36 0.78
N ALA A 46 -14.82 -17.89 1.07
CA ALA A 46 -14.11 -18.75 0.14
C ALA A 46 -13.81 -20.09 0.81
N GLU A 47 -14.00 -21.18 0.07
CA GLU A 47 -13.86 -22.52 0.63
C GLU A 47 -14.85 -22.73 1.77
N LYS A 48 -15.99 -22.04 1.67
CA LYS A 48 -17.03 -22.06 2.70
C LYS A 48 -16.51 -21.48 4.02
N GLN A 49 -15.63 -20.50 3.93
CA GLN A 49 -15.09 -19.85 5.11
C GLN A 49 -15.34 -18.35 5.04
N GLU A 50 -15.88 -17.79 6.11
CA GLU A 50 -16.25 -16.39 6.14
C GLU A 50 -15.05 -15.52 6.54
N TYR A 51 -14.71 -14.58 5.70
CA TYR A 51 -13.66 -13.62 6.01
C TYR A 51 -14.20 -12.21 6.06
N ILE A 52 -13.89 -11.48 7.12
CA ILE A 52 -14.21 -10.06 7.17
C ILE A 52 -13.15 -9.29 6.39
N VAL A 53 -13.53 -8.87 5.20
CA VAL A 53 -12.60 -8.29 4.25
C VAL A 53 -12.31 -6.84 4.61
N ALA A 54 -13.37 -6.08 4.85
CA ALA A 54 -13.22 -4.67 5.16
C ALA A 54 -14.46 -4.14 5.88
N THR A 55 -14.25 -3.20 6.78
CA THR A 55 -15.37 -2.55 7.43
C THR A 55 -15.46 -1.12 6.93
N VAL A 56 -16.38 -0.88 6.02
CA VAL A 56 -16.53 0.43 5.43
C VAL A 56 -17.90 1.01 5.81
N THR A 57 -17.88 2.10 6.55
CA THR A 57 -19.09 2.65 7.10
C THR A 57 -19.33 4.08 6.66
N LYS A 58 -20.42 4.65 7.14
CA LYS A 58 -20.69 6.07 6.96
C LYS A 58 -19.58 6.90 7.61
N ALA A 59 -18.97 6.34 8.64
CA ALA A 59 -17.88 6.99 9.35
C ALA A 59 -16.54 6.76 8.63
N ILE A 60 -16.36 5.54 8.16
CA ILE A 60 -15.19 5.19 7.36
C ILE A 60 -15.66 4.95 5.91
N PRO A 61 -15.78 6.04 5.12
CA PRO A 61 -16.45 5.99 3.82
C PRO A 61 -15.67 5.24 2.75
N GLN A 62 -14.50 4.73 3.11
CA GLN A 62 -13.64 4.07 2.14
C GLN A 62 -12.60 3.21 2.84
N VAL A 63 -12.47 1.98 2.38
CA VAL A 63 -11.42 1.08 2.83
C VAL A 63 -10.54 0.67 1.65
N ALA A 64 -9.23 0.75 1.83
CA ALA A 64 -8.30 0.32 0.80
C ALA A 64 -7.57 -0.95 1.25
N LEU A 65 -7.84 -2.04 0.56
CA LEU A 65 -7.27 -3.33 0.92
C LEU A 65 -6.43 -3.92 -0.22
N ASP A 66 -5.71 -4.98 0.07
CA ASP A 66 -4.96 -5.69 -0.95
C ASP A 66 -5.48 -7.12 -1.05
N LEU A 67 -6.34 -7.36 -2.03
CA LEU A 67 -6.91 -8.68 -2.26
C LEU A 67 -6.40 -9.24 -3.57
N ASN A 68 -6.18 -10.53 -3.61
CA ASN A 68 -5.81 -11.18 -4.86
C ASN A 68 -6.35 -12.60 -4.89
N PHE A 69 -7.19 -12.87 -5.87
CA PHE A 69 -7.80 -14.17 -6.01
C PHE A 69 -7.33 -14.86 -7.29
N SER A 70 -7.34 -16.18 -7.28
CA SER A 70 -6.88 -16.95 -8.42
C SER A 70 -8.08 -17.49 -9.20
N LYS A 71 -7.91 -17.64 -10.51
CA LYS A 71 -9.01 -18.05 -11.39
C LYS A 71 -9.35 -19.53 -11.26
N GLY A 72 -8.78 -20.18 -10.27
CA GLY A 72 -9.09 -21.57 -10.02
C GLY A 72 -10.07 -21.72 -8.87
N ASP A 73 -10.23 -20.65 -8.09
CA ASP A 73 -11.07 -20.69 -6.90
C ASP A 73 -12.43 -20.04 -7.17
N ARG A 74 -13.35 -20.18 -6.23
CA ARG A 74 -14.69 -19.60 -6.34
C ARG A 74 -15.09 -19.01 -4.99
N ILE A 75 -15.40 -17.73 -4.99
CA ILE A 75 -15.61 -17.01 -3.75
C ILE A 75 -16.96 -16.32 -3.72
N MET A 76 -17.43 -15.96 -2.53
CA MET A 76 -18.64 -15.19 -2.40
C MET A 76 -18.33 -13.83 -1.82
N PHE A 77 -18.78 -12.79 -2.46
CA PHE A 77 -18.58 -11.46 -1.96
C PHE A 77 -19.91 -10.90 -1.50
N TYR A 78 -19.95 -10.40 -0.27
CA TYR A 78 -21.19 -9.91 0.28
C TYR A 78 -20.96 -8.88 1.38
N THR A 79 -21.96 -8.06 1.61
CA THR A 79 -21.87 -7.03 2.64
C THR A 79 -23.03 -7.15 3.62
N ALA A 80 -22.73 -6.86 4.88
CA ALA A 80 -23.74 -6.81 5.91
C ALA A 80 -23.99 -5.36 6.31
N GLY A 81 -25.17 -5.09 6.86
CA GLY A 81 -25.53 -3.73 7.20
C GLY A 81 -26.25 -3.07 6.06
N ASP A 82 -26.42 -1.75 6.11
CA ASP A 82 -27.03 -1.06 5.00
C ASP A 82 -26.11 0.04 4.49
N ALA A 83 -25.48 -0.27 3.38
CA ALA A 83 -24.72 0.69 2.59
C ALA A 83 -24.35 0.06 1.26
N SER A 84 -24.20 0.87 0.24
CA SER A 84 -23.82 0.37 -1.07
C SER A 84 -22.39 0.77 -1.38
N VAL A 85 -21.55 -0.21 -1.65
CA VAL A 85 -20.13 0.05 -1.81
C VAL A 85 -19.64 -0.35 -3.17
N SER A 86 -18.68 0.39 -3.66
CA SER A 86 -18.06 0.08 -4.93
C SER A 86 -16.65 -0.38 -4.69
N LEU A 87 -16.35 -1.61 -5.10
CA LEU A 87 -15.00 -2.11 -5.02
C LEU A 87 -14.28 -1.83 -6.30
N LEU A 88 -12.98 -1.67 -6.20
CA LEU A 88 -12.16 -1.37 -7.33
C LEU A 88 -10.94 -2.28 -7.32
N GLY A 89 -10.56 -2.74 -8.50
CA GLY A 89 -9.46 -3.66 -8.61
C GLY A 89 -8.96 -3.78 -10.02
N TYR A 90 -8.14 -4.80 -10.28
CA TYR A 90 -7.65 -5.07 -11.62
C TYR A 90 -7.32 -6.54 -11.82
N LEU A 91 -7.80 -7.06 -12.94
CA LEU A 91 -7.54 -8.43 -13.36
C LEU A 91 -6.08 -8.61 -13.71
N HIS A 92 -5.51 -9.74 -13.32
CA HIS A 92 -4.09 -10.01 -13.48
C HIS A 92 -3.70 -10.27 -14.93
N ASP A 93 -2.92 -9.35 -15.48
CA ASP A 93 -2.31 -9.51 -16.79
C ASP A 93 -0.91 -8.92 -16.75
N ILE A 94 0.04 -9.63 -17.34
CA ILE A 94 1.44 -9.21 -17.28
C ILE A 94 1.71 -8.09 -18.29
N ASP A 95 2.60 -7.18 -17.89
CA ASP A 95 2.95 -6.00 -18.70
C ASP A 95 3.66 -6.38 -19.99
N SER A 96 4.04 -7.66 -20.10
CA SER A 96 4.72 -8.18 -21.28
C SER A 96 6.10 -7.53 -21.42
N GLY A 97 6.66 -7.58 -22.63
CA GLY A 97 7.98 -7.02 -22.86
C GLY A 97 9.07 -8.03 -22.59
N SER A 98 9.14 -8.49 -21.36
CA SER A 98 10.09 -9.53 -20.98
C SER A 98 9.56 -10.90 -21.39
N PHE B 1 20.15 -1.50 -21.12
CA PHE B 1 19.80 -2.73 -20.39
C PHE B 1 18.57 -2.49 -19.53
N GLN B 2 18.74 -1.79 -18.42
CA GLN B 2 17.63 -1.44 -17.55
C GLN B 2 17.23 0.00 -17.77
N GLY B 3 15.95 0.29 -17.67
CA GLY B 3 15.46 1.63 -17.92
C GLY B 3 14.05 1.61 -18.45
N ALA B 4 13.58 2.79 -18.88
CA ALA B 4 12.22 2.95 -19.39
C ALA B 4 11.20 2.50 -18.35
N MET B 5 11.42 2.90 -17.10
CA MET B 5 10.52 2.55 -16.01
C MET B 5 9.19 3.28 -16.14
N ALA B 6 8.24 2.91 -15.29
CA ALA B 6 6.93 3.55 -15.26
C ALA B 6 7.06 5.05 -15.10
N MET B 7 6.36 5.79 -15.94
CA MET B 7 6.52 7.24 -15.99
C MET B 7 5.39 7.94 -15.22
N PHE B 8 5.79 8.98 -14.49
CA PHE B 8 4.88 9.76 -13.65
C PHE B 8 3.65 10.27 -14.40
N TRP B 9 2.51 10.24 -13.71
CA TRP B 9 1.23 10.67 -14.24
C TRP B 9 0.53 11.55 -13.22
N GLY B 10 -0.25 12.51 -13.68
CA GLY B 10 -0.99 13.35 -12.78
C GLY B 10 -2.29 13.84 -13.38
N LEU B 11 -3.26 14.14 -12.54
CA LEU B 11 -4.57 14.62 -13.00
C LEU B 11 -5.09 15.73 -12.08
N ASN B 12 -5.06 16.95 -12.60
CA ASN B 12 -5.65 18.08 -11.90
C ASN B 12 -7.15 18.11 -12.13
N MET B 13 -7.91 17.65 -11.14
CA MET B 13 -9.34 17.50 -11.27
C MET B 13 -10.07 18.72 -10.70
N LYS B 14 -10.99 19.23 -11.48
CA LYS B 14 -11.80 20.38 -11.07
C LYS B 14 -13.17 19.90 -10.60
N PRO B 15 -13.73 20.60 -9.60
CA PRO B 15 -15.00 20.20 -8.95
C PRO B 15 -16.16 20.06 -9.93
N GLU B 16 -16.78 18.88 -9.91
CA GLU B 16 -17.94 18.59 -10.75
C GLU B 16 -17.62 18.72 -12.24
N ARG B 17 -16.53 18.12 -12.64
CA ARG B 17 -16.19 18.01 -14.05
C ARG B 17 -16.04 16.55 -14.43
N LYS B 18 -16.55 16.19 -15.61
CA LYS B 18 -16.44 14.82 -16.08
C LYS B 18 -15.53 14.73 -17.28
N TYR B 19 -14.46 13.95 -17.15
CA TYR B 19 -13.54 13.73 -18.25
C TYR B 19 -13.65 12.29 -18.72
N SER B 20 -14.32 12.08 -19.84
CA SER B 20 -14.37 10.76 -20.44
C SER B 20 -13.19 10.59 -21.37
N GLN B 21 -12.16 9.92 -20.89
CA GLN B 21 -10.87 9.87 -21.58
C GLN B 21 -10.49 8.45 -22.00
N THR B 22 -9.86 8.37 -23.16
CA THR B 22 -9.37 7.11 -23.68
C THR B 22 -7.92 6.90 -23.26
N ILE B 23 -7.56 5.66 -22.96
CA ILE B 23 -6.24 5.36 -22.44
C ILE B 23 -5.28 5.00 -23.57
N ILE B 24 -4.21 5.77 -23.67
CA ILE B 24 -3.17 5.54 -24.67
C ILE B 24 -2.26 4.41 -24.19
N LYS B 25 -1.75 4.57 -22.99
CA LYS B 25 -0.93 3.54 -22.36
C LYS B 25 -1.42 3.28 -20.94
N SER B 26 -1.47 1.99 -20.59
CA SER B 26 -1.99 1.55 -19.30
C SER B 26 -1.28 2.26 -18.15
N PHE B 27 -2.01 2.60 -17.10
CA PHE B 27 -1.42 3.37 -16.01
C PHE B 27 -2.06 3.06 -14.67
N HIS B 28 -1.30 3.35 -13.63
CA HIS B 28 -1.74 3.15 -12.26
C HIS B 28 -1.92 4.51 -11.59
N ILE B 29 -3.09 4.72 -11.00
CA ILE B 29 -3.29 5.89 -10.17
C ILE B 29 -3.08 5.49 -8.72
N SER B 30 -2.39 6.31 -7.96
CA SER B 30 -1.99 5.92 -6.62
C SER B 30 -2.50 6.89 -5.56
N GLY B 31 -2.85 8.11 -5.95
CA GLY B 31 -3.33 9.06 -4.98
C GLY B 31 -4.24 10.11 -5.56
N VAL B 32 -5.07 10.68 -4.70
CA VAL B 32 -5.92 11.82 -5.04
C VAL B 32 -6.08 12.71 -3.79
N ALA B 33 -5.74 13.99 -3.91
CA ALA B 33 -5.75 14.86 -2.74
C ALA B 33 -6.19 16.27 -3.11
N LEU B 34 -6.71 17.00 -2.12
CA LEU B 34 -7.16 18.37 -2.36
C LEU B 34 -6.42 19.35 -1.48
N ASP B 35 -6.10 20.48 -2.08
CA ASP B 35 -5.50 21.60 -1.37
C ASP B 35 -6.55 22.68 -1.16
N LYS B 36 -7.18 23.08 -2.25
CA LYS B 36 -8.37 23.93 -2.17
C LYS B 36 -9.60 23.08 -2.42
N GLY B 37 -10.57 23.15 -1.52
CA GLY B 37 -11.79 22.42 -1.74
C GLY B 37 -12.47 22.01 -0.45
N GLN B 38 -13.78 21.80 -0.54
CA GLN B 38 -14.57 21.37 0.61
C GLN B 38 -14.88 19.88 0.53
N GLU B 39 -15.28 19.41 -0.65
CA GLU B 39 -15.54 17.99 -0.85
C GLU B 39 -15.33 17.59 -2.30
N ALA B 40 -14.51 16.58 -2.54
CA ALA B 40 -14.43 15.99 -3.85
C ALA B 40 -14.70 14.50 -3.76
N LYS B 41 -15.81 14.08 -4.34
CA LYS B 41 -16.14 12.68 -4.39
C LYS B 41 -15.68 12.12 -5.72
N LEU B 42 -14.62 11.33 -5.69
CA LEU B 42 -14.00 10.85 -6.92
C LEU B 42 -14.77 9.66 -7.44
N TYR B 43 -15.38 9.82 -8.60
CA TYR B 43 -16.10 8.76 -9.26
C TYR B 43 -15.50 8.49 -10.62
N LEU B 44 -15.39 7.24 -10.96
CA LEU B 44 -14.98 6.89 -12.30
C LEU B 44 -16.01 5.98 -12.92
N ALA B 45 -16.38 6.27 -14.14
CA ALA B 45 -17.35 5.46 -14.84
C ALA B 45 -16.68 4.74 -16.00
N ALA B 46 -16.61 3.42 -15.89
CA ALA B 46 -16.02 2.59 -16.92
C ALA B 46 -17.04 1.54 -17.35
N GLU B 47 -17.13 1.30 -18.66
CA GLU B 47 -18.14 0.40 -19.22
C GLU B 47 -19.54 0.90 -18.87
N LYS B 48 -19.66 2.23 -18.75
CA LYS B 48 -20.91 2.89 -18.37
C LYS B 48 -21.34 2.48 -16.96
N GLN B 49 -20.37 2.23 -16.09
CA GLN B 49 -20.66 1.85 -14.72
C GLN B 49 -19.98 2.82 -13.76
N GLU B 50 -20.74 3.35 -12.80
CA GLU B 50 -20.23 4.36 -11.88
C GLU B 50 -19.55 3.70 -10.69
N TYR B 51 -18.28 4.04 -10.48
CA TYR B 51 -17.55 3.57 -9.32
C TYR B 51 -17.13 4.72 -8.43
N ILE B 52 -17.41 4.61 -7.14
CA ILE B 52 -16.89 5.57 -6.18
C ILE B 52 -15.44 5.22 -5.86
N VAL B 53 -14.54 5.99 -6.44
CA VAL B 53 -13.12 5.69 -6.40
C VAL B 53 -12.52 6.10 -5.07
N ALA B 54 -12.81 7.32 -4.64
CA ALA B 54 -12.28 7.84 -3.40
C ALA B 54 -13.11 8.98 -2.88
N THR B 55 -13.21 9.10 -1.57
CA THR B 55 -13.88 10.24 -0.97
C THR B 55 -12.85 11.13 -0.31
N VAL B 56 -12.50 12.21 -0.98
CA VAL B 56 -11.49 13.11 -0.47
C VAL B 56 -12.11 14.46 -0.17
N THR B 57 -12.10 14.84 1.09
CA THR B 57 -12.80 16.02 1.52
C THR B 57 -11.88 17.03 2.20
N LYS B 58 -12.45 18.13 2.64
CA LYS B 58 -11.75 19.11 3.44
C LYS B 58 -11.29 18.47 4.75
N ALA B 59 -12.03 17.45 5.18
CA ALA B 59 -11.71 16.71 6.40
C ALA B 59 -10.69 15.61 6.12
N ILE B 60 -10.86 14.95 4.98
CA ILE B 60 -9.90 13.96 4.52
C ILE B 60 -9.18 14.52 3.29
N PRO B 61 -8.13 15.33 3.51
CA PRO B 61 -7.51 16.13 2.45
C PRO B 61 -6.73 15.31 1.43
N GLN B 62 -6.70 14.01 1.61
CA GLN B 62 -5.92 13.14 0.74
C GLN B 62 -6.37 11.69 0.85
N VAL B 63 -6.58 11.07 -0.30
CA VAL B 63 -6.86 9.64 -0.35
C VAL B 63 -5.80 8.94 -1.20
N ALA B 64 -5.28 7.84 -0.68
CA ALA B 64 -4.30 7.05 -1.41
C ALA B 64 -4.91 5.72 -1.82
N LEU B 65 -5.08 5.54 -3.13
CA LEU B 65 -5.71 4.33 -3.65
C LEU B 65 -4.79 3.58 -4.60
N ASP B 66 -5.19 2.38 -4.97
CA ASP B 66 -4.45 1.61 -5.95
C ASP B 66 -5.33 1.34 -7.17
N LEU B 67 -5.13 2.14 -8.20
CA LEU B 67 -5.89 2.01 -9.44
C LEU B 67 -4.98 1.58 -10.56
N ASN B 68 -5.47 0.75 -11.45
CA ASN B 68 -4.71 0.38 -12.62
C ASN B 68 -5.65 0.13 -13.79
N PHE B 69 -5.46 0.90 -14.84
CA PHE B 69 -6.31 0.80 -16.03
C PHE B 69 -5.49 0.31 -17.21
N SER B 70 -6.16 -0.34 -18.16
CA SER B 70 -5.49 -0.87 -19.34
C SER B 70 -5.76 0.02 -20.54
N LYS B 71 -4.80 0.08 -21.46
CA LYS B 71 -4.87 0.99 -22.60
C LYS B 71 -5.86 0.50 -23.67
N GLY B 72 -6.63 -0.51 -23.33
CA GLY B 72 -7.66 -0.98 -24.24
C GLY B 72 -9.04 -0.46 -23.84
N ASP B 73 -9.15 0.05 -22.63
CA ASP B 73 -10.43 0.50 -22.09
C ASP B 73 -10.54 2.02 -22.17
N ARG B 74 -11.74 2.53 -21.89
CA ARG B 74 -11.99 3.96 -21.90
C ARG B 74 -12.87 4.33 -20.72
N ILE B 75 -12.38 5.23 -19.87
CA ILE B 75 -13.03 5.50 -18.61
C ILE B 75 -13.34 6.99 -18.45
N MET B 76 -14.25 7.31 -17.55
CA MET B 76 -14.52 8.71 -17.24
C MET B 76 -14.14 8.98 -15.81
N PHE B 77 -13.35 10.03 -15.62
CA PHE B 77 -12.97 10.42 -14.28
C PHE B 77 -13.65 11.72 -13.93
N TYR B 78 -14.32 11.75 -12.78
CA TYR B 78 -15.05 12.93 -12.40
C TYR B 78 -15.24 13.02 -10.90
N THR B 79 -15.47 14.23 -10.41
CA THR B 79 -15.67 14.46 -9.00
C THR B 79 -16.99 15.18 -8.74
N ALA B 80 -17.62 14.81 -7.64
CA ALA B 80 -18.82 15.49 -7.19
C ALA B 80 -18.51 16.34 -5.96
N GLY B 81 -19.33 17.34 -5.72
CA GLY B 81 -19.08 18.26 -4.62
C GLY B 81 -18.25 19.43 -5.09
N ASP B 82 -17.71 20.21 -4.16
CA ASP B 82 -16.84 21.31 -4.56
C ASP B 82 -15.49 21.18 -3.88
N ALA B 83 -14.53 20.72 -4.66
CA ALA B 83 -13.13 20.71 -4.29
C ALA B 83 -12.30 20.36 -5.50
N SER B 84 -11.07 20.84 -5.55
CA SER B 84 -10.19 20.54 -6.67
C SER B 84 -9.09 19.60 -6.21
N VAL B 85 -9.00 18.45 -6.85
CA VAL B 85 -8.08 17.42 -6.41
C VAL B 85 -7.05 17.08 -7.46
N SER B 86 -5.88 16.74 -7.00
CA SER B 86 -4.82 16.32 -7.88
C SER B 86 -4.57 14.84 -7.68
N LEU B 87 -4.74 14.07 -8.74
CA LEU B 87 -4.40 12.67 -8.69
C LEU B 87 -2.99 12.47 -9.14
N LEU B 88 -2.38 11.43 -8.62
CA LEU B 88 -1.02 11.11 -8.93
C LEU B 88 -0.91 9.64 -9.25
N GLY B 89 -0.10 9.32 -10.25
CA GLY B 89 0.04 7.95 -10.68
C GLY B 89 1.24 7.76 -11.57
N TYR B 90 1.31 6.62 -12.25
CA TYR B 90 2.39 6.35 -13.18
C TYR B 90 1.96 5.37 -14.27
N LEU B 91 2.29 5.74 -15.49
CA LEU B 91 2.03 4.93 -16.68
C LEU B 91 2.89 3.67 -16.64
N HIS B 92 2.31 2.55 -17.05
CA HIS B 92 2.97 1.25 -16.96
C HIS B 92 4.07 1.09 -18.00
N ASP B 93 5.29 1.00 -17.50
CA ASP B 93 6.46 0.67 -18.31
C ASP B 93 7.38 -0.21 -17.50
N ILE B 94 7.90 -1.26 -18.13
CA ILE B 94 8.74 -2.24 -17.43
C ILE B 94 10.15 -1.71 -17.22
N ASP B 95 10.73 -2.09 -16.08
CA ASP B 95 12.06 -1.63 -15.68
C ASP B 95 13.16 -2.15 -16.61
N SER B 96 12.77 -3.08 -17.49
CA SER B 96 13.70 -3.68 -18.45
C SER B 96 14.78 -4.49 -17.72
N GLY B 97 15.89 -4.75 -18.40
CA GLY B 97 16.95 -5.53 -17.80
C GLY B 97 16.77 -7.00 -18.06
N SER B 98 15.67 -7.54 -17.57
CA SER B 98 15.33 -8.93 -17.80
C SER B 98 14.69 -9.10 -19.19
N PHE C 1 24.20 -13.39 -9.59
CA PHE C 1 22.88 -13.84 -10.09
C PHE C 1 21.79 -12.87 -9.68
N GLN C 2 21.42 -12.90 -8.41
CA GLN C 2 20.42 -11.97 -7.89
C GLN C 2 21.12 -10.87 -7.11
N GLY C 3 20.58 -9.67 -7.17
CA GLY C 3 21.19 -8.54 -6.50
C GLY C 3 20.91 -7.25 -7.23
N ALA C 4 21.58 -6.18 -6.79
CA ALA C 4 21.39 -4.85 -7.36
C ALA C 4 19.93 -4.42 -7.27
N MET C 5 19.32 -4.67 -6.11
CA MET C 5 17.92 -4.31 -5.90
C MET C 5 17.75 -2.80 -5.81
N ALA C 6 16.50 -2.36 -5.76
CA ALA C 6 16.18 -0.95 -5.64
C ALA C 6 16.87 -0.34 -4.42
N MET C 7 17.52 0.79 -4.63
CA MET C 7 18.34 1.39 -3.59
C MET C 7 17.61 2.53 -2.88
N PHE C 8 17.77 2.57 -1.56
CA PHE C 8 17.11 3.54 -0.69
C PHE C 8 17.34 4.99 -1.15
N TRP C 9 16.29 5.80 -1.00
CA TRP C 9 16.28 7.20 -1.39
C TRP C 9 15.63 8.01 -0.28
N GLY C 10 16.08 9.24 -0.09
CA GLY C 10 15.49 10.11 0.90
C GLY C 10 15.55 11.56 0.50
N LEU C 11 14.63 12.35 1.01
CA LEU C 11 14.59 13.79 0.73
C LEU C 11 14.24 14.59 1.97
N ASN C 12 15.21 15.28 2.52
CA ASN C 12 14.99 16.20 3.62
C ASN C 12 14.46 17.52 3.09
N MET C 13 13.16 17.72 3.22
CA MET C 13 12.50 18.89 2.66
C MET C 13 12.36 19.98 3.70
N LYS C 14 12.74 21.18 3.31
CA LYS C 14 12.63 22.35 4.18
C LYS C 14 11.40 23.17 3.80
N PRO C 15 10.75 23.78 4.80
CA PRO C 15 9.49 24.52 4.61
C PRO C 15 9.59 25.63 3.57
N GLU C 16 8.70 25.56 2.57
CA GLU C 16 8.61 26.57 1.52
C GLU C 16 9.91 26.67 0.72
N ARG C 17 10.43 25.53 0.33
CA ARG C 17 11.57 25.48 -0.58
C ARG C 17 11.20 24.70 -1.83
N LYS C 18 11.63 25.20 -2.99
CA LYS C 18 11.35 24.54 -4.25
C LYS C 18 12.61 23.96 -4.86
N TYR C 19 12.63 22.65 -5.03
CA TYR C 19 13.75 21.99 -5.68
C TYR C 19 13.33 21.46 -7.04
N SER C 20 13.74 22.14 -8.09
CA SER C 20 13.50 21.67 -9.43
C SER C 20 14.66 20.78 -9.86
N GLN C 21 14.46 19.46 -9.75
CA GLN C 21 15.54 18.51 -9.90
C GLN C 21 15.32 17.57 -11.09
N THR C 22 16.43 17.22 -11.73
CA THR C 22 16.42 16.30 -12.85
C THR C 22 16.69 14.88 -12.34
N ILE C 23 16.03 13.91 -12.94
CA ILE C 23 16.12 12.53 -12.47
C ILE C 23 17.21 11.77 -13.20
N ILE C 24 18.18 11.28 -12.44
CA ILE C 24 19.28 10.50 -12.98
C ILE C 24 18.81 9.07 -13.24
N LYS C 25 18.25 8.47 -12.21
CA LYS C 25 17.67 7.14 -12.32
C LYS C 25 16.28 7.13 -11.71
N SER C 26 15.35 6.47 -12.40
CA SER C 26 13.94 6.41 -12.02
C SER C 26 13.79 5.94 -10.59
N PHE C 27 12.85 6.51 -9.85
CA PHE C 27 12.71 6.16 -8.44
C PHE C 27 11.28 6.27 -7.95
N HIS C 28 11.01 5.55 -6.87
CA HIS C 28 9.71 5.55 -6.22
C HIS C 28 9.80 6.23 -4.87
N ILE C 29 8.93 7.21 -4.64
CA ILE C 29 8.81 7.79 -3.31
C ILE C 29 7.65 7.10 -2.61
N SER C 30 7.82 6.78 -1.35
CA SER C 30 6.85 5.97 -0.65
C SER C 30 6.31 6.66 0.60
N GLY C 31 7.04 7.64 1.12
CA GLY C 31 6.57 8.32 2.31
C GLY C 31 7.08 9.74 2.43
N VAL C 32 6.33 10.54 3.19
CA VAL C 32 6.76 11.89 3.56
C VAL C 32 6.21 12.22 4.95
N ALA C 33 7.08 12.58 5.88
CA ALA C 33 6.67 12.79 7.27
C ALA C 33 7.42 13.94 7.91
N LEU C 34 6.81 14.54 8.94
CA LEU C 34 7.45 15.64 9.64
C LEU C 34 7.64 15.33 11.11
N ASP C 35 8.79 15.75 11.61
CA ASP C 35 9.11 15.65 13.01
C ASP C 35 9.00 17.03 13.64
N LYS C 36 9.70 17.99 13.07
CA LYS C 36 9.49 19.38 13.42
C LYS C 36 8.67 20.06 12.32
N GLY C 37 7.60 20.71 12.70
CA GLY C 37 6.82 21.43 11.73
C GLY C 37 5.36 21.53 12.09
N GLN C 38 4.70 22.55 11.54
CA GLN C 38 3.28 22.77 11.77
C GLN C 38 2.44 22.30 10.58
N GLU C 39 2.88 22.64 9.38
CA GLU C 39 2.21 22.20 8.16
C GLU C 39 3.18 22.13 6.99
N ALA C 40 3.23 20.99 6.34
CA ALA C 40 3.94 20.88 5.07
C ALA C 40 3.02 20.36 3.99
N LYS C 41 2.71 21.20 3.04
CA LYS C 41 1.89 20.79 1.92
C LYS C 41 2.80 20.40 0.78
N LEU C 42 2.90 19.12 0.51
CA LEU C 42 3.83 18.62 -0.48
C LEU C 42 3.27 18.77 -1.87
N TYR C 43 3.91 19.60 -2.67
CA TYR C 43 3.52 19.82 -4.03
C TYR C 43 4.67 19.46 -4.95
N LEU C 44 4.36 18.82 -6.04
CA LEU C 44 5.35 18.56 -7.05
C LEU C 44 4.86 19.11 -8.38
N ALA C 45 5.73 19.82 -9.06
CA ALA C 45 5.38 20.38 -10.34
C ALA C 45 6.19 19.70 -11.44
N ALA C 46 5.49 18.96 -12.29
CA ALA C 46 6.11 18.26 -13.41
C ALA C 46 5.43 18.68 -14.70
N GLU C 47 6.22 18.92 -15.74
CA GLU C 47 5.71 19.44 -17.00
C GLU C 47 5.05 20.79 -16.79
N LYS C 48 5.55 21.53 -15.80
CA LYS C 48 5.01 22.83 -15.40
C LYS C 48 3.58 22.69 -14.90
N GLN C 49 3.28 21.58 -14.25
CA GLN C 49 1.95 21.35 -13.70
C GLN C 49 2.06 21.06 -12.21
N GLU C 50 1.25 21.76 -11.42
CA GLU C 50 1.32 21.64 -9.96
C GLU C 50 0.45 20.49 -9.48
N TYR C 51 1.07 19.56 -8.76
CA TYR C 51 0.33 18.47 -8.16
C TYR C 51 0.44 18.51 -6.64
N ILE C 52 -0.69 18.41 -5.95
CA ILE C 52 -0.66 18.26 -4.51
C ILE C 52 -0.39 16.80 -4.17
N VAL C 53 0.84 16.54 -3.77
CA VAL C 53 1.33 15.19 -3.59
C VAL C 53 0.83 14.61 -2.27
N ALA C 54 1.00 15.37 -1.20
CA ALA C 54 0.60 14.93 0.12
C ALA C 54 0.39 16.10 1.06
N THR C 55 -0.56 15.97 1.97
CA THR C 55 -0.75 16.97 2.99
C THR C 55 -0.30 16.41 4.33
N VAL C 56 0.88 16.79 4.76
CA VAL C 56 1.44 16.28 5.99
C VAL C 56 1.59 17.42 6.99
N THR C 57 0.86 17.33 8.08
CA THR C 57 0.80 18.43 9.03
C THR C 57 1.24 18.02 10.42
N LYS C 58 1.19 18.96 11.34
CA LYS C 58 1.43 18.67 12.75
C LYS C 58 0.36 17.69 13.26
N ALA C 59 -0.81 17.73 12.62
CA ALA C 59 -1.92 16.84 12.97
C ALA C 59 -1.76 15.49 12.28
N ILE C 60 -1.34 15.54 11.02
CA ILE C 60 -1.03 14.34 10.25
C ILE C 60 0.47 14.26 10.06
N PRO C 61 1.21 13.74 11.04
CA PRO C 61 2.67 13.83 11.09
C PRO C 61 3.38 12.98 10.05
N GLN C 62 2.62 12.27 9.23
CA GLN C 62 3.19 11.36 8.25
C GLN C 62 2.18 10.99 7.18
N VAL C 63 2.60 11.10 5.93
CA VAL C 63 1.82 10.63 4.80
C VAL C 63 2.58 9.56 4.04
N ALA C 64 1.90 8.47 3.72
CA ALA C 64 2.50 7.40 2.94
C ALA C 64 1.86 7.34 1.56
N LEU C 65 2.64 7.65 0.54
CA LEU C 65 2.14 7.71 -0.82
C LEU C 65 2.89 6.75 -1.73
N ASP C 66 2.38 6.57 -2.93
CA ASP C 66 3.06 5.76 -3.94
C ASP C 66 3.41 6.62 -5.15
N LEU C 67 4.65 7.07 -5.19
CA LEU C 67 5.14 7.90 -6.29
C LEU C 67 6.17 7.14 -7.09
N ASN C 68 6.17 7.34 -8.39
CA ASN C 68 7.20 6.74 -9.22
C ASN C 68 7.49 7.66 -10.40
N PHE C 69 8.73 8.10 -10.50
CA PHE C 69 9.14 9.00 -11.56
C PHE C 69 10.16 8.31 -12.46
N SER C 70 10.22 8.75 -13.71
CA SER C 70 11.13 8.17 -14.68
C SER C 70 12.31 9.09 -14.90
N LYS C 71 13.47 8.49 -15.21
CA LYS C 71 14.72 9.24 -15.33
C LYS C 71 14.80 10.05 -16.62
N GLY C 72 13.68 10.13 -17.33
CA GLY C 72 13.62 10.96 -18.52
C GLY C 72 12.95 12.29 -18.25
N ASP C 73 12.26 12.38 -17.12
CA ASP C 73 11.49 13.58 -16.80
C ASP C 73 12.24 14.45 -15.80
N ARG C 74 11.74 15.65 -15.56
CA ARG C 74 12.33 16.58 -14.60
C ARG C 74 11.23 17.25 -13.81
N ILE C 75 11.30 17.13 -12.49
CA ILE C 75 10.20 17.54 -11.64
C ILE C 75 10.67 18.51 -10.56
N MET C 76 9.74 19.25 -9.98
CA MET C 76 10.08 20.10 -8.86
C MET C 76 9.36 19.63 -7.62
N PHE C 77 10.09 19.45 -6.55
CA PHE C 77 9.49 19.05 -5.29
C PHE C 77 9.56 20.19 -4.32
N TYR C 78 8.42 20.53 -3.74
CA TYR C 78 8.38 21.65 -2.83
C TYR C 78 7.24 21.54 -1.84
N THR C 79 7.38 22.25 -0.72
CA THR C 79 6.37 22.23 0.31
C THR C 79 5.91 23.64 0.64
N ALA C 80 4.63 23.77 0.94
CA ALA C 80 4.06 25.02 1.40
C ALA C 80 3.73 24.94 2.88
N GLY C 81 3.67 26.08 3.54
CA GLY C 81 3.45 26.10 4.97
C GLY C 81 4.76 26.07 5.72
N ASP C 82 4.72 25.82 7.03
CA ASP C 82 5.95 25.71 7.77
C ASP C 82 6.03 24.37 8.48
N ALA C 83 6.82 23.49 7.90
CA ALA C 83 7.21 22.23 8.49
C ALA C 83 8.32 21.62 7.67
N SER C 84 9.17 20.82 8.30
CA SER C 84 10.25 20.17 7.59
C SER C 84 9.96 18.68 7.51
N VAL C 85 9.91 18.16 6.29
CA VAL C 85 9.51 16.78 6.08
C VAL C 85 10.59 15.97 5.44
N SER C 86 10.64 14.71 5.79
CA SER C 86 11.58 13.79 5.21
C SER C 86 10.83 12.80 4.34
N LEU C 87 11.13 12.78 3.06
CA LEU C 87 10.55 11.79 2.18
C LEU C 87 11.45 10.58 2.12
N LEU C 88 10.84 9.45 1.87
CA LEU C 88 11.56 8.21 1.79
C LEU C 88 11.11 7.45 0.56
N GLY C 89 12.06 6.82 -0.10
CA GLY C 89 11.77 6.11 -1.33
C GLY C 89 12.89 5.18 -1.72
N TYR C 90 12.85 4.70 -2.95
CA TYR C 90 13.91 3.85 -3.47
C TYR C 90 14.02 3.94 -4.99
N LEU C 91 15.26 4.10 -5.43
CA LEU C 91 15.59 4.17 -6.85
C LEU C 91 15.35 2.80 -7.50
N HIS C 92 14.83 2.83 -8.72
CA HIS C 92 14.43 1.61 -9.42
C HIS C 92 15.62 0.81 -9.92
N ASP C 93 15.79 -0.36 -9.34
CA ASP C 93 16.76 -1.34 -9.79
C ASP C 93 16.18 -2.73 -9.66
N ILE C 94 16.36 -3.56 -10.67
CA ILE C 94 15.76 -4.89 -10.70
C ILE C 94 16.53 -5.87 -9.82
N ASP C 95 15.78 -6.78 -9.19
CA ASP C 95 16.35 -7.75 -8.26
C ASP C 95 17.27 -8.74 -8.95
N SER C 96 17.28 -8.70 -10.28
CA SER C 96 18.12 -9.58 -11.09
C SER C 96 17.70 -11.04 -10.92
N GLY C 97 18.59 -11.97 -11.24
CA GLY C 97 18.28 -13.38 -11.14
C GLY C 97 17.65 -13.91 -12.40
N SER C 98 16.50 -13.34 -12.75
CA SER C 98 15.82 -13.70 -13.99
C SER C 98 16.45 -12.96 -15.17
N PHE D 1 11.70 -25.14 -9.43
CA PHE D 1 11.21 -24.16 -10.44
C PHE D 1 10.90 -22.84 -9.76
N GLN D 2 9.77 -22.79 -9.05
CA GLN D 2 9.38 -21.60 -8.31
C GLN D 2 9.69 -21.79 -6.83
N GLY D 3 10.08 -20.72 -6.17
CA GLY D 3 10.44 -20.82 -4.77
C GLY D 3 11.48 -19.80 -4.39
N ALA D 4 11.99 -19.92 -3.17
CA ALA D 4 12.99 -18.99 -2.64
C ALA D 4 12.46 -17.56 -2.67
N MET D 5 11.20 -17.39 -2.25
CA MET D 5 10.56 -16.09 -2.22
C MET D 5 11.18 -15.21 -1.14
N ALA D 6 10.77 -13.94 -1.12
CA ALA D 6 11.22 -13.00 -0.12
C ALA D 6 10.96 -13.52 1.29
N MET D 7 11.98 -13.47 2.13
CA MET D 7 11.90 -14.06 3.45
C MET D 7 11.60 -13.02 4.53
N PHE D 8 10.74 -13.41 5.46
CA PHE D 8 10.28 -12.55 6.55
C PHE D 8 11.44 -11.92 7.33
N TRP D 9 11.24 -10.67 7.73
CA TRP D 9 12.22 -9.89 8.47
C TRP D 9 11.50 -9.16 9.60
N GLY D 10 12.18 -8.97 10.71
CA GLY D 10 11.61 -8.24 11.83
C GLY D 10 12.65 -7.49 12.62
N LEU D 11 12.24 -6.41 13.27
CA LEU D 11 13.15 -5.62 14.10
C LEU D 11 12.46 -5.17 15.39
N ASN D 12 12.87 -5.76 16.49
CA ASN D 12 12.41 -5.34 17.80
C ASN D 12 13.20 -4.13 18.26
N MET D 13 12.61 -2.96 18.14
CA MET D 13 13.29 -1.71 18.43
C MET D 13 13.00 -1.24 19.85
N LYS D 14 14.05 -0.90 20.56
CA LYS D 14 13.94 -0.41 21.92
C LYS D 14 14.06 1.11 21.95
N PRO D 15 13.33 1.77 22.85
CA PRO D 15 13.24 3.23 22.91
C PRO D 15 14.60 3.92 23.06
N GLU D 16 14.88 4.83 22.13
CA GLU D 16 16.11 5.63 22.13
C GLU D 16 17.35 4.75 22.04
N ARG D 17 17.32 3.82 21.10
CA ARG D 17 18.49 3.02 20.77
C ARG D 17 18.85 3.20 19.31
N LYS D 18 20.14 3.31 19.02
CA LYS D 18 20.60 3.46 17.65
C LYS D 18 21.35 2.24 17.17
N TYR D 19 20.83 1.61 16.12
CA TYR D 19 21.50 0.47 15.54
C TYR D 19 22.04 0.84 14.16
N SER D 20 23.34 1.05 14.08
CA SER D 20 23.97 1.29 12.80
C SER D 20 24.38 -0.05 12.18
N GLN D 21 23.56 -0.55 11.28
CA GLN D 21 23.69 -1.91 10.78
C GLN D 21 23.99 -1.95 9.28
N THR D 22 24.81 -2.93 8.91
CA THR D 22 25.16 -3.15 7.52
C THR D 22 24.22 -4.19 6.92
N ILE D 23 23.86 -4.00 5.66
CA ILE D 23 22.88 -4.84 5.01
C ILE D 23 23.56 -6.01 4.29
N ILE D 24 23.20 -7.22 4.68
CA ILE D 24 23.73 -8.42 4.06
C ILE D 24 22.99 -8.68 2.75
N LYS D 25 21.67 -8.72 2.85
CA LYS D 25 20.82 -8.87 1.68
C LYS D 25 19.72 -7.82 1.70
N SER D 26 19.46 -7.23 0.53
CA SER D 26 18.49 -6.15 0.38
C SER D 26 17.14 -6.56 0.93
N PHE D 27 16.44 -5.62 1.57
CA PHE D 27 15.18 -5.96 2.20
C PHE D 27 14.20 -4.80 2.21
N HIS D 28 12.93 -5.15 2.35
CA HIS D 28 11.85 -4.19 2.42
C HIS D 28 11.25 -4.19 3.81
N ILE D 29 11.15 -3.02 4.43
CA ILE D 29 10.41 -2.90 5.67
C ILE D 29 9.01 -2.41 5.34
N SER D 30 8.02 -2.97 5.99
CA SER D 30 6.64 -2.69 5.60
C SER D 30 5.82 -2.15 6.77
N GLY D 31 6.27 -2.38 8.00
CA GLY D 31 5.52 -1.89 9.12
C GLY D 31 6.36 -1.64 10.35
N VAL D 32 5.87 -0.77 11.22
CA VAL D 32 6.46 -0.52 12.53
C VAL D 32 5.34 -0.18 13.53
N ALA D 33 5.27 -0.93 14.63
CA ALA D 33 4.17 -0.75 15.56
C ALA D 33 4.61 -0.94 17.00
N LEU D 34 3.88 -0.34 17.94
CA LEU D 34 4.20 -0.48 19.35
C LEU D 34 3.07 -1.10 20.14
N ASP D 35 3.45 -1.96 21.06
CA ASP D 35 2.52 -2.56 21.98
C ASP D 35 2.68 -1.90 23.35
N LYS D 36 3.91 -1.90 23.84
CA LYS D 36 4.26 -1.10 25.01
C LYS D 36 5.01 0.14 24.56
N GLY D 37 4.55 1.30 24.99
CA GLY D 37 5.25 2.51 24.66
C GLY D 37 4.36 3.73 24.59
N GLN D 38 4.96 4.89 24.78
CA GLN D 38 4.23 6.15 24.72
C GLN D 38 4.47 6.87 23.38
N GLU D 39 5.73 6.91 22.96
CA GLU D 39 6.08 7.50 21.68
C GLU D 39 7.36 6.90 21.12
N ALA D 40 7.30 6.42 19.89
CA ALA D 40 8.50 6.01 19.18
C ALA D 40 8.59 6.76 17.86
N LYS D 41 9.57 7.62 17.76
CA LYS D 41 9.80 8.34 16.52
C LYS D 41 10.87 7.61 15.74
N LEU D 42 10.47 6.94 14.67
CA LEU D 42 11.38 6.10 13.92
C LEU D 42 12.21 6.94 12.97
N TYR D 43 13.51 6.97 13.22
CA TYR D 43 14.43 7.70 12.37
C TYR D 43 15.46 6.73 11.82
N LEU D 44 15.80 6.90 10.57
CA LEU D 44 16.88 6.13 10.00
C LEU D 44 17.89 7.09 9.40
N ALA D 45 19.14 6.85 9.69
CA ALA D 45 20.20 7.67 9.15
C ALA D 45 21.03 6.88 8.16
N ALA D 46 20.96 7.27 6.90
CA ALA D 46 21.72 6.63 5.85
C ALA D 46 22.55 7.67 5.12
N GLU D 47 23.80 7.34 4.82
CA GLU D 47 24.75 8.28 4.23
C GLU D 47 24.95 9.47 5.16
N LYS D 48 24.84 9.21 6.46
CA LYS D 48 24.93 10.23 7.50
C LYS D 48 23.83 11.27 7.36
N GLN D 49 22.66 10.84 6.90
CA GLN D 49 21.52 11.73 6.76
C GLN D 49 20.34 11.21 7.56
N GLU D 50 19.73 12.07 8.36
CA GLU D 50 18.64 11.65 9.24
C GLU D 50 17.31 11.71 8.50
N TYR D 51 16.61 10.60 8.47
CA TYR D 51 15.27 10.55 7.89
C TYR D 51 14.25 10.16 8.93
N ILE D 52 13.17 10.92 9.02
CA ILE D 52 12.04 10.55 9.85
C ILE D 52 11.21 9.51 9.10
N VAL D 53 11.35 8.27 9.51
CA VAL D 53 10.78 7.14 8.81
C VAL D 53 9.30 7.01 9.12
N ALA D 54 8.98 7.03 10.40
CA ALA D 54 7.59 6.88 10.83
C ALA D 54 7.40 7.45 12.22
N THR D 55 6.22 8.00 12.48
CA THR D 55 5.89 8.45 13.80
C THR D 55 4.84 7.52 14.39
N VAL D 56 5.26 6.62 15.25
CA VAL D 56 4.37 5.65 15.84
C VAL D 56 4.28 5.89 17.35
N THR D 57 3.09 6.24 17.81
CA THR D 57 2.92 6.64 19.19
C THR D 57 1.90 5.79 19.91
N LYS D 58 1.67 6.11 21.17
CA LYS D 58 0.62 5.48 21.94
C LYS D 58 -0.74 5.80 21.30
N ALA D 59 -0.80 6.93 20.60
CA ALA D 59 -2.02 7.34 19.91
C ALA D 59 -2.10 6.69 18.54
N ILE D 60 -0.97 6.61 17.86
CA ILE D 60 -0.87 5.91 16.59
C ILE D 60 -0.05 4.65 16.80
N PRO D 61 -0.70 3.56 17.26
CA PRO D 61 0.01 2.36 17.75
C PRO D 61 0.68 1.55 16.65
N GLN D 62 0.56 2.01 15.41
CA GLN D 62 1.10 1.27 14.28
C GLN D 62 1.23 2.16 13.05
N VAL D 63 2.38 2.10 12.42
CA VAL D 63 2.62 2.76 11.15
C VAL D 63 3.01 1.75 10.09
N ALA D 64 2.37 1.84 8.93
CA ALA D 64 2.69 0.96 7.82
C ALA D 64 3.38 1.74 6.71
N LEU D 65 4.64 1.45 6.47
CA LEU D 65 5.43 2.19 5.49
C LEU D 65 5.97 1.25 4.41
N ASP D 66 6.52 1.84 3.36
CA ASP D 66 7.17 1.07 2.31
C ASP D 66 8.64 1.45 2.23
N LEU D 67 9.48 0.62 2.84
CA LEU D 67 10.91 0.86 2.85
C LEU D 67 11.61 -0.23 2.06
N ASN D 68 12.66 0.12 1.35
CA ASN D 68 13.46 -0.86 0.66
C ASN D 68 14.91 -0.42 0.62
N PHE D 69 15.78 -1.23 1.20
CA PHE D 69 17.19 -0.91 1.26
C PHE D 69 17.99 -1.92 0.45
N SER D 70 19.15 -1.50 -0.04
CA SER D 70 19.99 -2.36 -0.86
C SER D 70 21.17 -2.87 -0.03
N LYS D 71 21.63 -4.07 -0.35
CA LYS D 71 22.68 -4.73 0.43
C LYS D 71 24.07 -4.13 0.18
N GLY D 72 24.10 -3.01 -0.50
CA GLY D 72 25.35 -2.31 -0.71
C GLY D 72 25.50 -1.13 0.23
N ASP D 73 24.40 -0.73 0.85
CA ASP D 73 24.40 0.44 1.72
C ASP D 73 24.44 0.04 3.19
N ARG D 74 24.64 1.02 4.06
CA ARG D 74 24.68 0.80 5.50
C ARG D 74 23.91 1.90 6.21
N ILE D 75 22.91 1.51 6.99
CA ILE D 75 21.99 2.47 7.56
C ILE D 75 21.90 2.33 9.07
N MET D 76 21.41 3.37 9.73
CA MET D 76 21.17 3.28 11.17
C MET D 76 19.70 3.40 11.43
N PHE D 77 19.17 2.47 12.20
CA PHE D 77 17.77 2.52 12.57
C PHE D 77 17.66 2.84 14.04
N TYR D 78 16.86 3.85 14.37
CA TYR D 78 16.74 4.27 15.75
C TYR D 78 15.43 4.97 16.01
N THR D 79 15.03 4.97 17.28
CA THR D 79 13.78 5.61 17.68
C THR D 79 14.03 6.63 18.78
N ALA D 80 13.27 7.71 18.72
CA ALA D 80 13.30 8.72 19.77
C ALA D 80 12.01 8.64 20.58
N GLY D 81 12.07 9.14 21.81
CA GLY D 81 10.93 9.04 22.69
C GLY D 81 10.98 7.77 23.51
N ASP D 82 9.89 7.42 24.17
CA ASP D 82 9.86 6.18 24.90
C ASP D 82 8.72 5.31 24.43
N ALA D 83 9.09 4.32 23.63
CA ALA D 83 8.20 3.24 23.23
C ALA D 83 9.02 2.16 22.54
N SER D 84 8.56 0.93 22.62
CA SER D 84 9.25 -0.17 21.97
C SER D 84 8.44 -0.65 20.77
N VAL D 85 9.05 -0.63 19.60
CA VAL D 85 8.33 -0.92 18.38
C VAL D 85 8.91 -2.11 17.67
N SER D 86 8.05 -2.85 17.01
CA SER D 86 8.46 -3.98 16.23
C SER D 86 8.24 -3.66 14.76
N LEU D 87 9.32 -3.67 14.00
CA LEU D 87 9.20 -3.50 12.57
C LEU D 87 9.08 -4.84 11.90
N LEU D 88 8.41 -4.84 10.78
CA LEU D 88 8.17 -6.04 10.04
C LEU D 88 8.48 -5.80 8.57
N GLY D 89 9.10 -6.79 7.93
CA GLY D 89 9.52 -6.64 6.56
C GLY D 89 9.86 -7.97 5.94
N TYR D 90 10.51 -7.92 4.77
CA TYR D 90 10.95 -9.13 4.10
C TYR D 90 12.17 -8.86 3.21
N LEU D 91 13.15 -9.74 3.37
CA LEU D 91 14.37 -9.71 2.58
C LEU D 91 14.06 -10.05 1.12
N HIS D 92 14.71 -9.34 0.21
CA HIS D 92 14.43 -9.47 -1.22
C HIS D 92 14.96 -10.78 -1.80
N ASP D 93 14.03 -11.62 -2.21
CA ASP D 93 14.34 -12.84 -2.95
C ASP D 93 13.28 -13.06 -4.01
N ILE D 94 13.69 -13.42 -5.21
CA ILE D 94 12.77 -13.57 -6.33
C ILE D 94 12.01 -14.88 -6.25
N ASP D 95 10.74 -14.85 -6.69
CA ASP D 95 9.84 -15.99 -6.63
C ASP D 95 10.29 -17.12 -7.54
N SER D 96 11.29 -16.84 -8.37
CA SER D 96 11.83 -17.82 -9.30
C SER D 96 10.79 -18.22 -10.34
N GLY D 97 10.98 -19.37 -10.98
CA GLY D 97 10.06 -19.82 -12.00
C GLY D 97 10.42 -19.30 -13.36
N SER D 98 10.43 -17.99 -13.50
CA SER D 98 10.84 -17.34 -14.72
C SER D 98 12.36 -17.27 -14.80
N PHE E 1 -0.11 -20.42 -20.98
CA PHE E 1 0.88 -19.32 -21.06
C PHE E 1 0.90 -18.54 -19.77
N GLN E 2 -0.12 -17.70 -19.56
CA GLN E 2 -0.25 -16.94 -18.33
C GLN E 2 -1.28 -17.60 -17.43
N GLY E 3 -1.06 -17.53 -16.14
CA GLY E 3 -1.95 -18.17 -15.20
C GLY E 3 -1.24 -18.62 -13.95
N ALA E 4 -1.94 -19.37 -13.10
CA ALA E 4 -1.39 -19.85 -11.84
C ALA E 4 -0.91 -18.68 -10.98
N MET E 5 -1.73 -17.63 -10.91
CA MET E 5 -1.41 -16.45 -10.13
C MET E 5 -1.48 -16.75 -8.63
N ALA E 6 -1.05 -15.79 -7.84
CA ALA E 6 -1.10 -15.90 -6.38
C ALA E 6 -2.51 -16.24 -5.92
N MET E 7 -2.61 -17.23 -5.06
CA MET E 7 -3.93 -17.74 -4.64
C MET E 7 -4.33 -17.19 -3.28
N PHE E 8 -5.61 -16.85 -3.18
CA PHE E 8 -6.19 -16.26 -1.97
C PHE E 8 -5.91 -17.08 -0.71
N TRP E 9 -5.67 -16.37 0.39
CA TRP E 9 -5.37 -16.96 1.68
C TRP E 9 -6.16 -16.23 2.76
N GLY E 10 -6.56 -16.94 3.79
CA GLY E 10 -7.28 -16.32 4.88
C GLY E 10 -6.99 -16.99 6.21
N LEU E 11 -7.13 -16.25 7.29
CA LEU E 11 -6.91 -16.78 8.63
C LEU E 11 -7.95 -16.25 9.61
N ASN E 12 -8.87 -17.12 10.02
CA ASN E 12 -9.83 -16.79 11.05
C ASN E 12 -9.19 -16.95 12.42
N MET E 13 -8.80 -15.84 13.02
CA MET E 13 -8.07 -15.85 14.28
C MET E 13 -9.02 -15.68 15.46
N LYS E 14 -8.87 -16.54 16.44
CA LYS E 14 -9.67 -16.48 17.65
C LYS E 14 -8.87 -15.82 18.78
N PRO E 15 -9.56 -15.06 19.65
CA PRO E 15 -8.92 -14.28 20.71
C PRO E 15 -8.04 -15.11 21.64
N GLU E 16 -6.77 -14.70 21.76
CA GLU E 16 -5.81 -15.36 22.65
C GLU E 16 -5.59 -16.82 22.28
N ARG E 17 -5.37 -17.06 21.00
CA ARG E 17 -4.98 -18.37 20.52
C ARG E 17 -3.66 -18.28 19.79
N LYS E 18 -2.79 -19.25 20.02
CA LYS E 18 -1.49 -19.28 19.37
C LYS E 18 -1.40 -20.43 18.37
N TYR E 19 -1.19 -20.09 17.10
CA TYR E 19 -1.02 -21.11 16.08
C TYR E 19 0.42 -21.09 15.59
N SER E 20 1.20 -22.06 16.03
CA SER E 20 2.55 -22.21 15.52
C SER E 20 2.52 -23.09 14.28
N GLN E 21 2.56 -22.46 13.11
CA GLN E 21 2.31 -23.16 11.86
C GLN E 21 3.52 -23.12 10.94
N THR E 22 3.69 -24.22 10.20
CA THR E 22 4.76 -24.33 9.23
C THR E 22 4.25 -23.94 7.86
N ILE E 23 5.09 -23.28 7.07
CA ILE E 23 4.68 -22.74 5.79
C ILE E 23 4.95 -23.73 4.68
N ILE E 24 3.90 -24.12 3.97
CA ILE E 24 4.00 -25.03 2.86
C ILE E 24 4.48 -24.28 1.62
N LYS E 25 3.77 -23.20 1.31
CA LYS E 25 4.15 -22.32 0.23
C LYS E 25 4.13 -20.86 0.69
N SER E 26 5.16 -20.12 0.28
CA SER E 26 5.35 -18.74 0.70
C SER E 26 4.11 -17.90 0.42
N PHE E 27 3.77 -16.99 1.32
CA PHE E 27 2.56 -16.22 1.16
C PHE E 27 2.66 -14.82 1.74
N HIS E 28 1.79 -13.95 1.26
CA HIS E 28 1.71 -12.58 1.71
C HIS E 28 0.40 -12.36 2.44
N ILE E 29 0.49 -11.83 3.65
CA ILE E 29 -0.71 -11.40 4.36
C ILE E 29 -0.88 -9.90 4.13
N SER E 30 -2.09 -9.47 3.90
CA SER E 30 -2.32 -8.10 3.49
C SER E 30 -3.29 -7.37 4.42
N GLY E 31 -4.09 -8.12 5.18
CA GLY E 31 -5.02 -7.47 6.07
C GLY E 31 -5.40 -8.32 7.26
N VAL E 32 -5.83 -7.64 8.31
CA VAL E 32 -6.38 -8.29 9.50
C VAL E 32 -7.48 -7.40 10.09
N ALA E 33 -8.67 -7.92 10.26
CA ALA E 33 -9.80 -7.09 10.71
C ALA E 33 -10.73 -7.86 11.63
N LEU E 34 -11.47 -7.14 12.48
CA LEU E 34 -12.41 -7.77 13.39
C LEU E 34 -13.83 -7.28 13.16
N ASP E 35 -14.74 -8.22 13.25
CA ASP E 35 -16.16 -7.92 13.18
C ASP E 35 -16.75 -8.02 14.58
N LYS E 36 -16.52 -9.16 15.23
CA LYS E 36 -16.82 -9.29 16.64
C LYS E 36 -15.53 -9.22 17.43
N GLY E 37 -15.48 -8.34 18.42
CA GLY E 37 -14.31 -8.26 19.25
C GLY E 37 -14.07 -6.89 19.84
N GLN E 38 -13.35 -6.86 20.95
CA GLN E 38 -13.02 -5.61 21.61
C GLN E 38 -11.58 -5.19 21.32
N GLU E 39 -10.65 -6.14 21.40
CA GLU E 39 -9.26 -5.87 21.08
C GLU E 39 -8.56 -7.13 20.61
N ALA E 40 -7.93 -7.07 19.45
CA ALA E 40 -7.04 -8.13 19.02
C ALA E 40 -5.67 -7.57 18.71
N LYS E 41 -4.70 -7.94 19.51
CA LYS E 41 -3.34 -7.53 19.28
C LYS E 41 -2.62 -8.64 18.53
N LEU E 42 -2.35 -8.41 17.25
CA LEU E 42 -1.81 -9.44 16.41
C LEU E 42 -0.31 -9.52 16.60
N TYR E 43 0.14 -10.65 17.12
CA TYR E 43 1.55 -10.90 17.33
C TYR E 43 1.95 -12.14 16.54
N LEU E 44 3.11 -12.07 15.94
CA LEU E 44 3.66 -13.25 15.30
C LEU E 44 5.05 -13.50 15.85
N ALA E 45 5.31 -14.74 16.20
CA ALA E 45 6.61 -15.11 16.71
C ALA E 45 7.32 -16.00 15.72
N ALA E 46 8.40 -15.49 15.16
CA ALA E 46 9.22 -16.23 14.22
C ALA E 46 10.65 -16.27 14.70
N GLU E 47 11.29 -17.42 14.58
CA GLU E 47 12.64 -17.62 15.12
C GLU E 47 12.65 -17.40 16.63
N LYS E 48 11.51 -17.70 17.26
CA LYS E 48 11.31 -17.49 18.70
C LYS E 48 11.41 -16.01 19.06
N GLN E 49 10.97 -15.15 18.14
CA GLN E 49 10.99 -13.71 18.39
C GLN E 49 9.58 -13.14 18.22
N GLU E 50 9.14 -12.37 19.20
CA GLU E 50 7.79 -11.84 19.20
C GLU E 50 7.72 -10.53 18.41
N TYR E 51 6.86 -10.49 17.41
CA TYR E 51 6.64 -9.27 16.65
C TYR E 51 5.19 -8.81 16.79
N ILE E 52 5.01 -7.54 17.11
CA ILE E 52 3.67 -6.95 17.09
C ILE E 52 3.32 -6.60 15.64
N VAL E 53 2.47 -7.43 15.07
CA VAL E 53 2.17 -7.36 13.65
C VAL E 53 1.17 -6.25 13.37
N ALA E 54 0.09 -6.22 14.15
CA ALA E 54 -0.95 -5.22 13.96
C ALA E 54 -1.77 -5.06 15.22
N THR E 55 -2.24 -3.85 15.47
CA THR E 55 -3.14 -3.62 16.57
C THR E 55 -4.52 -3.30 16.02
N VAL E 56 -5.40 -4.29 16.05
CA VAL E 56 -6.72 -4.14 15.51
C VAL E 56 -7.75 -4.26 16.63
N THR E 57 -8.47 -3.18 16.87
CA THR E 57 -9.36 -3.12 18.02
C THR E 57 -10.80 -2.84 17.62
N LYS E 58 -11.66 -2.74 18.60
CA LYS E 58 -13.03 -2.31 18.39
C LYS E 58 -13.05 -0.89 17.84
N ALA E 59 -12.01 -0.13 18.18
CA ALA E 59 -11.86 1.25 17.71
C ALA E 59 -11.23 1.28 16.31
N ILE E 60 -10.24 0.42 16.12
CA ILE E 60 -9.61 0.25 14.81
C ILE E 60 -10.01 -1.11 14.27
N PRO E 61 -11.18 -1.21 13.63
CA PRO E 61 -11.81 -2.49 13.27
C PRO E 61 -11.08 -3.23 12.15
N GLN E 62 -10.01 -2.66 11.64
CA GLN E 62 -9.30 -3.25 10.52
C GLN E 62 -7.90 -2.65 10.38
N VAL E 63 -6.93 -3.54 10.23
CA VAL E 63 -5.57 -3.13 9.94
C VAL E 63 -5.11 -3.75 8.62
N ALA E 64 -4.52 -2.94 7.77
CA ALA E 64 -3.99 -3.41 6.50
C ALA E 64 -2.47 -3.37 6.51
N LEU E 65 -1.84 -4.53 6.48
CA LEU E 65 -0.39 -4.63 6.56
C LEU E 65 0.19 -5.32 5.34
N ASP E 66 1.50 -5.28 5.21
CA ASP E 66 2.19 -6.00 4.15
C ASP E 66 3.13 -7.03 4.75
N LEU E 67 2.67 -8.27 4.79
CA LEU E 67 3.46 -9.37 5.33
C LEU E 67 3.82 -10.33 4.22
N ASN E 68 5.01 -10.90 4.29
CA ASN E 68 5.40 -11.92 3.34
C ASN E 68 6.33 -12.92 4.00
N PHE E 69 5.92 -14.16 4.04
CA PHE E 69 6.70 -15.22 4.67
C PHE E 69 7.16 -16.22 3.63
N SER E 70 8.27 -16.89 3.91
CA SER E 70 8.84 -17.86 2.99
C SER E 70 8.54 -19.27 3.47
N LYS E 71 8.39 -20.20 2.52
CA LYS E 71 7.99 -21.57 2.85
C LYS E 71 9.11 -22.39 3.47
N GLY E 72 10.20 -21.72 3.84
CA GLY E 72 11.28 -22.38 4.52
C GLY E 72 11.24 -22.11 6.01
N ASP E 73 10.47 -21.11 6.41
CA ASP E 73 10.43 -20.71 7.81
C ASP E 73 9.18 -21.25 8.49
N ARG E 74 9.11 -21.10 9.82
CA ARG E 74 7.96 -21.55 10.60
C ARG E 74 7.63 -20.51 11.65
N ILE E 75 6.41 -20.02 11.62
CA ILE E 75 6.02 -18.87 12.43
C ILE E 75 4.81 -19.18 13.29
N MET E 76 4.62 -18.39 14.34
CA MET E 76 3.41 -18.52 15.14
C MET E 76 2.58 -17.27 15.02
N PHE E 77 1.31 -17.45 14.72
CA PHE E 77 0.41 -16.32 14.64
C PHE E 77 -0.55 -16.38 15.80
N TYR E 78 -0.67 -15.27 16.52
CA TYR E 78 -1.52 -15.25 17.68
C TYR E 78 -2.00 -13.84 18.02
N THR E 79 -3.10 -13.77 18.73
CA THR E 79 -3.66 -12.48 19.13
C THR E 79 -3.85 -12.41 20.63
N ALA E 80 -3.61 -11.22 21.17
CA ALA E 80 -3.87 -10.96 22.58
C ALA E 80 -5.11 -10.07 22.73
N GLY E 81 -5.74 -10.13 23.89
CA GLY E 81 -6.96 -9.40 24.10
C GLY E 81 -8.16 -10.24 23.74
N ASP E 82 -9.33 -9.63 23.63
CA ASP E 82 -10.49 -10.39 23.22
C ASP E 82 -11.12 -9.76 21.99
N ALA E 83 -10.86 -10.39 20.86
CA ALA E 83 -11.51 -10.10 19.60
C ALA E 83 -11.16 -11.18 18.60
N SER E 84 -12.05 -11.42 17.65
CA SER E 84 -11.79 -12.41 16.63
C SER E 84 -11.54 -11.73 15.29
N VAL E 85 -10.39 -11.98 14.71
CA VAL E 85 -9.98 -11.27 13.51
C VAL E 85 -9.77 -12.21 12.35
N SER E 86 -10.06 -11.71 11.18
CA SER E 86 -9.86 -12.45 9.97
C SER E 86 -8.73 -11.82 9.18
N LEU E 87 -7.67 -12.57 8.95
CA LEU E 87 -6.60 -12.09 8.11
C LEU E 87 -6.84 -12.51 6.69
N LEU E 88 -6.33 -11.71 5.79
CA LEU E 88 -6.50 -11.96 4.38
C LEU E 88 -5.16 -11.81 3.69
N GLY E 89 -4.90 -12.68 2.73
CA GLY E 89 -3.63 -12.67 2.04
C GLY E 89 -3.66 -13.50 0.78
N TYR E 90 -2.49 -13.78 0.23
CA TYR E 90 -2.39 -14.63 -0.96
C TYR E 90 -1.04 -15.33 -1.02
N LEU E 91 -1.13 -16.63 -1.29
CA LEU E 91 0.04 -17.48 -1.47
C LEU E 91 0.79 -17.09 -2.74
N HIS E 92 2.12 -17.09 -2.67
CA HIS E 92 2.96 -16.63 -3.76
C HIS E 92 2.98 -17.60 -4.93
N ASP E 93 2.43 -17.16 -6.04
CA ASP E 93 2.52 -17.87 -7.31
C ASP E 93 2.67 -16.86 -8.44
N ILE E 94 3.56 -17.15 -9.37
CA ILE E 94 3.87 -16.21 -10.45
C ILE E 94 2.79 -16.24 -11.52
N ASP E 95 2.55 -15.07 -12.10
CA ASP E 95 1.51 -14.88 -13.12
C ASP E 95 1.83 -15.64 -14.41
N SER E 96 3.05 -16.16 -14.49
CA SER E 96 3.50 -16.93 -15.65
C SER E 96 3.56 -16.03 -16.89
N GLY E 97 3.54 -16.63 -18.07
CA GLY E 97 3.63 -15.87 -19.29
C GLY E 97 5.07 -15.63 -19.71
N SER E 98 5.81 -14.95 -18.87
CA SER E 98 7.22 -14.72 -19.10
C SER E 98 8.03 -15.96 -18.70
N PHE A 1 5.07 -4.19 -25.83
CA PHE A 1 4.48 -5.46 -26.31
C PHE A 1 3.46 -5.99 -25.31
N GLN A 2 2.20 -6.02 -25.74
CA GLN A 2 1.10 -6.57 -24.93
C GLN A 2 0.83 -5.72 -23.69
N GLY A 3 -0.24 -4.95 -23.73
CA GLY A 3 -0.64 -4.18 -22.57
C GLY A 3 -1.68 -4.90 -21.75
N ALA A 4 -2.08 -6.07 -22.22
CA ALA A 4 -3.09 -6.88 -21.56
C ALA A 4 -2.50 -7.65 -20.37
N MET A 5 -1.91 -6.91 -19.45
CA MET A 5 -1.37 -7.50 -18.24
C MET A 5 -2.36 -7.36 -17.10
N ALA A 6 -2.55 -6.12 -16.64
CA ALA A 6 -3.52 -5.83 -15.61
C ALA A 6 -4.67 -4.99 -16.15
N MET A 7 -5.85 -5.59 -16.24
CA MET A 7 -7.04 -4.89 -16.70
C MET A 7 -7.91 -4.43 -15.53
N PHE A 8 -8.70 -3.38 -15.75
CA PHE A 8 -9.54 -2.81 -14.70
C PHE A 8 -10.66 -3.75 -14.27
N TRP A 9 -10.96 -3.75 -12.98
CA TRP A 9 -12.04 -4.55 -12.40
C TRP A 9 -12.84 -3.68 -11.44
N GLY A 10 -14.14 -3.95 -11.32
CA GLY A 10 -14.98 -3.19 -10.41
C GLY A 10 -16.16 -4.00 -9.91
N LEU A 11 -16.65 -3.65 -8.73
CA LEU A 11 -17.82 -4.33 -8.15
C LEU A 11 -18.67 -3.32 -7.36
N ASN A 12 -19.84 -3.01 -7.89
CA ASN A 12 -20.75 -2.08 -7.24
C ASN A 12 -21.79 -2.84 -6.42
N MET A 13 -21.53 -2.97 -5.13
CA MET A 13 -22.35 -3.78 -4.24
C MET A 13 -23.44 -2.95 -3.58
N LYS A 14 -24.60 -3.56 -3.40
CA LYS A 14 -25.71 -2.92 -2.73
C LYS A 14 -25.82 -3.41 -1.29
N PRO A 15 -26.62 -2.73 -0.44
CA PRO A 15 -26.86 -3.16 0.94
C PRO A 15 -27.25 -4.64 1.06
N GLU A 16 -26.39 -5.42 1.71
CA GLU A 16 -26.63 -6.86 1.89
C GLU A 16 -26.66 -7.60 0.56
N ARG A 17 -25.78 -7.20 -0.34
CA ARG A 17 -25.63 -7.88 -1.61
C ARG A 17 -24.63 -9.01 -1.46
N LYS A 18 -24.98 -10.18 -1.97
CA LYS A 18 -24.12 -11.34 -1.85
C LYS A 18 -23.79 -11.92 -3.21
N TYR A 19 -22.51 -11.88 -3.57
CA TYR A 19 -22.03 -12.41 -4.81
C TYR A 19 -21.26 -13.70 -4.54
N SER A 20 -21.87 -14.84 -4.80
CA SER A 20 -21.12 -16.08 -4.80
C SER A 20 -20.60 -16.30 -6.20
N GLN A 21 -19.36 -15.93 -6.43
CA GLN A 21 -18.84 -15.79 -7.78
C GLN A 21 -17.71 -16.75 -8.07
N THR A 22 -17.67 -17.21 -9.31
CA THR A 22 -16.59 -18.04 -9.80
C THR A 22 -15.60 -17.17 -10.55
N ILE A 23 -14.32 -17.34 -10.25
CA ILE A 23 -13.29 -16.48 -10.80
C ILE A 23 -12.81 -16.98 -12.14
N ILE A 24 -13.01 -16.16 -13.17
CA ILE A 24 -12.60 -16.51 -14.51
C ILE A 24 -11.18 -16.04 -14.80
N LYS A 25 -10.69 -15.12 -13.99
CA LYS A 25 -9.38 -14.53 -14.19
C LYS A 25 -8.82 -14.02 -12.88
N SER A 26 -7.58 -14.41 -12.57
CA SER A 26 -6.92 -14.02 -11.33
C SER A 26 -6.84 -12.50 -11.21
N PHE A 27 -7.32 -11.96 -10.10
CA PHE A 27 -7.38 -10.52 -9.98
C PHE A 27 -7.08 -10.03 -8.57
N HIS A 28 -6.85 -8.73 -8.48
CA HIS A 28 -6.57 -8.07 -7.22
C HIS A 28 -7.60 -6.98 -6.99
N ILE A 29 -8.23 -7.01 -5.83
CA ILE A 29 -9.09 -5.90 -5.44
C ILE A 29 -8.28 -4.94 -4.60
N SER A 30 -8.41 -3.65 -4.86
CA SER A 30 -7.52 -2.68 -4.28
C SER A 30 -8.26 -1.66 -3.44
N GLY A 31 -9.58 -1.61 -3.55
CA GLY A 31 -10.33 -0.71 -2.72
C GLY A 31 -11.82 -1.01 -2.68
N VAL A 32 -12.41 -0.85 -1.51
CA VAL A 32 -13.86 -0.91 -1.36
C VAL A 32 -14.34 0.37 -0.64
N ALA A 33 -15.20 1.13 -1.28
CA ALA A 33 -15.59 2.42 -0.72
C ALA A 33 -17.07 2.70 -0.94
N LEU A 34 -17.66 3.56 -0.11
CA LEU A 34 -19.06 3.92 -0.26
C LEU A 34 -19.23 5.43 -0.32
N ASP A 35 -20.20 5.84 -1.10
CA ASP A 35 -20.59 7.23 -1.17
C ASP A 35 -21.97 7.37 -0.53
N LYS A 36 -22.86 6.48 -0.92
CA LYS A 36 -24.16 6.39 -0.32
C LYS A 36 -24.20 5.20 0.64
N GLY A 37 -24.61 5.44 1.88
CA GLY A 37 -24.73 4.35 2.80
C GLY A 37 -24.33 4.69 4.21
N GLN A 38 -24.77 3.87 5.15
CA GLN A 38 -24.42 4.04 6.55
C GLN A 38 -23.35 3.05 6.97
N GLU A 39 -23.51 1.79 6.55
CA GLU A 39 -22.58 0.75 6.93
C GLU A 39 -22.52 -0.35 5.88
N ALA A 40 -21.33 -0.65 5.40
CA ALA A 40 -21.12 -1.82 4.58
C ALA A 40 -19.99 -2.65 5.15
N LYS A 41 -20.32 -3.82 5.64
CA LYS A 41 -19.32 -4.74 6.19
C LYS A 41 -18.99 -5.78 5.14
N LEU A 42 -17.82 -5.64 4.54
CA LEU A 42 -17.43 -6.49 3.43
C LEU A 42 -16.96 -7.84 3.96
N TYR A 43 -17.78 -8.85 3.72
CA TYR A 43 -17.44 -10.21 4.11
C TYR A 43 -17.11 -11.03 2.88
N LEU A 44 -16.11 -11.87 3.02
CA LEU A 44 -15.71 -12.78 1.98
C LEU A 44 -15.72 -14.21 2.50
N ALA A 45 -16.58 -15.03 1.93
CA ALA A 45 -16.59 -16.43 2.26
C ALA A 45 -15.88 -17.22 1.19
N ALA A 46 -14.66 -17.64 1.48
CA ALA A 46 -13.86 -18.39 0.54
C ALA A 46 -13.37 -19.66 1.21
N GLU A 47 -13.45 -20.78 0.49
CA GLU A 47 -13.11 -22.09 1.05
C GLU A 47 -13.95 -22.37 2.29
N LYS A 48 -15.21 -21.91 2.23
CA LYS A 48 -16.19 -22.10 3.30
C LYS A 48 -15.74 -21.47 4.61
N GLN A 49 -15.14 -20.29 4.53
CA GLN A 49 -14.75 -19.54 5.72
C GLN A 49 -15.16 -18.09 5.56
N GLU A 50 -15.86 -17.56 6.55
CA GLU A 50 -16.34 -16.18 6.50
C GLU A 50 -15.27 -15.22 6.99
N TYR A 51 -14.65 -14.51 6.07
CA TYR A 51 -13.64 -13.53 6.41
C TYR A 51 -14.23 -12.14 6.39
N ILE A 52 -13.99 -11.36 7.44
CA ILE A 52 -14.30 -9.95 7.40
C ILE A 52 -13.19 -9.22 6.64
N VAL A 53 -13.52 -8.78 5.45
CA VAL A 53 -12.54 -8.20 4.54
C VAL A 53 -12.28 -6.76 4.87
N ALA A 54 -13.35 -5.98 4.99
CA ALA A 54 -13.22 -4.56 5.28
C ALA A 54 -14.48 -4.03 5.92
N THR A 55 -14.32 -3.07 6.81
CA THR A 55 -15.46 -2.39 7.39
C THR A 55 -15.51 -0.97 6.85
N VAL A 56 -16.38 -0.74 5.90
CA VAL A 56 -16.49 0.57 5.28
C VAL A 56 -17.86 1.17 5.58
N THR A 57 -17.85 2.26 6.32
CA THR A 57 -19.09 2.87 6.77
C THR A 57 -19.19 4.32 6.32
N LYS A 58 -20.26 5.00 6.70
CA LYS A 58 -20.36 6.44 6.48
C LYS A 58 -19.27 7.17 7.27
N ALA A 59 -18.77 6.52 8.33
CA ALA A 59 -17.71 7.08 9.14
C ALA A 59 -16.35 6.79 8.51
N ILE A 60 -16.21 5.58 7.99
CA ILE A 60 -15.03 5.19 7.23
C ILE A 60 -15.45 4.97 5.78
N PRO A 61 -15.56 6.07 5.00
CA PRO A 61 -16.21 6.05 3.68
C PRO A 61 -15.43 5.30 2.61
N GLN A 62 -14.28 4.75 2.98
CA GLN A 62 -13.43 4.08 2.01
C GLN A 62 -12.39 3.20 2.69
N VAL A 63 -12.32 1.96 2.24
CA VAL A 63 -11.28 1.04 2.70
C VAL A 63 -10.41 0.60 1.52
N ALA A 64 -9.26 1.23 1.38
CA ALA A 64 -8.28 0.81 0.39
C ALA A 64 -7.50 -0.37 0.93
N LEU A 65 -7.61 -1.50 0.26
CA LEU A 65 -7.06 -2.75 0.78
C LEU A 65 -6.41 -3.56 -0.33
N ASP A 66 -5.67 -4.59 0.05
CA ASP A 66 -4.98 -5.43 -0.91
C ASP A 66 -5.58 -6.83 -0.92
N LEU A 67 -6.35 -7.10 -1.95
CA LEU A 67 -6.99 -8.41 -2.12
C LEU A 67 -6.48 -9.07 -3.38
N ASN A 68 -6.27 -10.37 -3.33
CA ASN A 68 -5.89 -11.11 -4.52
C ASN A 68 -6.57 -12.47 -4.53
N PHE A 69 -7.16 -12.80 -5.67
CA PHE A 69 -7.81 -14.08 -5.85
C PHE A 69 -7.32 -14.75 -7.14
N SER A 70 -7.51 -16.05 -7.25
CA SER A 70 -7.06 -16.78 -8.43
C SER A 70 -8.25 -17.46 -9.10
N LYS A 71 -8.10 -17.78 -10.38
CA LYS A 71 -9.21 -18.35 -11.14
C LYS A 71 -9.39 -19.84 -10.84
N GLY A 72 -8.66 -20.31 -9.84
CA GLY A 72 -8.81 -21.67 -9.39
C GLY A 72 -9.77 -21.76 -8.22
N ASP A 73 -9.83 -20.69 -7.43
CA ASP A 73 -10.71 -20.64 -6.29
C ASP A 73 -11.97 -19.84 -6.61
N ARG A 74 -12.96 -19.96 -5.75
CA ARG A 74 -14.22 -19.25 -5.92
C ARG A 74 -14.65 -18.68 -4.57
N ILE A 75 -15.23 -17.49 -4.61
CA ILE A 75 -15.45 -16.75 -3.39
C ILE A 75 -16.84 -16.15 -3.31
N MET A 76 -17.27 -15.83 -2.11
CA MET A 76 -18.52 -15.12 -1.90
C MET A 76 -18.24 -13.75 -1.32
N PHE A 77 -18.60 -12.71 -2.05
CA PHE A 77 -18.46 -11.36 -1.53
C PHE A 77 -19.81 -10.83 -1.14
N TYR A 78 -19.92 -10.35 0.09
CA TYR A 78 -21.21 -9.82 0.55
C TYR A 78 -21.02 -8.76 1.62
N THR A 79 -21.76 -7.67 1.46
CA THR A 79 -21.66 -6.54 2.37
C THR A 79 -22.88 -6.44 3.27
N ALA A 80 -22.65 -6.53 4.57
CA ALA A 80 -23.73 -6.41 5.53
C ALA A 80 -23.94 -4.96 5.95
N GLY A 81 -25.09 -4.67 6.51
CA GLY A 81 -25.42 -3.32 6.89
C GLY A 81 -26.17 -2.62 5.78
N ASP A 82 -26.37 -1.31 5.89
CA ASP A 82 -27.02 -0.58 4.82
C ASP A 82 -26.06 0.44 4.23
N ALA A 83 -25.53 0.10 3.08
CA ALA A 83 -24.72 1.01 2.28
C ALA A 83 -24.39 0.36 0.95
N SER A 84 -24.06 1.18 -0.03
CA SER A 84 -23.71 0.67 -1.35
C SER A 84 -22.27 1.04 -1.67
N VAL A 85 -21.45 0.03 -1.94
CA VAL A 85 -20.02 0.23 -2.12
C VAL A 85 -19.57 -0.09 -3.52
N SER A 86 -18.45 0.51 -3.89
CA SER A 86 -17.81 0.21 -5.14
C SER A 86 -16.42 -0.32 -4.86
N LEU A 87 -16.17 -1.56 -5.25
CA LEU A 87 -14.83 -2.09 -5.19
C LEU A 87 -14.14 -1.86 -6.50
N LEU A 88 -12.86 -1.65 -6.42
CA LEU A 88 -12.04 -1.41 -7.57
C LEU A 88 -10.83 -2.31 -7.51
N GLY A 89 -10.42 -2.82 -8.66
CA GLY A 89 -9.29 -3.72 -8.70
C GLY A 89 -8.78 -3.91 -10.10
N TYR A 90 -7.92 -4.89 -10.29
CA TYR A 90 -7.38 -5.20 -11.60
C TYR A 90 -7.15 -6.69 -11.79
N LEU A 91 -7.66 -7.17 -12.91
CA LEU A 91 -7.44 -8.54 -13.35
C LEU A 91 -6.00 -8.70 -13.83
N HIS A 92 -5.21 -9.49 -13.11
CA HIS A 92 -3.81 -9.66 -13.48
C HIS A 92 -3.61 -10.97 -14.22
N ASP A 93 -3.17 -10.88 -15.46
CA ASP A 93 -2.85 -12.07 -16.26
C ASP A 93 -1.35 -12.32 -16.23
N ILE A 94 -0.59 -11.28 -16.58
CA ILE A 94 0.87 -11.33 -16.56
C ILE A 94 1.41 -12.36 -17.55
N ASP A 95 1.63 -11.91 -18.77
CA ASP A 95 2.19 -12.75 -19.83
C ASP A 95 3.39 -12.07 -20.45
N SER A 96 4.47 -12.83 -20.63
CA SER A 96 5.70 -12.28 -21.17
C SER A 96 5.79 -12.52 -22.68
N GLY A 97 4.64 -12.63 -23.32
CA GLY A 97 4.60 -12.84 -24.76
C GLY A 97 4.82 -11.55 -25.51
N SER A 98 6.07 -11.13 -25.61
CA SER A 98 6.42 -9.93 -26.33
C SER A 98 6.48 -10.21 -27.83
N PHE B 1 19.16 -1.03 -18.50
CA PHE B 1 18.60 -1.07 -19.87
C PHE B 1 17.13 -0.68 -19.86
N GLN B 2 16.83 0.45 -20.50
CA GLN B 2 15.46 0.95 -20.64
C GLN B 2 14.84 1.33 -19.30
N GLY B 3 14.74 2.63 -19.06
CA GLY B 3 14.09 3.11 -17.86
C GLY B 3 12.65 3.47 -18.11
N ALA B 4 12.22 3.31 -19.36
CA ALA B 4 10.87 3.63 -19.77
C ALA B 4 9.90 2.51 -19.38
N MET B 5 9.87 2.19 -18.10
CA MET B 5 8.95 1.19 -17.59
C MET B 5 7.72 1.86 -17.00
N ALA B 6 7.91 2.54 -15.88
CA ALA B 6 6.85 3.29 -15.25
C ALA B 6 7.12 4.79 -15.31
N MET B 7 6.32 5.50 -16.10
CA MET B 7 6.45 6.95 -16.22
C MET B 7 5.42 7.67 -15.36
N PHE B 8 5.72 8.90 -14.96
CA PHE B 8 4.85 9.68 -14.08
C PHE B 8 3.54 10.07 -14.77
N TRP B 9 2.45 10.06 -14.00
CA TRP B 9 1.13 10.46 -14.48
C TRP B 9 0.47 11.37 -13.45
N GLY B 10 -0.35 12.30 -13.90
CA GLY B 10 -1.04 13.20 -12.99
C GLY B 10 -2.36 13.69 -13.55
N LEU B 11 -3.29 14.02 -12.65
CA LEU B 11 -4.59 14.56 -13.05
C LEU B 11 -5.07 15.61 -12.07
N ASN B 12 -5.07 16.87 -12.50
CA ASN B 12 -5.52 17.97 -11.64
C ASN B 12 -6.98 18.30 -11.92
N MET B 13 -7.87 17.75 -11.10
CA MET B 13 -9.30 17.85 -11.32
C MET B 13 -9.88 19.05 -10.58
N LYS B 14 -10.87 19.68 -11.20
CA LYS B 14 -11.56 20.80 -10.60
C LYS B 14 -12.91 20.35 -10.03
N PRO B 15 -13.57 21.19 -9.21
CA PRO B 15 -14.91 20.89 -8.68
C PRO B 15 -15.90 20.46 -9.76
N GLU B 16 -16.36 19.21 -9.67
CA GLU B 16 -17.32 18.66 -10.62
C GLU B 16 -16.73 18.59 -12.03
N ARG B 17 -15.47 18.24 -12.10
CA ARG B 17 -14.80 18.03 -13.38
C ARG B 17 -15.01 16.59 -13.82
N LYS B 18 -15.38 16.40 -15.08
CA LYS B 18 -15.63 15.08 -15.60
C LYS B 18 -14.76 14.79 -16.82
N TYR B 19 -13.89 13.81 -16.67
CA TYR B 19 -13.02 13.38 -17.75
C TYR B 19 -13.49 12.05 -18.28
N SER B 20 -14.15 12.04 -19.42
CA SER B 20 -14.42 10.80 -20.10
C SER B 20 -13.26 10.54 -21.05
N GLN B 21 -12.31 9.72 -20.60
CA GLN B 21 -11.02 9.64 -21.25
C GLN B 21 -10.75 8.25 -21.82
N THR B 22 -10.06 8.25 -22.95
CA THR B 22 -9.61 7.03 -23.57
C THR B 22 -8.16 6.77 -23.18
N ILE B 23 -7.86 5.55 -22.78
CA ILE B 23 -6.56 5.23 -22.24
C ILE B 23 -5.59 4.85 -23.35
N ILE B 24 -4.53 5.64 -23.49
CA ILE B 24 -3.52 5.40 -24.52
C ILE B 24 -2.41 4.49 -24.00
N LYS B 25 -2.32 4.37 -22.68
CA LYS B 25 -1.26 3.61 -22.06
C LYS B 25 -1.70 3.12 -20.68
N SER B 26 -1.54 1.81 -20.44
CA SER B 26 -1.95 1.20 -19.17
C SER B 26 -1.24 1.87 -18.00
N PHE B 27 -2.00 2.31 -17.01
CA PHE B 27 -1.40 3.06 -15.92
C PHE B 27 -2.05 2.75 -14.58
N HIS B 28 -1.37 3.19 -13.54
CA HIS B 28 -1.82 3.02 -12.17
C HIS B 28 -1.94 4.38 -11.52
N ILE B 29 -3.10 4.67 -10.94
CA ILE B 29 -3.24 5.87 -10.13
C ILE B 29 -3.00 5.49 -8.68
N SER B 30 -2.22 6.30 -7.99
CA SER B 30 -1.75 5.91 -6.67
C SER B 30 -2.21 6.87 -5.58
N GLY B 31 -2.72 8.03 -5.98
CA GLY B 31 -3.23 8.96 -4.98
C GLY B 31 -4.11 10.03 -5.57
N VAL B 32 -5.17 10.37 -4.84
CA VAL B 32 -5.98 11.53 -5.16
C VAL B 32 -6.10 12.42 -3.92
N ALA B 33 -5.66 13.67 -4.01
CA ALA B 33 -5.62 14.53 -2.83
C ALA B 33 -6.02 15.95 -3.17
N LEU B 34 -6.47 16.70 -2.17
CA LEU B 34 -6.84 18.10 -2.37
C LEU B 34 -6.13 19.00 -1.39
N ASP B 35 -5.81 20.19 -1.86
CA ASP B 35 -5.26 21.23 -1.02
C ASP B 35 -6.29 22.32 -0.87
N LYS B 36 -6.88 22.71 -1.99
CA LYS B 36 -7.99 23.64 -2.00
C LYS B 36 -9.28 22.87 -2.22
N GLY B 37 -10.26 23.10 -1.36
CA GLY B 37 -11.54 22.46 -1.57
C GLY B 37 -12.20 22.00 -0.30
N GLN B 38 -13.51 21.78 -0.38
CA GLN B 38 -14.27 21.28 0.75
C GLN B 38 -14.57 19.79 0.60
N GLU B 39 -14.96 19.39 -0.61
CA GLU B 39 -15.33 18.01 -0.86
C GLU B 39 -15.07 17.63 -2.31
N ALA B 40 -14.31 16.57 -2.53
CA ALA B 40 -14.20 15.98 -3.85
C ALA B 40 -14.49 14.49 -3.77
N LYS B 41 -15.59 14.08 -4.37
CA LYS B 41 -15.96 12.69 -4.40
C LYS B 41 -15.56 12.10 -5.74
N LEU B 42 -14.50 11.29 -5.73
CA LEU B 42 -13.93 10.78 -6.95
C LEU B 42 -14.76 9.61 -7.45
N TYR B 43 -15.48 9.84 -8.53
CA TYR B 43 -16.27 8.80 -9.16
C TYR B 43 -15.62 8.36 -10.46
N LEU B 44 -15.68 7.08 -10.70
CA LEU B 44 -15.18 6.50 -11.93
C LEU B 44 -16.26 5.70 -12.60
N ALA B 45 -16.66 6.11 -13.78
CA ALA B 45 -17.60 5.35 -14.56
C ALA B 45 -16.88 4.59 -15.64
N ALA B 46 -16.73 3.30 -15.43
CA ALA B 46 -16.05 2.43 -16.37
C ALA B 46 -16.93 1.26 -16.71
N GLU B 47 -16.99 0.92 -17.99
CA GLU B 47 -17.88 -0.14 -18.47
C GLU B 47 -19.33 0.17 -18.09
N LYS B 48 -19.65 1.47 -18.12
CA LYS B 48 -20.99 1.98 -17.82
C LYS B 48 -21.42 1.65 -16.39
N GLN B 49 -20.49 1.75 -15.45
CA GLN B 49 -20.81 1.55 -14.05
C GLN B 49 -20.16 2.65 -13.21
N GLU B 50 -20.96 3.31 -12.38
CA GLU B 50 -20.46 4.41 -11.56
C GLU B 50 -19.84 3.88 -10.28
N TYR B 51 -18.53 3.90 -10.21
CA TYR B 51 -17.81 3.47 -9.02
C TYR B 51 -17.38 4.66 -8.20
N ILE B 52 -17.66 4.63 -6.91
CA ILE B 52 -17.07 5.60 -6.01
C ILE B 52 -15.64 5.18 -5.69
N VAL B 53 -14.70 5.94 -6.23
CA VAL B 53 -13.29 5.58 -6.17
C VAL B 53 -12.68 6.02 -4.85
N ALA B 54 -12.89 7.28 -4.50
CA ALA B 54 -12.34 7.82 -3.28
C ALA B 54 -13.14 9.02 -2.80
N THR B 55 -13.24 9.17 -1.50
CA THR B 55 -13.86 10.34 -0.93
C THR B 55 -12.78 11.21 -0.29
N VAL B 56 -12.39 12.26 -0.97
CA VAL B 56 -11.34 13.13 -0.49
C VAL B 56 -11.91 14.52 -0.21
N THR B 57 -11.90 14.90 1.04
CA THR B 57 -12.52 16.15 1.46
C THR B 57 -11.51 17.06 2.16
N LYS B 58 -11.96 18.22 2.61
CA LYS B 58 -11.13 19.07 3.46
C LYS B 58 -10.83 18.35 4.79
N ALA B 59 -11.68 17.39 5.15
CA ALA B 59 -11.50 16.61 6.36
C ALA B 59 -10.54 15.45 6.09
N ILE B 60 -10.70 14.83 4.92
CA ILE B 60 -9.79 13.80 4.46
C ILE B 60 -9.03 14.35 3.26
N PRO B 61 -7.97 15.13 3.50
CA PRO B 61 -7.32 15.95 2.45
C PRO B 61 -6.55 15.13 1.42
N GLN B 62 -6.55 13.82 1.57
CA GLN B 62 -5.78 12.97 0.69
C GLN B 62 -6.22 11.52 0.77
N VAL B 63 -6.47 10.92 -0.38
CA VAL B 63 -6.76 9.51 -0.46
C VAL B 63 -5.72 8.80 -1.32
N ALA B 64 -4.76 8.16 -0.66
CA ALA B 64 -3.78 7.34 -1.34
C ALA B 64 -4.39 5.97 -1.63
N LEU B 65 -4.52 5.65 -2.91
CA LEU B 65 -5.26 4.46 -3.30
C LEU B 65 -4.54 3.72 -4.44
N ASP B 66 -4.98 2.52 -4.72
CA ASP B 66 -4.38 1.71 -5.76
C ASP B 66 -5.34 1.53 -6.92
N LEU B 67 -5.09 2.24 -7.99
CA LEU B 67 -5.91 2.17 -9.20
C LEU B 67 -5.08 1.66 -10.36
N ASN B 68 -5.66 0.83 -11.19
CA ASN B 68 -4.99 0.39 -12.40
C ASN B 68 -5.97 0.29 -13.55
N PHE B 69 -5.58 0.84 -14.68
CA PHE B 69 -6.39 0.79 -15.89
C PHE B 69 -5.54 0.32 -17.07
N SER B 70 -6.20 -0.16 -18.12
CA SER B 70 -5.49 -0.65 -19.29
C SER B 70 -5.89 0.15 -20.52
N LYS B 71 -5.06 0.13 -21.55
CA LYS B 71 -5.30 0.94 -22.74
C LYS B 71 -6.34 0.28 -23.64
N GLY B 72 -6.96 -0.77 -23.14
CA GLY B 72 -8.04 -1.41 -23.86
C GLY B 72 -9.38 -0.89 -23.40
N ASP B 73 -9.46 -0.47 -22.14
CA ASP B 73 -10.69 0.06 -21.58
C ASP B 73 -10.65 1.59 -21.56
N ARG B 74 -11.80 2.18 -21.35
CA ARG B 74 -11.93 3.63 -21.29
C ARG B 74 -12.82 4.01 -20.11
N ILE B 75 -12.49 5.10 -19.45
CA ILE B 75 -13.11 5.41 -18.17
C ILE B 75 -13.51 6.86 -18.07
N MET B 76 -14.44 7.13 -17.16
CA MET B 76 -14.83 8.49 -16.86
C MET B 76 -14.44 8.82 -15.43
N PHE B 77 -13.56 9.79 -15.25
CA PHE B 77 -13.20 10.24 -13.92
C PHE B 77 -13.87 11.56 -13.64
N TYR B 78 -14.58 11.65 -12.53
CA TYR B 78 -15.25 12.89 -12.19
C TYR B 78 -15.42 13.04 -10.69
N THR B 79 -15.12 14.24 -10.21
CA THR B 79 -15.17 14.54 -8.79
C THR B 79 -16.35 15.42 -8.45
N ALA B 80 -17.23 14.93 -7.60
CA ALA B 80 -18.39 15.70 -7.18
C ALA B 80 -18.08 16.50 -5.92
N GLY B 81 -18.89 17.51 -5.67
CA GLY B 81 -18.64 18.39 -4.53
C GLY B 81 -17.84 19.59 -4.95
N ASP B 82 -17.37 20.39 -4.00
CA ASP B 82 -16.53 21.52 -4.36
C ASP B 82 -15.16 21.34 -3.76
N ALA B 83 -14.21 20.96 -4.61
CA ALA B 83 -12.81 20.88 -4.28
C ALA B 83 -12.00 20.57 -5.52
N SER B 84 -10.72 20.90 -5.49
CA SER B 84 -9.85 20.62 -6.61
C SER B 84 -8.75 19.65 -6.19
N VAL B 85 -8.67 18.51 -6.87
CA VAL B 85 -7.77 17.45 -6.46
C VAL B 85 -6.69 17.19 -7.49
N SER B 86 -5.60 16.63 -7.02
CA SER B 86 -4.53 16.20 -7.88
C SER B 86 -4.34 14.70 -7.71
N LEU B 87 -4.56 13.96 -8.78
CA LEU B 87 -4.23 12.55 -8.76
C LEU B 87 -2.84 12.35 -9.27
N LEU B 88 -2.19 11.36 -8.73
CA LEU B 88 -0.85 11.03 -9.11
C LEU B 88 -0.77 9.55 -9.39
N GLY B 89 0.01 9.19 -10.38
CA GLY B 89 0.13 7.79 -10.75
C GLY B 89 1.30 7.55 -11.68
N TYR B 90 1.36 6.37 -12.27
CA TYR B 90 2.42 6.04 -13.20
C TYR B 90 1.93 5.14 -14.32
N LEU B 91 2.26 5.56 -15.53
CA LEU B 91 2.00 4.78 -16.74
C LEU B 91 2.96 3.59 -16.79
N HIS B 92 2.42 2.39 -16.66
CA HIS B 92 3.25 1.19 -16.67
C HIS B 92 3.24 0.51 -18.03
N ASP B 93 4.39 0.45 -18.65
CA ASP B 93 4.54 -0.25 -19.94
C ASP B 93 5.10 -1.64 -19.70
N ILE B 94 6.23 -1.69 -19.00
CA ILE B 94 6.87 -2.95 -18.64
C ILE B 94 7.34 -3.72 -19.87
N ASP B 95 8.56 -3.42 -20.29
CA ASP B 95 9.18 -4.10 -21.43
C ASP B 95 10.53 -4.65 -21.03
N SER B 96 10.80 -5.89 -21.41
CA SER B 96 12.05 -6.54 -21.05
C SER B 96 13.06 -6.44 -22.19
N GLY B 97 12.94 -5.39 -22.98
CA GLY B 97 13.87 -5.16 -24.07
C GLY B 97 15.17 -4.54 -23.60
N SER B 98 16.03 -5.37 -23.04
CA SER B 98 17.31 -4.92 -22.56
C SER B 98 18.30 -4.80 -23.72
N PHE C 1 21.96 -12.92 -7.84
CA PHE C 1 22.68 -12.20 -8.89
C PHE C 1 22.18 -10.76 -9.00
N GLN C 2 23.06 -9.81 -8.68
CA GLN C 2 22.77 -8.38 -8.78
C GLN C 2 21.69 -7.95 -7.78
N GLY C 3 22.12 -7.27 -6.73
CA GLY C 3 21.18 -6.74 -5.77
C GLY C 3 20.86 -5.28 -6.05
N ALA C 4 21.49 -4.74 -7.10
CA ALA C 4 21.31 -3.36 -7.49
C ALA C 4 20.03 -3.17 -8.28
N MET C 5 18.92 -3.57 -7.69
CA MET C 5 17.62 -3.39 -8.32
C MET C 5 16.95 -2.14 -7.77
N ALA C 6 16.56 -2.19 -6.50
CA ALA C 6 15.96 -1.06 -5.83
C ALA C 6 16.88 -0.53 -4.73
N MET C 7 17.44 0.66 -4.94
CA MET C 7 18.30 1.29 -3.95
C MET C 7 17.55 2.34 -3.15
N PHE C 8 18.00 2.61 -1.94
CA PHE C 8 17.34 3.56 -1.03
C PHE C 8 17.43 5.00 -1.54
N TRP C 9 16.35 5.76 -1.33
CA TRP C 9 16.28 7.16 -1.71
C TRP C 9 15.66 7.95 -0.55
N GLY C 10 16.07 9.20 -0.40
CA GLY C 10 15.54 10.04 0.66
C GLY C 10 15.57 11.51 0.30
N LEU C 11 14.65 12.28 0.88
CA LEU C 11 14.60 13.72 0.67
C LEU C 11 14.18 14.45 1.94
N ASN C 12 15.11 15.17 2.55
CA ASN C 12 14.83 15.91 3.78
C ASN C 12 14.50 17.37 3.45
N MET C 13 13.21 17.68 3.36
CA MET C 13 12.76 18.98 2.91
C MET C 13 12.53 19.91 4.10
N LYS C 14 12.84 21.18 3.90
CA LYS C 14 12.64 22.20 4.91
C LYS C 14 11.37 23.00 4.60
N PRO C 15 10.87 23.80 5.57
CA PRO C 15 9.70 24.68 5.36
C PRO C 15 9.83 25.52 4.08
N GLU C 16 8.93 25.29 3.13
CA GLU C 16 8.89 26.01 1.86
C GLU C 16 10.17 25.77 1.06
N ARG C 17 10.64 24.53 1.09
CA ARG C 17 11.78 24.14 0.29
C ARG C 17 11.30 23.69 -1.08
N LYS C 18 11.95 24.17 -2.13
CA LYS C 18 11.56 23.84 -3.48
C LYS C 18 12.71 23.21 -4.26
N TYR C 19 12.53 21.96 -4.64
CA TYR C 19 13.51 21.23 -5.41
C TYR C 19 13.02 21.07 -6.84
N SER C 20 13.54 21.87 -7.75
CA SER C 20 13.29 21.62 -9.15
C SER C 20 14.40 20.71 -9.65
N GLN C 21 14.10 19.41 -9.70
CA GLN C 21 15.15 18.41 -9.85
C GLN C 21 15.00 17.62 -11.13
N THR C 22 16.15 17.26 -11.68
CA THR C 22 16.22 16.40 -12.85
C THR C 22 16.48 14.97 -12.40
N ILE C 23 15.72 14.03 -12.93
CA ILE C 23 15.77 12.66 -12.48
C ILE C 23 16.85 11.88 -13.22
N ILE C 24 17.83 11.41 -12.48
CA ILE C 24 18.94 10.64 -13.05
C ILE C 24 18.63 9.16 -13.07
N LYS C 25 17.65 8.75 -12.28
CA LYS C 25 17.31 7.34 -12.15
C LYS C 25 15.85 7.20 -11.71
N SER C 26 15.11 6.36 -12.43
CA SER C 26 13.69 6.15 -12.16
C SER C 26 13.49 5.64 -10.74
N PHE C 27 12.63 6.30 -9.98
CA PHE C 27 12.48 5.94 -8.58
C PHE C 27 11.05 6.06 -8.10
N HIS C 28 10.82 5.49 -6.93
CA HIS C 28 9.53 5.51 -6.27
C HIS C 28 9.67 6.15 -4.91
N ILE C 29 8.84 7.15 -4.63
CA ILE C 29 8.79 7.70 -3.29
C ILE C 29 7.65 7.00 -2.55
N SER C 30 7.89 6.60 -1.32
CA SER C 30 6.97 5.74 -0.62
C SER C 30 6.44 6.38 0.65
N GLY C 31 7.05 7.48 1.09
CA GLY C 31 6.55 8.15 2.26
C GLY C 31 7.09 9.55 2.42
N VAL C 32 6.24 10.47 2.86
CA VAL C 32 6.67 11.79 3.28
C VAL C 32 6.14 12.07 4.69
N ALA C 33 7.04 12.34 5.63
CA ALA C 33 6.62 12.49 7.02
C ALA C 33 7.39 13.60 7.72
N LEU C 34 6.81 14.14 8.79
CA LEU C 34 7.49 15.19 9.56
C LEU C 34 7.55 14.84 11.02
N ASP C 35 8.63 15.25 11.64
CA ASP C 35 8.79 15.11 13.07
C ASP C 35 8.73 16.51 13.68
N LYS C 36 9.47 17.42 13.08
CA LYS C 36 9.43 18.81 13.45
C LYS C 36 8.61 19.58 12.43
N GLY C 37 7.62 20.34 12.88
CA GLY C 37 6.87 21.15 11.97
C GLY C 37 5.39 21.22 12.29
N GLN C 38 4.73 22.23 11.74
CA GLN C 38 3.30 22.40 11.91
C GLN C 38 2.55 21.94 10.68
N GLU C 39 3.04 22.33 9.51
CA GLU C 39 2.37 22.00 8.26
C GLU C 39 3.36 21.90 7.11
N ALA C 40 3.34 20.78 6.42
CA ALA C 40 4.07 20.66 5.17
C ALA C 40 3.14 20.15 4.09
N LYS C 41 2.86 21.00 3.11
CA LYS C 41 2.02 20.63 2.00
C LYS C 41 2.89 20.28 0.82
N LEU C 42 2.98 18.99 0.53
CA LEU C 42 3.89 18.50 -0.49
C LEU C 42 3.29 18.73 -1.87
N TYR C 43 3.86 19.67 -2.60
CA TYR C 43 3.43 19.95 -3.95
C TYR C 43 4.46 19.46 -4.94
N LEU C 44 3.98 18.91 -6.03
CA LEU C 44 4.83 18.45 -7.11
C LEU C 44 4.41 19.12 -8.41
N ALA C 45 5.30 19.90 -8.97
CA ALA C 45 5.04 20.48 -10.27
C ALA C 45 5.80 19.71 -11.33
N ALA C 46 5.08 18.91 -12.07
CA ALA C 46 5.65 18.09 -13.12
C ALA C 46 4.90 18.33 -14.42
N GLU C 47 5.64 18.47 -15.51
CA GLU C 47 5.06 18.80 -16.81
C GLU C 47 4.25 20.10 -16.71
N LYS C 48 4.77 21.02 -15.89
CA LYS C 48 4.18 22.34 -15.67
C LYS C 48 2.77 22.25 -15.09
N GLN C 49 2.56 21.33 -14.17
CA GLN C 49 1.29 21.20 -13.48
C GLN C 49 1.53 21.03 -11.98
N GLU C 50 0.88 21.85 -11.18
CA GLU C 50 1.05 21.81 -9.73
C GLU C 50 0.14 20.77 -9.12
N TYR C 51 0.71 19.66 -8.72
CA TYR C 51 -0.03 18.60 -8.07
C TYR C 51 0.15 18.65 -6.56
N ILE C 52 -0.94 18.60 -5.82
CA ILE C 52 -0.84 18.40 -4.39
C ILE C 52 -0.60 16.92 -4.11
N VAL C 53 0.60 16.60 -3.68
CA VAL C 53 1.04 15.23 -3.53
C VAL C 53 0.56 14.66 -2.21
N ALA C 54 0.85 15.40 -1.13
CA ALA C 54 0.48 14.94 0.20
C ALA C 54 0.35 16.11 1.15
N THR C 55 -0.58 16.00 2.09
CA THR C 55 -0.69 17.00 3.12
C THR C 55 -0.25 16.38 4.45
N VAL C 56 0.97 16.71 4.85
CA VAL C 56 1.53 16.15 6.06
C VAL C 56 1.76 17.26 7.09
N THR C 57 1.03 17.19 8.18
CA THR C 57 1.08 18.23 9.18
C THR C 57 1.47 17.69 10.54
N LYS C 58 1.50 18.55 11.55
CA LYS C 58 1.68 18.09 12.92
C LYS C 58 0.51 17.22 13.36
N ALA C 59 -0.63 17.40 12.68
CA ALA C 59 -1.82 16.60 12.95
C ALA C 59 -1.76 15.28 12.20
N ILE C 60 -1.28 15.34 10.97
CA ILE C 60 -1.02 14.15 10.16
C ILE C 60 0.48 14.02 9.96
N PRO C 61 1.20 13.47 10.96
CA PRO C 61 2.66 13.54 11.03
C PRO C 61 3.37 12.70 9.98
N GLN C 62 2.61 12.01 9.13
CA GLN C 62 3.20 11.12 8.16
C GLN C 62 2.21 10.77 7.06
N VAL C 63 2.64 10.92 5.83
CA VAL C 63 1.86 10.48 4.69
C VAL C 63 2.62 9.43 3.89
N ALA C 64 2.27 8.18 4.12
CA ALA C 64 2.83 7.08 3.33
C ALA C 64 2.07 6.98 2.01
N LEU C 65 2.78 7.19 0.92
CA LEU C 65 2.14 7.30 -0.38
C LEU C 65 2.94 6.57 -1.45
N ASP C 66 2.34 6.40 -2.62
CA ASP C 66 2.99 5.70 -3.72
C ASP C 66 3.29 6.66 -4.85
N LEU C 67 4.55 7.03 -4.97
CA LEU C 67 5.01 7.93 -6.01
C LEU C 67 6.00 7.21 -6.91
N ASN C 68 5.92 7.48 -8.20
CA ASN C 68 6.90 6.93 -9.13
C ASN C 68 7.24 7.94 -10.20
N PHE C 69 8.52 8.12 -10.44
CA PHE C 69 9.00 9.03 -11.48
C PHE C 69 10.02 8.32 -12.36
N SER C 70 10.25 8.86 -13.55
CA SER C 70 11.20 8.26 -14.48
C SER C 70 12.31 9.24 -14.81
N LYS C 71 13.44 8.73 -15.28
CA LYS C 71 14.60 9.58 -15.54
C LYS C 71 14.45 10.31 -16.87
N GLY C 72 13.26 10.22 -17.46
CA GLY C 72 12.97 10.97 -18.65
C GLY C 72 12.26 12.27 -18.33
N ASP C 73 11.52 12.27 -17.24
CA ASP C 73 10.80 13.46 -16.82
C ASP C 73 11.55 14.18 -15.70
N ARG C 74 11.16 15.42 -15.44
CA ARG C 74 11.77 16.21 -14.39
C ARG C 74 10.69 16.91 -13.60
N ILE C 75 10.89 17.03 -12.30
CA ILE C 75 9.82 17.45 -11.41
C ILE C 75 10.27 18.49 -10.41
N MET C 76 9.31 19.22 -9.87
CA MET C 76 9.59 20.16 -8.79
C MET C 76 8.88 19.70 -7.53
N PHE C 77 9.64 19.40 -6.50
CA PHE C 77 9.07 19.05 -5.22
C PHE C 77 9.20 20.21 -4.28
N TYR C 78 8.10 20.62 -3.68
CA TYR C 78 8.15 21.74 -2.74
C TYR C 78 7.05 21.65 -1.69
N THR C 79 7.44 21.88 -0.45
CA THR C 79 6.52 21.78 0.67
C THR C 79 6.17 23.14 1.23
N ALA C 80 4.88 23.47 1.19
CA ALA C 80 4.40 24.74 1.71
C ALA C 80 4.04 24.62 3.18
N GLY C 81 3.97 25.75 3.86
CA GLY C 81 3.69 25.74 5.29
C GLY C 81 4.97 25.74 6.09
N ASP C 82 4.89 25.55 7.39
CA ASP C 82 6.10 25.46 8.18
C ASP C 82 6.22 24.09 8.81
N ALA C 83 7.09 23.29 8.22
CA ALA C 83 7.47 22.00 8.76
C ALA C 83 8.60 21.41 7.93
N SER C 84 9.33 20.48 8.52
CA SER C 84 10.43 19.85 7.81
C SER C 84 10.15 18.36 7.69
N VAL C 85 10.13 17.86 6.45
CA VAL C 85 9.72 16.49 6.19
C VAL C 85 10.85 15.66 5.62
N SER C 86 10.74 14.37 5.81
CA SER C 86 11.64 13.42 5.21
C SER C 86 10.87 12.49 4.31
N LEU C 87 11.18 12.52 3.03
CA LEU C 87 10.62 11.55 2.11
C LEU C 87 11.55 10.38 2.01
N LEU C 88 10.96 9.23 1.82
CA LEU C 88 11.71 8.00 1.68
C LEU C 88 11.22 7.27 0.47
N GLY C 89 12.13 6.63 -0.24
CA GLY C 89 11.77 5.92 -1.44
C GLY C 89 12.87 5.00 -1.91
N TYR C 90 12.74 4.50 -3.13
CA TYR C 90 13.76 3.64 -3.68
C TYR C 90 13.90 3.83 -5.19
N LEU C 91 15.15 4.01 -5.60
CA LEU C 91 15.52 4.08 -7.00
C LEU C 91 15.41 2.70 -7.63
N HIS C 92 14.48 2.53 -8.56
CA HIS C 92 14.28 1.24 -9.19
C HIS C 92 14.93 1.20 -10.56
N ASP C 93 15.91 0.32 -10.72
CA ASP C 93 16.56 0.11 -12.00
C ASP C 93 15.96 -1.10 -12.70
N ILE C 94 15.95 -2.23 -11.99
CA ILE C 94 15.36 -3.47 -12.48
C ILE C 94 16.11 -3.99 -13.71
N ASP C 95 17.12 -4.79 -13.46
CA ASP C 95 17.91 -5.40 -14.51
C ASP C 95 17.97 -6.91 -14.30
N SER C 96 17.76 -7.67 -15.37
CA SER C 96 17.76 -9.12 -15.29
C SER C 96 19.12 -9.70 -15.67
N GLY C 97 20.16 -8.91 -15.47
CA GLY C 97 21.50 -9.36 -15.77
C GLY C 97 22.07 -10.24 -14.69
N SER C 98 21.66 -11.49 -14.70
CA SER C 98 22.13 -12.47 -13.73
C SER C 98 23.51 -13.00 -14.14
N PHE D 1 9.72 -23.41 -8.48
CA PHE D 1 11.19 -23.44 -8.46
C PHE D 1 11.73 -22.28 -7.64
N GLN D 2 12.40 -22.61 -6.53
CA GLN D 2 13.03 -21.63 -5.66
C GLN D 2 12.02 -20.70 -4.98
N GLY D 3 11.79 -20.94 -3.70
CA GLY D 3 10.91 -20.07 -2.94
C GLY D 3 11.68 -19.02 -2.18
N ALA D 4 13.00 -19.08 -2.31
CA ALA D 4 13.89 -18.15 -1.63
C ALA D 4 13.95 -16.82 -2.36
N MET D 5 12.80 -16.20 -2.54
CA MET D 5 12.73 -14.89 -3.17
C MET D 5 12.64 -13.81 -2.10
N ALA D 6 11.50 -13.76 -1.42
CA ALA D 6 11.29 -12.83 -0.33
C ALA D 6 11.19 -13.57 1.00
N MET D 7 12.18 -13.40 1.86
CA MET D 7 12.19 -14.02 3.19
C MET D 7 11.77 -13.02 4.26
N PHE D 8 11.23 -13.51 5.36
CA PHE D 8 10.73 -12.67 6.44
C PHE D 8 11.86 -11.92 7.16
N TRP D 9 11.57 -10.68 7.55
CA TRP D 9 12.50 -9.83 8.28
C TRP D 9 11.76 -9.15 9.44
N GLY D 10 12.46 -8.91 10.54
CA GLY D 10 11.85 -8.25 11.68
C GLY D 10 12.85 -7.46 12.50
N LEU D 11 12.37 -6.42 13.19
CA LEU D 11 13.23 -5.61 14.06
C LEU D 11 12.45 -5.16 15.29
N ASN D 12 12.80 -5.71 16.44
CA ASN D 12 12.15 -5.35 17.69
C ASN D 12 12.95 -4.29 18.43
N MET D 13 12.56 -3.03 18.25
CA MET D 13 13.31 -1.90 18.78
C MET D 13 12.80 -1.48 20.14
N LYS D 14 13.72 -1.06 20.99
CA LYS D 14 13.39 -0.59 22.32
C LYS D 14 13.41 0.94 22.35
N PRO D 15 12.87 1.56 23.43
CA PRO D 15 12.91 3.02 23.60
C PRO D 15 14.32 3.61 23.40
N GLU D 16 14.46 4.44 22.36
CA GLU D 16 15.73 5.09 22.05
C GLU D 16 16.81 4.06 21.69
N ARG D 17 16.39 3.04 20.95
CA ARG D 17 17.32 2.06 20.45
C ARG D 17 17.87 2.51 19.11
N LYS D 18 19.18 2.42 18.94
CA LYS D 18 19.81 2.86 17.72
C LYS D 18 20.61 1.73 17.08
N TYR D 19 20.18 1.34 15.89
CA TYR D 19 20.85 0.31 15.13
C TYR D 19 21.58 0.94 13.95
N SER D 20 22.89 1.09 14.05
CA SER D 20 23.67 1.45 12.89
C SER D 20 24.10 0.17 12.21
N GLN D 21 23.36 -0.22 11.19
CA GLN D 21 23.47 -1.56 10.66
C GLN D 21 23.94 -1.58 9.21
N THR D 22 24.71 -2.62 8.91
CA THR D 22 25.16 -2.86 7.55
C THR D 22 24.25 -3.89 6.89
N ILE D 23 23.82 -3.61 5.68
CA ILE D 23 22.84 -4.44 5.02
C ILE D 23 23.50 -5.58 4.27
N ILE D 24 23.19 -6.80 4.68
CA ILE D 24 23.75 -7.99 4.06
C ILE D 24 22.89 -8.47 2.90
N LYS D 25 21.64 -8.02 2.86
CA LYS D 25 20.69 -8.46 1.87
C LYS D 25 19.60 -7.40 1.67
N SER D 26 19.38 -7.05 0.40
CA SER D 26 18.40 -6.01 0.06
C SER D 26 17.02 -6.40 0.57
N PHE D 27 16.37 -5.50 1.31
CA PHE D 27 15.11 -5.84 1.93
C PHE D 27 14.14 -4.67 1.95
N HIS D 28 12.90 -5.01 2.25
CA HIS D 28 11.82 -4.05 2.35
C HIS D 28 11.21 -4.13 3.73
N ILE D 29 11.11 -2.99 4.40
CA ILE D 29 10.37 -2.94 5.66
C ILE D 29 8.96 -2.48 5.34
N SER D 30 7.98 -3.14 5.93
CA SER D 30 6.60 -2.95 5.53
C SER D 30 5.74 -2.43 6.68
N GLY D 31 6.25 -2.50 7.90
CA GLY D 31 5.50 -1.97 9.02
C GLY D 31 6.33 -1.76 10.26
N VAL D 32 6.05 -0.68 10.96
CA VAL D 32 6.62 -0.45 12.30
C VAL D 32 5.48 -0.16 13.28
N ALA D 33 5.35 -0.97 14.31
CA ALA D 33 4.20 -0.84 15.22
C ALA D 33 4.61 -1.07 16.67
N LEU D 34 3.83 -0.53 17.60
CA LEU D 34 4.10 -0.73 19.02
C LEU D 34 2.89 -1.26 19.74
N ASP D 35 3.16 -2.09 20.73
CA ASP D 35 2.12 -2.58 21.61
C ASP D 35 2.33 -1.97 22.98
N LYS D 36 3.58 -2.01 23.44
CA LYS D 36 3.97 -1.35 24.66
C LYS D 36 4.72 -0.05 24.31
N GLY D 37 4.29 1.05 24.89
CA GLY D 37 5.01 2.29 24.66
C GLY D 37 4.11 3.49 24.54
N GLN D 38 4.69 4.66 24.71
CA GLN D 38 3.97 5.92 24.57
C GLN D 38 4.29 6.58 23.25
N GLU D 39 5.57 6.60 22.88
CA GLU D 39 5.99 7.26 21.66
C GLU D 39 7.25 6.60 21.10
N ALA D 40 7.19 6.20 19.84
CA ALA D 40 8.39 5.78 19.14
C ALA D 40 8.50 6.54 17.82
N LYS D 41 9.49 7.39 17.72
CA LYS D 41 9.72 8.14 16.51
C LYS D 41 10.82 7.48 15.72
N LEU D 42 10.44 6.82 14.63
CA LEU D 42 11.36 6.02 13.86
C LEU D 42 12.19 6.92 12.96
N TYR D 43 13.46 7.06 13.31
CA TYR D 43 14.38 7.83 12.51
C TYR D 43 15.35 6.93 11.78
N LEU D 44 15.65 7.29 10.56
CA LEU D 44 16.60 6.57 9.75
C LEU D 44 17.69 7.51 9.27
N ALA D 45 18.90 7.28 9.68
CA ALA D 45 20.01 8.05 9.19
C ALA D 45 20.77 7.24 8.15
N ALA D 46 20.56 7.60 6.90
CA ALA D 46 21.20 6.92 5.79
C ALA D 46 21.91 7.93 4.91
N GLU D 47 23.13 7.61 4.50
CA GLU D 47 23.96 8.53 3.74
C GLU D 47 24.15 9.84 4.51
N LYS D 48 24.25 9.70 5.84
CA LYS D 48 24.47 10.82 6.75
C LYS D 48 23.33 11.84 6.70
N GLN D 49 22.10 11.35 6.59
CA GLN D 49 20.94 12.22 6.61
C GLN D 49 19.88 11.63 7.53
N GLU D 50 19.39 12.43 8.47
CA GLU D 50 18.40 11.96 9.42
C GLU D 50 17.00 12.08 8.84
N TYR D 51 16.43 10.96 8.47
CA TYR D 51 15.08 10.92 7.94
C TYR D 51 14.10 10.48 9.01
N ILE D 52 13.01 11.22 9.17
CA ILE D 52 11.92 10.74 10.00
C ILE D 52 11.09 9.75 9.19
N VAL D 53 11.20 8.49 9.57
CA VAL D 53 10.62 7.39 8.81
C VAL D 53 9.14 7.24 9.14
N ALA D 54 8.85 7.15 10.43
CA ALA D 54 7.49 6.96 10.89
C ALA D 54 7.31 7.45 12.31
N THR D 55 6.14 7.99 12.60
CA THR D 55 5.81 8.37 13.96
C THR D 55 4.76 7.41 14.50
N VAL D 56 5.20 6.48 15.31
CA VAL D 56 4.31 5.48 15.85
C VAL D 56 4.22 5.63 17.37
N THR D 57 3.04 5.98 17.84
CA THR D 57 2.84 6.26 19.25
C THR D 57 1.77 5.37 19.86
N LYS D 58 1.48 5.57 21.13
CA LYS D 58 0.34 4.91 21.75
C LYS D 58 -0.96 5.38 21.10
N ALA D 59 -0.92 6.55 20.48
CA ALA D 59 -2.08 7.10 19.78
C ALA D 59 -2.16 6.53 18.37
N ILE D 60 -1.00 6.42 17.73
CA ILE D 60 -0.88 5.78 16.44
C ILE D 60 -0.08 4.49 16.61
N PRO D 61 -0.74 3.41 17.05
CA PRO D 61 -0.07 2.20 17.54
C PRO D 61 0.62 1.39 16.44
N GLN D 62 0.53 1.87 15.21
CA GLN D 62 1.09 1.13 14.09
C GLN D 62 1.24 2.00 12.86
N VAL D 63 2.42 1.97 12.27
CA VAL D 63 2.67 2.64 11.01
C VAL D 63 3.08 1.64 9.95
N ALA D 64 2.13 1.26 9.11
CA ALA D 64 2.42 0.41 7.97
C ALA D 64 2.97 1.25 6.84
N LEU D 65 4.21 0.99 6.46
CA LEU D 65 4.92 1.86 5.52
C LEU D 65 5.71 1.03 4.52
N ASP D 66 6.19 1.69 3.48
CA ASP D 66 6.95 1.03 2.43
C ASP D 66 8.40 1.48 2.46
N LEU D 67 9.27 0.63 2.98
CA LEU D 67 10.69 0.91 3.04
C LEU D 67 11.46 -0.09 2.21
N ASN D 68 12.49 0.37 1.53
CA ASN D 68 13.36 -0.55 0.80
C ASN D 68 14.80 -0.09 0.91
N PHE D 69 15.67 -1.04 1.22
CA PHE D 69 17.09 -0.77 1.31
C PHE D 69 17.88 -1.81 0.50
N SER D 70 19.12 -1.49 0.16
CA SER D 70 19.95 -2.38 -0.62
C SER D 70 21.20 -2.76 0.16
N LYS D 71 21.83 -3.87 -0.21
CA LYS D 71 22.99 -4.36 0.53
C LYS D 71 24.25 -3.59 0.14
N GLY D 72 24.06 -2.52 -0.62
CA GLY D 72 25.17 -1.66 -0.95
C GLY D 72 25.25 -0.48 -0.01
N ASP D 73 24.10 -0.08 0.51
CA ASP D 73 24.04 1.03 1.45
C ASP D 73 23.94 0.53 2.88
N ARG D 74 24.17 1.43 3.82
CA ARG D 74 24.09 1.10 5.24
C ARG D 74 23.34 2.20 5.96
N ILE D 75 22.56 1.82 6.95
CA ILE D 75 21.61 2.75 7.54
C ILE D 75 21.61 2.69 9.06
N MET D 76 21.12 3.75 9.68
CA MET D 76 20.93 3.77 11.11
C MET D 76 19.45 3.87 11.44
N PHE D 77 18.92 2.87 12.09
CA PHE D 77 17.53 2.91 12.52
C PHE D 77 17.47 3.19 14.01
N TYR D 78 16.72 4.19 14.40
CA TYR D 78 16.62 4.52 15.82
C TYR D 78 15.29 5.18 16.15
N THR D 79 14.68 4.72 17.22
CA THR D 79 13.38 5.21 17.64
C THR D 79 13.49 6.08 18.88
N ALA D 80 13.07 7.33 18.76
CA ALA D 80 13.09 8.26 19.86
C ALA D 80 11.78 8.21 20.65
N GLY D 81 11.81 8.69 21.87
CA GLY D 81 10.64 8.63 22.72
C GLY D 81 10.66 7.39 23.58
N ASP D 82 9.58 7.09 24.28
CA ASP D 82 9.53 5.87 25.06
C ASP D 82 8.46 4.95 24.52
N ALA D 83 8.90 3.94 23.80
CA ALA D 83 8.05 2.86 23.33
C ALA D 83 8.90 1.78 22.67
N SER D 84 8.36 0.59 22.59
CA SER D 84 9.07 -0.52 21.97
C SER D 84 8.29 -1.00 20.75
N VAL D 85 8.94 -0.97 19.59
CA VAL D 85 8.26 -1.27 18.34
C VAL D 85 8.81 -2.51 17.67
N SER D 86 7.97 -3.11 16.85
CA SER D 86 8.36 -4.22 16.03
C SER D 86 8.19 -3.85 14.57
N LEU D 87 9.29 -3.82 13.84
CA LEU D 87 9.21 -3.66 12.41
C LEU D 87 9.15 -5.01 11.75
N LEU D 88 8.44 -5.06 10.65
CA LEU D 88 8.28 -6.26 9.89
C LEU D 88 8.58 -5.97 8.44
N GLY D 89 9.21 -6.91 7.77
CA GLY D 89 9.56 -6.71 6.40
C GLY D 89 9.97 -8.00 5.72
N TYR D 90 10.54 -7.90 4.54
CA TYR D 90 11.00 -9.07 3.82
C TYR D 90 12.27 -8.79 3.01
N LEU D 91 13.24 -9.67 3.21
CA LEU D 91 14.48 -9.66 2.44
C LEU D 91 14.20 -10.12 1.02
N HIS D 92 14.35 -9.23 0.05
CA HIS D 92 14.07 -9.59 -1.33
C HIS D 92 15.37 -9.86 -2.09
N ASP D 93 15.50 -11.10 -2.56
CA ASP D 93 16.65 -11.48 -3.37
C ASP D 93 16.27 -11.44 -4.84
N ILE D 94 15.19 -12.15 -5.18
CA ILE D 94 14.65 -12.16 -6.54
C ILE D 94 15.65 -12.81 -7.52
N ASP D 95 15.55 -14.12 -7.64
CA ASP D 95 16.39 -14.87 -8.57
C ASP D 95 15.53 -15.72 -9.48
N SER D 96 15.82 -15.71 -10.77
CA SER D 96 15.05 -16.45 -11.74
C SER D 96 15.69 -17.80 -12.05
N GLY D 97 16.43 -18.33 -11.09
CA GLY D 97 17.06 -19.61 -11.25
C GLY D 97 16.10 -20.76 -11.02
N SER D 98 15.29 -21.04 -12.02
CA SER D 98 14.32 -22.12 -11.95
C SER D 98 15.01 -23.45 -12.24
N PHE E 1 -0.88 -17.99 -19.69
CA PHE E 1 -0.23 -19.26 -19.31
C PHE E 1 0.01 -19.31 -17.81
N GLN E 2 -0.67 -20.25 -17.16
CA GLN E 2 -0.52 -20.50 -15.72
C GLN E 2 -1.02 -19.32 -14.88
N GLY E 3 -2.18 -19.49 -14.28
CA GLY E 3 -2.71 -18.49 -13.39
C GLY E 3 -2.39 -18.78 -11.95
N ALA E 4 -1.71 -19.90 -11.73
CA ALA E 4 -1.32 -20.33 -10.39
C ALA E 4 -0.09 -19.58 -9.90
N MET E 5 -0.20 -18.26 -9.87
CA MET E 5 0.88 -17.43 -9.36
C MET E 5 0.60 -17.04 -7.93
N ALA E 6 -0.41 -16.20 -7.75
CA ALA E 6 -0.84 -15.78 -6.42
C ALA E 6 -2.23 -16.32 -6.10
N MET E 7 -2.30 -17.26 -5.17
CA MET E 7 -3.58 -17.84 -4.75
C MET E 7 -4.06 -17.21 -3.44
N PHE E 8 -5.37 -17.22 -3.22
CA PHE E 8 -5.97 -16.61 -2.04
C PHE E 8 -5.59 -17.33 -0.75
N TRP E 9 -5.39 -16.55 0.32
CA TRP E 9 -5.08 -17.08 1.64
C TRP E 9 -5.92 -16.35 2.68
N GLY E 10 -6.28 -17.04 3.75
CA GLY E 10 -7.07 -16.44 4.82
C GLY E 10 -6.81 -17.07 6.17
N LEU E 11 -7.02 -16.29 7.23
CA LEU E 11 -6.85 -16.79 8.60
C LEU E 11 -7.89 -16.16 9.52
N ASN E 12 -8.84 -16.96 9.97
CA ASN E 12 -9.88 -16.49 10.87
C ASN E 12 -9.51 -16.79 12.32
N MET E 13 -8.93 -15.80 13.00
CA MET E 13 -8.40 -15.99 14.35
C MET E 13 -9.43 -15.64 15.40
N LYS E 14 -9.42 -16.39 16.48
CA LYS E 14 -10.31 -16.15 17.61
C LYS E 14 -9.56 -15.41 18.72
N PRO E 15 -10.28 -14.87 19.72
CA PRO E 15 -9.67 -14.21 20.89
C PRO E 15 -8.58 -15.08 21.54
N GLU E 16 -7.34 -14.58 21.50
CA GLU E 16 -6.19 -15.27 22.09
C GLU E 16 -5.94 -16.60 21.40
N ARG E 17 -6.10 -16.61 20.09
CA ARG E 17 -5.79 -17.78 19.29
C ARG E 17 -4.34 -17.75 18.89
N LYS E 18 -3.65 -18.87 19.05
CA LYS E 18 -2.23 -18.94 18.73
C LYS E 18 -1.96 -20.03 17.71
N TYR E 19 -1.48 -19.63 16.54
CA TYR E 19 -1.13 -20.55 15.49
C TYR E 19 0.39 -20.62 15.36
N SER E 20 0.99 -21.66 15.87
CA SER E 20 2.39 -21.91 15.58
C SER E 20 2.45 -22.77 14.33
N GLN E 21 2.65 -22.12 13.19
CA GLN E 21 2.42 -22.77 11.91
C GLN E 21 3.69 -22.89 11.08
N THR E 22 3.76 -23.98 10.34
CA THR E 22 4.84 -24.21 9.41
C THR E 22 4.38 -23.81 8.01
N ILE E 23 5.20 -23.06 7.30
CA ILE E 23 4.82 -22.50 6.03
C ILE E 23 5.11 -23.48 4.90
N ILE E 24 4.06 -23.89 4.21
CA ILE E 24 4.17 -24.83 3.10
C ILE E 24 4.37 -24.09 1.78
N LYS E 25 4.05 -22.82 1.77
CA LYS E 25 4.12 -22.02 0.55
C LYS E 25 4.29 -20.55 0.90
N SER E 26 5.29 -19.91 0.27
CA SER E 26 5.59 -18.51 0.52
C SER E 26 4.39 -17.63 0.24
N PHE E 27 4.00 -16.80 1.18
CA PHE E 27 2.78 -16.02 1.03
C PHE E 27 2.90 -14.64 1.62
N HIS E 28 1.93 -13.81 1.25
CA HIS E 28 1.84 -12.45 1.73
C HIS E 28 0.49 -12.24 2.41
N ILE E 29 0.52 -11.74 3.63
CA ILE E 29 -0.71 -11.34 4.30
C ILE E 29 -0.91 -9.86 4.05
N SER E 30 -2.13 -9.48 3.71
CA SER E 30 -2.38 -8.14 3.24
C SER E 30 -3.36 -7.39 4.13
N GLY E 31 -4.06 -8.10 5.01
CA GLY E 31 -4.96 -7.43 5.92
C GLY E 31 -5.38 -8.29 7.08
N VAL E 32 -5.48 -7.66 8.25
CA VAL E 32 -6.08 -8.30 9.43
C VAL E 32 -7.17 -7.39 9.98
N ALA E 33 -8.40 -7.88 10.04
CA ALA E 33 -9.53 -7.04 10.44
C ALA E 33 -10.51 -7.79 11.31
N LEU E 34 -11.29 -7.06 12.10
CA LEU E 34 -12.29 -7.68 12.96
C LEU E 34 -13.66 -7.06 12.74
N ASP E 35 -14.66 -7.89 12.86
CA ASP E 35 -16.04 -7.44 12.81
C ASP E 35 -16.63 -7.59 14.20
N LYS E 36 -16.40 -8.75 14.79
CA LYS E 36 -16.79 -9.02 16.16
C LYS E 36 -15.55 -8.94 17.04
N GLY E 37 -15.61 -8.16 18.10
CA GLY E 37 -14.50 -8.11 19.02
C GLY E 37 -14.23 -6.72 19.56
N GLN E 38 -13.49 -6.68 20.67
CA GLN E 38 -13.11 -5.43 21.28
C GLN E 38 -11.66 -5.10 20.97
N GLU E 39 -10.78 -6.09 21.08
CA GLU E 39 -9.37 -5.89 20.86
C GLU E 39 -8.70 -7.15 20.35
N ALA E 40 -8.01 -7.06 19.24
CA ALA E 40 -7.14 -8.13 18.80
C ALA E 40 -5.76 -7.57 18.50
N LYS E 41 -4.79 -7.97 19.29
CA LYS E 41 -3.42 -7.54 19.10
C LYS E 41 -2.66 -8.65 18.40
N LEU E 42 -2.38 -8.43 17.12
CA LEU E 42 -1.78 -9.44 16.29
C LEU E 42 -0.28 -9.53 16.56
N TYR E 43 0.13 -10.59 17.20
CA TYR E 43 1.52 -10.83 17.48
C TYR E 43 2.05 -11.96 16.61
N LEU E 44 3.26 -11.78 16.16
CA LEU E 44 3.94 -12.77 15.36
C LEU E 44 5.28 -13.13 16.00
N ALA E 45 5.41 -14.36 16.42
CA ALA E 45 6.68 -14.82 16.92
C ALA E 45 7.39 -15.64 15.87
N ALA E 46 8.38 -15.03 15.26
CA ALA E 46 9.16 -15.68 14.22
C ALA E 46 10.63 -15.60 14.55
N GLU E 47 11.35 -16.71 14.36
CA GLU E 47 12.75 -16.80 14.74
C GLU E 47 12.93 -16.47 16.22
N LYS E 48 11.93 -16.90 17.01
CA LYS E 48 11.92 -16.72 18.47
C LYS E 48 11.94 -15.25 18.86
N GLN E 49 11.21 -14.43 18.13
CA GLN E 49 11.08 -13.02 18.47
C GLN E 49 9.61 -12.60 18.37
N GLU E 50 9.10 -11.98 19.43
CA GLU E 50 7.71 -11.57 19.46
C GLU E 50 7.53 -10.20 18.80
N TYR E 51 6.98 -10.21 17.60
CA TYR E 51 6.72 -8.97 16.89
C TYR E 51 5.26 -8.58 17.02
N ILE E 52 5.00 -7.33 17.37
CA ILE E 52 3.66 -6.80 17.29
C ILE E 52 3.37 -6.43 15.84
N VAL E 53 2.51 -7.21 15.21
CA VAL E 53 2.25 -7.10 13.78
C VAL E 53 1.24 -6.01 13.51
N ALA E 54 0.12 -6.07 14.21
CA ALA E 54 -0.95 -5.10 14.02
C ALA E 54 -1.82 -4.99 15.25
N THR E 55 -2.31 -3.79 15.52
CA THR E 55 -3.26 -3.61 16.59
C THR E 55 -4.62 -3.31 15.99
N VAL E 56 -5.48 -4.31 15.97
CA VAL E 56 -6.80 -4.15 15.37
C VAL E 56 -7.86 -4.31 16.44
N THR E 57 -8.59 -3.24 16.69
CA THR E 57 -9.56 -3.22 17.77
C THR E 57 -10.95 -2.87 17.26
N LYS E 58 -11.92 -2.78 18.14
CA LYS E 58 -13.24 -2.28 17.78
C LYS E 58 -13.14 -0.81 17.36
N ALA E 59 -12.08 -0.14 17.81
CA ALA E 59 -11.83 1.26 17.45
C ALA E 59 -11.12 1.33 16.11
N ILE E 60 -10.17 0.42 15.91
CA ILE E 60 -9.48 0.28 14.63
C ILE E 60 -9.88 -1.07 14.03
N PRO E 61 -11.06 -1.13 13.38
CA PRO E 61 -11.71 -2.40 13.00
C PRO E 61 -10.98 -3.15 11.89
N GLN E 62 -9.88 -2.60 11.40
CA GLN E 62 -9.17 -3.21 10.29
C GLN E 62 -7.77 -2.65 10.16
N VAL E 63 -6.80 -3.55 10.05
CA VAL E 63 -5.43 -3.17 9.77
C VAL E 63 -4.97 -3.80 8.47
N ALA E 64 -4.99 -3.01 7.41
CA ALA E 64 -4.44 -3.44 6.13
C ALA E 64 -2.93 -3.26 6.15
N LEU E 65 -2.21 -4.36 6.03
CA LEU E 65 -0.77 -4.34 6.22
C LEU E 65 -0.07 -5.21 5.18
N ASP E 66 1.24 -5.08 5.10
CA ASP E 66 2.03 -5.85 4.13
C ASP E 66 2.92 -6.85 4.86
N LEU E 67 2.52 -8.10 4.81
CA LEU E 67 3.27 -9.19 5.42
C LEU E 67 3.74 -10.16 4.37
N ASN E 68 4.94 -10.67 4.51
CA ASN E 68 5.43 -11.71 3.62
C ASN E 68 6.25 -12.73 4.37
N PHE E 69 5.96 -14.00 4.13
CA PHE E 69 6.68 -15.09 4.75
C PHE E 69 7.12 -16.09 3.69
N SER E 70 8.11 -16.91 4.01
CA SER E 70 8.62 -17.90 3.07
C SER E 70 8.45 -19.30 3.65
N LYS E 71 8.46 -20.31 2.76
CA LYS E 71 8.21 -21.67 3.19
C LYS E 71 9.46 -22.29 3.82
N GLY E 72 10.47 -21.46 4.04
CA GLY E 72 11.66 -21.89 4.72
C GLY E 72 11.59 -21.57 6.20
N ASP E 73 10.88 -20.50 6.54
CA ASP E 73 10.72 -20.10 7.92
C ASP E 73 9.38 -20.55 8.47
N ARG E 74 9.23 -20.49 9.78
CA ARG E 74 8.00 -20.89 10.45
C ARG E 74 7.67 -19.86 11.51
N ILE E 75 6.40 -19.58 11.69
CA ILE E 75 5.99 -18.44 12.48
C ILE E 75 4.84 -18.78 13.43
N MET E 76 4.69 -17.97 14.46
CA MET E 76 3.57 -18.09 15.37
C MET E 76 2.70 -16.86 15.27
N PHE E 77 1.46 -17.03 14.84
CA PHE E 77 0.52 -15.92 14.79
C PHE E 77 -0.45 -16.04 15.93
N TYR E 78 -0.58 -14.98 16.72
CA TYR E 78 -1.51 -15.03 17.84
C TYR E 78 -2.04 -13.65 18.19
N THR E 79 -3.34 -13.58 18.41
CA THR E 79 -4.00 -12.32 18.69
C THR E 79 -4.42 -12.23 20.15
N ALA E 80 -3.90 -11.24 20.85
CA ALA E 80 -4.25 -11.03 22.25
C ALA E 80 -5.45 -10.10 22.38
N GLY E 81 -6.10 -10.14 23.53
CA GLY E 81 -7.30 -9.35 23.74
C GLY E 81 -8.53 -10.16 23.42
N ASP E 82 -9.69 -9.53 23.37
CA ASP E 82 -10.89 -10.25 23.00
C ASP E 82 -11.46 -9.68 21.72
N ALA E 83 -11.23 -10.42 20.64
CA ALA E 83 -11.82 -10.12 19.35
C ALA E 83 -11.48 -11.24 18.37
N SER E 84 -12.27 -11.36 17.31
CA SER E 84 -12.02 -12.38 16.32
C SER E 84 -11.74 -11.71 14.97
N VAL E 85 -10.58 -12.01 14.40
CA VAL E 85 -10.13 -11.32 13.21
C VAL E 85 -10.01 -12.25 12.02
N SER E 86 -10.09 -11.67 10.84
CA SER E 86 -9.87 -12.40 9.62
C SER E 86 -8.69 -11.77 8.89
N LEU E 87 -7.64 -12.54 8.71
CA LEU E 87 -6.54 -12.10 7.88
C LEU E 87 -6.76 -12.57 6.48
N LEU E 88 -6.32 -11.77 5.54
CA LEU E 88 -6.43 -12.08 4.15
C LEU E 88 -5.09 -11.89 3.49
N GLY E 89 -4.78 -12.75 2.55
CA GLY E 89 -3.51 -12.68 1.87
C GLY E 89 -3.47 -13.51 0.62
N TYR E 90 -2.28 -13.71 0.07
CA TYR E 90 -2.13 -14.52 -1.12
C TYR E 90 -0.82 -15.29 -1.11
N LEU E 91 -0.93 -16.59 -1.36
CA LEU E 91 0.20 -17.48 -1.54
C LEU E 91 0.89 -17.18 -2.87
N HIS E 92 2.10 -16.67 -2.82
CA HIS E 92 2.81 -16.33 -4.04
C HIS E 92 3.82 -17.41 -4.40
N ASP E 93 3.62 -18.03 -5.55
CA ASP E 93 4.55 -19.03 -6.06
C ASP E 93 5.48 -18.38 -7.09
N ILE E 94 4.87 -17.76 -8.09
CA ILE E 94 5.60 -17.04 -9.12
C ILE E 94 6.46 -17.99 -9.96
N ASP E 95 5.86 -18.53 -11.01
CA ASP E 95 6.55 -19.41 -11.93
C ASP E 95 6.38 -18.92 -13.35
N SER E 96 7.48 -18.90 -14.11
CA SER E 96 7.45 -18.41 -15.47
C SER E 96 7.30 -19.55 -16.47
N GLY E 97 6.67 -20.63 -16.02
CA GLY E 97 6.45 -21.77 -16.89
C GLY E 97 5.26 -21.57 -17.80
N SER E 98 5.48 -20.81 -18.86
CA SER E 98 4.45 -20.54 -19.84
C SER E 98 4.31 -21.73 -20.80
N PHE A 1 3.96 -2.53 -24.95
CA PHE A 1 2.90 -1.88 -25.76
C PHE A 1 2.08 -2.94 -26.50
N GLN A 2 2.76 -3.80 -27.24
CA GLN A 2 2.09 -4.84 -28.03
C GLN A 2 1.51 -5.91 -27.12
N GLY A 3 0.27 -5.71 -26.71
CA GLY A 3 -0.37 -6.64 -25.80
C GLY A 3 -1.25 -5.90 -24.81
N ALA A 4 -1.19 -6.32 -23.56
CA ALA A 4 -2.02 -5.71 -22.52
C ALA A 4 -1.23 -5.61 -21.22
N MET A 5 -1.91 -5.17 -20.17
CA MET A 5 -1.34 -5.09 -18.84
C MET A 5 -2.43 -5.46 -17.82
N ALA A 6 -2.12 -5.33 -16.53
CA ALA A 6 -3.12 -5.53 -15.49
C ALA A 6 -4.36 -4.68 -15.77
N MET A 7 -5.51 -5.34 -15.93
CA MET A 7 -6.70 -4.66 -16.41
C MET A 7 -7.70 -4.37 -15.29
N PHE A 8 -8.31 -3.20 -15.37
CA PHE A 8 -9.23 -2.70 -14.36
C PHE A 8 -10.39 -3.66 -14.07
N TRP A 9 -10.74 -3.72 -12.79
CA TRP A 9 -11.83 -4.55 -12.30
C TRP A 9 -12.69 -3.70 -11.35
N GLY A 10 -13.98 -3.96 -11.32
CA GLY A 10 -14.86 -3.21 -10.45
C GLY A 10 -16.02 -4.04 -9.93
N LEU A 11 -16.42 -3.77 -8.70
CA LEU A 11 -17.56 -4.44 -8.09
C LEU A 11 -18.46 -3.43 -7.38
N ASN A 12 -19.62 -3.18 -7.94
CA ASN A 12 -20.60 -2.30 -7.32
C ASN A 12 -21.62 -3.12 -6.55
N MET A 13 -21.44 -3.19 -5.24
CA MET A 13 -22.24 -4.07 -4.40
C MET A 13 -23.47 -3.35 -3.87
N LYS A 14 -24.56 -4.09 -3.78
CA LYS A 14 -25.81 -3.59 -3.25
C LYS A 14 -25.98 -4.06 -1.81
N PRO A 15 -26.58 -3.21 -0.96
CA PRO A 15 -26.71 -3.46 0.49
C PRO A 15 -27.31 -4.83 0.82
N GLU A 16 -26.56 -5.62 1.61
CA GLU A 16 -26.99 -6.95 2.04
C GLU A 16 -27.29 -7.86 0.87
N ARG A 17 -26.24 -8.30 0.21
CA ARG A 17 -26.36 -9.24 -0.89
C ARG A 17 -25.11 -10.10 -0.99
N LYS A 18 -25.31 -11.39 -1.25
CA LYS A 18 -24.19 -12.31 -1.37
C LYS A 18 -23.97 -12.72 -2.81
N TYR A 19 -22.78 -12.47 -3.31
CA TYR A 19 -22.42 -12.93 -4.63
C TYR A 19 -21.38 -14.02 -4.52
N SER A 20 -21.80 -15.26 -4.70
CA SER A 20 -20.87 -16.37 -4.76
C SER A 20 -20.47 -16.56 -6.22
N GLN A 21 -19.32 -16.04 -6.56
CA GLN A 21 -18.92 -15.94 -7.95
C GLN A 21 -17.70 -16.78 -8.27
N THR A 22 -17.75 -17.42 -9.43
CA THR A 22 -16.64 -18.18 -9.96
C THR A 22 -15.68 -17.25 -10.68
N ILE A 23 -14.41 -17.37 -10.38
CA ILE A 23 -13.40 -16.47 -10.93
C ILE A 23 -12.92 -16.96 -12.29
N ILE A 24 -13.21 -16.17 -13.32
CA ILE A 24 -12.80 -16.50 -14.68
C ILE A 24 -11.41 -15.97 -14.99
N LYS A 25 -10.92 -15.11 -14.12
CA LYS A 25 -9.58 -14.55 -14.27
C LYS A 25 -9.10 -14.00 -12.94
N SER A 26 -7.99 -14.54 -12.45
CA SER A 26 -7.42 -14.15 -11.18
C SER A 26 -7.26 -12.64 -11.10
N PHE A 27 -7.60 -12.04 -9.98
CA PHE A 27 -7.57 -10.58 -9.88
C PHE A 27 -7.21 -10.10 -8.49
N HIS A 28 -6.87 -8.82 -8.42
CA HIS A 28 -6.55 -8.16 -7.17
C HIS A 28 -7.57 -7.07 -6.89
N ILE A 29 -8.27 -7.18 -5.77
CA ILE A 29 -9.10 -6.08 -5.30
C ILE A 29 -8.22 -5.12 -4.52
N SER A 30 -8.38 -3.83 -4.77
CA SER A 30 -7.47 -2.86 -4.23
C SER A 30 -8.19 -1.84 -3.34
N GLY A 31 -9.52 -1.85 -3.34
CA GLY A 31 -10.23 -0.96 -2.46
C GLY A 31 -11.73 -1.10 -2.54
N VAL A 32 -12.40 -0.66 -1.49
CA VAL A 32 -13.86 -0.62 -1.42
C VAL A 32 -14.31 0.67 -0.75
N ALA A 33 -15.33 1.32 -1.29
CA ALA A 33 -15.79 2.58 -0.72
C ALA A 33 -17.27 2.77 -0.95
N LEU A 34 -17.93 3.55 -0.09
CA LEU A 34 -19.35 3.81 -0.26
C LEU A 34 -19.62 5.28 -0.49
N ASP A 35 -20.55 5.52 -1.40
CA ASP A 35 -21.03 6.85 -1.68
C ASP A 35 -22.45 6.97 -1.18
N LYS A 36 -23.27 6.03 -1.62
CA LYS A 36 -24.63 5.94 -1.17
C LYS A 36 -24.73 4.81 -0.15
N GLY A 37 -25.26 5.10 1.02
CA GLY A 37 -25.41 4.08 2.02
C GLY A 37 -25.11 4.54 3.42
N GLN A 38 -25.51 3.74 4.40
CA GLN A 38 -25.22 4.04 5.79
C GLN A 38 -24.07 3.21 6.32
N GLU A 39 -24.09 1.89 6.05
CA GLU A 39 -23.04 0.99 6.50
C GLU A 39 -22.89 -0.20 5.55
N ALA A 40 -21.66 -0.52 5.20
CA ALA A 40 -21.40 -1.75 4.46
C ALA A 40 -20.24 -2.51 5.09
N LYS A 41 -20.54 -3.67 5.64
CA LYS A 41 -19.48 -4.53 6.16
C LYS A 41 -19.16 -5.58 5.12
N LEU A 42 -17.97 -5.52 4.58
CA LEU A 42 -17.58 -6.32 3.45
C LEU A 42 -16.99 -7.64 3.92
N TYR A 43 -17.73 -8.71 3.72
CA TYR A 43 -17.27 -10.03 4.08
C TYR A 43 -16.97 -10.83 2.82
N LEU A 44 -16.00 -11.71 2.95
CA LEU A 44 -15.64 -12.60 1.90
C LEU A 44 -15.61 -14.03 2.42
N ALA A 45 -16.46 -14.87 1.89
CA ALA A 45 -16.46 -16.26 2.27
C ALA A 45 -15.79 -17.09 1.21
N ALA A 46 -14.57 -17.49 1.49
CA ALA A 46 -13.79 -18.33 0.60
C ALA A 46 -13.27 -19.52 1.38
N GLU A 47 -13.21 -20.68 0.75
CA GLU A 47 -12.85 -21.92 1.44
C GLU A 47 -13.88 -22.20 2.54
N LYS A 48 -15.09 -21.69 2.32
CA LYS A 48 -16.19 -21.79 3.28
C LYS A 48 -15.81 -21.16 4.60
N GLN A 49 -15.10 -20.04 4.54
CA GLN A 49 -14.70 -19.32 5.73
C GLN A 49 -15.06 -17.84 5.59
N GLU A 50 -15.76 -17.30 6.57
CA GLU A 50 -16.20 -15.91 6.52
C GLU A 50 -15.07 -14.98 6.95
N TYR A 51 -14.49 -14.30 5.98
CA TYR A 51 -13.45 -13.33 6.25
C TYR A 51 -14.01 -11.91 6.17
N ILE A 52 -13.98 -11.19 7.28
CA ILE A 52 -14.32 -9.79 7.26
C ILE A 52 -13.16 -9.01 6.63
N VAL A 53 -13.30 -8.66 5.36
CA VAL A 53 -12.20 -8.07 4.62
C VAL A 53 -12.17 -6.55 4.78
N ALA A 54 -13.34 -5.93 4.92
CA ALA A 54 -13.39 -4.49 5.09
C ALA A 54 -14.62 -4.04 5.86
N THR A 55 -14.45 -3.03 6.70
CA THR A 55 -15.57 -2.37 7.32
C THR A 55 -15.67 -0.95 6.80
N VAL A 56 -16.59 -0.72 5.88
CA VAL A 56 -16.71 0.58 5.25
C VAL A 56 -18.08 1.19 5.55
N THR A 57 -18.08 2.25 6.31
CA THR A 57 -19.31 2.90 6.74
C THR A 57 -19.32 4.37 6.34
N LYS A 58 -20.37 5.09 6.71
CA LYS A 58 -20.35 6.55 6.58
C LYS A 58 -19.22 7.15 7.41
N ALA A 59 -18.87 6.47 8.50
CA ALA A 59 -17.79 6.91 9.37
C ALA A 59 -16.44 6.64 8.72
N ILE A 60 -16.34 5.48 8.08
CA ILE A 60 -15.18 5.13 7.29
C ILE A 60 -15.60 4.94 5.84
N PRO A 61 -15.73 6.04 5.09
CA PRO A 61 -16.38 6.05 3.77
C PRO A 61 -15.59 5.30 2.70
N GLN A 62 -14.41 4.83 3.04
CA GLN A 62 -13.53 4.18 2.08
C GLN A 62 -12.49 3.31 2.76
N VAL A 63 -12.37 2.08 2.31
CA VAL A 63 -11.38 1.15 2.80
C VAL A 63 -10.46 0.70 1.66
N ALA A 64 -9.16 0.88 1.86
CA ALA A 64 -8.19 0.40 0.88
C ALA A 64 -7.86 -1.07 1.15
N LEU A 65 -7.91 -1.88 0.10
CA LEU A 65 -7.77 -3.32 0.27
C LEU A 65 -6.61 -3.88 -0.57
N ASP A 66 -6.26 -5.11 -0.26
CA ASP A 66 -5.32 -5.88 -1.06
C ASP A 66 -5.77 -7.34 -1.03
N LEU A 67 -6.47 -7.75 -2.07
CA LEU A 67 -7.05 -9.10 -2.13
C LEU A 67 -6.76 -9.73 -3.48
N ASN A 68 -5.89 -10.72 -3.50
CA ASN A 68 -5.57 -11.40 -4.75
C ASN A 68 -6.24 -12.77 -4.77
N PHE A 69 -7.17 -12.94 -5.69
CA PHE A 69 -7.89 -14.20 -5.83
C PHE A 69 -7.43 -14.92 -7.09
N SER A 70 -7.68 -16.22 -7.13
CA SER A 70 -7.25 -17.05 -8.26
C SER A 70 -8.46 -17.62 -8.99
N LYS A 71 -8.29 -17.82 -10.29
CA LYS A 71 -9.36 -18.30 -11.16
C LYS A 71 -9.73 -19.76 -10.87
N GLY A 72 -9.06 -20.36 -9.91
CA GLY A 72 -9.37 -21.72 -9.53
C GLY A 72 -10.34 -21.78 -8.37
N ASP A 73 -10.48 -20.69 -7.64
CA ASP A 73 -11.32 -20.68 -6.45
C ASP A 73 -12.66 -20.01 -6.74
N ARG A 74 -13.63 -20.22 -5.87
CA ARG A 74 -14.94 -19.61 -6.00
C ARG A 74 -15.35 -18.96 -4.69
N ILE A 75 -15.36 -17.65 -4.67
CA ILE A 75 -15.52 -16.90 -3.43
C ILE A 75 -16.87 -16.21 -3.37
N MET A 76 -17.33 -15.90 -2.16
CA MET A 76 -18.57 -15.15 -2.03
C MET A 76 -18.29 -13.80 -1.40
N PHE A 77 -18.68 -12.76 -2.09
CA PHE A 77 -18.55 -11.42 -1.56
C PHE A 77 -19.89 -10.92 -1.11
N TYR A 78 -19.97 -10.43 0.10
CA TYR A 78 -21.24 -9.93 0.61
C TYR A 78 -21.06 -8.82 1.62
N THR A 79 -21.86 -7.80 1.46
CA THR A 79 -21.85 -6.65 2.35
C THR A 79 -23.07 -6.67 3.25
N ALA A 80 -22.84 -6.46 4.55
CA ALA A 80 -23.92 -6.39 5.51
C ALA A 80 -24.25 -4.94 5.83
N GLY A 81 -25.49 -4.70 6.26
CA GLY A 81 -25.94 -3.36 6.53
C GLY A 81 -26.56 -2.74 5.31
N ASP A 82 -26.88 -1.46 5.37
CA ASP A 82 -27.42 -0.81 4.20
C ASP A 82 -26.43 0.22 3.69
N ALA A 83 -25.73 -0.15 2.63
CA ALA A 83 -24.94 0.76 1.84
C ALA A 83 -24.49 0.09 0.56
N SER A 84 -24.25 0.90 -0.47
CA SER A 84 -23.82 0.37 -1.75
C SER A 84 -22.37 0.78 -1.99
N VAL A 85 -21.51 -0.22 -2.17
CA VAL A 85 -20.07 0.04 -2.23
C VAL A 85 -19.49 -0.28 -3.59
N SER A 86 -18.45 0.46 -3.94
CA SER A 86 -17.72 0.22 -5.16
C SER A 86 -16.33 -0.30 -4.82
N LEU A 87 -16.04 -1.53 -5.21
CA LEU A 87 -14.70 -2.04 -5.11
C LEU A 87 -14.00 -1.85 -6.42
N LEU A 88 -12.72 -1.57 -6.35
CA LEU A 88 -11.90 -1.47 -7.53
C LEU A 88 -10.75 -2.43 -7.42
N GLY A 89 -10.30 -2.90 -8.56
CA GLY A 89 -9.19 -3.81 -8.59
C GLY A 89 -8.64 -3.97 -9.98
N TYR A 90 -7.80 -4.96 -10.17
CA TYR A 90 -7.27 -5.26 -11.49
C TYR A 90 -6.98 -6.74 -11.66
N LEU A 91 -7.47 -7.25 -12.78
CA LEU A 91 -7.26 -8.63 -13.18
C LEU A 91 -5.77 -8.89 -13.43
N HIS A 92 -5.32 -10.05 -12.98
CA HIS A 92 -3.92 -10.45 -13.16
C HIS A 92 -3.60 -10.66 -14.63
N ASP A 93 -2.65 -9.89 -15.11
CA ASP A 93 -2.22 -9.97 -16.49
C ASP A 93 -0.75 -9.58 -16.57
N ILE A 94 -0.13 -9.79 -17.71
CA ILE A 94 1.28 -9.47 -17.86
C ILE A 94 1.47 -8.06 -18.38
N ASP A 95 2.57 -7.43 -17.99
CA ASP A 95 2.83 -6.07 -18.40
C ASP A 95 3.63 -6.03 -19.69
N SER A 96 2.94 -5.82 -20.79
CA SER A 96 3.56 -5.72 -22.10
C SER A 96 4.43 -4.47 -22.20
N GLY A 97 5.74 -4.65 -22.14
CA GLY A 97 6.64 -3.52 -22.26
C GLY A 97 6.97 -3.22 -23.71
N SER A 98 7.35 -4.25 -24.45
CA SER A 98 7.77 -4.12 -25.84
C SER A 98 9.05 -3.30 -25.94
N PHE B 1 18.84 0.52 -17.04
CA PHE B 1 19.24 1.90 -17.39
C PHE B 1 18.88 2.22 -18.83
N GLN B 2 19.31 1.37 -19.76
CA GLN B 2 19.06 1.58 -21.18
C GLN B 2 17.58 1.34 -21.50
N GLY B 3 16.80 2.40 -21.42
CA GLY B 3 15.39 2.29 -21.65
C GLY B 3 14.60 3.19 -20.73
N ALA B 4 13.51 2.69 -20.18
CA ALA B 4 12.67 3.47 -19.29
C ALA B 4 12.14 2.60 -18.16
N MET B 5 11.28 3.18 -17.33
CA MET B 5 10.60 2.46 -16.26
C MET B 5 9.18 2.98 -16.15
N ALA B 6 8.44 2.53 -15.13
CA ALA B 6 7.11 3.07 -14.86
C ALA B 6 7.16 4.58 -14.77
N MET B 7 6.41 5.25 -15.64
CA MET B 7 6.53 6.70 -15.78
C MET B 7 5.38 7.45 -15.11
N PHE B 8 5.74 8.57 -14.48
CA PHE B 8 4.81 9.40 -13.72
C PHE B 8 3.58 9.82 -14.51
N TRP B 9 2.45 9.83 -13.82
CA TRP B 9 1.17 10.23 -14.37
C TRP B 9 0.49 11.18 -13.38
N GLY B 10 -0.26 12.14 -13.88
CA GLY B 10 -0.94 13.08 -13.01
C GLY B 10 -2.28 13.53 -13.56
N LEU B 11 -3.23 13.76 -12.67
CA LEU B 11 -4.54 14.26 -13.06
C LEU B 11 -4.99 15.37 -12.10
N ASN B 12 -5.00 16.59 -12.59
CA ASN B 12 -5.47 17.73 -11.82
C ASN B 12 -6.92 18.01 -12.17
N MET B 13 -7.83 17.57 -11.31
CA MET B 13 -9.25 17.64 -11.60
C MET B 13 -9.87 18.92 -11.07
N LYS B 14 -10.81 19.45 -11.83
CA LYS B 14 -11.53 20.64 -11.45
C LYS B 14 -12.89 20.25 -10.88
N PRO B 15 -13.38 21.00 -9.88
CA PRO B 15 -14.62 20.70 -9.15
C PRO B 15 -15.83 20.45 -10.08
N GLU B 16 -16.43 19.27 -9.92
CA GLU B 16 -17.62 18.88 -10.69
C GLU B 16 -17.35 18.92 -12.18
N ARG B 17 -16.59 17.95 -12.65
CA ARG B 17 -16.31 17.81 -14.07
C ARG B 17 -16.08 16.35 -14.42
N LYS B 18 -16.62 15.92 -15.55
CA LYS B 18 -16.48 14.54 -15.99
C LYS B 18 -15.52 14.44 -17.17
N TYR B 19 -14.47 13.67 -17.00
CA TYR B 19 -13.56 13.41 -18.09
C TYR B 19 -13.70 11.96 -18.53
N SER B 20 -14.38 11.74 -19.64
CA SER B 20 -14.45 10.42 -20.22
C SER B 20 -13.30 10.28 -21.20
N GLN B 21 -12.24 9.64 -20.75
CA GLN B 21 -10.99 9.64 -21.48
C GLN B 21 -10.60 8.25 -21.98
N THR B 22 -10.09 8.22 -23.19
CA THR B 22 -9.57 7.01 -23.78
C THR B 22 -8.12 6.82 -23.34
N ILE B 23 -7.80 5.62 -22.91
CA ILE B 23 -6.49 5.33 -22.36
C ILE B 23 -5.50 4.96 -23.47
N ILE B 24 -4.50 5.80 -23.65
CA ILE B 24 -3.49 5.58 -24.67
C ILE B 24 -2.33 4.74 -24.13
N LYS B 25 -2.30 4.57 -22.82
CA LYS B 25 -1.29 3.76 -22.17
C LYS B 25 -1.77 3.36 -20.78
N SER B 26 -1.88 2.05 -20.56
CA SER B 26 -2.34 1.49 -19.30
C SER B 26 -1.57 2.10 -18.14
N PHE B 27 -2.25 2.45 -17.06
CA PHE B 27 -1.59 3.14 -15.97
C PHE B 27 -2.18 2.79 -14.61
N HIS B 28 -1.44 3.14 -13.57
CA HIS B 28 -1.87 2.95 -12.19
C HIS B 28 -2.02 4.28 -11.51
N ILE B 29 -3.21 4.59 -11.04
CA ILE B 29 -3.41 5.74 -10.18
C ILE B 29 -3.09 5.33 -8.75
N SER B 30 -2.34 6.14 -8.04
CA SER B 30 -1.83 5.76 -6.75
C SER B 30 -2.32 6.68 -5.64
N GLY B 31 -2.94 7.79 -6.00
CA GLY B 31 -3.47 8.67 -4.97
C GLY B 31 -4.20 9.88 -5.52
N VAL B 32 -5.06 10.44 -4.70
CA VAL B 32 -5.77 11.68 -5.02
C VAL B 32 -5.83 12.56 -3.77
N ALA B 33 -5.60 13.85 -3.93
CA ALA B 33 -5.60 14.76 -2.78
C ALA B 33 -6.04 16.15 -3.19
N LEU B 34 -6.59 16.92 -2.24
CA LEU B 34 -6.99 18.28 -2.54
C LEU B 34 -6.23 19.29 -1.72
N ASP B 35 -5.89 20.36 -2.38
CA ASP B 35 -5.25 21.50 -1.73
C ASP B 35 -6.22 22.65 -1.71
N LYS B 36 -6.75 22.97 -2.88
CA LYS B 36 -7.77 23.98 -3.01
C LYS B 36 -9.12 23.29 -3.17
N GLY B 37 -10.08 23.64 -2.33
CA GLY B 37 -11.39 23.05 -2.46
C GLY B 37 -12.03 22.75 -1.13
N GLN B 38 -13.33 22.48 -1.16
CA GLN B 38 -14.06 22.11 0.03
C GLN B 38 -14.32 20.60 0.09
N GLU B 39 -14.79 20.03 -1.03
CA GLU B 39 -15.07 18.59 -1.10
C GLU B 39 -14.89 18.08 -2.53
N ALA B 40 -14.22 16.95 -2.66
CA ALA B 40 -14.17 16.27 -3.95
C ALA B 40 -14.46 14.79 -3.78
N LYS B 41 -15.57 14.34 -4.31
CA LYS B 41 -15.89 12.93 -4.32
C LYS B 41 -15.50 12.34 -5.66
N LEU B 42 -14.51 11.46 -5.65
CA LEU B 42 -13.90 10.98 -6.87
C LEU B 42 -14.62 9.72 -7.33
N TYR B 43 -15.36 9.86 -8.42
CA TYR B 43 -16.05 8.73 -9.01
C TYR B 43 -15.40 8.34 -10.31
N LEU B 44 -15.47 7.07 -10.60
CA LEU B 44 -14.97 6.53 -11.83
C LEU B 44 -16.05 5.69 -12.49
N ALA B 45 -16.49 6.10 -13.66
CA ALA B 45 -17.45 5.32 -14.39
C ALA B 45 -16.76 4.56 -15.51
N ALA B 46 -16.60 3.26 -15.29
CA ALA B 46 -16.00 2.38 -16.27
C ALA B 46 -16.92 1.19 -16.45
N GLU B 47 -17.00 0.69 -17.68
CA GLU B 47 -17.95 -0.37 -18.02
C GLU B 47 -19.37 0.13 -17.77
N LYS B 48 -19.53 1.45 -17.87
CA LYS B 48 -20.80 2.13 -17.61
C LYS B 48 -21.28 1.86 -16.18
N GLN B 49 -20.34 1.82 -15.25
CA GLN B 49 -20.66 1.60 -13.85
C GLN B 49 -20.00 2.67 -13.00
N GLU B 50 -20.78 3.34 -12.15
CA GLU B 50 -20.25 4.41 -11.31
C GLU B 50 -19.58 3.83 -10.08
N TYR B 51 -18.26 3.89 -10.07
CA TYR B 51 -17.48 3.44 -8.93
C TYR B 51 -16.99 4.63 -8.12
N ILE B 52 -17.42 4.73 -6.88
CA ILE B 52 -16.86 5.73 -5.98
C ILE B 52 -15.47 5.26 -5.53
N VAL B 53 -14.44 5.82 -6.15
CA VAL B 53 -13.09 5.33 -5.92
C VAL B 53 -12.45 6.04 -4.74
N ALA B 54 -12.79 7.30 -4.51
CA ALA B 54 -12.21 8.03 -3.39
C ALA B 54 -13.13 9.12 -2.88
N THR B 55 -13.17 9.31 -1.57
CA THR B 55 -13.82 10.46 -0.99
C THR B 55 -12.78 11.36 -0.35
N VAL B 56 -12.43 12.45 -1.03
CA VAL B 56 -11.38 13.32 -0.54
C VAL B 56 -11.94 14.72 -0.28
N THR B 57 -11.97 15.09 0.98
CA THR B 57 -12.55 16.36 1.40
C THR B 57 -11.53 17.19 2.17
N LYS B 58 -11.93 18.35 2.65
CA LYS B 58 -11.11 19.09 3.60
C LYS B 58 -10.89 18.27 4.87
N ALA B 59 -11.85 17.42 5.19
CA ALA B 59 -11.76 16.55 6.36
C ALA B 59 -10.78 15.41 6.09
N ILE B 60 -10.84 14.87 4.88
CA ILE B 60 -9.90 13.87 4.43
C ILE B 60 -9.13 14.44 3.23
N PRO B 61 -8.09 15.26 3.48
CA PRO B 61 -7.43 16.07 2.45
C PRO B 61 -6.65 15.25 1.43
N GLN B 62 -6.58 13.95 1.64
CA GLN B 62 -5.79 13.08 0.78
C GLN B 62 -6.23 11.63 0.88
N VAL B 63 -6.45 11.02 -0.27
CA VAL B 63 -6.80 9.61 -0.34
C VAL B 63 -5.77 8.85 -1.16
N ALA B 64 -5.22 7.80 -0.58
CA ALA B 64 -4.28 6.94 -1.28
C ALA B 64 -5.04 5.89 -2.07
N LEU B 65 -4.71 5.73 -3.35
CA LEU B 65 -5.47 4.86 -4.23
C LEU B 65 -4.60 3.77 -4.86
N ASP B 66 -5.28 2.80 -5.45
CA ASP B 66 -4.62 1.79 -6.27
C ASP B 66 -5.58 1.44 -7.41
N LEU B 67 -5.37 2.04 -8.56
CA LEU B 67 -6.25 1.86 -9.70
C LEU B 67 -5.44 1.58 -10.96
N ASN B 68 -5.52 0.36 -11.45
CA ASN B 68 -4.80 0.00 -12.68
C ASN B 68 -5.77 -0.11 -13.83
N PHE B 69 -5.63 0.78 -14.79
CA PHE B 69 -6.48 0.77 -15.96
C PHE B 69 -5.71 0.29 -17.19
N SER B 70 -6.44 -0.14 -18.21
CA SER B 70 -5.83 -0.68 -19.41
C SER B 70 -6.15 0.20 -20.62
N LYS B 71 -5.22 0.22 -21.56
CA LYS B 71 -5.32 1.06 -22.76
C LYS B 71 -6.42 0.59 -23.69
N GLY B 72 -7.11 -0.48 -23.32
CA GLY B 72 -8.21 -0.96 -24.12
C GLY B 72 -9.55 -0.42 -23.67
N ASP B 73 -9.61 0.09 -22.44
CA ASP B 73 -10.86 0.57 -21.88
C ASP B 73 -10.94 2.09 -21.95
N ARG B 74 -12.15 2.62 -21.77
CA ARG B 74 -12.36 4.06 -21.78
C ARG B 74 -13.20 4.46 -20.57
N ILE B 75 -12.55 5.12 -19.62
CA ILE B 75 -13.17 5.37 -18.32
C ILE B 75 -13.51 6.85 -18.16
N MET B 76 -14.44 7.14 -17.25
CA MET B 76 -14.75 8.53 -16.97
C MET B 76 -14.43 8.84 -15.53
N PHE B 77 -13.57 9.83 -15.33
CA PHE B 77 -13.23 10.27 -14.01
C PHE B 77 -13.95 11.57 -13.71
N TYR B 78 -14.63 11.63 -12.59
CA TYR B 78 -15.34 12.83 -12.23
C TYR B 78 -15.45 13.03 -10.74
N THR B 79 -15.19 14.26 -10.33
CA THR B 79 -15.28 14.63 -8.93
C THR B 79 -16.51 15.47 -8.67
N ALA B 80 -17.24 15.12 -7.63
CA ALA B 80 -18.43 15.87 -7.22
C ALA B 80 -18.10 16.79 -6.07
N GLY B 81 -18.87 17.87 -5.95
CA GLY B 81 -18.61 18.87 -4.93
C GLY B 81 -17.72 19.96 -5.46
N ASP B 82 -17.27 20.85 -4.60
CA ASP B 82 -16.33 21.86 -5.03
C ASP B 82 -14.99 21.64 -4.37
N ALA B 83 -14.08 21.09 -5.15
CA ALA B 83 -12.67 21.04 -4.80
C ALA B 83 -11.87 20.59 -6.00
N SER B 84 -10.60 20.99 -6.03
CA SER B 84 -9.73 20.63 -7.12
C SER B 84 -8.66 19.66 -6.62
N VAL B 85 -8.63 18.48 -7.21
CA VAL B 85 -7.77 17.41 -6.70
C VAL B 85 -6.67 17.04 -7.66
N SER B 86 -5.55 16.60 -7.09
CA SER B 86 -4.45 16.11 -7.86
C SER B 86 -4.30 14.61 -7.64
N LEU B 87 -4.49 13.85 -8.70
CA LEU B 87 -4.18 12.43 -8.65
C LEU B 87 -2.80 12.21 -9.18
N LEU B 88 -2.11 11.25 -8.61
CA LEU B 88 -0.81 10.86 -9.09
C LEU B 88 -0.83 9.39 -9.39
N GLY B 89 -0.03 9.00 -10.35
CA GLY B 89 0.07 7.62 -10.73
C GLY B 89 1.26 7.36 -11.60
N TYR B 90 1.31 6.20 -12.21
CA TYR B 90 2.37 5.87 -13.14
C TYR B 90 1.90 4.93 -14.23
N LEU B 91 2.23 5.30 -15.46
CA LEU B 91 1.94 4.53 -16.65
C LEU B 91 2.69 3.20 -16.60
N HIS B 92 2.01 2.14 -17.02
CA HIS B 92 2.58 0.80 -17.05
C HIS B 92 3.71 0.73 -18.06
N ASP B 93 4.89 0.41 -17.59
CA ASP B 93 6.07 0.29 -18.44
C ASP B 93 7.00 -0.74 -17.82
N ILE B 94 8.02 -1.14 -18.55
CA ILE B 94 8.95 -2.14 -18.05
C ILE B 94 10.12 -1.49 -17.34
N ASP B 95 10.66 -2.16 -16.35
CA ASP B 95 11.76 -1.63 -15.57
C ASP B 95 13.10 -2.03 -16.18
N SER B 96 13.68 -1.11 -16.94
CA SER B 96 14.98 -1.32 -17.55
C SER B 96 16.08 -1.40 -16.50
N GLY B 97 16.57 -2.61 -16.25
CA GLY B 97 17.64 -2.77 -15.29
C GLY B 97 19.00 -2.61 -15.92
N SER B 98 19.21 -3.29 -17.05
CA SER B 98 20.49 -3.30 -17.75
C SER B 98 21.57 -3.96 -16.91
N PHE C 1 21.55 -12.12 -5.78
CA PHE C 1 22.68 -11.70 -4.91
C PHE C 1 23.72 -10.94 -5.72
N GLN C 2 24.18 -11.54 -6.81
CA GLN C 2 25.21 -10.93 -7.65
C GLN C 2 24.64 -9.75 -8.42
N GLY C 3 24.74 -8.58 -7.81
CA GLY C 3 24.19 -7.38 -8.41
C GLY C 3 23.58 -6.47 -7.37
N ALA C 4 22.43 -5.91 -7.67
CA ALA C 4 21.77 -4.99 -6.75
C ALA C 4 20.26 -5.21 -6.78
N MET C 5 19.54 -4.36 -6.06
CA MET C 5 18.09 -4.37 -6.05
C MET C 5 17.59 -2.93 -5.98
N ALA C 6 16.28 -2.75 -5.83
CA ALA C 6 15.72 -1.41 -5.63
C ALA C 6 16.42 -0.71 -4.47
N MET C 7 17.05 0.42 -4.76
CA MET C 7 17.92 1.07 -3.79
C MET C 7 17.26 2.28 -3.11
N PHE C 8 17.53 2.40 -1.81
CA PHE C 8 16.93 3.43 -0.96
C PHE C 8 17.15 4.85 -1.50
N TRP C 9 16.12 5.66 -1.35
CA TRP C 9 16.12 7.06 -1.75
C TRP C 9 15.54 7.90 -0.61
N GLY C 10 16.03 9.12 -0.45
CA GLY C 10 15.54 9.97 0.61
C GLY C 10 15.54 11.43 0.23
N LEU C 11 14.55 12.18 0.72
CA LEU C 11 14.47 13.61 0.48
C LEU C 11 14.11 14.34 1.77
N ASN C 12 15.07 15.06 2.32
CA ASN C 12 14.84 15.86 3.51
C ASN C 12 14.56 17.30 3.10
N MET C 13 13.29 17.67 3.10
CA MET C 13 12.87 18.96 2.59
C MET C 13 12.82 20.01 3.69
N LYS C 14 13.20 21.21 3.33
CA LYS C 14 13.18 22.34 4.24
C LYS C 14 11.93 23.19 3.97
N PRO C 15 11.34 23.76 5.03
CA PRO C 15 10.08 24.51 4.96
C PRO C 15 10.06 25.60 3.87
N GLU C 16 9.08 25.49 2.97
CA GLU C 16 8.90 26.45 1.88
C GLU C 16 10.14 26.55 1.01
N ARG C 17 10.36 25.53 0.21
CA ARG C 17 11.46 25.51 -0.74
C ARG C 17 11.10 24.65 -1.95
N LYS C 18 11.46 25.14 -3.14
CA LYS C 18 11.17 24.41 -4.36
C LYS C 18 12.43 23.81 -4.94
N TYR C 19 12.42 22.50 -5.11
CA TYR C 19 13.52 21.83 -5.77
C TYR C 19 13.06 21.31 -7.12
N SER C 20 13.44 22.01 -8.18
CA SER C 20 13.18 21.53 -9.51
C SER C 20 14.38 20.69 -9.95
N GLN C 21 14.22 19.38 -9.84
CA GLN C 21 15.34 18.48 -9.99
C GLN C 21 15.19 17.57 -11.19
N THR C 22 16.31 17.37 -11.87
CA THR C 22 16.39 16.45 -12.99
C THR C 22 16.65 15.04 -12.46
N ILE C 23 15.89 14.08 -12.94
CA ILE C 23 15.96 12.72 -12.45
C ILE C 23 17.06 11.94 -13.17
N ILE C 24 18.07 11.54 -12.42
CA ILE C 24 19.18 10.79 -12.98
C ILE C 24 18.91 9.28 -12.94
N LYS C 25 17.89 8.91 -12.19
CA LYS C 25 17.48 7.51 -12.08
C LYS C 25 16.04 7.44 -11.60
N SER C 26 15.19 6.82 -12.41
CA SER C 26 13.77 6.69 -12.11
C SER C 26 13.58 6.10 -10.71
N PHE C 27 12.65 6.63 -9.95
CA PHE C 27 12.49 6.19 -8.57
C PHE C 27 11.04 6.24 -8.10
N HIS C 28 10.80 5.58 -6.98
CA HIS C 28 9.50 5.57 -6.34
C HIS C 28 9.59 6.22 -4.98
N ILE C 29 8.84 7.28 -4.77
CA ILE C 29 8.68 7.83 -3.43
C ILE C 29 7.58 7.07 -2.73
N SER C 30 7.82 6.70 -1.49
CA SER C 30 6.93 5.80 -0.79
C SER C 30 6.33 6.45 0.47
N GLY C 31 6.85 7.60 0.86
CA GLY C 31 6.29 8.27 2.01
C GLY C 31 6.95 9.60 2.32
N VAL C 32 6.22 10.44 3.05
CA VAL C 32 6.72 11.72 3.54
C VAL C 32 6.22 11.95 4.96
N ALA C 33 7.09 12.44 5.84
CA ALA C 33 6.69 12.65 7.23
C ALA C 33 7.47 13.80 7.84
N LEU C 34 6.90 14.44 8.86
CA LEU C 34 7.60 15.53 9.52
C LEU C 34 7.85 15.22 10.98
N ASP C 35 9.03 15.59 11.41
CA ASP C 35 9.42 15.49 12.80
C ASP C 35 9.52 16.87 13.38
N LYS C 36 10.29 17.71 12.71
CA LYS C 36 10.40 19.10 13.09
C LYS C 36 9.55 19.93 12.14
N GLY C 37 8.65 20.75 12.69
CA GLY C 37 7.84 21.57 11.84
C GLY C 37 6.42 21.71 12.31
N GLN C 38 5.70 22.68 11.75
CA GLN C 38 4.30 22.87 12.07
C GLN C 38 3.39 22.32 10.96
N GLU C 39 3.71 22.65 9.72
CA GLU C 39 2.93 22.20 8.57
C GLU C 39 3.80 22.09 7.32
N ALA C 40 3.65 20.98 6.60
CA ALA C 40 4.28 20.87 5.30
C ALA C 40 3.28 20.34 4.27
N LYS C 41 2.94 21.17 3.31
CA LYS C 41 2.10 20.74 2.22
C LYS C 41 2.97 20.39 1.02
N LEU C 42 3.00 19.12 0.67
CA LEU C 42 3.93 18.62 -0.31
C LEU C 42 3.32 18.69 -1.69
N TYR C 43 3.84 19.60 -2.50
CA TYR C 43 3.39 19.76 -3.87
C TYR C 43 4.46 19.27 -4.81
N LEU C 44 4.00 18.76 -5.93
CA LEU C 44 4.87 18.32 -6.99
C LEU C 44 4.42 18.95 -8.30
N ALA C 45 5.29 19.76 -8.88
CA ALA C 45 4.99 20.34 -10.17
C ALA C 45 5.75 19.61 -11.25
N ALA C 46 5.02 18.78 -11.98
CA ALA C 46 5.58 18.04 -13.09
C ALA C 46 4.71 18.26 -14.31
N GLU C 47 5.32 18.33 -15.48
CA GLU C 47 4.61 18.67 -16.71
C GLU C 47 4.00 20.07 -16.57
N LYS C 48 4.65 20.88 -15.72
CA LYS C 48 4.21 22.23 -15.40
C LYS C 48 2.80 22.21 -14.80
N GLN C 49 2.54 21.21 -13.98
CA GLN C 49 1.25 21.09 -13.30
C GLN C 49 1.47 20.88 -11.81
N GLU C 50 0.81 21.70 -11.00
CA GLU C 50 0.97 21.62 -9.55
C GLU C 50 0.10 20.51 -8.98
N TYR C 51 0.74 19.42 -8.59
CA TYR C 51 0.05 18.30 -7.97
C TYR C 51 0.26 18.32 -6.46
N ILE C 52 -0.79 18.49 -5.69
CA ILE C 52 -0.70 18.32 -4.25
C ILE C 52 -0.61 16.83 -3.93
N VAL C 53 0.61 16.36 -3.67
CA VAL C 53 0.84 14.93 -3.51
C VAL C 53 0.62 14.49 -2.07
N ALA C 54 0.91 15.36 -1.11
CA ALA C 54 0.71 15.01 0.29
C ALA C 54 0.46 16.24 1.16
N THR C 55 -0.42 16.09 2.14
CA THR C 55 -0.59 17.09 3.16
C THR C 55 -0.13 16.53 4.49
N VAL C 56 1.07 16.90 4.91
CA VAL C 56 1.64 16.35 6.13
C VAL C 56 1.88 17.47 7.15
N THR C 57 1.12 17.42 8.23
CA THR C 57 1.18 18.45 9.26
C THR C 57 1.49 17.85 10.62
N LYS C 58 1.52 18.67 11.66
CA LYS C 58 1.57 18.15 13.02
C LYS C 58 0.35 17.28 13.31
N ALA C 59 -0.76 17.61 12.66
CA ALA C 59 -2.01 16.86 12.82
C ALA C 59 -1.91 15.53 12.09
N ILE C 60 -1.32 15.56 10.90
CA ILE C 60 -1.03 14.35 10.14
C ILE C 60 0.48 14.23 9.97
N PRO C 61 1.18 13.71 10.99
CA PRO C 61 2.65 13.77 11.08
C PRO C 61 3.36 12.92 10.04
N GLN C 62 2.60 12.17 9.25
CA GLN C 62 3.18 11.24 8.29
C GLN C 62 2.18 10.88 7.21
N VAL C 63 2.60 11.00 5.97
CA VAL C 63 1.80 10.61 4.82
C VAL C 63 2.51 9.52 4.01
N ALA C 64 1.82 8.41 3.80
CA ALA C 64 2.36 7.34 2.96
C ALA C 64 2.05 7.63 1.50
N LEU C 65 3.06 7.53 0.65
CA LEU C 65 2.92 7.92 -0.75
C LEU C 65 3.26 6.78 -1.70
N ASP C 66 2.89 6.98 -2.96
CA ASP C 66 3.31 6.11 -4.04
C ASP C 66 3.51 6.97 -5.28
N LEU C 67 4.76 7.32 -5.55
CA LEU C 67 5.09 8.21 -6.64
C LEU C 67 6.25 7.65 -7.46
N ASN C 68 5.97 7.20 -8.66
CA ASN C 68 7.02 6.68 -9.52
C ASN C 68 7.36 7.68 -10.60
N PHE C 69 8.58 8.19 -10.56
CA PHE C 69 9.03 9.15 -11.54
C PHE C 69 10.05 8.50 -12.48
N SER C 70 10.24 9.11 -13.64
CA SER C 70 11.14 8.57 -14.65
C SER C 70 12.31 9.53 -14.88
N LYS C 71 13.45 8.95 -15.24
CA LYS C 71 14.69 9.70 -15.44
C LYS C 71 14.63 10.59 -16.68
N GLY C 72 13.51 10.56 -17.38
CA GLY C 72 13.33 11.41 -18.54
C GLY C 72 12.65 12.71 -18.20
N ASP C 73 11.98 12.77 -17.06
CA ASP C 73 11.21 13.94 -16.69
C ASP C 73 11.97 14.79 -15.67
N ARG C 74 11.54 16.03 -15.49
CA ARG C 74 12.16 16.94 -14.52
C ARG C 74 11.08 17.58 -13.67
N ILE C 75 11.01 17.18 -12.41
CA ILE C 75 9.89 17.55 -11.55
C ILE C 75 10.34 18.53 -10.49
N MET C 76 9.39 19.29 -9.93
CA MET C 76 9.72 20.18 -8.83
C MET C 76 8.98 19.76 -7.59
N PHE C 77 9.73 19.51 -6.54
CA PHE C 77 9.13 19.15 -5.28
C PHE C 77 9.23 20.34 -4.34
N TYR C 78 8.11 20.72 -3.75
CA TYR C 78 8.10 21.86 -2.85
C TYR C 78 7.06 21.73 -1.76
N THR C 79 7.48 22.04 -0.55
CA THR C 79 6.61 22.01 0.60
C THR C 79 6.25 23.42 1.04
N ALA C 80 4.96 23.64 1.28
CA ALA C 80 4.49 24.93 1.76
C ALA C 80 4.25 24.88 3.26
N GLY C 81 4.35 26.04 3.90
CA GLY C 81 4.21 26.12 5.35
C GLY C 81 5.55 25.99 6.02
N ASP C 82 5.57 25.89 7.33
CA ASP C 82 6.82 25.69 8.01
C ASP C 82 6.87 24.31 8.63
N ALA C 83 7.59 23.43 7.99
CA ALA C 83 7.96 22.15 8.54
C ALA C 83 9.00 21.49 7.66
N SER C 84 9.81 20.63 8.25
CA SER C 84 10.85 19.94 7.51
C SER C 84 10.49 18.46 7.43
N VAL C 85 10.36 17.95 6.21
CA VAL C 85 9.87 16.60 6.01
C VAL C 85 10.89 15.68 5.40
N SER C 86 10.78 14.41 5.75
CA SER C 86 11.62 13.38 5.20
C SER C 86 10.79 12.47 4.30
N LEU C 87 11.10 12.47 3.02
CA LEU C 87 10.51 11.50 2.13
C LEU C 87 11.45 10.32 1.98
N LEU C 88 10.86 9.15 1.85
CA LEU C 88 11.63 7.96 1.61
C LEU C 88 11.11 7.31 0.36
N GLY C 89 12.01 6.63 -0.34
CA GLY C 89 11.64 5.95 -1.55
C GLY C 89 12.72 4.98 -1.97
N TYR C 90 12.61 4.49 -3.20
CA TYR C 90 13.63 3.63 -3.75
C TYR C 90 13.74 3.78 -5.26
N LEU C 91 14.98 3.93 -5.69
CA LEU C 91 15.32 4.04 -7.10
C LEU C 91 14.99 2.75 -7.82
N HIS C 92 14.45 2.88 -9.03
CA HIS C 92 14.09 1.73 -9.85
C HIS C 92 15.33 0.95 -10.26
N ASP C 93 15.36 -0.30 -9.87
CA ASP C 93 16.48 -1.18 -10.21
C ASP C 93 15.96 -2.61 -10.29
N ILE C 94 16.77 -3.52 -10.78
CA ILE C 94 16.34 -4.90 -10.93
C ILE C 94 16.70 -5.70 -9.69
N ASP C 95 15.89 -6.70 -9.39
CA ASP C 95 16.10 -7.52 -8.22
C ASP C 95 16.98 -8.72 -8.54
N SER C 96 18.25 -8.60 -8.22
CA SER C 96 19.21 -9.67 -8.43
C SER C 96 18.91 -10.86 -7.52
N GLY C 97 18.36 -11.92 -8.09
CA GLY C 97 18.08 -13.11 -7.30
C GLY C 97 19.26 -14.05 -7.25
N SER C 98 19.85 -14.32 -8.41
CA SER C 98 20.96 -15.26 -8.53
C SER C 98 20.51 -16.67 -8.16
N PHE D 1 8.29 -23.03 -6.80
CA PHE D 1 8.38 -23.95 -5.65
C PHE D 1 9.84 -24.28 -5.36
N GLN D 2 10.56 -24.75 -6.37
CA GLN D 2 11.96 -25.14 -6.23
C GLN D 2 12.83 -23.91 -6.03
N GLY D 3 13.03 -23.54 -4.78
CA GLY D 3 13.80 -22.36 -4.46
C GLY D 3 13.20 -21.62 -3.29
N ALA D 4 13.17 -20.30 -3.39
CA ALA D 4 12.64 -19.48 -2.31
C ALA D 4 11.84 -18.30 -2.87
N MET D 5 11.40 -17.42 -1.99
CA MET D 5 10.71 -16.21 -2.36
C MET D 5 11.14 -15.09 -1.43
N ALA D 6 10.51 -13.92 -1.52
CA ALA D 6 10.76 -12.82 -0.60
C ALA D 6 10.59 -13.31 0.85
N MET D 7 11.65 -13.21 1.63
CA MET D 7 11.68 -13.83 2.95
C MET D 7 11.48 -12.82 4.07
N PHE D 8 10.73 -13.24 5.08
CA PHE D 8 10.33 -12.40 6.21
C PHE D 8 11.53 -11.77 6.93
N TRP D 9 11.34 -10.53 7.34
CA TRP D 9 12.33 -9.76 8.07
C TRP D 9 11.64 -9.10 9.26
N GLY D 10 12.36 -8.93 10.37
CA GLY D 10 11.78 -8.31 11.53
C GLY D 10 12.80 -7.50 12.32
N LEU D 11 12.34 -6.41 12.91
CA LEU D 11 13.18 -5.57 13.76
C LEU D 11 12.43 -5.17 15.03
N ASN D 12 12.84 -5.75 16.15
CA ASN D 12 12.26 -5.40 17.44
C ASN D 12 13.16 -4.36 18.12
N MET D 13 12.74 -3.10 18.05
CA MET D 13 13.55 -2.00 18.53
C MET D 13 13.25 -1.67 19.98
N LYS D 14 14.29 -1.31 20.70
CA LYS D 14 14.18 -0.92 22.10
C LYS D 14 14.21 0.60 22.19
N PRO D 15 13.45 1.16 23.15
CA PRO D 15 13.28 2.62 23.30
C PRO D 15 14.60 3.39 23.36
N GLU D 16 14.75 4.35 22.43
CA GLU D 16 15.93 5.21 22.37
C GLU D 16 17.20 4.39 22.19
N ARG D 17 17.37 3.87 21.00
CA ARG D 17 18.58 3.12 20.65
C ARG D 17 18.86 3.25 19.16
N LYS D 18 20.14 3.42 18.83
CA LYS D 18 20.54 3.56 17.44
C LYS D 18 21.26 2.32 16.95
N TYR D 19 20.73 1.72 15.90
CA TYR D 19 21.39 0.59 15.28
C TYR D 19 21.89 1.00 13.91
N SER D 20 23.19 1.24 13.82
CA SER D 20 23.81 1.49 12.54
C SER D 20 24.27 0.15 11.96
N GLN D 21 23.47 -0.39 11.06
CA GLN D 21 23.65 -1.75 10.63
C GLN D 21 24.02 -1.83 9.15
N THR D 22 24.93 -2.74 8.85
CA THR D 22 25.33 -3.04 7.49
C THR D 22 24.36 -4.06 6.90
N ILE D 23 23.88 -3.79 5.70
CA ILE D 23 22.88 -4.63 5.08
C ILE D 23 23.53 -5.78 4.34
N ILE D 24 23.26 -7.00 4.81
CA ILE D 24 23.81 -8.20 4.19
C ILE D 24 22.90 -8.72 3.08
N LYS D 25 21.70 -8.19 3.03
CA LYS D 25 20.73 -8.56 2.01
C LYS D 25 19.67 -7.48 1.89
N SER D 26 19.56 -6.89 0.71
CA SER D 26 18.60 -5.83 0.44
C SER D 26 17.20 -6.26 0.87
N PHE D 27 16.47 -5.36 1.52
CA PHE D 27 15.16 -5.73 2.06
C PHE D 27 14.17 -4.58 2.03
N HIS D 28 12.91 -4.93 2.22
CA HIS D 28 11.82 -3.97 2.29
C HIS D 28 11.20 -4.01 3.67
N ILE D 29 11.22 -2.88 4.37
CA ILE D 29 10.45 -2.76 5.59
C ILE D 29 9.03 -2.35 5.22
N SER D 30 8.06 -2.99 5.83
CA SER D 30 6.68 -2.82 5.42
C SER D 30 5.81 -2.26 6.55
N GLY D 31 6.34 -2.21 7.76
CA GLY D 31 5.57 -1.63 8.84
C GLY D 31 6.32 -1.60 10.15
N VAL D 32 5.86 -0.72 11.03
CA VAL D 32 6.38 -0.60 12.40
C VAL D 32 5.23 -0.36 13.36
N ALA D 33 5.23 -1.03 14.50
CA ALA D 33 4.14 -0.87 15.45
C ALA D 33 4.62 -1.08 16.87
N LEU D 34 3.94 -0.50 17.85
CA LEU D 34 4.31 -0.68 19.24
C LEU D 34 3.21 -1.35 20.03
N ASP D 35 3.64 -2.26 20.89
CA ASP D 35 2.76 -2.92 21.82
C ASP D 35 3.07 -2.42 23.22
N LYS D 36 4.33 -2.52 23.58
CA LYS D 36 4.81 -2.00 24.84
C LYS D 36 5.51 -0.67 24.58
N GLY D 37 5.11 0.36 25.29
CA GLY D 37 5.75 1.64 25.12
C GLY D 37 4.80 2.81 25.14
N GLN D 38 5.36 4.01 25.29
CA GLN D 38 4.55 5.22 25.27
C GLN D 38 4.67 5.94 23.92
N GLU D 39 5.90 6.09 23.42
CA GLU D 39 6.14 6.77 22.15
C GLU D 39 7.39 6.23 21.48
N ALA D 40 7.31 5.96 20.19
CA ALA D 40 8.50 5.64 19.42
C ALA D 40 8.52 6.43 18.12
N LYS D 41 9.47 7.32 17.99
CA LYS D 41 9.65 8.04 16.75
C LYS D 41 10.76 7.39 15.96
N LEU D 42 10.39 6.80 14.83
CA LEU D 42 11.30 5.97 14.07
C LEU D 42 12.07 6.80 13.06
N TYR D 43 13.35 6.98 13.31
CA TYR D 43 14.20 7.71 12.42
C TYR D 43 15.16 6.77 11.73
N LEU D 44 15.51 7.13 10.52
CA LEU D 44 16.47 6.40 9.74
C LEU D 44 17.53 7.35 9.23
N ALA D 45 18.75 7.14 9.64
CA ALA D 45 19.84 7.94 9.14
C ALA D 45 20.64 7.17 8.11
N ALA D 46 20.42 7.52 6.86
CA ALA D 46 21.11 6.90 5.74
C ALA D 46 21.70 8.00 4.88
N GLU D 47 22.88 7.76 4.32
CA GLU D 47 23.61 8.78 3.58
C GLU D 47 23.92 9.96 4.52
N LYS D 48 24.01 9.64 5.81
CA LYS D 48 24.24 10.62 6.87
C LYS D 48 23.14 11.67 6.88
N GLN D 49 21.90 11.23 6.64
CA GLN D 49 20.76 12.11 6.65
C GLN D 49 19.66 11.52 7.53
N GLU D 50 19.16 12.31 8.47
CA GLU D 50 18.14 11.85 9.41
C GLU D 50 16.76 11.91 8.77
N TYR D 51 16.24 10.76 8.41
CA TYR D 51 14.91 10.66 7.84
C TYR D 51 13.92 10.17 8.89
N ILE D 52 12.95 10.99 9.23
CA ILE D 52 11.86 10.53 10.08
C ILE D 52 10.93 9.64 9.26
N VAL D 53 11.07 8.34 9.40
CA VAL D 53 10.35 7.41 8.56
C VAL D 53 8.98 7.08 9.12
N ALA D 54 8.84 7.06 10.45
CA ALA D 54 7.56 6.77 11.06
C ALA D 54 7.41 7.41 12.43
N THR D 55 6.22 7.87 12.73
CA THR D 55 5.89 8.31 14.07
C THR D 55 4.85 7.36 14.66
N VAL D 56 5.29 6.46 15.51
CA VAL D 56 4.40 5.45 16.07
C VAL D 56 4.32 5.59 17.59
N THR D 57 3.15 5.99 18.06
CA THR D 57 2.94 6.24 19.48
C THR D 57 1.80 5.40 20.02
N LYS D 58 1.47 5.56 21.29
CA LYS D 58 0.24 4.98 21.81
C LYS D 58 -0.98 5.52 21.08
N ALA D 59 -0.87 6.77 20.60
CA ALA D 59 -1.93 7.41 19.85
C ALA D 59 -2.02 6.81 18.44
N ILE D 60 -0.86 6.58 17.85
CA ILE D 60 -0.77 5.89 16.57
C ILE D 60 0.00 4.60 16.76
N PRO D 61 -0.67 3.54 17.24
CA PRO D 61 -0.01 2.30 17.72
C PRO D 61 0.66 1.50 16.62
N GLN D 62 0.50 1.94 15.38
CA GLN D 62 1.01 1.19 14.24
C GLN D 62 1.14 2.06 13.00
N VAL D 63 2.31 2.01 12.40
CA VAL D 63 2.58 2.73 11.16
C VAL D 63 2.96 1.77 10.05
N ALA D 64 2.25 1.84 8.94
CA ALA D 64 2.57 1.03 7.78
C ALA D 64 3.64 1.73 6.94
N LEU D 65 4.69 1.00 6.57
CA LEU D 65 5.84 1.60 5.91
C LEU D 65 6.12 0.95 4.56
N ASP D 66 6.96 1.61 3.78
CA ASP D 66 7.51 1.06 2.56
C ASP D 66 8.94 1.56 2.42
N LEU D 67 9.89 0.73 2.82
CA LEU D 67 11.30 1.13 2.83
C LEU D 67 12.15 0.03 2.20
N ASN D 68 12.68 0.29 1.02
CA ASN D 68 13.53 -0.68 0.36
C ASN D 68 14.98 -0.25 0.46
N PHE D 69 15.77 -1.03 1.16
CA PHE D 69 17.19 -0.74 1.32
C PHE D 69 18.03 -1.72 0.52
N SER D 70 19.27 -1.34 0.25
CA SER D 70 20.16 -2.16 -0.56
C SER D 70 21.35 -2.63 0.26
N LYS D 71 21.86 -3.80 -0.08
CA LYS D 71 22.96 -4.43 0.64
C LYS D 71 24.28 -3.69 0.45
N GLY D 72 24.25 -2.61 -0.32
CA GLY D 72 25.43 -1.81 -0.51
C GLY D 72 25.52 -0.65 0.45
N ASP D 73 24.39 -0.30 1.06
CA ASP D 73 24.35 0.86 1.95
C ASP D 73 24.38 0.42 3.41
N ARG D 74 24.67 1.37 4.30
CA ARG D 74 24.69 1.10 5.73
C ARG D 74 23.89 2.16 6.47
N ILE D 75 22.74 1.75 6.98
CA ILE D 75 21.78 2.70 7.53
C ILE D 75 21.70 2.60 9.04
N MET D 76 21.22 3.65 9.69
CA MET D 76 21.02 3.60 11.12
C MET D 76 19.55 3.76 11.45
N PHE D 77 19.01 2.79 12.14
CA PHE D 77 17.63 2.86 12.57
C PHE D 77 17.59 3.18 14.04
N TYR D 78 16.81 4.18 14.41
CA TYR D 78 16.73 4.56 15.80
C TYR D 78 15.37 5.17 16.15
N THR D 79 14.84 4.72 17.28
CA THR D 79 13.58 5.20 17.78
C THR D 79 13.79 6.11 18.97
N ALA D 80 13.13 7.26 18.95
CA ALA D 80 13.19 8.19 20.06
C ALA D 80 11.96 8.06 20.95
N GLY D 81 12.11 8.43 22.21
CA GLY D 81 11.03 8.29 23.16
C GLY D 81 11.11 6.95 23.87
N ASP D 82 10.11 6.62 24.65
CA ASP D 82 10.11 5.33 25.29
C ASP D 82 8.99 4.47 24.73
N ALA D 83 9.36 3.56 23.86
CA ALA D 83 8.49 2.49 23.40
C ALA D 83 9.30 1.47 22.62
N SER D 84 8.82 0.25 22.61
CA SER D 84 9.50 -0.83 21.91
C SER D 84 8.66 -1.25 20.70
N VAL D 85 9.24 -1.13 19.52
CA VAL D 85 8.47 -1.34 18.30
C VAL D 85 8.94 -2.54 17.51
N SER D 86 8.00 -3.15 16.81
CA SER D 86 8.29 -4.25 15.94
C SER D 86 8.10 -3.83 14.49
N LEU D 87 9.18 -3.82 13.73
CA LEU D 87 9.07 -3.62 12.30
C LEU D 87 9.03 -4.96 11.61
N LEU D 88 8.27 -5.02 10.55
CA LEU D 88 8.22 -6.21 9.74
C LEU D 88 8.57 -5.85 8.31
N GLY D 89 9.15 -6.79 7.62
CA GLY D 89 9.53 -6.57 6.25
C GLY D 89 9.87 -7.87 5.56
N TYR D 90 10.47 -7.78 4.39
CA TYR D 90 10.92 -8.95 3.67
C TYR D 90 12.14 -8.66 2.83
N LEU D 91 13.12 -9.53 2.98
CA LEU D 91 14.36 -9.48 2.23
C LEU D 91 14.08 -9.69 0.75
N HIS D 92 14.77 -8.93 -0.09
CA HIS D 92 14.64 -9.03 -1.54
C HIS D 92 15.13 -10.37 -2.04
N ASP D 93 14.24 -11.11 -2.68
CA ASP D 93 14.57 -12.41 -3.22
C ASP D 93 13.68 -12.66 -4.43
N ILE D 94 13.97 -13.70 -5.18
CA ILE D 94 13.19 -14.00 -6.37
C ILE D 94 12.05 -14.95 -6.05
N ASP D 95 10.96 -14.82 -6.77
CA ASP D 95 9.78 -15.64 -6.53
C ASP D 95 9.84 -16.91 -7.37
N SER D 96 10.27 -18.01 -6.75
CA SER D 96 10.34 -19.30 -7.40
C SER D 96 8.94 -19.82 -7.73
N GLY D 97 8.57 -19.77 -9.00
CA GLY D 97 7.28 -20.27 -9.41
C GLY D 97 7.32 -21.75 -9.72
N SER D 98 8.30 -22.14 -10.53
CA SER D 98 8.45 -23.52 -10.99
C SER D 98 7.27 -23.92 -11.87
N PHE E 1 -2.56 -17.01 -18.66
CA PHE E 1 -3.81 -17.79 -18.55
C PHE E 1 -3.51 -19.25 -18.21
N GLN E 2 -2.65 -19.87 -19.02
CA GLN E 2 -2.30 -21.27 -18.84
C GLN E 2 -1.42 -21.45 -17.61
N GLY E 3 -2.06 -21.68 -16.47
CA GLY E 3 -1.34 -21.81 -15.23
C GLY E 3 -2.11 -21.19 -14.08
N ALA E 4 -1.41 -20.48 -13.23
CA ALA E 4 -2.03 -19.85 -12.07
C ALA E 4 -1.41 -18.48 -11.81
N MET E 5 -1.84 -17.85 -10.72
CA MET E 5 -1.28 -16.58 -10.28
C MET E 5 -1.22 -16.58 -8.76
N ALA E 6 -0.85 -15.44 -8.16
CA ALA E 6 -0.87 -15.31 -6.71
C ALA E 6 -2.24 -15.71 -6.16
N MET E 7 -2.27 -16.71 -5.30
CA MET E 7 -3.52 -17.32 -4.88
C MET E 7 -3.93 -16.88 -3.47
N PHE E 8 -5.23 -16.65 -3.31
CA PHE E 8 -5.83 -16.15 -2.08
C PHE E 8 -5.47 -16.99 -0.85
N TRP E 9 -5.25 -16.30 0.25
CA TRP E 9 -4.94 -16.90 1.54
C TRP E 9 -5.80 -16.23 2.60
N GLY E 10 -6.19 -16.99 3.63
CA GLY E 10 -7.00 -16.43 4.68
C GLY E 10 -6.71 -17.05 6.03
N LEU E 11 -6.81 -16.24 7.08
CA LEU E 11 -6.61 -16.71 8.45
C LEU E 11 -7.69 -16.15 9.36
N ASN E 12 -8.60 -17.00 9.79
CA ASN E 12 -9.64 -16.61 10.73
C ASN E 12 -9.21 -16.98 12.14
N MET E 13 -8.74 -16.00 12.89
CA MET E 13 -8.15 -16.24 14.20
C MET E 13 -9.19 -16.11 15.30
N LYS E 14 -9.05 -16.96 16.30
CA LYS E 14 -9.93 -16.95 17.45
C LYS E 14 -9.23 -16.25 18.61
N PRO E 15 -10.01 -15.52 19.43
CA PRO E 15 -9.47 -14.68 20.53
C PRO E 15 -8.52 -15.43 21.46
N GLU E 16 -7.29 -14.89 21.58
CA GLU E 16 -6.26 -15.44 22.45
C GLU E 16 -5.94 -16.89 22.09
N ARG E 17 -5.24 -17.05 20.98
CA ARG E 17 -4.79 -18.36 20.53
C ARG E 17 -3.52 -18.24 19.73
N LYS E 18 -2.58 -19.15 19.96
CA LYS E 18 -1.30 -19.14 19.26
C LYS E 18 -1.23 -20.26 18.25
N TYR E 19 -1.02 -19.89 17.00
CA TYR E 19 -0.81 -20.88 15.97
C TYR E 19 0.63 -20.83 15.49
N SER E 20 1.43 -21.78 15.94
CA SER E 20 2.78 -21.91 15.45
C SER E 20 2.76 -22.85 14.25
N GLN E 21 2.77 -22.25 13.06
CA GLN E 21 2.49 -23.00 11.85
C GLN E 21 3.70 -23.04 10.93
N THR E 22 3.91 -24.19 10.33
CA THR E 22 4.94 -24.39 9.33
C THR E 22 4.40 -23.97 7.96
N ILE E 23 5.19 -23.19 7.26
CA ILE E 23 4.75 -22.63 6.00
C ILE E 23 5.03 -23.59 4.85
N ILE E 24 3.96 -24.07 4.22
CA ILE E 24 4.08 -25.00 3.11
C ILE E 24 4.20 -24.26 1.78
N LYS E 25 3.93 -22.98 1.80
CA LYS E 25 4.04 -22.13 0.62
C LYS E 25 4.15 -20.68 1.04
N SER E 26 5.27 -20.05 0.66
CA SER E 26 5.53 -18.66 0.99
C SER E 26 4.35 -17.78 0.61
N PHE E 27 3.98 -16.84 1.47
CA PHE E 27 2.78 -16.04 1.23
C PHE E 27 2.91 -14.63 1.77
N HIS E 28 2.00 -13.79 1.31
CA HIS E 28 1.92 -12.40 1.76
C HIS E 28 0.60 -12.18 2.47
N ILE E 29 0.66 -11.78 3.73
CA ILE E 29 -0.54 -11.32 4.42
C ILE E 29 -0.74 -9.85 4.10
N SER E 30 -1.96 -9.48 3.78
CA SER E 30 -2.21 -8.15 3.28
C SER E 30 -3.17 -7.37 4.18
N GLY E 31 -3.78 -8.03 5.14
CA GLY E 31 -4.65 -7.32 6.06
C GLY E 31 -5.25 -8.21 7.14
N VAL E 32 -5.66 -7.57 8.22
CA VAL E 32 -6.36 -8.23 9.33
C VAL E 32 -7.48 -7.33 9.82
N ALA E 33 -8.65 -7.90 10.09
CA ALA E 33 -9.78 -7.10 10.55
C ALA E 33 -10.69 -7.91 11.45
N LEU E 34 -11.43 -7.24 12.32
CA LEU E 34 -12.37 -7.94 13.19
C LEU E 34 -13.79 -7.50 12.95
N ASP E 35 -14.67 -8.49 12.98
CA ASP E 35 -16.09 -8.27 12.88
C ASP E 35 -16.72 -8.56 14.22
N LYS E 36 -16.43 -9.76 14.72
CA LYS E 36 -16.87 -10.17 16.03
C LYS E 36 -15.70 -10.04 16.99
N GLY E 37 -15.89 -9.33 18.09
CA GLY E 37 -14.83 -9.21 19.05
C GLY E 37 -14.72 -7.83 19.66
N GLN E 38 -13.97 -7.73 20.75
CA GLN E 38 -13.73 -6.45 21.38
C GLN E 38 -12.33 -5.91 21.05
N GLU E 39 -11.32 -6.77 21.16
CA GLU E 39 -9.94 -6.37 20.87
C GLU E 39 -9.12 -7.57 20.38
N ALA E 40 -8.36 -7.36 19.32
CA ALA E 40 -7.39 -8.36 18.90
C ALA E 40 -6.04 -7.72 18.61
N LYS E 41 -5.06 -8.05 19.43
CA LYS E 41 -3.71 -7.58 19.17
C LYS E 41 -2.94 -8.69 18.48
N LEU E 42 -2.58 -8.43 17.23
CA LEU E 42 -2.00 -9.46 16.37
C LEU E 42 -0.49 -9.48 16.51
N TYR E 43 0.00 -10.52 17.14
CA TYR E 43 1.43 -10.70 17.30
C TYR E 43 1.92 -11.83 16.43
N LEU E 44 3.13 -11.70 15.99
CA LEU E 44 3.79 -12.71 15.21
C LEU E 44 5.15 -13.03 15.83
N ALA E 45 5.32 -14.25 16.27
CA ALA E 45 6.60 -14.66 16.80
C ALA E 45 7.33 -15.50 15.78
N ALA E 46 8.31 -14.89 15.16
CA ALA E 46 9.15 -15.55 14.17
C ALA E 46 10.60 -15.32 14.55
N GLU E 47 11.45 -16.32 14.33
CA GLU E 47 12.84 -16.27 14.76
C GLU E 47 12.89 -16.14 16.29
N LYS E 48 11.83 -16.64 16.92
CA LYS E 48 11.65 -16.56 18.38
C LYS E 48 11.64 -15.11 18.84
N GLN E 49 11.01 -14.25 18.05
CA GLN E 49 10.90 -12.84 18.39
C GLN E 49 9.45 -12.39 18.26
N GLU E 50 8.92 -11.78 19.31
CA GLU E 50 7.53 -11.34 19.32
C GLU E 50 7.38 -10.01 18.58
N TYR E 51 6.83 -10.07 17.38
CA TYR E 51 6.57 -8.88 16.60
C TYR E 51 5.09 -8.51 16.68
N ILE E 52 4.79 -7.35 17.24
CA ILE E 52 3.44 -6.83 17.18
C ILE E 52 3.16 -6.32 15.77
N VAL E 53 2.47 -7.12 14.97
CA VAL E 53 2.28 -6.80 13.56
C VAL E 53 1.06 -5.92 13.34
N ALA E 54 0.02 -6.10 14.17
CA ALA E 54 -1.17 -5.28 14.01
C ALA E 54 -1.93 -5.13 15.32
N THR E 55 -2.47 -3.95 15.54
CA THR E 55 -3.39 -3.74 16.65
C THR E 55 -4.78 -3.46 16.08
N VAL E 56 -5.65 -4.45 16.10
CA VAL E 56 -6.97 -4.31 15.52
C VAL E 56 -8.04 -4.48 16.59
N THR E 57 -8.74 -3.40 16.87
CA THR E 57 -9.75 -3.39 17.92
C THR E 57 -11.10 -2.96 17.38
N LYS E 58 -12.10 -2.86 18.24
CA LYS E 58 -13.36 -2.22 17.84
C LYS E 58 -13.12 -0.76 17.44
N ALA E 59 -12.10 -0.15 18.03
CA ALA E 59 -11.74 1.22 17.72
C ALA E 59 -11.05 1.30 16.36
N ILE E 60 -10.19 0.32 16.11
CA ILE E 60 -9.55 0.17 14.81
C ILE E 60 -9.97 -1.17 14.21
N PRO E 61 -11.17 -1.23 13.60
CA PRO E 61 -11.81 -2.48 13.20
C PRO E 61 -11.09 -3.22 12.07
N GLN E 62 -10.04 -2.63 11.54
CA GLN E 62 -9.34 -3.19 10.40
C GLN E 62 -7.94 -2.61 10.27
N VAL E 63 -6.98 -3.49 10.14
CA VAL E 63 -5.59 -3.11 9.91
C VAL E 63 -5.08 -3.69 8.60
N ALA E 64 -4.57 -2.82 7.74
CA ALA E 64 -3.96 -3.25 6.49
C ALA E 64 -2.51 -3.64 6.72
N LEU E 65 -2.11 -4.81 6.23
CA LEU E 65 -0.79 -5.33 6.53
C LEU E 65 0.01 -5.62 5.26
N ASP E 66 1.30 -5.84 5.44
CA ASP E 66 2.17 -6.33 4.40
C ASP E 66 3.20 -7.25 5.03
N LEU E 67 2.94 -8.55 4.96
CA LEU E 67 3.80 -9.54 5.60
C LEU E 67 4.11 -10.68 4.64
N ASN E 68 5.35 -10.75 4.19
CA ASN E 68 5.76 -11.81 3.29
C ASN E 68 6.59 -12.84 4.04
N PHE E 69 6.05 -14.04 4.16
CA PHE E 69 6.75 -15.12 4.83
C PHE E 69 7.24 -16.15 3.83
N SER E 70 8.21 -16.95 4.24
CA SER E 70 8.81 -17.95 3.36
C SER E 70 8.55 -19.35 3.88
N LYS E 71 8.45 -20.30 2.95
CA LYS E 71 8.13 -21.69 3.25
C LYS E 71 9.25 -22.39 4.01
N GLY E 72 10.34 -21.66 4.27
CA GLY E 72 11.44 -22.23 5.02
C GLY E 72 11.34 -21.92 6.50
N ASP E 73 10.54 -20.92 6.86
CA ASP E 73 10.46 -20.49 8.24
C ASP E 73 9.18 -21.04 8.89
N ARG E 74 9.13 -21.00 10.22
CA ARG E 74 7.97 -21.45 10.97
C ARG E 74 7.57 -20.40 11.99
N ILE E 75 6.46 -19.74 11.74
CA ILE E 75 6.09 -18.56 12.52
C ILE E 75 4.88 -18.86 13.41
N MET E 76 4.72 -18.06 14.46
CA MET E 76 3.55 -18.22 15.31
C MET E 76 2.70 -16.96 15.25
N PHE E 77 1.46 -17.13 14.87
CA PHE E 77 0.52 -16.02 14.84
C PHE E 77 -0.41 -16.13 16.01
N TYR E 78 -0.54 -15.06 16.76
CA TYR E 78 -1.42 -15.07 17.92
C TYR E 78 -2.00 -13.72 18.23
N THR E 79 -3.30 -13.73 18.50
CA THR E 79 -4.01 -12.52 18.84
C THR E 79 -4.34 -12.50 20.32
N ALA E 80 -4.07 -11.36 20.95
CA ALA E 80 -4.39 -11.18 22.35
C ALA E 80 -5.68 -10.39 22.53
N GLY E 81 -6.34 -10.59 23.65
CA GLY E 81 -7.62 -9.96 23.89
C GLY E 81 -8.75 -10.83 23.42
N ASP E 82 -9.97 -10.31 23.43
CA ASP E 82 -11.08 -11.08 22.92
C ASP E 82 -11.61 -10.44 21.66
N ALA E 83 -11.25 -11.03 20.54
CA ALA E 83 -11.86 -10.74 19.26
C ALA E 83 -11.42 -11.77 18.24
N SER E 84 -12.25 -11.97 17.22
CA SER E 84 -11.94 -12.93 16.17
C SER E 84 -11.67 -12.18 14.88
N VAL E 85 -10.47 -12.37 14.33
CA VAL E 85 -10.04 -11.57 13.20
C VAL E 85 -9.85 -12.40 11.95
N SER E 86 -10.07 -11.77 10.82
CA SER E 86 -9.84 -12.38 9.53
C SER E 86 -8.67 -11.72 8.84
N LEU E 87 -7.60 -12.46 8.63
CA LEU E 87 -6.52 -11.98 7.82
C LEU E 87 -6.70 -12.46 6.41
N LEU E 88 -6.30 -11.64 5.47
CA LEU E 88 -6.33 -12.02 4.09
C LEU E 88 -4.95 -11.83 3.50
N GLY E 89 -4.63 -12.66 2.54
CA GLY E 89 -3.35 -12.58 1.89
C GLY E 89 -3.33 -13.37 0.61
N TYR E 90 -2.14 -13.58 0.07
CA TYR E 90 -1.99 -14.40 -1.12
C TYR E 90 -0.65 -15.11 -1.14
N LEU E 91 -0.73 -16.40 -1.41
CA LEU E 91 0.42 -17.26 -1.55
C LEU E 91 1.27 -16.84 -2.74
N HIS E 92 2.58 -16.87 -2.56
CA HIS E 92 3.52 -16.50 -3.60
C HIS E 92 3.45 -17.48 -4.75
N ASP E 93 3.14 -16.96 -5.93
CA ASP E 93 3.04 -17.78 -7.13
C ASP E 93 3.38 -16.90 -8.32
N ILE E 94 3.55 -17.51 -9.48
CA ILE E 94 3.91 -16.75 -10.67
C ILE E 94 2.66 -16.33 -11.43
N ASP E 95 2.74 -15.19 -12.10
CA ASP E 95 1.61 -14.67 -12.84
C ASP E 95 1.62 -15.17 -14.28
N SER E 96 0.83 -16.20 -14.53
CA SER E 96 0.69 -16.77 -15.86
C SER E 96 0.01 -15.79 -16.81
N GLY E 97 0.79 -15.18 -17.70
CA GLY E 97 0.23 -14.26 -18.66
C GLY E 97 -0.24 -14.97 -19.91
N SER E 98 0.61 -15.82 -20.45
CA SER E 98 0.33 -16.53 -21.70
C SER E 98 0.22 -15.55 -22.87
N PHE A 1 6.70 -8.72 -22.28
CA PHE A 1 6.10 -7.85 -23.31
C PHE A 1 4.60 -7.71 -23.09
N GLN A 2 3.99 -6.74 -23.78
CA GLN A 2 2.57 -6.42 -23.63
C GLN A 2 2.25 -5.94 -22.22
N GLY A 3 2.46 -4.64 -21.99
CA GLY A 3 2.18 -4.05 -20.70
C GLY A 3 0.71 -3.75 -20.51
N ALA A 4 -0.12 -4.76 -20.67
CA ALA A 4 -1.56 -4.62 -20.52
C ALA A 4 -2.18 -5.92 -20.08
N MET A 5 -1.44 -6.68 -19.27
CA MET A 5 -1.94 -7.94 -18.76
C MET A 5 -2.70 -7.75 -17.46
N ALA A 6 -2.54 -6.57 -16.87
CA ALA A 6 -3.25 -6.23 -15.64
C ALA A 6 -4.29 -5.16 -15.94
N MET A 7 -5.54 -5.59 -16.09
CA MET A 7 -6.61 -4.69 -16.52
C MET A 7 -7.52 -4.30 -15.37
N PHE A 8 -8.37 -3.30 -15.60
CA PHE A 8 -9.24 -2.76 -14.56
C PHE A 8 -10.34 -3.75 -14.15
N TRP A 9 -10.69 -3.71 -12.87
CA TRP A 9 -11.77 -4.53 -12.32
C TRP A 9 -12.62 -3.66 -11.38
N GLY A 10 -13.92 -3.93 -11.34
CA GLY A 10 -14.80 -3.17 -10.49
C GLY A 10 -15.97 -3.99 -9.99
N LEU A 11 -16.41 -3.70 -8.76
CA LEU A 11 -17.56 -4.39 -8.18
C LEU A 11 -18.44 -3.39 -7.44
N ASN A 12 -19.62 -3.14 -7.99
CA ASN A 12 -20.58 -2.26 -7.33
C ASN A 12 -21.60 -3.10 -6.57
N MET A 13 -21.47 -3.13 -5.25
CA MET A 13 -22.30 -3.98 -4.40
C MET A 13 -23.46 -3.19 -3.81
N LYS A 14 -24.60 -3.85 -3.69
CA LYS A 14 -25.79 -3.23 -3.15
C LYS A 14 -25.99 -3.65 -1.69
N PRO A 15 -26.74 -2.84 -0.92
CA PRO A 15 -27.04 -3.12 0.50
C PRO A 15 -27.50 -4.55 0.77
N GLU A 16 -26.69 -5.31 1.53
CA GLU A 16 -27.03 -6.66 1.94
C GLU A 16 -27.25 -7.59 0.74
N ARG A 17 -26.24 -7.70 -0.08
CA ARG A 17 -26.26 -8.63 -1.20
C ARG A 17 -25.15 -9.66 -1.04
N LYS A 18 -25.35 -10.83 -1.61
CA LYS A 18 -24.36 -11.88 -1.54
C LYS A 18 -24.10 -12.48 -2.93
N TYR A 19 -22.92 -12.22 -3.45
CA TYR A 19 -22.55 -12.75 -4.75
C TYR A 19 -21.46 -13.79 -4.60
N SER A 20 -21.78 -15.04 -4.89
CA SER A 20 -20.76 -16.07 -4.93
C SER A 20 -19.95 -15.91 -6.22
N GLN A 21 -18.68 -15.57 -6.04
CA GLN A 21 -17.85 -15.07 -7.13
C GLN A 21 -17.09 -16.21 -7.79
N THR A 22 -17.42 -16.46 -9.05
CA THR A 22 -16.67 -17.41 -9.86
C THR A 22 -15.60 -16.66 -10.65
N ILE A 23 -14.35 -17.01 -10.42
CA ILE A 23 -13.24 -16.27 -11.00
C ILE A 23 -12.74 -16.94 -12.27
N ILE A 24 -12.93 -16.26 -13.39
CA ILE A 24 -12.45 -16.74 -14.68
C ILE A 24 -11.03 -16.24 -14.91
N LYS A 25 -10.77 -15.03 -14.43
CA LYS A 25 -9.46 -14.41 -14.53
C LYS A 25 -9.04 -13.84 -13.19
N SER A 26 -7.83 -14.19 -12.76
CA SER A 26 -7.29 -13.79 -11.46
C SER A 26 -7.29 -12.27 -11.33
N PHE A 27 -7.46 -11.76 -10.11
CA PHE A 27 -7.50 -10.32 -9.92
C PHE A 27 -7.17 -9.90 -8.50
N HIS A 28 -6.86 -8.63 -8.37
CA HIS A 28 -6.58 -8.01 -7.09
C HIS A 28 -7.58 -6.89 -6.85
N ILE A 29 -8.28 -6.95 -5.74
CA ILE A 29 -9.12 -5.85 -5.30
C ILE A 29 -8.26 -4.88 -4.52
N SER A 30 -8.40 -3.61 -4.80
CA SER A 30 -7.49 -2.62 -4.25
C SER A 30 -8.23 -1.63 -3.35
N GLY A 31 -9.55 -1.59 -3.43
CA GLY A 31 -10.29 -0.70 -2.56
C GLY A 31 -11.78 -0.92 -2.62
N VAL A 32 -12.45 -0.60 -1.52
CA VAL A 32 -13.90 -0.63 -1.45
C VAL A 32 -14.40 0.62 -0.71
N ALA A 33 -15.38 1.31 -1.28
CA ALA A 33 -15.85 2.55 -0.68
C ALA A 33 -17.34 2.76 -0.94
N LEU A 34 -18.00 3.54 -0.09
CA LEU A 34 -19.42 3.79 -0.26
C LEU A 34 -19.71 5.25 -0.50
N ASP A 35 -20.66 5.48 -1.38
CA ASP A 35 -21.14 6.82 -1.69
C ASP A 35 -22.55 6.96 -1.14
N LYS A 36 -23.40 6.04 -1.55
CA LYS A 36 -24.73 5.95 -0.98
C LYS A 36 -24.75 4.81 0.04
N GLY A 37 -25.21 5.08 1.24
CA GLY A 37 -25.31 4.04 2.22
C GLY A 37 -24.89 4.47 3.60
N GLN A 38 -25.30 3.70 4.60
CA GLN A 38 -24.92 3.99 5.97
C GLN A 38 -23.82 3.06 6.47
N GLU A 39 -23.94 1.78 6.18
CA GLU A 39 -22.94 0.80 6.60
C GLU A 39 -22.84 -0.35 5.61
N ALA A 40 -21.63 -0.70 5.23
CA ALA A 40 -21.41 -1.91 4.47
C ALA A 40 -20.27 -2.71 5.08
N LYS A 41 -20.59 -3.88 5.60
CA LYS A 41 -19.58 -4.77 6.12
C LYS A 41 -19.23 -5.79 5.06
N LEU A 42 -18.02 -5.68 4.53
CA LEU A 42 -17.62 -6.48 3.40
C LEU A 42 -17.06 -7.80 3.87
N TYR A 43 -17.81 -8.87 3.61
CA TYR A 43 -17.39 -10.20 3.98
C TYR A 43 -17.01 -10.98 2.75
N LEU A 44 -15.98 -11.78 2.90
CA LEU A 44 -15.51 -12.67 1.87
C LEU A 44 -15.49 -14.09 2.40
N ALA A 45 -16.34 -14.93 1.86
CA ALA A 45 -16.35 -16.32 2.26
C ALA A 45 -15.61 -17.15 1.22
N ALA A 46 -14.43 -17.62 1.61
CA ALA A 46 -13.58 -18.38 0.72
C ALA A 46 -12.95 -19.52 1.50
N GLU A 47 -12.84 -20.68 0.84
CA GLU A 47 -12.30 -21.88 1.48
C GLU A 47 -13.04 -22.17 2.78
N LYS A 48 -14.36 -22.01 2.73
CA LYS A 48 -15.26 -22.39 3.82
C LYS A 48 -15.11 -21.49 5.04
N GLN A 49 -14.58 -20.29 4.86
CA GLN A 49 -14.39 -19.37 5.98
C GLN A 49 -15.00 -18.01 5.67
N GLU A 50 -15.69 -17.43 6.64
CA GLU A 50 -16.22 -16.07 6.52
C GLU A 50 -15.16 -15.06 6.94
N TYR A 51 -14.56 -14.40 5.98
CA TYR A 51 -13.54 -13.40 6.27
C TYR A 51 -14.12 -12.01 6.21
N ILE A 52 -14.04 -11.28 7.31
CA ILE A 52 -14.40 -9.87 7.30
C ILE A 52 -13.24 -9.08 6.68
N VAL A 53 -13.38 -8.74 5.41
CA VAL A 53 -12.28 -8.13 4.67
C VAL A 53 -12.26 -6.61 4.85
N ALA A 54 -13.43 -5.99 4.95
CA ALA A 54 -13.48 -4.55 5.13
C ALA A 54 -14.72 -4.11 5.90
N THR A 55 -14.54 -3.14 6.77
CA THR A 55 -15.67 -2.48 7.39
C THR A 55 -15.74 -1.05 6.87
N VAL A 56 -16.64 -0.82 5.93
CA VAL A 56 -16.76 0.49 5.32
C VAL A 56 -18.12 1.09 5.61
N THR A 57 -18.12 2.16 6.38
CA THR A 57 -19.35 2.79 6.81
C THR A 57 -19.41 4.25 6.40
N LYS A 58 -20.46 4.95 6.77
CA LYS A 58 -20.49 6.41 6.62
C LYS A 58 -19.42 7.05 7.50
N ALA A 59 -19.02 6.35 8.55
CA ALA A 59 -17.95 6.80 9.43
C ALA A 59 -16.59 6.57 8.78
N ILE A 60 -16.46 5.41 8.14
CA ILE A 60 -15.28 5.09 7.35
C ILE A 60 -15.70 4.92 5.90
N PRO A 61 -15.83 6.03 5.16
CA PRO A 61 -16.48 6.05 3.83
C PRO A 61 -15.71 5.29 2.76
N GLN A 62 -14.52 4.81 3.10
CA GLN A 62 -13.66 4.16 2.12
C GLN A 62 -12.61 3.28 2.79
N VAL A 63 -12.54 2.04 2.35
CA VAL A 63 -11.53 1.11 2.83
C VAL A 63 -10.63 0.67 1.68
N ALA A 64 -9.40 1.14 1.68
CA ALA A 64 -8.42 0.70 0.70
C ALA A 64 -7.70 -0.55 1.21
N LEU A 65 -7.78 -1.63 0.45
CA LEU A 65 -7.23 -2.91 0.89
C LEU A 65 -6.63 -3.70 -0.26
N ASP A 66 -5.91 -4.75 0.08
CA ASP A 66 -5.29 -5.61 -0.91
C ASP A 66 -5.90 -7.02 -0.83
N LEU A 67 -6.70 -7.36 -1.81
CA LEU A 67 -7.30 -8.69 -1.87
C LEU A 67 -7.01 -9.33 -3.22
N ASN A 68 -6.14 -10.31 -3.24
CA ASN A 68 -5.77 -10.95 -4.49
C ASN A 68 -6.30 -12.38 -4.54
N PHE A 69 -7.00 -12.69 -5.62
CA PHE A 69 -7.56 -14.03 -5.81
C PHE A 69 -7.15 -14.57 -7.17
N SER A 70 -7.02 -15.89 -7.27
CA SER A 70 -6.71 -16.53 -8.54
C SER A 70 -7.95 -17.15 -9.15
N LYS A 71 -7.88 -17.43 -10.44
CA LYS A 71 -8.97 -18.07 -11.16
C LYS A 71 -9.13 -19.52 -10.72
N GLY A 72 -8.22 -19.98 -9.88
CA GLY A 72 -8.33 -21.28 -9.28
C GLY A 72 -9.04 -21.22 -7.93
N ASP A 73 -9.28 -20.00 -7.46
CA ASP A 73 -9.98 -19.80 -6.20
C ASP A 73 -11.44 -19.45 -6.47
N ARG A 74 -12.32 -19.93 -5.61
CA ARG A 74 -13.73 -19.57 -5.68
C ARG A 74 -14.16 -18.97 -4.37
N ILE A 75 -14.73 -17.78 -4.42
CA ILE A 75 -15.02 -17.01 -3.22
C ILE A 75 -16.43 -16.48 -3.25
N MET A 76 -16.90 -15.90 -2.16
CA MET A 76 -18.17 -15.19 -2.16
C MET A 76 -17.99 -13.82 -1.55
N PHE A 77 -18.49 -12.80 -2.22
CA PHE A 77 -18.43 -11.46 -1.70
C PHE A 77 -19.81 -10.99 -1.30
N TYR A 78 -19.94 -10.51 -0.09
CA TYR A 78 -21.23 -10.07 0.39
C TYR A 78 -21.12 -9.01 1.47
N THR A 79 -22.01 -8.03 1.40
CA THR A 79 -21.99 -6.91 2.32
C THR A 79 -23.19 -6.93 3.24
N ALA A 80 -22.95 -6.67 4.52
CA ALA A 80 -24.01 -6.55 5.49
C ALA A 80 -24.24 -5.09 5.84
N GLY A 81 -25.40 -4.78 6.41
CA GLY A 81 -25.77 -3.41 6.64
C GLY A 81 -26.32 -2.80 5.38
N ASP A 82 -26.77 -1.56 5.42
CA ASP A 82 -27.29 -0.99 4.20
C ASP A 82 -26.40 0.14 3.70
N ALA A 83 -25.65 -0.20 2.68
CA ALA A 83 -24.89 0.75 1.89
C ALA A 83 -24.46 0.13 0.59
N SER A 84 -24.26 0.95 -0.42
CA SER A 84 -23.80 0.47 -1.71
C SER A 84 -22.32 0.83 -1.90
N VAL A 85 -21.50 -0.17 -2.14
CA VAL A 85 -20.06 0.04 -2.20
C VAL A 85 -19.47 -0.29 -3.55
N SER A 86 -18.47 0.48 -3.92
CA SER A 86 -17.74 0.26 -5.14
C SER A 86 -16.35 -0.27 -4.82
N LEU A 87 -16.07 -1.48 -5.23
CA LEU A 87 -14.72 -2.01 -5.15
C LEU A 87 -14.04 -1.80 -6.47
N LEU A 88 -12.76 -1.50 -6.40
CA LEU A 88 -11.95 -1.38 -7.58
C LEU A 88 -10.76 -2.28 -7.44
N GLY A 89 -10.25 -2.74 -8.56
CA GLY A 89 -9.09 -3.57 -8.55
C GLY A 89 -8.54 -3.77 -9.94
N TYR A 90 -7.63 -4.70 -10.09
CA TYR A 90 -7.09 -5.02 -11.40
C TYR A 90 -6.93 -6.52 -11.57
N LEU A 91 -7.43 -6.99 -12.70
CA LEU A 91 -7.25 -8.37 -13.11
C LEU A 91 -5.77 -8.63 -13.31
N HIS A 92 -5.28 -9.72 -12.75
CA HIS A 92 -3.87 -10.04 -12.81
C HIS A 92 -3.49 -10.54 -14.18
N ASP A 93 -2.21 -10.88 -14.33
CA ASP A 93 -1.64 -11.30 -15.60
C ASP A 93 -2.54 -12.24 -16.37
N ILE A 94 -3.13 -11.72 -17.45
CA ILE A 94 -3.94 -12.53 -18.35
C ILE A 94 -3.04 -13.52 -19.10
N ASP A 95 -1.73 -13.27 -19.01
CA ASP A 95 -0.70 -14.15 -19.54
C ASP A 95 -0.68 -14.09 -21.07
N SER A 96 -0.47 -12.91 -21.61
CA SER A 96 -0.33 -12.73 -23.04
C SER A 96 1.13 -12.50 -23.41
N GLY A 97 1.86 -11.83 -22.52
CA GLY A 97 3.26 -11.54 -22.76
C GLY A 97 4.12 -11.84 -21.56
N SER A 98 3.75 -12.88 -20.82
CA SER A 98 4.49 -13.27 -19.63
C SER A 98 5.50 -14.37 -19.98
N PHE B 1 15.10 -5.43 -18.89
CA PHE B 1 16.00 -4.28 -19.09
C PHE B 1 15.20 -2.99 -19.25
N GLN B 2 15.90 -1.85 -19.18
CA GLN B 2 15.28 -0.53 -19.24
C GLN B 2 14.34 -0.30 -18.06
N GLY B 3 14.92 0.13 -16.94
CA GLY B 3 14.13 0.39 -15.75
C GLY B 3 13.45 1.75 -15.79
N ALA B 4 12.68 1.97 -16.84
CA ALA B 4 11.96 3.22 -17.02
C ALA B 4 10.70 3.00 -17.83
N MET B 5 10.07 1.85 -17.65
CA MET B 5 8.84 1.52 -18.35
C MET B 5 7.63 2.00 -17.56
N ALA B 6 7.85 2.33 -16.29
CA ALA B 6 6.81 2.85 -15.44
C ALA B 6 7.05 4.33 -15.15
N MET B 7 6.37 5.19 -15.88
CA MET B 7 6.63 6.63 -15.82
C MET B 7 5.55 7.36 -15.04
N PHE B 8 5.82 8.62 -14.70
CA PHE B 8 4.91 9.41 -13.86
C PHE B 8 3.60 9.76 -14.60
N TRP B 9 2.52 9.82 -13.83
CA TRP B 9 1.21 10.20 -14.33
C TRP B 9 0.56 11.17 -13.34
N GLY B 10 -0.21 12.11 -13.85
CA GLY B 10 -0.89 13.06 -12.98
C GLY B 10 -2.20 13.54 -13.55
N LEU B 11 -3.16 13.80 -12.67
CA LEU B 11 -4.47 14.31 -13.07
C LEU B 11 -4.93 15.41 -12.13
N ASN B 12 -4.96 16.63 -12.61
CA ASN B 12 -5.45 17.75 -11.83
C ASN B 12 -6.91 18.03 -12.20
N MET B 13 -7.82 17.64 -11.31
CA MET B 13 -9.25 17.74 -11.59
C MET B 13 -9.84 18.99 -10.96
N LYS B 14 -10.79 19.60 -11.66
CA LYS B 14 -11.44 20.81 -11.17
C LYS B 14 -12.81 20.46 -10.57
N PRO B 15 -13.33 21.34 -9.69
CA PRO B 15 -14.64 21.16 -9.04
C PRO B 15 -15.76 20.79 -10.01
N GLU B 16 -16.30 19.58 -9.83
CA GLU B 16 -17.44 19.10 -10.62
C GLU B 16 -17.13 19.06 -12.11
N ARG B 17 -16.11 18.32 -12.46
CA ARG B 17 -15.77 18.09 -13.86
C ARG B 17 -15.86 16.61 -14.18
N LYS B 18 -16.13 16.31 -15.44
CA LYS B 18 -16.22 14.93 -15.88
C LYS B 18 -15.39 14.70 -17.13
N TYR B 19 -14.32 13.93 -16.98
CA TYR B 19 -13.46 13.62 -18.10
C TYR B 19 -13.58 12.15 -18.46
N SER B 20 -14.14 11.85 -19.61
CA SER B 20 -14.13 10.49 -20.10
C SER B 20 -12.73 10.15 -20.61
N GLN B 21 -12.09 9.22 -19.91
CA GLN B 21 -10.67 8.98 -20.05
C GLN B 21 -10.38 7.91 -21.09
N THR B 22 -9.74 8.31 -22.18
CA THR B 22 -9.27 7.38 -23.18
C THR B 22 -7.82 7.01 -22.88
N ILE B 23 -7.57 5.74 -22.64
CA ILE B 23 -6.26 5.28 -22.20
C ILE B 23 -5.42 4.79 -23.37
N ILE B 24 -4.35 5.52 -23.67
CA ILE B 24 -3.43 5.14 -24.72
C ILE B 24 -2.35 4.24 -24.14
N LYS B 25 -1.98 4.52 -22.89
CA LYS B 25 -0.98 3.75 -22.18
C LYS B 25 -1.48 3.41 -20.78
N SER B 26 -1.40 2.13 -20.43
CA SER B 26 -1.90 1.61 -19.15
C SER B 26 -1.23 2.35 -17.99
N PHE B 27 -1.95 2.50 -16.88
CA PHE B 27 -1.40 3.23 -15.75
C PHE B 27 -2.08 2.87 -14.43
N HIS B 28 -1.39 3.22 -13.36
CA HIS B 28 -1.89 3.04 -12.01
C HIS B 28 -1.99 4.40 -11.32
N ILE B 29 -3.16 4.73 -10.84
CA ILE B 29 -3.33 5.90 -10.00
C ILE B 29 -3.01 5.49 -8.57
N SER B 30 -2.24 6.31 -7.88
CA SER B 30 -1.73 5.94 -6.59
C SER B 30 -2.23 6.87 -5.48
N GLY B 31 -2.78 8.02 -5.87
CA GLY B 31 -3.33 8.91 -4.86
C GLY B 31 -4.08 10.07 -5.45
N VAL B 32 -5.05 10.57 -4.69
CA VAL B 32 -5.80 11.76 -5.05
C VAL B 32 -5.95 12.66 -3.82
N ALA B 33 -5.67 13.94 -3.96
CA ALA B 33 -5.70 14.84 -2.81
C ALA B 33 -6.12 16.25 -3.23
N LEU B 34 -6.67 17.02 -2.29
CA LEU B 34 -7.08 18.37 -2.61
C LEU B 34 -6.32 19.41 -1.80
N ASP B 35 -6.01 20.50 -2.48
CA ASP B 35 -5.35 21.64 -1.85
C ASP B 35 -6.33 22.79 -1.78
N LYS B 36 -6.90 23.13 -2.92
CA LYS B 36 -7.99 24.08 -2.96
C LYS B 36 -9.29 23.32 -3.11
N GLY B 37 -10.26 23.60 -2.25
CA GLY B 37 -11.54 22.96 -2.39
C GLY B 37 -12.13 22.54 -1.08
N GLN B 38 -13.44 22.30 -1.07
CA GLN B 38 -14.12 21.85 0.13
C GLN B 38 -14.43 20.36 0.10
N GLU B 39 -14.91 19.87 -1.05
CA GLU B 39 -15.23 18.46 -1.20
C GLU B 39 -15.03 18.01 -2.63
N ALA B 40 -14.35 16.88 -2.80
CA ALA B 40 -14.29 16.24 -4.09
C ALA B 40 -14.59 14.75 -3.97
N LYS B 41 -15.71 14.34 -4.53
CA LYS B 41 -16.06 12.93 -4.56
C LYS B 41 -15.62 12.34 -5.88
N LEU B 42 -14.61 11.49 -5.83
CA LEU B 42 -13.98 10.97 -7.03
C LEU B 42 -14.73 9.75 -7.52
N TYR B 43 -15.42 9.89 -8.63
CA TYR B 43 -16.15 8.80 -9.22
C TYR B 43 -15.47 8.33 -10.48
N LEU B 44 -15.48 7.03 -10.67
CA LEU B 44 -14.94 6.41 -11.86
C LEU B 44 -16.03 5.56 -12.51
N ALA B 45 -16.46 5.98 -13.69
CA ALA B 45 -17.43 5.20 -14.43
C ALA B 45 -16.73 4.37 -15.48
N ALA B 46 -16.70 3.07 -15.24
CA ALA B 46 -16.03 2.15 -16.13
C ALA B 46 -16.86 0.90 -16.28
N GLU B 47 -16.91 0.35 -17.49
CA GLU B 47 -17.70 -0.83 -17.78
C GLU B 47 -19.16 -0.62 -17.34
N LYS B 48 -19.66 0.58 -17.61
CA LYS B 48 -21.07 0.92 -17.41
C LYS B 48 -21.45 1.00 -15.93
N GLN B 49 -20.47 1.20 -15.06
CA GLN B 49 -20.74 1.28 -13.63
C GLN B 49 -20.12 2.54 -13.03
N GLU B 50 -20.87 3.21 -12.16
CA GLU B 50 -20.36 4.35 -11.43
C GLU B 50 -19.68 3.89 -10.15
N TYR B 51 -18.36 3.91 -10.14
CA TYR B 51 -17.60 3.49 -8.98
C TYR B 51 -17.14 4.70 -8.18
N ILE B 52 -17.55 4.77 -6.93
CA ILE B 52 -17.00 5.78 -6.03
C ILE B 52 -15.61 5.33 -5.57
N VAL B 53 -14.58 5.87 -6.19
CA VAL B 53 -13.23 5.41 -5.94
C VAL B 53 -12.59 6.11 -4.75
N ALA B 54 -12.91 7.38 -4.55
CA ALA B 54 -12.35 8.12 -3.42
C ALA B 54 -13.28 9.21 -2.94
N THR B 55 -13.35 9.38 -1.63
CA THR B 55 -14.02 10.53 -1.06
C THR B 55 -12.96 11.42 -0.41
N VAL B 56 -12.58 12.48 -1.10
CA VAL B 56 -11.53 13.36 -0.60
C VAL B 56 -12.09 14.76 -0.34
N THR B 57 -12.13 15.14 0.91
CA THR B 57 -12.71 16.40 1.31
C THR B 57 -11.71 17.26 2.06
N LYS B 58 -12.13 18.42 2.52
CA LYS B 58 -11.31 19.20 3.45
C LYS B 58 -11.13 18.45 4.77
N ALA B 59 -12.06 17.55 5.07
CA ALA B 59 -11.98 16.70 6.25
C ALA B 59 -10.97 15.58 6.01
N ILE B 60 -11.02 15.02 4.81
CA ILE B 60 -10.05 14.02 4.38
C ILE B 60 -9.27 14.58 3.21
N PRO B 61 -8.24 15.40 3.48
CA PRO B 61 -7.56 16.21 2.45
C PRO B 61 -6.79 15.40 1.41
N GLN B 62 -6.71 14.10 1.60
CA GLN B 62 -5.92 13.24 0.73
C GLN B 62 -6.37 11.79 0.84
N VAL B 63 -6.61 11.18 -0.31
CA VAL B 63 -6.95 9.77 -0.39
C VAL B 63 -5.92 9.02 -1.22
N ALA B 64 -5.10 8.23 -0.55
CA ALA B 64 -4.15 7.37 -1.24
C ALA B 64 -4.79 6.05 -1.60
N LEU B 65 -4.82 5.73 -2.88
CA LEU B 65 -5.51 4.53 -3.36
C LEU B 65 -4.77 3.86 -4.50
N ASP B 66 -5.21 2.66 -4.84
CA ASP B 66 -4.62 1.91 -5.94
C ASP B 66 -5.65 1.69 -7.04
N LEU B 67 -5.50 2.40 -8.14
CA LEU B 67 -6.39 2.25 -9.28
C LEU B 67 -5.59 1.96 -10.54
N ASN B 68 -5.64 0.73 -11.02
CA ASN B 68 -4.87 0.36 -12.19
C ASN B 68 -5.79 0.10 -13.37
N PHE B 69 -5.49 0.75 -14.49
CA PHE B 69 -6.26 0.59 -15.71
C PHE B 69 -5.35 0.23 -16.87
N SER B 70 -5.88 -0.50 -17.84
CA SER B 70 -5.12 -0.84 -19.04
C SER B 70 -5.56 0.03 -20.20
N LYS B 71 -4.71 0.08 -21.23
CA LYS B 71 -5.03 0.82 -22.44
C LYS B 71 -6.14 0.14 -23.23
N GLY B 72 -6.56 -1.03 -22.75
CA GLY B 72 -7.70 -1.71 -23.32
C GLY B 72 -8.97 -1.34 -22.59
N ASP B 73 -8.83 -0.62 -21.49
CA ASP B 73 -9.97 -0.19 -20.70
C ASP B 73 -10.30 1.26 -21.02
N ARG B 74 -11.58 1.59 -21.03
CA ARG B 74 -12.01 2.97 -21.20
C ARG B 74 -12.88 3.37 -20.03
N ILE B 75 -12.51 4.45 -19.37
CA ILE B 75 -13.14 4.84 -18.13
C ILE B 75 -13.53 6.31 -18.14
N MET B 76 -14.25 6.76 -17.14
CA MET B 76 -14.50 8.19 -16.98
C MET B 76 -14.18 8.60 -15.55
N PHE B 77 -13.42 9.68 -15.41
CA PHE B 77 -13.11 10.19 -14.10
C PHE B 77 -13.82 11.50 -13.88
N TYR B 78 -14.53 11.61 -12.78
CA TYR B 78 -15.28 12.83 -12.50
C TYR B 78 -15.48 13.04 -11.02
N THR B 79 -15.36 14.29 -10.60
CA THR B 79 -15.47 14.65 -9.20
C THR B 79 -16.72 15.47 -8.94
N ALA B 80 -17.41 15.14 -7.85
CA ALA B 80 -18.57 15.90 -7.41
C ALA B 80 -18.20 16.75 -6.21
N GLY B 81 -19.01 17.76 -5.94
CA GLY B 81 -18.68 18.73 -4.90
C GLY B 81 -17.72 19.75 -5.45
N ASP B 82 -17.33 20.73 -4.66
CA ASP B 82 -16.41 21.70 -5.19
C ASP B 82 -15.07 21.62 -4.47
N ALA B 83 -14.13 21.04 -5.19
CA ALA B 83 -12.74 21.04 -4.81
C ALA B 83 -11.88 20.61 -5.99
N SER B 84 -10.64 21.06 -6.02
CA SER B 84 -9.73 20.69 -7.08
C SER B 84 -8.72 19.67 -6.56
N VAL B 85 -8.65 18.53 -7.21
CA VAL B 85 -7.83 17.43 -6.70
C VAL B 85 -6.72 17.04 -7.66
N SER B 86 -5.60 16.66 -7.09
CA SER B 86 -4.47 16.18 -7.85
C SER B 86 -4.32 14.68 -7.64
N LEU B 87 -4.49 13.91 -8.71
CA LEU B 87 -4.17 12.51 -8.65
C LEU B 87 -2.78 12.29 -9.19
N LEU B 88 -2.08 11.37 -8.59
CA LEU B 88 -0.77 10.98 -9.06
C LEU B 88 -0.76 9.49 -9.30
N GLY B 89 0.07 9.07 -10.21
CA GLY B 89 0.19 7.66 -10.49
C GLY B 89 1.37 7.39 -11.38
N TYR B 90 1.44 6.18 -11.90
CA TYR B 90 2.50 5.84 -12.83
C TYR B 90 1.95 4.99 -13.97
N LEU B 91 2.30 5.39 -15.18
CA LEU B 91 2.01 4.64 -16.37
C LEU B 91 2.73 3.30 -16.30
N HIS B 92 2.00 2.23 -16.57
CA HIS B 92 2.54 0.89 -16.46
C HIS B 92 3.49 0.60 -17.61
N ASP B 93 4.03 -0.62 -17.61
CA ASP B 93 5.03 -1.06 -18.58
C ASP B 93 4.69 -0.61 -19.99
N ILE B 94 5.46 0.36 -20.49
CA ILE B 94 5.34 0.82 -21.86
C ILE B 94 5.81 -0.28 -22.81
N ASP B 95 6.48 -1.27 -22.22
CA ASP B 95 6.94 -2.47 -22.93
C ASP B 95 8.08 -2.16 -23.88
N SER B 96 9.17 -1.63 -23.33
CA SER B 96 10.36 -1.38 -24.10
C SER B 96 11.44 -2.41 -23.79
N GLY B 97 11.45 -2.86 -22.54
CA GLY B 97 12.43 -3.84 -22.12
C GLY B 97 11.81 -4.97 -21.32
N SER B 98 10.58 -5.33 -21.67
CA SER B 98 9.87 -6.39 -20.97
C SER B 98 10.06 -7.71 -21.71
N PHE C 1 18.20 -11.57 -12.25
CA PHE C 1 19.34 -11.72 -11.33
C PHE C 1 19.72 -10.38 -10.72
N GLN C 2 20.55 -10.42 -9.67
CA GLN C 2 20.96 -9.22 -8.92
C GLN C 2 19.77 -8.56 -8.24
N GLY C 3 19.43 -9.05 -7.06
CA GLY C 3 18.32 -8.51 -6.29
C GLY C 3 18.71 -7.26 -5.54
N ALA C 4 19.23 -6.27 -6.27
CA ALA C 4 19.64 -5.02 -5.68
C ALA C 4 19.54 -3.89 -6.70
N MET C 5 18.53 -3.97 -7.56
CA MET C 5 18.31 -2.95 -8.57
C MET C 5 17.40 -1.86 -8.03
N ALA C 6 16.75 -2.14 -6.92
CA ALA C 6 15.89 -1.17 -6.26
C ALA C 6 16.52 -0.71 -4.96
N MET C 7 17.17 0.45 -5.00
CA MET C 7 17.95 0.92 -3.86
C MET C 7 17.23 2.05 -3.11
N PHE C 8 17.73 2.38 -1.92
CA PHE C 8 17.09 3.36 -1.05
C PHE C 8 17.18 4.78 -1.61
N TRP C 9 16.15 5.57 -1.35
CA TRP C 9 16.09 6.97 -1.75
C TRP C 9 15.53 7.80 -0.61
N GLY C 10 16.02 9.01 -0.45
CA GLY C 10 15.54 9.88 0.61
C GLY C 10 15.57 11.35 0.23
N LEU C 11 14.61 12.10 0.75
CA LEU C 11 14.55 13.54 0.50
C LEU C 11 14.17 14.28 1.78
N ASN C 12 15.13 15.02 2.33
CA ASN C 12 14.87 15.83 3.51
C ASN C 12 14.59 17.26 3.09
N MET C 13 13.33 17.66 3.15
CA MET C 13 12.92 18.98 2.67
C MET C 13 12.80 19.96 3.82
N LYS C 14 13.16 21.20 3.55
CA LYS C 14 13.10 22.26 4.55
C LYS C 14 11.86 23.12 4.34
N PRO C 15 11.40 23.81 5.41
CA PRO C 15 10.22 24.70 5.36
C PRO C 15 10.21 25.65 4.16
N GLU C 16 9.24 25.48 3.27
CA GLU C 16 9.04 26.37 2.12
C GLU C 16 10.25 26.38 1.21
N ARG C 17 10.63 25.22 0.71
CA ARG C 17 11.70 25.10 -0.26
C ARG C 17 11.16 24.53 -1.55
N LYS C 18 11.81 24.85 -2.66
CA LYS C 18 11.41 24.34 -3.95
C LYS C 18 12.59 23.79 -4.71
N TYR C 19 12.61 22.47 -4.89
CA TYR C 19 13.69 21.82 -5.60
C TYR C 19 13.16 21.26 -6.92
N SER C 20 13.59 21.82 -8.03
CA SER C 20 13.28 21.24 -9.31
C SER C 20 14.14 19.99 -9.51
N GLN C 21 13.48 18.85 -9.57
CA GLN C 21 14.12 17.56 -9.45
C GLN C 21 14.48 17.00 -10.82
N THR C 22 15.77 16.88 -11.07
CA THR C 22 16.26 16.23 -12.27
C THR C 22 16.55 14.76 -11.94
N ILE C 23 15.86 13.86 -12.64
CA ILE C 23 15.92 12.45 -12.34
C ILE C 23 16.93 11.73 -13.22
N ILE C 24 18.01 11.26 -12.62
CA ILE C 24 19.02 10.51 -13.34
C ILE C 24 18.65 9.02 -13.32
N LYS C 25 18.06 8.60 -12.21
CA LYS C 25 17.63 7.23 -12.04
C LYS C 25 16.20 7.19 -11.50
N SER C 26 15.35 6.42 -12.17
CA SER C 26 13.92 6.33 -11.84
C SER C 26 13.74 5.90 -10.38
N PHE C 27 12.67 6.35 -9.74
CA PHE C 27 12.46 6.01 -8.33
C PHE C 27 11.00 6.13 -7.91
N HIS C 28 10.71 5.50 -6.79
CA HIS C 28 9.39 5.56 -6.18
C HIS C 28 9.52 6.17 -4.79
N ILE C 29 8.78 7.23 -4.54
CA ILE C 29 8.67 7.78 -3.20
C ILE C 29 7.56 7.02 -2.48
N SER C 30 7.83 6.64 -1.25
CA SER C 30 6.93 5.75 -0.54
C SER C 30 6.35 6.41 0.70
N GLY C 31 6.93 7.52 1.14
CA GLY C 31 6.39 8.22 2.28
C GLY C 31 7.04 9.56 2.53
N VAL C 32 6.28 10.45 3.13
CA VAL C 32 6.78 11.76 3.55
C VAL C 32 6.25 12.09 4.95
N ALA C 33 7.12 12.51 5.85
CA ALA C 33 6.72 12.75 7.23
C ALA C 33 7.52 13.88 7.85
N LEU C 34 6.97 14.53 8.87
CA LEU C 34 7.67 15.62 9.52
C LEU C 34 7.95 15.33 10.98
N ASP C 35 9.12 15.74 11.40
CA ASP C 35 9.54 15.62 12.80
C ASP C 35 9.59 16.99 13.41
N LYS C 36 10.32 17.88 12.77
CA LYS C 36 10.32 19.29 13.12
C LYS C 36 9.44 20.04 12.14
N GLY C 37 8.50 20.81 12.65
CA GLY C 37 7.69 21.61 11.77
C GLY C 37 6.24 21.63 12.16
N GLN C 38 5.51 22.62 11.65
CA GLN C 38 4.08 22.72 11.94
C GLN C 38 3.24 22.25 10.77
N GLU C 39 3.60 22.65 9.56
CA GLU C 39 2.86 22.25 8.36
C GLU C 39 3.77 22.15 7.16
N ALA C 40 3.67 21.05 6.43
CA ALA C 40 4.33 20.95 5.14
C ALA C 40 3.35 20.44 4.08
N LYS C 41 3.04 21.30 3.13
CA LYS C 41 2.20 20.89 2.02
C LYS C 41 3.08 20.50 0.85
N LEU C 42 3.10 19.22 0.54
CA LEU C 42 4.01 18.69 -0.44
C LEU C 42 3.41 18.80 -1.83
N TYR C 43 3.98 19.68 -2.63
CA TYR C 43 3.53 19.88 -3.99
C TYR C 43 4.55 19.32 -4.96
N LEU C 44 4.03 18.73 -6.02
CA LEU C 44 4.83 18.22 -7.08
C LEU C 44 4.40 18.85 -8.39
N ALA C 45 5.26 19.65 -8.98
CA ALA C 45 4.96 20.24 -10.27
C ALA C 45 5.65 19.46 -11.36
N ALA C 46 4.85 18.75 -12.13
CA ALA C 46 5.36 17.90 -13.19
C ALA C 46 4.45 18.01 -14.40
N GLU C 47 5.05 18.03 -15.58
CA GLU C 47 4.31 18.17 -16.83
C GLU C 47 3.41 19.41 -16.77
N LYS C 48 3.97 20.48 -16.22
CA LYS C 48 3.34 21.81 -16.21
C LYS C 48 2.11 21.86 -15.30
N GLN C 49 2.03 20.95 -14.33
CA GLN C 49 0.89 20.93 -13.41
C GLN C 49 1.36 20.91 -11.97
N GLU C 50 0.71 21.70 -11.12
CA GLU C 50 0.98 21.69 -9.69
C GLU C 50 0.13 20.61 -9.02
N TYR C 51 0.76 19.51 -8.65
CA TYR C 51 0.05 18.42 -8.00
C TYR C 51 0.27 18.47 -6.50
N ILE C 52 -0.80 18.59 -5.74
CA ILE C 52 -0.71 18.45 -4.29
C ILE C 52 -0.62 16.96 -3.95
N VAL C 53 0.60 16.49 -3.70
CA VAL C 53 0.82 15.07 -3.51
C VAL C 53 0.58 14.63 -2.07
N ALA C 54 0.92 15.49 -1.11
CA ALA C 54 0.72 15.15 0.29
C ALA C 54 0.48 16.37 1.14
N THR C 55 -0.43 16.25 2.09
CA THR C 55 -0.59 17.26 3.11
C THR C 55 -0.14 16.68 4.44
N VAL C 56 1.07 17.03 4.86
CA VAL C 56 1.63 16.48 6.07
C VAL C 56 1.87 17.59 7.09
N THR C 57 1.12 17.54 8.17
CA THR C 57 1.18 18.59 9.18
C THR C 57 1.53 18.02 10.55
N LYS C 58 1.57 18.85 11.56
CA LYS C 58 1.66 18.36 12.94
C LYS C 58 0.41 17.56 13.30
N ALA C 59 -0.69 17.84 12.60
CA ALA C 59 -1.94 17.11 12.80
C ALA C 59 -1.86 15.75 12.10
N ILE C 60 -1.27 15.75 10.92
CA ILE C 60 -1.00 14.53 10.17
C ILE C 60 0.51 14.39 10.01
N PRO C 61 1.20 13.88 11.04
CA PRO C 61 2.67 13.92 11.14
C PRO C 61 3.39 13.07 10.08
N GLN C 62 2.63 12.33 9.29
CA GLN C 62 3.21 11.42 8.33
C GLN C 62 2.22 11.04 7.24
N VAL C 63 2.64 11.19 6.00
CA VAL C 63 1.84 10.79 4.86
C VAL C 63 2.57 9.72 4.05
N ALA C 64 2.07 8.50 4.12
CA ALA C 64 2.60 7.41 3.33
C ALA C 64 1.90 7.37 1.98
N LEU C 65 2.67 7.49 0.90
CA LEU C 65 2.10 7.59 -0.43
C LEU C 65 2.96 6.86 -1.47
N ASP C 66 2.41 6.71 -2.67
CA ASP C 66 3.11 6.06 -3.76
C ASP C 66 3.33 7.06 -4.89
N LEU C 67 4.56 7.50 -5.06
CA LEU C 67 4.91 8.41 -6.15
C LEU C 67 6.06 7.84 -6.96
N ASN C 68 5.77 7.38 -8.16
CA ASN C 68 6.81 6.79 -8.98
C ASN C 68 7.11 7.67 -10.18
N PHE C 69 8.40 7.97 -10.36
CA PHE C 69 8.85 8.80 -11.47
C PHE C 69 9.96 8.09 -12.24
N SER C 70 10.05 8.36 -13.53
CA SER C 70 11.11 7.80 -14.35
C SER C 70 12.19 8.84 -14.61
N LYS C 71 13.36 8.37 -15.01
CA LYS C 71 14.48 9.24 -15.36
C LYS C 71 14.19 10.01 -16.64
N GLY C 72 13.07 9.68 -17.28
CA GLY C 72 12.62 10.42 -18.43
C GLY C 72 11.66 11.53 -18.04
N ASP C 73 11.28 11.54 -16.76
CA ASP C 73 10.38 12.56 -16.24
C ASP C 73 11.18 13.62 -15.49
N ARG C 74 10.75 14.87 -15.60
CA ARG C 74 11.36 15.95 -14.85
C ARG C 74 10.29 16.65 -14.02
N ILE C 75 10.53 16.73 -12.73
CA ILE C 75 9.50 17.21 -11.81
C ILE C 75 10.06 18.26 -10.86
N MET C 76 9.21 18.89 -10.08
CA MET C 76 9.68 19.77 -9.02
C MET C 76 8.99 19.42 -7.73
N PHE C 77 9.77 19.28 -6.67
CA PHE C 77 9.21 19.00 -5.36
C PHE C 77 9.37 20.21 -4.47
N TYR C 78 8.29 20.64 -3.86
CA TYR C 78 8.34 21.80 -3.01
C TYR C 78 7.26 21.79 -1.94
N THR C 79 7.62 22.22 -0.75
CA THR C 79 6.73 22.20 0.39
C THR C 79 6.35 23.61 0.81
N ALA C 80 5.08 23.81 1.10
CA ALA C 80 4.59 25.07 1.62
C ALA C 80 4.29 24.94 3.12
N GLY C 81 4.23 26.07 3.80
CA GLY C 81 4.09 26.05 5.24
C GLY C 81 5.45 25.85 5.87
N ASP C 82 5.54 25.86 7.19
CA ASP C 82 6.84 25.67 7.79
C ASP C 82 6.90 24.35 8.54
N ALA C 83 7.57 23.41 7.89
CA ALA C 83 7.94 22.15 8.51
C ALA C 83 9.01 21.47 7.66
N SER C 84 9.83 20.65 8.29
CA SER C 84 10.85 19.91 7.58
C SER C 84 10.43 18.46 7.46
N VAL C 85 10.37 17.95 6.23
CA VAL C 85 9.84 16.62 5.99
C VAL C 85 10.88 15.70 5.38
N SER C 86 10.79 14.44 5.77
CA SER C 86 11.64 13.40 5.22
C SER C 86 10.82 12.49 4.34
N LEU C 87 11.14 12.47 3.06
CA LEU C 87 10.56 11.49 2.17
C LEU C 87 11.49 10.32 2.03
N LEU C 88 10.92 9.14 1.94
CA LEU C 88 11.69 7.95 1.69
C LEU C 88 11.13 7.26 0.49
N GLY C 89 11.98 6.53 -0.19
CA GLY C 89 11.54 5.78 -1.34
C GLY C 89 12.62 4.84 -1.81
N TYR C 90 12.43 4.28 -3.00
CA TYR C 90 13.43 3.42 -3.56
C TYR C 90 13.59 3.69 -5.06
N LEU C 91 14.84 3.84 -5.45
CA LEU C 91 15.20 3.95 -6.85
C LEU C 91 14.83 2.66 -7.57
N HIS C 92 14.16 2.81 -8.70
CA HIS C 92 13.67 1.67 -9.44
C HIS C 92 14.81 0.96 -10.16
N ASP C 93 14.46 -0.10 -10.87
CA ASP C 93 15.42 -0.96 -11.56
C ASP C 93 16.52 -0.16 -12.24
N ILE C 94 17.72 -0.24 -11.68
CA ILE C 94 18.90 0.38 -12.27
C ILE C 94 19.27 -0.38 -13.55
N ASP C 95 18.66 -1.56 -13.70
CA ASP C 95 18.80 -2.39 -14.89
C ASP C 95 20.19 -3.00 -14.99
N SER C 96 20.54 -3.77 -13.97
CA SER C 96 21.81 -4.49 -13.97
C SER C 96 21.56 -5.98 -14.23
N GLY C 97 20.44 -6.47 -13.74
CA GLY C 97 20.09 -7.86 -13.91
C GLY C 97 18.66 -8.06 -14.36
N SER C 98 18.17 -7.14 -15.16
CA SER C 98 16.80 -7.20 -15.66
C SER C 98 16.78 -7.87 -17.03
N PHE D 1 11.85 -18.67 -11.43
CA PHE D 1 11.64 -19.89 -10.64
C PHE D 1 12.03 -19.67 -9.18
N GLN D 2 11.64 -20.60 -8.31
CA GLN D 2 11.88 -20.50 -6.88
C GLN D 2 11.14 -19.30 -6.27
N GLY D 3 9.87 -19.52 -5.95
CA GLY D 3 9.07 -18.47 -5.35
C GLY D 3 9.31 -18.32 -3.87
N ALA D 4 10.57 -18.11 -3.51
CA ALA D 4 10.96 -17.96 -2.11
C ALA D 4 12.21 -17.09 -2.00
N MET D 5 12.32 -16.11 -2.89
CA MET D 5 13.46 -15.21 -2.87
C MET D 5 13.18 -14.01 -1.99
N ALA D 6 11.91 -13.83 -1.63
CA ALA D 6 11.51 -12.75 -0.75
C ALA D 6 11.08 -13.33 0.59
N MET D 7 11.98 -13.28 1.57
CA MET D 7 11.76 -13.93 2.86
C MET D 7 11.42 -12.92 3.95
N PHE D 8 10.96 -13.43 5.09
CA PHE D 8 10.50 -12.57 6.18
C PHE D 8 11.67 -11.82 6.86
N TRP D 9 11.37 -10.61 7.30
CA TRP D 9 12.33 -9.78 8.04
C TRP D 9 11.62 -9.14 9.22
N GLY D 10 12.35 -8.96 10.32
CA GLY D 10 11.77 -8.36 11.50
C GLY D 10 12.78 -7.57 12.31
N LEU D 11 12.33 -6.49 12.92
CA LEU D 11 13.18 -5.66 13.77
C LEU D 11 12.44 -5.24 15.03
N ASN D 12 12.85 -5.78 16.17
CA ASN D 12 12.26 -5.42 17.45
C ASN D 12 13.15 -4.37 18.13
N MET D 13 12.71 -3.12 18.11
CA MET D 13 13.52 -2.02 18.62
C MET D 13 13.10 -1.66 20.04
N LYS D 14 14.08 -1.29 20.84
CA LYS D 14 13.84 -0.92 22.23
C LYS D 14 13.83 0.60 22.37
N PRO D 15 13.18 1.11 23.45
CA PRO D 15 13.10 2.56 23.73
C PRO D 15 14.44 3.29 23.63
N GLU D 16 14.55 4.20 22.67
CA GLU D 16 15.73 5.05 22.50
C GLU D 16 16.98 4.22 22.24
N ARG D 17 16.94 3.43 21.19
CA ARG D 17 18.10 2.67 20.76
C ARG D 17 18.51 3.10 19.36
N LYS D 18 19.78 2.95 19.05
CA LYS D 18 20.29 3.30 17.74
C LYS D 18 21.12 2.18 17.15
N TYR D 19 20.61 1.54 16.11
CA TYR D 19 21.33 0.46 15.46
C TYR D 19 21.76 0.89 14.07
N SER D 20 23.06 1.04 13.87
CA SER D 20 23.56 1.27 12.53
C SER D 20 23.50 -0.03 11.74
N GLN D 21 22.66 -0.03 10.72
CA GLN D 21 22.25 -1.24 10.05
C GLN D 21 23.14 -1.55 8.85
N THR D 22 23.87 -2.64 8.94
CA THR D 22 24.65 -3.15 7.83
C THR D 22 23.83 -4.17 7.07
N ILE D 23 23.57 -3.90 5.79
CA ILE D 23 22.68 -4.73 5.01
C ILE D 23 23.46 -5.74 4.18
N ILE D 24 23.28 -7.01 4.52
CA ILE D 24 23.92 -8.10 3.78
C ILE D 24 22.99 -8.53 2.64
N LYS D 25 21.70 -8.47 2.91
CA LYS D 25 20.69 -8.83 1.93
C LYS D 25 19.61 -7.76 1.88
N SER D 26 19.31 -7.28 0.67
CA SER D 26 18.34 -6.21 0.44
C SER D 26 16.99 -6.57 1.03
N PHE D 27 16.23 -5.57 1.49
CA PHE D 27 14.95 -5.85 2.11
C PHE D 27 14.02 -4.65 2.08
N HIS D 28 12.75 -4.95 2.29
CA HIS D 28 11.70 -3.95 2.39
C HIS D 28 11.05 -4.03 3.75
N ILE D 29 11.04 -2.92 4.48
CA ILE D 29 10.27 -2.83 5.70
C ILE D 29 8.86 -2.43 5.35
N SER D 30 7.89 -3.11 5.94
CA SER D 30 6.52 -2.94 5.54
C SER D 30 5.65 -2.37 6.66
N GLY D 31 6.16 -2.41 7.89
CA GLY D 31 5.41 -1.83 8.98
C GLY D 31 6.20 -1.76 10.27
N VAL D 32 5.85 -0.79 11.11
CA VAL D 32 6.42 -0.65 12.44
C VAL D 32 5.30 -0.33 13.44
N ALA D 33 5.27 -1.04 14.56
CA ALA D 33 4.18 -0.85 15.51
C ALA D 33 4.67 -1.09 16.94
N LEU D 34 3.98 -0.51 17.92
CA LEU D 34 4.38 -0.70 19.31
C LEU D 34 3.30 -1.38 20.12
N ASP D 35 3.74 -2.24 21.00
CA ASP D 35 2.86 -2.94 21.92
C ASP D 35 3.12 -2.41 23.32
N LYS D 36 4.37 -2.46 23.72
CA LYS D 36 4.80 -1.84 24.96
C LYS D 36 5.47 -0.52 24.63
N GLY D 37 5.05 0.56 25.26
CA GLY D 37 5.69 1.82 25.04
C GLY D 37 4.73 2.98 24.94
N GLN D 38 5.24 4.19 25.10
CA GLN D 38 4.42 5.38 24.99
C GLN D 38 4.64 6.10 23.66
N GLU D 39 5.90 6.24 23.25
CA GLU D 39 6.22 6.91 22.00
C GLU D 39 7.49 6.33 21.39
N ALA D 40 7.43 6.03 20.10
CA ALA D 40 8.63 5.69 19.37
C ALA D 40 8.69 6.47 18.07
N LYS D 41 9.66 7.35 17.96
CA LYS D 41 9.88 8.09 16.74
C LYS D 41 10.96 7.39 15.93
N LEU D 42 10.56 6.80 14.82
CA LEU D 42 11.44 5.96 14.04
C LEU D 42 12.23 6.81 13.05
N TYR D 43 13.52 6.94 13.32
CA TYR D 43 14.40 7.69 12.45
C TYR D 43 15.31 6.77 11.69
N LEU D 44 15.55 7.12 10.45
CA LEU D 44 16.46 6.40 9.61
C LEU D 44 17.52 7.36 9.08
N ALA D 45 18.75 7.16 9.50
CA ALA D 45 19.84 7.97 9.01
C ALA D 45 20.58 7.23 7.91
N ALA D 46 20.41 7.69 6.70
CA ALA D 46 21.01 7.07 5.54
C ALA D 46 21.52 8.13 4.59
N GLU D 47 22.68 7.88 3.99
CA GLU D 47 23.31 8.83 3.08
C GLU D 47 23.45 10.20 3.77
N LYS D 48 23.84 10.15 5.04
CA LYS D 48 24.19 11.34 5.82
C LYS D 48 22.97 12.21 6.13
N GLN D 49 21.77 11.62 6.09
CA GLN D 49 20.56 12.39 6.37
C GLN D 49 19.71 11.68 7.42
N GLU D 50 19.17 12.45 8.36
CA GLU D 50 18.25 11.92 9.35
C GLU D 50 16.83 11.96 8.81
N TYR D 51 16.32 10.81 8.42
CA TYR D 51 14.97 10.73 7.89
C TYR D 51 14.00 10.25 8.95
N ILE D 52 13.00 11.05 9.26
CA ILE D 52 11.92 10.60 10.12
C ILE D 52 10.97 9.71 9.31
N VAL D 53 11.13 8.41 9.46
CA VAL D 53 10.39 7.48 8.62
C VAL D 53 9.01 7.15 9.19
N ALA D 54 8.90 7.10 10.52
CA ALA D 54 7.62 6.82 11.12
C ALA D 54 7.48 7.46 12.50
N THR D 55 6.30 7.96 12.78
CA THR D 55 5.98 8.39 14.12
C THR D 55 4.93 7.45 14.70
N VAL D 56 5.37 6.52 15.53
CA VAL D 56 4.47 5.53 16.08
C VAL D 56 4.39 5.67 17.60
N THR D 57 3.23 6.05 18.07
CA THR D 57 3.03 6.32 19.49
C THR D 57 1.91 5.46 20.06
N LYS D 58 1.60 5.64 21.33
CA LYS D 58 0.39 5.03 21.89
C LYS D 58 -0.86 5.61 21.23
N ALA D 59 -0.73 6.82 20.69
CA ALA D 59 -1.81 7.46 19.96
C ALA D 59 -1.94 6.85 18.57
N ILE D 60 -0.79 6.61 17.95
CA ILE D 60 -0.73 5.93 16.67
C ILE D 60 0.03 4.62 16.86
N PRO D 61 -0.65 3.56 17.34
CA PRO D 61 0.00 2.33 17.82
C PRO D 61 0.69 1.53 16.73
N GLN D 62 0.54 1.95 15.48
CA GLN D 62 1.07 1.19 14.36
C GLN D 62 1.21 2.07 13.12
N VAL D 63 2.40 2.05 12.54
CA VAL D 63 2.66 2.75 11.29
C VAL D 63 3.06 1.77 10.19
N ALA D 64 2.16 1.56 9.25
CA ALA D 64 2.46 0.74 8.09
C ALA D 64 3.10 1.59 7.00
N LEU D 65 4.31 1.21 6.60
CA LEU D 65 5.07 2.02 5.64
C LEU D 65 5.87 1.15 4.68
N ASP D 66 6.40 1.78 3.65
CA ASP D 66 7.22 1.09 2.66
C ASP D 66 8.63 1.64 2.68
N LEU D 67 9.57 0.86 3.21
CA LEU D 67 10.97 1.25 3.24
C LEU D 67 11.82 0.17 2.61
N ASN D 68 12.34 0.42 1.43
CA ASN D 68 13.14 -0.58 0.75
C ASN D 68 14.59 -0.15 0.68
N PHE D 69 15.48 -1.04 1.11
CA PHE D 69 16.90 -0.77 1.10
C PHE D 69 17.63 -1.90 0.38
N SER D 70 18.77 -1.58 -0.23
CA SER D 70 19.59 -2.59 -0.88
C SER D 70 20.80 -2.92 -0.02
N LYS D 71 21.42 -4.06 -0.31
CA LYS D 71 22.62 -4.50 0.37
C LYS D 71 23.82 -3.60 0.00
N GLY D 72 23.58 -2.70 -0.94
CA GLY D 72 24.58 -1.71 -1.27
C GLY D 72 24.39 -0.43 -0.48
N ASP D 73 23.28 -0.36 0.24
CA ASP D 73 22.97 0.79 1.07
C ASP D 73 23.32 0.51 2.52
N ARG D 74 23.83 1.50 3.23
CA ARG D 74 24.09 1.38 4.66
C ARG D 74 23.32 2.46 5.40
N ILE D 75 22.53 2.04 6.38
CA ILE D 75 21.61 2.95 7.04
C ILE D 75 21.71 2.80 8.54
N MET D 76 21.05 3.68 9.28
CA MET D 76 20.92 3.51 10.73
C MET D 76 19.48 3.65 11.14
N PHE D 77 19.00 2.71 11.93
CA PHE D 77 17.65 2.76 12.43
C PHE D 77 17.67 3.05 13.92
N TYR D 78 16.92 4.06 14.33
CA TYR D 78 16.90 4.42 15.74
C TYR D 78 15.60 5.10 16.12
N THR D 79 15.11 4.75 17.30
CA THR D 79 13.86 5.27 17.80
C THR D 79 14.06 6.20 18.98
N ALA D 80 13.34 7.31 18.97
CA ALA D 80 13.35 8.24 20.08
C ALA D 80 12.06 8.13 20.88
N GLY D 81 12.08 8.61 22.11
CA GLY D 81 10.96 8.40 23.00
C GLY D 81 11.04 7.04 23.63
N ASP D 82 10.13 6.70 24.52
CA ASP D 82 10.20 5.39 25.11
C ASP D 82 9.04 4.53 24.67
N ALA D 83 9.36 3.62 23.77
CA ALA D 83 8.47 2.55 23.37
C ALA D 83 9.25 1.50 22.61
N SER D 84 8.77 0.27 22.65
CA SER D 84 9.41 -0.82 21.93
C SER D 84 8.58 -1.17 20.71
N VAL D 85 9.20 -1.12 19.54
CA VAL D 85 8.48 -1.29 18.29
C VAL D 85 8.95 -2.50 17.51
N SER D 86 8.00 -3.14 16.86
CA SER D 86 8.29 -4.26 15.98
C SER D 86 8.11 -3.84 14.53
N LEU D 87 9.18 -3.87 13.77
CA LEU D 87 9.08 -3.68 12.34
C LEU D 87 9.04 -5.02 11.67
N LEU D 88 8.26 -5.11 10.62
CA LEU D 88 8.20 -6.29 9.82
C LEU D 88 8.48 -5.92 8.38
N GLY D 89 9.02 -6.85 7.65
CA GLY D 89 9.29 -6.64 6.26
C GLY D 89 9.68 -7.92 5.56
N TYR D 90 10.18 -7.79 4.35
CA TYR D 90 10.64 -8.96 3.62
C TYR D 90 11.93 -8.64 2.89
N LEU D 91 12.90 -9.54 3.06
CA LEU D 91 14.14 -9.50 2.34
C LEU D 91 13.85 -9.67 0.86
N HIS D 92 14.43 -8.81 0.04
CA HIS D 92 14.18 -8.82 -1.39
C HIS D 92 14.89 -9.98 -2.05
N ASP D 93 14.73 -10.08 -3.36
CA ASP D 93 15.26 -11.16 -4.17
C ASP D 93 16.68 -11.56 -3.75
N ILE D 94 16.78 -12.72 -3.12
CA ILE D 94 18.08 -13.28 -2.77
C ILE D 94 18.83 -13.70 -4.03
N ASP D 95 18.06 -13.76 -5.13
CA ASP D 95 18.59 -14.03 -6.46
C ASP D 95 19.01 -15.49 -6.59
N SER D 96 18.06 -16.38 -6.39
CA SER D 96 18.30 -17.81 -6.57
C SER D 96 17.64 -18.29 -7.86
N GLY D 97 16.50 -17.69 -8.19
CA GLY D 97 15.78 -18.07 -9.39
C GLY D 97 15.34 -16.87 -10.19
N SER D 98 16.14 -15.83 -10.18
CA SER D 98 15.83 -14.61 -10.91
C SER D 98 16.49 -14.64 -12.29
N PHE E 1 4.71 -16.88 -17.64
CA PHE E 1 3.42 -17.48 -18.04
C PHE E 1 2.66 -18.00 -16.83
N GLN E 2 1.38 -18.31 -17.04
CA GLN E 2 0.49 -18.76 -15.97
C GLN E 2 0.28 -17.67 -14.91
N GLY E 3 -0.65 -16.77 -15.18
CA GLY E 3 -0.94 -15.69 -14.26
C GLY E 3 -1.84 -16.13 -13.12
N ALA E 4 -1.41 -17.17 -12.41
CA ALA E 4 -2.17 -17.70 -11.30
C ALA E 4 -1.24 -18.35 -10.28
N MET E 5 -0.06 -17.78 -10.13
CA MET E 5 0.92 -18.30 -9.18
C MET E 5 0.73 -17.64 -7.82
N ALA E 6 -0.02 -16.56 -7.79
CA ALA E 6 -0.34 -15.87 -6.55
C ALA E 6 -1.80 -16.08 -6.20
N MET E 7 -2.06 -17.01 -5.29
CA MET E 7 -3.44 -17.41 -4.98
C MET E 7 -3.89 -16.85 -3.64
N PHE E 8 -5.19 -16.94 -3.38
CA PHE E 8 -5.79 -16.37 -2.17
C PHE E 8 -5.36 -17.11 -0.91
N TRP E 9 -5.23 -16.36 0.18
CA TRP E 9 -4.90 -16.90 1.49
C TRP E 9 -5.78 -16.24 2.54
N GLY E 10 -6.16 -16.99 3.57
CA GLY E 10 -6.99 -16.45 4.62
C GLY E 10 -6.72 -17.07 5.97
N LEU E 11 -6.85 -16.29 7.03
CA LEU E 11 -6.65 -16.77 8.39
C LEU E 11 -7.72 -16.19 9.32
N ASN E 12 -8.62 -17.04 9.77
CA ASN E 12 -9.64 -16.63 10.72
C ASN E 12 -9.21 -17.01 12.13
N MET E 13 -8.79 -16.01 12.90
CA MET E 13 -8.25 -16.24 14.23
C MET E 13 -9.29 -16.01 15.30
N LYS E 14 -9.24 -16.82 16.35
CA LYS E 14 -10.18 -16.72 17.45
C LYS E 14 -9.54 -15.99 18.62
N PRO E 15 -10.37 -15.41 19.52
CA PRO E 15 -9.91 -14.69 20.71
C PRO E 15 -8.85 -15.44 21.52
N GLU E 16 -7.64 -14.86 21.57
CA GLU E 16 -6.54 -15.42 22.38
C GLU E 16 -6.17 -16.83 21.94
N ARG E 17 -5.82 -16.97 20.68
CA ARG E 17 -5.32 -18.24 20.16
C ARG E 17 -3.91 -18.08 19.66
N LYS E 18 -3.16 -19.16 19.68
CA LYS E 18 -1.78 -19.15 19.21
C LYS E 18 -1.52 -20.29 18.24
N TYR E 19 -1.32 -19.95 16.99
CA TYR E 19 -1.04 -20.96 15.97
C TYR E 19 0.40 -20.82 15.50
N SER E 20 1.22 -21.80 15.80
CA SER E 20 2.55 -21.84 15.23
C SER E 20 2.46 -22.26 13.77
N GLN E 21 2.81 -21.35 12.88
CA GLN E 21 2.51 -21.46 11.47
C GLN E 21 3.66 -22.11 10.71
N THR E 22 3.39 -23.29 10.19
CA THR E 22 4.32 -23.97 9.30
C THR E 22 3.98 -23.63 7.86
N ILE E 23 4.93 -23.02 7.17
CA ILE E 23 4.68 -22.51 5.83
C ILE E 23 5.14 -23.50 4.76
N ILE E 24 4.18 -24.06 4.03
CA ILE E 24 4.48 -24.97 2.94
C ILE E 24 4.66 -24.18 1.66
N LYS E 25 3.89 -23.11 1.54
CA LYS E 25 3.96 -22.23 0.37
C LYS E 25 4.02 -20.77 0.83
N SER E 26 5.00 -20.04 0.30
CA SER E 26 5.25 -18.65 0.67
C SER E 26 3.99 -17.80 0.44
N PHE E 27 3.80 -16.77 1.26
CA PHE E 27 2.61 -15.94 1.12
C PHE E 27 2.78 -14.56 1.73
N HIS E 28 1.88 -13.68 1.32
CA HIS E 28 1.82 -12.32 1.83
C HIS E 28 0.47 -12.09 2.49
N ILE E 29 0.49 -11.69 3.73
CA ILE E 29 -0.72 -11.25 4.40
C ILE E 29 -0.93 -9.78 4.09
N SER E 30 -2.14 -9.42 3.74
CA SER E 30 -2.41 -8.09 3.25
C SER E 30 -3.36 -7.32 4.16
N GLY E 31 -4.03 -8.02 5.07
CA GLY E 31 -4.91 -7.33 5.99
C GLY E 31 -5.44 -8.22 7.09
N VAL E 32 -5.74 -7.61 8.22
CA VAL E 32 -6.38 -8.30 9.34
C VAL E 32 -7.46 -7.41 9.93
N ALA E 33 -8.65 -7.96 10.14
CA ALA E 33 -9.78 -7.15 10.62
C ALA E 33 -10.71 -7.97 11.50
N LEU E 34 -11.45 -7.31 12.38
CA LEU E 34 -12.38 -8.02 13.24
C LEU E 34 -13.82 -7.61 13.00
N ASP E 35 -14.68 -8.60 13.07
CA ASP E 35 -16.11 -8.39 12.95
C ASP E 35 -16.75 -8.64 14.31
N LYS E 36 -16.48 -9.80 14.86
CA LYS E 36 -16.87 -10.11 16.21
C LYS E 36 -15.66 -9.96 17.12
N GLY E 37 -15.79 -9.19 18.18
CA GLY E 37 -14.70 -9.06 19.11
C GLY E 37 -14.51 -7.66 19.61
N GLN E 38 -13.79 -7.53 20.73
CA GLN E 38 -13.51 -6.22 21.29
C GLN E 38 -12.08 -5.78 21.00
N GLU E 39 -11.12 -6.68 21.16
CA GLU E 39 -9.72 -6.37 20.91
C GLU E 39 -8.96 -7.59 20.42
N ALA E 40 -8.20 -7.43 19.36
CA ALA E 40 -7.27 -8.46 18.95
C ALA E 40 -5.89 -7.85 18.67
N LYS E 41 -4.93 -8.22 19.49
CA LYS E 41 -3.57 -7.79 19.28
C LYS E 41 -2.82 -8.88 18.53
N LEU E 42 -2.48 -8.60 17.28
CA LEU E 42 -1.91 -9.60 16.41
C LEU E 42 -0.41 -9.64 16.58
N TYR E 43 0.07 -10.72 17.18
CA TYR E 43 1.50 -10.91 17.38
C TYR E 43 2.02 -11.98 16.46
N LEU E 44 3.21 -11.75 15.97
CA LEU E 44 3.90 -12.70 15.14
C LEU E 44 5.26 -13.01 15.76
N ALA E 45 5.43 -14.24 16.21
CA ALA E 45 6.70 -14.65 16.75
C ALA E 45 7.48 -15.43 15.70
N ALA E 46 8.52 -14.79 15.19
CA ALA E 46 9.34 -15.38 14.15
C ALA E 46 10.80 -15.08 14.43
N GLU E 47 11.65 -16.06 14.16
CA GLU E 47 13.08 -15.93 14.42
C GLU E 47 13.33 -15.52 15.87
N LYS E 48 12.56 -16.13 16.77
CA LYS E 48 12.74 -16.00 18.22
C LYS E 48 12.38 -14.60 18.72
N GLN E 49 11.56 -13.87 17.97
CA GLN E 49 11.15 -12.53 18.37
C GLN E 49 9.63 -12.38 18.34
N GLU E 50 9.08 -11.74 19.36
CA GLU E 50 7.66 -11.43 19.38
C GLU E 50 7.41 -10.09 18.69
N TYR E 51 6.87 -10.15 17.49
CA TYR E 51 6.60 -8.94 16.73
C TYR E 51 5.13 -8.58 16.82
N ILE E 52 4.83 -7.41 17.34
CA ILE E 52 3.47 -6.89 17.30
C ILE E 52 3.19 -6.37 15.89
N VAL E 53 2.50 -7.17 15.10
CA VAL E 53 2.31 -6.85 13.69
C VAL E 53 1.09 -5.96 13.47
N ALA E 54 0.03 -6.17 14.27
CA ALA E 54 -1.15 -5.35 14.13
C ALA E 54 -1.90 -5.19 15.44
N THR E 55 -2.41 -4.01 15.68
CA THR E 55 -3.34 -3.80 16.78
C THR E 55 -4.71 -3.51 16.21
N VAL E 56 -5.58 -4.50 16.20
CA VAL E 56 -6.90 -4.35 15.61
C VAL E 56 -7.97 -4.53 16.67
N THR E 57 -8.68 -3.46 16.95
CA THR E 57 -9.67 -3.45 18.01
C THR E 57 -11.04 -3.05 17.49
N LYS E 58 -12.03 -2.95 18.36
CA LYS E 58 -13.30 -2.36 17.98
C LYS E 58 -13.11 -0.88 17.63
N ALA E 59 -12.07 -0.28 18.19
CA ALA E 59 -11.73 1.11 17.88
C ALA E 59 -11.06 1.20 16.51
N ILE E 60 -10.19 0.24 16.23
CA ILE E 60 -9.57 0.11 14.93
C ILE E 60 -9.99 -1.22 14.31
N PRO E 61 -11.20 -1.26 13.70
CA PRO E 61 -11.85 -2.52 13.30
C PRO E 61 -11.12 -3.28 12.19
N GLN E 62 -10.07 -2.68 11.65
CA GLN E 62 -9.37 -3.28 10.52
C GLN E 62 -7.97 -2.70 10.38
N VAL E 63 -7.00 -3.59 10.28
CA VAL E 63 -5.61 -3.21 10.04
C VAL E 63 -5.11 -3.81 8.74
N ALA E 64 -4.94 -2.96 7.74
CA ALA E 64 -4.36 -3.38 6.47
C ALA E 64 -2.85 -3.27 6.54
N LEU E 65 -2.17 -4.39 6.32
CA LEU E 65 -0.72 -4.44 6.47
C LEU E 65 -0.06 -5.34 5.44
N ASP E 66 1.26 -5.27 5.36
CA ASP E 66 2.02 -6.10 4.43
C ASP E 66 2.93 -7.03 5.21
N LEU E 67 2.59 -8.31 5.23
CA LEU E 67 3.43 -9.30 5.90
C LEU E 67 3.74 -10.43 4.94
N ASN E 68 4.98 -10.50 4.49
CA ASN E 68 5.37 -11.53 3.54
C ASN E 68 6.31 -12.53 4.18
N PHE E 69 5.96 -13.80 4.05
CA PHE E 69 6.77 -14.88 4.60
C PHE E 69 7.08 -15.91 3.53
N SER E 70 8.22 -16.57 3.64
CA SER E 70 8.59 -17.63 2.72
C SER E 70 8.37 -18.99 3.35
N LYS E 71 8.30 -20.02 2.51
CA LYS E 71 8.15 -21.40 2.97
C LYS E 71 9.42 -21.88 3.67
N GLY E 72 10.45 -21.04 3.64
CA GLY E 72 11.65 -21.33 4.39
C GLY E 72 11.62 -20.69 5.77
N ASP E 73 10.60 -19.87 6.01
CA ASP E 73 10.42 -19.21 7.29
C ASP E 73 9.38 -19.96 8.12
N ARG E 74 9.60 -20.03 9.42
CA ARG E 74 8.61 -20.60 10.33
C ARG E 74 8.24 -19.57 11.38
N ILE E 75 6.95 -19.32 11.51
CA ILE E 75 6.48 -18.23 12.35
C ILE E 75 5.36 -18.69 13.25
N MET E 76 4.94 -17.85 14.19
CA MET E 76 3.75 -18.14 14.97
C MET E 76 2.83 -16.93 14.96
N PHE E 77 1.56 -17.17 14.68
CA PHE E 77 0.59 -16.09 14.70
C PHE E 77 -0.34 -16.27 15.87
N TYR E 78 -0.50 -15.23 16.66
CA TYR E 78 -1.35 -15.32 17.82
C TYR E 78 -1.92 -13.96 18.22
N THR E 79 -3.18 -13.97 18.63
CA THR E 79 -3.87 -12.75 18.98
C THR E 79 -4.18 -12.70 20.47
N ALA E 80 -3.96 -11.55 21.07
CA ALA E 80 -4.31 -11.32 22.46
C ALA E 80 -5.56 -10.46 22.56
N GLY E 81 -6.21 -10.49 23.71
CA GLY E 81 -7.49 -9.83 23.85
C GLY E 81 -8.58 -10.70 23.31
N ASP E 82 -9.83 -10.28 23.41
CA ASP E 82 -10.87 -11.12 22.88
C ASP E 82 -11.53 -10.47 21.67
N ALA E 83 -11.17 -11.00 20.52
CA ALA E 83 -11.82 -10.71 19.26
C ALA E 83 -11.42 -11.74 18.22
N SER E 84 -12.29 -11.95 17.25
CA SER E 84 -11.99 -12.87 16.17
C SER E 84 -11.67 -12.10 14.91
N VAL E 85 -10.49 -12.36 14.34
CA VAL E 85 -10.00 -11.57 13.22
C VAL E 85 -9.80 -12.40 11.97
N SER E 86 -10.09 -11.79 10.84
CA SER E 86 -9.87 -12.40 9.55
C SER E 86 -8.69 -11.74 8.86
N LEU E 87 -7.64 -12.50 8.64
CA LEU E 87 -6.56 -12.03 7.81
C LEU E 87 -6.74 -12.53 6.40
N LEU E 88 -6.38 -11.68 5.46
CA LEU E 88 -6.41 -12.07 4.06
C LEU E 88 -5.04 -11.82 3.48
N GLY E 89 -4.72 -12.59 2.47
CA GLY E 89 -3.47 -12.42 1.79
C GLY E 89 -3.41 -13.23 0.53
N TYR E 90 -2.23 -13.34 -0.04
CA TYR E 90 -2.06 -14.16 -1.22
C TYR E 90 -0.76 -14.95 -1.14
N LEU E 91 -0.89 -16.23 -1.42
CA LEU E 91 0.25 -17.12 -1.54
C LEU E 91 1.12 -16.66 -2.69
N HIS E 92 2.41 -16.55 -2.45
CA HIS E 92 3.33 -16.05 -3.46
C HIS E 92 3.57 -17.09 -4.54
N ASP E 93 4.42 -16.73 -5.50
CA ASP E 93 4.71 -17.54 -6.66
C ASP E 93 4.88 -19.02 -6.31
N ILE E 94 3.90 -19.82 -6.70
CA ILE E 94 3.96 -21.27 -6.53
C ILE E 94 5.03 -21.84 -7.47
N ASP E 95 5.45 -20.99 -8.41
CA ASP E 95 6.53 -21.30 -9.34
C ASP E 95 6.10 -22.35 -10.36
N SER E 96 5.06 -22.04 -11.11
CA SER E 96 4.61 -22.90 -12.17
C SER E 96 5.00 -22.32 -13.54
N GLY E 97 5.00 -20.99 -13.61
CA GLY E 97 5.35 -20.33 -14.85
C GLY E 97 6.33 -19.19 -14.64
N SER E 98 7.22 -19.36 -13.68
CA SER E 98 8.21 -18.34 -13.36
C SER E 98 9.50 -18.63 -14.10
N PHE A 1 5.43 -4.40 -26.66
CA PHE A 1 4.48 -4.95 -25.66
C PHE A 1 3.96 -3.83 -24.76
N GLN A 2 2.73 -3.98 -24.30
CA GLN A 2 2.13 -3.03 -23.38
C GLN A 2 2.42 -3.45 -21.94
N GLY A 3 2.55 -4.76 -21.75
CA GLY A 3 2.87 -5.29 -20.43
C GLY A 3 1.67 -5.31 -19.51
N ALA A 4 1.11 -4.14 -19.24
CA ALA A 4 -0.03 -4.02 -18.35
C ALA A 4 -1.32 -4.34 -19.08
N MET A 5 -1.51 -5.61 -19.38
CA MET A 5 -2.76 -6.08 -19.96
C MET A 5 -3.78 -6.31 -18.85
N ALA A 6 -3.32 -6.11 -17.62
CA ALA A 6 -4.19 -6.22 -16.44
C ALA A 6 -5.28 -5.17 -16.50
N MET A 7 -6.49 -5.61 -16.77
CA MET A 7 -7.59 -4.69 -17.06
C MET A 7 -8.42 -4.36 -15.83
N PHE A 8 -9.04 -3.20 -15.89
CA PHE A 8 -9.83 -2.65 -14.79
C PHE A 8 -10.98 -3.57 -14.38
N TRP A 9 -11.23 -3.63 -13.08
CA TRP A 9 -12.31 -4.42 -12.51
C TRP A 9 -13.07 -3.57 -11.50
N GLY A 10 -14.37 -3.73 -11.45
CA GLY A 10 -15.16 -2.97 -10.51
C GLY A 10 -16.36 -3.75 -10.02
N LEU A 11 -16.66 -3.63 -8.75
CA LEU A 11 -17.80 -4.31 -8.15
C LEU A 11 -18.66 -3.31 -7.39
N ASN A 12 -19.82 -3.00 -7.93
CA ASN A 12 -20.77 -2.14 -7.26
C ASN A 12 -21.64 -2.98 -6.33
N MET A 13 -21.31 -2.93 -5.05
CA MET A 13 -21.92 -3.80 -4.06
C MET A 13 -23.13 -3.16 -3.43
N LYS A 14 -24.23 -3.90 -3.42
CA LYS A 14 -25.48 -3.44 -2.85
C LYS A 14 -25.61 -3.94 -1.41
N PRO A 15 -26.12 -3.09 -0.52
CA PRO A 15 -26.22 -3.38 0.92
C PRO A 15 -26.93 -4.69 1.23
N GLU A 16 -26.22 -5.58 1.93
CA GLU A 16 -26.76 -6.86 2.36
C GLU A 16 -27.17 -7.74 1.18
N ARG A 17 -26.28 -7.82 0.19
CA ARG A 17 -26.47 -8.72 -0.93
C ARG A 17 -25.28 -9.68 -1.00
N LYS A 18 -25.53 -10.96 -1.26
CA LYS A 18 -24.46 -11.96 -1.33
C LYS A 18 -24.24 -12.43 -2.76
N TYR A 19 -23.02 -12.25 -3.26
CA TYR A 19 -22.68 -12.73 -4.59
C TYR A 19 -21.70 -13.89 -4.50
N SER A 20 -22.18 -15.09 -4.69
CA SER A 20 -21.30 -16.24 -4.78
C SER A 20 -20.92 -16.44 -6.24
N GLN A 21 -19.73 -15.98 -6.59
CA GLN A 21 -19.32 -15.88 -7.98
C GLN A 21 -18.07 -16.69 -8.28
N THR A 22 -18.01 -17.20 -9.50
CA THR A 22 -16.87 -17.95 -9.97
C THR A 22 -15.91 -17.01 -10.69
N ILE A 23 -14.62 -17.23 -10.49
CA ILE A 23 -13.60 -16.32 -11.01
C ILE A 23 -13.17 -16.74 -12.41
N ILE A 24 -13.41 -15.85 -13.37
CA ILE A 24 -13.04 -16.10 -14.76
C ILE A 24 -11.56 -15.83 -15.01
N LYS A 25 -10.99 -14.94 -14.22
CA LYS A 25 -9.59 -14.56 -14.36
C LYS A 25 -9.07 -14.04 -13.02
N SER A 26 -7.86 -14.47 -12.66
CA SER A 26 -7.25 -14.08 -11.40
C SER A 26 -7.12 -12.57 -11.33
N PHE A 27 -7.56 -11.98 -10.23
CA PHE A 27 -7.61 -10.52 -10.15
C PHE A 27 -7.29 -10.00 -8.77
N HIS A 28 -6.95 -8.71 -8.73
CA HIS A 28 -6.63 -8.01 -7.50
C HIS A 28 -7.66 -6.95 -7.22
N ILE A 29 -8.27 -7.01 -6.04
CA ILE A 29 -9.12 -5.93 -5.57
C ILE A 29 -8.26 -4.99 -4.73
N SER A 30 -8.42 -3.70 -4.94
CA SER A 30 -7.52 -2.73 -4.35
C SER A 30 -8.25 -1.70 -3.48
N GLY A 31 -9.56 -1.54 -3.68
CA GLY A 31 -10.29 -0.60 -2.86
C GLY A 31 -11.76 -0.93 -2.75
N VAL A 32 -12.33 -0.61 -1.59
CA VAL A 32 -13.78 -0.67 -1.39
C VAL A 32 -14.22 0.53 -0.54
N ALA A 33 -15.19 1.29 -1.02
CA ALA A 33 -15.59 2.51 -0.32
C ALA A 33 -17.06 2.82 -0.51
N LEU A 34 -17.63 3.61 0.40
CA LEU A 34 -19.04 3.98 0.29
C LEU A 34 -19.20 5.47 0.16
N ASP A 35 -20.13 5.84 -0.70
CA ASP A 35 -20.52 7.24 -0.85
C ASP A 35 -21.90 7.41 -0.26
N LYS A 36 -22.82 6.55 -0.69
CA LYS A 36 -24.14 6.46 -0.08
C LYS A 36 -24.18 5.23 0.81
N GLY A 37 -24.60 5.42 2.06
CA GLY A 37 -24.73 4.30 2.95
C GLY A 37 -24.39 4.62 4.37
N GLN A 38 -24.82 3.78 5.29
CA GLN A 38 -24.49 3.96 6.70
C GLN A 38 -23.40 3.00 7.14
N GLU A 39 -23.52 1.73 6.78
CA GLU A 39 -22.53 0.72 7.15
C GLU A 39 -22.47 -0.38 6.11
N ALA A 40 -21.28 -0.72 5.66
CA ALA A 40 -21.10 -1.90 4.85
C ALA A 40 -19.94 -2.73 5.40
N LYS A 41 -20.27 -3.91 5.91
CA LYS A 41 -19.25 -4.84 6.35
C LYS A 41 -18.98 -5.83 5.22
N LEU A 42 -17.84 -5.67 4.57
CA LEU A 42 -17.51 -6.50 3.43
C LEU A 42 -17.01 -7.85 3.92
N TYR A 43 -17.79 -8.88 3.62
CA TYR A 43 -17.45 -10.23 4.02
C TYR A 43 -17.19 -11.08 2.79
N LEU A 44 -16.14 -11.85 2.87
CA LEU A 44 -15.77 -12.79 1.83
C LEU A 44 -15.87 -14.19 2.36
N ALA A 45 -16.76 -14.96 1.80
CA ALA A 45 -16.88 -16.35 2.19
C ALA A 45 -16.24 -17.22 1.11
N ALA A 46 -15.05 -17.71 1.42
CA ALA A 46 -14.30 -18.54 0.50
C ALA A 46 -13.83 -19.78 1.23
N GLU A 47 -13.87 -20.93 0.55
CA GLU A 47 -13.54 -22.22 1.16
C GLU A 47 -14.48 -22.46 2.35
N LYS A 48 -15.70 -21.95 2.22
CA LYS A 48 -16.73 -22.03 3.25
C LYS A 48 -16.25 -21.42 4.56
N GLN A 49 -15.50 -20.33 4.46
CA GLN A 49 -15.03 -19.61 5.64
C GLN A 49 -15.39 -18.14 5.49
N GLU A 50 -15.96 -17.57 6.54
CA GLU A 50 -16.40 -16.18 6.52
C GLU A 50 -15.26 -15.26 6.92
N TYR A 51 -14.78 -14.47 5.98
CA TYR A 51 -13.73 -13.50 6.27
C TYR A 51 -14.29 -12.08 6.23
N ILE A 52 -13.98 -11.29 7.25
CA ILE A 52 -14.26 -9.87 7.20
C ILE A 52 -13.18 -9.19 6.36
N VAL A 53 -13.53 -8.90 5.11
CA VAL A 53 -12.58 -8.37 4.14
C VAL A 53 -12.28 -6.92 4.47
N ALA A 54 -13.34 -6.15 4.64
CA ALA A 54 -13.20 -4.74 4.90
C ALA A 54 -14.40 -4.22 5.65
N THR A 55 -14.16 -3.47 6.70
CA THR A 55 -15.26 -2.85 7.39
C THR A 55 -15.31 -1.38 6.99
N VAL A 56 -16.24 -1.07 6.11
CA VAL A 56 -16.36 0.27 5.57
C VAL A 56 -17.70 0.88 5.98
N THR A 57 -17.62 1.86 6.86
CA THR A 57 -18.80 2.50 7.40
C THR A 57 -18.76 4.00 7.13
N LYS A 58 -19.74 4.75 7.61
CA LYS A 58 -19.62 6.21 7.57
C LYS A 58 -18.47 6.67 8.46
N ALA A 59 -18.07 5.83 9.40
CA ALA A 59 -16.94 6.12 10.27
C ALA A 59 -15.63 5.84 9.55
N ILE A 60 -15.63 4.74 8.80
CA ILE A 60 -14.52 4.39 7.91
C ILE A 60 -15.05 4.34 6.48
N PRO A 61 -15.28 5.51 5.85
CA PRO A 61 -16.02 5.61 4.59
C PRO A 61 -15.26 5.05 3.38
N GLN A 62 -14.07 4.55 3.63
CA GLN A 62 -13.18 4.19 2.53
C GLN A 62 -12.12 3.21 2.99
N VAL A 63 -12.15 2.01 2.45
CA VAL A 63 -11.15 1.00 2.77
C VAL A 63 -10.28 0.69 1.56
N ALA A 64 -9.01 0.99 1.66
CA ALA A 64 -8.05 0.59 0.64
C ALA A 64 -7.39 -0.71 1.09
N LEU A 65 -7.61 -1.77 0.32
CA LEU A 65 -7.20 -3.10 0.72
C LEU A 65 -6.51 -3.83 -0.42
N ASP A 66 -5.88 -4.95 -0.11
CA ASP A 66 -5.17 -5.73 -1.11
C ASP A 66 -5.70 -7.15 -1.15
N LEU A 67 -6.41 -7.47 -2.23
CA LEU A 67 -6.92 -8.81 -2.44
C LEU A 67 -6.43 -9.35 -3.76
N ASN A 68 -6.05 -10.61 -3.80
CA ASN A 68 -5.70 -11.25 -5.05
C ASN A 68 -6.28 -12.65 -5.09
N PHE A 69 -7.22 -12.87 -6.00
CA PHE A 69 -7.86 -14.17 -6.13
C PHE A 69 -7.42 -14.86 -7.42
N SER A 70 -7.66 -16.16 -7.49
CA SER A 70 -7.27 -16.95 -8.65
C SER A 70 -8.49 -17.53 -9.32
N LYS A 71 -8.42 -17.70 -10.64
CA LYS A 71 -9.56 -18.20 -11.42
C LYS A 71 -9.84 -19.67 -11.12
N GLY A 72 -8.99 -20.29 -10.34
CA GLY A 72 -9.20 -21.68 -9.96
C GLY A 72 -10.18 -21.81 -8.83
N ASP A 73 -10.26 -20.80 -7.97
CA ASP A 73 -11.12 -20.85 -6.80
C ASP A 73 -12.41 -20.06 -7.05
N ARG A 74 -13.35 -20.17 -6.13
CA ARG A 74 -14.63 -19.47 -6.24
C ARG A 74 -15.01 -18.89 -4.88
N ILE A 75 -15.48 -17.66 -4.88
CA ILE A 75 -15.67 -16.93 -3.63
C ILE A 75 -17.03 -16.26 -3.58
N MET A 76 -17.49 -15.96 -2.37
CA MET A 76 -18.73 -15.24 -2.21
C MET A 76 -18.49 -13.91 -1.53
N PHE A 77 -18.81 -12.83 -2.25
CA PHE A 77 -18.59 -11.49 -1.75
C PHE A 77 -19.91 -10.88 -1.34
N TYR A 78 -19.96 -10.33 -0.14
CA TYR A 78 -21.19 -9.73 0.33
C TYR A 78 -20.94 -8.69 1.40
N THR A 79 -21.93 -7.84 1.63
CA THR A 79 -21.82 -6.83 2.66
C THR A 79 -22.97 -6.91 3.64
N ALA A 80 -22.68 -6.64 4.90
CA ALA A 80 -23.70 -6.55 5.93
C ALA A 80 -23.93 -5.10 6.31
N GLY A 81 -25.15 -4.78 6.72
CA GLY A 81 -25.49 -3.40 7.04
C GLY A 81 -26.09 -2.71 5.84
N ASP A 82 -26.40 -1.43 5.95
CA ASP A 82 -26.94 -0.73 4.82
C ASP A 82 -25.97 0.34 4.36
N ALA A 83 -25.28 0.02 3.28
CA ALA A 83 -24.50 0.98 2.53
C ALA A 83 -24.10 0.37 1.19
N SER A 84 -23.95 1.21 0.19
CA SER A 84 -23.57 0.75 -1.12
C SER A 84 -22.11 1.09 -1.40
N VAL A 85 -21.30 0.08 -1.68
CA VAL A 85 -19.87 0.28 -1.81
C VAL A 85 -19.37 -0.15 -3.17
N SER A 86 -18.40 0.57 -3.68
CA SER A 86 -17.76 0.22 -4.92
C SER A 86 -16.40 -0.36 -4.64
N LEU A 87 -16.18 -1.57 -5.11
CA LEU A 87 -14.85 -2.15 -5.07
C LEU A 87 -14.19 -1.90 -6.40
N LEU A 88 -12.91 -1.66 -6.34
CA LEU A 88 -12.14 -1.38 -7.52
C LEU A 88 -10.91 -2.25 -7.53
N GLY A 89 -10.55 -2.73 -8.70
CA GLY A 89 -9.41 -3.62 -8.82
C GLY A 89 -9.01 -3.81 -10.26
N TYR A 90 -8.16 -4.79 -10.51
CA TYR A 90 -7.74 -5.09 -11.86
C TYR A 90 -7.49 -6.59 -12.03
N LEU A 91 -8.03 -7.12 -13.12
CA LEU A 91 -7.83 -8.51 -13.50
C LEU A 91 -6.38 -8.70 -13.93
N HIS A 92 -5.72 -9.69 -13.37
CA HIS A 92 -4.30 -9.87 -13.61
C HIS A 92 -4.06 -10.60 -14.92
N ASP A 93 -3.55 -9.87 -15.90
CA ASP A 93 -3.05 -10.48 -17.12
C ASP A 93 -1.53 -10.37 -17.13
N ILE A 94 -1.04 -9.19 -17.49
CA ILE A 94 0.39 -8.89 -17.49
C ILE A 94 1.15 -9.78 -18.47
N ASP A 95 1.45 -9.25 -19.64
CA ASP A 95 2.13 -10.00 -20.67
C ASP A 95 3.62 -10.14 -20.35
N SER A 96 4.13 -11.35 -20.49
CA SER A 96 5.54 -11.60 -20.27
C SER A 96 6.27 -11.45 -21.60
N GLY A 97 6.67 -10.22 -21.91
CA GLY A 97 7.38 -9.94 -23.14
C GLY A 97 8.68 -10.71 -23.24
N SER A 98 9.48 -10.62 -22.19
CA SER A 98 10.74 -11.34 -22.10
C SER A 98 11.68 -10.94 -23.24
N PHE B 1 19.80 -1.39 -19.12
CA PHE B 1 18.37 -1.05 -19.10
C PHE B 1 18.02 -0.25 -17.85
N GLN B 2 17.03 0.62 -17.98
CA GLN B 2 16.55 1.42 -16.86
C GLN B 2 15.43 0.68 -16.14
N GLY B 3 14.69 -0.13 -16.91
CA GLY B 3 13.62 -0.93 -16.34
C GLY B 3 12.38 -0.11 -16.08
N ALA B 4 12.50 0.89 -15.21
CA ALA B 4 11.38 1.73 -14.85
C ALA B 4 11.15 2.81 -15.89
N MET B 5 10.64 2.40 -17.04
CA MET B 5 10.24 3.34 -18.08
C MET B 5 8.85 3.86 -17.78
N ALA B 6 8.26 3.32 -16.70
CA ALA B 6 6.94 3.75 -16.25
C ALA B 6 7.00 5.22 -15.83
N MET B 7 6.41 6.08 -16.63
CA MET B 7 6.56 7.51 -16.45
C MET B 7 5.44 8.12 -15.63
N PHE B 8 5.77 9.25 -15.01
CA PHE B 8 4.87 9.96 -14.10
C PHE B 8 3.58 10.40 -14.79
N TRP B 9 2.48 10.32 -14.05
CA TRP B 9 1.18 10.71 -14.53
C TRP B 9 0.50 11.56 -13.46
N GLY B 10 -0.23 12.57 -13.88
CA GLY B 10 -0.91 13.43 -12.94
C GLY B 10 -2.22 13.96 -13.49
N LEU B 11 -3.23 14.01 -12.63
CA LEU B 11 -4.53 14.52 -13.03
C LEU B 11 -5.00 15.58 -12.04
N ASN B 12 -4.99 16.82 -12.49
CA ASN B 12 -5.48 17.92 -11.68
C ASN B 12 -6.99 18.05 -11.89
N MET B 13 -7.75 17.54 -10.94
CA MET B 13 -9.19 17.42 -11.08
C MET B 13 -9.90 18.65 -10.52
N LYS B 14 -10.78 19.19 -11.33
CA LYS B 14 -11.56 20.36 -10.96
C LYS B 14 -12.92 19.92 -10.40
N PRO B 15 -13.39 20.60 -9.35
CA PRO B 15 -14.62 20.26 -8.64
C PRO B 15 -15.84 20.13 -9.56
N GLU B 16 -16.46 18.95 -9.55
CA GLU B 16 -17.68 18.68 -10.32
C GLU B 16 -17.43 18.83 -11.82
N ARG B 17 -16.34 18.24 -12.29
CA ARG B 17 -16.06 18.17 -13.71
C ARG B 17 -15.92 16.71 -14.13
N LYS B 18 -16.49 16.34 -15.27
CA LYS B 18 -16.44 14.97 -15.75
C LYS B 18 -15.52 14.83 -16.96
N TYR B 19 -14.50 13.98 -16.84
CA TYR B 19 -13.61 13.74 -17.96
C TYR B 19 -13.79 12.31 -18.47
N SER B 20 -14.48 12.17 -19.58
CA SER B 20 -14.58 10.87 -20.23
C SER B 20 -13.43 10.73 -21.22
N GLN B 21 -12.39 10.04 -20.80
CA GLN B 21 -11.13 10.02 -21.54
C GLN B 21 -10.73 8.62 -21.99
N THR B 22 -10.07 8.57 -23.13
CA THR B 22 -9.56 7.33 -23.68
C THR B 22 -8.12 7.13 -23.22
N ILE B 23 -7.77 5.89 -22.92
CA ILE B 23 -6.47 5.59 -22.35
C ILE B 23 -5.44 5.29 -23.43
N ILE B 24 -4.42 6.14 -23.50
CA ILE B 24 -3.35 5.99 -24.49
C ILE B 24 -2.34 4.92 -24.07
N LYS B 25 -2.21 4.72 -22.76
CA LYS B 25 -1.27 3.75 -22.23
C LYS B 25 -1.73 3.31 -20.85
N SER B 26 -1.65 2.01 -20.61
CA SER B 26 -2.09 1.42 -19.35
C SER B 26 -1.32 2.04 -18.19
N PHE B 27 -2.04 2.49 -17.16
CA PHE B 27 -1.39 3.24 -16.09
C PHE B 27 -1.99 2.95 -14.72
N HIS B 28 -1.22 3.29 -13.71
CA HIS B 28 -1.62 3.12 -12.32
C HIS B 28 -1.78 4.46 -11.64
N ILE B 29 -2.96 4.71 -11.08
CA ILE B 29 -3.16 5.86 -10.23
C ILE B 29 -2.89 5.44 -8.79
N SER B 30 -2.17 6.26 -8.04
CA SER B 30 -1.70 5.86 -6.74
C SER B 30 -2.17 6.80 -5.63
N GLY B 31 -2.55 8.03 -5.99
CA GLY B 31 -3.02 8.94 -4.97
C GLY B 31 -3.96 10.00 -5.51
N VAL B 32 -4.92 10.41 -4.69
CA VAL B 32 -5.76 11.56 -4.98
C VAL B 32 -6.00 12.35 -3.69
N ALA B 33 -5.72 13.65 -3.72
CA ALA B 33 -5.80 14.44 -2.49
C ALA B 33 -6.21 15.88 -2.79
N LEU B 34 -6.74 16.57 -1.77
CA LEU B 34 -7.14 17.97 -1.95
C LEU B 34 -6.38 18.88 -1.01
N ASP B 35 -5.99 20.01 -1.55
CA ASP B 35 -5.38 21.06 -0.77
C ASP B 35 -6.37 22.20 -0.62
N LYS B 36 -6.91 22.64 -1.76
CA LYS B 36 -8.02 23.58 -1.76
C LYS B 36 -9.30 22.82 -2.06
N GLY B 37 -10.30 23.02 -1.23
CA GLY B 37 -11.58 22.40 -1.48
C GLY B 37 -12.29 21.97 -0.22
N GLN B 38 -13.59 21.73 -0.33
CA GLN B 38 -14.38 21.26 0.79
C GLN B 38 -14.67 19.77 0.70
N GLU B 39 -15.09 19.32 -0.48
CA GLU B 39 -15.39 17.91 -0.70
C GLU B 39 -15.16 17.52 -2.15
N ALA B 40 -14.44 16.44 -2.36
CA ALA B 40 -14.36 15.86 -3.69
C ALA B 40 -14.63 14.36 -3.63
N LYS B 41 -15.74 13.95 -4.20
CA LYS B 41 -16.05 12.54 -4.32
C LYS B 41 -15.59 12.05 -5.69
N LEU B 42 -14.51 11.30 -5.71
CA LEU B 42 -13.94 10.83 -6.95
C LEU B 42 -14.74 9.65 -7.46
N TYR B 43 -15.39 9.86 -8.59
CA TYR B 43 -16.19 8.82 -9.20
C TYR B 43 -15.60 8.42 -10.55
N LEU B 44 -15.55 7.13 -10.76
CA LEU B 44 -15.09 6.58 -12.01
C LEU B 44 -16.22 5.84 -12.68
N ALA B 45 -16.62 6.33 -13.83
CA ALA B 45 -17.64 5.67 -14.60
C ALA B 45 -16.99 4.92 -15.75
N ALA B 46 -16.90 3.60 -15.59
CA ALA B 46 -16.30 2.74 -16.58
C ALA B 46 -17.23 1.59 -16.86
N GLU B 47 -17.32 1.18 -18.13
CA GLU B 47 -18.26 0.15 -18.56
C GLU B 47 -19.68 0.58 -18.21
N LYS B 48 -19.91 1.89 -18.24
CA LYS B 48 -21.18 2.50 -17.90
C LYS B 48 -21.61 2.14 -16.47
N GLN B 49 -20.64 2.06 -15.58
CA GLN B 49 -20.91 1.79 -14.18
C GLN B 49 -20.25 2.85 -13.32
N GLU B 50 -21.00 3.41 -12.38
CA GLU B 50 -20.49 4.48 -11.52
C GLU B 50 -19.79 3.88 -10.30
N TYR B 51 -18.49 4.06 -10.23
CA TYR B 51 -17.71 3.60 -9.09
C TYR B 51 -17.25 4.78 -8.24
N ILE B 52 -17.46 4.70 -6.94
CA ILE B 52 -16.84 5.65 -6.04
C ILE B 52 -15.38 5.26 -5.82
N VAL B 53 -14.50 5.94 -6.52
CA VAL B 53 -13.08 5.61 -6.53
C VAL B 53 -12.46 6.00 -5.21
N ALA B 54 -12.69 7.24 -4.82
CA ALA B 54 -12.11 7.77 -3.61
C ALA B 54 -12.96 8.89 -3.06
N THR B 55 -13.24 8.86 -1.79
CA THR B 55 -13.95 9.95 -1.17
C THR B 55 -12.94 10.80 -0.41
N VAL B 56 -12.59 11.92 -1.01
CA VAL B 56 -11.58 12.79 -0.44
C VAL B 56 -12.20 14.14 -0.08
N THR B 57 -12.32 14.38 1.21
CA THR B 57 -12.95 15.59 1.70
C THR B 57 -11.99 16.36 2.60
N LYS B 58 -12.43 17.45 3.20
CA LYS B 58 -11.62 18.09 4.24
C LYS B 58 -11.49 17.17 5.45
N ALA B 59 -12.41 16.22 5.57
CA ALA B 59 -12.37 15.23 6.64
C ALA B 59 -11.37 14.14 6.30
N ILE B 60 -11.37 13.74 5.05
CA ILE B 60 -10.37 12.82 4.51
C ILE B 60 -9.61 13.53 3.39
N PRO B 61 -8.67 14.41 3.75
CA PRO B 61 -8.05 15.36 2.80
C PRO B 61 -7.09 14.69 1.83
N GLN B 62 -6.95 13.38 1.93
CA GLN B 62 -5.92 12.68 1.19
C GLN B 62 -6.24 11.20 1.08
N VAL B 63 -6.47 10.73 -0.14
CA VAL B 63 -6.74 9.33 -0.38
C VAL B 63 -5.60 8.68 -1.18
N ALA B 64 -4.92 7.75 -0.55
CA ALA B 64 -3.93 6.94 -1.25
C ALA B 64 -4.60 5.66 -1.72
N LEU B 65 -4.67 5.47 -3.03
CA LEU B 65 -5.44 4.37 -3.60
C LEU B 65 -4.65 3.66 -4.69
N ASP B 66 -5.14 2.51 -5.12
CA ASP B 66 -4.46 1.73 -6.14
C ASP B 66 -5.39 1.48 -7.32
N LEU B 67 -5.10 2.12 -8.43
CA LEU B 67 -5.85 1.94 -9.65
C LEU B 67 -4.92 1.52 -10.77
N ASN B 68 -5.34 0.59 -11.60
CA ASN B 68 -4.58 0.24 -12.78
C ASN B 68 -5.52 0.03 -13.95
N PHE B 69 -5.41 0.90 -14.95
CA PHE B 69 -6.25 0.83 -16.12
C PHE B 69 -5.46 0.37 -17.33
N SER B 70 -6.16 -0.07 -18.37
CA SER B 70 -5.53 -0.55 -19.59
C SER B 70 -5.91 0.34 -20.76
N LYS B 71 -4.99 0.46 -21.73
CA LYS B 71 -5.21 1.33 -22.88
C LYS B 71 -6.29 0.78 -23.81
N GLY B 72 -6.77 -0.41 -23.52
CA GLY B 72 -7.84 -0.99 -24.31
C GLY B 72 -9.20 -0.47 -23.92
N ASP B 73 -9.34 -0.07 -22.66
CA ASP B 73 -10.63 0.40 -22.15
C ASP B 73 -10.66 1.93 -22.09
N ARG B 74 -11.83 2.48 -21.82
CA ARG B 74 -11.99 3.92 -21.73
C ARG B 74 -12.88 4.26 -20.53
N ILE B 75 -12.48 5.27 -19.77
CA ILE B 75 -13.12 5.53 -18.49
C ILE B 75 -13.46 7.01 -18.33
N MET B 76 -14.41 7.30 -17.45
CA MET B 76 -14.75 8.67 -17.16
C MET B 76 -14.46 8.99 -15.71
N PHE B 77 -13.57 9.94 -15.50
CA PHE B 77 -13.15 10.32 -14.16
C PHE B 77 -13.76 11.65 -13.80
N TYR B 78 -14.38 11.73 -12.64
CA TYR B 78 -15.01 12.97 -12.23
C TYR B 78 -15.15 13.06 -10.73
N THR B 79 -15.37 14.26 -10.23
CA THR B 79 -15.56 14.47 -8.81
C THR B 79 -16.85 15.20 -8.53
N ALA B 80 -17.49 14.84 -7.44
CA ALA B 80 -18.68 15.53 -6.97
C ALA B 80 -18.35 16.37 -5.74
N GLY B 81 -19.06 17.47 -5.56
CA GLY B 81 -18.76 18.38 -4.47
C GLY B 81 -17.83 19.47 -4.93
N ASP B 82 -17.41 20.35 -4.03
CA ASP B 82 -16.49 21.38 -4.40
C ASP B 82 -15.16 21.19 -3.69
N ALA B 83 -14.21 20.67 -4.44
CA ALA B 83 -12.82 20.63 -4.04
C ALA B 83 -11.96 20.27 -5.25
N SER B 84 -10.74 20.75 -5.26
CA SER B 84 -9.83 20.47 -6.36
C SER B 84 -8.78 19.47 -5.91
N VAL B 85 -8.70 18.35 -6.61
CA VAL B 85 -7.84 17.26 -6.18
C VAL B 85 -6.83 16.90 -7.24
N SER B 86 -5.64 16.54 -6.79
CA SER B 86 -4.61 16.08 -7.69
C SER B 86 -4.47 14.58 -7.57
N LEU B 87 -4.63 13.89 -8.68
CA LEU B 87 -4.32 12.48 -8.71
C LEU B 87 -2.92 12.31 -9.23
N LEU B 88 -2.24 11.34 -8.69
CA LEU B 88 -0.88 11.06 -9.06
C LEU B 88 -0.72 9.60 -9.36
N GLY B 89 0.05 9.29 -10.37
CA GLY B 89 0.23 7.92 -10.78
C GLY B 89 1.38 7.78 -11.76
N TYR B 90 1.47 6.62 -12.40
CA TYR B 90 2.50 6.38 -13.39
C TYR B 90 1.99 5.47 -14.50
N LEU B 91 2.27 5.88 -15.71
CA LEU B 91 1.95 5.09 -16.90
C LEU B 91 2.85 3.88 -16.94
N HIS B 92 2.26 2.71 -17.10
CA HIS B 92 3.00 1.46 -17.02
C HIS B 92 3.70 1.16 -18.33
N ASP B 93 5.02 1.31 -18.33
CA ASP B 93 5.85 0.82 -19.42
C ASP B 93 6.62 -0.40 -18.95
N ILE B 94 7.71 -0.15 -18.21
CA ILE B 94 8.53 -1.22 -17.64
C ILE B 94 9.15 -2.10 -18.71
N ASP B 95 10.41 -1.86 -19.01
CA ASP B 95 11.10 -2.60 -20.05
C ASP B 95 11.49 -3.98 -19.55
N SER B 96 11.23 -4.98 -20.37
CA SER B 96 11.61 -6.34 -20.03
C SER B 96 13.00 -6.62 -20.59
N GLY B 97 14.02 -6.29 -19.81
CA GLY B 97 15.39 -6.49 -20.25
C GLY B 97 15.69 -7.95 -20.52
N SER B 98 15.34 -8.80 -19.56
CA SER B 98 15.52 -10.24 -19.69
C SER B 98 16.98 -10.60 -19.89
N PHE C 1 22.61 -13.49 -8.25
CA PHE C 1 22.08 -12.11 -8.37
C PHE C 1 21.41 -11.68 -7.08
N GLN C 2 21.48 -10.38 -6.79
CA GLN C 2 20.83 -9.81 -5.63
C GLN C 2 19.41 -9.38 -5.98
N GLY C 3 19.22 -9.00 -7.24
CA GLY C 3 17.90 -8.62 -7.72
C GLY C 3 17.53 -7.22 -7.30
N ALA C 4 17.46 -7.00 -5.98
CA ALA C 4 17.08 -5.71 -5.45
C ALA C 4 18.27 -4.75 -5.42
N MET C 5 18.67 -4.30 -6.60
CA MET C 5 19.70 -3.29 -6.72
C MET C 5 19.08 -1.91 -6.51
N ALA C 6 17.76 -1.90 -6.36
CA ALA C 6 17.02 -0.68 -6.09
C ALA C 6 17.46 -0.08 -4.76
N MET C 7 18.21 1.02 -4.83
CA MET C 7 18.86 1.56 -3.67
C MET C 7 18.03 2.65 -2.98
N PHE C 8 18.30 2.81 -1.70
CA PHE C 8 17.58 3.73 -0.83
C PHE C 8 17.68 5.19 -1.33
N TRP C 9 16.59 5.91 -1.18
CA TRP C 9 16.51 7.31 -1.55
C TRP C 9 15.84 8.09 -0.42
N GLY C 10 16.31 9.28 -0.18
CA GLY C 10 15.73 10.10 0.87
C GLY C 10 15.77 11.57 0.54
N LEU C 11 14.70 12.28 0.87
CA LEU C 11 14.62 13.71 0.63
C LEU C 11 14.22 14.43 1.91
N ASN C 12 15.17 15.14 2.50
CA ASN C 12 14.90 15.94 3.67
C ASN C 12 14.41 17.31 3.23
N MET C 13 13.09 17.50 3.29
CA MET C 13 12.46 18.68 2.74
C MET C 13 12.32 19.78 3.78
N LYS C 14 12.77 20.97 3.41
CA LYS C 14 12.71 22.13 4.28
C LYS C 14 11.46 22.94 3.97
N PRO C 15 10.81 23.46 5.03
CA PRO C 15 9.54 24.19 4.92
C PRO C 15 9.57 25.33 3.91
N GLU C 16 8.68 25.27 2.92
CA GLU C 16 8.54 26.30 1.90
C GLU C 16 9.82 26.48 1.09
N ARG C 17 10.37 25.37 0.66
CA ARG C 17 11.52 25.38 -0.25
C ARG C 17 11.15 24.62 -1.53
N LYS C 18 11.53 25.16 -2.68
CA LYS C 18 11.22 24.51 -3.96
C LYS C 18 12.46 23.93 -4.61
N TYR C 19 12.44 22.62 -4.85
CA TYR C 19 13.55 21.97 -5.54
C TYR C 19 13.12 21.51 -6.92
N SER C 20 13.53 22.24 -7.95
CA SER C 20 13.31 21.80 -9.31
C SER C 20 14.51 20.98 -9.75
N GLN C 21 14.34 19.66 -9.70
CA GLN C 21 15.47 18.75 -9.86
C GLN C 21 15.28 17.81 -11.05
N THR C 22 16.40 17.46 -11.65
CA THR C 22 16.42 16.51 -12.76
C THR C 22 16.66 15.11 -12.23
N ILE C 23 15.99 14.13 -12.81
CA ILE C 23 16.04 12.77 -12.30
C ILE C 23 17.17 11.99 -12.95
N ILE C 24 18.12 11.56 -12.13
CA ILE C 24 19.26 10.79 -12.61
C ILE C 24 18.91 9.32 -12.82
N LYS C 25 17.93 8.84 -12.08
CA LYS C 25 17.50 7.45 -12.16
C LYS C 25 16.05 7.34 -11.70
N SER C 26 15.26 6.57 -12.45
CA SER C 26 13.85 6.39 -12.15
C SER C 26 13.67 5.83 -10.74
N PHE C 27 12.81 6.44 -9.95
CA PHE C 27 12.72 6.06 -8.54
C PHE C 27 11.29 6.13 -8.01
N HIS C 28 11.10 5.45 -6.90
CA HIS C 28 9.81 5.41 -6.22
C HIS C 28 9.91 6.09 -4.86
N ILE C 29 9.06 7.08 -4.63
CA ILE C 29 8.93 7.66 -3.31
C ILE C 29 7.79 6.93 -2.59
N SER C 30 7.99 6.59 -1.33
CA SER C 30 7.07 5.72 -0.64
C SER C 30 6.52 6.37 0.63
N GLY C 31 7.20 7.37 1.16
CA GLY C 31 6.70 8.01 2.36
C GLY C 31 7.18 9.45 2.51
N VAL C 32 6.33 10.28 3.08
CA VAL C 32 6.72 11.63 3.49
C VAL C 32 6.06 11.97 4.83
N ALA C 33 6.85 12.38 5.81
CA ALA C 33 6.33 12.61 7.16
C ALA C 33 7.07 13.72 7.87
N LEU C 34 6.42 14.31 8.88
CA LEU C 34 7.06 15.38 9.65
C LEU C 34 7.19 15.00 11.11
N ASP C 35 8.33 15.35 11.66
CA ASP C 35 8.57 15.20 13.08
C ASP C 35 8.57 16.58 13.72
N LYS C 36 9.35 17.49 13.15
CA LYS C 36 9.30 18.88 13.51
C LYS C 36 8.53 19.65 12.45
N GLY C 37 7.55 20.42 12.87
CA GLY C 37 6.82 21.23 11.92
C GLY C 37 5.36 21.38 12.27
N GLN C 38 4.72 22.37 11.68
CA GLN C 38 3.30 22.57 11.88
C GLN C 38 2.49 22.08 10.68
N GLU C 39 2.91 22.45 9.48
CA GLU C 39 2.22 22.04 8.26
C GLU C 39 3.20 21.95 7.10
N ALA C 40 3.16 20.84 6.38
CA ALA C 40 3.87 20.76 5.12
C ALA C 40 2.95 20.23 4.03
N LYS C 41 2.64 21.07 3.07
CA LYS C 41 1.88 20.65 1.91
C LYS C 41 2.84 20.30 0.80
N LEU C 42 2.99 19.01 0.54
CA LEU C 42 3.93 18.55 -0.46
C LEU C 42 3.33 18.74 -1.84
N TYR C 43 3.95 19.62 -2.61
CA TYR C 43 3.51 19.90 -3.96
C TYR C 43 4.56 19.48 -4.96
N LEU C 44 4.10 18.83 -6.00
CA LEU C 44 4.95 18.41 -7.09
C LEU C 44 4.54 19.15 -8.35
N ALA C 45 5.43 19.95 -8.86
CA ALA C 45 5.18 20.64 -10.10
C ALA C 45 5.95 19.96 -11.22
N ALA C 46 5.22 19.20 -12.02
CA ALA C 46 5.80 18.45 -13.13
C ALA C 46 4.98 18.72 -14.38
N GLU C 47 5.67 18.84 -15.51
CA GLU C 47 5.01 19.20 -16.77
C GLU C 47 4.30 20.55 -16.60
N LYS C 48 4.88 21.40 -15.76
CA LYS C 48 4.33 22.71 -15.45
C LYS C 48 2.91 22.61 -14.88
N GLN C 49 2.68 21.57 -14.09
CA GLN C 49 1.40 21.38 -13.43
C GLN C 49 1.62 21.17 -11.95
N GLU C 50 0.86 21.89 -11.13
CA GLU C 50 1.00 21.82 -9.69
C GLU C 50 0.15 20.69 -9.12
N TYR C 51 0.80 19.66 -8.60
CA TYR C 51 0.10 18.56 -7.98
C TYR C 51 0.29 18.57 -6.47
N ILE C 52 -0.79 18.45 -5.73
CA ILE C 52 -0.68 18.22 -4.30
C ILE C 52 -0.35 16.75 -4.05
N VAL C 53 0.93 16.49 -3.79
CA VAL C 53 1.43 15.13 -3.66
C VAL C 53 0.96 14.53 -2.35
N ALA C 54 1.18 15.27 -1.28
CA ALA C 54 0.84 14.80 0.04
C ALA C 54 0.60 15.97 0.96
N THR C 55 -0.48 15.93 1.70
CA THR C 55 -0.71 16.95 2.69
C THR C 55 -0.37 16.37 4.06
N VAL C 56 0.79 16.75 4.56
CA VAL C 56 1.28 16.23 5.81
C VAL C 56 1.40 17.35 6.84
N THR C 57 0.53 17.31 7.82
CA THR C 57 0.48 18.34 8.84
C THR C 57 0.65 17.73 10.22
N LYS C 58 0.57 18.52 11.27
CA LYS C 58 0.51 17.95 12.62
C LYS C 58 -0.77 17.14 12.80
N ALA C 59 -1.77 17.41 11.96
CA ALA C 59 -3.02 16.67 11.98
C ALA C 59 -2.84 15.35 11.23
N ILE C 60 -2.14 15.40 10.13
CA ILE C 60 -1.73 14.21 9.38
C ILE C 60 -0.20 14.16 9.35
N PRO C 61 0.42 13.74 10.46
CA PRO C 61 1.88 13.88 10.67
C PRO C 61 2.70 12.93 9.81
N GLN C 62 2.04 12.15 8.99
CA GLN C 62 2.70 11.07 8.28
C GLN C 62 1.90 10.62 7.07
N VAL C 63 2.45 10.84 5.89
CA VAL C 63 1.80 10.41 4.66
C VAL C 63 2.60 9.29 3.98
N ALA C 64 2.00 8.12 3.91
CA ALA C 64 2.56 7.03 3.14
C ALA C 64 1.95 7.04 1.75
N LEU C 65 2.77 7.27 0.74
CA LEU C 65 2.29 7.48 -0.62
C LEU C 65 3.10 6.69 -1.63
N ASP C 66 2.61 6.61 -2.85
CA ASP C 66 3.27 5.85 -3.90
C ASP C 66 3.58 6.75 -5.09
N LEU C 67 4.84 7.05 -5.28
CA LEU C 67 5.29 7.84 -6.42
C LEU C 67 6.33 7.08 -7.20
N ASN C 68 6.26 7.14 -8.51
CA ASN C 68 7.31 6.56 -9.34
C ASN C 68 7.61 7.49 -10.50
N PHE C 69 8.82 8.02 -10.51
CA PHE C 69 9.24 8.95 -11.54
C PHE C 69 10.27 8.29 -12.46
N SER C 70 10.47 8.89 -13.63
CA SER C 70 11.42 8.35 -14.61
C SER C 70 12.54 9.36 -14.84
N LYS C 71 13.73 8.84 -15.15
CA LYS C 71 14.90 9.69 -15.35
C LYS C 71 14.79 10.51 -16.63
N GLY C 72 13.76 10.26 -17.41
CA GLY C 72 13.55 11.03 -18.62
C GLY C 72 12.88 12.36 -18.34
N ASP C 73 12.10 12.43 -17.28
CA ASP C 73 11.35 13.64 -16.95
C ASP C 73 12.05 14.41 -15.84
N ARG C 74 11.58 15.62 -15.57
CA ARG C 74 12.16 16.46 -14.53
C ARG C 74 11.03 17.13 -13.74
N ILE C 75 11.17 17.15 -12.42
CA ILE C 75 10.07 17.56 -11.56
C ILE C 75 10.54 18.55 -10.51
N MET C 76 9.60 19.31 -9.97
CA MET C 76 9.90 20.23 -8.90
C MET C 76 9.14 19.85 -7.65
N PHE C 77 9.89 19.53 -6.60
CA PHE C 77 9.30 19.10 -5.35
C PHE C 77 9.41 20.20 -4.33
N TYR C 78 8.32 20.54 -3.68
CA TYR C 78 8.34 21.60 -2.69
C TYR C 78 7.22 21.45 -1.68
N THR C 79 7.36 22.13 -0.55
CA THR C 79 6.34 22.11 0.47
C THR C 79 5.89 23.51 0.83
N ALA C 80 4.60 23.65 1.11
CA ALA C 80 4.05 24.90 1.60
C ALA C 80 3.73 24.78 3.09
N GLY C 81 3.82 25.90 3.80
CA GLY C 81 3.62 25.88 5.24
C GLY C 81 4.93 25.74 5.97
N ASP C 82 4.90 25.64 7.28
CA ASP C 82 6.14 25.45 8.00
C ASP C 82 6.14 24.09 8.68
N ALA C 83 6.88 23.18 8.07
CA ALA C 83 7.23 21.92 8.67
C ALA C 83 8.33 21.26 7.86
N SER C 84 9.16 20.48 8.51
CA SER C 84 10.24 19.80 7.82
C SER C 84 9.92 18.32 7.69
N VAL C 85 9.89 17.83 6.46
CA VAL C 85 9.45 16.47 6.19
C VAL C 85 10.52 15.66 5.51
N SER C 86 10.57 14.39 5.86
CA SER C 86 11.48 13.48 5.22
C SER C 86 10.72 12.58 4.27
N LEU C 87 11.10 12.59 3.01
CA LEU C 87 10.58 11.64 2.07
C LEU C 87 11.53 10.47 1.98
N LEU C 88 10.97 9.30 1.83
CA LEU C 88 11.74 8.11 1.74
C LEU C 88 11.30 7.30 0.54
N GLY C 89 12.26 6.70 -0.13
CA GLY C 89 11.96 5.95 -1.32
C GLY C 89 13.13 5.11 -1.76
N TYR C 90 13.06 4.58 -2.97
CA TYR C 90 14.15 3.80 -3.53
C TYR C 90 14.26 3.99 -5.03
N LEU C 91 15.49 4.22 -5.46
CA LEU C 91 15.80 4.33 -6.88
C LEU C 91 15.65 2.97 -7.54
N HIS C 92 14.91 2.92 -8.62
CA HIS C 92 14.59 1.65 -9.25
C HIS C 92 15.71 1.18 -10.15
N ASP C 93 16.40 0.14 -9.69
CA ASP C 93 17.34 -0.57 -10.54
C ASP C 93 16.76 -1.94 -10.89
N ILE C 94 16.86 -2.87 -9.95
CA ILE C 94 16.29 -4.21 -10.11
C ILE C 94 16.93 -4.96 -11.28
N ASP C 95 17.87 -5.84 -10.96
CA ASP C 95 18.58 -6.58 -11.99
C ASP C 95 17.71 -7.70 -12.54
N SER C 96 17.68 -7.81 -13.86
CA SER C 96 16.94 -8.89 -14.51
C SER C 96 17.87 -10.08 -14.70
N GLY C 97 17.95 -10.93 -13.69
CA GLY C 97 18.80 -12.10 -13.75
C GLY C 97 18.42 -13.02 -14.89
N SER C 98 17.13 -13.35 -14.95
CA SER C 98 16.59 -14.19 -16.01
C SER C 98 17.25 -15.57 -16.02
N PHE D 1 9.90 -24.03 -9.08
CA PHE D 1 10.44 -22.88 -8.33
C PHE D 1 9.39 -22.37 -7.34
N GLN D 2 9.86 -21.83 -6.23
CA GLN D 2 8.98 -21.24 -5.23
C GLN D 2 8.79 -19.75 -5.52
N GLY D 3 9.81 -19.16 -6.12
CA GLY D 3 9.74 -17.75 -6.50
C GLY D 3 9.95 -16.83 -5.32
N ALA D 4 9.06 -16.93 -4.33
CA ALA D 4 9.14 -16.08 -3.16
C ALA D 4 10.14 -16.61 -2.15
N MET D 5 11.41 -16.49 -2.50
CA MET D 5 12.49 -16.84 -1.58
C MET D 5 12.73 -15.67 -0.62
N ALA D 6 12.00 -14.58 -0.86
CA ALA D 6 12.06 -13.41 -0.01
C ALA D 6 11.61 -13.75 1.40
N MET D 7 12.55 -13.82 2.33
CA MET D 7 12.27 -14.34 3.66
C MET D 7 11.92 -13.25 4.65
N PHE D 8 11.17 -13.64 5.67
CA PHE D 8 10.67 -12.75 6.70
C PHE D 8 11.79 -12.03 7.44
N TRP D 9 11.53 -10.77 7.78
CA TRP D 9 12.47 -9.94 8.51
C TRP D 9 11.71 -9.21 9.61
N GLY D 10 12.33 -9.06 10.76
CA GLY D 10 11.71 -8.39 11.87
C GLY D 10 12.70 -7.63 12.71
N LEU D 11 12.31 -6.44 13.16
CA LEU D 11 13.16 -5.62 14.00
C LEU D 11 12.39 -5.19 15.24
N ASN D 12 12.75 -5.76 16.37
CA ASN D 12 12.16 -5.36 17.64
C ASN D 12 12.93 -4.18 18.20
N MET D 13 12.37 -2.99 18.03
CA MET D 13 13.06 -1.75 18.35
C MET D 13 12.78 -1.31 19.77
N LYS D 14 13.86 -1.03 20.50
CA LYS D 14 13.76 -0.58 21.87
C LYS D 14 13.80 0.95 21.92
N PRO D 15 12.98 1.54 22.80
CA PRO D 15 12.83 3.00 22.92
C PRO D 15 14.16 3.74 23.10
N GLU D 16 14.43 4.66 22.17
CA GLU D 16 15.63 5.50 22.22
C GLU D 16 16.91 4.67 22.15
N ARG D 17 16.94 3.73 21.22
CA ARG D 17 18.15 2.97 20.93
C ARG D 17 18.52 3.15 19.47
N LYS D 18 19.81 3.33 19.20
CA LYS D 18 20.29 3.53 17.83
C LYS D 18 21.05 2.33 17.31
N TYR D 19 20.58 1.75 16.22
CA TYR D 19 21.27 0.63 15.59
C TYR D 19 21.86 1.04 14.27
N SER D 20 23.16 1.27 14.23
CA SER D 20 23.84 1.51 12.98
C SER D 20 24.31 0.18 12.42
N GLN D 21 23.55 -0.35 11.46
CA GLN D 21 23.74 -1.71 11.01
C GLN D 21 24.06 -1.78 9.52
N THR D 22 24.85 -2.78 9.16
CA THR D 22 25.20 -3.04 7.77
C THR D 22 24.23 -4.05 7.18
N ILE D 23 23.86 -3.85 5.93
CA ILE D 23 22.84 -4.66 5.30
C ILE D 23 23.45 -5.88 4.61
N ILE D 24 23.08 -7.06 5.09
CA ILE D 24 23.58 -8.31 4.53
C ILE D 24 22.84 -8.69 3.24
N LYS D 25 21.60 -8.25 3.14
CA LYS D 25 20.77 -8.55 1.97
C LYS D 25 19.70 -7.48 1.82
N SER D 26 19.50 -7.04 0.58
CA SER D 26 18.53 -6.00 0.27
C SER D 26 17.15 -6.42 0.73
N PHE D 27 16.47 -5.55 1.46
CA PHE D 27 15.20 -5.94 2.07
C PHE D 27 14.19 -4.81 2.10
N HIS D 28 12.93 -5.20 2.29
CA HIS D 28 11.83 -4.27 2.36
C HIS D 28 11.21 -4.29 3.75
N ILE D 29 11.14 -3.13 4.39
CA ILE D 29 10.39 -3.01 5.62
C ILE D 29 8.97 -2.55 5.28
N SER D 30 7.99 -3.15 5.90
CA SER D 30 6.61 -2.94 5.49
C SER D 30 5.73 -2.41 6.63
N GLY D 31 6.17 -2.60 7.86
CA GLY D 31 5.38 -2.10 8.97
C GLY D 31 6.20 -1.82 10.22
N VAL D 32 5.80 -0.81 10.96
CA VAL D 32 6.34 -0.54 12.29
C VAL D 32 5.22 -0.10 13.22
N ALA D 33 5.08 -0.76 14.38
CA ALA D 33 3.96 -0.47 15.27
C ALA D 33 4.33 -0.69 16.72
N LEU D 34 3.59 -0.06 17.63
CA LEU D 34 3.84 -0.22 19.06
C LEU D 34 2.66 -0.82 19.77
N ASP D 35 2.95 -1.72 20.68
CA ASP D 35 1.95 -2.29 21.55
C ASP D 35 2.16 -1.73 22.95
N LYS D 36 3.39 -1.83 23.43
CA LYS D 36 3.80 -1.17 24.65
C LYS D 36 4.60 0.07 24.32
N GLY D 37 4.22 1.21 24.88
CA GLY D 37 4.97 2.41 24.65
C GLY D 37 4.11 3.64 24.59
N GLN D 38 4.73 4.81 24.75
CA GLN D 38 4.02 6.06 24.65
C GLN D 38 4.28 6.75 23.31
N GLU D 39 5.54 6.81 22.91
CA GLU D 39 5.92 7.44 21.64
C GLU D 39 7.17 6.80 21.08
N ALA D 40 7.13 6.44 19.81
CA ALA D 40 8.34 6.05 19.12
C ALA D 40 8.45 6.79 17.79
N LYS D 41 9.43 7.66 17.69
CA LYS D 41 9.72 8.33 16.44
C LYS D 41 10.81 7.56 15.72
N LEU D 42 10.44 6.86 14.66
CA LEU D 42 11.38 6.03 13.93
C LEU D 42 12.20 6.90 13.01
N TYR D 43 13.48 6.98 13.30
CA TYR D 43 14.41 7.77 12.52
C TYR D 43 15.42 6.86 11.84
N LEU D 44 15.66 7.15 10.58
CA LEU D 44 16.65 6.45 9.80
C LEU D 44 17.74 7.41 9.39
N ALA D 45 18.93 7.16 9.87
CA ALA D 45 20.06 7.97 9.50
C ALA D 45 20.90 7.20 8.48
N ALA D 46 20.77 7.61 7.23
CA ALA D 46 21.48 6.97 6.13
C ALA D 46 22.14 8.04 5.29
N GLU D 47 23.36 7.76 4.83
CA GLU D 47 24.17 8.74 4.10
C GLU D 47 24.38 9.98 4.97
N LYS D 48 24.44 9.74 6.28
CA LYS D 48 24.60 10.79 7.29
C LYS D 48 23.48 11.82 7.20
N GLN D 49 22.28 11.34 6.91
CA GLN D 49 21.11 12.20 6.85
C GLN D 49 20.00 11.61 7.74
N GLU D 50 19.42 12.44 8.58
CA GLU D 50 18.39 11.99 9.51
C GLU D 50 17.02 12.04 8.84
N TYR D 51 16.44 10.88 8.62
CA TYR D 51 15.10 10.79 8.05
C TYR D 51 14.10 10.34 9.09
N ILE D 52 12.98 11.04 9.20
CA ILE D 52 11.88 10.55 10.00
C ILE D 52 11.12 9.48 9.20
N VAL D 53 11.40 8.23 9.51
CA VAL D 53 10.86 7.10 8.76
C VAL D 53 9.39 6.94 9.06
N ALA D 54 9.07 6.90 10.33
CA ALA D 54 7.71 6.69 10.77
C ALA D 54 7.50 7.28 12.15
N THR D 55 6.44 8.03 12.30
CA THR D 55 6.10 8.53 13.62
C THR D 55 4.98 7.68 14.19
N VAL D 56 5.34 6.78 15.08
CA VAL D 56 4.39 5.85 15.65
C VAL D 56 4.26 6.10 17.15
N THR D 57 3.11 6.61 17.54
CA THR D 57 2.85 6.97 18.92
C THR D 57 1.61 6.23 19.42
N LYS D 58 1.19 6.50 20.65
CA LYS D 58 -0.10 5.98 21.09
C LYS D 58 -1.24 6.62 20.30
N ALA D 59 -0.95 7.77 19.69
CA ALA D 59 -1.91 8.46 18.83
C ALA D 59 -1.95 7.81 17.47
N ILE D 60 -0.77 7.46 16.97
CA ILE D 60 -0.63 6.69 15.75
C ILE D 60 0.07 5.37 16.09
N PRO D 61 -0.66 4.40 16.68
CA PRO D 61 -0.07 3.20 17.28
C PRO D 61 0.49 2.21 16.27
N GLN D 62 0.39 2.55 15.00
CA GLN D 62 0.69 1.60 13.95
C GLN D 62 0.98 2.30 12.63
N VAL D 63 2.21 2.17 12.16
CA VAL D 63 2.59 2.76 10.88
C VAL D 63 2.91 1.68 9.86
N ALA D 64 2.11 1.62 8.82
CA ALA D 64 2.39 0.76 7.69
C ALA D 64 3.13 1.57 6.63
N LEU D 65 4.37 1.19 6.36
CA LEU D 65 5.24 1.98 5.51
C LEU D 65 5.96 1.10 4.49
N ASP D 66 6.58 1.73 3.51
CA ASP D 66 7.30 1.00 2.47
C ASP D 66 8.76 1.43 2.41
N LEU D 67 9.64 0.54 2.84
CA LEU D 67 11.07 0.79 2.79
C LEU D 67 11.75 -0.31 2.00
N ASN D 68 12.70 0.04 1.18
CA ASN D 68 13.51 -0.96 0.50
C ASN D 68 14.97 -0.53 0.49
N PHE D 69 15.80 -1.28 1.18
CA PHE D 69 17.22 -0.96 1.28
C PHE D 69 18.04 -1.97 0.49
N SER D 70 19.29 -1.62 0.20
CA SER D 70 20.18 -2.47 -0.56
C SER D 70 21.37 -2.89 0.29
N LYS D 71 21.90 -4.08 0.04
CA LYS D 71 23.01 -4.61 0.82
C LYS D 71 24.31 -3.86 0.56
N GLY D 72 24.28 -2.94 -0.40
CA GLY D 72 25.44 -2.14 -0.70
C GLY D 72 25.59 -0.98 0.26
N ASP D 73 24.47 -0.49 0.79
CA ASP D 73 24.50 0.66 1.67
C ASP D 73 24.39 0.23 3.13
N ARG D 74 24.57 1.18 4.04
CA ARG D 74 24.48 0.90 5.47
C ARG D 74 23.72 2.01 6.16
N ILE D 75 22.83 1.65 7.07
CA ILE D 75 21.89 2.59 7.64
C ILE D 75 21.82 2.49 9.15
N MET D 76 21.37 3.55 9.79
CA MET D 76 21.18 3.53 11.23
C MET D 76 19.72 3.72 11.57
N PHE D 77 19.13 2.73 12.20
CA PHE D 77 17.72 2.76 12.57
C PHE D 77 17.58 3.00 14.04
N TYR D 78 16.76 3.97 14.41
CA TYR D 78 16.57 4.27 15.82
C TYR D 78 15.24 4.93 16.08
N THR D 79 14.82 4.93 17.33
CA THR D 79 13.58 5.57 17.72
C THR D 79 13.80 6.57 18.83
N ALA D 80 13.05 7.67 18.77
CA ALA D 80 13.06 8.66 19.84
C ALA D 80 11.77 8.58 20.64
N GLY D 81 11.84 8.90 21.93
CA GLY D 81 10.69 8.78 22.78
C GLY D 81 10.68 7.44 23.49
N ASP D 82 9.66 7.15 24.28
CA ASP D 82 9.61 5.88 24.94
C ASP D 82 8.45 5.06 24.42
N ALA D 83 8.79 4.11 23.56
CA ALA D 83 7.88 3.07 23.13
C ALA D 83 8.67 1.98 22.43
N SER D 84 8.18 0.75 22.51
CA SER D 84 8.85 -0.36 21.86
C SER D 84 8.07 -0.79 20.63
N VAL D 85 8.72 -0.77 19.48
CA VAL D 85 8.04 -1.01 18.22
C VAL D 85 8.63 -2.18 17.48
N SER D 86 7.77 -2.92 16.82
CA SER D 86 8.22 -4.01 15.99
C SER D 86 8.11 -3.61 14.53
N LEU D 87 9.22 -3.68 13.82
CA LEU D 87 9.19 -3.52 12.38
C LEU D 87 9.13 -4.88 11.75
N LEU D 88 8.39 -4.95 10.67
CA LEU D 88 8.22 -6.19 9.97
C LEU D 88 8.49 -5.97 8.50
N GLY D 89 9.14 -6.94 7.87
CA GLY D 89 9.50 -6.81 6.49
C GLY D 89 9.95 -8.14 5.91
N TYR D 90 10.55 -8.09 4.74
CA TYR D 90 11.07 -9.28 4.10
C TYR D 90 12.32 -8.97 3.30
N LEU D 91 13.32 -9.82 3.49
CA LEU D 91 14.56 -9.74 2.74
C LEU D 91 14.30 -10.15 1.30
N HIS D 92 14.73 -9.33 0.36
CA HIS D 92 14.41 -9.55 -1.03
C HIS D 92 15.36 -10.57 -1.66
N ASP D 93 14.83 -11.75 -1.92
CA ASP D 93 15.54 -12.73 -2.74
C ASP D 93 14.86 -12.84 -4.09
N ILE D 94 13.74 -13.58 -4.12
CA ILE D 94 12.92 -13.73 -5.33
C ILE D 94 13.71 -14.40 -6.45
N ASP D 95 13.49 -15.69 -6.63
CA ASP D 95 14.20 -16.45 -7.64
C ASP D 95 13.64 -16.16 -9.02
N SER D 96 14.53 -15.93 -9.97
CA SER D 96 14.14 -15.70 -11.34
C SER D 96 14.12 -17.03 -12.09
N GLY D 97 12.99 -17.73 -12.01
CA GLY D 97 12.86 -19.02 -12.66
C GLY D 97 13.06 -18.92 -14.16
N SER D 98 12.34 -17.98 -14.78
CA SER D 98 12.45 -17.72 -16.20
C SER D 98 12.09 -18.96 -17.01
N PHE E 1 -0.67 -18.44 -20.47
CA PHE E 1 -0.39 -18.47 -19.02
C PHE E 1 -1.35 -17.53 -18.28
N GLN E 2 -1.68 -17.89 -17.05
CA GLN E 2 -2.52 -17.07 -16.21
C GLN E 2 -1.66 -16.11 -15.39
N GLY E 3 -0.45 -16.55 -15.09
CA GLY E 3 0.49 -15.72 -14.36
C GLY E 3 0.18 -15.66 -12.88
N ALA E 4 -1.00 -15.18 -12.53
CA ALA E 4 -1.39 -15.06 -11.14
C ALA E 4 -1.92 -16.38 -10.61
N MET E 5 -1.01 -17.32 -10.41
CA MET E 5 -1.34 -18.59 -9.78
C MET E 5 -1.35 -18.41 -8.27
N ALA E 6 -0.98 -17.20 -7.84
CA ALA E 6 -0.99 -16.85 -6.41
C ALA E 6 -2.40 -16.92 -5.87
N MET E 7 -2.66 -17.94 -5.07
CA MET E 7 -4.02 -18.24 -4.65
C MET E 7 -4.37 -17.61 -3.31
N PHE E 8 -5.67 -17.39 -3.12
CA PHE E 8 -6.22 -16.73 -1.95
C PHE E 8 -5.87 -17.47 -0.65
N TRP E 9 -5.61 -16.69 0.39
CA TRP E 9 -5.29 -17.22 1.70
C TRP E 9 -6.09 -16.45 2.75
N GLY E 10 -6.56 -17.15 3.77
CA GLY E 10 -7.32 -16.50 4.81
C GLY E 10 -7.09 -17.14 6.16
N LEU E 11 -7.01 -16.31 7.18
CA LEU E 11 -6.82 -16.79 8.54
C LEU E 11 -7.86 -16.18 9.46
N ASN E 12 -8.80 -17.00 9.90
CA ASN E 12 -9.81 -16.57 10.84
C ASN E 12 -9.27 -16.75 12.26
N MET E 13 -8.82 -15.65 12.85
CA MET E 13 -8.11 -15.68 14.11
C MET E 13 -9.06 -15.52 15.28
N LYS E 14 -8.94 -16.43 16.24
CA LYS E 14 -9.78 -16.41 17.43
C LYS E 14 -9.04 -15.70 18.56
N PRO E 15 -9.77 -14.91 19.34
CA PRO E 15 -9.20 -14.07 20.41
C PRO E 15 -8.33 -14.86 21.40
N GLU E 16 -7.07 -14.44 21.52
CA GLU E 16 -6.12 -15.04 22.46
C GLU E 16 -5.88 -16.51 22.16
N ARG E 17 -5.64 -16.81 20.89
CA ARG E 17 -5.26 -18.15 20.48
C ARG E 17 -3.92 -18.07 19.75
N LYS E 18 -3.02 -19.01 20.04
CA LYS E 18 -1.71 -19.02 19.41
C LYS E 18 -1.56 -20.18 18.41
N TYR E 19 -1.27 -19.83 17.16
CA TYR E 19 -1.06 -20.84 16.14
C TYR E 19 0.40 -20.86 15.73
N SER E 20 1.15 -21.84 16.19
CA SER E 20 2.51 -22.03 15.73
C SER E 20 2.48 -22.97 14.53
N GLN E 21 2.55 -22.40 13.34
CA GLN E 21 2.29 -23.15 12.13
C GLN E 21 3.49 -23.14 11.18
N THR E 22 3.63 -24.22 10.44
CA THR E 22 4.68 -24.36 9.46
C THR E 22 4.15 -23.93 8.09
N ILE E 23 4.99 -23.26 7.32
CA ILE E 23 4.57 -22.67 6.06
C ILE E 23 4.75 -23.65 4.91
N ILE E 24 3.64 -24.02 4.28
CA ILE E 24 3.66 -24.95 3.16
C ILE E 24 4.06 -24.25 1.86
N LYS E 25 3.78 -22.96 1.78
CA LYS E 25 4.08 -22.18 0.58
C LYS E 25 4.22 -20.71 0.97
N SER E 26 5.25 -20.07 0.42
CA SER E 26 5.53 -18.67 0.72
C SER E 26 4.34 -17.81 0.35
N PHE E 27 3.91 -16.95 1.27
CA PHE E 27 2.68 -16.20 1.07
C PHE E 27 2.74 -14.79 1.62
N HIS E 28 1.81 -13.98 1.14
CA HIS E 28 1.71 -12.59 1.56
C HIS E 28 0.39 -12.37 2.29
N ILE E 29 0.47 -11.87 3.51
CA ILE E 29 -0.72 -11.42 4.22
C ILE E 29 -0.91 -9.94 3.95
N SER E 30 -2.13 -9.52 3.67
CA SER E 30 -2.37 -8.18 3.19
C SER E 30 -3.35 -7.42 4.09
N GLY E 31 -4.15 -8.13 4.87
CA GLY E 31 -5.08 -7.45 5.75
C GLY E 31 -5.46 -8.26 6.96
N VAL E 32 -5.69 -7.57 8.08
CA VAL E 32 -6.27 -8.18 9.28
C VAL E 32 -7.26 -7.20 9.91
N ALA E 33 -8.48 -7.65 10.14
CA ALA E 33 -9.52 -6.75 10.64
C ALA E 33 -10.51 -7.47 11.53
N LEU E 34 -11.22 -6.71 12.38
CA LEU E 34 -12.22 -7.30 13.26
C LEU E 34 -13.59 -6.74 12.99
N ASP E 35 -14.57 -7.63 13.02
CA ASP E 35 -15.96 -7.25 12.93
C ASP E 35 -16.60 -7.44 14.30
N LYS E 36 -16.41 -8.62 14.85
CA LYS E 36 -16.79 -8.90 16.23
C LYS E 36 -15.55 -8.87 17.11
N GLY E 37 -15.58 -8.11 18.17
CA GLY E 37 -14.46 -8.10 19.08
C GLY E 37 -14.21 -6.74 19.69
N GLN E 38 -13.46 -6.73 20.78
CA GLN E 38 -13.09 -5.47 21.43
C GLN E 38 -11.66 -5.07 21.11
N GLU E 39 -10.73 -6.04 21.23
CA GLU E 39 -9.33 -5.77 20.94
C GLU E 39 -8.63 -7.03 20.45
N ALA E 40 -7.91 -6.91 19.35
CA ALA E 40 -7.03 -7.99 18.94
C ALA E 40 -5.65 -7.43 18.62
N LYS E 41 -4.67 -7.80 19.43
CA LYS E 41 -3.30 -7.46 19.16
C LYS E 41 -2.63 -8.60 18.44
N LEU E 42 -2.39 -8.43 17.14
CA LEU E 42 -1.83 -9.48 16.33
C LEU E 42 -0.33 -9.55 16.57
N TYR E 43 0.10 -10.66 17.15
CA TYR E 43 1.50 -10.88 17.43
C TYR E 43 2.02 -12.04 16.60
N LEU E 44 3.19 -11.84 16.05
CA LEU E 44 3.88 -12.85 15.30
C LEU E 44 5.16 -13.22 16.00
N ALA E 45 5.25 -14.45 16.44
CA ALA E 45 6.46 -14.91 17.06
C ALA E 45 7.22 -15.80 16.08
N ALA E 46 8.27 -15.22 15.51
CA ALA E 46 9.10 -15.90 14.53
C ALA E 46 10.55 -15.77 14.91
N GLU E 47 11.32 -16.83 14.73
CA GLU E 47 12.72 -16.87 15.16
C GLU E 47 12.79 -16.61 16.66
N LYS E 48 11.75 -17.07 17.36
CA LYS E 48 11.62 -16.88 18.81
C LYS E 48 11.67 -15.41 19.19
N GLN E 49 11.06 -14.57 18.35
CA GLN E 49 10.98 -13.15 18.63
C GLN E 49 9.52 -12.69 18.50
N GLU E 50 9.04 -11.96 19.48
CA GLU E 50 7.67 -11.51 19.51
C GLU E 50 7.52 -10.19 18.76
N TYR E 51 6.83 -10.24 17.63
CA TYR E 51 6.58 -9.04 16.84
C TYR E 51 5.11 -8.62 16.94
N ILE E 52 4.86 -7.37 17.22
CA ILE E 52 3.52 -6.84 17.10
C ILE E 52 3.21 -6.56 15.63
N VAL E 53 2.50 -7.49 15.01
CA VAL E 53 2.23 -7.44 13.58
C VAL E 53 1.24 -6.33 13.27
N ALA E 54 0.14 -6.37 13.99
CA ALA E 54 -0.92 -5.41 13.78
C ALA E 54 -1.73 -5.22 15.04
N THR E 55 -1.98 -3.99 15.41
CA THR E 55 -2.84 -3.73 16.52
C THR E 55 -4.22 -3.32 16.00
N VAL E 56 -5.14 -4.26 16.04
CA VAL E 56 -6.47 -4.04 15.50
C VAL E 56 -7.51 -4.11 16.63
N THR E 57 -8.06 -2.97 16.94
CA THR E 57 -9.02 -2.85 18.03
C THR E 57 -10.33 -2.29 17.51
N LYS E 58 -11.30 -2.06 18.38
CA LYS E 58 -12.49 -1.31 17.98
C LYS E 58 -12.13 0.14 17.63
N ALA E 59 -10.97 0.59 18.12
CA ALA E 59 -10.47 1.91 17.80
C ALA E 59 -9.80 1.90 16.43
N ILE E 60 -9.07 0.84 16.17
CA ILE E 60 -8.50 0.59 14.85
C ILE E 60 -9.06 -0.73 14.33
N PRO E 61 -10.31 -0.72 13.83
CA PRO E 61 -11.08 -1.94 13.53
C PRO E 61 -10.57 -2.69 12.30
N GLN E 62 -9.51 -2.18 11.69
CA GLN E 62 -9.09 -2.68 10.40
C GLN E 62 -7.64 -2.31 10.12
N VAL E 63 -6.78 -3.31 10.04
CA VAL E 63 -5.38 -3.08 9.73
C VAL E 63 -5.01 -3.67 8.37
N ALA E 64 -4.66 -2.80 7.44
CA ALA E 64 -4.13 -3.24 6.17
C ALA E 64 -2.61 -3.25 6.24
N LEU E 65 -2.02 -4.43 6.11
CA LEU E 65 -0.59 -4.58 6.35
C LEU E 65 0.06 -5.42 5.24
N ASP E 66 1.37 -5.43 5.21
CA ASP E 66 2.11 -6.17 4.20
C ASP E 66 3.05 -7.17 4.86
N LEU E 67 2.72 -8.44 4.73
CA LEU E 67 3.55 -9.52 5.24
C LEU E 67 3.89 -10.48 4.13
N ASN E 68 5.13 -10.94 4.09
CA ASN E 68 5.50 -11.98 3.15
C ASN E 68 6.41 -12.99 3.82
N PHE E 69 5.93 -14.21 3.95
CA PHE E 69 6.68 -15.26 4.61
C PHE E 69 7.14 -16.30 3.59
N SER E 70 8.12 -17.11 3.98
CA SER E 70 8.67 -18.13 3.10
C SER E 70 8.40 -19.52 3.68
N LYS E 71 8.25 -20.50 2.80
CA LYS E 71 7.93 -21.87 3.22
C LYS E 71 9.11 -22.53 3.92
N GLY E 72 10.25 -21.85 3.93
CA GLY E 72 11.41 -22.37 4.62
C GLY E 72 11.36 -22.12 6.11
N ASP E 73 10.69 -21.04 6.51
CA ASP E 73 10.64 -20.66 7.92
C ASP E 73 9.31 -21.09 8.53
N ARG E 74 9.20 -20.96 9.84
CA ARG E 74 7.97 -21.32 10.56
C ARG E 74 7.66 -20.28 11.60
N ILE E 75 6.40 -19.89 11.70
CA ILE E 75 6.02 -18.74 12.51
C ILE E 75 4.83 -19.05 13.39
N MET E 76 4.67 -18.27 14.45
CA MET E 76 3.53 -18.42 15.32
C MET E 76 2.69 -17.16 15.32
N PHE E 77 1.45 -17.30 14.86
CA PHE E 77 0.54 -16.17 14.76
C PHE E 77 -0.49 -16.24 15.85
N TYR E 78 -0.66 -15.14 16.57
CA TYR E 78 -1.63 -15.11 17.65
C TYR E 78 -2.11 -13.72 17.95
N THR E 79 -3.23 -13.63 18.66
CA THR E 79 -3.78 -12.34 19.04
C THR E 79 -3.99 -12.26 20.54
N ALA E 80 -3.75 -11.08 21.09
CA ALA E 80 -4.04 -10.81 22.49
C ALA E 80 -5.27 -9.93 22.61
N GLY E 81 -6.01 -10.09 23.70
CA GLY E 81 -7.25 -9.36 23.88
C GLY E 81 -8.43 -10.17 23.39
N ASP E 82 -9.62 -9.61 23.44
CA ASP E 82 -10.76 -10.34 22.94
C ASP E 82 -11.33 -9.67 21.71
N ALA E 83 -11.02 -10.24 20.57
CA ALA E 83 -11.66 -9.91 19.31
C ALA E 83 -11.30 -10.96 18.28
N SER E 84 -12.20 -11.19 17.35
CA SER E 84 -11.96 -12.17 16.30
C SER E 84 -11.66 -11.46 14.99
N VAL E 85 -10.50 -11.77 14.42
CA VAL E 85 -10.02 -11.05 13.26
C VAL E 85 -9.78 -11.98 12.08
N SER E 86 -10.07 -11.48 10.90
CA SER E 86 -9.80 -12.24 9.70
C SER E 86 -8.59 -11.65 9.00
N LEU E 87 -7.58 -12.47 8.79
CA LEU E 87 -6.47 -12.07 7.96
C LEU E 87 -6.71 -12.56 6.56
N LEU E 88 -6.31 -11.76 5.61
CA LEU E 88 -6.49 -12.07 4.22
C LEU E 88 -5.18 -11.89 3.49
N GLY E 89 -4.91 -12.79 2.56
CA GLY E 89 -3.66 -12.75 1.84
C GLY E 89 -3.69 -13.66 0.64
N TYR E 90 -2.52 -13.90 0.06
CA TYR E 90 -2.41 -14.81 -1.07
C TYR E 90 -1.08 -15.54 -1.05
N LEU E 91 -1.16 -16.84 -1.26
CA LEU E 91 0.00 -17.69 -1.37
C LEU E 91 0.73 -17.38 -2.67
N HIS E 92 2.02 -17.13 -2.59
CA HIS E 92 2.78 -16.69 -3.74
C HIS E 92 3.17 -17.87 -4.63
N ASP E 93 2.54 -17.96 -5.78
CA ASP E 93 2.97 -18.87 -6.82
C ASP E 93 3.58 -18.07 -7.96
N ILE E 94 2.72 -17.50 -8.80
CA ILE E 94 3.13 -16.63 -9.90
C ILE E 94 4.00 -17.39 -10.90
N ASP E 95 3.38 -17.81 -12.00
CA ASP E 95 4.08 -18.58 -13.01
C ASP E 95 4.96 -17.68 -13.86
N SER E 96 6.19 -18.12 -14.08
CA SER E 96 7.11 -17.40 -14.91
C SER E 96 6.99 -17.89 -16.35
N GLY E 97 6.06 -17.30 -17.09
CA GLY E 97 5.83 -17.70 -18.47
C GLY E 97 7.06 -17.51 -19.32
N SER E 98 7.63 -16.31 -19.25
CA SER E 98 8.85 -15.97 -19.96
C SER E 98 8.67 -16.11 -21.48
#